data_2NBQ
#
_entry.id   2NBQ
#
loop_
_entity.id
_entity.type
_entity.pdbx_description
1 polymer 'DNA dC->dU-editing enzyme APOBEC-3B'
2 non-polymer 'ZINC ION'
#
_entity_poly.entity_id   1
_entity_poly.type   'polypeptide(L)'
_entity_poly.pdbx_seq_one_letter_code
;MEILRYLMDPDTFTFNFNNDPLVLRRRQTYLCYEVERLDNGTWVLMDQHMGFLCNEAKNLLCGFYGRHAELRFLDLVPSL
QLDPAQIYRVTWFISWSPCFSWGCAGEVRAFLQENTHVRLRIFAARIYDYDPLYKEALQMLRDAGAQVSIMTYDEFEYCW
DTFVYRQGCPFQPWDGLEEHSQALSGRLRAILQNQGNLEHHHHHH
;
_entity_poly.pdbx_strand_id   A
#
loop_
_chem_comp.id
_chem_comp.type
_chem_comp.name
_chem_comp.formula
ZN non-polymer 'ZINC ION' 'Zn 2'
#
# COMPACT_ATOMS: atom_id res chain seq x y z
N MET A 1 -5.69 27.31 -12.71
CA MET A 1 -5.13 25.93 -12.89
C MET A 1 -4.00 25.70 -11.89
N GLU A 2 -4.28 24.88 -10.88
CA GLU A 2 -3.29 24.59 -9.85
C GLU A 2 -3.28 23.11 -9.52
N ILE A 3 -2.34 22.70 -8.67
CA ILE A 3 -2.23 21.30 -8.29
C ILE A 3 -3.04 21.03 -7.01
N LEU A 4 -3.18 19.76 -6.67
CA LEU A 4 -3.92 19.39 -5.47
C LEU A 4 -3.21 18.25 -4.72
N ARG A 5 -2.92 18.49 -3.45
CA ARG A 5 -2.24 17.50 -2.63
C ARG A 5 -3.05 17.21 -1.36
N TYR A 6 -2.36 16.77 -0.32
CA TYR A 6 -3.01 16.46 0.95
C TYR A 6 -1.97 16.19 2.02
N LEU A 7 -0.94 15.44 1.64
CA LEU A 7 0.15 15.11 2.57
C LEU A 7 -0.40 14.85 3.96
N MET A 8 -0.68 13.57 4.25
CA MET A 8 -1.20 13.20 5.56
C MET A 8 -0.39 13.88 6.66
N ASP A 9 -0.97 13.91 7.85
CA ASP A 9 -0.31 14.54 8.98
C ASP A 9 0.51 13.51 9.77
N PRO A 10 1.52 13.96 10.48
CA PRO A 10 2.39 13.05 11.29
C PRO A 10 1.61 12.33 12.38
N ASP A 11 0.97 13.10 13.24
CA ASP A 11 0.19 12.54 14.34
C ASP A 11 -0.69 11.40 13.84
N THR A 12 -1.24 11.55 12.64
CA THR A 12 -2.10 10.52 12.07
C THR A 12 -1.27 9.40 11.45
N PHE A 13 -0.30 9.77 10.62
CA PHE A 13 0.56 8.78 9.98
C PHE A 13 1.14 7.81 11.02
N THR A 14 1.75 8.38 12.05
CA THR A 14 2.35 7.56 13.10
C THR A 14 1.28 6.77 13.85
N PHE A 15 0.19 7.43 14.20
CA PHE A 15 -0.90 6.77 14.93
C PHE A 15 -1.45 5.61 14.12
N ASN A 16 -2.04 5.91 12.97
CA ASN A 16 -2.62 4.88 12.12
C ASN A 16 -1.67 3.69 11.99
N PHE A 17 -0.38 3.97 11.92
CA PHE A 17 0.62 2.92 11.79
C PHE A 17 0.96 2.33 13.16
N ASN A 18 0.62 3.04 14.21
CA ASN A 18 0.90 2.58 15.57
C ASN A 18 -0.06 1.45 15.95
N ASN A 19 -1.35 1.73 15.87
CA ASN A 19 -2.36 0.73 16.20
C ASN A 19 -1.94 -0.06 17.44
N ASP A 20 -1.71 -1.36 17.26
CA ASP A 20 -1.29 -2.22 18.35
C ASP A 20 -0.66 -3.50 17.83
N PRO A 21 0.06 -4.20 18.66
CA PRO A 21 0.74 -5.47 18.27
C PRO A 21 -0.13 -6.31 17.33
N LEU A 22 -1.33 -6.65 17.79
CA LEU A 22 -2.24 -7.45 16.99
C LEU A 22 -3.15 -6.55 16.15
N VAL A 23 -4.12 -7.17 15.47
CA VAL A 23 -5.05 -6.41 14.64
C VAL A 23 -6.17 -5.82 15.49
N LEU A 24 -7.11 -5.15 14.83
CA LEU A 24 -8.24 -4.54 15.54
C LEU A 24 -9.55 -4.93 14.87
N ARG A 25 -9.70 -4.56 13.60
CA ARG A 25 -10.90 -4.88 12.86
C ARG A 25 -10.65 -4.81 11.36
N ARG A 26 -11.28 -5.71 10.61
CA ARG A 26 -11.11 -5.75 9.16
C ARG A 26 -11.87 -4.62 8.50
N ARG A 27 -11.72 -3.41 9.04
CA ARG A 27 -12.40 -2.24 8.48
C ARG A 27 -11.46 -1.04 8.46
N GLN A 28 -10.79 -0.79 9.58
CA GLN A 28 -9.87 0.33 9.67
C GLN A 28 -8.54 -0.03 9.01
N THR A 29 -8.33 0.51 7.80
CA THR A 29 -7.10 0.25 7.07
C THR A 29 -6.59 1.52 6.41
N TYR A 30 -5.29 1.58 6.13
CA TYR A 30 -4.71 2.74 5.49
C TYR A 30 -3.58 2.33 4.55
N LEU A 31 -3.74 2.71 3.28
CA LEU A 31 -2.77 2.39 2.26
C LEU A 31 -2.22 3.67 1.62
N CYS A 32 -0.92 3.66 1.39
CA CYS A 32 -0.25 4.81 0.79
C CYS A 32 0.14 4.48 -0.65
N TYR A 33 -0.39 5.25 -1.59
CA TYR A 33 -0.11 5.01 -3.00
C TYR A 33 0.74 6.13 -3.60
N GLU A 34 1.66 5.73 -4.48
CA GLU A 34 2.52 6.70 -5.15
C GLU A 34 2.64 6.31 -6.61
N VAL A 35 3.25 7.18 -7.40
CA VAL A 35 3.44 6.91 -8.83
C VAL A 35 4.85 7.26 -9.26
N GLU A 36 5.47 6.35 -10.01
CA GLU A 36 6.83 6.57 -10.48
C GLU A 36 6.88 6.53 -12.01
N ARG A 37 7.65 7.45 -12.58
CA ARG A 37 7.81 7.51 -14.03
C ARG A 37 9.26 7.21 -14.37
N LEU A 38 9.47 6.11 -15.07
CA LEU A 38 10.83 5.73 -15.41
C LEU A 38 11.47 6.73 -16.35
N ASP A 39 12.26 7.64 -15.77
CA ASP A 39 12.93 8.66 -16.55
C ASP A 39 14.44 8.41 -16.57
N ASN A 40 15.07 8.66 -17.71
CA ASN A 40 16.50 8.47 -17.87
C ASN A 40 16.93 7.05 -17.46
N GLY A 41 15.97 6.13 -17.47
CA GLY A 41 16.27 4.74 -17.13
C GLY A 41 16.23 4.51 -15.62
N THR A 42 15.62 5.45 -14.90
CA THR A 42 15.51 5.34 -13.45
C THR A 42 14.11 5.77 -13.01
N TRP A 43 13.67 5.22 -11.89
CA TRP A 43 12.34 5.56 -11.40
C TRP A 43 12.37 6.92 -10.71
N VAL A 44 11.39 7.75 -11.05
CA VAL A 44 11.30 9.09 -10.47
C VAL A 44 9.95 9.28 -9.78
N LEU A 45 9.98 9.68 -8.52
CA LEU A 45 8.75 9.90 -7.77
C LEU A 45 8.06 11.17 -8.22
N MET A 46 6.75 11.09 -8.47
CA MET A 46 5.98 12.24 -8.90
C MET A 46 4.98 12.66 -7.84
N ASP A 47 5.18 13.83 -7.27
CA ASP A 47 4.29 14.34 -6.22
C ASP A 47 2.92 14.71 -6.80
N GLN A 48 2.90 15.07 -8.08
CA GLN A 48 1.65 15.45 -8.73
C GLN A 48 0.73 14.25 -8.92
N HIS A 49 1.28 13.05 -8.71
CA HIS A 49 0.50 11.83 -8.85
C HIS A 49 0.67 10.95 -7.63
N MET A 50 1.02 11.56 -6.51
CA MET A 50 1.22 10.83 -5.26
C MET A 50 0.17 11.22 -4.23
N GLY A 51 -0.12 10.32 -3.31
CA GLY A 51 -1.11 10.59 -2.27
C GLY A 51 -1.47 9.32 -1.51
N PHE A 52 -2.21 9.47 -0.42
CA PHE A 52 -2.62 8.32 0.38
C PHE A 52 -4.13 8.13 0.30
N LEU A 53 -4.58 6.92 0.56
CA LEU A 53 -6.00 6.60 0.50
C LEU A 53 -6.45 5.89 1.77
N CYS A 54 -7.64 6.26 2.25
CA CYS A 54 -8.19 5.65 3.46
C CYS A 54 -9.32 4.70 3.11
N ASN A 55 -10.08 4.29 4.13
CA ASN A 55 -11.20 3.38 3.93
C ASN A 55 -12.34 4.08 3.18
N GLU A 56 -13.09 4.89 3.91
CA GLU A 56 -14.21 5.61 3.31
C GLU A 56 -13.73 6.93 2.69
N ALA A 57 -14.23 7.23 1.50
CA ALA A 57 -13.84 8.46 0.81
C ALA A 57 -15.02 9.02 0.02
N LYS A 58 -14.72 9.63 -1.13
CA LYS A 58 -15.75 10.20 -1.98
C LYS A 58 -16.61 9.11 -2.58
N ASN A 59 -17.68 9.51 -3.27
CA ASN A 59 -18.58 8.55 -3.90
C ASN A 59 -19.41 7.83 -2.85
N LEU A 60 -19.39 8.35 -1.62
CA LEU A 60 -20.15 7.74 -0.53
C LEU A 60 -21.59 8.22 -0.55
N LEU A 61 -21.83 9.36 -1.21
CA LEU A 61 -23.17 9.92 -1.30
C LEU A 61 -24.12 8.93 -1.97
N CYS A 62 -23.54 7.93 -2.64
CA CYS A 62 -24.34 6.92 -3.33
C CYS A 62 -24.82 5.86 -2.35
N GLY A 63 -24.25 5.87 -1.15
CA GLY A 63 -24.63 4.90 -0.13
C GLY A 63 -24.04 3.53 -0.43
N PHE A 64 -22.91 3.54 -1.16
CA PHE A 64 -22.25 2.29 -1.51
C PHE A 64 -21.72 1.58 -0.27
N TYR A 65 -21.55 0.27 -0.36
CA TYR A 65 -21.05 -0.51 0.76
C TYR A 65 -19.57 -0.83 0.58
N GLY A 66 -18.95 -1.35 1.64
CA GLY A 66 -17.53 -1.71 1.58
C GLY A 66 -16.67 -0.46 1.40
N ARG A 67 -15.65 -0.32 2.25
CA ARG A 67 -14.75 0.82 2.18
C ARG A 67 -13.31 0.38 2.37
N HIS A 68 -12.60 0.22 1.26
CA HIS A 68 -11.20 -0.19 1.31
C HIS A 68 -10.36 0.72 0.41
N ALA A 69 -9.28 1.26 0.96
CA ALA A 69 -8.40 2.15 0.22
C ALA A 69 -7.96 1.50 -1.09
N GLU A 70 -7.80 0.18 -1.04
CA GLU A 70 -7.39 -0.58 -2.22
C GLU A 70 -8.38 -0.36 -3.36
N LEU A 71 -9.66 -0.37 -3.02
CA LEU A 71 -10.71 -0.16 -4.01
C LEU A 71 -10.69 1.29 -4.49
N ARG A 72 -10.75 2.21 -3.54
CA ARG A 72 -10.72 3.62 -3.86
C ARG A 72 -9.62 3.90 -4.88
N PHE A 73 -8.50 3.20 -4.74
CA PHE A 73 -7.39 3.38 -5.67
C PHE A 73 -7.82 3.01 -7.08
N LEU A 74 -8.16 1.75 -7.27
CA LEU A 74 -8.58 1.29 -8.59
C LEU A 74 -9.50 2.30 -9.26
N ASP A 75 -10.15 3.13 -8.44
CA ASP A 75 -11.06 4.14 -8.97
C ASP A 75 -10.35 5.47 -9.26
N LEU A 76 -9.23 5.70 -8.57
CA LEU A 76 -8.49 6.95 -8.74
C LEU A 76 -7.35 6.83 -9.76
N VAL A 77 -7.00 5.60 -10.14
CA VAL A 77 -5.93 5.40 -11.12
C VAL A 77 -6.22 6.18 -12.40
N PRO A 78 -7.44 6.13 -12.91
CA PRO A 78 -7.81 6.87 -14.15
C PRO A 78 -7.49 8.36 -14.03
N SER A 79 -7.52 8.87 -12.80
CA SER A 79 -7.22 10.28 -12.56
C SER A 79 -5.75 10.57 -12.83
N LEU A 80 -4.92 9.54 -12.70
CA LEU A 80 -3.48 9.70 -12.92
C LEU A 80 -3.19 9.89 -14.41
N GLN A 81 -4.24 9.86 -15.21
CA GLN A 81 -4.11 10.03 -16.65
C GLN A 81 -2.88 9.30 -17.18
N LEU A 82 -2.77 8.01 -16.87
CA LEU A 82 -1.64 7.21 -17.33
C LEU A 82 -1.60 7.19 -18.85
N ASP A 83 -0.61 6.48 -19.40
CA ASP A 83 -0.48 6.38 -20.85
C ASP A 83 0.12 5.02 -21.25
N PRO A 84 -0.32 4.43 -22.34
CA PRO A 84 0.22 3.11 -22.79
C PRO A 84 1.59 3.24 -23.44
N ALA A 85 2.03 4.47 -23.60
CA ALA A 85 3.33 4.75 -24.21
C ALA A 85 4.44 4.62 -23.17
N GLN A 86 4.48 5.56 -22.24
CA GLN A 86 5.51 5.55 -21.20
C GLN A 86 5.30 4.35 -20.28
N ILE A 87 6.16 4.25 -19.26
CA ILE A 87 6.07 3.15 -18.31
C ILE A 87 6.02 3.69 -16.88
N TYR A 88 4.92 3.40 -16.20
CA TYR A 88 4.72 3.85 -14.83
C TYR A 88 4.80 2.68 -13.85
N ARG A 89 4.81 3.00 -12.57
CA ARG A 89 4.88 1.98 -11.53
C ARG A 89 4.44 2.56 -10.19
N VAL A 90 3.30 2.11 -9.69
CA VAL A 90 2.79 2.61 -8.43
C VAL A 90 3.21 1.71 -7.27
N THR A 91 3.44 2.31 -6.10
CA THR A 91 3.84 1.55 -4.92
C THR A 91 2.78 1.68 -3.84
N TRP A 92 2.44 0.56 -3.21
CA TRP A 92 1.42 0.55 -2.16
C TRP A 92 2.07 0.30 -0.80
N PHE A 93 1.85 1.22 0.13
CA PHE A 93 2.38 1.09 1.48
C PHE A 93 1.23 1.01 2.47
N ILE A 94 0.95 -0.20 2.95
CA ILE A 94 -0.13 -0.41 3.90
C ILE A 94 0.38 -0.88 5.25
N SER A 95 -0.19 -0.33 6.32
CA SER A 95 0.22 -0.68 7.67
C SER A 95 -0.38 -2.01 8.10
N TRP A 96 -0.72 -2.84 7.12
CA TRP A 96 -1.32 -4.15 7.39
C TRP A 96 -1.24 -5.02 6.14
N SER A 97 -2.06 -6.07 6.07
CA SER A 97 -2.07 -6.96 4.91
C SER A 97 -3.44 -6.91 4.24
N PRO A 98 -3.53 -7.20 2.96
CA PRO A 98 -4.83 -7.18 2.23
C PRO A 98 -5.92 -7.96 2.97
N CYS A 99 -7.17 -7.69 2.64
CA CYS A 99 -8.29 -8.37 3.28
C CYS A 99 -8.53 -9.71 2.60
N PHE A 100 -8.80 -9.68 1.29
CA PHE A 100 -9.06 -10.90 0.55
C PHE A 100 -8.96 -10.64 -0.96
N SER A 101 -8.80 -11.73 -1.72
CA SER A 101 -8.69 -11.64 -3.17
C SER A 101 -9.97 -11.12 -3.79
N TRP A 102 -10.94 -12.02 -3.99
CA TRP A 102 -12.22 -11.64 -4.56
C TRP A 102 -12.69 -10.32 -3.97
N GLY A 103 -12.16 -10.00 -2.80
CA GLY A 103 -12.52 -8.76 -2.11
C GLY A 103 -11.72 -7.59 -2.68
N CYS A 104 -10.51 -7.40 -2.16
CA CYS A 104 -9.67 -6.31 -2.62
C CYS A 104 -8.64 -6.77 -3.65
N ALA A 105 -7.65 -7.54 -3.19
CA ALA A 105 -6.59 -8.03 -4.07
C ALA A 105 -7.16 -8.47 -5.40
N GLY A 106 -8.15 -9.36 -5.37
CA GLY A 106 -8.76 -9.86 -6.60
C GLY A 106 -8.98 -8.71 -7.58
N GLU A 107 -9.41 -7.57 -7.06
CA GLU A 107 -9.66 -6.40 -7.91
C GLU A 107 -8.34 -5.85 -8.44
N VAL A 108 -7.33 -5.80 -7.58
CA VAL A 108 -6.02 -5.28 -7.99
C VAL A 108 -5.48 -6.10 -9.15
N ARG A 109 -5.80 -7.38 -9.17
CA ARG A 109 -5.35 -8.27 -10.23
C ARG A 109 -5.98 -7.88 -11.57
N ALA A 110 -7.31 -7.81 -11.58
CA ALA A 110 -8.03 -7.44 -12.79
C ALA A 110 -7.51 -6.13 -13.36
N PHE A 111 -7.09 -5.23 -12.46
CA PHE A 111 -6.58 -3.93 -12.87
C PHE A 111 -5.16 -4.06 -13.42
N LEU A 112 -4.36 -4.91 -12.80
CA LEU A 112 -2.98 -5.10 -13.24
C LEU A 112 -2.93 -5.55 -14.69
N GLN A 113 -3.97 -6.26 -15.13
CA GLN A 113 -4.02 -6.72 -16.52
C GLN A 113 -4.54 -5.63 -17.43
N GLU A 114 -5.55 -4.90 -16.95
CA GLU A 114 -6.15 -3.83 -17.74
C GLU A 114 -5.09 -2.82 -18.15
N ASN A 115 -4.15 -2.56 -17.25
CA ASN A 115 -3.07 -1.61 -17.52
C ASN A 115 -1.72 -2.25 -17.26
N THR A 116 -1.17 -2.90 -18.29
CA THR A 116 0.13 -3.55 -18.16
C THR A 116 1.25 -2.52 -18.24
N HIS A 117 0.91 -1.31 -18.63
CA HIS A 117 1.90 -0.24 -18.75
C HIS A 117 2.33 0.23 -17.37
N VAL A 118 1.45 0.03 -16.38
CA VAL A 118 1.74 0.43 -15.01
C VAL A 118 1.82 -0.79 -14.10
N ARG A 119 2.92 -0.89 -13.38
CA ARG A 119 3.13 -2.01 -12.47
C ARG A 119 2.78 -1.58 -11.05
N LEU A 120 2.44 -2.55 -10.20
CA LEU A 120 2.08 -2.24 -8.82
C LEU A 120 2.87 -3.11 -7.85
N ARG A 121 3.48 -2.46 -6.87
CA ARG A 121 4.26 -3.15 -5.86
C ARG A 121 3.61 -2.96 -4.50
N ILE A 122 3.41 -4.07 -3.79
CA ILE A 122 2.78 -4.00 -2.47
C ILE A 122 3.80 -4.15 -1.37
N PHE A 123 3.48 -3.54 -0.24
CA PHE A 123 4.35 -3.60 0.91
C PHE A 123 3.53 -3.47 2.19
N ALA A 124 3.48 -4.54 2.97
CA ALA A 124 2.72 -4.52 4.23
C ALA A 124 3.67 -4.34 5.41
N ALA A 125 3.17 -3.74 6.48
CA ALA A 125 4.00 -3.51 7.66
C ALA A 125 3.79 -4.63 8.69
N ARG A 126 2.56 -5.14 8.76
CA ARG A 126 2.25 -6.20 9.72
C ARG A 126 1.33 -7.25 9.08
N ILE A 127 1.39 -8.47 9.59
CA ILE A 127 0.56 -9.54 9.07
C ILE A 127 -0.74 -9.63 9.85
N TYR A 128 -1.84 -9.92 9.15
CA TYR A 128 -3.14 -10.02 9.80
C TYR A 128 -3.36 -11.42 10.37
N ASP A 129 -3.48 -11.50 11.68
CA ASP A 129 -3.68 -12.80 12.34
C ASP A 129 -5.16 -13.18 12.33
N TYR A 130 -6.02 -12.20 12.57
CA TYR A 130 -7.46 -12.45 12.58
C TYR A 130 -7.95 -12.81 11.19
N ASP A 131 -7.15 -12.51 10.17
CA ASP A 131 -7.51 -12.81 8.80
C ASP A 131 -6.34 -13.46 8.07
N PRO A 132 -6.09 -14.71 8.33
CA PRO A 132 -4.97 -15.46 7.69
C PRO A 132 -5.32 -15.95 6.29
N LEU A 133 -6.34 -15.34 5.69
CA LEU A 133 -6.75 -15.71 4.34
C LEU A 133 -6.02 -14.87 3.31
N TYR A 134 -5.62 -13.67 3.72
CA TYR A 134 -4.88 -12.77 2.82
C TYR A 134 -3.70 -13.50 2.20
N LYS A 135 -3.27 -14.57 2.85
CA LYS A 135 -2.14 -15.36 2.34
C LYS A 135 -2.45 -15.89 0.96
N GLU A 136 -3.51 -16.69 0.85
CA GLU A 136 -3.90 -17.25 -0.43
C GLU A 136 -4.16 -16.14 -1.44
N ALA A 137 -4.81 -15.08 -0.99
CA ALA A 137 -5.11 -13.94 -1.85
C ALA A 137 -3.82 -13.34 -2.38
N LEU A 138 -2.78 -13.34 -1.55
CA LEU A 138 -1.50 -12.79 -1.95
C LEU A 138 -0.92 -13.56 -3.13
N GLN A 139 -0.74 -14.86 -2.94
CA GLN A 139 -0.19 -15.70 -4.01
C GLN A 139 -0.86 -15.35 -5.34
N MET A 140 -2.18 -15.22 -5.31
CA MET A 140 -2.94 -14.88 -6.51
C MET A 140 -2.56 -13.50 -7.00
N LEU A 141 -2.14 -12.64 -6.09
CA LEU A 141 -1.75 -11.28 -6.44
C LEU A 141 -0.43 -11.28 -7.21
N ARG A 142 0.64 -11.73 -6.55
CA ARG A 142 1.94 -11.77 -7.20
C ARG A 142 1.80 -12.38 -8.59
N ASP A 143 0.88 -13.33 -8.72
CA ASP A 143 0.65 -13.98 -10.00
C ASP A 143 0.14 -12.97 -11.02
N ALA A 144 -0.60 -11.97 -10.55
CA ALA A 144 -1.13 -10.95 -11.45
C ALA A 144 -0.01 -10.18 -12.12
N GLY A 145 1.21 -10.34 -11.59
CA GLY A 145 2.38 -9.67 -12.15
C GLY A 145 2.99 -8.71 -11.13
N ALA A 146 2.18 -8.28 -10.17
CA ALA A 146 2.65 -7.37 -9.13
C ALA A 146 3.63 -8.09 -8.20
N GLN A 147 4.24 -7.34 -7.29
CA GLN A 147 5.19 -7.92 -6.34
C GLN A 147 4.93 -7.41 -4.93
N VAL A 148 5.00 -8.31 -3.95
CA VAL A 148 4.78 -7.92 -2.55
C VAL A 148 5.98 -8.27 -1.68
N SER A 149 6.12 -7.54 -0.58
CA SER A 149 7.22 -7.76 0.34
C SER A 149 6.95 -7.06 1.67
N ILE A 150 7.86 -7.25 2.63
CA ILE A 150 7.71 -6.62 3.94
C ILE A 150 8.44 -5.29 3.98
N MET A 151 7.85 -4.32 4.69
CA MET A 151 8.45 -3.00 4.81
C MET A 151 9.73 -3.06 5.65
N THR A 152 10.78 -2.39 5.17
CA THR A 152 12.05 -2.38 5.88
C THR A 152 12.23 -1.07 6.63
N TYR A 153 13.38 -0.90 7.26
CA TYR A 153 13.67 0.32 8.01
C TYR A 153 13.82 1.51 7.06
N ASP A 154 14.80 1.40 6.16
CA ASP A 154 15.04 2.48 5.21
C ASP A 154 13.80 2.76 4.37
N GLU A 155 13.03 1.71 4.10
CA GLU A 155 11.81 1.85 3.31
C GLU A 155 10.81 2.77 4.01
N PHE A 156 10.58 2.51 5.29
CA PHE A 156 9.64 3.33 6.07
C PHE A 156 10.07 4.79 6.03
N GLU A 157 11.38 5.03 6.11
CA GLU A 157 11.90 6.39 6.09
C GLU A 157 11.50 7.09 4.79
N TYR A 158 11.55 6.35 3.69
CA TYR A 158 11.20 6.92 2.38
C TYR A 158 9.74 7.38 2.36
N CYS A 159 8.87 6.57 2.95
CA CYS A 159 7.45 6.91 2.98
C CYS A 159 7.19 8.01 4.00
N TRP A 160 7.83 7.90 5.15
CA TRP A 160 7.67 8.90 6.21
C TRP A 160 8.17 10.26 5.75
N ASP A 161 9.32 10.27 5.09
CA ASP A 161 9.90 11.52 4.60
C ASP A 161 9.19 12.02 3.35
N THR A 162 8.59 11.08 2.60
CA THR A 162 7.89 11.44 1.37
C THR A 162 6.46 11.90 1.64
N PHE A 163 5.67 11.03 2.26
CA PHE A 163 4.27 11.34 2.54
C PHE A 163 4.15 12.38 3.66
N VAL A 164 4.86 12.18 4.76
CA VAL A 164 4.79 13.11 5.87
C VAL A 164 5.94 14.10 5.84
N TYR A 165 5.61 15.39 5.74
CA TYR A 165 6.64 16.42 5.71
C TYR A 165 6.73 17.10 7.06
N ARG A 166 7.92 17.08 7.66
CA ARG A 166 8.13 17.70 8.96
C ARG A 166 9.57 18.17 9.12
N GLN A 167 9.82 19.39 8.67
CA GLN A 167 11.17 19.97 8.77
C GLN A 167 12.22 18.97 8.32
N GLY A 168 11.82 17.98 7.54
CA GLY A 168 12.76 16.98 7.05
C GLY A 168 13.33 16.14 8.19
N CYS A 169 12.65 16.12 9.32
CA CYS A 169 13.10 15.36 10.48
C CYS A 169 13.15 13.86 10.15
N PRO A 170 13.97 13.10 10.85
CA PRO A 170 14.10 11.64 10.61
C PRO A 170 12.84 10.88 11.03
N PHE A 171 12.80 9.59 10.72
CA PHE A 171 11.64 8.77 11.08
C PHE A 171 11.84 8.15 12.46
N GLN A 172 10.73 7.97 13.18
CA GLN A 172 10.78 7.40 14.51
C GLN A 172 9.59 6.47 14.75
N PRO A 173 9.74 5.17 14.54
CA PRO A 173 8.63 4.22 14.74
C PRO A 173 8.44 3.83 16.20
N TRP A 174 9.31 2.95 16.68
CA TRP A 174 9.25 2.50 18.07
C TRP A 174 10.61 2.00 18.51
N ASP A 175 10.92 0.76 18.14
CA ASP A 175 12.19 0.15 18.51
C ASP A 175 12.34 -1.23 17.88
N GLY A 176 11.21 -1.92 17.73
CA GLY A 176 11.21 -3.25 17.15
C GLY A 176 11.07 -3.21 15.63
N LEU A 177 11.26 -2.03 15.05
CA LEU A 177 11.15 -1.88 13.60
C LEU A 177 12.00 -2.93 12.89
N GLU A 178 13.31 -2.88 13.13
CA GLU A 178 14.22 -3.82 12.51
C GLU A 178 13.92 -5.24 12.99
N GLU A 179 13.97 -5.45 14.30
CA GLU A 179 13.70 -6.77 14.86
C GLU A 179 12.47 -7.39 14.19
N HIS A 180 11.53 -6.53 13.80
CA HIS A 180 10.31 -7.00 13.14
C HIS A 180 10.58 -7.32 11.68
N SER A 181 11.36 -6.46 11.03
CA SER A 181 11.69 -6.66 9.62
C SER A 181 12.26 -8.05 9.39
N GLN A 182 13.06 -8.52 10.35
CA GLN A 182 13.68 -9.84 10.23
C GLN A 182 12.66 -10.94 10.52
N ALA A 183 11.98 -10.82 11.66
CA ALA A 183 10.97 -11.80 12.05
C ALA A 183 9.88 -11.91 10.99
N LEU A 184 9.18 -10.80 10.77
CA LEU A 184 8.10 -10.77 9.79
C LEU A 184 8.59 -11.28 8.45
N SER A 185 9.77 -10.82 8.03
CA SER A 185 10.33 -11.26 6.75
C SER A 185 10.24 -12.77 6.62
N GLY A 186 10.80 -13.48 7.60
CA GLY A 186 10.77 -14.93 7.59
C GLY A 186 9.35 -15.45 7.36
N ARG A 187 8.39 -14.80 8.02
CA ARG A 187 6.99 -15.21 7.89
C ARG A 187 6.48 -14.90 6.49
N LEU A 188 6.43 -13.62 6.14
CA LEU A 188 5.96 -13.21 4.82
C LEU A 188 6.66 -14.00 3.73
N ARG A 189 7.98 -13.82 3.64
CA ARG A 189 8.76 -14.52 2.63
C ARG A 189 8.36 -15.99 2.56
N ALA A 190 8.23 -16.61 3.73
CA ALA A 190 7.85 -18.01 3.79
C ALA A 190 6.45 -18.22 3.22
N ILE A 191 5.56 -17.27 3.50
CA ILE A 191 4.19 -17.35 2.99
C ILE A 191 4.17 -17.17 1.48
N LEU A 192 5.19 -16.52 0.95
CA LEU A 192 5.28 -16.28 -0.49
C LEU A 192 5.43 -17.59 -1.24
N GLN A 193 5.32 -18.70 -0.52
CA GLN A 193 5.44 -20.03 -1.12
C GLN A 193 4.18 -20.85 -0.86
N ASN A 194 3.95 -21.17 0.41
CA ASN A 194 2.77 -21.94 0.80
C ASN A 194 2.51 -23.05 -0.21
N GLN A 195 3.14 -24.19 -0.01
CA GLN A 195 2.96 -25.33 -0.91
C GLN A 195 2.81 -26.63 -0.12
N GLY A 196 2.49 -27.71 -0.82
CA GLY A 196 2.31 -29.00 -0.17
C GLY A 196 0.95 -29.08 0.50
N ASN A 197 -0.10 -29.29 -0.28
CA ASN A 197 -1.45 -29.38 0.25
C ASN A 197 -1.88 -30.84 0.34
ZN ZN B . -10.87 -5.17 1.23
N MET A 1 -16.65 22.01 2.08
CA MET A 1 -15.27 22.00 1.51
C MET A 1 -14.27 21.70 2.61
N GLU A 2 -14.33 22.48 3.69
CA GLU A 2 -13.42 22.29 4.82
C GLU A 2 -11.97 22.21 4.33
N ILE A 3 -11.05 22.08 5.28
CA ILE A 3 -9.64 21.98 4.93
C ILE A 3 -9.28 20.57 4.49
N LEU A 4 -8.18 20.45 3.75
CA LEU A 4 -7.76 19.14 3.26
C LEU A 4 -6.26 19.15 2.96
N ARG A 5 -5.72 17.97 2.63
CA ARG A 5 -4.31 17.85 2.32
C ARG A 5 -4.07 16.61 1.48
N TYR A 6 -2.86 16.51 0.96
CA TYR A 6 -2.48 15.38 0.12
C TYR A 6 -1.21 14.73 0.65
N LEU A 7 -0.74 15.23 1.79
CA LEU A 7 0.47 14.70 2.41
C LEU A 7 0.17 14.16 3.81
N MET A 8 0.29 12.85 3.97
CA MET A 8 0.02 12.23 5.26
C MET A 8 0.70 13.01 6.38
N ASP A 9 -0.09 13.39 7.36
CA ASP A 9 0.42 14.15 8.49
C ASP A 9 1.27 13.26 9.40
N PRO A 10 2.19 13.82 10.15
CA PRO A 10 3.06 13.04 11.06
C PRO A 10 2.29 12.49 12.26
N ASP A 11 1.65 13.38 13.00
CA ASP A 11 0.87 12.98 14.17
C ASP A 11 -0.18 11.95 13.79
N THR A 12 -0.94 12.26 12.73
CA THR A 12 -1.99 11.34 12.27
C THR A 12 -1.39 10.02 11.81
N PHE A 13 -0.24 10.09 11.15
CA PHE A 13 0.43 8.89 10.66
C PHE A 13 0.77 7.95 11.81
N THR A 14 1.40 8.48 12.84
CA THR A 14 1.78 7.68 14.00
C THR A 14 0.55 7.20 14.75
N PHE A 15 -0.49 8.04 14.78
CA PHE A 15 -1.73 7.69 15.45
C PHE A 15 -2.51 6.64 14.67
N ASN A 16 -2.31 6.63 13.36
CA ASN A 16 -2.99 5.67 12.49
C ASN A 16 -2.27 4.34 12.50
N PHE A 17 -0.93 4.37 12.49
CA PHE A 17 -0.14 3.15 12.49
C PHE A 17 -0.04 2.58 13.90
N ASN A 18 0.15 3.45 14.88
CA ASN A 18 0.27 3.01 16.26
C ASN A 18 -1.10 3.00 16.94
N ASN A 19 -2.13 3.41 16.20
CA ASN A 19 -3.48 3.43 16.74
C ASN A 19 -3.74 2.22 17.63
N ASP A 20 -3.81 1.04 17.00
CA ASP A 20 -4.05 -0.18 17.75
C ASP A 20 -3.89 -1.41 16.85
N PRO A 21 -2.70 -1.66 16.38
CA PRO A 21 -2.42 -2.83 15.49
C PRO A 21 -3.01 -4.13 16.03
N LEU A 22 -4.30 -4.33 15.78
CA LEU A 22 -4.99 -5.53 16.24
C LEU A 22 -5.83 -6.14 15.12
N VAL A 23 -6.96 -5.52 14.82
CA VAL A 23 -7.83 -6.01 13.75
C VAL A 23 -8.65 -4.87 13.17
N LEU A 24 -7.98 -3.82 12.71
CA LEU A 24 -8.66 -2.68 12.12
C LEU A 24 -8.60 -2.76 10.60
N ARG A 25 -9.65 -3.32 10.01
CA ARG A 25 -9.70 -3.46 8.55
C ARG A 25 -11.16 -3.44 8.07
N ARG A 26 -12.03 -4.09 8.85
CA ARG A 26 -13.44 -4.14 8.49
C ARG A 26 -13.98 -2.75 8.20
N ARG A 27 -13.23 -1.73 8.62
CA ARG A 27 -13.64 -0.34 8.40
C ARG A 27 -12.45 0.59 8.57
N GLN A 28 -11.71 0.42 9.65
CA GLN A 28 -10.55 1.26 9.93
C GLN A 28 -9.33 0.76 9.17
N THR A 29 -9.02 1.42 8.05
CA THR A 29 -7.88 1.03 7.24
C THR A 29 -7.28 2.25 6.54
N TYR A 30 -6.01 2.14 6.13
CA TYR A 30 -5.35 3.24 5.46
C TYR A 30 -4.27 2.73 4.51
N LEU A 31 -4.37 3.13 3.25
CA LEU A 31 -3.40 2.72 2.23
C LEU A 31 -2.79 3.96 1.59
N CYS A 32 -1.48 3.90 1.39
CA CYS A 32 -0.75 5.02 0.80
C CYS A 32 -0.33 4.68 -0.62
N TYR A 33 -0.90 5.37 -1.60
CA TYR A 33 -0.58 5.12 -2.99
C TYR A 33 0.29 6.22 -3.58
N GLU A 34 1.24 5.83 -4.42
CA GLU A 34 2.13 6.79 -5.07
C GLU A 34 2.33 6.39 -6.52
N VAL A 35 2.99 7.24 -7.29
CA VAL A 35 3.24 6.95 -8.70
C VAL A 35 4.70 7.22 -9.05
N GLU A 36 5.22 6.43 -9.98
CA GLU A 36 6.61 6.60 -10.38
C GLU A 36 6.76 6.47 -11.89
N ARG A 37 7.58 7.33 -12.47
CA ARG A 37 7.83 7.29 -13.92
C ARG A 37 9.29 6.92 -14.13
N LEU A 38 9.52 5.83 -14.81
CA LEU A 38 10.89 5.40 -15.02
C LEU A 38 11.62 6.34 -15.96
N ASP A 39 12.37 7.27 -15.37
CA ASP A 39 13.14 8.24 -16.14
C ASP A 39 14.64 7.99 -15.96
N ASN A 40 15.36 7.88 -17.07
CA ASN A 40 16.80 7.65 -17.01
C ASN A 40 17.11 6.29 -16.39
N GLY A 41 16.36 5.28 -16.77
CA GLY A 41 16.58 3.93 -16.24
C GLY A 41 16.42 3.89 -14.72
N THR A 42 15.76 4.91 -14.18
CA THR A 42 15.55 4.97 -12.74
C THR A 42 14.13 5.43 -12.45
N TRP A 43 13.62 5.04 -11.30
CA TRP A 43 12.27 5.42 -10.91
C TRP A 43 12.25 6.82 -10.32
N VAL A 44 11.28 7.63 -10.72
CA VAL A 44 11.17 9.00 -10.21
C VAL A 44 9.79 9.22 -9.57
N LEU A 45 9.80 9.62 -8.31
CA LEU A 45 8.56 9.85 -7.58
C LEU A 45 7.89 11.15 -8.03
N MET A 46 6.59 11.09 -8.30
CA MET A 46 5.84 12.26 -8.73
C MET A 46 4.76 12.60 -7.71
N ASP A 47 4.94 13.72 -7.01
CA ASP A 47 3.98 14.14 -6.00
C ASP A 47 2.68 14.63 -6.64
N GLN A 48 2.75 14.99 -7.91
CA GLN A 48 1.57 15.47 -8.62
C GLN A 48 0.59 14.33 -8.90
N HIS A 49 0.95 13.13 -8.48
CA HIS A 49 0.10 11.96 -8.68
C HIS A 49 0.19 11.04 -7.48
N MET A 50 0.50 11.63 -6.32
CA MET A 50 0.62 10.86 -5.09
C MET A 50 -0.48 11.24 -4.09
N GLY A 51 -0.64 10.42 -3.06
CA GLY A 51 -1.66 10.66 -2.05
C GLY A 51 -2.09 9.36 -1.39
N PHE A 52 -2.94 9.46 -0.38
CA PHE A 52 -3.43 8.28 0.33
C PHE A 52 -4.92 8.09 0.11
N LEU A 53 -5.43 6.92 0.45
CA LEU A 53 -6.84 6.61 0.28
C LEU A 53 -7.39 5.94 1.53
N CYS A 54 -8.69 6.08 1.77
CA CYS A 54 -9.32 5.48 2.94
C CYS A 54 -10.65 4.84 2.58
N ASN A 55 -11.47 4.58 3.60
CA ASN A 55 -12.77 3.95 3.40
C ASN A 55 -13.86 5.01 3.27
N GLU A 56 -13.54 6.08 2.56
CA GLU A 56 -14.48 7.18 2.36
C GLU A 56 -14.65 7.48 0.87
N ALA A 57 -15.89 7.48 0.40
CA ALA A 57 -16.16 7.76 -1.00
C ALA A 57 -17.60 7.39 -1.36
N LYS A 58 -18.09 7.89 -2.49
CA LYS A 58 -19.43 7.59 -2.93
C LYS A 58 -19.77 6.12 -2.68
N ASN A 59 -20.85 5.88 -1.95
CA ASN A 59 -21.27 4.52 -1.66
C ASN A 59 -22.77 4.46 -1.37
N LEU A 60 -23.45 5.58 -1.62
CA LEU A 60 -24.89 5.66 -1.38
C LEU A 60 -25.63 4.74 -2.35
N LEU A 61 -25.02 4.50 -3.51
CA LEU A 61 -25.63 3.64 -4.52
C LEU A 61 -25.47 2.17 -4.14
N CYS A 62 -24.25 1.79 -3.76
CA CYS A 62 -23.99 0.41 -3.37
C CYS A 62 -24.42 0.16 -1.93
N GLY A 63 -24.43 1.23 -1.14
CA GLY A 63 -24.81 1.12 0.27
C GLY A 63 -23.78 0.34 1.07
N PHE A 64 -22.84 -0.28 0.37
CA PHE A 64 -21.79 -1.06 1.02
C PHE A 64 -20.93 -0.15 1.91
N TYR A 65 -20.82 -0.51 3.19
CA TYR A 65 -20.03 0.27 4.13
C TYR A 65 -18.58 -0.22 4.14
N GLY A 66 -17.75 0.44 4.95
CA GLY A 66 -16.35 0.06 5.05
C GLY A 66 -15.72 -0.06 3.67
N ARG A 67 -15.59 1.07 2.98
CA ARG A 67 -15.00 1.07 1.64
C ARG A 67 -13.54 0.65 1.69
N HIS A 68 -13.12 -0.14 0.71
CA HIS A 68 -11.73 -0.59 0.65
C HIS A 68 -10.91 0.40 -0.16
N ALA A 69 -9.95 1.05 0.50
CA ALA A 69 -9.11 2.02 -0.18
C ALA A 69 -8.57 1.42 -1.47
N GLU A 70 -8.39 0.10 -1.46
CA GLU A 70 -7.90 -0.59 -2.63
C GLU A 70 -8.83 -0.37 -3.80
N LEU A 71 -10.13 -0.44 -3.53
CA LEU A 71 -11.12 -0.23 -4.58
C LEU A 71 -11.12 1.24 -5.00
N ARG A 72 -11.22 2.12 -4.02
CA ARG A 72 -11.20 3.56 -4.30
C ARG A 72 -10.06 3.89 -5.25
N PHE A 73 -8.96 3.16 -5.13
CA PHE A 73 -7.82 3.40 -6.00
C PHE A 73 -8.16 3.03 -7.43
N LEU A 74 -8.49 1.77 -7.66
CA LEU A 74 -8.83 1.34 -9.01
C LEU A 74 -9.75 2.36 -9.68
N ASP A 75 -10.41 3.17 -8.87
CA ASP A 75 -11.31 4.20 -9.38
C ASP A 75 -10.58 5.53 -9.62
N LEU A 76 -9.50 5.77 -8.86
CA LEU A 76 -8.75 7.01 -8.97
C LEU A 76 -7.56 6.91 -9.94
N VAL A 77 -7.20 5.69 -10.34
CA VAL A 77 -6.08 5.54 -11.27
C VAL A 77 -6.27 6.40 -12.52
N PRO A 78 -7.45 6.43 -13.09
CA PRO A 78 -7.71 7.25 -14.31
C PRO A 78 -7.41 8.73 -14.07
N SER A 79 -7.56 9.17 -12.83
CA SER A 79 -7.29 10.56 -12.49
C SER A 79 -5.80 10.86 -12.60
N LEU A 80 -4.99 9.82 -12.45
CA LEU A 80 -3.54 9.99 -12.54
C LEU A 80 -3.13 10.31 -13.97
N GLN A 81 -4.12 10.32 -14.86
CA GLN A 81 -3.87 10.61 -16.27
C GLN A 81 -2.61 9.91 -16.76
N LEU A 82 -2.50 8.62 -16.45
CA LEU A 82 -1.34 7.84 -16.86
C LEU A 82 -1.11 7.97 -18.37
N ASP A 83 0.03 7.48 -18.83
CA ASP A 83 0.36 7.54 -20.25
C ASP A 83 1.07 6.25 -20.68
N PRO A 84 0.33 5.25 -21.08
CA PRO A 84 0.92 3.95 -21.51
C PRO A 84 2.08 4.12 -22.47
N ALA A 85 2.28 5.34 -22.92
CA ALA A 85 3.37 5.64 -23.85
C ALA A 85 4.71 5.29 -23.21
N GLN A 86 4.70 5.16 -21.88
CA GLN A 86 5.90 4.82 -21.14
C GLN A 86 5.62 3.74 -20.11
N ILE A 87 6.44 3.68 -19.07
CA ILE A 87 6.27 2.68 -18.02
C ILE A 87 6.15 3.36 -16.65
N TYR A 88 5.03 3.11 -15.98
CA TYR A 88 4.80 3.68 -14.65
C TYR A 88 4.84 2.58 -13.61
N ARG A 89 4.69 2.97 -12.34
CA ARG A 89 4.72 2.01 -11.25
C ARG A 89 4.26 2.67 -9.95
N VAL A 90 3.16 2.18 -9.39
CA VAL A 90 2.63 2.75 -8.16
C VAL A 90 2.99 1.87 -6.96
N THR A 91 3.21 2.51 -5.81
CA THR A 91 3.55 1.79 -4.60
C THR A 91 2.43 1.92 -3.58
N TRP A 92 2.04 0.80 -2.99
CA TRP A 92 0.97 0.80 -1.99
C TRP A 92 1.55 0.55 -0.61
N PHE A 93 1.27 1.46 0.31
CA PHE A 93 1.75 1.32 1.69
C PHE A 93 0.55 1.21 2.62
N ILE A 94 0.25 -0.01 3.06
CA ILE A 94 -0.88 -0.25 3.93
C ILE A 94 -0.45 -0.68 5.32
N SER A 95 -1.15 -0.17 6.32
CA SER A 95 -0.83 -0.51 7.71
C SER A 95 -1.54 -1.79 8.13
N TRP A 96 -1.50 -2.79 7.26
CA TRP A 96 -2.14 -4.08 7.55
C TRP A 96 -2.10 -4.96 6.30
N SER A 97 -2.88 -6.05 6.31
CA SER A 97 -2.92 -6.95 5.17
C SER A 97 -4.24 -6.80 4.41
N PRO A 98 -4.29 -7.25 3.18
CA PRO A 98 -5.52 -7.14 2.34
C PRO A 98 -6.63 -8.08 2.83
N CYS A 99 -7.84 -7.90 2.30
CA CYS A 99 -8.96 -8.73 2.69
C CYS A 99 -8.84 -10.12 2.07
N PHE A 100 -9.12 -10.22 0.76
CA PHE A 100 -9.02 -11.49 0.05
C PHE A 100 -9.39 -11.30 -1.42
N SER A 101 -8.92 -12.23 -2.26
CA SER A 101 -9.17 -12.17 -3.68
C SER A 101 -10.60 -11.68 -3.96
N TRP A 102 -11.57 -12.57 -3.78
CA TRP A 102 -12.97 -12.21 -4.02
C TRP A 102 -13.27 -10.82 -3.46
N GLY A 103 -12.42 -10.36 -2.55
CA GLY A 103 -12.62 -9.04 -1.96
C GLY A 103 -11.81 -7.98 -2.69
N CYS A 104 -10.59 -7.74 -2.22
CA CYS A 104 -9.74 -6.73 -2.84
C CYS A 104 -8.72 -7.36 -3.79
N ALA A 105 -7.86 -8.23 -3.27
CA ALA A 105 -6.84 -8.88 -4.08
C ALA A 105 -7.39 -9.27 -5.45
N GLY A 106 -8.69 -9.52 -5.52
CA GLY A 106 -9.30 -9.90 -6.78
C GLY A 106 -9.36 -8.71 -7.74
N GLU A 107 -9.80 -7.58 -7.22
CA GLU A 107 -9.90 -6.36 -8.03
C GLU A 107 -8.50 -5.81 -8.34
N VAL A 108 -7.65 -5.77 -7.32
CA VAL A 108 -6.30 -5.25 -7.51
C VAL A 108 -5.57 -6.04 -8.58
N ARG A 109 -5.90 -7.33 -8.69
CA ARG A 109 -5.27 -8.18 -9.69
C ARG A 109 -5.81 -7.84 -11.08
N ALA A 110 -7.13 -7.91 -11.23
CA ALA A 110 -7.74 -7.60 -12.51
C ALA A 110 -7.23 -6.26 -13.05
N PHE A 111 -6.83 -5.39 -12.13
CA PHE A 111 -6.31 -4.08 -12.52
C PHE A 111 -4.95 -4.23 -13.20
N LEU A 112 -4.00 -4.78 -12.46
CA LEU A 112 -2.66 -4.99 -13.02
C LEU A 112 -2.77 -5.63 -14.40
N GLN A 113 -3.91 -6.28 -14.64
CA GLN A 113 -4.14 -6.93 -15.92
C GLN A 113 -4.72 -5.94 -16.93
N GLU A 114 -5.45 -4.94 -16.43
CA GLU A 114 -6.05 -3.92 -17.29
C GLU A 114 -4.98 -2.96 -17.79
N ASN A 115 -4.04 -2.64 -16.90
CA ASN A 115 -2.95 -1.72 -17.24
C ASN A 115 -1.60 -2.34 -16.93
N THR A 116 -1.02 -3.01 -17.91
CA THR A 116 0.29 -3.64 -17.72
C THR A 116 1.40 -2.59 -17.75
N HIS A 117 1.10 -1.43 -18.33
CA HIS A 117 2.08 -0.36 -18.40
C HIS A 117 2.48 0.10 -17.01
N VAL A 118 1.49 0.15 -16.11
CA VAL A 118 1.74 0.56 -14.74
C VAL A 118 1.80 -0.65 -13.83
N ARG A 119 2.86 -0.71 -13.04
CA ARG A 119 3.06 -1.81 -12.10
C ARG A 119 2.59 -1.40 -10.71
N LEU A 120 2.29 -2.38 -9.87
CA LEU A 120 1.82 -2.09 -8.52
C LEU A 120 2.46 -3.05 -7.50
N ARG A 121 2.86 -2.49 -6.35
CA ARG A 121 3.48 -3.29 -5.31
C ARG A 121 2.78 -3.05 -3.97
N ILE A 122 2.48 -4.14 -3.25
CA ILE A 122 1.80 -4.01 -1.96
C ILE A 122 2.75 -4.19 -0.78
N PHE A 123 2.93 -3.13 -0.03
CA PHE A 123 3.80 -3.19 1.15
C PHE A 123 2.94 -3.09 2.41
N ALA A 124 2.88 -4.18 3.16
CA ALA A 124 2.09 -4.22 4.38
C ALA A 124 2.96 -4.02 5.62
N ALA A 125 2.38 -3.48 6.67
CA ALA A 125 3.11 -3.24 7.90
C ALA A 125 2.96 -4.42 8.86
N ARG A 126 1.94 -5.24 8.61
CA ARG A 126 1.70 -6.41 9.45
C ARG A 126 0.76 -7.38 8.74
N ILE A 127 0.96 -8.67 8.97
CA ILE A 127 0.13 -9.70 8.35
C ILE A 127 -1.07 -10.03 9.23
N TYR A 128 -2.24 -10.08 8.62
CA TYR A 128 -3.46 -10.40 9.36
C TYR A 128 -3.47 -11.85 9.80
N ASP A 129 -3.52 -12.07 11.11
CA ASP A 129 -3.54 -13.42 11.66
C ASP A 129 -4.96 -13.97 11.67
N TYR A 130 -5.89 -13.17 12.16
CA TYR A 130 -7.30 -13.59 12.24
C TYR A 130 -7.86 -13.81 10.84
N ASP A 131 -7.02 -13.66 9.83
CA ASP A 131 -7.44 -13.85 8.45
C ASP A 131 -6.29 -14.42 7.61
N PRO A 132 -6.11 -15.72 7.62
CA PRO A 132 -5.02 -16.39 6.86
C PRO A 132 -5.36 -16.53 5.38
N LEU A 133 -6.58 -16.14 5.01
CA LEU A 133 -7.01 -16.22 3.63
C LEU A 133 -6.15 -15.32 2.74
N TYR A 134 -5.61 -14.26 3.34
CA TYR A 134 -4.77 -13.33 2.61
C TYR A 134 -3.56 -14.05 2.04
N LYS A 135 -3.21 -15.18 2.63
CA LYS A 135 -2.08 -15.97 2.17
C LYS A 135 -2.27 -16.41 0.73
N GLU A 136 -3.34 -17.16 0.48
CA GLU A 136 -3.63 -17.64 -0.86
C GLU A 136 -3.79 -16.46 -1.82
N ALA A 137 -4.42 -15.40 -1.34
CA ALA A 137 -4.63 -14.22 -2.16
C ALA A 137 -3.31 -13.55 -2.51
N LEU A 138 -2.36 -13.61 -1.58
CA LEU A 138 -1.05 -13.02 -1.80
C LEU A 138 -0.34 -13.68 -2.97
N GLN A 139 -0.08 -14.98 -2.86
CA GLN A 139 0.58 -15.70 -3.94
C GLN A 139 -0.08 -15.38 -5.27
N MET A 140 -1.41 -15.36 -5.28
CA MET A 140 -2.16 -15.06 -6.50
C MET A 140 -2.02 -13.59 -6.88
N LEU A 141 -1.75 -12.74 -5.88
CA LEU A 141 -1.61 -11.32 -6.14
C LEU A 141 -0.36 -11.05 -6.97
N ARG A 142 0.79 -11.39 -6.42
CA ARG A 142 2.06 -11.19 -7.11
C ARG A 142 2.06 -11.96 -8.43
N ASP A 143 1.30 -13.05 -8.48
CA ASP A 143 1.22 -13.86 -9.70
C ASP A 143 0.81 -13.00 -10.88
N ALA A 144 0.11 -11.90 -10.60
CA ALA A 144 -0.34 -11.00 -11.66
C ALA A 144 0.83 -10.14 -12.14
N GLY A 145 1.95 -10.22 -11.43
CA GLY A 145 3.13 -9.45 -11.79
C GLY A 145 3.50 -8.48 -10.67
N ALA A 146 2.53 -8.17 -9.82
CA ALA A 146 2.77 -7.26 -8.71
C ALA A 146 3.81 -7.83 -7.75
N GLN A 147 4.30 -7.00 -6.85
CA GLN A 147 5.31 -7.44 -5.87
C GLN A 147 4.95 -6.93 -4.48
N VAL A 148 4.96 -7.83 -3.50
CA VAL A 148 4.63 -7.44 -2.13
C VAL A 148 5.71 -7.87 -1.13
N SER A 149 5.89 -7.05 -0.11
CA SER A 149 6.88 -7.32 0.92
C SER A 149 6.49 -6.61 2.22
N ILE A 150 7.28 -6.83 3.27
CA ILE A 150 6.99 -6.20 4.55
C ILE A 150 7.82 -4.93 4.72
N MET A 151 7.16 -3.87 5.17
CA MET A 151 7.84 -2.58 5.36
C MET A 151 9.20 -2.79 6.02
N THR A 152 10.25 -2.33 5.35
CA THR A 152 11.61 -2.46 5.88
C THR A 152 12.07 -1.17 6.53
N TYR A 153 13.33 -1.14 6.93
CA TYR A 153 13.89 0.06 7.57
C TYR A 153 14.00 1.21 6.58
N ASP A 154 14.77 1.00 5.51
CA ASP A 154 14.95 2.02 4.49
C ASP A 154 13.63 2.30 3.78
N GLU A 155 12.76 1.30 3.73
CA GLU A 155 11.47 1.43 3.08
C GLU A 155 10.60 2.44 3.82
N PHE A 156 10.58 2.32 5.15
CA PHE A 156 9.78 3.22 5.97
C PHE A 156 10.30 4.65 5.86
N GLU A 157 11.62 4.80 5.77
CA GLU A 157 12.22 6.12 5.66
C GLU A 157 11.80 6.81 4.37
N TYR A 158 11.76 6.04 3.28
CA TYR A 158 11.37 6.59 1.98
C TYR A 158 9.91 7.02 1.99
N CYS A 159 9.08 6.29 2.73
CA CYS A 159 7.66 6.61 2.82
C CYS A 159 7.44 7.75 3.81
N TRP A 160 8.26 7.78 4.84
CA TRP A 160 8.17 8.81 5.87
C TRP A 160 8.51 10.17 5.29
N ASP A 161 9.56 10.23 4.48
CA ASP A 161 9.98 11.50 3.89
C ASP A 161 9.21 11.81 2.61
N THR A 162 8.61 10.78 2.00
CA THR A 162 7.86 10.99 0.78
C THR A 162 6.43 11.45 1.06
N PHE A 163 5.74 10.73 1.95
CA PHE A 163 4.36 11.08 2.29
C PHE A 163 4.31 12.16 3.36
N VAL A 164 5.13 12.02 4.39
CA VAL A 164 5.15 12.99 5.47
C VAL A 164 6.27 14.00 5.28
N TYR A 165 5.91 15.27 5.12
CA TYR A 165 6.92 16.32 4.92
C TYR A 165 7.60 16.63 6.25
N ARG A 166 8.93 16.52 6.26
CA ARG A 166 9.69 16.77 7.48
C ARG A 166 10.65 17.94 7.30
N GLN A 167 11.67 17.75 6.48
CA GLN A 167 12.65 18.81 6.23
C GLN A 167 13.52 19.05 7.46
N GLY A 168 14.37 18.07 7.77
CA GLY A 168 15.26 18.17 8.92
C GLY A 168 14.83 17.24 10.05
N CYS A 169 13.76 16.48 9.82
CA CYS A 169 13.26 15.53 10.81
C CYS A 169 13.20 14.12 10.22
N PRO A 170 14.05 13.20 10.61
CA PRO A 170 14.05 11.83 10.05
C PRO A 170 12.97 10.93 10.67
N PHE A 171 12.81 9.75 10.10
CA PHE A 171 11.81 8.80 10.59
C PHE A 171 12.19 8.26 11.96
N GLN A 172 11.17 7.92 12.73
CA GLN A 172 11.38 7.39 14.08
C GLN A 172 11.02 5.89 14.15
N PRO A 173 11.96 5.01 13.91
CA PRO A 173 11.69 3.54 13.94
C PRO A 173 11.69 2.97 15.36
N TRP A 174 11.34 3.82 16.33
CA TRP A 174 11.31 3.40 17.73
C TRP A 174 12.47 2.46 18.04
N ASP A 175 12.25 1.16 17.86
CA ASP A 175 13.27 0.17 18.11
C ASP A 175 12.86 -1.21 17.61
N GLY A 176 11.55 -1.46 17.61
CA GLY A 176 11.03 -2.74 17.15
C GLY A 176 10.94 -2.80 15.63
N LEU A 177 11.03 -1.64 14.99
CA LEU A 177 10.95 -1.57 13.53
C LEU A 177 11.85 -2.63 12.90
N GLU A 178 13.14 -2.53 13.16
CA GLU A 178 14.11 -3.48 12.61
C GLU A 178 13.80 -4.90 13.09
N GLU A 179 13.78 -5.09 14.41
CA GLU A 179 13.51 -6.40 14.98
C GLU A 179 12.32 -7.04 14.27
N HIS A 180 11.37 -6.21 13.86
CA HIS A 180 10.18 -6.70 13.17
C HIS A 180 10.50 -7.03 11.72
N SER A 181 11.29 -6.17 11.08
CA SER A 181 11.66 -6.39 9.70
C SER A 181 12.27 -7.77 9.50
N GLN A 182 13.18 -8.14 10.40
CA GLN A 182 13.82 -9.45 10.32
C GLN A 182 12.82 -10.57 10.57
N ALA A 183 12.13 -10.50 11.71
CA ALA A 183 11.16 -11.53 12.06
C ALA A 183 10.12 -11.67 10.94
N LEU A 184 9.40 -10.59 10.68
CA LEU A 184 8.38 -10.60 9.63
C LEU A 184 8.96 -11.09 8.31
N SER A 185 10.10 -10.53 7.93
CA SER A 185 10.75 -10.92 6.68
C SER A 185 10.76 -12.44 6.56
N GLY A 186 11.34 -13.11 7.56
CA GLY A 186 11.41 -14.56 7.55
C GLY A 186 10.05 -15.16 7.21
N ARG A 187 9.00 -14.63 7.85
CA ARG A 187 7.65 -15.11 7.60
C ARG A 187 7.23 -14.81 6.16
N LEU A 188 7.16 -13.53 5.83
CA LEU A 188 6.78 -13.12 4.49
C LEU A 188 7.49 -13.97 3.45
N ARG A 189 8.82 -13.89 3.44
CA ARG A 189 9.61 -14.66 2.48
C ARG A 189 9.08 -16.09 2.39
N ALA A 190 8.75 -16.67 3.53
CA ALA A 190 8.22 -18.03 3.57
C ALA A 190 6.88 -18.10 2.84
N ILE A 191 6.13 -17.00 2.89
CA ILE A 191 4.84 -16.94 2.24
C ILE A 191 5.00 -16.72 0.74
N LEU A 192 6.12 -16.11 0.36
CA LEU A 192 6.38 -15.83 -1.05
C LEU A 192 7.00 -17.06 -1.72
N GLN A 193 7.03 -18.17 -0.98
CA GLN A 193 7.59 -19.40 -1.51
C GLN A 193 6.69 -20.59 -1.16
N ASN A 194 5.51 -20.29 -0.65
CA ASN A 194 4.56 -21.35 -0.28
C ASN A 194 3.54 -21.56 -1.38
N GLN A 195 3.70 -22.65 -2.13
CA GLN A 195 2.78 -22.96 -3.22
C GLN A 195 2.45 -24.44 -3.24
N GLY A 196 2.28 -24.99 -4.43
CA GLY A 196 1.96 -26.41 -4.58
C GLY A 196 2.77 -27.25 -3.60
N ASN A 197 4.08 -27.23 -3.75
CA ASN A 197 4.96 -28.00 -2.88
C ASN A 197 6.20 -27.19 -2.52
ZN ZN B . -11.42 -5.48 0.52
N MET A 1 0.13 23.31 -14.20
CA MET A 1 -1.06 22.59 -13.69
C MET A 1 -0.78 22.07 -12.28
N GLU A 2 -1.03 22.92 -11.29
CA GLU A 2 -0.80 22.53 -9.91
C GLU A 2 -2.09 22.01 -9.27
N ILE A 3 -2.09 20.73 -8.94
CA ILE A 3 -3.27 20.12 -8.33
C ILE A 3 -3.14 20.12 -6.81
N LEU A 4 -4.26 20.34 -6.12
CA LEU A 4 -4.25 20.36 -4.67
C LEU A 4 -3.62 19.10 -4.11
N ARG A 5 -2.82 19.25 -3.06
CA ARG A 5 -2.16 18.10 -2.44
C ARG A 5 -2.97 17.60 -1.25
N TYR A 6 -2.28 17.06 -0.26
CA TYR A 6 -2.93 16.54 0.93
C TYR A 6 -1.90 16.16 1.97
N LEU A 7 -0.92 15.36 1.56
CA LEU A 7 0.15 14.92 2.45
C LEU A 7 -0.41 14.56 3.83
N MET A 8 -0.62 13.26 4.05
CA MET A 8 -1.14 12.80 5.33
C MET A 8 -0.34 13.42 6.48
N ASP A 9 -1.01 13.64 7.60
CA ASP A 9 -0.37 14.23 8.76
C ASP A 9 0.30 13.17 9.62
N PRO A 10 1.35 13.51 10.33
CA PRO A 10 2.08 12.54 11.21
C PRO A 10 1.19 11.99 12.31
N ASP A 11 0.61 12.88 13.10
CA ASP A 11 -0.25 12.47 14.19
C ASP A 11 -1.25 11.41 13.72
N THR A 12 -1.63 11.49 12.45
CA THR A 12 -2.58 10.54 11.88
C THR A 12 -1.87 9.24 11.51
N PHE A 13 -0.73 9.37 10.83
CA PHE A 13 0.04 8.20 10.41
C PHE A 13 0.41 7.34 11.61
N THR A 14 0.96 7.98 12.64
CA THR A 14 1.35 7.26 13.85
C THR A 14 0.13 6.68 14.56
N PHE A 15 -0.92 7.48 14.67
CA PHE A 15 -2.14 7.03 15.33
C PHE A 15 -2.58 5.67 14.80
N ASN A 16 -2.40 5.47 13.50
CA ASN A 16 -2.78 4.22 12.87
C ASN A 16 -1.70 3.15 13.06
N PHE A 17 -0.53 3.41 12.48
CA PHE A 17 0.59 2.47 12.59
C PHE A 17 0.82 2.07 14.04
N ASN A 18 0.25 2.85 14.97
CA ASN A 18 0.40 2.56 16.38
C ASN A 18 -0.30 1.25 16.75
N ASN A 19 -1.36 0.94 16.02
CA ASN A 19 -2.10 -0.29 16.26
C ASN A 19 -2.55 -0.91 14.94
N ASP A 20 -2.42 -2.23 14.84
CA ASP A 20 -2.82 -2.94 13.63
C ASP A 20 -4.29 -3.34 13.70
N PRO A 21 -4.88 -3.66 12.58
CA PRO A 21 -6.31 -4.07 12.51
C PRO A 21 -6.55 -5.44 13.14
N LEU A 22 -6.89 -5.47 14.41
CA LEU A 22 -7.14 -6.72 15.12
C LEU A 22 -8.61 -7.09 15.03
N VAL A 23 -9.49 -6.14 15.37
CA VAL A 23 -10.92 -6.38 15.32
C VAL A 23 -11.55 -5.67 14.13
N LEU A 24 -11.15 -4.42 13.92
CA LEU A 24 -11.68 -3.63 12.80
C LEU A 24 -10.65 -3.54 11.68
N ARG A 25 -11.01 -4.05 10.51
CA ARG A 25 -10.11 -4.02 9.37
C ARG A 25 -10.49 -2.89 8.43
N ARG A 26 -11.55 -2.15 8.79
CA ARG A 26 -12.02 -1.04 7.97
C ARG A 26 -11.75 0.29 8.68
N ARG A 27 -12.17 0.37 9.94
CA ARG A 27 -11.97 1.59 10.72
C ARG A 27 -10.49 1.98 10.74
N GLN A 28 -9.67 1.11 11.33
CA GLN A 28 -8.24 1.38 11.42
C GLN A 28 -7.54 0.84 10.18
N THR A 29 -7.56 1.62 9.10
CA THR A 29 -6.92 1.21 7.86
C THR A 29 -6.33 2.44 7.15
N TYR A 30 -5.26 2.22 6.39
CA TYR A 30 -4.62 3.30 5.67
C TYR A 30 -3.78 2.76 4.52
N LEU A 31 -4.01 3.28 3.32
CA LEU A 31 -3.27 2.85 2.14
C LEU A 31 -2.70 4.08 1.43
N CYS A 32 -1.39 4.05 1.22
CA CYS A 32 -0.72 5.14 0.55
C CYS A 32 -0.34 4.71 -0.86
N TYR A 33 -0.39 5.63 -1.80
CA TYR A 33 -0.08 5.31 -3.18
C TYR A 33 0.77 6.39 -3.83
N GLU A 34 1.72 5.96 -4.66
CA GLU A 34 2.59 6.87 -5.38
C GLU A 34 2.75 6.42 -6.81
N VAL A 35 3.30 7.28 -7.66
CA VAL A 35 3.51 6.94 -9.06
C VAL A 35 4.96 7.18 -9.44
N GLU A 36 5.51 6.30 -10.27
CA GLU A 36 6.89 6.42 -10.69
C GLU A 36 7.01 6.34 -12.21
N ARG A 37 7.85 7.20 -12.77
CA ARG A 37 8.08 7.22 -14.22
C ARG A 37 9.54 6.89 -14.47
N LEU A 38 9.78 5.78 -15.15
CA LEU A 38 11.16 5.39 -15.41
C LEU A 38 11.84 6.35 -16.38
N ASP A 39 12.62 7.27 -15.81
CA ASP A 39 13.34 8.25 -16.61
C ASP A 39 14.84 7.98 -16.56
N ASN A 40 15.50 8.18 -17.70
CA ASN A 40 16.95 7.96 -17.79
C ASN A 40 17.34 6.56 -17.33
N GLY A 41 16.38 5.64 -17.34
CA GLY A 41 16.64 4.26 -16.94
C GLY A 41 16.54 4.09 -15.43
N THR A 42 15.97 5.07 -14.76
CA THR A 42 15.80 5.01 -13.31
C THR A 42 14.40 5.46 -12.94
N TRP A 43 13.93 5.00 -11.79
CA TRP A 43 12.59 5.37 -11.36
C TRP A 43 12.59 6.76 -10.73
N VAL A 44 11.60 7.57 -11.12
CA VAL A 44 11.49 8.92 -10.60
C VAL A 44 10.12 9.13 -9.97
N LEU A 45 10.10 9.71 -8.77
CA LEU A 45 8.84 9.94 -8.06
C LEU A 45 8.17 11.21 -8.58
N MET A 46 6.87 11.11 -8.88
CA MET A 46 6.11 12.26 -9.37
C MET A 46 5.03 12.66 -8.37
N ASP A 47 5.20 13.84 -7.76
CA ASP A 47 4.25 14.32 -6.78
C ASP A 47 2.91 14.69 -7.43
N GLN A 48 2.96 15.07 -8.71
CA GLN A 48 1.74 15.45 -9.42
C GLN A 48 0.91 14.21 -9.77
N HIS A 49 1.30 13.07 -9.22
CA HIS A 49 0.59 11.83 -9.48
C HIS A 49 0.62 10.93 -8.26
N MET A 50 0.83 11.55 -7.10
CA MET A 50 0.91 10.81 -5.85
C MET A 50 -0.28 11.16 -4.95
N GLY A 51 -0.40 10.46 -3.83
CA GLY A 51 -1.49 10.69 -2.89
C GLY A 51 -1.79 9.43 -2.09
N PHE A 52 -2.73 9.54 -1.15
CA PHE A 52 -3.10 8.40 -0.33
C PHE A 52 -4.62 8.32 -0.19
N LEU A 53 -5.12 7.10 0.01
CA LEU A 53 -6.55 6.88 0.16
C LEU A 53 -6.85 6.21 1.49
N CYS A 54 -8.06 6.41 1.99
CA CYS A 54 -8.47 5.83 3.27
C CYS A 54 -9.83 5.15 3.15
N ASN A 55 -10.35 4.68 4.28
CA ASN A 55 -11.66 4.01 4.30
C ASN A 55 -12.79 5.03 4.33
N GLU A 56 -12.64 6.09 3.55
CA GLU A 56 -13.65 7.14 3.48
C GLU A 56 -14.16 7.30 2.06
N ALA A 57 -15.46 7.57 1.93
CA ALA A 57 -16.07 7.75 0.61
C ALA A 57 -17.42 8.43 0.74
N LYS A 58 -17.73 9.28 -0.23
CA LYS A 58 -19.00 10.00 -0.22
C LYS A 58 -20.10 9.14 -0.82
N ASN A 59 -20.57 8.16 -0.04
CA ASN A 59 -21.63 7.27 -0.50
C ASN A 59 -22.38 6.69 0.68
N LEU A 60 -22.12 7.21 1.87
CA LEU A 60 -22.78 6.74 3.08
C LEU A 60 -24.29 6.93 2.98
N LEU A 61 -24.71 7.83 2.09
CA LEU A 61 -26.13 8.11 1.91
C LEU A 61 -26.89 6.82 1.58
N CYS A 62 -26.20 5.89 0.93
CA CYS A 62 -26.82 4.62 0.56
C CYS A 62 -26.94 3.71 1.78
N GLY A 63 -26.29 4.11 2.87
CA GLY A 63 -26.33 3.32 4.10
C GLY A 63 -25.31 2.19 4.06
N PHE A 64 -24.67 2.02 2.91
CA PHE A 64 -23.66 0.97 2.74
C PHE A 64 -22.50 1.18 3.71
N TYR A 65 -21.79 0.10 4.01
CA TYR A 65 -20.66 0.18 4.94
C TYR A 65 -19.54 -0.75 4.48
N GLY A 66 -18.48 -0.17 3.94
CA GLY A 66 -17.34 -0.96 3.48
C GLY A 66 -16.55 -0.20 2.42
N ARG A 67 -15.72 0.74 2.87
CA ARG A 67 -14.91 1.54 1.96
C ARG A 67 -13.46 1.07 1.98
N HIS A 68 -13.05 0.37 0.93
CA HIS A 68 -11.68 -0.14 0.86
C HIS A 68 -10.83 0.78 -0.01
N ALA A 69 -9.79 1.36 0.57
CA ALA A 69 -8.92 2.27 -0.16
C ALA A 69 -8.44 1.60 -1.44
N GLU A 70 -8.09 0.32 -1.35
CA GLU A 70 -7.63 -0.43 -2.51
C GLU A 70 -8.56 -0.18 -3.68
N LEU A 71 -9.86 -0.21 -3.41
CA LEU A 71 -10.85 0.02 -4.45
C LEU A 71 -10.82 1.50 -4.84
N ARG A 72 -10.80 2.36 -3.83
CA ARG A 72 -10.75 3.79 -4.06
C ARG A 72 -9.61 4.11 -5.02
N PHE A 73 -8.54 3.34 -4.95
CA PHE A 73 -7.41 3.55 -5.84
C PHE A 73 -7.83 3.22 -7.27
N LEU A 74 -8.18 1.97 -7.51
CA LEU A 74 -8.58 1.55 -8.83
C LEU A 74 -9.51 2.58 -9.47
N ASP A 75 -10.12 3.41 -8.62
CA ASP A 75 -11.03 4.45 -9.10
C ASP A 75 -10.30 5.76 -9.40
N LEU A 76 -9.20 6.03 -8.69
CA LEU A 76 -8.46 7.29 -8.89
C LEU A 76 -7.31 7.15 -9.89
N VAL A 77 -6.99 5.93 -10.28
CA VAL A 77 -5.90 5.72 -11.23
C VAL A 77 -6.07 6.60 -12.47
N PRO A 78 -7.26 6.71 -13.02
CA PRO A 78 -7.48 7.55 -14.23
C PRO A 78 -7.12 9.01 -13.97
N SER A 79 -7.14 9.40 -12.70
CA SER A 79 -6.80 10.77 -12.33
C SER A 79 -5.29 10.98 -12.40
N LEU A 80 -4.55 9.88 -12.58
CA LEU A 80 -3.10 9.97 -12.67
C LEU A 80 -2.67 10.30 -14.09
N GLN A 81 -3.63 10.38 -14.98
CA GLN A 81 -3.36 10.69 -16.39
C GLN A 81 -2.10 9.97 -16.85
N LEU A 82 -2.07 8.67 -16.66
CA LEU A 82 -0.92 7.86 -17.06
C LEU A 82 -0.62 8.05 -18.55
N ASP A 83 0.57 7.63 -18.95
CA ASP A 83 0.99 7.77 -20.34
C ASP A 83 1.51 6.43 -20.88
N PRO A 84 0.65 5.57 -21.38
CA PRO A 84 1.06 4.24 -21.92
C PRO A 84 2.23 4.35 -22.89
N ALA A 85 2.58 5.58 -23.22
CA ALA A 85 3.69 5.83 -24.15
C ALA A 85 5.00 5.35 -23.53
N GLN A 86 5.06 5.36 -22.21
CA GLN A 86 6.27 4.93 -21.50
C GLN A 86 5.93 3.84 -20.49
N ILE A 87 6.77 3.71 -19.46
CA ILE A 87 6.56 2.70 -18.42
C ILE A 87 6.43 3.36 -17.06
N TYR A 88 5.32 3.07 -16.38
CA TYR A 88 5.07 3.63 -15.06
C TYR A 88 5.04 2.53 -13.99
N ARG A 89 5.04 2.93 -12.74
CA ARG A 89 5.01 1.97 -11.63
C ARG A 89 4.55 2.66 -10.36
N VAL A 90 3.52 2.11 -9.72
CA VAL A 90 3.00 2.68 -8.48
C VAL A 90 3.33 1.79 -7.29
N THR A 91 3.56 2.42 -6.14
CA THR A 91 3.89 1.68 -4.93
C THR A 91 2.77 1.86 -3.90
N TRP A 92 2.40 0.76 -3.25
CA TRP A 92 1.34 0.81 -2.25
C TRP A 92 1.92 0.60 -0.85
N PHE A 93 1.67 1.56 0.04
CA PHE A 93 2.14 1.46 1.42
C PHE A 93 0.94 1.40 2.36
N ILE A 94 0.66 0.20 2.85
CA ILE A 94 -0.49 0.00 3.73
C ILE A 94 -0.06 -0.57 5.08
N SER A 95 -0.91 -0.37 6.09
CA SER A 95 -0.59 -0.84 7.44
C SER A 95 -1.29 -2.18 7.73
N TRP A 96 -1.45 -2.99 6.69
CA TRP A 96 -2.10 -4.30 6.81
C TRP A 96 -2.53 -4.78 5.42
N SER A 97 -1.91 -5.88 4.97
CA SER A 97 -2.19 -6.43 3.64
C SER A 97 -3.67 -6.28 3.27
N PRO A 98 -3.98 -6.38 2.00
CA PRO A 98 -5.39 -6.26 1.51
C PRO A 98 -6.27 -7.42 1.96
N CYS A 99 -7.58 -7.23 1.90
CA CYS A 99 -8.51 -8.28 2.30
C CYS A 99 -8.32 -9.52 1.44
N PHE A 100 -9.42 -10.20 1.11
CA PHE A 100 -9.35 -11.40 0.30
C PHE A 100 -9.76 -11.10 -1.14
N SER A 101 -9.35 -11.98 -2.05
CA SER A 101 -9.66 -11.82 -3.47
C SER A 101 -11.07 -11.28 -3.67
N TRP A 102 -12.07 -12.12 -3.41
CA TRP A 102 -13.46 -11.72 -3.58
C TRP A 102 -13.67 -10.32 -2.99
N GLY A 103 -12.75 -9.88 -2.15
CA GLY A 103 -12.86 -8.56 -1.54
C GLY A 103 -12.01 -7.54 -2.30
N CYS A 104 -10.77 -7.36 -1.86
CA CYS A 104 -9.89 -6.39 -2.51
C CYS A 104 -8.93 -7.06 -3.50
N ALA A 105 -8.13 -7.99 -3.00
CA ALA A 105 -7.16 -8.69 -3.83
C ALA A 105 -7.76 -9.02 -5.20
N GLY A 106 -9.07 -9.18 -5.26
CA GLY A 106 -9.74 -9.50 -6.51
C GLY A 106 -9.72 -8.30 -7.45
N GLU A 107 -9.88 -7.11 -6.87
CA GLU A 107 -9.87 -5.89 -7.66
C GLU A 107 -8.45 -5.49 -8.00
N VAL A 108 -7.56 -5.53 -7.01
CA VAL A 108 -6.17 -5.16 -7.23
C VAL A 108 -5.58 -6.00 -8.36
N ARG A 109 -6.06 -7.23 -8.49
CA ARG A 109 -5.59 -8.12 -9.54
C ARG A 109 -6.11 -7.66 -10.89
N ALA A 110 -7.43 -7.57 -11.00
CA ALA A 110 -8.05 -7.13 -12.24
C ALA A 110 -7.34 -5.89 -12.78
N PHE A 111 -6.84 -5.08 -11.86
CA PHE A 111 -6.13 -3.87 -12.26
C PHE A 111 -4.83 -4.22 -12.96
N LEU A 112 -3.97 -4.95 -12.27
CA LEU A 112 -2.69 -5.36 -12.87
C LEU A 112 -2.93 -5.83 -14.30
N GLN A 113 -4.17 -6.23 -14.56
CA GLN A 113 -4.55 -6.71 -15.89
C GLN A 113 -5.06 -5.56 -16.75
N GLU A 114 -5.88 -4.70 -16.15
CA GLU A 114 -6.46 -3.56 -16.87
C GLU A 114 -5.37 -2.63 -17.38
N ASN A 115 -4.32 -2.46 -16.58
CA ASN A 115 -3.22 -1.58 -16.96
C ASN A 115 -1.87 -2.29 -16.77
N THR A 116 -1.35 -2.85 -17.86
CA THR A 116 -0.08 -3.56 -17.81
C THR A 116 1.10 -2.59 -17.95
N HIS A 117 0.87 -1.47 -18.63
CA HIS A 117 1.93 -0.48 -18.82
C HIS A 117 2.42 0.06 -17.48
N VAL A 118 1.55 0.01 -16.47
CA VAL A 118 1.90 0.48 -15.13
C VAL A 118 1.99 -0.72 -14.18
N ARG A 119 3.13 -0.82 -13.50
CA ARG A 119 3.34 -1.90 -12.55
C ARG A 119 2.89 -1.47 -11.17
N LEU A 120 2.61 -2.43 -10.30
CA LEU A 120 2.17 -2.10 -8.95
C LEU A 120 2.81 -3.03 -7.93
N ARG A 121 3.42 -2.43 -6.91
CA ARG A 121 4.07 -3.19 -5.86
C ARG A 121 3.36 -2.95 -4.53
N ILE A 122 3.18 -4.02 -3.77
CA ILE A 122 2.50 -3.91 -2.48
C ILE A 122 3.49 -3.96 -1.33
N PHE A 123 3.12 -3.28 -0.25
CA PHE A 123 3.96 -3.25 0.94
C PHE A 123 3.08 -3.05 2.16
N ALA A 124 2.96 -4.08 2.98
CA ALA A 124 2.14 -4.02 4.19
C ALA A 124 3.02 -3.97 5.43
N ALA A 125 2.57 -3.25 6.44
CA ALA A 125 3.34 -3.14 7.68
C ALA A 125 3.18 -4.40 8.52
N ARG A 126 1.94 -4.87 8.63
CA ARG A 126 1.65 -6.07 9.40
C ARG A 126 0.81 -7.05 8.58
N ILE A 127 0.59 -8.24 9.15
CA ILE A 127 -0.20 -9.28 8.48
C ILE A 127 -1.22 -9.84 9.45
N TYR A 128 -2.40 -10.20 8.94
CA TYR A 128 -3.45 -10.76 9.78
C TYR A 128 -2.97 -12.07 10.40
N ASP A 129 -2.08 -11.95 11.37
CA ASP A 129 -1.53 -13.11 12.06
C ASP A 129 -2.65 -13.96 12.66
N TYR A 130 -3.88 -13.48 12.56
CA TYR A 130 -5.03 -14.21 13.11
C TYR A 130 -5.81 -14.91 12.00
N ASP A 131 -5.73 -14.37 10.78
CA ASP A 131 -6.44 -14.96 9.65
C ASP A 131 -5.47 -15.24 8.49
N PRO A 132 -4.72 -16.31 8.59
CA PRO A 132 -3.72 -16.68 7.53
C PRO A 132 -4.33 -16.65 6.13
N LEU A 133 -5.64 -16.49 6.04
CA LEU A 133 -6.31 -16.44 4.74
C LEU A 133 -5.56 -15.53 3.78
N TYR A 134 -5.11 -14.40 4.30
CA TYR A 134 -4.37 -13.43 3.50
C TYR A 134 -3.23 -14.10 2.74
N LYS A 135 -2.79 -15.25 3.24
CA LYS A 135 -1.69 -15.97 2.59
C LYS A 135 -2.07 -16.34 1.17
N GLU A 136 -3.13 -17.11 1.01
CA GLU A 136 -3.59 -17.53 -0.30
C GLU A 136 -3.92 -16.31 -1.15
N ALA A 137 -4.42 -15.27 -0.51
CA ALA A 137 -4.78 -14.04 -1.21
C ALA A 137 -3.53 -13.33 -1.73
N LEU A 138 -2.48 -13.30 -0.91
CA LEU A 138 -1.23 -12.64 -1.31
C LEU A 138 -0.61 -13.35 -2.50
N GLN A 139 -0.25 -14.62 -2.31
CA GLN A 139 0.37 -15.40 -3.38
C GLN A 139 -0.36 -15.16 -4.69
N MET A 140 -1.68 -15.26 -4.67
CA MET A 140 -2.49 -15.06 -5.86
C MET A 140 -2.40 -13.61 -6.34
N LEU A 141 -2.06 -12.71 -5.41
CA LEU A 141 -1.95 -11.29 -5.75
C LEU A 141 -0.66 -11.03 -6.53
N ARG A 142 0.48 -11.26 -5.89
CA ARG A 142 1.75 -11.03 -6.54
C ARG A 142 1.79 -11.79 -7.87
N ASP A 143 1.00 -12.86 -7.95
CA ASP A 143 0.93 -13.64 -9.17
C ASP A 143 0.26 -12.82 -10.27
N ALA A 144 -0.59 -11.88 -9.87
CA ALA A 144 -1.29 -11.03 -10.82
C ALA A 144 -0.29 -10.16 -11.57
N GLY A 145 0.95 -10.18 -11.10
CA GLY A 145 2.01 -9.38 -11.72
C GLY A 145 2.56 -8.36 -10.73
N ALA A 146 1.84 -8.20 -9.61
CA ALA A 146 2.26 -7.27 -8.57
C ALA A 146 3.35 -7.89 -7.72
N GLN A 147 3.92 -7.11 -6.82
CA GLN A 147 4.97 -7.61 -5.94
C GLN A 147 4.74 -7.14 -4.51
N VAL A 148 4.38 -8.08 -3.63
CA VAL A 148 4.13 -7.74 -2.23
C VAL A 148 5.32 -8.10 -1.35
N SER A 149 5.52 -7.30 -0.30
CA SER A 149 6.62 -7.53 0.64
C SER A 149 6.34 -6.79 1.94
N ILE A 150 7.20 -6.99 2.93
CA ILE A 150 7.01 -6.32 4.22
C ILE A 150 7.83 -5.03 4.29
N MET A 151 7.19 -3.96 4.72
CA MET A 151 7.84 -2.67 4.83
C MET A 151 9.26 -2.82 5.36
N THR A 152 10.23 -2.27 4.64
CA THR A 152 11.63 -2.35 5.05
C THR A 152 12.06 -1.07 5.74
N TYR A 153 13.22 -1.09 6.38
CA TYR A 153 13.72 0.09 7.08
C TYR A 153 13.90 1.25 6.10
N ASP A 154 14.63 1.02 5.02
CA ASP A 154 14.86 2.05 4.02
C ASP A 154 13.56 2.49 3.37
N GLU A 155 12.59 1.58 3.34
CA GLU A 155 11.29 1.87 2.74
C GLU A 155 10.41 2.63 3.73
N PHE A 156 10.68 2.45 5.02
CA PHE A 156 9.90 3.12 6.05
C PHE A 156 10.27 4.59 6.15
N GLU A 157 11.56 4.89 6.01
CA GLU A 157 12.02 6.27 6.09
C GLU A 157 11.67 7.03 4.81
N TYR A 158 11.86 6.37 3.66
CA TYR A 158 11.57 7.00 2.38
C TYR A 158 10.08 7.32 2.26
N CYS A 159 9.24 6.45 2.82
CA CYS A 159 7.79 6.65 2.77
C CYS A 159 7.36 7.67 3.81
N TRP A 160 8.11 7.74 4.90
CA TRP A 160 7.81 8.67 5.98
C TRP A 160 8.16 10.09 5.57
N ASP A 161 9.29 10.26 4.89
CA ASP A 161 9.72 11.58 4.46
C ASP A 161 9.08 11.97 3.13
N THR A 162 8.56 10.98 2.41
CA THR A 162 7.92 11.23 1.12
C THR A 162 6.47 11.66 1.29
N PHE A 163 5.76 11.04 2.24
CA PHE A 163 4.36 11.36 2.46
C PHE A 163 4.18 12.26 3.69
N VAL A 164 4.83 11.89 4.79
CA VAL A 164 4.73 12.67 6.01
C VAL A 164 5.91 13.62 6.14
N TYR A 165 5.70 14.87 5.74
CA TYR A 165 6.77 15.87 5.82
C TYR A 165 6.61 16.76 7.05
N ARG A 166 7.65 16.81 7.86
CA ARG A 166 7.64 17.62 9.07
C ARG A 166 8.92 18.46 9.16
N GLN A 167 9.21 19.20 8.11
CA GLN A 167 10.40 20.03 8.07
C GLN A 167 11.66 19.20 7.94
N GLY A 168 11.51 17.99 7.41
CA GLY A 168 12.66 17.10 7.21
C GLY A 168 12.93 16.24 8.44
N CYS A 169 12.03 16.28 9.41
CA CYS A 169 12.20 15.48 10.63
C CYS A 169 12.42 14.00 10.27
N PRO A 170 13.60 13.44 10.50
CA PRO A 170 13.87 12.01 10.17
C PRO A 170 12.74 11.10 10.65
N PHE A 171 12.80 9.83 10.26
CA PHE A 171 11.78 8.87 10.65
C PHE A 171 12.11 8.22 11.99
N GLN A 172 11.07 7.87 12.73
CA GLN A 172 11.25 7.25 14.04
C GLN A 172 10.87 5.76 14.00
N PRO A 173 11.84 4.87 13.86
CA PRO A 173 11.56 3.41 13.80
C PRO A 173 11.42 2.80 15.20
N TRP A 174 10.93 3.60 16.14
CA TRP A 174 10.75 3.16 17.52
C TRP A 174 11.85 2.18 17.94
N ASP A 175 11.62 0.89 17.69
CA ASP A 175 12.60 -0.12 18.03
C ASP A 175 12.20 -1.48 17.45
N GLY A 176 10.89 -1.70 17.31
CA GLY A 176 10.39 -2.94 16.76
C GLY A 176 10.46 -2.96 15.23
N LEU A 177 10.74 -1.80 14.65
CA LEU A 177 10.83 -1.70 13.20
C LEU A 177 11.73 -2.78 12.64
N GLU A 178 13.00 -2.76 13.05
CA GLU A 178 13.96 -3.74 12.59
C GLU A 178 13.64 -5.13 13.13
N GLU A 179 13.56 -5.24 14.45
CA GLU A 179 13.26 -6.53 15.08
C GLU A 179 12.11 -7.23 14.36
N HIS A 180 10.98 -6.54 14.26
CA HIS A 180 9.81 -7.11 13.60
C HIS A 180 10.15 -7.52 12.17
N SER A 181 11.00 -6.72 11.52
CA SER A 181 11.40 -7.02 10.14
C SER A 181 12.03 -8.41 10.05
N GLN A 182 12.79 -8.78 11.06
CA GLN A 182 13.44 -10.08 11.08
C GLN A 182 12.39 -11.19 11.17
N ALA A 183 11.53 -11.10 12.18
CA ALA A 183 10.49 -12.10 12.37
C ALA A 183 9.58 -12.16 11.14
N LEU A 184 9.06 -11.00 10.76
CA LEU A 184 8.18 -10.92 9.60
C LEU A 184 8.89 -11.45 8.36
N SER A 185 10.06 -10.90 8.07
CA SER A 185 10.82 -11.33 6.89
C SER A 185 10.84 -12.84 6.81
N GLY A 186 10.89 -13.51 7.97
CA GLY A 186 10.90 -14.96 7.99
C GLY A 186 9.61 -15.53 7.42
N ARG A 187 8.48 -15.16 8.03
CA ARG A 187 7.19 -15.63 7.57
C ARG A 187 6.94 -15.18 6.13
N LEU A 188 7.17 -13.90 5.88
CA LEU A 188 6.98 -13.34 4.54
C LEU A 188 7.50 -14.31 3.49
N ARG A 189 8.81 -14.55 3.51
CA ARG A 189 9.43 -15.45 2.56
C ARG A 189 8.67 -16.77 2.51
N ALA A 190 8.23 -17.23 3.67
CA ALA A 190 7.47 -18.47 3.74
C ALA A 190 6.26 -18.41 2.82
N ILE A 191 5.77 -17.19 2.60
CA ILE A 191 4.62 -16.98 1.72
C ILE A 191 5.05 -17.04 0.26
N LEU A 192 6.10 -16.29 -0.07
CA LEU A 192 6.59 -16.27 -1.44
C LEU A 192 7.23 -17.62 -1.81
N GLN A 193 7.06 -18.58 -0.91
CA GLN A 193 7.61 -19.93 -1.14
C GLN A 193 6.49 -20.97 -1.11
N ASN A 194 5.28 -20.51 -0.83
CA ASN A 194 4.13 -21.42 -0.78
C ASN A 194 3.52 -21.59 -2.17
N GLN A 195 3.50 -22.82 -2.65
CA GLN A 195 2.95 -23.11 -3.97
C GLN A 195 2.44 -24.54 -4.04
N GLY A 196 1.52 -24.80 -4.97
CA GLY A 196 0.96 -26.14 -5.13
C GLY A 196 1.91 -27.03 -5.93
N ASN A 197 1.99 -26.80 -7.23
CA ASN A 197 2.86 -27.59 -8.09
C ASN A 197 4.15 -26.82 -8.39
ZN ZN B . -11.37 -5.05 0.90
N MET A 1 -5.04 22.15 -11.69
CA MET A 1 -3.90 21.22 -11.51
C MET A 1 -3.49 21.20 -10.04
N GLU A 2 -3.36 22.39 -9.45
CA GLU A 2 -2.98 22.50 -8.05
C GLU A 2 -1.61 21.87 -7.82
N ILE A 3 -0.86 22.44 -6.88
CA ILE A 3 0.48 21.94 -6.57
C ILE A 3 0.48 21.23 -5.21
N LEU A 4 1.47 20.36 -5.00
CA LEU A 4 1.57 19.62 -3.76
C LEU A 4 0.39 18.69 -3.59
N ARG A 5 0.19 18.20 -2.37
CA ARG A 5 -0.92 17.28 -2.08
C ARG A 5 -1.54 17.63 -0.73
N TYR A 6 -2.38 16.74 -0.24
CA TYR A 6 -3.04 16.96 1.04
C TYR A 6 -2.05 16.80 2.18
N LEU A 7 -1.20 15.79 2.09
CA LEU A 7 -0.20 15.54 3.11
C LEU A 7 -0.85 15.49 4.49
N MET A 8 -1.25 14.28 4.90
CA MET A 8 -1.88 14.10 6.20
C MET A 8 -1.07 14.78 7.30
N ASP A 9 -1.56 14.70 8.53
CA ASP A 9 -0.86 15.30 9.66
C ASP A 9 -0.01 14.26 10.39
N PRO A 10 1.22 14.55 10.73
CA PRO A 10 2.10 13.59 11.45
C PRO A 10 1.35 12.83 12.53
N ASP A 11 0.68 13.57 13.41
CA ASP A 11 -0.07 12.96 14.50
C ASP A 11 -0.92 11.80 13.99
N THR A 12 -1.33 11.88 12.73
CA THR A 12 -2.15 10.83 12.14
C THR A 12 -1.29 9.67 11.65
N PHE A 13 -0.39 9.95 10.72
CA PHE A 13 0.49 8.93 10.18
C PHE A 13 1.17 8.16 11.30
N THR A 14 1.49 8.85 12.38
CA THR A 14 2.15 8.22 13.52
C THR A 14 1.16 7.44 14.36
N PHE A 15 0.01 8.05 14.62
CA PHE A 15 -1.03 7.39 15.42
C PHE A 15 -1.50 6.11 14.74
N ASN A 16 -1.39 6.06 13.42
CA ASN A 16 -1.81 4.89 12.67
C ASN A 16 -0.72 3.84 12.63
N PHE A 17 0.41 4.17 11.99
CA PHE A 17 1.53 3.24 11.89
C PHE A 17 2.07 2.90 13.27
N ASN A 18 1.54 3.58 14.29
CA ASN A 18 1.98 3.33 15.66
C ASN A 18 1.98 1.83 15.97
N ASN A 19 1.38 1.05 15.08
CA ASN A 19 1.33 -0.39 15.27
C ASN A 19 0.61 -0.74 16.58
N ASP A 20 -0.71 -0.81 16.51
CA ASP A 20 -1.50 -1.14 17.69
C ASP A 20 -2.71 -1.99 17.30
N PRO A 21 -2.47 -3.22 16.94
CA PRO A 21 -3.55 -4.17 16.53
C PRO A 21 -4.69 -4.20 17.54
N LEU A 22 -5.79 -3.52 17.20
CA LEU A 22 -6.96 -3.47 18.07
C LEU A 22 -8.17 -4.11 17.39
N VAL A 23 -8.65 -3.46 16.34
CA VAL A 23 -9.80 -3.97 15.59
C VAL A 23 -9.37 -4.47 14.22
N LEU A 24 -10.34 -4.92 13.43
CA LEU A 24 -10.06 -5.44 12.09
C LEU A 24 -9.98 -4.29 11.09
N ARG A 25 -9.78 -4.63 9.82
CA ARG A 25 -9.69 -3.63 8.77
C ARG A 25 -10.97 -2.81 8.71
N ARG A 26 -11.13 -2.04 7.64
CA ARG A 26 -12.31 -1.21 7.47
C ARG A 26 -12.50 -0.29 8.67
N ARG A 27 -11.53 -0.31 9.58
CA ARG A 27 -11.60 0.54 10.77
C ARG A 27 -10.24 1.20 11.02
N GLN A 28 -9.30 0.42 11.51
CA GLN A 28 -7.96 0.93 11.80
C GLN A 28 -6.98 0.49 10.72
N THR A 29 -6.97 1.22 9.60
CA THR A 29 -6.06 0.88 8.50
C THR A 29 -5.62 2.15 7.79
N TYR A 30 -4.70 1.99 6.84
CA TYR A 30 -4.20 3.13 6.08
C TYR A 30 -3.56 2.66 4.78
N LEU A 31 -3.73 3.45 3.72
CA LEU A 31 -3.17 3.10 2.42
C LEU A 31 -2.47 4.32 1.83
N CYS A 32 -1.15 4.21 1.71
CA CYS A 32 -0.34 5.28 1.14
C CYS A 32 0.20 4.85 -0.20
N TYR A 33 -0.30 5.47 -1.27
CA TYR A 33 0.14 5.12 -2.62
C TYR A 33 0.96 6.24 -3.25
N GLU A 34 1.82 5.84 -4.20
CA GLU A 34 2.67 6.81 -4.89
C GLU A 34 2.82 6.38 -6.35
N VAL A 35 3.36 7.28 -7.17
CA VAL A 35 3.55 6.99 -8.58
C VAL A 35 4.95 7.39 -9.03
N GLU A 36 5.53 6.61 -9.93
CA GLU A 36 6.86 6.89 -10.43
C GLU A 36 6.93 6.75 -11.94
N ARG A 37 7.65 7.67 -12.58
CA ARG A 37 7.82 7.63 -14.03
C ARG A 37 9.29 7.38 -14.35
N LEU A 38 9.58 6.24 -14.95
CA LEU A 38 10.95 5.92 -15.25
C LEU A 38 11.55 6.91 -16.24
N ASP A 39 12.28 7.88 -15.71
CA ASP A 39 12.92 8.91 -16.54
C ASP A 39 14.44 8.85 -16.38
N ASN A 40 15.15 9.04 -17.49
CA ASN A 40 16.60 9.01 -17.45
C ASN A 40 17.14 7.66 -16.99
N GLY A 41 16.33 6.62 -17.15
CA GLY A 41 16.74 5.28 -16.75
C GLY A 41 16.60 5.10 -15.23
N THR A 42 15.92 6.02 -14.58
CA THR A 42 15.72 5.94 -13.14
C THR A 42 14.29 6.30 -12.80
N TRP A 43 13.83 5.83 -11.65
CA TRP A 43 12.47 6.12 -11.23
C TRP A 43 12.39 7.53 -10.65
N VAL A 44 11.38 8.28 -11.06
CA VAL A 44 11.20 9.65 -10.58
C VAL A 44 9.84 9.81 -9.90
N LEU A 45 9.85 10.28 -8.67
CA LEU A 45 8.62 10.46 -7.93
C LEU A 45 7.85 11.66 -8.47
N MET A 46 6.56 11.49 -8.71
CA MET A 46 5.72 12.56 -9.24
C MET A 46 4.65 12.95 -8.22
N ASP A 47 4.70 14.20 -7.75
CA ASP A 47 3.73 14.67 -6.78
C ASP A 47 2.35 14.80 -7.40
N GLN A 48 2.31 15.09 -8.70
CA GLN A 48 1.04 15.24 -9.40
C GLN A 48 0.39 13.89 -9.67
N HIS A 49 0.93 12.84 -9.05
CA HIS A 49 0.39 11.49 -9.22
C HIS A 49 0.56 10.69 -7.94
N MET A 50 0.87 11.38 -6.85
CA MET A 50 1.06 10.73 -5.56
C MET A 50 -0.04 11.15 -4.58
N GLY A 51 -0.26 10.36 -3.55
CA GLY A 51 -1.28 10.66 -2.55
C GLY A 51 -1.59 9.44 -1.71
N PHE A 52 -2.40 9.64 -0.67
CA PHE A 52 -2.78 8.55 0.22
C PHE A 52 -4.29 8.35 0.21
N LEU A 53 -4.72 7.11 0.36
CA LEU A 53 -6.14 6.78 0.36
C LEU A 53 -6.55 6.20 1.71
N CYS A 54 -7.76 6.52 2.14
CA CYS A 54 -8.28 6.03 3.42
C CYS A 54 -9.18 4.82 3.21
N ASN A 55 -9.56 4.18 4.31
CA ASN A 55 -10.43 3.01 4.24
C ASN A 55 -11.69 3.23 5.06
N GLU A 56 -12.08 4.49 5.22
CA GLU A 56 -13.27 4.84 5.99
C GLU A 56 -14.22 5.67 5.15
N ALA A 57 -15.52 5.55 5.43
CA ALA A 57 -16.53 6.29 4.69
C ALA A 57 -17.04 7.48 5.52
N LYS A 58 -17.43 8.54 4.84
CA LYS A 58 -17.93 9.73 5.51
C LYS A 58 -19.45 9.77 5.48
N ASN A 59 -20.00 9.83 4.27
CA ASN A 59 -21.45 9.87 4.11
C ASN A 59 -22.13 8.90 5.07
N LEU A 60 -22.82 9.45 6.06
CA LEU A 60 -23.51 8.62 7.04
C LEU A 60 -24.86 8.15 6.50
N LEU A 61 -25.59 9.09 5.89
CA LEU A 61 -26.89 8.77 5.32
C LEU A 61 -26.78 7.60 4.34
N CYS A 62 -25.55 7.30 3.93
CA CYS A 62 -25.32 6.21 2.99
C CYS A 62 -25.64 4.87 3.64
N GLY A 63 -25.56 4.82 4.96
CA GLY A 63 -25.86 3.59 5.69
C GLY A 63 -24.71 2.59 5.56
N PHE A 64 -23.73 2.94 4.73
CA PHE A 64 -22.59 2.07 4.52
C PHE A 64 -21.63 2.14 5.71
N TYR A 65 -20.96 1.03 5.99
CA TYR A 65 -20.02 0.99 7.11
C TYR A 65 -18.76 0.22 6.72
N GLY A 66 -17.63 0.92 6.67
CA GLY A 66 -16.36 0.28 6.32
C GLY A 66 -16.03 0.54 4.85
N ARG A 67 -14.76 0.82 4.57
CA ARG A 67 -14.33 1.08 3.20
C ARG A 67 -12.92 0.54 2.99
N HIS A 68 -12.67 0.03 1.79
CA HIS A 68 -11.34 -0.51 1.46
C HIS A 68 -10.58 0.45 0.55
N ALA A 69 -9.69 1.23 1.15
CA ALA A 69 -8.88 2.19 0.40
C ALA A 69 -8.40 1.56 -0.90
N GLU A 70 -7.93 0.32 -0.80
CA GLU A 70 -7.45 -0.38 -1.97
C GLU A 70 -8.43 -0.19 -3.12
N LEU A 71 -9.70 -0.46 -2.87
CA LEU A 71 -10.71 -0.28 -3.91
C LEU A 71 -10.67 1.15 -4.42
N ARG A 72 -10.63 2.08 -3.48
CA ARG A 72 -10.57 3.50 -3.82
C ARG A 72 -9.40 3.77 -4.76
N PHE A 73 -8.34 2.98 -4.64
CA PHE A 73 -7.19 3.18 -5.50
C PHE A 73 -7.53 2.87 -6.95
N LEU A 74 -8.11 1.69 -7.19
CA LEU A 74 -8.47 1.30 -8.55
C LEU A 74 -9.34 2.39 -9.17
N ASP A 75 -9.95 3.18 -8.31
CA ASP A 75 -10.80 4.29 -8.76
C ASP A 75 -9.97 5.55 -8.96
N LEU A 76 -8.79 5.56 -8.36
CA LEU A 76 -7.88 6.71 -8.43
C LEU A 76 -6.90 6.62 -9.59
N VAL A 77 -6.64 5.42 -10.08
CA VAL A 77 -5.70 5.24 -11.19
C VAL A 77 -6.09 6.09 -12.40
N PRO A 78 -7.35 6.10 -12.77
CA PRO A 78 -7.80 6.93 -13.92
C PRO A 78 -7.38 8.39 -13.75
N SER A 79 -7.27 8.83 -12.49
CA SER A 79 -6.89 10.20 -12.20
C SER A 79 -5.41 10.43 -12.53
N LEU A 80 -4.70 9.35 -12.82
CA LEU A 80 -3.28 9.45 -13.15
C LEU A 80 -3.09 9.54 -14.66
N GLN A 81 -4.17 9.30 -15.39
CA GLN A 81 -4.13 9.35 -16.85
C GLN A 81 -2.86 8.67 -17.38
N LEU A 82 -2.66 7.42 -16.97
CA LEU A 82 -1.49 6.67 -17.41
C LEU A 82 -1.50 6.50 -18.93
N ASP A 83 -0.36 6.08 -19.47
CA ASP A 83 -0.24 5.88 -20.92
C ASP A 83 0.35 4.51 -21.22
N PRO A 84 -0.06 3.86 -22.29
CA PRO A 84 0.46 2.50 -22.65
C PRO A 84 1.86 2.58 -23.26
N ALA A 85 2.33 3.79 -23.44
CA ALA A 85 3.66 4.00 -24.02
C ALA A 85 4.74 3.99 -22.93
N GLN A 86 4.73 5.02 -22.09
CA GLN A 86 5.71 5.13 -21.02
C GLN A 86 5.52 4.00 -20.01
N ILE A 87 6.46 3.92 -19.06
CA ILE A 87 6.42 2.89 -18.03
C ILE A 87 6.32 3.54 -16.65
N TYR A 88 5.22 3.23 -15.95
CA TYR A 88 5.00 3.78 -14.63
C TYR A 88 5.15 2.69 -13.57
N ARG A 89 5.21 3.10 -12.32
CA ARG A 89 5.36 2.15 -11.21
C ARG A 89 4.83 2.76 -9.93
N VAL A 90 3.75 2.18 -9.40
CA VAL A 90 3.14 2.68 -8.18
C VAL A 90 3.49 1.78 -7.00
N THR A 91 3.71 2.38 -5.84
CA THR A 91 4.04 1.62 -4.64
C THR A 91 2.92 1.75 -3.62
N TRP A 92 2.57 0.63 -2.98
CA TRP A 92 1.50 0.64 -1.99
C TRP A 92 2.06 0.45 -0.58
N PHE A 93 1.77 1.40 0.29
CA PHE A 93 2.21 1.33 1.68
C PHE A 93 0.99 1.20 2.57
N ILE A 94 0.75 -0.02 3.05
CA ILE A 94 -0.41 -0.28 3.89
C ILE A 94 -0.02 -0.83 5.25
N SER A 95 -0.91 -0.66 6.23
CA SER A 95 -0.65 -1.14 7.58
C SER A 95 -1.34 -2.48 7.84
N TRP A 96 -1.37 -3.33 6.80
CA TRP A 96 -2.00 -4.64 6.90
C TRP A 96 -2.32 -5.18 5.50
N SER A 97 -1.77 -6.34 5.17
CA SER A 97 -2.00 -6.94 3.86
C SER A 97 -3.46 -6.78 3.43
N PRO A 98 -3.78 -7.01 2.17
CA PRO A 98 -5.16 -6.88 1.65
C PRO A 98 -6.17 -7.62 2.53
N CYS A 99 -7.45 -7.40 2.28
CA CYS A 99 -8.51 -8.05 3.05
C CYS A 99 -8.77 -9.45 2.50
N PHE A 100 -8.84 -9.56 1.18
CA PHE A 100 -9.08 -10.84 0.53
C PHE A 100 -8.95 -10.72 -0.98
N SER A 101 -9.05 -11.86 -1.67
CA SER A 101 -8.95 -11.90 -3.11
C SER A 101 -10.19 -11.29 -3.76
N TRP A 102 -11.29 -12.05 -3.78
CA TRP A 102 -12.53 -11.55 -4.36
C TRP A 102 -12.88 -10.20 -3.75
N GLY A 103 -12.16 -9.83 -2.71
CA GLY A 103 -12.41 -8.55 -2.04
C GLY A 103 -11.49 -7.46 -2.59
N CYS A 104 -10.23 -7.47 -2.13
CA CYS A 104 -9.28 -6.46 -2.57
C CYS A 104 -8.38 -6.99 -3.70
N ALA A 105 -7.47 -7.90 -3.36
CA ALA A 105 -6.55 -8.46 -4.34
C ALA A 105 -7.28 -8.76 -5.65
N GLY A 106 -8.59 -8.93 -5.57
CA GLY A 106 -9.39 -9.23 -6.75
C GLY A 106 -9.39 -8.04 -7.70
N GLU A 107 -9.60 -6.85 -7.16
CA GLU A 107 -9.61 -5.63 -7.97
C GLU A 107 -8.19 -5.27 -8.39
N VAL A 108 -7.24 -5.49 -7.50
CA VAL A 108 -5.84 -5.18 -7.80
C VAL A 108 -5.30 -6.18 -8.83
N ARG A 109 -5.90 -7.36 -8.86
CA ARG A 109 -5.46 -8.39 -9.79
C ARG A 109 -5.85 -8.02 -11.23
N ALA A 110 -7.16 -7.93 -11.48
CA ALA A 110 -7.64 -7.58 -12.81
C ALA A 110 -6.95 -6.32 -13.31
N PHE A 111 -6.69 -5.39 -12.40
CA PHE A 111 -6.04 -4.14 -12.76
C PHE A 111 -4.62 -4.40 -13.25
N LEU A 112 -3.79 -4.95 -12.37
CA LEU A 112 -2.41 -5.25 -12.74
C LEU A 112 -2.38 -5.90 -14.12
N GLN A 113 -3.51 -6.49 -14.49
CA GLN A 113 -3.62 -7.16 -15.79
C GLN A 113 -4.17 -6.19 -16.85
N GLU A 114 -5.01 -5.24 -16.42
CA GLU A 114 -5.58 -4.27 -17.36
C GLU A 114 -4.51 -3.30 -17.84
N ASN A 115 -3.61 -2.93 -16.93
CA ASN A 115 -2.54 -2.01 -17.25
C ASN A 115 -1.17 -2.61 -16.91
N THR A 116 -0.54 -3.23 -17.90
CA THR A 116 0.76 -3.84 -17.69
C THR A 116 1.86 -2.79 -17.78
N HIS A 117 1.55 -1.67 -18.42
CA HIS A 117 2.51 -0.59 -18.56
C HIS A 117 2.90 -0.04 -17.20
N VAL A 118 1.99 -0.18 -16.23
CA VAL A 118 2.25 0.30 -14.88
C VAL A 118 2.40 -0.89 -13.93
N ARG A 119 3.52 -0.91 -13.22
CA ARG A 119 3.78 -1.98 -12.27
C ARG A 119 3.32 -1.55 -10.87
N LEU A 120 2.98 -2.53 -10.04
CA LEU A 120 2.53 -2.22 -8.68
C LEU A 120 3.19 -3.15 -7.66
N ARG A 121 3.78 -2.54 -6.64
CA ARG A 121 4.44 -3.29 -5.58
C ARG A 121 3.71 -3.08 -4.27
N ILE A 122 3.50 -4.17 -3.53
CA ILE A 122 2.79 -4.08 -2.26
C ILE A 122 3.74 -4.15 -1.09
N PHE A 123 3.37 -3.45 -0.03
CA PHE A 123 4.17 -3.46 1.18
C PHE A 123 3.28 -3.24 2.39
N ALA A 124 3.13 -4.29 3.20
CA ALA A 124 2.29 -4.22 4.40
C ALA A 124 3.16 -4.11 5.65
N ALA A 125 2.59 -3.58 6.72
CA ALA A 125 3.33 -3.44 7.97
C ALA A 125 3.39 -4.78 8.70
N ARG A 126 2.30 -5.54 8.63
CA ARG A 126 2.24 -6.84 9.29
C ARG A 126 0.96 -7.58 8.90
N ILE A 127 1.00 -8.90 9.00
CA ILE A 127 -0.17 -9.72 8.67
C ILE A 127 -1.00 -9.99 9.90
N TYR A 128 -2.25 -9.56 9.88
CA TYR A 128 -3.14 -9.77 11.02
C TYR A 128 -3.23 -11.24 11.35
N ASP A 129 -2.39 -11.68 12.28
CA ASP A 129 -2.39 -13.08 12.69
C ASP A 129 -3.82 -13.59 12.86
N TYR A 130 -4.76 -12.67 13.01
CA TYR A 130 -6.17 -13.04 13.17
C TYR A 130 -6.86 -13.16 11.82
N ASP A 131 -6.06 -13.28 10.76
CA ASP A 131 -6.61 -13.39 9.41
C ASP A 131 -5.66 -14.17 8.51
N PRO A 132 -5.66 -15.48 8.60
CA PRO A 132 -4.78 -16.34 7.78
C PRO A 132 -5.33 -16.59 6.38
N LEU A 133 -6.16 -15.65 5.90
CA LEU A 133 -6.75 -15.78 4.57
C LEU A 133 -5.89 -15.06 3.54
N TYR A 134 -5.23 -13.99 3.96
CA TYR A 134 -4.38 -13.23 3.07
C TYR A 134 -3.42 -14.15 2.33
N LYS A 135 -3.22 -15.36 2.87
CA LYS A 135 -2.33 -16.32 2.25
C LYS A 135 -2.74 -16.59 0.81
N GLU A 136 -3.95 -17.10 0.63
CA GLU A 136 -4.46 -17.39 -0.70
C GLU A 136 -4.62 -16.10 -1.50
N ALA A 137 -4.94 -15.03 -0.79
CA ALA A 137 -5.12 -13.72 -1.43
C ALA A 137 -3.80 -13.21 -1.99
N LEU A 138 -2.70 -13.50 -1.29
CA LEU A 138 -1.40 -13.04 -1.74
C LEU A 138 -0.97 -13.77 -3.01
N GLN A 139 -0.82 -15.08 -2.92
CA GLN A 139 -0.42 -15.87 -4.06
C GLN A 139 -1.18 -15.43 -5.31
N MET A 140 -2.48 -15.21 -5.14
CA MET A 140 -3.32 -14.78 -6.26
C MET A 140 -2.99 -13.35 -6.68
N LEU A 141 -2.47 -12.56 -5.73
CA LEU A 141 -2.13 -11.17 -6.02
C LEU A 141 -0.84 -11.09 -6.81
N ARG A 142 0.27 -11.52 -6.19
CA ARG A 142 1.55 -11.48 -6.87
C ARG A 142 1.41 -12.04 -8.27
N ASP A 143 0.61 -13.10 -8.39
CA ASP A 143 0.39 -13.73 -9.68
C ASP A 143 -0.02 -12.69 -10.72
N ALA A 144 -0.71 -11.64 -10.27
CA ALA A 144 -1.15 -10.58 -11.18
C ALA A 144 0.06 -9.83 -11.73
N GLY A 145 1.23 -10.13 -11.18
CA GLY A 145 2.46 -9.48 -11.61
C GLY A 145 3.01 -8.59 -10.52
N ALA A 146 2.15 -8.20 -9.59
CA ALA A 146 2.56 -7.34 -8.47
C ALA A 146 3.53 -8.08 -7.57
N GLN A 147 4.15 -7.35 -6.65
CA GLN A 147 5.10 -7.95 -5.71
C GLN A 147 4.88 -7.44 -4.30
N VAL A 148 4.48 -8.34 -3.40
CA VAL A 148 4.24 -7.94 -2.00
C VAL A 148 5.40 -8.36 -1.10
N SER A 149 5.63 -7.58 -0.06
CA SER A 149 6.71 -7.86 0.89
C SER A 149 6.53 -7.05 2.17
N ILE A 150 7.43 -7.25 3.12
CA ILE A 150 7.36 -6.53 4.40
C ILE A 150 8.13 -5.21 4.30
N MET A 151 7.47 -4.13 4.69
CA MET A 151 8.08 -2.81 4.66
C MET A 151 9.38 -2.80 5.45
N THR A 152 10.41 -2.20 4.88
CA THR A 152 11.71 -2.12 5.54
C THR A 152 11.95 -0.73 6.11
N TYR A 153 12.90 -0.62 7.02
CA TYR A 153 13.22 0.67 7.64
C TYR A 153 13.45 1.72 6.56
N ASP A 154 14.42 1.46 5.68
CA ASP A 154 14.74 2.39 4.61
C ASP A 154 13.47 2.82 3.87
N GLU A 155 12.62 1.84 3.58
CA GLU A 155 11.37 2.11 2.87
C GLU A 155 10.48 3.03 3.69
N PHE A 156 10.59 2.93 5.02
CA PHE A 156 9.78 3.76 5.90
C PHE A 156 10.29 5.19 5.91
N GLU A 157 11.60 5.36 5.73
CA GLU A 157 12.20 6.68 5.72
C GLU A 157 11.74 7.48 4.50
N TYR A 158 11.70 6.81 3.35
CA TYR A 158 11.27 7.46 2.11
C TYR A 158 9.77 7.73 2.13
N CYS A 159 9.03 6.86 2.82
CA CYS A 159 7.59 7.01 2.90
C CYS A 159 7.23 8.06 3.95
N TRP A 160 8.01 8.11 5.01
CA TRP A 160 7.79 9.07 6.09
C TRP A 160 8.04 10.49 5.60
N ASP A 161 9.12 10.68 4.86
CA ASP A 161 9.45 12.01 4.35
C ASP A 161 8.62 12.35 3.11
N THR A 162 8.11 11.33 2.44
CA THR A 162 7.31 11.54 1.24
C THR A 162 5.85 11.81 1.58
N PHE A 163 5.22 10.88 2.29
CA PHE A 163 3.81 11.04 2.67
C PHE A 163 3.63 12.04 3.80
N VAL A 164 4.69 12.32 4.55
CA VAL A 164 4.62 13.27 5.65
C VAL A 164 5.83 14.18 5.68
N TYR A 165 5.60 15.48 5.60
CA TYR A 165 6.69 16.44 5.62
C TYR A 165 7.07 16.77 7.06
N ARG A 166 8.35 17.01 7.30
CA ARG A 166 8.82 17.32 8.64
C ARG A 166 10.12 18.12 8.59
N GLN A 167 10.36 18.80 7.48
CA GLN A 167 11.56 19.60 7.31
C GLN A 167 12.80 18.71 7.15
N GLY A 168 12.57 17.46 6.75
CA GLY A 168 13.68 16.54 6.54
C GLY A 168 14.06 15.81 7.83
N CYS A 169 13.29 16.03 8.89
CA CYS A 169 13.59 15.37 10.17
C CYS A 169 13.66 13.85 9.98
N PRO A 170 14.37 13.17 10.83
CA PRO A 170 14.50 11.68 10.74
C PRO A 170 13.19 10.96 11.06
N PHE A 171 13.15 9.67 10.76
CA PHE A 171 11.95 8.87 11.03
C PHE A 171 12.11 8.06 12.31
N GLN A 172 11.00 7.83 12.98
CA GLN A 172 11.00 7.06 14.22
C GLN A 172 10.37 5.68 14.00
N PRO A 173 11.16 4.66 13.72
CA PRO A 173 10.61 3.29 13.47
C PRO A 173 10.35 2.53 14.76
N TRP A 174 10.28 3.24 15.89
CA TRP A 174 10.03 2.63 17.20
C TRP A 174 10.83 1.34 17.39
N ASP A 175 11.76 1.08 16.49
CA ASP A 175 12.56 -0.13 16.54
C ASP A 175 11.68 -1.35 16.78
N GLY A 176 10.37 -1.18 16.69
CA GLY A 176 9.44 -2.29 16.87
C GLY A 176 9.17 -2.98 15.55
N LEU A 177 8.98 -2.18 14.50
CA LEU A 177 8.71 -2.74 13.18
C LEU A 177 9.92 -3.51 12.67
N GLU A 178 11.11 -3.04 13.05
CA GLU A 178 12.34 -3.70 12.60
C GLU A 178 12.36 -5.16 13.03
N GLU A 179 12.18 -5.40 14.32
CA GLU A 179 12.17 -6.78 14.82
C GLU A 179 11.11 -7.60 14.11
N HIS A 180 9.89 -7.06 14.06
CA HIS A 180 8.80 -7.75 13.40
C HIS A 180 9.10 -7.98 11.92
N SER A 181 9.89 -7.08 11.34
CA SER A 181 10.24 -7.19 9.93
C SER A 181 11.07 -8.44 9.68
N GLN A 182 12.03 -8.69 10.55
CA GLN A 182 12.88 -9.88 10.42
C GLN A 182 12.03 -11.13 10.46
N ALA A 183 11.14 -11.21 11.45
CA ALA A 183 10.26 -12.37 11.59
C ALA A 183 9.29 -12.45 10.41
N LEU A 184 8.46 -11.43 10.27
CA LEU A 184 7.47 -11.40 9.20
C LEU A 184 8.15 -11.68 7.85
N SER A 185 9.21 -10.95 7.57
CA SER A 185 9.93 -11.14 6.31
C SER A 185 10.12 -12.63 6.03
N GLY A 186 10.71 -13.33 6.99
CA GLY A 186 10.95 -14.76 6.84
C GLY A 186 9.69 -15.45 6.34
N ARG A 187 8.55 -15.11 6.94
CA ARG A 187 7.28 -15.70 6.54
C ARG A 187 6.88 -15.23 5.15
N LEU A 188 6.69 -13.92 5.00
CA LEU A 188 6.31 -13.35 3.71
C LEU A 188 7.09 -14.03 2.58
N ARG A 189 8.41 -14.03 2.72
CA ARG A 189 9.26 -14.65 1.71
C ARG A 189 8.88 -16.11 1.50
N ALA A 190 8.54 -16.79 2.59
CA ALA A 190 8.16 -18.19 2.51
C ALA A 190 6.97 -18.37 1.57
N ILE A 191 5.87 -17.70 1.89
CA ILE A 191 4.67 -17.79 1.04
C ILE A 191 5.05 -17.65 -0.43
N LEU A 192 5.98 -16.74 -0.70
CA LEU A 192 6.42 -16.50 -2.07
C LEU A 192 7.15 -17.73 -2.62
N GLN A 193 7.13 -18.81 -1.87
CA GLN A 193 7.79 -20.05 -2.29
C GLN A 193 7.02 -21.27 -1.79
N ASN A 194 5.71 -21.28 -2.05
CA ASN A 194 4.86 -22.39 -1.60
C ASN A 194 4.52 -23.29 -2.79
N GLN A 195 3.97 -22.70 -3.84
CA GLN A 195 3.60 -23.46 -5.03
C GLN A 195 2.63 -24.57 -4.67
N GLY A 196 2.77 -25.71 -5.33
CA GLY A 196 1.90 -26.86 -5.07
C GLY A 196 1.70 -27.69 -6.32
N ASN A 197 2.05 -27.13 -7.47
CA ASN A 197 1.91 -27.83 -8.74
C ASN A 197 2.57 -29.20 -8.67
ZN ZN B . -11.05 -5.37 0.53
N MET A 1 -4.35 26.41 -13.89
CA MET A 1 -4.95 25.90 -12.62
C MET A 1 -3.84 25.32 -11.75
N GLU A 2 -4.07 25.33 -10.43
CA GLU A 2 -3.08 24.80 -9.49
C GLU A 2 -3.19 23.28 -9.40
N ILE A 3 -2.29 22.69 -8.64
CA ILE A 3 -2.28 21.24 -8.47
C ILE A 3 -2.96 20.85 -7.16
N LEU A 4 -3.42 19.60 -7.08
CA LEU A 4 -4.08 19.12 -5.87
C LEU A 4 -3.15 18.26 -5.05
N ARG A 5 -2.61 18.83 -3.98
CA ARG A 5 -1.70 18.10 -3.10
C ARG A 5 -2.05 18.37 -1.65
N TYR A 6 -1.73 17.42 -0.79
CA TYR A 6 -2.00 17.54 0.62
C TYR A 6 -1.40 16.36 1.37
N LEU A 7 -0.68 16.68 2.42
CA LEU A 7 -0.01 15.66 3.22
C LEU A 7 -0.88 15.24 4.40
N MET A 8 -1.07 13.93 4.52
CA MET A 8 -1.87 13.38 5.61
C MET A 8 -1.33 13.84 6.95
N ASP A 9 -2.21 13.95 7.94
CA ASP A 9 -1.80 14.38 9.26
C ASP A 9 -0.74 13.42 9.82
N PRO A 10 0.28 13.91 10.51
CA PRO A 10 1.34 13.04 11.08
C PRO A 10 0.86 12.22 12.27
N ASP A 11 0.24 12.90 13.23
CA ASP A 11 -0.25 12.23 14.42
C ASP A 11 -1.01 10.95 14.08
N THR A 12 -2.05 11.07 13.26
CA THR A 12 -2.85 9.91 12.89
C THR A 12 -2.01 8.93 12.06
N PHE A 13 -1.24 9.45 11.12
CA PHE A 13 -0.41 8.61 10.28
C PHE A 13 0.49 7.71 11.12
N THR A 14 1.28 8.33 11.99
CA THR A 14 2.19 7.58 12.86
C THR A 14 1.42 6.63 13.77
N PHE A 15 0.20 7.02 14.13
CA PHE A 15 -0.63 6.20 15.00
C PHE A 15 -1.04 4.91 14.30
N ASN A 16 -1.30 5.00 13.00
CA ASN A 16 -1.70 3.83 12.22
C ASN A 16 -0.47 3.05 11.77
N PHE A 17 0.57 3.77 11.35
CA PHE A 17 1.80 3.13 10.89
C PHE A 17 2.64 2.67 12.06
N ASN A 18 2.23 3.05 13.27
CA ASN A 18 2.96 2.66 14.47
C ASN A 18 2.89 1.16 14.68
N ASN A 19 2.00 0.50 13.94
CA ASN A 19 1.83 -0.94 14.05
C ASN A 19 1.60 -1.35 15.51
N ASP A 20 0.36 -1.70 15.83
CA ASP A 20 0.03 -2.11 17.19
C ASP A 20 -1.24 -2.97 17.19
N PRO A 21 -1.45 -3.74 18.24
CA PRO A 21 -2.65 -4.61 18.36
C PRO A 21 -3.94 -3.82 18.50
N LEU A 22 -3.83 -2.62 19.04
CA LEU A 22 -4.99 -1.76 19.24
C LEU A 22 -5.60 -1.36 17.89
N VAL A 23 -6.44 -2.24 17.35
CA VAL A 23 -7.08 -1.96 16.07
C VAL A 23 -8.26 -2.91 15.84
N LEU A 24 -9.31 -2.39 15.22
CA LEU A 24 -10.50 -3.20 14.95
C LEU A 24 -10.38 -3.90 13.61
N ARG A 25 -9.89 -5.13 13.62
CA ARG A 25 -9.73 -5.90 12.39
C ARG A 25 -9.12 -5.04 11.30
N ARG A 26 -9.99 -4.46 10.47
CA ARG A 26 -9.53 -3.61 9.37
C ARG A 26 -10.53 -2.49 9.11
N ARG A 27 -11.17 -2.01 10.17
CA ARG A 27 -12.15 -0.93 10.04
C ARG A 27 -11.47 0.36 9.60
N GLN A 28 -10.42 0.74 10.32
CA GLN A 28 -9.68 1.96 9.99
C GLN A 28 -8.34 1.62 9.35
N THR A 29 -8.36 1.36 8.05
CA THR A 29 -7.14 1.03 7.33
C THR A 29 -6.62 2.25 6.57
N TYR A 30 -5.34 2.22 6.22
CA TYR A 30 -4.75 3.33 5.48
C TYR A 30 -3.66 2.83 4.55
N LEU A 31 -3.82 3.12 3.26
CA LEU A 31 -2.85 2.71 2.25
C LEU A 31 -2.27 3.93 1.55
N CYS A 32 -0.97 3.89 1.32
CA CYS A 32 -0.28 4.99 0.66
C CYS A 32 0.13 4.58 -0.75
N TYR A 33 -0.42 5.27 -1.75
CA TYR A 33 -0.09 4.96 -3.14
C TYR A 33 0.74 6.06 -3.76
N GLU A 34 1.70 5.66 -4.59
CA GLU A 34 2.57 6.61 -5.27
C GLU A 34 2.74 6.18 -6.72
N VAL A 35 3.33 7.05 -7.54
CA VAL A 35 3.54 6.72 -8.94
C VAL A 35 4.96 7.07 -9.35
N GLU A 36 5.54 6.23 -10.20
CA GLU A 36 6.90 6.45 -10.67
C GLU A 36 6.97 6.31 -12.19
N ARG A 37 7.69 7.22 -12.82
CA ARG A 37 7.84 7.19 -14.27
C ARG A 37 9.31 6.95 -14.60
N LEU A 38 9.60 5.82 -15.20
CA LEU A 38 10.99 5.50 -15.51
C LEU A 38 11.57 6.48 -16.52
N ASP A 39 12.30 7.47 -16.02
CA ASP A 39 12.92 8.46 -16.87
C ASP A 39 14.45 8.35 -16.81
N ASN A 40 15.08 8.24 -17.97
CA ASN A 40 16.53 8.14 -18.03
C ASN A 40 17.03 6.82 -17.43
N GLY A 41 16.21 5.78 -17.55
CA GLY A 41 16.60 4.47 -17.02
C GLY A 41 16.53 4.45 -15.49
N THR A 42 15.85 5.44 -14.91
CA THR A 42 15.71 5.52 -13.47
C THR A 42 14.28 5.88 -13.11
N TRP A 43 13.85 5.46 -11.94
CA TRP A 43 12.50 5.75 -11.50
C TRP A 43 12.42 7.15 -10.93
N VAL A 44 11.39 7.89 -11.33
CA VAL A 44 11.20 9.25 -10.86
C VAL A 44 9.85 9.41 -10.18
N LEU A 45 9.85 9.87 -8.94
CA LEU A 45 8.61 10.03 -8.21
C LEU A 45 7.81 11.21 -8.76
N MET A 46 6.53 10.98 -9.01
CA MET A 46 5.66 12.03 -9.54
C MET A 46 4.68 12.49 -8.46
N ASP A 47 4.96 13.64 -7.87
CA ASP A 47 4.11 14.18 -6.83
C ASP A 47 2.71 14.48 -7.35
N GLN A 48 2.63 14.84 -8.63
CA GLN A 48 1.34 15.16 -9.24
C GLN A 48 0.45 13.92 -9.35
N HIS A 49 1.06 12.75 -9.21
CA HIS A 49 0.32 11.50 -9.30
C HIS A 49 0.51 10.66 -8.04
N MET A 50 0.80 11.34 -6.93
CA MET A 50 1.00 10.67 -5.65
C MET A 50 -0.09 11.06 -4.66
N GLY A 51 -0.23 10.27 -3.60
CA GLY A 51 -1.25 10.55 -2.59
C GLY A 51 -1.62 9.28 -1.83
N PHE A 52 -2.47 9.42 -0.82
CA PHE A 52 -2.91 8.28 -0.03
C PHE A 52 -4.40 8.06 -0.17
N LEU A 53 -4.88 6.93 0.33
CA LEU A 53 -6.29 6.60 0.25
C LEU A 53 -6.78 6.10 1.60
N CYS A 54 -7.89 6.64 2.08
CA CYS A 54 -8.45 6.24 3.36
C CYS A 54 -9.39 5.05 3.19
N ASN A 55 -9.80 4.47 4.31
CA ASN A 55 -10.70 3.31 4.27
C ASN A 55 -12.09 3.74 3.85
N GLU A 56 -12.75 4.54 4.69
CA GLU A 56 -14.09 5.01 4.39
C GLU A 56 -14.08 5.88 3.12
N ALA A 57 -15.19 5.86 2.38
CA ALA A 57 -15.28 6.65 1.16
C ALA A 57 -16.69 7.23 1.02
N LYS A 58 -16.92 7.95 -0.08
CA LYS A 58 -18.21 8.56 -0.33
C LYS A 58 -19.12 7.60 -1.08
N ASN A 59 -20.07 8.15 -1.84
CA ASN A 59 -21.00 7.33 -2.60
C ASN A 59 -21.60 6.24 -1.73
N LEU A 60 -21.79 6.55 -0.45
CA LEU A 60 -22.36 5.60 0.49
C LEU A 60 -23.89 5.62 0.42
N LEU A 61 -24.45 6.82 0.30
CA LEU A 61 -25.91 6.96 0.22
C LEU A 61 -26.46 6.09 -0.91
N CYS A 62 -25.60 5.70 -1.84
CA CYS A 62 -26.02 4.88 -2.96
C CYS A 62 -26.32 3.46 -2.49
N GLY A 63 -25.93 3.15 -1.26
CA GLY A 63 -26.16 1.82 -0.71
C GLY A 63 -24.90 0.96 -0.82
N PHE A 64 -23.75 1.61 -0.79
CA PHE A 64 -22.48 0.91 -0.89
C PHE A 64 -22.07 0.33 0.47
N TYR A 65 -21.21 -0.67 0.45
CA TYR A 65 -20.76 -1.29 1.69
C TYR A 65 -19.26 -1.60 1.62
N GLY A 66 -18.65 -1.88 2.76
CA GLY A 66 -17.23 -2.18 2.82
C GLY A 66 -16.39 -0.91 2.68
N ARG A 67 -15.18 -0.94 3.22
CA ARG A 67 -14.29 0.22 3.16
C ARG A 67 -12.84 -0.22 3.01
N HIS A 68 -12.35 -0.21 1.78
CA HIS A 68 -10.96 -0.61 1.51
C HIS A 68 -10.27 0.45 0.67
N ALA A 69 -9.30 1.13 1.26
CA ALA A 69 -8.57 2.17 0.54
C ALA A 69 -8.07 1.61 -0.78
N GLU A 70 -7.80 0.31 -0.77
CA GLU A 70 -7.34 -0.38 -1.96
C GLU A 70 -8.36 -0.22 -3.07
N LEU A 71 -9.62 -0.45 -2.74
CA LEU A 71 -10.69 -0.32 -3.72
C LEU A 71 -10.69 1.11 -4.29
N ARG A 72 -10.67 2.08 -3.39
CA ARG A 72 -10.67 3.47 -3.80
C ARG A 72 -9.57 3.73 -4.84
N PHE A 73 -8.47 2.97 -4.75
CA PHE A 73 -7.39 3.15 -5.70
C PHE A 73 -7.84 2.76 -7.11
N LEU A 74 -8.22 1.49 -7.28
CA LEU A 74 -8.67 1.04 -8.59
C LEU A 74 -9.60 2.07 -9.21
N ASP A 75 -10.23 2.86 -8.37
CA ASP A 75 -11.15 3.88 -8.85
C ASP A 75 -10.44 5.21 -9.16
N LEU A 76 -9.33 5.46 -8.48
CA LEU A 76 -8.60 6.71 -8.67
C LEU A 76 -7.47 6.59 -9.69
N VAL A 77 -7.10 5.36 -10.07
CA VAL A 77 -6.03 5.19 -11.05
C VAL A 77 -6.28 6.05 -12.29
N PRO A 78 -7.48 6.05 -12.83
CA PRO A 78 -7.81 6.88 -14.03
C PRO A 78 -7.46 8.35 -13.81
N SER A 79 -7.48 8.78 -12.55
CA SER A 79 -7.16 10.17 -12.22
C SER A 79 -5.67 10.43 -12.37
N LEU A 80 -4.87 9.37 -12.35
CA LEU A 80 -3.41 9.51 -12.49
C LEU A 80 -3.04 9.78 -13.94
N GLN A 81 -4.02 9.74 -14.82
CA GLN A 81 -3.79 9.98 -16.24
C GLN A 81 -2.48 9.35 -16.68
N LEU A 82 -2.33 8.06 -16.40
CA LEU A 82 -1.12 7.33 -16.76
C LEU A 82 -0.84 7.45 -18.25
N ASP A 83 0.38 7.06 -18.63
CA ASP A 83 0.79 7.12 -20.03
C ASP A 83 1.22 5.74 -20.52
N PRO A 84 0.27 4.90 -20.87
CA PRO A 84 0.57 3.52 -21.35
C PRO A 84 1.64 3.49 -22.44
N ALA A 85 2.03 4.67 -22.88
CA ALA A 85 3.06 4.80 -23.91
C ALA A 85 4.43 4.48 -23.33
N GLN A 86 4.60 4.75 -22.04
CA GLN A 86 5.86 4.48 -21.36
C GLN A 86 5.68 3.39 -20.31
N ILE A 87 6.56 3.37 -19.31
CA ILE A 87 6.49 2.37 -18.25
C ILE A 87 6.37 3.05 -16.89
N TYR A 88 5.25 2.79 -16.22
CA TYR A 88 4.99 3.37 -14.91
C TYR A 88 5.05 2.29 -13.84
N ARG A 89 5.06 2.71 -12.57
CA ARG A 89 5.11 1.76 -11.47
C ARG A 89 4.66 2.43 -10.18
N VAL A 90 3.56 1.92 -9.61
CA VAL A 90 3.05 2.50 -8.37
C VAL A 90 3.40 1.62 -7.18
N THR A 91 3.61 2.23 -6.02
CA THR A 91 3.95 1.49 -4.81
C THR A 91 2.85 1.64 -3.77
N TRP A 92 2.50 0.54 -3.12
CA TRP A 92 1.46 0.57 -2.10
C TRP A 92 2.05 0.37 -0.71
N PHE A 93 1.78 1.34 0.17
CA PHE A 93 2.28 1.27 1.54
C PHE A 93 1.10 1.18 2.51
N ILE A 94 0.84 -0.03 3.02
CA ILE A 94 -0.27 -0.23 3.94
C ILE A 94 0.23 -0.56 5.35
N SER A 95 -0.38 0.10 6.33
CA SER A 95 0.00 -0.11 7.72
C SER A 95 -0.70 -1.35 8.29
N TRP A 96 -0.73 -2.41 7.50
CA TRP A 96 -1.37 -3.66 7.92
C TRP A 96 -1.37 -4.66 6.77
N SER A 97 -2.19 -5.70 6.87
CA SER A 97 -2.26 -6.71 5.81
C SER A 97 -3.52 -6.50 4.97
N PRO A 98 -3.51 -6.93 3.73
CA PRO A 98 -4.69 -6.79 2.82
C PRO A 98 -5.83 -7.74 3.18
N CYS A 99 -6.95 -7.60 2.49
CA CYS A 99 -8.10 -8.46 2.74
C CYS A 99 -8.18 -9.57 1.70
N PHE A 100 -9.35 -10.20 1.58
CA PHE A 100 -9.52 -11.27 0.62
C PHE A 100 -9.35 -10.78 -0.82
N SER A 101 -9.37 -11.72 -1.75
CA SER A 101 -9.21 -11.43 -3.17
C SER A 101 -10.36 -10.59 -3.70
N TRP A 102 -11.54 -11.20 -3.82
CA TRP A 102 -12.71 -10.50 -4.32
C TRP A 102 -12.74 -9.07 -3.79
N GLY A 103 -12.10 -8.88 -2.64
CA GLY A 103 -12.04 -7.55 -2.03
C GLY A 103 -10.88 -6.75 -2.57
N CYS A 104 -9.65 -7.08 -2.16
CA CYS A 104 -8.48 -6.34 -2.61
C CYS A 104 -7.74 -7.04 -3.75
N ALA A 105 -7.06 -8.15 -3.43
CA ALA A 105 -6.30 -8.87 -4.44
C ALA A 105 -7.11 -9.11 -5.71
N GLY A 106 -8.34 -9.59 -5.55
CA GLY A 106 -9.20 -9.87 -6.70
C GLY A 106 -9.21 -8.67 -7.65
N GLU A 107 -9.53 -7.50 -7.14
CA GLU A 107 -9.59 -6.30 -7.95
C GLU A 107 -8.19 -5.87 -8.39
N VAL A 108 -7.27 -5.76 -7.43
CA VAL A 108 -5.90 -5.36 -7.75
C VAL A 108 -5.31 -6.26 -8.83
N ARG A 109 -5.83 -7.48 -8.92
CA ARG A 109 -5.34 -8.43 -9.91
C ARG A 109 -5.80 -8.05 -11.31
N ALA A 110 -7.12 -8.08 -11.52
CA ALA A 110 -7.67 -7.74 -12.82
C ALA A 110 -7.05 -6.46 -13.37
N PHE A 111 -6.75 -5.53 -12.47
CA PHE A 111 -6.16 -4.26 -12.86
C PHE A 111 -4.74 -4.47 -13.39
N LEU A 112 -3.88 -5.02 -12.54
CA LEU A 112 -2.51 -5.28 -12.96
C LEU A 112 -2.51 -5.93 -14.33
N GLN A 113 -3.65 -6.53 -14.69
CA GLN A 113 -3.78 -7.18 -15.98
C GLN A 113 -4.37 -6.22 -17.02
N GLU A 114 -5.20 -5.29 -16.56
CA GLU A 114 -5.81 -4.32 -17.46
C GLU A 114 -4.77 -3.33 -17.95
N ASN A 115 -3.86 -2.95 -17.05
CA ASN A 115 -2.81 -2.00 -17.38
C ASN A 115 -1.44 -2.60 -17.11
N THR A 116 -0.87 -3.24 -18.13
CA THR A 116 0.44 -3.86 -18.00
C THR A 116 1.54 -2.80 -18.02
N HIS A 117 1.23 -1.64 -18.59
CA HIS A 117 2.21 -0.56 -18.67
C HIS A 117 2.61 -0.11 -17.28
N VAL A 118 1.65 -0.08 -16.37
CA VAL A 118 1.93 0.33 -14.98
C VAL A 118 1.99 -0.89 -14.08
N ARG A 119 3.09 -0.99 -13.35
CA ARG A 119 3.29 -2.10 -12.42
C ARG A 119 2.92 -1.66 -11.01
N LEU A 120 2.63 -2.62 -10.15
CA LEU A 120 2.26 -2.29 -8.77
C LEU A 120 3.02 -3.15 -7.77
N ARG A 121 3.51 -2.51 -6.71
CA ARG A 121 4.25 -3.21 -5.68
C ARG A 121 3.55 -3.04 -4.33
N ILE A 122 3.45 -4.14 -3.58
CA ILE A 122 2.79 -4.10 -2.29
C ILE A 122 3.81 -4.10 -1.15
N PHE A 123 3.46 -3.42 -0.08
CA PHE A 123 4.32 -3.36 1.08
C PHE A 123 3.48 -3.17 2.35
N ALA A 124 3.47 -4.20 3.20
CA ALA A 124 2.70 -4.13 4.43
C ALA A 124 3.63 -3.88 5.62
N ALA A 125 3.10 -3.22 6.65
CA ALA A 125 3.89 -2.92 7.83
C ALA A 125 3.78 -4.05 8.84
N ARG A 126 2.75 -4.88 8.68
CA ARG A 126 2.54 -6.00 9.60
C ARG A 126 1.38 -6.88 9.11
N ILE A 127 1.53 -8.18 9.26
CA ILE A 127 0.48 -9.11 8.83
C ILE A 127 -0.52 -9.33 9.95
N TYR A 128 -1.80 -9.46 9.58
CA TYR A 128 -2.84 -9.66 10.57
C TYR A 128 -2.89 -11.12 11.03
N ASP A 129 -2.73 -11.33 12.33
CA ASP A 129 -2.75 -12.68 12.88
C ASP A 129 -4.18 -13.19 13.00
N TYR A 130 -5.14 -12.27 12.92
CA TYR A 130 -6.55 -12.65 13.02
C TYR A 130 -7.19 -12.72 11.64
N ASP A 131 -6.37 -12.51 10.61
CA ASP A 131 -6.88 -12.56 9.24
C ASP A 131 -5.85 -13.23 8.32
N PRO A 132 -5.78 -14.54 8.35
CA PRO A 132 -4.80 -15.31 7.51
C PRO A 132 -5.29 -15.47 6.07
N LEU A 133 -6.56 -15.13 5.83
CA LEU A 133 -7.12 -15.25 4.49
C LEU A 133 -6.30 -14.43 3.49
N TYR A 134 -5.72 -13.33 3.97
CA TYR A 134 -4.91 -12.47 3.12
C TYR A 134 -3.84 -13.29 2.40
N LYS A 135 -3.41 -14.37 3.03
CA LYS A 135 -2.38 -15.23 2.45
C LYS A 135 -2.83 -15.71 1.07
N GLU A 136 -3.96 -16.40 1.01
CA GLU A 136 -4.47 -16.89 -0.25
C GLU A 136 -4.60 -15.76 -1.27
N ALA A 137 -5.15 -14.64 -0.82
CA ALA A 137 -5.32 -13.48 -1.69
C ALA A 137 -3.97 -12.99 -2.20
N LEU A 138 -2.97 -13.04 -1.33
CA LEU A 138 -1.63 -12.58 -1.71
C LEU A 138 -1.10 -13.38 -2.89
N GLN A 139 -0.97 -14.69 -2.71
CA GLN A 139 -0.48 -15.55 -3.78
C GLN A 139 -1.13 -15.18 -5.11
N MET A 140 -2.45 -15.13 -5.12
CA MET A 140 -3.20 -14.78 -6.32
C MET A 140 -2.82 -13.38 -6.79
N LEU A 141 -2.31 -12.57 -5.87
CA LEU A 141 -1.92 -11.21 -6.21
C LEU A 141 -0.61 -11.20 -6.99
N ARG A 142 0.46 -11.65 -6.35
CA ARG A 142 1.75 -11.69 -7.01
C ARG A 142 1.60 -12.25 -8.42
N ASP A 143 0.63 -13.15 -8.59
CA ASP A 143 0.37 -13.75 -9.88
C ASP A 143 0.03 -12.68 -10.92
N ALA A 144 -0.66 -11.63 -10.48
CA ALA A 144 -1.04 -10.55 -11.39
C ALA A 144 0.20 -9.84 -11.91
N GLY A 145 1.35 -10.15 -11.31
CA GLY A 145 2.61 -9.54 -11.73
C GLY A 145 3.15 -8.63 -10.63
N ALA A 146 2.26 -8.18 -9.75
CA ALA A 146 2.66 -7.31 -8.65
C ALA A 146 3.64 -8.03 -7.72
N GLN A 147 4.29 -7.28 -6.84
CA GLN A 147 5.24 -7.88 -5.90
C GLN A 147 5.04 -7.34 -4.49
N VAL A 148 4.77 -8.23 -3.55
CA VAL A 148 4.57 -7.83 -2.16
C VAL A 148 5.81 -8.12 -1.32
N SER A 149 5.98 -7.36 -0.24
CA SER A 149 7.13 -7.54 0.63
C SER A 149 6.92 -6.81 1.96
N ILE A 150 7.88 -6.96 2.87
CA ILE A 150 7.79 -6.31 4.17
C ILE A 150 8.54 -4.97 4.15
N MET A 151 7.91 -3.95 4.70
CA MET A 151 8.53 -2.62 4.73
C MET A 151 9.76 -2.64 5.65
N THR A 152 10.86 -2.08 5.14
CA THR A 152 12.09 -2.04 5.91
C THR A 152 12.27 -0.67 6.56
N TYR A 153 13.34 -0.51 7.33
CA TYR A 153 13.62 0.75 8.00
C TYR A 153 13.75 1.88 6.98
N ASP A 154 14.68 1.73 6.06
CA ASP A 154 14.89 2.75 5.03
C ASP A 154 13.58 3.10 4.34
N GLU A 155 12.84 2.07 3.96
CA GLU A 155 11.56 2.27 3.29
C GLU A 155 10.63 3.11 4.16
N PHE A 156 10.76 2.96 5.48
CA PHE A 156 9.92 3.71 6.41
C PHE A 156 10.30 5.19 6.40
N GLU A 157 11.57 5.46 6.12
CA GLU A 157 12.06 6.84 6.08
C GLU A 157 11.59 7.56 4.81
N TYR A 158 11.78 6.90 3.66
CA TYR A 158 11.39 7.49 2.39
C TYR A 158 9.91 7.82 2.37
N CYS A 159 9.10 6.94 2.97
CA CYS A 159 7.65 7.15 3.00
C CYS A 159 7.30 8.18 4.07
N TRP A 160 8.06 8.20 5.16
CA TRP A 160 7.81 9.14 6.23
C TRP A 160 8.16 10.56 5.81
N ASP A 161 9.26 10.70 5.08
CA ASP A 161 9.69 12.02 4.62
C ASP A 161 8.92 12.47 3.39
N THR A 162 8.36 11.50 2.66
CA THR A 162 7.59 11.82 1.46
C THR A 162 6.15 12.19 1.80
N PHE A 163 5.44 11.25 2.43
CA PHE A 163 4.04 11.48 2.79
C PHE A 163 3.93 12.46 3.95
N VAL A 164 4.77 12.29 4.97
CA VAL A 164 4.73 13.18 6.12
C VAL A 164 5.88 14.18 6.05
N TYR A 165 5.54 15.46 5.94
CA TYR A 165 6.55 16.51 5.86
C TYR A 165 6.69 17.25 7.19
N ARG A 166 7.93 17.62 7.52
CA ARG A 166 8.19 18.32 8.77
C ARG A 166 9.67 18.70 8.87
N GLN A 167 10.20 19.26 7.80
CA GLN A 167 11.61 19.65 7.79
C GLN A 167 12.51 18.43 7.75
N GLY A 168 12.04 17.37 7.13
CA GLY A 168 12.82 16.14 7.02
C GLY A 168 13.25 15.65 8.41
N CYS A 169 12.45 15.96 9.42
CA CYS A 169 12.78 15.55 10.78
C CYS A 169 13.03 14.04 10.84
N PRO A 170 14.04 13.57 11.55
CA PRO A 170 14.34 12.12 11.64
C PRO A 170 13.08 11.29 11.87
N PHE A 171 13.10 10.04 11.41
CA PHE A 171 11.96 9.15 11.56
C PHE A 171 12.11 8.32 12.83
N GLN A 172 10.99 7.95 13.42
CA GLN A 172 10.98 7.16 14.65
C GLN A 172 10.48 5.74 14.37
N PRO A 173 11.35 4.80 14.07
CA PRO A 173 10.93 3.40 13.79
C PRO A 173 10.71 2.58 15.06
N TRP A 174 10.13 3.22 16.07
CA TRP A 174 9.85 2.57 17.35
C TRP A 174 10.94 1.56 17.70
N ASP A 175 10.78 0.33 17.23
CA ASP A 175 11.75 -0.73 17.48
C ASP A 175 11.13 -2.10 17.19
N GLY A 176 9.80 -2.15 17.18
CA GLY A 176 9.10 -3.39 16.91
C GLY A 176 9.04 -3.68 15.42
N LEU A 177 9.06 -2.64 14.60
CA LEU A 177 9.00 -2.84 13.15
C LEU A 177 10.30 -3.46 12.64
N GLU A 178 11.38 -3.23 13.36
CA GLU A 178 12.67 -3.76 12.95
C GLU A 178 12.72 -5.26 13.23
N GLU A 179 12.53 -5.64 14.48
CA GLU A 179 12.56 -7.06 14.85
C GLU A 179 11.56 -7.84 14.00
N HIS A 180 10.43 -7.22 13.70
CA HIS A 180 9.40 -7.85 12.89
C HIS A 180 9.80 -7.85 11.42
N SER A 181 10.39 -6.75 10.96
CA SER A 181 10.81 -6.64 9.57
C SER A 181 11.61 -7.87 9.15
N GLN A 182 12.49 -8.34 10.04
CA GLN A 182 13.30 -9.51 9.74
C GLN A 182 12.47 -10.78 9.85
N ALA A 183 11.80 -10.95 10.98
CA ALA A 183 10.97 -12.14 11.19
C ALA A 183 9.97 -12.32 10.06
N LEU A 184 9.09 -11.33 9.90
CA LEU A 184 8.07 -11.39 8.85
C LEU A 184 8.72 -11.61 7.49
N SER A 185 9.75 -10.83 7.19
CA SER A 185 10.44 -10.95 5.91
C SER A 185 10.74 -12.42 5.60
N GLY A 186 11.07 -13.18 6.64
CA GLY A 186 11.38 -14.59 6.47
C GLY A 186 10.13 -15.38 6.07
N ARG A 187 9.11 -15.32 6.92
CA ARG A 187 7.86 -16.03 6.65
C ARG A 187 7.29 -15.59 5.30
N LEU A 188 6.98 -14.30 5.18
CA LEU A 188 6.42 -13.76 3.95
C LEU A 188 7.08 -14.40 2.73
N ARG A 189 8.40 -14.25 2.63
CA ARG A 189 9.14 -14.81 1.51
C ARG A 189 8.78 -16.29 1.32
N ALA A 190 8.53 -16.97 2.42
CA ALA A 190 8.17 -18.39 2.36
C ALA A 190 6.67 -18.57 2.07
N ILE A 191 5.90 -17.55 2.39
CA ILE A 191 4.46 -17.60 2.16
C ILE A 191 4.15 -17.53 0.67
N LEU A 192 5.01 -16.83 -0.08
CA LEU A 192 4.81 -16.70 -1.52
C LEU A 192 4.55 -18.06 -2.15
N GLN A 193 5.11 -19.08 -1.52
CA GLN A 193 4.95 -20.45 -2.00
C GLN A 193 4.04 -21.24 -1.07
N ASN A 194 4.57 -21.59 0.10
CA ASN A 194 3.79 -22.35 1.08
C ASN A 194 3.20 -23.60 0.44
N GLN A 195 2.56 -24.43 1.25
CA GLN A 195 1.96 -25.67 0.77
C GLN A 195 0.94 -25.36 -0.32
N GLY A 196 0.43 -26.42 -0.95
CA GLY A 196 -0.57 -26.26 -2.01
C GLY A 196 0.09 -26.25 -3.38
N ASN A 197 -0.42 -27.09 -4.28
CA ASN A 197 0.13 -27.17 -5.63
C ASN A 197 -0.60 -26.20 -6.57
ZN ZN B . -10.21 -5.41 0.38
N MET A 1 2.15 26.40 -11.34
CA MET A 1 1.47 26.11 -10.05
C MET A 1 1.28 24.60 -9.90
N GLU A 2 1.65 24.08 -8.74
CA GLU A 2 1.52 22.65 -8.49
C GLU A 2 0.07 22.29 -8.16
N ILE A 3 -0.19 21.00 -8.00
CA ILE A 3 -1.54 20.53 -7.70
C ILE A 3 -1.78 20.57 -6.19
N LEU A 4 -3.05 20.61 -5.80
CA LEU A 4 -3.40 20.65 -4.38
C LEU A 4 -3.24 19.27 -3.75
N ARG A 5 -2.25 19.12 -2.89
CA ARG A 5 -2.00 17.86 -2.23
C ARG A 5 -2.57 17.89 -0.81
N TYR A 6 -2.11 17.00 0.04
CA TYR A 6 -2.59 16.93 1.41
C TYR A 6 -1.50 16.39 2.34
N LEU A 7 -0.78 15.38 1.87
CA LEU A 7 0.29 14.79 2.66
C LEU A 7 -0.21 14.45 4.06
N MET A 8 -0.53 13.18 4.28
CA MET A 8 -1.01 12.74 5.59
C MET A 8 -0.22 13.41 6.70
N ASP A 9 -0.88 13.64 7.83
CA ASP A 9 -0.24 14.29 8.97
C ASP A 9 0.68 13.31 9.69
N PRO A 10 1.73 13.80 10.32
CA PRO A 10 2.69 12.94 11.08
C PRO A 10 2.03 12.22 12.25
N ASP A 11 1.42 13.00 13.12
CA ASP A 11 0.75 12.44 14.30
C ASP A 11 -0.11 11.24 13.91
N THR A 12 -0.64 11.27 12.69
CA THR A 12 -1.48 10.18 12.21
C THR A 12 -0.62 9.06 11.63
N PHE A 13 0.10 9.38 10.57
CA PHE A 13 0.96 8.38 9.91
C PHE A 13 1.76 7.62 10.96
N THR A 14 2.03 8.28 12.09
CA THR A 14 2.79 7.64 13.15
C THR A 14 1.90 6.71 13.97
N PHE A 15 0.85 7.28 14.57
CA PHE A 15 -0.07 6.49 15.39
C PHE A 15 -0.59 5.30 14.59
N ASN A 16 -0.56 5.41 13.27
CA ASN A 16 -1.05 4.33 12.41
C ASN A 16 0.02 3.25 12.23
N PHE A 17 1.13 3.63 11.59
CA PHE A 17 2.22 2.68 11.34
C PHE A 17 2.89 2.27 12.65
N ASN A 18 3.35 3.26 13.41
CA ASN A 18 4.02 2.98 14.68
C ASN A 18 3.18 2.04 15.54
N ASN A 19 1.90 2.37 15.70
CA ASN A 19 0.99 1.54 16.49
C ASN A 19 -0.16 1.04 15.63
N ASP A 20 -0.37 -0.27 15.65
CA ASP A 20 -1.43 -0.88 14.86
C ASP A 20 -2.15 -1.96 15.67
N PRO A 21 -2.84 -1.56 16.70
CA PRO A 21 -3.59 -2.51 17.58
C PRO A 21 -4.44 -3.48 16.78
N LEU A 22 -5.15 -4.36 17.48
CA LEU A 22 -6.00 -5.34 16.82
C LEU A 22 -7.43 -4.80 16.68
N VAL A 23 -7.54 -3.49 16.44
CA VAL A 23 -8.85 -2.87 16.29
C VAL A 23 -9.46 -3.23 14.94
N LEU A 24 -9.43 -2.28 14.01
CA LEU A 24 -9.98 -2.52 12.68
C LEU A 24 -11.44 -2.96 12.79
N ARG A 25 -12.09 -2.62 13.89
CA ARG A 25 -13.48 -2.98 14.10
C ARG A 25 -14.38 -2.23 13.11
N ARG A 26 -13.75 -1.52 12.19
CA ARG A 26 -14.50 -0.76 11.18
C ARG A 26 -13.67 -0.58 9.92
N ARG A 27 -12.85 -1.58 9.62
CA ARG A 27 -11.99 -1.52 8.43
C ARG A 27 -11.08 -0.29 8.49
N GLN A 28 -10.92 0.25 9.69
CA GLN A 28 -10.08 1.43 9.87
C GLN A 28 -8.62 1.09 9.55
N THR A 29 -8.28 1.14 8.26
CA THR A 29 -6.93 0.84 7.81
C THR A 29 -6.28 2.08 7.23
N TYR A 30 -5.28 1.88 6.38
CA TYR A 30 -4.57 3.01 5.76
C TYR A 30 -3.85 2.53 4.50
N LEU A 31 -4.18 3.15 3.38
CA LEU A 31 -3.56 2.80 2.10
C LEU A 31 -2.88 4.03 1.50
N CYS A 32 -1.56 4.01 1.49
CA CYS A 32 -0.79 5.11 0.93
C CYS A 32 -0.23 4.70 -0.43
N TYR A 33 -0.49 5.53 -1.44
CA TYR A 33 -0.03 5.22 -2.79
C TYR A 33 0.82 6.35 -3.38
N GLU A 34 1.66 5.98 -4.34
CA GLU A 34 2.51 6.94 -5.02
C GLU A 34 2.68 6.51 -6.47
N VAL A 35 3.11 7.42 -7.33
CA VAL A 35 3.31 7.09 -8.74
C VAL A 35 4.74 7.44 -9.16
N GLU A 36 5.42 6.47 -9.78
CA GLU A 36 6.79 6.68 -10.22
C GLU A 36 6.89 6.66 -11.74
N ARG A 37 7.72 7.54 -12.28
CA ARG A 37 7.93 7.61 -13.72
C ARG A 37 9.39 7.33 -14.01
N LEU A 38 9.66 6.24 -14.72
CA LEU A 38 11.03 5.90 -15.02
C LEU A 38 11.70 6.96 -15.88
N ASP A 39 12.45 7.85 -15.23
CA ASP A 39 13.14 8.91 -15.95
C ASP A 39 14.64 8.84 -15.69
N ASN A 40 15.42 8.95 -16.76
CA ASN A 40 16.88 8.90 -16.64
C ASN A 40 17.34 7.53 -16.15
N GLY A 41 16.69 6.48 -16.65
CA GLY A 41 17.06 5.12 -16.25
C GLY A 41 16.88 4.91 -14.76
N THR A 42 16.16 5.84 -14.11
CA THR A 42 15.91 5.73 -12.69
C THR A 42 14.47 6.10 -12.39
N TRP A 43 13.93 5.51 -11.34
CA TRP A 43 12.55 5.79 -10.95
C TRP A 43 12.48 7.14 -10.27
N VAL A 44 11.47 7.93 -10.65
CA VAL A 44 11.30 9.26 -10.06
C VAL A 44 9.91 9.40 -9.45
N LEU A 45 9.87 9.82 -8.19
CA LEU A 45 8.60 9.98 -7.50
C LEU A 45 7.87 11.20 -8.04
N MET A 46 6.59 11.00 -8.36
CA MET A 46 5.77 12.09 -8.90
C MET A 46 4.83 12.60 -7.82
N ASP A 47 5.14 13.76 -7.25
CA ASP A 47 4.31 14.34 -6.19
C ASP A 47 2.96 14.77 -6.74
N GLN A 48 2.94 15.23 -7.98
CA GLN A 48 1.70 15.67 -8.61
C GLN A 48 0.77 14.49 -8.89
N HIS A 49 1.31 13.29 -8.73
CA HIS A 49 0.53 12.07 -8.98
C HIS A 49 0.59 11.14 -7.78
N MET A 50 0.80 11.71 -6.59
CA MET A 50 0.88 10.92 -5.37
C MET A 50 -0.31 11.23 -4.47
N GLY A 51 -0.44 10.47 -3.38
CA GLY A 51 -1.54 10.68 -2.45
C GLY A 51 -1.83 9.42 -1.66
N PHE A 52 -2.68 9.54 -0.64
CA PHE A 52 -3.05 8.41 0.19
C PHE A 52 -4.55 8.36 0.36
N LEU A 53 -5.09 7.15 0.51
CA LEU A 53 -6.52 6.98 0.68
C LEU A 53 -6.82 5.96 1.77
N CYS A 54 -7.96 6.11 2.42
CA CYS A 54 -8.36 5.19 3.49
C CYS A 54 -9.36 4.17 2.97
N ASN A 55 -9.95 3.41 3.90
CA ASN A 55 -10.94 2.40 3.52
C ASN A 55 -12.33 3.03 3.41
N GLU A 56 -12.87 3.45 4.54
CA GLU A 56 -14.19 4.07 4.55
C GLU A 56 -14.15 5.44 3.88
N ALA A 57 -14.70 5.51 2.67
CA ALA A 57 -14.71 6.76 1.92
C ALA A 57 -15.55 6.61 0.66
N LYS A 58 -16.81 6.19 0.83
CA LYS A 58 -17.70 6.02 -0.30
C LYS A 58 -19.11 6.47 0.06
N ASN A 59 -19.79 7.11 -0.89
CA ASN A 59 -21.14 7.59 -0.66
C ASN A 59 -21.96 6.55 0.09
N LEU A 60 -21.97 6.67 1.42
CA LEU A 60 -22.72 5.74 2.25
C LEU A 60 -24.21 5.92 2.05
N LEU A 61 -24.61 7.09 1.58
CA LEU A 61 -26.01 7.39 1.35
C LEU A 61 -26.55 6.54 0.20
N CYS A 62 -25.66 5.84 -0.48
CA CYS A 62 -26.07 4.99 -1.60
C CYS A 62 -26.54 3.63 -1.10
N GLY A 63 -26.35 3.39 0.20
CA GLY A 63 -26.77 2.12 0.80
C GLY A 63 -25.78 1.02 0.48
N PHE A 64 -24.66 1.40 -0.12
CA PHE A 64 -23.63 0.42 -0.48
C PHE A 64 -22.99 -0.17 0.78
N TYR A 65 -22.33 -1.31 0.62
CA TYR A 65 -21.68 -1.98 1.74
C TYR A 65 -20.25 -2.38 1.38
N GLY A 66 -19.41 -2.53 2.40
CA GLY A 66 -18.02 -2.92 2.18
C GLY A 66 -17.15 -1.68 1.96
N ARG A 67 -16.00 -1.66 2.63
CA ARG A 67 -15.07 -0.54 2.51
C ARG A 67 -13.64 -1.05 2.35
N HIS A 68 -13.11 -0.96 1.14
CA HIS A 68 -11.76 -1.41 0.86
C HIS A 68 -10.98 -0.34 0.09
N ALA A 69 -10.01 0.28 0.78
CA ALA A 69 -9.20 1.33 0.18
C ALA A 69 -8.78 0.95 -1.23
N GLU A 70 -8.15 -0.20 -1.38
CA GLU A 70 -7.72 -0.65 -2.70
C GLU A 70 -8.80 -0.37 -3.74
N LEU A 71 -10.05 -0.58 -3.35
CA LEU A 71 -11.16 -0.33 -4.24
C LEU A 71 -11.10 1.12 -4.69
N ARG A 72 -10.93 2.01 -3.72
CA ARG A 72 -10.83 3.43 -4.04
C ARG A 72 -9.66 3.68 -4.97
N PHE A 73 -8.53 3.00 -4.72
CA PHE A 73 -7.36 3.20 -5.58
C PHE A 73 -7.72 2.92 -7.03
N LEU A 74 -8.09 1.68 -7.33
CA LEU A 74 -8.47 1.30 -8.68
C LEU A 74 -9.54 2.24 -9.24
N ASP A 75 -10.20 2.96 -8.34
CA ASP A 75 -11.27 3.89 -8.73
C ASP A 75 -10.72 5.28 -9.09
N LEU A 76 -9.66 5.71 -8.42
CA LEU A 76 -9.08 7.02 -8.68
C LEU A 76 -7.93 6.93 -9.67
N VAL A 77 -7.56 5.72 -10.06
CA VAL A 77 -6.46 5.58 -10.99
C VAL A 77 -6.74 6.35 -12.29
N PRO A 78 -7.93 6.32 -12.81
CA PRO A 78 -8.23 7.11 -14.04
C PRO A 78 -7.78 8.55 -13.84
N SER A 79 -7.74 8.98 -12.57
CA SER A 79 -7.31 10.34 -12.23
C SER A 79 -5.81 10.51 -12.46
N LEU A 80 -5.06 9.41 -12.32
CA LEU A 80 -3.61 9.46 -12.51
C LEU A 80 -3.30 9.76 -13.97
N GLN A 81 -4.28 9.51 -14.81
CA GLN A 81 -4.13 9.75 -16.24
C GLN A 81 -2.97 8.94 -16.82
N LEU A 82 -2.86 7.68 -16.40
CA LEU A 82 -1.80 6.82 -16.88
C LEU A 82 -1.98 6.53 -18.37
N ASP A 83 -0.88 6.21 -19.05
CA ASP A 83 -0.94 5.90 -20.48
C ASP A 83 0.14 4.89 -20.85
N PRO A 84 -0.04 4.16 -21.93
CA PRO A 84 0.95 3.15 -22.39
C PRO A 84 2.16 3.79 -23.04
N ALA A 85 2.11 5.11 -23.16
CA ALA A 85 3.20 5.87 -23.76
C ALA A 85 4.52 5.55 -23.07
N GLN A 86 4.60 5.89 -21.79
CA GLN A 86 5.82 5.65 -21.02
C GLN A 86 5.66 4.43 -20.12
N ILE A 87 6.47 4.38 -19.07
CA ILE A 87 6.42 3.27 -18.12
C ILE A 87 6.33 3.80 -16.69
N TYR A 88 5.25 3.45 -16.01
CA TYR A 88 5.03 3.89 -14.65
C TYR A 88 5.07 2.72 -13.67
N ARG A 89 5.05 3.02 -12.39
CA ARG A 89 5.08 2.00 -11.36
C ARG A 89 4.63 2.58 -10.02
N VAL A 90 3.43 2.19 -9.58
CA VAL A 90 2.90 2.71 -8.33
C VAL A 90 3.31 1.83 -7.16
N THR A 91 3.56 2.45 -6.01
CA THR A 91 3.94 1.70 -4.82
C THR A 91 2.81 1.80 -3.80
N TRP A 92 2.52 0.67 -3.17
CA TRP A 92 1.46 0.62 -2.17
C TRP A 92 2.04 0.43 -0.78
N PHE A 93 1.70 1.34 0.11
CA PHE A 93 2.16 1.28 1.50
C PHE A 93 0.96 1.21 2.42
N ILE A 94 0.70 0.01 2.94
CA ILE A 94 -0.44 -0.20 3.83
C ILE A 94 0.02 -0.63 5.21
N SER A 95 -0.67 -0.11 6.23
CA SER A 95 -0.32 -0.44 7.60
C SER A 95 -1.06 -1.70 8.07
N TRP A 96 -1.23 -2.66 7.16
CA TRP A 96 -1.93 -3.89 7.49
C TRP A 96 -1.94 -4.82 6.26
N SER A 97 -2.80 -5.83 6.30
CA SER A 97 -2.89 -6.78 5.19
C SER A 97 -4.26 -6.66 4.50
N PRO A 98 -4.34 -6.92 3.21
CA PRO A 98 -5.63 -6.84 2.45
C PRO A 98 -6.59 -7.99 2.79
N CYS A 99 -7.80 -7.92 2.23
CA CYS A 99 -8.79 -8.97 2.48
C CYS A 99 -8.72 -10.03 1.39
N PHE A 100 -9.79 -10.79 1.22
CA PHE A 100 -9.81 -11.84 0.21
C PHE A 100 -9.50 -11.28 -1.18
N SER A 101 -9.34 -12.18 -2.14
CA SER A 101 -9.02 -11.78 -3.51
C SER A 101 -10.16 -10.99 -4.15
N TRP A 102 -11.26 -11.67 -4.44
CA TRP A 102 -12.41 -11.02 -5.06
C TRP A 102 -12.62 -9.63 -4.47
N GLY A 103 -12.12 -9.44 -3.25
CA GLY A 103 -12.26 -8.16 -2.57
C GLY A 103 -11.05 -7.26 -2.86
N CYS A 104 -9.87 -7.68 -2.40
CA CYS A 104 -8.66 -6.88 -2.61
C CYS A 104 -7.84 -7.38 -3.80
N ALA A 105 -7.19 -8.54 -3.63
CA ALA A 105 -6.34 -9.08 -4.70
C ALA A 105 -7.12 -9.24 -6.00
N GLY A 106 -8.19 -10.02 -5.95
CA GLY A 106 -9.00 -10.26 -7.15
C GLY A 106 -9.17 -8.99 -7.97
N GLU A 107 -9.53 -7.90 -7.29
CA GLU A 107 -9.72 -6.62 -7.96
C GLU A 107 -8.39 -6.04 -8.42
N VAL A 108 -7.46 -5.89 -7.47
CA VAL A 108 -6.15 -5.33 -7.79
C VAL A 108 -5.53 -6.09 -8.96
N ARG A 109 -5.92 -7.35 -9.12
CA ARG A 109 -5.40 -8.18 -10.19
C ARG A 109 -5.94 -7.72 -11.54
N ALA A 110 -7.26 -7.59 -11.63
CA ALA A 110 -7.88 -7.14 -12.87
C ALA A 110 -7.17 -5.90 -13.38
N PHE A 111 -6.77 -5.04 -12.46
CA PHE A 111 -6.07 -3.80 -12.82
C PHE A 111 -4.72 -4.12 -13.43
N LEU A 112 -3.87 -4.80 -12.66
CA LEU A 112 -2.55 -5.17 -13.15
C LEU A 112 -2.67 -5.72 -14.56
N GLN A 113 -3.87 -6.18 -14.91
CA GLN A 113 -4.13 -6.75 -16.23
C GLN A 113 -4.68 -5.69 -17.17
N GLU A 114 -5.36 -4.69 -16.62
CA GLU A 114 -5.94 -3.62 -17.44
C GLU A 114 -4.84 -2.68 -17.92
N ASN A 115 -3.87 -2.43 -17.05
CA ASN A 115 -2.77 -1.54 -17.38
C ASN A 115 -1.43 -2.20 -17.06
N THR A 116 -0.81 -2.81 -18.06
CA THR A 116 0.47 -3.47 -17.88
C THR A 116 1.61 -2.47 -17.90
N HIS A 117 1.39 -1.33 -18.56
CA HIS A 117 2.41 -0.30 -18.64
C HIS A 117 2.76 0.21 -17.25
N VAL A 118 1.85 0.01 -16.31
CA VAL A 118 2.06 0.45 -14.94
C VAL A 118 2.12 -0.76 -14.01
N ARG A 119 3.22 -0.86 -13.27
CA ARG A 119 3.40 -1.96 -12.33
C ARG A 119 2.98 -1.53 -10.94
N LEU A 120 2.68 -2.50 -10.09
CA LEU A 120 2.25 -2.19 -8.72
C LEU A 120 2.96 -3.09 -7.71
N ARG A 121 3.56 -2.46 -6.71
CA ARG A 121 4.26 -3.20 -5.66
C ARG A 121 3.56 -3.00 -4.33
N ILE A 122 3.42 -4.09 -3.57
CA ILE A 122 2.75 -4.02 -2.28
C ILE A 122 3.74 -4.04 -1.12
N PHE A 123 3.35 -3.36 -0.06
CA PHE A 123 4.18 -3.32 1.14
C PHE A 123 3.28 -3.17 2.36
N ALA A 124 3.22 -4.22 3.17
CA ALA A 124 2.39 -4.20 4.37
C ALA A 124 3.24 -4.07 5.62
N ALA A 125 2.65 -3.51 6.68
CA ALA A 125 3.38 -3.35 7.94
C ALA A 125 3.16 -4.56 8.84
N ARG A 126 1.98 -5.17 8.73
CA ARG A 126 1.66 -6.35 9.51
C ARG A 126 0.71 -7.27 8.74
N ILE A 127 0.75 -8.56 9.05
CA ILE A 127 -0.10 -9.52 8.37
C ILE A 127 -1.35 -9.81 9.20
N TYR A 128 -2.49 -9.93 8.52
CA TYR A 128 -3.75 -10.22 9.20
C TYR A 128 -3.77 -11.66 9.70
N ASP A 129 -3.77 -11.82 11.02
CA ASP A 129 -3.80 -13.15 11.62
C ASP A 129 -5.24 -13.67 11.71
N TYR A 130 -6.14 -12.80 12.17
CA TYR A 130 -7.55 -13.19 12.31
C TYR A 130 -8.13 -13.56 10.95
N ASP A 131 -7.49 -13.07 9.89
CA ASP A 131 -7.95 -13.36 8.53
C ASP A 131 -6.87 -14.14 7.76
N PRO A 132 -6.86 -15.45 7.87
CA PRO A 132 -5.84 -16.29 7.17
C PRO A 132 -6.19 -16.50 5.70
N LEU A 133 -7.41 -16.17 5.32
CA LEU A 133 -7.83 -16.32 3.94
C LEU A 133 -7.00 -15.43 3.02
N TYR A 134 -6.74 -14.21 3.49
CA TYR A 134 -5.94 -13.27 2.71
C TYR A 134 -4.60 -13.90 2.35
N LYS A 135 -4.23 -14.94 3.09
CA LYS A 135 -2.97 -15.63 2.84
C LYS A 135 -2.91 -16.09 1.39
N GLU A 136 -3.88 -16.92 1.00
CA GLU A 136 -3.93 -17.42 -0.36
C GLU A 136 -4.14 -16.27 -1.34
N ALA A 137 -4.92 -15.28 -0.90
CA ALA A 137 -5.20 -14.12 -1.73
C ALA A 137 -3.93 -13.31 -1.96
N LEU A 138 -2.99 -13.40 -1.02
CA LEU A 138 -1.73 -12.67 -1.13
C LEU A 138 -0.81 -13.32 -2.15
N GLN A 139 -0.55 -14.61 -1.96
CA GLN A 139 0.31 -15.34 -2.87
C GLN A 139 -0.08 -15.09 -4.32
N MET A 140 -1.33 -15.37 -4.66
CA MET A 140 -1.81 -15.17 -6.01
C MET A 140 -1.67 -13.71 -6.43
N LEU A 141 -1.80 -12.79 -5.47
CA LEU A 141 -1.68 -11.37 -5.80
C LEU A 141 -0.37 -11.10 -6.51
N ARG A 142 0.74 -11.34 -5.84
CA ARG A 142 2.04 -11.11 -6.44
C ARG A 142 2.15 -11.90 -7.73
N ASP A 143 1.43 -13.01 -7.81
CA ASP A 143 1.44 -13.83 -9.01
C ASP A 143 0.78 -13.07 -10.15
N ALA A 144 -0.03 -12.07 -9.80
CA ALA A 144 -0.71 -11.26 -10.81
C ALA A 144 0.29 -10.34 -11.49
N GLY A 145 1.52 -10.35 -10.99
CA GLY A 145 2.58 -9.51 -11.55
C GLY A 145 3.08 -8.52 -10.51
N ALA A 146 2.25 -8.26 -9.50
CA ALA A 146 2.61 -7.34 -8.44
C ALA A 146 3.69 -7.95 -7.55
N GLN A 147 4.25 -7.14 -6.66
CA GLN A 147 5.29 -7.65 -5.76
C GLN A 147 5.04 -7.18 -4.33
N VAL A 148 4.71 -8.14 -3.46
CA VAL A 148 4.45 -7.80 -2.06
C VAL A 148 5.64 -8.15 -1.17
N SER A 149 5.82 -7.37 -0.12
CA SER A 149 6.92 -7.58 0.82
C SER A 149 6.67 -6.81 2.12
N ILE A 150 7.57 -6.95 3.07
CA ILE A 150 7.43 -6.27 4.36
C ILE A 150 8.20 -4.95 4.33
N MET A 151 7.57 -3.90 4.87
CA MET A 151 8.21 -2.58 4.92
C MET A 151 9.61 -2.70 5.52
N THR A 152 10.61 -2.22 4.79
CA THR A 152 11.98 -2.28 5.27
C THR A 152 12.40 -0.94 5.86
N TYR A 153 13.48 -0.96 6.63
CA TYR A 153 13.97 0.26 7.26
C TYR A 153 14.07 1.39 6.24
N ASP A 154 14.79 1.14 5.16
CA ASP A 154 14.96 2.14 4.10
C ASP A 154 13.60 2.64 3.62
N GLU A 155 12.69 1.71 3.40
CA GLU A 155 11.35 2.06 2.93
C GLU A 155 10.64 2.95 3.95
N PHE A 156 10.79 2.62 5.23
CA PHE A 156 10.15 3.39 6.29
C PHE A 156 10.56 4.86 6.19
N GLU A 157 11.82 5.10 5.84
CA GLU A 157 12.32 6.47 5.71
C GLU A 157 11.82 7.10 4.41
N TYR A 158 11.95 6.37 3.31
CA TYR A 158 11.52 6.87 2.02
C TYR A 158 10.04 7.22 2.04
N CYS A 159 9.24 6.40 2.71
CA CYS A 159 7.80 6.63 2.80
C CYS A 159 7.51 7.77 3.77
N TRP A 160 8.13 7.71 4.94
CA TRP A 160 7.94 8.73 5.96
C TRP A 160 8.29 10.11 5.42
N ASP A 161 9.41 10.21 4.71
CA ASP A 161 9.84 11.50 4.16
C ASP A 161 9.09 11.84 2.87
N THR A 162 8.52 10.83 2.22
CA THR A 162 7.79 11.07 0.98
C THR A 162 6.35 11.50 1.25
N PHE A 163 5.62 10.67 1.97
CA PHE A 163 4.22 10.97 2.29
C PHE A 163 4.11 12.05 3.35
N VAL A 164 4.87 11.90 4.44
CA VAL A 164 4.83 12.88 5.52
C VAL A 164 6.03 13.81 5.45
N TYR A 165 5.77 15.11 5.38
CA TYR A 165 6.84 16.09 5.32
C TYR A 165 6.77 17.04 6.52
N ARG A 166 7.86 17.11 7.27
CA ARG A 166 7.92 17.98 8.44
C ARG A 166 9.28 18.70 8.47
N GLN A 167 9.58 19.40 7.38
CA GLN A 167 10.83 20.12 7.29
C GLN A 167 12.02 19.16 7.13
N GLY A 168 11.85 18.17 6.25
CA GLY A 168 12.90 17.19 6.00
C GLY A 168 13.35 16.51 7.30
N CYS A 169 12.45 16.41 8.26
CA CYS A 169 12.78 15.78 9.54
C CYS A 169 13.06 14.29 9.34
N PRO A 170 13.85 13.69 10.21
CA PRO A 170 14.18 12.23 10.11
C PRO A 170 13.02 11.35 10.56
N PHE A 171 13.17 10.05 10.36
CA PHE A 171 12.13 9.10 10.76
C PHE A 171 12.46 8.48 12.11
N GLN A 172 11.43 8.12 12.86
CA GLN A 172 11.60 7.54 14.19
C GLN A 172 11.22 6.06 14.19
N PRO A 173 12.17 5.16 13.99
CA PRO A 173 11.89 3.70 13.98
C PRO A 173 11.88 3.10 15.39
N TRP A 174 11.43 3.90 16.36
CA TRP A 174 11.38 3.46 17.75
C TRP A 174 12.54 2.53 18.09
N ASP A 175 12.34 1.23 17.88
CA ASP A 175 13.38 0.24 18.14
C ASP A 175 12.96 -1.13 17.64
N GLY A 176 11.66 -1.40 17.66
CA GLY A 176 11.14 -2.68 17.21
C GLY A 176 11.00 -2.71 15.69
N LEU A 177 11.18 -1.56 15.06
CA LEU A 177 11.08 -1.46 13.61
C LEU A 177 11.74 -2.66 12.95
N GLU A 178 13.04 -2.80 13.18
CA GLU A 178 13.80 -3.91 12.60
C GLU A 178 13.20 -5.25 13.02
N GLU A 179 13.14 -5.49 14.32
CA GLU A 179 12.60 -6.74 14.84
C GLU A 179 11.30 -7.09 14.12
N HIS A 180 10.55 -6.06 13.72
CA HIS A 180 9.28 -6.27 13.03
C HIS A 180 9.52 -6.64 11.57
N SER A 181 10.60 -6.11 11.00
CA SER A 181 10.92 -6.39 9.60
C SER A 181 11.39 -7.82 9.43
N GLN A 182 12.36 -8.23 10.25
CA GLN A 182 12.90 -9.58 10.17
C GLN A 182 11.81 -10.62 10.47
N ALA A 183 11.11 -10.43 11.58
CA ALA A 183 10.06 -11.36 11.97
C ALA A 183 9.07 -11.57 10.82
N LEU A 184 8.41 -10.50 10.41
CA LEU A 184 7.44 -10.59 9.33
C LEU A 184 8.10 -11.08 8.04
N SER A 185 9.24 -10.47 7.71
CA SER A 185 9.95 -10.85 6.49
C SER A 185 10.05 -12.37 6.40
N GLY A 186 10.58 -12.98 7.45
CA GLY A 186 10.73 -14.43 7.50
C GLY A 186 9.42 -15.11 7.11
N ARG A 187 8.35 -14.77 7.81
CA ARG A 187 7.04 -15.36 7.52
C ARG A 187 6.68 -15.16 6.06
N LEU A 188 6.51 -13.90 5.65
CA LEU A 188 6.15 -13.59 4.27
C LEU A 188 6.98 -14.45 3.32
N ARG A 189 8.30 -14.31 3.39
CA ARG A 189 9.18 -15.09 2.54
C ARG A 189 8.71 -16.53 2.45
N ALA A 190 8.14 -17.02 3.55
CA ALA A 190 7.64 -18.39 3.60
C ALA A 190 6.27 -18.48 2.92
N ILE A 191 5.42 -17.47 3.17
CA ILE A 191 4.10 -17.44 2.57
C ILE A 191 4.19 -17.39 1.05
N LEU A 192 5.14 -16.61 0.55
CA LEU A 192 5.33 -16.49 -0.90
C LEU A 192 6.00 -17.74 -1.45
N GLN A 193 6.16 -18.75 -0.60
CA GLN A 193 6.78 -19.99 -1.02
C GLN A 193 6.15 -21.19 -0.30
N ASN A 194 4.84 -21.35 -0.49
CA ASN A 194 4.12 -22.45 0.14
C ASN A 194 3.80 -23.53 -0.87
N GLN A 195 4.12 -24.78 -0.54
CA GLN A 195 3.85 -25.89 -1.43
C GLN A 195 3.33 -27.10 -0.64
N GLY A 196 3.46 -27.03 0.68
CA GLY A 196 3.00 -28.12 1.53
C GLY A 196 2.48 -27.58 2.87
N ASN A 197 3.20 -27.88 3.94
CA ASN A 197 2.81 -27.42 5.27
C ASN A 197 3.26 -25.98 5.49
ZN ZN B . -10.71 -6.14 0.09
N MET A 1 -10.05 17.26 -10.85
CA MET A 1 -9.81 16.27 -9.77
C MET A 1 -8.34 16.30 -9.37
N GLU A 2 -7.96 17.35 -8.64
CA GLU A 2 -6.57 17.49 -8.19
C GLU A 2 -6.50 18.34 -6.93
N ILE A 3 -5.82 17.83 -5.92
CA ILE A 3 -5.69 18.55 -4.65
C ILE A 3 -4.32 19.22 -4.57
N LEU A 4 -4.20 20.19 -3.66
CA LEU A 4 -2.95 20.90 -3.49
C LEU A 4 -2.18 20.35 -2.30
N ARG A 5 -1.64 19.14 -2.45
CA ARG A 5 -0.88 18.51 -1.39
C ARG A 5 -1.74 18.34 -0.14
N TYR A 6 -1.52 17.24 0.57
CA TYR A 6 -2.28 16.96 1.78
C TYR A 6 -1.36 16.43 2.88
N LEU A 7 -0.46 15.52 2.51
CA LEU A 7 0.48 14.95 3.46
C LEU A 7 -0.25 14.53 4.74
N MET A 8 -0.55 13.24 4.85
CA MET A 8 -1.22 12.72 6.03
C MET A 8 -0.67 13.36 7.31
N ASP A 9 -1.44 13.27 8.39
CA ASP A 9 -1.02 13.83 9.66
C ASP A 9 -0.04 12.88 10.38
N PRO A 10 1.19 13.27 10.62
CA PRO A 10 2.18 12.39 11.31
C PRO A 10 1.56 11.68 12.52
N ASP A 11 0.92 12.45 13.39
CA ASP A 11 0.30 11.88 14.58
C ASP A 11 -0.64 10.74 14.21
N THR A 12 -1.43 10.93 13.16
CA THR A 12 -2.37 9.92 12.72
C THR A 12 -1.63 8.74 12.08
N PHE A 13 -0.93 9.01 10.98
CA PHE A 13 -0.18 7.96 10.29
C PHE A 13 0.62 7.13 11.29
N THR A 14 1.32 7.81 12.19
CA THR A 14 2.14 7.12 13.19
C THR A 14 1.25 6.34 14.15
N PHE A 15 0.18 6.97 14.61
CA PHE A 15 -0.74 6.33 15.54
C PHE A 15 -1.21 4.98 14.97
N ASN A 16 -1.71 5.00 13.74
CA ASN A 16 -2.19 3.79 13.10
C ASN A 16 -1.05 2.78 12.94
N PHE A 17 -0.02 3.18 12.20
CA PHE A 17 1.12 2.29 11.98
C PHE A 17 1.61 1.69 13.29
N ASN A 18 1.60 2.50 14.34
CA ASN A 18 2.05 2.03 15.65
C ASN A 18 1.23 0.81 16.08
N ASN A 19 -0.08 0.98 16.13
CA ASN A 19 -0.96 -0.12 16.54
C ASN A 19 -2.42 0.35 16.54
N ASP A 20 -3.33 -0.61 16.37
CA ASP A 20 -4.76 -0.29 16.35
C ASP A 20 -5.57 -1.47 16.89
N PRO A 21 -6.81 -1.23 17.26
CA PRO A 21 -7.69 -2.29 17.80
C PRO A 21 -7.49 -3.64 17.09
N LEU A 22 -6.80 -4.55 17.75
CA LEU A 22 -6.55 -5.87 17.18
C LEU A 22 -7.66 -6.84 17.54
N VAL A 23 -8.63 -6.36 18.31
CA VAL A 23 -9.76 -7.20 18.71
C VAL A 23 -10.77 -7.31 17.59
N LEU A 24 -10.38 -6.89 16.40
CA LEU A 24 -11.27 -6.95 15.24
C LEU A 24 -10.53 -6.52 13.98
N ARG A 25 -10.78 -7.25 12.88
CA ARG A 25 -10.14 -6.93 11.62
C ARG A 25 -10.77 -5.69 10.99
N ARG A 26 -11.20 -4.76 11.84
CA ARG A 26 -11.83 -3.53 11.36
C ARG A 26 -11.11 -2.99 10.13
N ARG A 27 -11.79 -3.00 8.99
CA ARG A 27 -11.20 -2.50 7.76
C ARG A 27 -10.40 -1.23 8.01
N GLN A 28 -10.72 -0.54 9.10
CA GLN A 28 -10.02 0.69 9.45
C GLN A 28 -8.52 0.51 9.27
N THR A 29 -8.01 0.90 8.11
CA THR A 29 -6.60 0.78 7.81
C THR A 29 -6.06 2.07 7.19
N TYR A 30 -4.97 1.95 6.45
CA TYR A 30 -4.38 3.12 5.79
C TYR A 30 -3.64 2.68 4.54
N LEU A 31 -4.03 3.23 3.40
CA LEU A 31 -3.40 2.88 2.13
C LEU A 31 -2.72 4.11 1.53
N CYS A 32 -1.41 4.02 1.41
CA CYS A 32 -0.61 5.10 0.86
C CYS A 32 -0.08 4.72 -0.51
N TYR A 33 -0.49 5.46 -1.54
CA TYR A 33 -0.06 5.17 -2.90
C TYR A 33 0.72 6.33 -3.51
N GLU A 34 1.67 6.00 -4.37
CA GLU A 34 2.47 7.01 -5.06
C GLU A 34 2.83 6.49 -6.43
N VAL A 35 2.86 7.37 -7.43
CA VAL A 35 3.18 6.96 -8.80
C VAL A 35 4.56 7.46 -9.19
N GLU A 36 5.28 6.65 -9.96
CA GLU A 36 6.62 7.01 -10.40
C GLU A 36 6.77 6.86 -11.91
N ARG A 37 7.66 7.68 -12.47
CA ARG A 37 7.96 7.61 -13.90
C ARG A 37 9.42 7.23 -14.05
N LEU A 38 9.68 6.07 -14.62
CA LEU A 38 11.06 5.64 -14.76
C LEU A 38 11.84 6.54 -15.70
N ASP A 39 12.66 7.39 -15.11
CA ASP A 39 13.49 8.32 -15.87
C ASP A 39 14.96 8.09 -15.59
N ASN A 40 15.80 8.26 -16.61
CA ASN A 40 17.24 8.06 -16.46
C ASN A 40 17.56 6.65 -15.97
N GLY A 41 16.66 5.71 -16.24
CA GLY A 41 16.87 4.33 -15.83
C GLY A 41 16.60 4.13 -14.34
N THR A 42 15.94 5.10 -13.73
CA THR A 42 15.63 5.04 -12.31
C THR A 42 14.21 5.52 -12.07
N TRP A 43 13.64 5.14 -10.93
CA TRP A 43 12.29 5.56 -10.61
C TRP A 43 12.28 6.95 -10.01
N VAL A 44 11.44 7.81 -10.56
CA VAL A 44 11.32 9.18 -10.08
C VAL A 44 9.93 9.39 -9.47
N LEU A 45 9.88 10.13 -8.36
CA LEU A 45 8.59 10.36 -7.72
C LEU A 45 7.86 11.54 -8.35
N MET A 46 6.59 11.33 -8.68
CA MET A 46 5.77 12.35 -9.30
C MET A 46 4.64 12.77 -8.35
N ASP A 47 4.78 13.93 -7.73
CA ASP A 47 3.76 14.42 -6.83
C ASP A 47 2.48 14.72 -7.60
N GLN A 48 2.63 14.89 -8.91
CA GLN A 48 1.50 15.21 -9.79
C GLN A 48 0.37 14.20 -9.65
N HIS A 49 0.70 12.94 -9.39
CA HIS A 49 -0.35 11.94 -9.24
C HIS A 49 0.00 10.95 -8.14
N MET A 50 0.37 11.48 -6.99
CA MET A 50 0.70 10.65 -5.83
C MET A 50 -0.03 11.18 -4.60
N GLY A 51 -0.45 10.27 -3.72
CA GLY A 51 -1.17 10.67 -2.52
C GLY A 51 -1.63 9.45 -1.74
N PHE A 52 -2.20 9.69 -0.55
CA PHE A 52 -2.69 8.61 0.30
C PHE A 52 -4.20 8.72 0.47
N LEU A 53 -4.85 7.59 0.74
CA LEU A 53 -6.29 7.56 0.93
C LEU A 53 -6.68 6.56 2.02
N CYS A 54 -7.82 6.79 2.64
CA CYS A 54 -8.30 5.90 3.70
C CYS A 54 -9.46 5.04 3.19
N ASN A 55 -9.99 4.21 4.07
CA ASN A 55 -11.10 3.33 3.70
C ASN A 55 -12.22 4.12 3.02
N GLU A 56 -12.92 4.95 3.79
CA GLU A 56 -14.00 5.76 3.25
C GLU A 56 -13.48 7.12 2.81
N ALA A 57 -13.91 7.56 1.63
CA ALA A 57 -13.49 8.85 1.10
C ALA A 57 -14.51 9.40 0.12
N LYS A 58 -15.74 9.59 0.59
CA LYS A 58 -16.80 10.10 -0.26
C LYS A 58 -17.14 9.12 -1.37
N ASN A 59 -17.71 9.61 -2.46
CA ASN A 59 -18.07 8.76 -3.57
C ASN A 59 -19.24 7.84 -3.21
N LEU A 60 -20.12 8.34 -2.35
CA LEU A 60 -21.28 7.56 -1.92
C LEU A 60 -22.37 7.59 -2.98
N LEU A 61 -22.42 8.67 -3.74
CA LEU A 61 -23.43 8.82 -4.78
C LEU A 61 -23.35 7.66 -5.76
N CYS A 62 -22.31 6.85 -5.64
CA CYS A 62 -22.13 5.70 -6.52
C CYS A 62 -22.83 4.47 -5.96
N GLY A 63 -23.05 4.48 -4.64
CA GLY A 63 -23.71 3.35 -3.98
C GLY A 63 -22.73 2.21 -3.73
N PHE A 64 -21.46 2.57 -3.53
CA PHE A 64 -20.43 1.58 -3.28
C PHE A 64 -20.68 0.87 -1.95
N TYR A 65 -20.72 -0.46 -1.99
CA TYR A 65 -20.95 -1.24 -0.78
C TYR A 65 -19.63 -1.62 -0.12
N GLY A 66 -19.42 -1.14 1.10
CA GLY A 66 -18.19 -1.45 1.83
C GLY A 66 -17.18 -0.31 1.67
N ARG A 67 -16.52 0.04 2.77
CA ARG A 67 -15.53 1.10 2.75
C ARG A 67 -14.12 0.53 2.69
N HIS A 68 -13.54 0.53 1.50
CA HIS A 68 -12.19 0.01 1.32
C HIS A 68 -11.37 0.98 0.48
N ALA A 69 -10.14 1.26 0.93
CA ALA A 69 -9.27 2.17 0.20
C ALA A 69 -8.78 1.50 -1.07
N GLU A 70 -8.40 0.24 -0.95
CA GLU A 70 -7.92 -0.50 -2.11
C GLU A 70 -8.86 -0.30 -3.28
N LEU A 71 -10.14 -0.58 -3.06
CA LEU A 71 -11.15 -0.41 -4.10
C LEU A 71 -11.12 1.02 -4.64
N ARG A 72 -11.12 1.97 -3.71
CA ARG A 72 -11.09 3.37 -4.10
C ARG A 72 -9.92 3.64 -5.04
N PHE A 73 -8.79 2.97 -4.81
CA PHE A 73 -7.64 3.18 -5.68
C PHE A 73 -8.01 2.88 -7.12
N LEU A 74 -8.43 1.65 -7.39
CA LEU A 74 -8.80 1.29 -8.76
C LEU A 74 -9.73 2.35 -9.34
N ASP A 75 -10.49 3.00 -8.46
CA ASP A 75 -11.44 4.02 -8.88
C ASP A 75 -10.76 5.31 -9.30
N LEU A 76 -9.73 5.74 -8.56
CA LEU A 76 -9.04 6.98 -8.90
C LEU A 76 -7.84 6.73 -9.79
N VAL A 77 -7.53 5.46 -10.04
CA VAL A 77 -6.41 5.12 -10.91
C VAL A 77 -6.45 5.92 -12.21
N PRO A 78 -7.54 5.86 -12.97
CA PRO A 78 -7.63 6.63 -14.24
C PRO A 78 -7.42 8.11 -13.99
N SER A 79 -7.72 8.54 -12.76
CA SER A 79 -7.56 9.94 -12.39
C SER A 79 -6.08 10.28 -12.28
N LEU A 80 -5.25 9.25 -12.11
CA LEU A 80 -3.81 9.47 -12.00
C LEU A 80 -3.24 9.96 -13.34
N GLN A 81 -4.12 10.13 -14.32
CA GLN A 81 -3.72 10.60 -15.63
C GLN A 81 -2.44 9.91 -16.11
N LEU A 82 -2.46 8.59 -16.11
CA LEU A 82 -1.30 7.81 -16.54
C LEU A 82 -1.06 7.97 -18.04
N ASP A 83 0.17 7.68 -18.46
CA ASP A 83 0.53 7.77 -19.87
C ASP A 83 1.12 6.44 -20.36
N PRO A 84 0.28 5.52 -20.78
CA PRO A 84 0.74 4.18 -21.26
C PRO A 84 1.89 4.27 -22.25
N ALA A 85 2.22 5.48 -22.65
CA ALA A 85 3.31 5.70 -23.59
C ALA A 85 4.65 5.37 -22.94
N GLN A 86 4.72 5.53 -21.62
CA GLN A 86 5.94 5.25 -20.88
C GLN A 86 5.70 4.12 -19.87
N ILE A 87 6.65 3.95 -18.95
CA ILE A 87 6.53 2.91 -17.93
C ILE A 87 6.36 3.54 -16.55
N TYR A 88 5.23 3.22 -15.92
CA TYR A 88 4.92 3.74 -14.60
C TYR A 88 4.88 2.62 -13.57
N ARG A 89 4.99 3.00 -12.30
CA ARG A 89 4.97 2.03 -11.22
C ARG A 89 4.44 2.66 -9.94
N VAL A 90 3.29 2.16 -9.46
CA VAL A 90 2.70 2.70 -8.25
C VAL A 90 3.00 1.82 -7.04
N THR A 91 3.65 2.41 -6.04
CA THR A 91 3.99 1.67 -4.83
C THR A 91 2.85 1.78 -3.82
N TRP A 92 2.56 0.66 -3.15
CA TRP A 92 1.50 0.62 -2.15
C TRP A 92 2.06 0.46 -0.75
N PHE A 93 1.70 1.39 0.13
CA PHE A 93 2.15 1.34 1.51
C PHE A 93 0.95 1.18 2.42
N ILE A 94 0.76 -0.04 2.92
CA ILE A 94 -0.37 -0.34 3.78
C ILE A 94 0.09 -0.74 5.18
N SER A 95 -0.57 -0.18 6.19
CA SER A 95 -0.22 -0.47 7.57
C SER A 95 -0.84 -1.78 8.03
N TRP A 96 -1.04 -2.70 7.08
CA TRP A 96 -1.63 -4.00 7.41
C TRP A 96 -1.49 -4.96 6.22
N SER A 97 -2.26 -6.04 6.23
CA SER A 97 -2.21 -7.01 5.14
C SER A 97 -3.45 -6.89 4.26
N PRO A 98 -3.40 -7.42 3.05
CA PRO A 98 -4.56 -7.36 2.11
C PRO A 98 -5.87 -7.80 2.78
N CYS A 99 -6.97 -7.66 2.05
CA CYS A 99 -8.27 -8.06 2.57
C CYS A 99 -8.66 -9.44 2.04
N PHE A 100 -9.12 -9.51 0.80
CA PHE A 100 -9.49 -10.80 0.21
C PHE A 100 -9.57 -10.70 -1.31
N SER A 101 -9.06 -11.74 -1.98
CA SER A 101 -9.04 -11.80 -3.44
C SER A 101 -10.31 -11.28 -4.09
N TRP A 102 -11.31 -12.16 -4.21
CA TRP A 102 -12.57 -11.75 -4.84
C TRP A 102 -13.11 -10.49 -4.18
N GLY A 103 -12.48 -10.11 -3.08
CA GLY A 103 -12.88 -8.91 -2.37
C GLY A 103 -12.12 -7.71 -2.91
N CYS A 104 -10.94 -7.46 -2.35
CA CYS A 104 -10.12 -6.34 -2.79
C CYS A 104 -9.01 -6.78 -3.75
N ALA A 105 -8.09 -7.58 -3.25
CA ALA A 105 -6.97 -8.06 -4.06
C ALA A 105 -7.42 -8.43 -5.47
N GLY A 106 -8.37 -9.37 -5.57
CA GLY A 106 -8.87 -9.79 -6.86
C GLY A 106 -9.06 -8.60 -7.79
N GLU A 107 -9.53 -7.49 -7.24
CA GLU A 107 -9.75 -6.29 -8.04
C GLU A 107 -8.40 -5.72 -8.48
N VAL A 108 -7.44 -5.69 -7.57
CA VAL A 108 -6.12 -5.18 -7.89
C VAL A 108 -5.46 -6.02 -8.97
N ARG A 109 -5.76 -7.32 -8.97
CA ARG A 109 -5.18 -8.23 -9.96
C ARG A 109 -5.65 -7.85 -11.37
N ALA A 110 -6.95 -7.96 -11.60
CA ALA A 110 -7.52 -7.63 -12.90
C ALA A 110 -6.91 -6.33 -13.43
N PHE A 111 -6.74 -5.37 -12.55
CA PHE A 111 -6.16 -4.08 -12.93
C PHE A 111 -4.73 -4.23 -13.42
N LEU A 112 -3.92 -4.99 -12.68
CA LEU A 112 -2.52 -5.19 -13.05
C LEU A 112 -2.40 -5.62 -14.50
N GLN A 113 -3.34 -6.44 -14.99
CA GLN A 113 -3.29 -6.89 -16.38
C GLN A 113 -3.91 -5.86 -17.31
N GLU A 114 -4.96 -5.21 -16.86
CA GLU A 114 -5.64 -4.21 -17.66
C GLU A 114 -4.66 -3.12 -18.11
N ASN A 115 -3.76 -2.75 -17.21
CA ASN A 115 -2.77 -1.73 -17.51
C ASN A 115 -1.36 -2.25 -17.22
N THR A 116 -0.80 -3.00 -18.18
CA THR A 116 0.54 -3.54 -18.00
C THR A 116 1.58 -2.42 -18.02
N HIS A 117 1.19 -1.28 -18.59
CA HIS A 117 2.09 -0.14 -18.67
C HIS A 117 2.47 0.32 -17.26
N VAL A 118 1.49 0.31 -16.36
CA VAL A 118 1.73 0.71 -14.99
C VAL A 118 1.81 -0.52 -14.08
N ARG A 119 2.90 -0.62 -13.36
CA ARG A 119 3.12 -1.74 -12.45
C ARG A 119 2.74 -1.34 -11.03
N LEU A 120 2.48 -2.34 -10.19
CA LEU A 120 2.10 -2.05 -8.81
C LEU A 120 2.85 -2.97 -7.84
N ARG A 121 3.45 -2.36 -6.83
CA ARG A 121 4.20 -3.11 -5.81
C ARG A 121 3.53 -2.94 -4.46
N ILE A 122 3.44 -4.02 -3.70
CA ILE A 122 2.81 -3.98 -2.39
C ILE A 122 3.83 -3.98 -1.27
N PHE A 123 3.48 -3.33 -0.18
CA PHE A 123 4.35 -3.28 0.98
C PHE A 123 3.50 -3.14 2.24
N ALA A 124 3.50 -4.19 3.06
CA ALA A 124 2.71 -4.17 4.29
C ALA A 124 3.62 -4.00 5.50
N ALA A 125 3.06 -3.45 6.57
CA ALA A 125 3.83 -3.22 7.79
C ALA A 125 3.55 -4.32 8.82
N ARG A 126 2.29 -4.74 8.90
CA ARG A 126 1.91 -5.78 9.85
C ARG A 126 1.01 -6.82 9.17
N ILE A 127 1.23 -8.08 9.50
CA ILE A 127 0.43 -9.16 8.93
C ILE A 127 -0.80 -9.44 9.77
N TYR A 128 -1.94 -9.62 9.11
CA TYR A 128 -3.19 -9.89 9.80
C TYR A 128 -3.28 -11.35 10.21
N ASP A 129 -3.23 -11.61 11.51
CA ASP A 129 -3.30 -12.97 12.02
C ASP A 129 -4.75 -13.43 12.16
N TYR A 130 -5.63 -12.49 12.50
CA TYR A 130 -7.04 -12.81 12.66
C TYR A 130 -7.70 -13.03 11.30
N ASP A 131 -6.89 -13.28 10.29
CA ASP A 131 -7.40 -13.50 8.94
C ASP A 131 -6.34 -14.16 8.06
N PRO A 132 -6.17 -15.45 8.19
CA PRO A 132 -5.15 -16.20 7.38
C PRO A 132 -5.64 -16.50 5.96
N LEU A 133 -6.57 -15.67 5.48
CA LEU A 133 -7.11 -15.86 4.14
C LEU A 133 -6.32 -15.02 3.14
N TYR A 134 -5.82 -13.87 3.61
CA TYR A 134 -5.05 -12.98 2.74
C TYR A 134 -3.87 -13.73 2.13
N LYS A 135 -3.45 -14.80 2.79
CA LYS A 135 -2.33 -15.59 2.30
C LYS A 135 -2.58 -16.04 0.86
N GLU A 136 -3.66 -16.80 0.67
CA GLU A 136 -4.00 -17.27 -0.67
C GLU A 136 -4.21 -16.09 -1.60
N ALA A 137 -4.91 -15.08 -1.10
CA ALA A 137 -5.18 -13.88 -1.89
C ALA A 137 -3.86 -13.23 -2.29
N LEU A 138 -2.80 -13.52 -1.54
CA LEU A 138 -1.49 -12.94 -1.82
C LEU A 138 -0.84 -13.66 -3.00
N GLN A 139 -0.65 -14.97 -2.87
CA GLN A 139 -0.02 -15.75 -3.93
C GLN A 139 -0.59 -15.37 -5.30
N MET A 140 -1.90 -15.44 -5.44
CA MET A 140 -2.53 -15.11 -6.71
C MET A 140 -2.23 -13.67 -7.10
N LEU A 141 -2.21 -12.76 -6.12
CA LEU A 141 -1.93 -11.36 -6.42
C LEU A 141 -0.61 -11.21 -7.18
N ARG A 142 0.49 -11.60 -6.54
CA ARG A 142 1.79 -11.50 -7.19
C ARG A 142 1.71 -12.04 -8.61
N ASP A 143 0.96 -13.12 -8.77
CA ASP A 143 0.79 -13.74 -10.09
C ASP A 143 0.29 -12.69 -11.08
N ALA A 144 -0.51 -11.75 -10.59
CA ALA A 144 -1.04 -10.70 -11.45
C ALA A 144 0.09 -9.85 -12.03
N GLY A 145 1.29 -10.05 -11.49
CA GLY A 145 2.46 -9.31 -11.94
C GLY A 145 2.99 -8.39 -10.85
N ALA A 146 2.12 -8.06 -9.90
CA ALA A 146 2.50 -7.19 -8.79
C ALA A 146 3.57 -7.86 -7.94
N GLN A 147 4.22 -7.07 -7.09
CA GLN A 147 5.27 -7.60 -6.22
C GLN A 147 5.10 -7.10 -4.80
N VAL A 148 4.90 -8.02 -3.86
CA VAL A 148 4.72 -7.64 -2.46
C VAL A 148 5.96 -7.95 -1.63
N SER A 149 6.12 -7.23 -0.53
CA SER A 149 7.25 -7.42 0.36
C SER A 149 6.99 -6.75 1.71
N ILE A 150 7.93 -6.90 2.63
CA ILE A 150 7.78 -6.30 3.95
C ILE A 150 8.53 -4.97 4.02
N MET A 151 7.95 -4.00 4.73
CA MET A 151 8.57 -2.69 4.87
C MET A 151 9.91 -2.80 5.59
N THR A 152 10.97 -2.34 4.93
CA THR A 152 12.30 -2.38 5.51
C THR A 152 12.66 -1.03 6.12
N TYR A 153 13.93 -0.88 6.49
CA TYR A 153 14.39 0.37 7.09
C TYR A 153 14.30 1.51 6.08
N ASP A 154 15.01 1.38 4.97
CA ASP A 154 15.01 2.40 3.93
C ASP A 154 13.61 2.62 3.39
N GLU A 155 12.95 1.52 3.00
CA GLU A 155 11.60 1.61 2.46
C GLU A 155 10.72 2.51 3.33
N PHE A 156 10.87 2.38 4.64
CA PHE A 156 10.09 3.19 5.58
C PHE A 156 10.50 4.66 5.48
N GLU A 157 11.80 4.90 5.29
CA GLU A 157 12.31 6.26 5.19
C GLU A 157 11.78 6.95 3.94
N TYR A 158 11.93 6.28 2.80
CA TYR A 158 11.47 6.83 1.52
C TYR A 158 9.97 7.13 1.57
N CYS A 159 9.22 6.29 2.29
CA CYS A 159 7.79 6.48 2.40
C CYS A 159 7.46 7.54 3.44
N TRP A 160 8.25 7.58 4.51
CA TRP A 160 8.04 8.55 5.58
C TRP A 160 8.28 9.97 5.08
N ASP A 161 9.31 10.13 4.26
CA ASP A 161 9.65 11.46 3.73
C ASP A 161 8.83 11.77 2.48
N THR A 162 8.34 10.73 1.81
CA THR A 162 7.55 10.93 0.59
C THR A 162 6.09 11.22 0.92
N PHE A 163 5.52 10.45 1.84
CA PHE A 163 4.13 10.63 2.22
C PHE A 163 4.00 11.67 3.34
N VAL A 164 4.83 11.52 4.37
CA VAL A 164 4.79 12.45 5.50
C VAL A 164 6.05 13.31 5.52
N TYR A 165 6.06 14.37 4.72
CA TYR A 165 7.21 15.26 4.66
C TYR A 165 7.05 16.39 5.67
N ARG A 166 8.04 16.53 6.55
CA ARG A 166 8.01 17.58 7.57
C ARG A 166 9.37 18.26 7.67
N GLN A 167 9.54 19.37 6.97
CA GLN A 167 10.79 20.11 7.00
C GLN A 167 11.98 19.16 6.83
N GLY A 168 11.76 18.02 6.19
CA GLY A 168 12.83 17.06 5.96
C GLY A 168 13.25 16.38 7.25
N CYS A 169 12.36 16.35 8.24
CA CYS A 169 12.66 15.72 9.52
C CYS A 169 13.04 14.24 9.32
N PRO A 170 13.81 13.67 10.22
CA PRO A 170 14.22 12.24 10.13
C PRO A 170 13.07 11.29 10.45
N PHE A 171 13.31 9.99 10.24
CA PHE A 171 12.29 8.99 10.51
C PHE A 171 12.46 8.41 11.91
N GLN A 172 11.34 8.01 12.51
CA GLN A 172 11.36 7.44 13.85
C GLN A 172 11.08 5.93 13.82
N PRO A 173 12.10 5.10 13.83
CA PRO A 173 11.90 3.62 13.80
C PRO A 173 11.62 3.04 15.18
N TRP A 174 11.05 3.87 16.06
CA TRP A 174 10.72 3.45 17.42
C TRP A 174 11.76 2.47 17.96
N ASP A 175 11.54 1.18 17.69
CA ASP A 175 12.47 0.15 18.15
C ASP A 175 12.10 -1.20 17.54
N GLY A 176 10.81 -1.39 17.26
CA GLY A 176 10.34 -2.64 16.68
C GLY A 176 10.51 -2.65 15.16
N LEU A 177 10.89 -1.50 14.60
CA LEU A 177 11.09 -1.40 13.16
C LEU A 177 11.94 -2.56 12.65
N GLU A 178 13.17 -2.63 13.14
CA GLU A 178 14.08 -3.70 12.73
C GLU A 178 13.61 -5.05 13.26
N GLU A 179 13.43 -5.14 14.57
CA GLU A 179 13.00 -6.38 15.20
C GLU A 179 11.85 -7.01 14.41
N HIS A 180 10.96 -6.17 13.89
CA HIS A 180 9.82 -6.66 13.12
C HIS A 180 10.26 -7.06 11.70
N SER A 181 11.08 -6.23 11.09
CA SER A 181 11.55 -6.51 9.73
C SER A 181 12.02 -7.96 9.62
N GLN A 182 12.69 -8.45 10.66
CA GLN A 182 13.19 -9.82 10.67
C GLN A 182 12.05 -10.80 10.95
N ALA A 183 11.42 -10.65 12.12
CA ALA A 183 10.33 -11.52 12.51
C ALA A 183 9.33 -11.67 11.37
N LEU A 184 8.73 -10.55 10.97
CA LEU A 184 7.74 -10.57 9.90
C LEU A 184 8.32 -11.21 8.65
N SER A 185 9.48 -10.72 8.20
CA SER A 185 10.12 -11.27 7.02
C SER A 185 10.09 -12.79 7.05
N GLY A 186 10.64 -13.37 8.11
CA GLY A 186 10.67 -14.82 8.25
C GLY A 186 9.31 -15.42 7.89
N ARG A 187 8.26 -14.89 8.49
CA ARG A 187 6.91 -15.38 8.22
C ARG A 187 6.53 -15.10 6.76
N LEU A 188 6.48 -13.82 6.41
CA LEU A 188 6.12 -13.43 5.05
C LEU A 188 6.80 -14.34 4.03
N ARG A 189 8.13 -14.31 4.02
CA ARG A 189 8.89 -15.13 3.09
C ARG A 189 8.33 -16.55 3.06
N ALA A 190 8.01 -17.08 4.24
CA ALA A 190 7.46 -18.43 4.34
C ALA A 190 6.13 -18.51 3.59
N ILE A 191 5.42 -17.39 3.53
CA ILE A 191 4.13 -17.35 2.84
C ILE A 191 4.33 -17.17 1.34
N LEU A 192 5.44 -16.57 0.97
CA LEU A 192 5.75 -16.34 -0.45
C LEU A 192 6.03 -17.65 -1.14
N GLN A 193 5.80 -18.76 -0.43
CA GLN A 193 6.03 -20.08 -0.98
C GLN A 193 4.95 -21.04 -0.50
N ASN A 194 4.91 -21.24 0.82
CA ASN A 194 3.92 -22.14 1.42
C ASN A 194 3.73 -23.39 0.55
N GLN A 195 2.62 -24.08 0.76
CA GLN A 195 2.32 -25.30 0.00
C GLN A 195 1.00 -25.15 -0.74
N GLY A 196 0.14 -24.26 -0.25
CA GLY A 196 -1.15 -24.04 -0.88
C GLY A 196 -2.13 -25.15 -0.51
N ASN A 197 -2.75 -25.74 -1.53
CA ASN A 197 -3.71 -26.82 -1.31
C ASN A 197 -3.82 -27.70 -2.54
ZN ZN B . -9.89 -3.88 1.24
N MET A 1 1.82 27.46 -9.04
CA MET A 1 2.01 27.81 -7.61
C MET A 1 0.97 27.09 -6.76
N GLU A 2 1.33 26.79 -5.52
CA GLU A 2 0.41 26.10 -4.61
C GLU A 2 -0.07 24.79 -5.22
N ILE A 3 0.34 23.68 -4.62
CA ILE A 3 -0.05 22.36 -5.11
C ILE A 3 -1.28 21.86 -4.36
N LEU A 4 -2.18 21.21 -5.08
CA LEU A 4 -3.40 20.68 -4.47
C LEU A 4 -3.12 19.33 -3.82
N ARG A 5 -2.55 19.37 -2.62
CA ARG A 5 -2.23 18.15 -1.89
C ARG A 5 -2.24 18.42 -0.39
N TYR A 6 -1.84 17.42 0.38
CA TYR A 6 -1.80 17.53 1.82
C TYR A 6 -1.25 16.25 2.42
N LEU A 7 -0.40 16.41 3.42
CA LEU A 7 0.21 15.27 4.09
C LEU A 7 -0.67 14.76 5.23
N MET A 8 -0.92 13.45 5.23
CA MET A 8 -1.74 12.84 6.26
C MET A 8 -1.25 13.25 7.65
N ASP A 9 -2.18 13.35 8.59
CA ASP A 9 -1.81 13.73 9.95
C ASP A 9 -0.62 12.89 10.44
N PRO A 10 0.56 13.47 10.60
CA PRO A 10 1.74 12.71 11.07
C PRO A 10 1.42 11.80 12.27
N ASP A 11 0.89 12.41 13.33
CA ASP A 11 0.54 11.66 14.52
C ASP A 11 -0.23 10.39 14.17
N THR A 12 -1.19 10.53 13.26
CA THR A 12 -2.01 9.39 12.84
C THR A 12 -1.17 8.39 12.05
N PHE A 13 -0.61 8.85 10.93
CA PHE A 13 0.22 7.99 10.09
C PHE A 13 1.20 7.20 10.94
N THR A 14 1.72 7.82 11.99
CA THR A 14 2.66 7.17 12.88
C THR A 14 1.96 6.13 13.74
N PHE A 15 0.81 6.51 14.28
CA PHE A 15 0.03 5.61 15.13
C PHE A 15 -0.38 4.36 14.35
N ASN A 16 -1.02 4.57 13.20
CA ASN A 16 -1.46 3.46 12.37
C ASN A 16 -0.32 2.49 12.12
N PHE A 17 0.73 2.97 11.45
CA PHE A 17 1.88 2.12 11.16
C PHE A 17 2.48 1.56 12.44
N ASN A 18 2.43 2.35 13.52
CA ASN A 18 2.97 1.92 14.80
C ASN A 18 1.95 1.07 15.55
N ASN A 19 0.76 0.92 14.97
CA ASN A 19 -0.29 0.12 15.60
C ASN A 19 0.12 -1.34 15.69
N ASP A 20 0.96 -1.65 16.68
CA ASP A 20 1.42 -3.02 16.87
C ASP A 20 0.52 -3.76 17.86
N PRO A 21 0.12 -3.13 18.93
CA PRO A 21 -0.75 -3.75 19.96
C PRO A 21 -2.23 -3.59 19.64
N LEU A 22 -3.03 -4.56 20.05
CA LEU A 22 -4.47 -4.52 19.80
C LEU A 22 -4.76 -4.32 18.32
N VAL A 23 -6.01 -4.51 17.93
CA VAL A 23 -6.40 -4.35 16.53
C VAL A 23 -6.66 -2.89 16.22
N LEU A 24 -7.41 -2.23 17.11
CA LEU A 24 -7.74 -0.82 16.92
C LEU A 24 -8.04 -0.52 15.46
N ARG A 25 -8.59 -1.51 14.76
CA ARG A 25 -8.93 -1.35 13.35
C ARG A 25 -10.30 -1.94 13.05
N ARG A 26 -11.35 -1.19 13.38
CA ARG A 26 -12.71 -1.66 13.13
C ARG A 26 -13.01 -1.64 11.63
N ARG A 27 -12.25 -2.43 10.88
CA ARG A 27 -12.45 -2.50 9.44
C ARG A 27 -11.89 -1.26 8.77
N GLN A 28 -11.09 -0.49 9.51
CA GLN A 28 -10.48 0.72 8.98
C GLN A 28 -9.10 0.45 8.42
N THR A 29 -8.98 0.51 7.10
CA THR A 29 -7.71 0.27 6.44
C THR A 29 -7.13 1.57 5.90
N TYR A 30 -5.82 1.61 5.71
CA TYR A 30 -5.16 2.80 5.20
C TYR A 30 -4.00 2.42 4.29
N LEU A 31 -4.05 2.91 3.05
CA LEU A 31 -3.00 2.63 2.08
C LEU A 31 -2.53 3.91 1.39
N CYS A 32 -1.23 4.01 1.18
CA CYS A 32 -0.65 5.19 0.55
C CYS A 32 -0.16 4.84 -0.85
N TYR A 33 -0.70 5.52 -1.86
CA TYR A 33 -0.32 5.27 -3.23
C TYR A 33 0.52 6.40 -3.81
N GLU A 34 1.51 6.02 -4.60
CA GLU A 34 2.37 6.98 -5.26
C GLU A 34 2.57 6.55 -6.71
N VAL A 35 3.08 7.43 -7.54
CA VAL A 35 3.32 7.10 -8.94
C VAL A 35 4.74 7.44 -9.35
N GLU A 36 5.42 6.45 -9.92
CA GLU A 36 6.80 6.64 -10.35
C GLU A 36 6.92 6.58 -11.87
N ARG A 37 7.69 7.51 -12.43
CA ARG A 37 7.90 7.55 -13.87
C ARG A 37 9.37 7.34 -14.16
N LEU A 38 9.70 6.23 -14.80
CA LEU A 38 11.09 5.94 -15.09
C LEU A 38 11.67 6.95 -16.07
N ASP A 39 12.44 7.90 -15.53
CA ASP A 39 13.06 8.93 -16.35
C ASP A 39 14.58 8.87 -16.22
N ASN A 40 15.27 8.84 -17.36
CA ASN A 40 16.73 8.80 -17.37
C ASN A 40 17.24 7.45 -16.87
N GLY A 41 16.42 6.41 -16.98
CA GLY A 41 16.82 5.08 -16.53
C GLY A 41 16.69 4.94 -15.02
N THR A 42 16.00 5.89 -14.39
CA THR A 42 15.81 5.84 -12.96
C THR A 42 14.37 6.20 -12.62
N TRP A 43 13.92 5.74 -11.47
CA TRP A 43 12.55 6.03 -11.05
C TRP A 43 12.46 7.41 -10.45
N VAL A 44 11.44 8.16 -10.86
CA VAL A 44 11.24 9.52 -10.37
C VAL A 44 9.86 9.63 -9.72
N LEU A 45 9.79 10.32 -8.59
CA LEU A 45 8.53 10.46 -7.89
C LEU A 45 7.76 11.67 -8.41
N MET A 46 6.48 11.47 -8.71
CA MET A 46 5.64 12.56 -9.21
C MET A 46 4.61 12.95 -8.16
N ASP A 47 4.82 14.12 -7.55
CA ASP A 47 3.91 14.61 -6.52
C ASP A 47 2.55 14.96 -7.12
N GLN A 48 2.55 15.30 -8.40
CA GLN A 48 1.31 15.66 -9.08
C GLN A 48 0.37 14.46 -9.21
N HIS A 49 0.92 13.26 -9.07
CA HIS A 49 0.12 12.05 -9.17
C HIS A 49 0.31 11.17 -7.94
N MET A 50 0.63 11.81 -6.82
CA MET A 50 0.83 11.09 -5.56
C MET A 50 -0.25 11.45 -4.55
N GLY A 51 -0.48 10.57 -3.59
CA GLY A 51 -1.50 10.81 -2.57
C GLY A 51 -1.91 9.51 -1.90
N PHE A 52 -2.63 9.62 -0.79
CA PHE A 52 -3.09 8.43 -0.06
C PHE A 52 -4.61 8.39 -0.03
N LEU A 53 -5.14 7.27 0.47
CA LEU A 53 -6.59 7.10 0.54
C LEU A 53 -6.95 6.13 1.65
N CYS A 54 -8.07 6.39 2.32
CA CYS A 54 -8.50 5.52 3.41
C CYS A 54 -9.57 4.55 2.92
N ASN A 55 -10.10 3.75 3.85
CA ASN A 55 -11.13 2.77 3.50
C ASN A 55 -12.40 3.47 3.01
N GLU A 56 -13.19 3.97 3.95
CA GLU A 56 -14.43 4.66 3.60
C GLU A 56 -14.14 5.96 2.85
N ALA A 57 -14.81 6.15 1.73
CA ALA A 57 -14.61 7.35 0.92
C ALA A 57 -15.63 7.41 -0.22
N LYS A 58 -16.66 8.24 -0.03
CA LYS A 58 -17.70 8.38 -1.05
C LYS A 58 -18.12 7.01 -1.57
N ASN A 59 -19.19 6.47 -0.99
CA ASN A 59 -19.70 5.17 -1.39
C ASN A 59 -21.22 5.15 -1.35
N LEU A 60 -21.79 5.71 -0.29
CA LEU A 60 -23.24 5.75 -0.14
C LEU A 60 -23.91 6.15 -1.46
N LEU A 61 -23.30 7.09 -2.16
CA LEU A 61 -23.83 7.55 -3.43
C LEU A 61 -23.56 6.53 -4.54
N CYS A 62 -22.32 6.04 -4.58
CA CYS A 62 -21.95 5.05 -5.59
C CYS A 62 -22.66 3.73 -5.34
N GLY A 63 -23.16 3.54 -4.12
CA GLY A 63 -23.86 2.33 -3.76
C GLY A 63 -22.90 1.13 -3.72
N PHE A 64 -21.61 1.42 -3.55
CA PHE A 64 -20.61 0.36 -3.49
C PHE A 64 -20.58 -0.28 -2.12
N TYR A 65 -20.58 -1.61 -2.09
CA TYR A 65 -20.55 -2.34 -0.82
C TYR A 65 -19.13 -2.78 -0.47
N GLY A 66 -18.62 -2.26 0.64
CA GLY A 66 -17.27 -2.59 1.08
C GLY A 66 -16.36 -1.38 1.06
N ARG A 67 -16.05 -0.86 2.25
CA ARG A 67 -15.18 0.31 2.35
C ARG A 67 -13.72 -0.11 2.36
N HIS A 68 -13.10 -0.10 1.18
CA HIS A 68 -11.70 -0.48 1.06
C HIS A 68 -10.93 0.53 0.20
N ALA A 69 -9.75 0.92 0.67
CA ALA A 69 -8.94 1.89 -0.05
C ALA A 69 -8.49 1.31 -1.39
N GLU A 70 -7.93 0.11 -1.36
CA GLU A 70 -7.47 -0.54 -2.59
C GLU A 70 -8.49 -0.34 -3.70
N LEU A 71 -9.77 -0.40 -3.35
CA LEU A 71 -10.82 -0.22 -4.34
C LEU A 71 -10.81 1.22 -4.84
N ARG A 72 -10.91 2.16 -3.90
CA ARG A 72 -10.90 3.57 -4.26
C ARG A 72 -9.79 3.85 -5.26
N PHE A 73 -8.62 3.22 -5.05
CA PHE A 73 -7.51 3.42 -5.96
C PHE A 73 -7.93 3.06 -7.37
N LEU A 74 -8.28 1.79 -7.58
CA LEU A 74 -8.68 1.33 -8.89
C LEU A 74 -9.65 2.32 -9.54
N ASP A 75 -10.26 3.16 -8.73
CA ASP A 75 -11.21 4.15 -9.25
C ASP A 75 -10.54 5.46 -9.66
N LEU A 76 -9.51 5.88 -8.92
CA LEU A 76 -8.83 7.15 -9.23
C LEU A 76 -7.60 6.99 -10.13
N VAL A 77 -7.25 5.75 -10.50
CA VAL A 77 -6.08 5.56 -11.36
C VAL A 77 -6.21 6.37 -12.64
N PRO A 78 -7.39 6.45 -13.24
CA PRO A 78 -7.58 7.23 -14.49
C PRO A 78 -7.29 8.71 -14.26
N SER A 79 -7.35 9.13 -13.00
CA SER A 79 -7.08 10.51 -12.65
C SER A 79 -5.58 10.79 -12.71
N LEU A 80 -4.80 9.71 -12.78
CA LEU A 80 -3.34 9.84 -12.83
C LEU A 80 -2.89 10.04 -14.28
N GLN A 81 -3.85 10.02 -15.19
CA GLN A 81 -3.56 10.21 -16.60
C GLN A 81 -2.41 9.34 -17.08
N LEU A 82 -2.52 8.03 -16.85
CA LEU A 82 -1.48 7.11 -17.28
C LEU A 82 -1.52 6.94 -18.80
N ASP A 83 -0.42 6.45 -19.38
CA ASP A 83 -0.37 6.25 -20.82
C ASP A 83 0.62 5.13 -21.16
N PRO A 84 0.44 4.44 -22.26
CA PRO A 84 1.36 3.35 -22.68
C PRO A 84 2.66 3.88 -23.27
N ALA A 85 2.72 5.20 -23.38
CA ALA A 85 3.90 5.86 -23.92
C ALA A 85 5.16 5.38 -23.21
N GLN A 86 5.29 5.75 -21.94
CA GLN A 86 6.45 5.36 -21.15
C GLN A 86 6.12 4.23 -20.20
N ILE A 87 6.91 4.10 -19.13
CA ILE A 87 6.69 3.05 -18.14
C ILE A 87 6.51 3.68 -16.76
N TYR A 88 5.41 3.32 -16.10
CA TYR A 88 5.12 3.84 -14.78
C TYR A 88 5.11 2.71 -13.75
N ARG A 89 5.05 3.08 -12.47
CA ARG A 89 5.03 2.11 -11.40
C ARG A 89 4.56 2.77 -10.11
N VAL A 90 3.50 2.22 -9.51
CA VAL A 90 2.96 2.78 -8.28
C VAL A 90 3.33 1.92 -7.08
N THR A 91 3.52 2.58 -5.93
CA THR A 91 3.86 1.87 -4.71
C THR A 91 2.75 2.03 -3.67
N TRP A 92 2.37 0.93 -3.05
CA TRP A 92 1.32 0.95 -2.04
C TRP A 92 1.88 0.72 -0.64
N PHE A 93 1.65 1.66 0.27
CA PHE A 93 2.12 1.50 1.65
C PHE A 93 0.91 1.37 2.56
N ILE A 94 0.68 0.15 3.06
CA ILE A 94 -0.47 -0.12 3.90
C ILE A 94 -0.05 -0.63 5.28
N SER A 95 -0.95 -0.43 6.26
CA SER A 95 -0.68 -0.87 7.63
C SER A 95 -1.32 -2.24 7.90
N TRP A 96 -1.31 -3.10 6.88
CA TRP A 96 -1.89 -4.44 7.00
C TRP A 96 -2.12 -5.03 5.62
N SER A 97 -1.49 -6.17 5.35
CA SER A 97 -1.64 -6.83 4.05
C SER A 97 -3.07 -6.68 3.52
N PRO A 98 -3.26 -6.78 2.23
CA PRO A 98 -4.62 -6.65 1.61
C PRO A 98 -5.63 -7.59 2.23
N CYS A 99 -6.91 -7.26 2.06
CA CYS A 99 -7.97 -8.10 2.61
C CYS A 99 -8.18 -9.34 1.76
N PHE A 100 -9.39 -9.88 1.77
CA PHE A 100 -9.67 -11.09 1.00
C PHE A 100 -9.84 -10.78 -0.50
N SER A 101 -9.40 -11.73 -1.31
CA SER A 101 -9.46 -11.62 -2.78
C SER A 101 -10.62 -10.76 -3.25
N TRP A 102 -11.83 -11.33 -3.22
CA TRP A 102 -13.03 -10.63 -3.67
C TRP A 102 -12.96 -9.14 -3.34
N GLY A 103 -12.20 -8.80 -2.30
CA GLY A 103 -12.07 -7.42 -1.87
C GLY A 103 -10.86 -6.73 -2.51
N CYS A 104 -9.67 -7.02 -1.99
CA CYS A 104 -8.46 -6.38 -2.50
C CYS A 104 -7.71 -7.27 -3.50
N ALA A 105 -7.06 -8.31 -3.02
CA ALA A 105 -6.30 -9.20 -3.89
C ALA A 105 -7.06 -9.48 -5.19
N GLY A 106 -8.38 -9.58 -5.09
CA GLY A 106 -9.20 -9.85 -6.27
C GLY A 106 -9.20 -8.64 -7.20
N GLU A 107 -9.44 -7.46 -6.65
CA GLU A 107 -9.47 -6.24 -7.44
C GLU A 107 -8.06 -5.86 -7.90
N VAL A 108 -7.15 -5.73 -6.95
CA VAL A 108 -5.77 -5.37 -7.26
C VAL A 108 -5.28 -6.20 -8.45
N ARG A 109 -5.67 -7.47 -8.48
CA ARG A 109 -5.26 -8.35 -9.57
C ARG A 109 -5.84 -7.85 -10.89
N ALA A 110 -7.16 -7.73 -10.95
CA ALA A 110 -7.82 -7.25 -12.15
C ALA A 110 -7.10 -6.03 -12.72
N PHE A 111 -6.69 -5.14 -11.83
CA PHE A 111 -6.00 -3.94 -12.24
C PHE A 111 -4.66 -4.27 -12.87
N LEU A 112 -3.82 -4.97 -12.12
CA LEU A 112 -2.50 -5.35 -12.61
C LEU A 112 -2.58 -5.82 -14.06
N GLN A 113 -3.74 -6.35 -14.45
CA GLN A 113 -3.91 -6.82 -15.82
C GLN A 113 -4.44 -5.71 -16.71
N GLU A 114 -5.39 -4.94 -16.19
CA GLU A 114 -5.99 -3.85 -16.95
C GLU A 114 -4.92 -2.86 -17.43
N ASN A 115 -3.93 -2.62 -16.57
CA ASN A 115 -2.86 -1.69 -16.91
C ASN A 115 -1.50 -2.35 -16.70
N THR A 116 -0.93 -2.89 -17.77
CA THR A 116 0.38 -3.54 -17.69
C THR A 116 1.48 -2.50 -17.81
N HIS A 117 1.16 -1.36 -18.41
CA HIS A 117 2.13 -0.29 -18.59
C HIS A 117 2.60 0.22 -17.22
N VAL A 118 1.72 0.11 -16.23
CA VAL A 118 2.05 0.56 -14.88
C VAL A 118 2.15 -0.64 -13.94
N ARG A 119 3.24 -0.71 -13.21
CA ARG A 119 3.47 -1.78 -12.27
C ARG A 119 3.01 -1.37 -10.88
N LEU A 120 2.73 -2.34 -10.02
CA LEU A 120 2.27 -2.04 -8.67
C LEU A 120 2.95 -2.94 -7.65
N ARG A 121 3.62 -2.32 -6.70
CA ARG A 121 4.30 -3.06 -5.64
C ARG A 121 3.67 -2.72 -4.30
N ILE A 122 3.36 -3.76 -3.52
CA ILE A 122 2.74 -3.56 -2.23
C ILE A 122 3.71 -3.74 -1.09
N PHE A 123 3.38 -3.12 0.02
CA PHE A 123 4.20 -3.19 1.21
C PHE A 123 3.33 -2.99 2.45
N ALA A 124 3.18 -4.04 3.25
CA ALA A 124 2.38 -3.96 4.46
C ALA A 124 3.28 -3.71 5.67
N ALA A 125 2.70 -3.18 6.74
CA ALA A 125 3.47 -2.88 7.94
C ALA A 125 3.43 -4.07 8.90
N ARG A 126 2.25 -4.62 9.12
CA ARG A 126 2.09 -5.75 10.02
C ARG A 126 1.03 -6.72 9.49
N ILE A 127 1.41 -8.00 9.41
CA ILE A 127 0.50 -9.02 8.92
C ILE A 127 -0.28 -9.64 10.07
N TYR A 128 -1.60 -9.43 10.06
CA TYR A 128 -2.44 -9.98 11.12
C TYR A 128 -2.75 -11.45 10.84
N ASP A 129 -1.83 -12.31 11.24
CA ASP A 129 -2.00 -13.75 11.05
C ASP A 129 -3.41 -14.19 11.45
N TYR A 130 -4.11 -13.32 12.16
CA TYR A 130 -5.47 -13.63 12.60
C TYR A 130 -6.38 -13.86 11.40
N ASP A 131 -5.85 -13.64 10.20
CA ASP A 131 -6.61 -13.84 8.98
C ASP A 131 -5.79 -14.59 7.95
N PRO A 132 -5.62 -15.87 8.15
CA PRO A 132 -4.83 -16.74 7.21
C PRO A 132 -5.25 -16.57 5.76
N LEU A 133 -6.55 -16.34 5.53
CA LEU A 133 -7.05 -16.16 4.18
C LEU A 133 -6.12 -15.25 3.38
N TYR A 134 -5.74 -14.12 4.00
CA TYR A 134 -4.86 -13.17 3.34
C TYR A 134 -3.71 -13.89 2.63
N LYS A 135 -3.32 -15.04 3.16
CA LYS A 135 -2.23 -15.81 2.58
C LYS A 135 -2.58 -16.21 1.14
N GLU A 136 -3.67 -16.95 0.97
CA GLU A 136 -4.10 -17.38 -0.35
C GLU A 136 -4.17 -16.18 -1.29
N ALA A 137 -4.80 -15.11 -0.82
CA ALA A 137 -4.93 -13.91 -1.63
C ALA A 137 -3.55 -13.40 -2.04
N LEU A 138 -2.56 -13.62 -1.17
CA LEU A 138 -1.20 -13.18 -1.45
C LEU A 138 -0.68 -13.84 -2.73
N GLN A 139 -0.80 -15.17 -2.79
CA GLN A 139 -0.33 -15.90 -3.96
C GLN A 139 -1.05 -15.40 -5.21
N MET A 140 -2.36 -15.25 -5.10
CA MET A 140 -3.16 -14.79 -6.24
C MET A 140 -2.84 -13.33 -6.57
N LEU A 141 -2.31 -12.60 -5.60
CA LEU A 141 -1.98 -11.20 -5.80
C LEU A 141 -0.77 -11.07 -6.73
N ARG A 142 0.37 -11.59 -6.28
CA ARG A 142 1.59 -11.51 -7.07
C ARG A 142 1.39 -12.16 -8.43
N ASP A 143 0.49 -13.14 -8.48
CA ASP A 143 0.22 -13.84 -9.73
C ASP A 143 -0.15 -12.84 -10.82
N ALA A 144 -0.62 -11.67 -10.41
CA ALA A 144 -1.00 -10.64 -11.38
C ALA A 144 0.23 -9.87 -11.85
N GLY A 145 1.34 -10.07 -11.14
CA GLY A 145 2.58 -9.39 -11.49
C GLY A 145 3.05 -8.47 -10.37
N ALA A 146 2.11 -8.05 -9.53
CA ALA A 146 2.45 -7.16 -8.42
C ALA A 146 3.43 -7.84 -7.48
N GLN A 147 4.03 -7.05 -6.58
CA GLN A 147 5.00 -7.60 -5.64
C GLN A 147 4.74 -7.09 -4.22
N VAL A 148 4.43 -8.01 -3.31
CA VAL A 148 4.18 -7.65 -1.92
C VAL A 148 5.35 -8.04 -1.03
N SER A 149 5.65 -7.20 -0.05
CA SER A 149 6.75 -7.47 0.87
C SER A 149 6.52 -6.75 2.19
N ILE A 150 7.43 -6.95 3.15
CA ILE A 150 7.30 -6.31 4.45
C ILE A 150 8.07 -4.99 4.48
N MET A 151 7.56 -4.04 5.26
CA MET A 151 8.19 -2.73 5.36
C MET A 151 9.57 -2.84 5.98
N THR A 152 10.57 -2.31 5.29
CA THR A 152 11.95 -2.35 5.77
C THR A 152 12.32 -1.03 6.42
N TYR A 153 13.57 -0.92 6.86
CA TYR A 153 14.04 0.31 7.50
C TYR A 153 14.10 1.44 6.49
N ASP A 154 14.82 1.22 5.39
CA ASP A 154 14.94 2.23 4.35
C ASP A 154 13.58 2.61 3.79
N GLU A 155 12.78 1.60 3.48
CA GLU A 155 11.45 1.84 2.93
C GLU A 155 10.63 2.73 3.86
N PHE A 156 10.80 2.53 5.17
CA PHE A 156 10.07 3.32 6.16
C PHE A 156 10.46 4.79 6.07
N GLU A 157 11.74 5.04 5.86
CA GLU A 157 12.23 6.42 5.77
C GLU A 157 11.76 7.05 4.46
N TYR A 158 11.48 6.23 3.46
CA TYR A 158 11.03 6.73 2.16
C TYR A 158 9.57 7.17 2.23
N CYS A 159 8.76 6.41 2.95
CA CYS A 159 7.34 6.75 3.08
C CYS A 159 7.17 7.97 3.99
N TRP A 160 7.94 8.00 5.06
CA TRP A 160 7.87 9.10 6.01
C TRP A 160 8.22 10.42 5.33
N ASP A 161 9.25 10.39 4.48
CA ASP A 161 9.69 11.58 3.78
C ASP A 161 8.90 11.82 2.50
N THR A 162 8.32 10.76 1.95
CA THR A 162 7.55 10.88 0.71
C THR A 162 6.12 11.32 0.97
N PHE A 163 5.53 10.79 2.03
CA PHE A 163 4.15 11.13 2.37
C PHE A 163 4.09 12.20 3.46
N VAL A 164 4.88 12.01 4.51
CA VAL A 164 4.89 12.97 5.61
C VAL A 164 6.10 13.89 5.50
N TYR A 165 5.99 14.91 4.65
CA TYR A 165 7.10 15.85 4.48
C TYR A 165 7.07 16.89 5.59
N ARG A 166 8.18 17.00 6.31
CA ARG A 166 8.28 17.95 7.41
C ARG A 166 9.72 18.42 7.59
N GLN A 167 10.08 19.48 6.88
CA GLN A 167 11.44 20.03 6.96
C GLN A 167 12.47 18.91 6.86
N GLY A 168 12.10 17.81 6.21
CA GLY A 168 13.01 16.69 6.05
C GLY A 168 13.52 16.20 7.41
N CYS A 169 12.70 16.40 8.44
CA CYS A 169 13.08 15.99 9.79
C CYS A 169 13.33 14.47 9.82
N PRO A 170 14.41 14.01 10.45
CA PRO A 170 14.70 12.55 10.53
C PRO A 170 13.45 11.73 10.88
N PHE A 171 13.51 10.43 10.60
CA PHE A 171 12.40 9.55 10.90
C PHE A 171 12.66 8.77 12.18
N GLN A 172 11.58 8.44 12.88
CA GLN A 172 11.68 7.70 14.14
C GLN A 172 11.17 6.26 13.97
N PRO A 173 12.03 5.32 13.66
CA PRO A 173 11.62 3.90 13.45
C PRO A 173 11.47 3.13 14.76
N TRP A 174 11.55 3.85 15.89
CA TRP A 174 11.43 3.23 17.22
C TRP A 174 12.19 1.91 17.32
N ASP A 175 13.00 1.63 16.32
CA ASP A 175 13.78 0.40 16.27
C ASP A 175 12.91 -0.81 16.62
N GLY A 176 11.60 -0.61 16.70
CA GLY A 176 10.68 -1.70 17.01
C GLY A 176 10.22 -2.40 15.74
N LEU A 177 9.90 -1.61 14.72
CA LEU A 177 9.43 -2.18 13.46
C LEU A 177 10.47 -3.15 12.91
N GLU A 178 11.74 -2.83 13.10
CA GLU A 178 12.83 -3.68 12.61
C GLU A 178 12.58 -5.14 13.03
N GLU A 179 12.51 -5.36 14.33
CA GLU A 179 12.28 -6.71 14.84
C GLU A 179 10.95 -7.25 14.35
N HIS A 180 9.94 -6.40 14.35
CA HIS A 180 8.62 -6.81 13.87
C HIS A 180 8.72 -7.31 12.44
N SER A 181 9.67 -6.76 11.70
CA SER A 181 9.87 -7.14 10.31
C SER A 181 10.68 -8.44 10.24
N GLN A 182 11.64 -8.59 11.14
CA GLN A 182 12.47 -9.80 11.16
C GLN A 182 11.60 -11.04 11.16
N ALA A 183 10.68 -11.12 12.11
CA ALA A 183 9.78 -12.26 12.21
C ALA A 183 8.77 -12.26 11.07
N LEU A 184 7.96 -11.21 11.00
CA LEU A 184 6.96 -11.09 9.97
C LEU A 184 7.56 -11.40 8.60
N SER A 185 8.87 -11.18 8.47
CA SER A 185 9.56 -11.43 7.22
C SER A 185 9.68 -12.93 6.98
N GLY A 186 10.23 -13.64 7.96
CA GLY A 186 10.40 -15.09 7.85
C GLY A 186 9.13 -15.73 7.30
N ARG A 187 8.00 -15.39 7.89
CA ARG A 187 6.72 -15.94 7.46
C ARG A 187 6.42 -15.53 6.02
N LEU A 188 6.51 -14.23 5.76
CA LEU A 188 6.24 -13.71 4.41
C LEU A 188 6.86 -14.64 3.37
N ARG A 189 8.18 -14.77 3.39
CA ARG A 189 8.88 -15.62 2.44
C ARG A 189 8.25 -17.01 2.43
N ALA A 190 7.87 -17.48 3.61
CA ALA A 190 7.25 -18.81 3.72
C ALA A 190 6.04 -18.91 2.80
N ILE A 191 5.28 -17.83 2.70
CA ILE A 191 4.10 -17.81 1.84
C ILE A 191 4.51 -17.88 0.37
N LEU A 192 5.58 -17.16 0.03
CA LEU A 192 6.06 -17.14 -1.35
C LEU A 192 6.77 -18.44 -1.69
N GLN A 193 7.29 -19.08 -0.65
CA GLN A 193 8.00 -20.34 -0.82
C GLN A 193 7.19 -21.49 -0.25
N ASN A 194 5.88 -21.44 -0.44
CA ASN A 194 4.98 -22.48 0.07
C ASN A 194 4.43 -23.30 -1.09
N GLN A 195 4.23 -24.59 -0.85
CA GLN A 195 3.70 -25.47 -1.88
C GLN A 195 2.90 -26.62 -1.25
N GLY A 196 2.95 -26.70 0.07
CA GLY A 196 2.23 -27.74 0.79
C GLY A 196 3.19 -28.82 1.29
N ASN A 197 2.64 -29.98 1.64
CA ASN A 197 3.46 -31.09 2.12
C ASN A 197 4.49 -30.58 3.13
ZN ZN B . -10.29 -5.20 0.31
N MET A 1 -0.24 26.50 -11.94
CA MET A 1 0.28 25.13 -12.20
C MET A 1 0.75 24.51 -10.88
N GLU A 2 -0.13 24.51 -9.88
CA GLU A 2 0.21 23.94 -8.58
C GLU A 2 -1.00 23.22 -7.99
N ILE A 3 -0.81 21.95 -7.63
CA ILE A 3 -1.88 21.16 -7.06
C ILE A 3 -1.73 21.06 -5.54
N LEU A 4 -2.78 21.42 -4.82
CA LEU A 4 -2.75 21.38 -3.37
C LEU A 4 -3.19 20.00 -2.87
N ARG A 5 -2.23 19.19 -2.45
CA ARG A 5 -2.53 17.86 -1.95
C ARG A 5 -2.94 17.91 -0.49
N TYR A 6 -2.36 17.04 0.33
CA TYR A 6 -2.67 16.98 1.75
C TYR A 6 -1.56 16.30 2.53
N LEU A 7 -1.06 15.19 1.99
CA LEU A 7 0.01 14.45 2.64
C LEU A 7 -0.39 14.06 4.06
N MET A 8 -0.51 12.75 4.28
CA MET A 8 -0.88 12.24 5.60
C MET A 8 -0.18 13.02 6.69
N ASP A 9 -0.75 12.99 7.87
CA ASP A 9 -0.19 13.70 9.00
C ASP A 9 0.73 12.79 9.81
N PRO A 10 1.65 13.36 10.56
CA PRO A 10 2.61 12.57 11.40
C PRO A 10 1.91 11.92 12.59
N ASP A 11 1.26 12.73 13.41
CA ASP A 11 0.56 12.23 14.59
C ASP A 11 -0.33 11.05 14.20
N THR A 12 -0.97 11.14 13.05
CA THR A 12 -1.86 10.09 12.59
C THR A 12 -1.06 8.92 12.00
N PHE A 13 -0.33 9.20 10.93
CA PHE A 13 0.48 8.17 10.28
C PHE A 13 1.23 7.34 11.32
N THR A 14 1.74 8.02 12.36
CA THR A 14 2.48 7.35 13.41
C THR A 14 1.56 6.48 14.26
N PHE A 15 0.40 7.03 14.61
CA PHE A 15 -0.57 6.30 15.41
C PHE A 15 -1.15 5.11 14.63
N ASN A 16 -1.11 5.22 13.30
CA ASN A 16 -1.64 4.17 12.45
C ASN A 16 -0.59 3.06 12.25
N PHE A 17 0.57 3.44 11.73
CA PHE A 17 1.64 2.47 11.50
C PHE A 17 2.31 2.09 12.81
N ASN A 18 1.92 2.75 13.89
CA ASN A 18 2.50 2.48 15.20
C ASN A 18 2.37 0.99 15.53
N ASN A 19 1.23 0.41 15.18
CA ASN A 19 1.01 -1.01 15.45
C ASN A 19 -0.24 -1.49 14.72
N ASP A 20 -1.34 -0.76 14.87
CA ASP A 20 -2.59 -1.12 14.23
C ASP A 20 -3.31 0.14 13.72
N PRO A 21 -4.16 0.01 12.75
CA PRO A 21 -4.92 1.17 12.18
C PRO A 21 -5.96 1.71 13.16
N LEU A 22 -6.53 2.87 12.85
CA LEU A 22 -7.53 3.48 13.71
C LEU A 22 -8.50 2.43 14.24
N VAL A 23 -9.23 2.77 15.28
CA VAL A 23 -10.19 1.84 15.88
C VAL A 23 -11.29 1.50 14.89
N LEU A 24 -12.53 1.82 15.26
CA LEU A 24 -13.68 1.55 14.39
C LEU A 24 -13.53 0.17 13.75
N ARG A 25 -14.06 -0.85 14.42
CA ARG A 25 -13.98 -2.21 13.90
C ARG A 25 -12.60 -2.48 13.29
N ARG A 26 -12.54 -3.44 12.38
CA ARG A 26 -11.28 -3.79 11.74
C ARG A 26 -11.21 -3.20 10.33
N ARG A 27 -12.34 -2.70 9.86
CA ARG A 27 -12.41 -2.11 8.53
C ARG A 27 -11.44 -0.93 8.41
N GLN A 28 -11.47 -0.06 9.41
CA GLN A 28 -10.60 1.11 9.41
C GLN A 28 -9.16 0.70 9.10
N THR A 29 -8.60 1.26 8.03
CA THR A 29 -7.24 0.93 7.64
C THR A 29 -6.52 2.17 7.11
N TYR A 30 -5.49 1.94 6.30
CA TYR A 30 -4.72 3.04 5.72
C TYR A 30 -3.96 2.56 4.50
N LEU A 31 -4.16 3.26 3.38
CA LEU A 31 -3.50 2.90 2.13
C LEU A 31 -2.85 4.14 1.51
N CYS A 32 -1.55 4.03 1.24
CA CYS A 32 -0.80 5.13 0.65
C CYS A 32 -0.32 4.75 -0.74
N TYR A 33 -0.70 5.52 -1.74
CA TYR A 33 -0.33 5.23 -3.12
C TYR A 33 0.57 6.31 -3.71
N GLU A 34 1.53 5.88 -4.53
CA GLU A 34 2.43 6.81 -5.19
C GLU A 34 2.55 6.41 -6.66
N VAL A 35 3.02 7.33 -7.50
CA VAL A 35 3.19 7.05 -8.92
C VAL A 35 4.62 7.37 -9.34
N GLU A 36 5.28 6.38 -9.94
CA GLU A 36 6.66 6.56 -10.36
C GLU A 36 6.81 6.49 -11.88
N ARG A 37 7.65 7.36 -12.43
CA ARG A 37 7.89 7.39 -13.86
C ARG A 37 9.34 6.99 -14.10
N LEU A 38 9.55 5.90 -14.82
CA LEU A 38 10.92 5.46 -15.08
C LEU A 38 11.65 6.46 -15.96
N ASP A 39 12.47 7.30 -15.33
CA ASP A 39 13.25 8.29 -16.05
C ASP A 39 14.75 8.06 -15.86
N ASN A 40 15.53 8.43 -16.86
CA ASN A 40 16.99 8.28 -16.81
C ASN A 40 17.39 6.85 -16.46
N GLY A 41 16.50 5.89 -16.72
CA GLY A 41 16.79 4.50 -16.44
C GLY A 41 16.57 4.15 -14.98
N THR A 42 15.95 5.06 -14.25
CA THR A 42 15.67 4.84 -12.84
C THR A 42 14.27 5.32 -12.51
N TRP A 43 13.73 4.81 -11.41
CA TRP A 43 12.38 5.19 -11.01
C TRP A 43 12.41 6.54 -10.32
N VAL A 44 11.47 7.41 -10.69
CA VAL A 44 11.39 8.74 -10.11
C VAL A 44 10.03 8.96 -9.45
N LEU A 45 10.04 9.52 -8.24
CA LEU A 45 8.79 9.76 -7.53
C LEU A 45 8.14 11.05 -8.03
N MET A 46 6.85 10.98 -8.32
CA MET A 46 6.11 12.15 -8.80
C MET A 46 5.13 12.64 -7.74
N ASP A 47 5.49 13.71 -7.06
CA ASP A 47 4.64 14.28 -6.02
C ASP A 47 3.29 14.70 -6.61
N GLN A 48 3.30 15.09 -7.87
CA GLN A 48 2.08 15.53 -8.54
C GLN A 48 1.07 14.40 -8.68
N HIS A 49 1.58 13.18 -8.92
CA HIS A 49 0.70 12.02 -9.08
C HIS A 49 0.79 11.12 -7.85
N MET A 50 1.11 11.71 -6.71
CA MET A 50 1.22 10.95 -5.46
C MET A 50 0.13 11.37 -4.49
N GLY A 51 -0.24 10.45 -3.60
CA GLY A 51 -1.26 10.72 -2.60
C GLY A 51 -1.54 9.48 -1.77
N PHE A 52 -2.69 9.44 -1.14
CA PHE A 52 -3.07 8.29 -0.32
C PHE A 52 -4.57 8.17 -0.20
N LEU A 53 -5.05 6.94 -0.11
CA LEU A 53 -6.49 6.69 0.00
C LEU A 53 -6.79 5.91 1.28
N CYS A 54 -7.98 6.12 1.82
CA CYS A 54 -8.39 5.44 3.05
C CYS A 54 -9.80 4.86 2.89
N ASN A 55 -10.14 3.92 3.78
CA ASN A 55 -11.45 3.28 3.74
C ASN A 55 -12.53 4.32 3.51
N GLU A 56 -12.84 5.08 4.55
CA GLU A 56 -13.88 6.12 4.47
C GLU A 56 -13.34 7.36 3.76
N ALA A 57 -14.20 8.01 2.99
CA ALA A 57 -13.80 9.22 2.26
C ALA A 57 -15.02 9.91 1.66
N LYS A 58 -15.48 10.97 2.31
CA LYS A 58 -16.63 11.71 1.83
C LYS A 58 -17.78 10.77 1.53
N ASN A 59 -18.86 11.30 0.95
CA ASN A 59 -20.03 10.50 0.61
C ASN A 59 -20.55 9.77 1.84
N LEU A 60 -20.52 10.47 2.99
CA LEU A 60 -20.99 9.88 4.24
C LEU A 60 -22.51 9.98 4.32
N LEU A 61 -23.07 11.01 3.68
CA LEU A 61 -24.52 11.21 3.70
C LEU A 61 -25.19 10.34 2.64
N CYS A 62 -24.38 9.80 1.73
CA CYS A 62 -24.92 8.94 0.67
C CYS A 62 -25.38 7.60 1.24
N GLY A 63 -24.81 7.23 2.38
CA GLY A 63 -25.17 5.97 3.02
C GLY A 63 -24.44 4.80 2.37
N PHE A 64 -23.43 5.11 1.56
CA PHE A 64 -22.66 4.08 0.89
C PHE A 64 -21.95 3.20 1.91
N TYR A 65 -22.17 1.88 1.80
CA TYR A 65 -21.55 0.94 2.72
C TYR A 65 -20.32 0.31 2.07
N GLY A 66 -19.53 -0.38 2.89
CA GLY A 66 -18.31 -1.03 2.39
C GLY A 66 -17.31 0.00 1.88
N ARG A 67 -16.45 0.46 2.78
CA ARG A 67 -15.43 1.44 2.42
C ARG A 67 -14.06 0.78 2.30
N HIS A 68 -13.53 0.76 1.08
CA HIS A 68 -12.22 0.15 0.83
C HIS A 68 -11.36 1.09 -0.01
N ALA A 69 -10.18 1.42 0.51
CA ALA A 69 -9.27 2.31 -0.20
C ALA A 69 -8.83 1.67 -1.52
N GLU A 70 -8.46 0.40 -1.46
CA GLU A 70 -8.03 -0.31 -2.65
C GLU A 70 -8.94 0.04 -3.84
N LEU A 71 -10.24 0.00 -3.59
CA LEU A 71 -11.21 0.32 -4.64
C LEU A 71 -11.07 1.79 -5.05
N ARG A 72 -10.96 2.66 -4.05
CA ARG A 72 -10.82 4.08 -4.31
C ARG A 72 -9.64 4.34 -5.24
N PHE A 73 -8.65 3.44 -5.20
CA PHE A 73 -7.47 3.60 -6.05
C PHE A 73 -7.83 3.30 -7.51
N LEU A 74 -8.32 2.10 -7.75
CA LEU A 74 -8.70 1.69 -9.11
C LEU A 74 -9.54 2.76 -9.78
N ASP A 75 -10.26 3.54 -8.98
CA ASP A 75 -11.13 4.58 -9.51
C ASP A 75 -10.33 5.87 -9.74
N LEU A 76 -9.32 6.09 -8.93
CA LEU A 76 -8.49 7.28 -9.05
C LEU A 76 -7.39 7.05 -10.08
N VAL A 77 -7.11 5.77 -10.34
CA VAL A 77 -6.10 5.42 -11.33
C VAL A 77 -6.23 6.27 -12.60
N PRO A 78 -7.38 6.27 -13.26
CA PRO A 78 -7.55 7.08 -14.49
C PRO A 78 -7.12 8.53 -14.28
N SER A 79 -7.25 8.99 -13.03
CA SER A 79 -6.87 10.36 -12.70
C SER A 79 -5.36 10.54 -12.85
N LEU A 80 -4.61 9.45 -12.67
CA LEU A 80 -3.16 9.52 -12.80
C LEU A 80 -2.76 9.70 -14.26
N GLN A 81 -3.76 9.74 -15.13
CA GLN A 81 -3.52 9.91 -16.56
C GLN A 81 -2.45 8.96 -17.08
N LEU A 82 -2.67 7.67 -16.86
CA LEU A 82 -1.72 6.66 -17.33
C LEU A 82 -1.94 6.39 -18.82
N ASP A 83 -0.93 5.80 -19.46
CA ASP A 83 -1.03 5.48 -20.88
C ASP A 83 0.02 4.44 -21.27
N PRO A 84 -0.17 3.77 -22.38
CA PRO A 84 0.79 2.72 -22.86
C PRO A 84 2.08 3.34 -23.39
N ALA A 85 2.11 4.66 -23.41
CA ALA A 85 3.27 5.39 -23.91
C ALA A 85 4.50 5.05 -23.08
N GLN A 86 4.59 5.62 -21.88
CA GLN A 86 5.73 5.37 -21.00
C GLN A 86 5.42 4.25 -20.02
N ILE A 87 6.38 3.98 -19.12
CA ILE A 87 6.21 2.94 -18.11
C ILE A 87 6.12 3.52 -16.72
N TYR A 88 5.03 3.19 -16.01
CA TYR A 88 4.82 3.68 -14.67
C TYR A 88 4.96 2.54 -13.65
N ARG A 89 4.92 2.91 -12.37
CA ARG A 89 5.04 1.93 -11.30
C ARG A 89 4.54 2.54 -10.00
N VAL A 90 3.34 2.14 -9.59
CA VAL A 90 2.78 2.68 -8.35
C VAL A 90 3.09 1.77 -7.17
N THR A 91 3.34 2.39 -6.01
CA THR A 91 3.66 1.63 -4.80
C THR A 91 2.57 1.84 -3.74
N TRP A 92 2.20 0.74 -3.07
CA TRP A 92 1.16 0.80 -2.05
C TRP A 92 1.76 0.53 -0.66
N PHE A 93 1.54 1.46 0.27
CA PHE A 93 2.02 1.26 1.64
C PHE A 93 0.82 1.17 2.57
N ILE A 94 0.49 -0.04 3.00
CA ILE A 94 -0.66 -0.25 3.86
C ILE A 94 -0.24 -0.71 5.25
N SER A 95 -1.11 -0.45 6.24
CA SER A 95 -0.82 -0.83 7.62
C SER A 95 -1.50 -2.15 7.99
N TRP A 96 -1.47 -3.12 7.08
CA TRP A 96 -2.09 -4.42 7.33
C TRP A 96 -2.23 -5.21 6.03
N SER A 97 -2.00 -6.52 6.12
CA SER A 97 -2.10 -7.37 4.94
C SER A 97 -3.31 -6.97 4.09
N PRO A 98 -3.33 -7.36 2.84
CA PRO A 98 -4.45 -7.03 1.92
C PRO A 98 -5.74 -7.76 2.30
N CYS A 99 -6.87 -7.25 1.80
CA CYS A 99 -8.16 -7.86 2.09
C CYS A 99 -8.26 -9.25 1.45
N PHE A 100 -9.22 -9.42 0.53
CA PHE A 100 -9.39 -10.70 -0.14
C PHE A 100 -9.58 -10.51 -1.65
N SER A 101 -9.20 -11.53 -2.41
CA SER A 101 -9.31 -11.49 -3.87
C SER A 101 -10.72 -11.10 -4.31
N TRP A 102 -11.63 -12.07 -4.34
CA TRP A 102 -13.01 -11.81 -4.73
C TRP A 102 -13.47 -10.46 -4.21
N GLY A 103 -12.85 -10.02 -3.13
CA GLY A 103 -13.19 -8.73 -2.53
C GLY A 103 -12.41 -7.61 -3.21
N CYS A 104 -11.24 -7.29 -2.66
CA CYS A 104 -10.41 -6.23 -3.22
C CYS A 104 -9.30 -6.78 -4.12
N ALA A 105 -8.41 -7.59 -3.54
CA ALA A 105 -7.30 -8.15 -4.30
C ALA A 105 -7.75 -8.67 -5.66
N GLY A 106 -9.05 -8.98 -5.78
CA GLY A 106 -9.58 -9.49 -7.05
C GLY A 106 -9.68 -8.35 -8.06
N GLU A 107 -9.96 -7.15 -7.55
CA GLU A 107 -10.07 -5.98 -8.39
C GLU A 107 -8.70 -5.37 -8.61
N VAL A 108 -7.80 -5.60 -7.66
CA VAL A 108 -6.44 -5.06 -7.75
C VAL A 108 -5.61 -5.87 -8.76
N ARG A 109 -5.84 -7.16 -8.82
CA ARG A 109 -5.10 -8.01 -9.76
C ARG A 109 -5.66 -7.84 -11.17
N ALA A 110 -6.99 -7.81 -11.28
CA ALA A 110 -7.63 -7.63 -12.57
C ALA A 110 -7.16 -6.34 -13.23
N PHE A 111 -7.11 -5.27 -12.45
CA PHE A 111 -6.67 -3.97 -12.97
C PHE A 111 -5.24 -4.06 -13.48
N LEU A 112 -4.33 -4.48 -12.61
CA LEU A 112 -2.93 -4.60 -12.97
C LEU A 112 -2.81 -5.25 -14.36
N GLN A 113 -3.75 -6.12 -14.68
CA GLN A 113 -3.73 -6.79 -15.97
C GLN A 113 -4.32 -5.89 -17.06
N GLU A 114 -5.24 -5.00 -16.69
CA GLU A 114 -5.85 -4.10 -17.65
C GLU A 114 -4.80 -3.14 -18.22
N ASN A 115 -3.89 -2.73 -17.36
CA ASN A 115 -2.84 -1.81 -17.75
C ASN A 115 -1.46 -2.37 -17.39
N THR A 116 -0.85 -3.05 -18.35
CA THR A 116 0.47 -3.65 -18.13
C THR A 116 1.56 -2.58 -18.09
N HIS A 117 1.28 -1.44 -18.71
CA HIS A 117 2.24 -0.35 -18.73
C HIS A 117 2.54 0.13 -17.31
N VAL A 118 1.50 0.12 -16.47
CA VAL A 118 1.65 0.53 -15.08
C VAL A 118 1.64 -0.68 -14.17
N ARG A 119 2.73 -0.87 -13.45
CA ARG A 119 2.84 -2.00 -12.53
C ARG A 119 2.56 -1.52 -11.11
N LEU A 120 2.16 -2.45 -10.25
CA LEU A 120 1.83 -2.10 -8.87
C LEU A 120 2.56 -3.00 -7.88
N ARG A 121 3.07 -2.38 -6.82
CA ARG A 121 3.79 -3.10 -5.78
C ARG A 121 3.07 -2.94 -4.44
N ILE A 122 2.99 -4.03 -3.68
CA ILE A 122 2.32 -4.00 -2.39
C ILE A 122 3.34 -3.95 -1.27
N PHE A 123 2.98 -3.27 -0.20
CA PHE A 123 3.86 -3.16 0.95
C PHE A 123 3.03 -2.98 2.22
N ALA A 124 3.04 -3.99 3.08
CA ALA A 124 2.28 -3.93 4.33
C ALA A 124 3.21 -3.61 5.50
N ALA A 125 2.61 -3.17 6.61
CA ALA A 125 3.40 -2.83 7.79
C ALA A 125 3.35 -3.96 8.81
N ARG A 126 2.35 -4.83 8.67
CA ARG A 126 2.19 -5.95 9.58
C ARG A 126 1.28 -7.01 8.98
N ILE A 127 1.03 -8.08 9.72
CA ILE A 127 0.18 -9.16 9.25
C ILE A 127 -0.70 -9.67 10.38
N TYR A 128 -1.98 -9.29 10.36
CA TYR A 128 -2.91 -9.74 11.38
C TYR A 128 -3.10 -11.25 11.30
N ASP A 129 -2.14 -11.97 11.89
CA ASP A 129 -2.18 -13.43 11.87
C ASP A 129 -3.60 -13.93 12.18
N TYR A 130 -4.42 -13.07 12.77
CA TYR A 130 -5.79 -13.45 13.10
C TYR A 130 -6.64 -13.50 11.83
N ASP A 131 -5.98 -13.55 10.68
CA ASP A 131 -6.67 -13.60 9.40
C ASP A 131 -5.80 -14.26 8.35
N PRO A 132 -5.72 -15.57 8.34
CA PRO A 132 -4.89 -16.31 7.36
C PRO A 132 -5.57 -16.44 6.00
N LEU A 133 -6.41 -15.47 5.68
CA LEU A 133 -7.12 -15.47 4.40
C LEU A 133 -6.32 -14.70 3.36
N TYR A 134 -5.72 -13.59 3.78
CA TYR A 134 -4.94 -12.77 2.88
C TYR A 134 -3.79 -13.57 2.29
N LYS A 135 -3.31 -14.55 3.03
CA LYS A 135 -2.21 -15.38 2.55
C LYS A 135 -2.49 -15.91 1.15
N GLU A 136 -3.57 -16.66 1.01
CA GLU A 136 -3.95 -17.21 -0.29
C GLU A 136 -4.14 -16.08 -1.29
N ALA A 137 -4.89 -15.06 -0.86
CA ALA A 137 -5.14 -13.90 -1.73
C ALA A 137 -3.83 -13.29 -2.20
N LEU A 138 -2.80 -13.41 -1.36
CA LEU A 138 -1.50 -12.87 -1.71
C LEU A 138 -0.88 -13.63 -2.87
N GLN A 139 -0.74 -14.94 -2.69
CA GLN A 139 -0.16 -15.80 -3.72
C GLN A 139 -0.70 -15.45 -5.11
N MET A 140 -2.01 -15.55 -5.28
CA MET A 140 -2.62 -15.26 -6.58
C MET A 140 -2.41 -13.80 -6.98
N LEU A 141 -2.20 -12.91 -6.01
CA LEU A 141 -1.99 -11.51 -6.34
C LEU A 141 -0.66 -11.32 -7.06
N ARG A 142 0.44 -11.64 -6.38
CA ARG A 142 1.76 -11.50 -7.00
C ARG A 142 1.77 -12.12 -8.38
N ASP A 143 1.04 -13.23 -8.51
CA ASP A 143 0.97 -13.93 -9.79
C ASP A 143 0.40 -13.01 -10.86
N ALA A 144 -0.39 -12.03 -10.44
CA ALA A 144 -0.98 -11.08 -11.37
C ALA A 144 0.10 -10.18 -11.96
N GLY A 145 1.30 -10.26 -11.38
CA GLY A 145 2.43 -9.45 -11.84
C GLY A 145 2.91 -8.49 -10.76
N ALA A 146 2.02 -8.20 -9.82
CA ALA A 146 2.37 -7.29 -8.72
C ALA A 146 3.43 -7.91 -7.83
N GLN A 147 4.02 -7.09 -6.96
CA GLN A 147 5.05 -7.58 -6.05
C GLN A 147 4.80 -7.07 -4.64
N VAL A 148 4.62 -7.99 -3.69
CA VAL A 148 4.38 -7.61 -2.30
C VAL A 148 5.60 -7.85 -1.43
N SER A 149 5.70 -7.10 -0.34
CA SER A 149 6.81 -7.24 0.59
C SER A 149 6.46 -6.58 1.93
N ILE A 150 7.33 -6.75 2.91
CA ILE A 150 7.10 -6.17 4.23
C ILE A 150 7.88 -4.88 4.41
N MET A 151 7.38 -4.00 5.26
CA MET A 151 8.04 -2.72 5.52
C MET A 151 9.49 -2.94 5.91
N THR A 152 10.38 -2.14 5.31
CA THR A 152 11.81 -2.24 5.60
C THR A 152 12.32 -0.94 6.21
N TYR A 153 13.25 -1.06 7.15
CA TYR A 153 13.81 0.11 7.80
C TYR A 153 14.02 1.23 6.80
N ASP A 154 14.49 0.86 5.61
CA ASP A 154 14.74 1.85 4.56
C ASP A 154 13.44 2.46 4.05
N GLU A 155 12.53 1.63 3.56
CA GLU A 155 11.26 2.12 3.04
C GLU A 155 10.49 2.88 4.11
N PHE A 156 10.79 2.59 5.37
CA PHE A 156 10.13 3.26 6.48
C PHE A 156 10.61 4.70 6.59
N GLU A 157 11.90 4.91 6.34
CA GLU A 157 12.48 6.25 6.42
C GLU A 157 12.12 7.06 5.18
N TYR A 158 12.18 6.43 4.02
CA TYR A 158 11.87 7.11 2.77
C TYR A 158 10.40 7.49 2.69
N CYS A 159 9.52 6.54 2.99
CA CYS A 159 8.09 6.79 2.96
C CYS A 159 7.72 7.89 3.94
N TRP A 160 8.12 7.70 5.19
CA TRP A 160 7.84 8.68 6.23
C TRP A 160 8.15 10.09 5.74
N ASP A 161 9.28 10.23 5.05
CA ASP A 161 9.70 11.52 4.54
C ASP A 161 8.94 11.89 3.26
N THR A 162 8.43 10.88 2.56
CA THR A 162 7.70 11.13 1.32
C THR A 162 6.24 11.45 1.58
N PHE A 163 5.52 10.52 2.20
CA PHE A 163 4.10 10.72 2.49
C PHE A 163 3.88 11.72 3.61
N VAL A 164 4.62 11.58 4.71
CA VAL A 164 4.46 12.50 5.83
C VAL A 164 5.54 13.57 5.81
N TYR A 165 5.12 14.83 5.67
CA TYR A 165 6.06 15.94 5.66
C TYR A 165 6.00 16.68 6.98
N ARG A 166 7.15 16.78 7.64
CA ARG A 166 7.22 17.47 8.93
C ARG A 166 8.60 18.09 9.11
N GLN A 167 8.77 19.30 8.59
CA GLN A 167 10.04 20.00 8.70
C GLN A 167 11.22 19.08 8.37
N GLY A 168 10.99 18.14 7.46
CA GLY A 168 12.03 17.20 7.07
C GLY A 168 12.59 16.46 8.29
N CYS A 169 11.77 16.32 9.31
CA CYS A 169 12.19 15.63 10.53
C CYS A 169 12.42 14.14 10.25
N PRO A 170 13.62 13.62 10.47
CA PRO A 170 13.90 12.17 10.22
C PRO A 170 12.80 11.27 10.76
N PHE A 171 12.89 9.99 10.42
CA PHE A 171 11.88 9.02 10.88
C PHE A 171 12.31 8.40 12.21
N GLN A 172 11.32 8.02 13.00
CA GLN A 172 11.57 7.43 14.31
C GLN A 172 11.21 5.94 14.31
N PRO A 173 12.16 5.05 14.06
CA PRO A 173 11.90 3.58 14.03
C PRO A 173 11.93 2.96 15.42
N TRP A 174 11.53 3.75 16.42
CA TRP A 174 11.51 3.29 17.81
C TRP A 174 12.68 2.34 18.09
N ASP A 175 12.47 1.05 17.84
CA ASP A 175 13.52 0.05 18.07
C ASP A 175 13.08 -1.31 17.52
N GLY A 176 11.78 -1.56 17.52
CA GLY A 176 11.26 -2.82 17.02
C GLY A 176 11.17 -2.82 15.50
N LEU A 177 11.34 -1.66 14.90
CA LEU A 177 11.28 -1.55 13.44
C LEU A 177 12.15 -2.61 12.79
N GLU A 178 13.45 -2.57 13.06
CA GLU A 178 14.38 -3.53 12.49
C GLU A 178 14.02 -4.96 12.93
N GLU A 179 14.00 -5.18 14.24
CA GLU A 179 13.67 -6.50 14.77
C GLU A 179 12.45 -7.07 14.05
N HIS A 180 11.53 -6.19 13.68
CA HIS A 180 10.31 -6.61 12.98
C HIS A 180 10.62 -6.91 11.52
N SER A 181 11.47 -6.09 10.92
CA SER A 181 11.84 -6.29 9.51
C SER A 181 12.27 -7.73 9.27
N GLN A 182 13.18 -8.21 10.12
CA GLN A 182 13.68 -9.58 9.99
C GLN A 182 12.58 -10.59 10.32
N ALA A 183 12.12 -10.57 11.55
CA ALA A 183 11.08 -11.49 11.98
C ALA A 183 9.97 -11.58 10.94
N LEU A 184 9.32 -10.45 10.67
CA LEU A 184 8.24 -10.43 9.69
C LEU A 184 8.72 -10.98 8.35
N SER A 185 9.78 -10.39 7.81
CA SER A 185 10.33 -10.84 6.53
C SER A 185 10.47 -12.36 6.52
N GLY A 186 10.80 -12.94 7.67
CA GLY A 186 10.96 -14.38 7.77
C GLY A 186 9.67 -15.10 7.41
N ARG A 187 8.61 -14.80 8.15
CA ARG A 187 7.32 -15.45 7.88
C ARG A 187 6.79 -15.04 6.52
N LEU A 188 6.85 -13.74 6.22
CA LEU A 188 6.37 -13.24 4.94
C LEU A 188 6.93 -14.09 3.80
N ARG A 189 8.26 -14.10 3.68
CA ARG A 189 8.89 -14.89 2.62
C ARG A 189 8.33 -16.30 2.62
N ALA A 190 8.09 -16.84 3.81
CA ALA A 190 7.54 -18.17 3.93
C ALA A 190 6.27 -18.32 3.11
N ILE A 191 5.42 -17.30 3.17
CA ILE A 191 4.17 -17.32 2.42
C ILE A 191 4.46 -17.35 0.92
N LEU A 192 5.42 -16.55 0.49
CA LEU A 192 5.79 -16.49 -0.92
C LEU A 192 6.50 -17.78 -1.35
N GLN A 193 6.51 -18.75 -0.45
CA GLN A 193 7.16 -20.04 -0.72
C GLN A 193 6.19 -21.18 -0.47
N ASN A 194 4.93 -20.85 -0.21
CA ASN A 194 3.92 -21.87 0.05
C ASN A 194 3.23 -22.28 -1.24
N GLN A 195 3.80 -23.26 -1.92
CA GLN A 195 3.23 -23.75 -3.17
C GLN A 195 2.92 -22.59 -4.10
N GLY A 196 1.95 -22.77 -4.99
CA GLY A 196 1.57 -21.74 -5.94
C GLY A 196 2.24 -21.95 -7.29
N ASN A 197 1.57 -22.71 -8.15
CA ASN A 197 2.10 -22.99 -9.48
C ASN A 197 2.01 -21.76 -10.37
ZN ZN B . -10.10 -3.80 0.80
N MET A 1 2.31 20.47 -9.56
CA MET A 1 2.73 21.82 -9.10
C MET A 1 1.90 22.22 -7.89
N GLU A 2 0.71 21.64 -7.76
CA GLU A 2 -0.16 21.95 -6.63
C GLU A 2 0.62 21.97 -5.33
N ILE A 3 0.14 22.73 -4.36
CA ILE A 3 0.81 22.84 -3.07
C ILE A 3 0.02 22.09 -2.00
N LEU A 4 0.74 21.42 -1.11
CA LEU A 4 0.11 20.66 -0.03
C LEU A 4 -0.94 19.71 -0.61
N ARG A 5 -0.51 18.51 -1.00
CA ARG A 5 -1.42 17.53 -1.56
C ARG A 5 -1.91 16.58 -0.48
N TYR A 6 -3.02 16.95 0.13
CA TYR A 6 -3.64 16.15 1.19
C TYR A 6 -2.76 16.15 2.44
N LEU A 7 -1.63 15.45 2.37
CA LEU A 7 -0.73 15.38 3.51
C LEU A 7 -1.52 15.14 4.80
N MET A 8 -1.66 13.87 5.16
CA MET A 8 -2.39 13.51 6.37
C MET A 8 -1.77 14.17 7.60
N ASP A 9 -2.35 13.92 8.76
CA ASP A 9 -1.85 14.48 10.01
C ASP A 9 -0.73 13.59 10.59
N PRO A 10 0.50 14.05 10.66
CA PRO A 10 1.62 13.23 11.22
C PRO A 10 1.22 12.49 12.49
N ASP A 11 0.72 13.24 13.48
CA ASP A 11 0.30 12.64 14.74
C ASP A 11 -0.56 11.40 14.48
N THR A 12 -1.55 11.55 13.61
CA THR A 12 -2.45 10.44 13.28
C THR A 12 -1.66 9.31 12.62
N PHE A 13 -0.97 9.63 11.53
CA PHE A 13 -0.20 8.64 10.80
C PHE A 13 0.63 7.80 11.76
N THR A 14 1.53 8.44 12.49
CA THR A 14 2.38 7.74 13.44
C THR A 14 1.54 6.94 14.43
N PHE A 15 0.51 7.59 14.98
CA PHE A 15 -0.37 6.93 15.94
C PHE A 15 -0.99 5.68 15.33
N ASN A 16 -1.12 5.67 14.01
CA ASN A 16 -1.70 4.52 13.31
C ASN A 16 -0.67 3.42 13.13
N PHE A 17 0.37 3.70 12.36
CA PHE A 17 1.42 2.71 12.12
C PHE A 17 2.07 2.28 13.43
N ASN A 18 1.91 3.10 14.46
CA ASN A 18 2.49 2.78 15.76
C ASN A 18 1.85 1.53 16.35
N ASN A 19 0.53 1.42 16.19
CA ASN A 19 -0.19 0.27 16.71
C ASN A 19 -0.50 -0.72 15.60
N ASP A 20 0.48 -1.54 15.24
CA ASP A 20 0.29 -2.52 14.19
C ASP A 20 -0.56 -3.69 14.67
N PRO A 21 -0.31 -4.18 15.85
CA PRO A 21 -1.06 -5.33 16.43
C PRO A 21 -2.33 -4.87 17.16
N LEU A 22 -2.96 -3.82 16.64
CA LEU A 22 -4.18 -3.29 17.24
C LEU A 22 -5.23 -3.02 16.17
N VAL A 23 -6.28 -3.82 16.16
CA VAL A 23 -7.36 -3.66 15.18
C VAL A 23 -8.70 -4.05 15.79
N LEU A 24 -8.71 -5.18 16.50
CA LEU A 24 -9.94 -5.66 17.13
C LEU A 24 -11.12 -5.50 16.18
N ARG A 25 -11.00 -6.07 14.99
CA ARG A 25 -12.05 -5.99 13.99
C ARG A 25 -12.24 -4.54 13.54
N ARG A 26 -11.71 -4.21 12.37
CA ARG A 26 -11.82 -2.86 11.83
C ARG A 26 -11.21 -2.78 10.44
N ARG A 27 -12.07 -2.79 9.42
CA ARG A 27 -11.60 -2.72 8.04
C ARG A 27 -10.97 -1.35 7.77
N GLN A 28 -11.35 -0.36 8.57
CA GLN A 28 -10.82 0.99 8.39
C GLN A 28 -9.30 0.98 8.44
N THR A 29 -8.68 0.66 7.31
CA THR A 29 -7.23 0.63 7.23
C THR A 29 -6.70 1.87 6.53
N TYR A 30 -5.42 1.85 6.17
CA TYR A 30 -4.81 2.99 5.49
C TYR A 30 -3.75 2.52 4.51
N LEU A 31 -3.86 2.97 3.27
CA LEU A 31 -2.90 2.61 2.23
C LEU A 31 -2.34 3.86 1.58
N CYS A 32 -1.03 3.85 1.36
CA CYS A 32 -0.35 4.99 0.74
C CYS A 32 0.13 4.61 -0.65
N TYR A 33 -0.34 5.35 -1.65
CA TYR A 33 0.03 5.07 -3.03
C TYR A 33 0.89 6.18 -3.62
N GLU A 34 1.87 5.78 -4.42
CA GLU A 34 2.74 6.74 -5.09
C GLU A 34 2.91 6.31 -6.54
N VAL A 35 3.29 7.23 -7.41
CA VAL A 35 3.49 6.92 -8.82
C VAL A 35 4.90 7.27 -9.26
N GLU A 36 5.54 6.36 -9.98
CA GLU A 36 6.91 6.59 -10.44
C GLU A 36 7.01 6.46 -11.96
N ARG A 37 7.82 7.34 -12.56
CA ARG A 37 8.03 7.31 -14.00
C ARG A 37 9.48 6.93 -14.27
N LEU A 38 9.70 5.80 -14.90
CA LEU A 38 11.06 5.36 -15.16
C LEU A 38 11.76 6.32 -16.12
N ASP A 39 12.58 7.20 -15.55
CA ASP A 39 13.33 8.17 -16.34
C ASP A 39 14.83 7.96 -16.14
N ASN A 40 15.61 8.29 -17.16
CA ASN A 40 17.06 8.16 -17.10
C ASN A 40 17.49 6.76 -16.67
N GLY A 41 16.61 5.78 -16.87
CA GLY A 41 16.91 4.39 -16.51
C GLY A 41 16.72 4.15 -15.02
N THR A 42 16.08 5.10 -14.35
CA THR A 42 15.82 4.96 -12.92
C THR A 42 14.41 5.43 -12.61
N TRP A 43 13.88 4.98 -11.49
CA TRP A 43 12.54 5.37 -11.10
C TRP A 43 12.54 6.77 -10.50
N VAL A 44 11.60 7.59 -10.92
CA VAL A 44 11.51 8.96 -10.42
C VAL A 44 10.15 9.20 -9.77
N LEU A 45 10.16 9.76 -8.57
CA LEU A 45 8.91 10.02 -7.85
C LEU A 45 8.22 11.26 -8.40
N MET A 46 6.93 11.14 -8.68
CA MET A 46 6.16 12.26 -9.20
C MET A 46 5.12 12.74 -8.18
N ASP A 47 5.32 13.94 -7.66
CA ASP A 47 4.41 14.50 -6.67
C ASP A 47 3.03 14.77 -7.27
N GLN A 48 3.01 15.12 -8.56
CA GLN A 48 1.74 15.41 -9.24
C GLN A 48 0.98 14.12 -9.55
N HIS A 49 1.40 13.03 -8.93
CA HIS A 49 0.75 11.74 -9.14
C HIS A 49 0.87 10.88 -7.89
N MET A 50 1.17 11.52 -6.77
CA MET A 50 1.33 10.80 -5.49
C MET A 50 0.26 11.25 -4.50
N GLY A 51 0.00 10.41 -3.50
CA GLY A 51 -1.00 10.72 -2.48
C GLY A 51 -1.41 9.46 -1.73
N PHE A 52 -2.16 9.63 -0.64
CA PHE A 52 -2.61 8.49 0.14
C PHE A 52 -4.13 8.36 0.10
N LEU A 53 -4.61 7.13 0.27
CA LEU A 53 -6.05 6.87 0.23
C LEU A 53 -6.50 6.18 1.52
N CYS A 54 -7.64 6.60 2.04
CA CYS A 54 -8.17 6.01 3.27
C CYS A 54 -9.39 5.15 2.95
N ASN A 55 -9.76 4.29 3.90
CA ASN A 55 -10.89 3.40 3.71
C ASN A 55 -12.15 4.21 3.38
N GLU A 56 -12.73 4.83 4.39
CA GLU A 56 -13.93 5.63 4.19
C GLU A 56 -13.66 6.78 3.23
N ALA A 57 -14.36 6.79 2.11
CA ALA A 57 -14.18 7.83 1.11
C ALA A 57 -15.43 7.96 0.23
N LYS A 58 -15.62 9.14 -0.36
CA LYS A 58 -16.77 9.38 -1.21
C LYS A 58 -16.95 8.24 -2.20
N ASN A 59 -17.94 7.38 -1.92
CA ASN A 59 -18.20 6.23 -2.80
C ASN A 59 -19.68 5.88 -2.78
N LEU A 60 -20.41 6.43 -1.80
CA LEU A 60 -21.83 6.17 -1.68
C LEU A 60 -22.59 6.76 -2.87
N LEU A 61 -22.09 7.87 -3.39
CA LEU A 61 -22.73 8.53 -4.52
C LEU A 61 -23.04 7.52 -5.62
N CYS A 62 -22.09 6.63 -5.88
CA CYS A 62 -22.27 5.62 -6.92
C CYS A 62 -23.15 4.48 -6.40
N GLY A 63 -23.28 4.39 -5.08
CA GLY A 63 -24.09 3.34 -4.46
C GLY A 63 -23.24 2.12 -4.15
N PHE A 64 -21.93 2.30 -4.14
CA PHE A 64 -21.01 1.20 -3.85
C PHE A 64 -20.92 0.96 -2.34
N TYR A 65 -21.07 -0.30 -1.93
CA TYR A 65 -21.00 -0.65 -0.52
C TYR A 65 -19.61 -1.15 -0.16
N GLY A 66 -19.07 -0.64 0.94
CA GLY A 66 -17.74 -1.04 1.39
C GLY A 66 -16.80 0.16 1.42
N ARG A 67 -15.71 0.04 2.17
CA ARG A 67 -14.73 1.13 2.27
C ARG A 67 -13.32 0.58 2.28
N HIS A 68 -12.70 0.55 1.10
CA HIS A 68 -11.33 0.05 0.98
C HIS A 68 -10.49 1.02 0.15
N ALA A 69 -9.42 1.53 0.75
CA ALA A 69 -8.54 2.46 0.05
C ALA A 69 -8.02 1.82 -1.24
N GLU A 70 -8.05 0.50 -1.26
CA GLU A 70 -7.60 -0.24 -2.43
C GLU A 70 -8.54 0.00 -3.60
N LEU A 71 -9.84 -0.02 -3.32
CA LEU A 71 -10.83 0.21 -4.36
C LEU A 71 -10.74 1.65 -4.86
N ARG A 72 -10.70 2.60 -3.93
CA ARG A 72 -10.61 4.00 -4.30
C ARG A 72 -9.45 4.23 -5.25
N PHE A 73 -8.37 3.47 -5.06
CA PHE A 73 -7.20 3.61 -5.93
C PHE A 73 -7.56 3.25 -7.36
N LEU A 74 -8.00 2.01 -7.56
CA LEU A 74 -8.37 1.56 -8.90
C LEU A 74 -9.26 2.59 -9.59
N ASP A 75 -9.99 3.37 -8.80
CA ASP A 75 -10.87 4.39 -9.34
C ASP A 75 -10.12 5.69 -9.58
N LEU A 76 -9.09 5.93 -8.77
CA LEU A 76 -8.28 7.13 -8.89
C LEU A 76 -7.20 6.91 -9.95
N VAL A 77 -6.90 5.66 -10.23
CA VAL A 77 -5.91 5.32 -11.24
C VAL A 77 -6.08 6.18 -12.50
N PRO A 78 -7.25 6.22 -13.12
CA PRO A 78 -7.45 7.04 -14.34
C PRO A 78 -6.99 8.48 -14.11
N SER A 79 -7.08 8.92 -12.87
CA SER A 79 -6.65 10.28 -12.52
C SER A 79 -5.14 10.43 -12.74
N LEU A 80 -4.41 9.33 -12.60
CA LEU A 80 -2.97 9.37 -12.79
C LEU A 80 -2.63 9.45 -14.28
N GLN A 81 -3.67 9.47 -15.10
CA GLN A 81 -3.51 9.56 -16.54
C GLN A 81 -2.39 8.67 -17.05
N LEU A 82 -2.47 7.38 -16.74
CA LEU A 82 -1.46 6.43 -17.18
C LEU A 82 -1.61 6.14 -18.68
N ASP A 83 -0.51 5.79 -19.33
CA ASP A 83 -0.54 5.50 -20.76
C ASP A 83 0.58 4.52 -21.13
N PRO A 84 0.43 3.80 -22.22
CA PRO A 84 1.46 2.82 -22.68
C PRO A 84 2.67 3.52 -23.29
N ALA A 85 2.58 4.82 -23.42
CA ALA A 85 3.66 5.61 -24.00
C ALA A 85 4.97 5.36 -23.24
N GLN A 86 4.86 5.13 -21.95
CA GLN A 86 6.03 4.88 -21.12
C GLN A 86 5.76 3.75 -20.13
N ILE A 87 6.55 3.70 -19.06
CA ILE A 87 6.39 2.66 -18.05
C ILE A 87 6.29 3.28 -16.65
N TYR A 88 5.20 2.97 -15.96
CA TYR A 88 4.98 3.48 -14.62
C TYR A 88 5.06 2.36 -13.59
N ARG A 89 5.16 2.73 -12.33
CA ARG A 89 5.23 1.76 -11.25
C ARG A 89 4.80 2.42 -9.94
N VAL A 90 3.71 1.94 -9.37
CA VAL A 90 3.20 2.51 -8.12
C VAL A 90 3.51 1.62 -6.94
N THR A 91 3.79 2.25 -5.79
CA THR A 91 4.09 1.50 -4.57
C THR A 91 2.99 1.70 -3.54
N TRP A 92 2.61 0.61 -2.89
CA TRP A 92 1.54 0.67 -1.89
C TRP A 92 2.09 0.41 -0.49
N PHE A 93 1.88 1.35 0.43
CA PHE A 93 2.33 1.17 1.81
C PHE A 93 1.10 1.12 2.71
N ILE A 94 0.75 -0.08 3.18
CA ILE A 94 -0.42 -0.25 4.02
C ILE A 94 -0.04 -0.80 5.40
N SER A 95 -0.93 -0.61 6.38
CA SER A 95 -0.66 -1.06 7.73
C SER A 95 -1.23 -2.48 7.98
N TRP A 96 -1.38 -3.24 6.90
CA TRP A 96 -1.91 -4.61 6.98
C TRP A 96 -2.31 -5.10 5.59
N SER A 97 -1.79 -6.27 5.21
CA SER A 97 -2.08 -6.84 3.89
C SER A 97 -3.52 -6.55 3.47
N PRO A 98 -3.82 -6.61 2.19
CA PRO A 98 -5.19 -6.35 1.67
C PRO A 98 -6.17 -7.46 2.04
N CYS A 99 -7.46 -7.19 1.85
CA CYS A 99 -8.48 -8.17 2.16
C CYS A 99 -8.28 -9.44 1.33
N PHE A 100 -9.39 -10.06 0.92
CA PHE A 100 -9.32 -11.27 0.11
C PHE A 100 -9.72 -10.97 -1.33
N SER A 101 -9.33 -11.87 -2.23
CA SER A 101 -9.64 -11.70 -3.65
C SER A 101 -11.05 -11.17 -3.84
N TRP A 102 -12.04 -12.02 -3.58
CA TRP A 102 -13.43 -11.64 -3.73
C TRP A 102 -13.65 -10.23 -3.19
N GLY A 103 -12.75 -9.78 -2.33
CA GLY A 103 -12.86 -8.45 -1.75
C GLY A 103 -12.03 -7.43 -2.53
N CYS A 104 -10.79 -7.23 -2.10
CA CYS A 104 -9.92 -6.26 -2.78
C CYS A 104 -8.96 -6.96 -3.74
N ALA A 105 -8.15 -7.86 -3.21
CA ALA A 105 -7.17 -8.58 -4.04
C ALA A 105 -7.76 -8.95 -5.39
N GLY A 106 -9.09 -9.08 -5.45
CA GLY A 106 -9.76 -9.43 -6.69
C GLY A 106 -9.69 -8.27 -7.67
N GLU A 107 -9.85 -7.05 -7.17
CA GLU A 107 -9.81 -5.86 -8.00
C GLU A 107 -8.36 -5.49 -8.32
N VAL A 108 -7.50 -5.56 -7.30
CA VAL A 108 -6.09 -5.22 -7.50
C VAL A 108 -5.49 -6.08 -8.60
N ARG A 109 -5.97 -7.32 -8.71
CA ARG A 109 -5.49 -8.22 -9.75
C ARG A 109 -6.00 -7.80 -11.11
N ALA A 110 -7.33 -7.79 -11.27
CA ALA A 110 -7.93 -7.39 -12.53
C ALA A 110 -7.36 -6.07 -13.01
N PHE A 111 -6.86 -5.27 -12.08
CA PHE A 111 -6.28 -3.97 -12.42
C PHE A 111 -4.97 -4.15 -13.16
N LEU A 112 -3.98 -4.70 -12.48
CA LEU A 112 -2.68 -4.93 -13.10
C LEU A 112 -2.88 -5.57 -14.47
N GLN A 113 -4.04 -6.20 -14.65
CA GLN A 113 -4.36 -6.84 -15.92
C GLN A 113 -4.92 -5.81 -16.90
N GLU A 114 -5.64 -4.83 -16.37
CA GLU A 114 -6.22 -3.78 -17.20
C GLU A 114 -5.13 -2.88 -17.76
N ASN A 115 -4.12 -2.62 -16.93
CA ASN A 115 -3.01 -1.77 -17.33
C ASN A 115 -1.68 -2.43 -16.96
N THR A 116 -1.07 -3.10 -17.93
CA THR A 116 0.22 -3.77 -17.70
C THR A 116 1.37 -2.79 -17.73
N HIS A 117 1.15 -1.65 -18.40
CA HIS A 117 2.19 -0.62 -18.49
C HIS A 117 2.55 -0.10 -17.11
N VAL A 118 1.58 -0.12 -16.20
CA VAL A 118 1.80 0.35 -14.84
C VAL A 118 1.87 -0.85 -13.88
N ARG A 119 3.00 -0.96 -13.21
CA ARG A 119 3.21 -2.04 -12.26
C ARG A 119 2.84 -1.58 -10.85
N LEU A 120 2.54 -2.53 -9.98
CA LEU A 120 2.17 -2.21 -8.61
C LEU A 120 2.86 -3.15 -7.61
N ARG A 121 3.39 -2.55 -6.54
CA ARG A 121 4.07 -3.31 -5.50
C ARG A 121 3.35 -3.12 -4.17
N ILE A 122 3.21 -4.20 -3.41
CA ILE A 122 2.53 -4.13 -2.13
C ILE A 122 3.53 -4.16 -0.98
N PHE A 123 3.16 -3.48 0.10
CA PHE A 123 4.00 -3.46 1.28
C PHE A 123 3.14 -3.25 2.52
N ALA A 124 3.02 -4.28 3.34
CA ALA A 124 2.22 -4.19 4.56
C ALA A 124 3.12 -4.03 5.77
N ALA A 125 2.58 -3.46 6.85
CA ALA A 125 3.36 -3.27 8.07
C ALA A 125 3.44 -4.56 8.86
N ARG A 126 2.34 -5.32 8.84
CA ARG A 126 2.29 -6.59 9.56
C ARG A 126 0.99 -7.32 9.24
N ILE A 127 1.06 -8.66 9.21
CA ILE A 127 -0.11 -9.46 8.92
C ILE A 127 -0.88 -9.77 10.19
N TYR A 128 -2.21 -9.82 10.08
CA TYR A 128 -3.05 -10.10 11.24
C TYR A 128 -3.35 -11.59 11.30
N ASP A 129 -2.50 -12.33 12.00
CA ASP A 129 -2.69 -13.77 12.14
C ASP A 129 -4.15 -14.09 12.40
N TYR A 130 -4.90 -13.10 12.88
CA TYR A 130 -6.32 -13.30 13.16
C TYR A 130 -7.10 -13.44 11.85
N ASP A 131 -6.37 -13.46 10.73
CA ASP A 131 -7.00 -13.59 9.43
C ASP A 131 -6.00 -14.16 8.42
N PRO A 132 -5.79 -15.46 8.43
CA PRO A 132 -4.84 -16.12 7.50
C PRO A 132 -5.44 -16.35 6.11
N LEU A 133 -6.35 -15.47 5.71
CA LEU A 133 -6.99 -15.59 4.40
C LEU A 133 -6.17 -14.84 3.35
N TYR A 134 -5.70 -13.66 3.71
CA TYR A 134 -4.90 -12.85 2.80
C TYR A 134 -3.76 -13.67 2.22
N LYS A 135 -3.41 -14.76 2.90
CA LYS A 135 -2.33 -15.63 2.45
C LYS A 135 -2.60 -16.12 1.03
N GLU A 136 -3.70 -16.84 0.86
CA GLU A 136 -4.06 -17.35 -0.45
C GLU A 136 -4.32 -16.20 -1.41
N ALA A 137 -4.86 -15.11 -0.89
CA ALA A 137 -5.15 -13.94 -1.71
C ALA A 137 -3.85 -13.32 -2.22
N LEU A 138 -2.80 -13.41 -1.42
CA LEU A 138 -1.50 -12.86 -1.81
C LEU A 138 -0.95 -13.61 -3.00
N GLN A 139 -0.72 -14.91 -2.84
CA GLN A 139 -0.19 -15.72 -3.92
C GLN A 139 -0.88 -15.39 -5.23
N MET A 140 -2.21 -15.41 -5.21
CA MET A 140 -2.99 -15.11 -6.41
C MET A 140 -2.74 -13.67 -6.86
N LEU A 141 -2.35 -12.82 -5.92
CA LEU A 141 -2.08 -11.41 -6.25
C LEU A 141 -0.79 -11.29 -7.05
N ARG A 142 0.33 -11.70 -6.43
CA ARG A 142 1.61 -11.62 -7.11
C ARG A 142 1.49 -12.17 -8.52
N ASP A 143 0.63 -13.18 -8.69
CA ASP A 143 0.42 -13.77 -9.99
C ASP A 143 0.05 -12.70 -11.01
N ALA A 144 -0.69 -11.69 -10.55
CA ALA A 144 -1.10 -10.60 -11.42
C ALA A 144 0.12 -9.85 -11.94
N GLY A 145 1.26 -10.06 -11.29
CA GLY A 145 2.51 -9.40 -11.70
C GLY A 145 3.02 -8.49 -10.60
N ALA A 146 2.16 -8.20 -9.63
CA ALA A 146 2.55 -7.32 -8.52
C ALA A 146 3.54 -8.03 -7.61
N GLN A 147 4.15 -7.26 -6.70
CA GLN A 147 5.12 -7.83 -5.77
C GLN A 147 4.87 -7.33 -4.36
N VAL A 148 4.59 -8.25 -3.44
CA VAL A 148 4.34 -7.87 -2.05
C VAL A 148 5.52 -8.23 -1.15
N SER A 149 5.64 -7.49 -0.05
CA SER A 149 6.72 -7.73 0.90
C SER A 149 6.44 -7.01 2.22
N ILE A 150 7.32 -7.19 3.20
CA ILE A 150 7.14 -6.55 4.49
C ILE A 150 7.91 -5.23 4.55
N MET A 151 7.39 -4.28 5.30
CA MET A 151 8.03 -2.97 5.44
C MET A 151 9.51 -3.13 5.71
N THR A 152 10.28 -2.08 5.41
CA THR A 152 11.72 -2.10 5.64
C THR A 152 12.17 -0.82 6.32
N TYR A 153 13.42 -0.80 6.78
CA TYR A 153 13.96 0.36 7.46
C TYR A 153 13.95 1.58 6.55
N ASP A 154 14.67 1.48 5.43
CA ASP A 154 14.73 2.58 4.47
C ASP A 154 13.35 2.89 3.91
N GLU A 155 12.58 1.84 3.64
CA GLU A 155 11.24 2.00 3.10
C GLU A 155 10.39 2.86 4.02
N PHE A 156 10.69 2.80 5.32
CA PHE A 156 9.93 3.58 6.31
C PHE A 156 10.41 5.04 6.31
N GLU A 157 11.71 5.23 6.10
CA GLU A 157 12.27 6.57 6.09
C GLU A 157 11.86 7.33 4.84
N TYR A 158 11.78 6.63 3.72
CA TYR A 158 11.38 7.26 2.47
C TYR A 158 9.88 7.53 2.42
N CYS A 159 9.11 6.63 3.03
CA CYS A 159 7.66 6.79 3.06
C CYS A 159 7.25 7.88 4.03
N TRP A 160 7.95 7.94 5.16
CA TRP A 160 7.67 8.95 6.18
C TRP A 160 7.98 10.35 5.66
N ASP A 161 9.06 10.47 4.90
CA ASP A 161 9.45 11.77 4.35
C ASP A 161 8.71 12.07 3.06
N THR A 162 8.24 11.02 2.39
CA THR A 162 7.54 11.18 1.13
C THR A 162 6.05 11.48 1.34
N PHE A 163 5.41 10.68 2.18
CA PHE A 163 3.98 10.85 2.45
C PHE A 163 3.73 11.86 3.55
N VAL A 164 4.55 11.82 4.61
CA VAL A 164 4.38 12.75 5.73
C VAL A 164 5.49 13.78 5.74
N TYR A 165 5.34 14.82 4.91
CA TYR A 165 6.34 15.88 4.84
C TYR A 165 6.22 16.80 6.06
N ARG A 166 7.31 16.95 6.79
CA ARG A 166 7.30 17.80 7.98
C ARG A 166 8.70 18.37 8.24
N GLN A 167 8.96 19.55 7.67
CA GLN A 167 10.26 20.19 7.86
C GLN A 167 11.40 19.19 7.73
N GLY A 168 11.18 18.13 6.94
CA GLY A 168 12.21 17.13 6.73
C GLY A 168 12.69 16.54 8.06
N CYS A 169 11.83 16.56 9.07
CA CYS A 169 12.19 16.02 10.38
C CYS A 169 12.55 14.54 10.26
N PRO A 170 13.34 14.03 11.17
CA PRO A 170 13.76 12.59 11.14
C PRO A 170 12.59 11.66 11.42
N PHE A 171 12.78 10.38 11.09
CA PHE A 171 11.74 9.38 11.31
C PHE A 171 12.00 8.58 12.57
N GLN A 172 10.94 8.12 13.20
CA GLN A 172 11.05 7.35 14.43
C GLN A 172 10.67 5.88 14.17
N PRO A 173 11.62 5.03 13.84
CA PRO A 173 11.35 3.59 13.55
C PRO A 173 11.24 2.75 14.82
N TRP A 174 11.09 3.41 15.97
CA TRP A 174 10.97 2.72 17.27
C TRP A 174 11.93 1.54 17.38
N ASP A 175 12.86 1.45 16.45
CA ASP A 175 13.82 0.36 16.43
C ASP A 175 13.13 -0.99 16.63
N GLY A 176 11.81 -0.99 16.58
CA GLY A 176 11.04 -2.23 16.75
C GLY A 176 10.83 -2.91 15.41
N LEU A 177 10.39 -2.15 14.41
CA LEU A 177 10.13 -2.71 13.09
C LEU A 177 11.37 -3.42 12.56
N GLU A 178 12.53 -3.03 13.06
CA GLU A 178 13.79 -3.63 12.62
C GLU A 178 13.82 -5.12 12.96
N GLU A 179 13.73 -5.43 14.24
CA GLU A 179 13.75 -6.83 14.67
C GLU A 179 12.66 -7.62 13.98
N HIS A 180 11.44 -7.12 14.04
CA HIS A 180 10.31 -7.79 13.41
C HIS A 180 10.56 -7.97 11.92
N SER A 181 11.03 -6.92 11.25
CA SER A 181 11.30 -7.00 9.82
C SER A 181 12.07 -8.28 9.50
N GLN A 182 13.10 -8.57 10.30
CA GLN A 182 13.89 -9.77 10.06
C GLN A 182 13.02 -11.02 10.14
N ALA A 183 12.35 -11.20 11.27
CA ALA A 183 11.47 -12.36 11.45
C ALA A 183 10.38 -12.39 10.39
N LEU A 184 9.55 -11.36 10.39
CA LEU A 184 8.45 -11.28 9.42
C LEU A 184 8.96 -11.50 8.00
N SER A 185 10.05 -10.82 7.65
CA SER A 185 10.61 -10.97 6.31
C SER A 185 10.66 -12.44 5.92
N GLY A 186 11.29 -13.25 6.77
CA GLY A 186 11.40 -14.68 6.49
C GLY A 186 10.03 -15.27 6.18
N ARG A 187 9.04 -14.96 7.00
CA ARG A 187 7.69 -15.46 6.81
C ARG A 187 7.10 -14.91 5.50
N LEU A 188 6.92 -13.60 5.44
CA LEU A 188 6.36 -12.96 4.26
C LEU A 188 6.96 -13.57 3.00
N ARG A 189 8.27 -13.42 2.83
CA ARG A 189 8.94 -13.97 1.66
C ARG A 189 8.47 -15.40 1.40
N ALA A 190 8.29 -16.15 2.47
CA ALA A 190 7.84 -17.54 2.36
C ALA A 190 6.40 -17.59 1.84
N ILE A 191 5.55 -16.72 2.37
CA ILE A 191 4.15 -16.70 1.95
C ILE A 191 4.06 -16.58 0.44
N LEU A 192 5.03 -15.90 -0.16
CA LEU A 192 5.04 -15.74 -1.61
C LEU A 192 5.13 -17.09 -2.30
N GLN A 193 5.73 -18.02 -1.60
CA GLN A 193 5.91 -19.37 -2.13
C GLN A 193 4.82 -20.30 -1.59
N ASN A 194 4.84 -20.54 -0.28
CA ASN A 194 3.86 -21.40 0.35
C ASN A 194 3.63 -22.65 -0.50
N GLN A 195 4.58 -22.96 -1.37
CA GLN A 195 4.48 -24.13 -2.23
C GLN A 195 3.41 -23.91 -3.31
N GLY A 196 2.27 -23.37 -2.90
CA GLY A 196 1.19 -23.11 -3.84
C GLY A 196 -0.16 -23.48 -3.23
N ASN A 197 -0.76 -24.55 -3.73
CA ASN A 197 -2.06 -25.00 -3.24
C ASN A 197 -2.29 -26.46 -3.59
ZN ZN B . -11.35 -4.88 0.67
N MET A 1 -7.01 22.67 -15.58
CA MET A 1 -7.36 21.60 -14.60
C MET A 1 -6.39 21.66 -13.42
N GLU A 2 -5.10 21.60 -13.71
CA GLU A 2 -4.09 21.65 -12.65
C GLU A 2 -4.26 20.47 -11.70
N ILE A 3 -3.17 20.11 -11.03
CA ILE A 3 -3.20 19.01 -10.08
C ILE A 3 -3.16 19.52 -8.65
N LEU A 4 -3.17 18.60 -7.69
CA LEU A 4 -3.14 18.97 -6.27
C LEU A 4 -2.57 17.82 -5.44
N ARG A 5 -2.55 18.02 -4.12
CA ARG A 5 -2.04 16.99 -3.22
C ARG A 5 -2.93 16.87 -1.99
N TYR A 6 -2.32 16.47 -0.88
CA TYR A 6 -3.06 16.31 0.37
C TYR A 6 -2.09 16.19 1.54
N LEU A 7 -1.02 15.43 1.31
CA LEU A 7 0.00 15.25 2.34
C LEU A 7 -0.62 15.02 3.72
N MET A 8 -0.70 13.77 4.12
CA MET A 8 -1.26 13.42 5.42
C MET A 8 -0.41 14.02 6.54
N ASP A 9 -1.00 14.15 7.71
CA ASP A 9 -0.30 14.72 8.85
C ASP A 9 0.42 13.61 9.63
N PRO A 10 1.41 13.95 10.41
CA PRO A 10 2.19 12.96 11.20
C PRO A 10 1.32 12.24 12.24
N ASP A 11 0.65 13.02 13.07
CA ASP A 11 -0.21 12.45 14.10
C ASP A 11 -1.08 11.35 13.52
N THR A 12 -1.38 11.44 12.23
CA THR A 12 -2.20 10.45 11.57
C THR A 12 -1.35 9.28 11.07
N PHE A 13 -0.43 9.58 10.15
CA PHE A 13 0.45 8.55 9.60
C PHE A 13 1.05 7.70 10.72
N THR A 14 1.30 8.33 11.86
CA THR A 14 1.88 7.61 13.00
C THR A 14 0.80 6.84 13.75
N PHE A 15 -0.35 7.48 13.97
CA PHE A 15 -1.45 6.84 14.67
C PHE A 15 -1.90 5.59 13.93
N ASN A 16 -1.76 5.61 12.61
CA ASN A 16 -2.16 4.47 11.79
C ASN A 16 -1.08 3.38 11.82
N PHE A 17 0.15 3.75 11.46
CA PHE A 17 1.25 2.80 11.46
C PHE A 17 1.58 2.34 12.87
N ASN A 18 0.97 3.00 13.86
CA ASN A 18 1.22 2.66 15.26
C ASN A 18 0.78 1.22 15.54
N ASN A 19 0.12 0.61 14.56
CA ASN A 19 -0.35 -0.77 14.71
C ASN A 19 0.83 -1.74 14.64
N ASP A 20 1.95 -1.35 15.23
CA ASP A 20 3.13 -2.19 15.25
C ASP A 20 2.92 -3.41 16.15
N PRO A 21 2.36 -3.21 17.31
CA PRO A 21 2.11 -4.32 18.27
C PRO A 21 0.76 -5.01 18.02
N LEU A 22 0.78 -6.33 18.01
CA LEU A 22 -0.45 -7.10 17.78
C LEU A 22 -1.61 -6.49 18.54
N VAL A 23 -2.35 -5.60 17.87
CA VAL A 23 -3.49 -4.95 18.48
C VAL A 23 -4.79 -5.45 17.87
N LEU A 24 -5.78 -5.71 18.72
CA LEU A 24 -7.07 -6.20 18.24
C LEU A 24 -7.95 -5.05 17.78
N ARG A 25 -9.02 -5.37 17.06
CA ARG A 25 -9.94 -4.35 16.56
C ARG A 25 -9.21 -3.41 15.60
N ARG A 26 -8.62 -3.98 14.55
CA ARG A 26 -7.89 -3.20 13.57
C ARG A 26 -8.79 -2.90 12.37
N ARG A 27 -10.10 -2.91 12.59
CA ARG A 27 -11.04 -2.63 11.51
C ARG A 27 -10.60 -1.41 10.71
N GLN A 28 -9.71 -0.62 11.28
CA GLN A 28 -9.21 0.58 10.62
C GLN A 28 -8.07 0.22 9.67
N THR A 29 -8.14 0.74 8.45
CA THR A 29 -7.11 0.47 7.45
C THR A 29 -6.69 1.76 6.74
N TYR A 30 -5.46 1.79 6.26
CA TYR A 30 -4.94 2.96 5.57
C TYR A 30 -3.86 2.56 4.58
N LEU A 31 -4.01 3.01 3.33
CA LEU A 31 -3.05 2.70 2.28
C LEU A 31 -2.54 3.97 1.64
N CYS A 32 -1.23 3.99 1.40
CA CYS A 32 -0.60 5.16 0.78
C CYS A 32 -0.13 4.80 -0.62
N TYR A 33 -0.64 5.51 -1.63
CA TYR A 33 -0.27 5.23 -3.01
C TYR A 33 0.60 6.34 -3.59
N GLU A 34 1.58 5.95 -4.39
CA GLU A 34 2.46 6.91 -5.05
C GLU A 34 2.65 6.50 -6.50
N VAL A 35 3.30 7.34 -7.28
CA VAL A 35 3.53 7.04 -8.69
C VAL A 35 4.96 7.37 -9.10
N GLU A 36 5.53 6.50 -9.92
CA GLU A 36 6.89 6.70 -10.40
C GLU A 36 6.96 6.58 -11.91
N ARG A 37 7.70 7.48 -12.53
CA ARG A 37 7.88 7.47 -13.98
C ARG A 37 9.34 7.21 -14.29
N LEU A 38 9.63 6.07 -14.88
CA LEU A 38 11.00 5.74 -15.19
C LEU A 38 11.60 6.71 -16.19
N ASP A 39 12.35 7.68 -15.67
CA ASP A 39 12.99 8.68 -16.50
C ASP A 39 14.52 8.55 -16.44
N ASN A 40 15.15 8.44 -17.59
CA ASN A 40 16.61 8.32 -17.64
C ASN A 40 17.08 7.00 -17.04
N GLY A 41 16.26 5.95 -17.19
CA GLY A 41 16.61 4.64 -16.65
C GLY A 41 16.54 4.61 -15.13
N THR A 42 15.85 5.60 -14.55
CA THR A 42 15.70 5.67 -13.10
C THR A 42 14.28 6.05 -12.75
N TRP A 43 13.82 5.60 -11.59
CA TRP A 43 12.47 5.89 -11.17
C TRP A 43 12.40 7.29 -10.57
N VAL A 44 11.40 8.06 -11.00
CA VAL A 44 11.23 9.42 -10.51
C VAL A 44 9.86 9.59 -9.86
N LEU A 45 9.87 9.98 -8.59
CA LEU A 45 8.62 10.16 -7.85
C LEU A 45 7.85 11.36 -8.41
N MET A 46 6.56 11.15 -8.66
CA MET A 46 5.71 12.22 -9.19
C MET A 46 4.75 12.71 -8.11
N ASP A 47 5.07 13.84 -7.51
CA ASP A 47 4.24 14.41 -6.46
C ASP A 47 2.85 14.75 -6.98
N GLN A 48 2.77 15.09 -8.26
CA GLN A 48 1.49 15.45 -8.87
C GLN A 48 0.53 14.26 -8.87
N HIS A 49 1.08 13.06 -9.04
CA HIS A 49 0.27 11.84 -9.07
C HIS A 49 0.46 11.03 -7.79
N MET A 50 0.73 11.73 -6.69
CA MET A 50 0.92 11.08 -5.40
C MET A 50 -0.19 11.46 -4.43
N GLY A 51 -0.42 10.60 -3.44
CA GLY A 51 -1.46 10.83 -2.45
C GLY A 51 -1.80 9.54 -1.73
N PHE A 52 -2.63 9.63 -0.69
CA PHE A 52 -3.03 8.45 0.07
C PHE A 52 -4.53 8.30 0.06
N LEU A 53 -4.99 7.09 0.36
CA LEU A 53 -6.42 6.79 0.38
C LEU A 53 -6.80 6.14 1.70
N CYS A 54 -7.79 6.72 2.38
CA CYS A 54 -8.24 6.18 3.66
C CYS A 54 -9.28 5.09 3.46
N ASN A 55 -9.81 4.58 4.56
CA ASN A 55 -10.82 3.51 4.49
C ASN A 55 -12.22 4.11 4.40
N GLU A 56 -12.65 4.77 5.47
CA GLU A 56 -13.97 5.38 5.49
C GLU A 56 -14.10 6.45 4.41
N ALA A 57 -15.31 6.63 3.90
CA ALA A 57 -15.55 7.63 2.86
C ALA A 57 -17.03 7.96 2.78
N LYS A 58 -17.34 9.09 2.15
CA LYS A 58 -18.73 9.53 2.01
C LYS A 58 -19.46 8.65 0.98
N ASN A 59 -19.91 7.49 1.41
CA ASN A 59 -20.63 6.59 0.52
C ASN A 59 -21.65 5.76 1.30
N LEU A 60 -21.54 5.79 2.62
CA LEU A 60 -22.46 5.04 3.47
C LEU A 60 -23.87 5.64 3.40
N LEU A 61 -23.95 6.90 2.97
CA LEU A 61 -25.23 7.57 2.87
C LEU A 61 -26.14 6.84 1.88
N CYS A 62 -25.55 6.36 0.79
CA CYS A 62 -26.32 5.63 -0.22
C CYS A 62 -26.78 4.28 0.31
N GLY A 63 -26.32 3.95 1.52
CA GLY A 63 -26.69 2.67 2.13
C GLY A 63 -25.65 1.59 1.82
N PHE A 64 -24.40 2.01 1.64
CA PHE A 64 -23.33 1.09 1.34
C PHE A 64 -22.72 0.52 2.62
N TYR A 65 -22.04 -0.61 2.51
CA TYR A 65 -21.42 -1.24 3.67
C TYR A 65 -20.03 -1.76 3.31
N GLY A 66 -19.00 -1.09 3.84
CA GLY A 66 -17.63 -1.50 3.56
C GLY A 66 -16.73 -0.28 3.37
N ARG A 67 -15.43 -0.48 3.55
CA ARG A 67 -14.47 0.61 3.38
C ARG A 67 -13.07 0.07 3.12
N HIS A 68 -12.63 0.14 1.87
CA HIS A 68 -11.31 -0.36 1.50
C HIS A 68 -10.58 0.67 0.64
N ALA A 69 -9.49 1.23 1.20
CA ALA A 69 -8.72 2.23 0.47
C ALA A 69 -8.31 1.70 -0.89
N GLU A 70 -7.94 0.42 -0.92
CA GLU A 70 -7.54 -0.20 -2.17
C GLU A 70 -8.60 0.04 -3.25
N LEU A 71 -9.87 -0.11 -2.90
CA LEU A 71 -10.94 0.11 -3.85
C LEU A 71 -10.87 1.53 -4.39
N ARG A 72 -10.90 2.49 -3.47
CA ARG A 72 -10.82 3.89 -3.83
C ARG A 72 -9.67 4.13 -4.80
N PHE A 73 -8.64 3.29 -4.74
CA PHE A 73 -7.50 3.48 -5.63
C PHE A 73 -7.88 3.17 -7.07
N LEU A 74 -8.46 1.99 -7.30
CA LEU A 74 -8.84 1.62 -8.66
C LEU A 74 -9.67 2.74 -9.27
N ASP A 75 -10.24 3.55 -8.39
CA ASP A 75 -11.05 4.68 -8.84
C ASP A 75 -10.17 5.92 -9.05
N LEU A 76 -9.02 5.90 -8.39
CA LEU A 76 -8.05 7.01 -8.45
C LEU A 76 -7.08 6.89 -9.63
N VAL A 77 -6.83 5.67 -10.10
CA VAL A 77 -5.90 5.48 -11.20
C VAL A 77 -6.23 6.39 -12.38
N PRO A 78 -7.48 6.45 -12.80
CA PRO A 78 -7.87 7.34 -13.94
C PRO A 78 -7.40 8.77 -13.71
N SER A 79 -7.31 9.18 -12.44
CA SER A 79 -6.88 10.53 -12.10
C SER A 79 -5.40 10.73 -12.40
N LEU A 80 -4.66 9.63 -12.47
CA LEU A 80 -3.22 9.71 -12.74
C LEU A 80 -2.96 9.85 -14.24
N GLN A 81 -4.03 9.73 -15.02
CA GLN A 81 -3.91 9.85 -16.47
C GLN A 81 -2.63 9.18 -16.98
N LEU A 82 -2.45 7.91 -16.62
CA LEU A 82 -1.27 7.17 -17.06
C LEU A 82 -1.18 7.13 -18.57
N ASP A 83 -0.17 6.42 -19.08
CA ASP A 83 0.02 6.32 -20.52
C ASP A 83 0.48 4.89 -20.89
N PRO A 84 -0.05 4.30 -21.94
CA PRO A 84 0.35 2.93 -22.36
C PRO A 84 1.71 2.91 -23.03
N ALA A 85 2.26 4.09 -23.23
CA ALA A 85 3.57 4.22 -23.88
C ALA A 85 4.70 4.07 -22.87
N GLN A 86 4.85 5.07 -22.01
CA GLN A 86 5.90 5.04 -21.01
C GLN A 86 5.67 3.92 -20.01
N ILE A 87 6.59 3.79 -19.05
CA ILE A 87 6.48 2.76 -18.03
C ILE A 87 6.35 3.40 -16.65
N TYR A 88 5.23 3.13 -15.98
CA TYR A 88 4.98 3.69 -14.66
C TYR A 88 5.04 2.59 -13.60
N ARG A 89 4.95 3.00 -12.34
CA ARG A 89 5.01 2.05 -11.24
C ARG A 89 4.54 2.72 -9.96
N VAL A 90 3.45 2.23 -9.38
CA VAL A 90 2.92 2.82 -8.15
C VAL A 90 3.31 1.97 -6.95
N THR A 91 3.51 2.63 -5.81
CA THR A 91 3.88 1.93 -4.59
C THR A 91 2.77 2.06 -3.55
N TRP A 92 2.40 0.94 -2.94
CA TRP A 92 1.36 0.92 -1.93
C TRP A 92 1.93 0.67 -0.55
N PHE A 93 1.68 1.58 0.39
CA PHE A 93 2.15 1.39 1.76
C PHE A 93 0.95 1.26 2.68
N ILE A 94 0.67 0.03 3.10
CA ILE A 94 -0.47 -0.24 3.97
C ILE A 94 -0.01 -0.69 5.35
N SER A 95 -0.69 -0.19 6.38
CA SER A 95 -0.34 -0.55 7.74
C SER A 95 -1.14 -1.77 8.20
N TRP A 96 -1.29 -2.74 7.31
CA TRP A 96 -2.02 -3.96 7.64
C TRP A 96 -2.03 -4.91 6.45
N SER A 97 -2.81 -5.99 6.57
CA SER A 97 -2.91 -6.98 5.50
C SER A 97 -4.25 -6.81 4.75
N PRO A 98 -4.23 -6.42 3.48
CA PRO A 98 -5.49 -6.24 2.71
C PRO A 98 -6.42 -7.43 2.84
N CYS A 99 -7.66 -7.27 2.37
CA CYS A 99 -8.65 -8.34 2.44
C CYS A 99 -8.21 -9.54 1.61
N PHE A 100 -9.18 -10.24 1.02
CA PHE A 100 -8.89 -11.41 0.21
C PHE A 100 -9.26 -11.17 -1.26
N SER A 101 -8.71 -12.02 -2.13
CA SER A 101 -8.96 -11.92 -3.57
C SER A 101 -10.44 -11.68 -3.85
N TRP A 102 -11.25 -12.72 -3.69
CA TRP A 102 -12.69 -12.60 -3.94
C TRP A 102 -13.22 -11.29 -3.39
N GLY A 103 -12.48 -10.69 -2.46
CA GLY A 103 -12.89 -9.43 -1.87
C GLY A 103 -12.23 -8.26 -2.59
N CYS A 104 -11.07 -7.85 -2.11
CA CYS A 104 -10.35 -6.73 -2.71
C CYS A 104 -9.25 -7.20 -3.66
N ALA A 105 -8.27 -7.92 -3.13
CA ALA A 105 -7.16 -8.40 -3.94
C ALA A 105 -7.65 -8.89 -5.30
N GLY A 106 -8.93 -9.23 -5.38
CA GLY A 106 -9.50 -9.70 -6.64
C GLY A 106 -9.53 -8.59 -7.67
N GLU A 107 -10.28 -7.53 -7.37
CA GLU A 107 -10.39 -6.39 -8.29
C GLU A 107 -9.03 -5.72 -8.49
N VAL A 108 -8.18 -5.77 -7.47
CA VAL A 108 -6.86 -5.15 -7.59
C VAL A 108 -6.02 -5.89 -8.64
N ARG A 109 -6.24 -7.19 -8.74
CA ARG A 109 -5.51 -8.01 -9.71
C ARG A 109 -5.93 -7.65 -11.13
N ALA A 110 -7.22 -7.74 -11.40
CA ALA A 110 -7.74 -7.43 -12.73
C ALA A 110 -7.10 -6.14 -13.25
N PHE A 111 -6.99 -5.15 -12.38
CA PHE A 111 -6.39 -3.87 -12.76
C PHE A 111 -4.96 -4.06 -13.26
N LEU A 112 -4.09 -4.54 -12.37
CA LEU A 112 -2.71 -4.75 -12.74
C LEU A 112 -2.64 -5.42 -14.12
N GLN A 113 -3.73 -6.08 -14.49
CA GLN A 113 -3.80 -6.75 -15.79
C GLN A 113 -4.25 -5.75 -16.85
N GLU A 114 -5.24 -4.93 -16.51
CA GLU A 114 -5.78 -3.94 -17.43
C GLU A 114 -4.68 -2.99 -17.88
N ASN A 115 -3.80 -2.64 -16.95
CA ASN A 115 -2.71 -1.72 -17.23
C ASN A 115 -1.37 -2.37 -16.88
N THR A 116 -0.75 -3.00 -17.87
CA THR A 116 0.53 -3.66 -17.68
C THR A 116 1.66 -2.64 -17.70
N HIS A 117 1.40 -1.49 -18.32
CA HIS A 117 2.40 -0.44 -18.41
C HIS A 117 2.78 0.06 -17.01
N VAL A 118 1.82 0.00 -16.09
CA VAL A 118 2.06 0.43 -14.72
C VAL A 118 2.15 -0.77 -13.78
N ARG A 119 3.19 -0.76 -12.96
CA ARG A 119 3.40 -1.85 -12.00
C ARG A 119 2.94 -1.40 -10.63
N LEU A 120 2.64 -2.36 -9.76
CA LEU A 120 2.18 -2.04 -8.41
C LEU A 120 2.85 -2.95 -7.38
N ARG A 121 3.27 -2.35 -6.26
CA ARG A 121 3.91 -3.11 -5.19
C ARG A 121 3.23 -2.81 -3.86
N ILE A 122 2.91 -3.86 -3.10
CA ILE A 122 2.23 -3.68 -1.81
C ILE A 122 3.09 -4.12 -0.65
N PHE A 123 3.43 -3.15 0.18
CA PHE A 123 4.21 -3.42 1.38
C PHE A 123 3.33 -3.28 2.60
N ALA A 124 3.08 -4.39 3.29
CA ALA A 124 2.23 -4.37 4.48
C ALA A 124 3.09 -4.32 5.74
N ALA A 125 2.57 -3.65 6.77
CA ALA A 125 3.30 -3.53 8.04
C ALA A 125 3.00 -4.71 8.96
N ARG A 126 1.76 -5.16 8.94
CA ARG A 126 1.36 -6.29 9.79
C ARG A 126 0.43 -7.24 9.04
N ILE A 127 0.53 -8.52 9.36
CA ILE A 127 -0.30 -9.53 8.71
C ILE A 127 -1.52 -9.86 9.56
N TYR A 128 -2.66 -10.03 8.91
CA TYR A 128 -3.89 -10.34 9.62
C TYR A 128 -3.84 -11.76 10.20
N ASP A 129 -3.62 -11.85 11.50
CA ASP A 129 -3.55 -13.15 12.16
C ASP A 129 -4.94 -13.74 12.35
N TYR A 130 -5.95 -12.87 12.31
CA TYR A 130 -7.34 -13.31 12.48
C TYR A 130 -7.89 -13.84 11.17
N ASP A 131 -7.17 -13.60 10.08
CA ASP A 131 -7.61 -14.06 8.77
C ASP A 131 -6.42 -14.30 7.85
N PRO A 132 -5.65 -15.33 8.13
CA PRO A 132 -4.45 -15.69 7.32
C PRO A 132 -4.78 -15.87 5.85
N LEU A 133 -6.08 -15.96 5.54
CA LEU A 133 -6.52 -16.14 4.17
C LEU A 133 -5.82 -15.15 3.24
N TYR A 134 -5.45 -14.00 3.78
CA TYR A 134 -4.78 -12.98 2.99
C TYR A 134 -3.54 -13.56 2.31
N LYS A 135 -3.00 -14.62 2.90
CA LYS A 135 -1.82 -15.26 2.34
C LYS A 135 -2.08 -15.71 0.90
N GLU A 136 -3.07 -16.56 0.72
CA GLU A 136 -3.42 -17.05 -0.61
C GLU A 136 -3.77 -15.88 -1.52
N ALA A 137 -4.38 -14.85 -0.95
CA ALA A 137 -4.76 -13.67 -1.71
C ALA A 137 -3.53 -12.94 -2.23
N LEU A 138 -2.53 -12.80 -1.36
CA LEU A 138 -1.30 -12.12 -1.74
C LEU A 138 -0.58 -12.89 -2.84
N GLN A 139 -0.19 -14.12 -2.55
CA GLN A 139 0.50 -14.94 -3.53
C GLN A 139 -0.18 -14.82 -4.89
N MET A 140 -1.49 -14.99 -4.90
CA MET A 140 -2.25 -14.90 -6.14
C MET A 140 -2.16 -13.48 -6.71
N LEU A 141 -1.94 -12.51 -5.84
CA LEU A 141 -1.83 -11.12 -6.27
C LEU A 141 -0.53 -10.88 -7.02
N ARG A 142 0.60 -11.07 -6.33
CA ARG A 142 1.90 -10.88 -6.96
C ARG A 142 1.91 -11.59 -8.31
N ASP A 143 1.16 -12.69 -8.40
CA ASP A 143 1.09 -13.46 -9.63
C ASP A 143 0.73 -12.54 -10.81
N ALA A 144 -0.12 -11.55 -10.54
CA ALA A 144 -0.52 -10.62 -11.58
C ALA A 144 0.67 -9.82 -12.08
N GLY A 145 1.81 -10.01 -11.41
CA GLY A 145 3.03 -9.30 -11.80
C GLY A 145 3.44 -8.31 -10.70
N ALA A 146 2.60 -8.19 -9.68
CA ALA A 146 2.88 -7.28 -8.58
C ALA A 146 3.89 -7.89 -7.62
N GLN A 147 4.39 -7.07 -6.70
CA GLN A 147 5.36 -7.54 -5.72
C GLN A 147 4.99 -7.05 -4.33
N VAL A 148 5.04 -7.93 -3.34
CA VAL A 148 4.70 -7.54 -1.98
C VAL A 148 5.69 -8.10 -0.96
N SER A 149 5.91 -7.32 0.09
CA SER A 149 6.83 -7.71 1.15
C SER A 149 6.52 -6.97 2.45
N ILE A 150 7.26 -7.28 3.50
CA ILE A 150 7.03 -6.63 4.79
C ILE A 150 7.80 -5.31 4.86
N MET A 151 7.16 -4.29 5.43
CA MET A 151 7.79 -2.98 5.55
C MET A 151 9.26 -3.12 5.92
N THR A 152 10.08 -2.20 5.42
CA THR A 152 11.51 -2.22 5.70
C THR A 152 11.97 -0.86 6.23
N TYR A 153 12.97 -0.88 7.10
CA TYR A 153 13.49 0.36 7.68
C TYR A 153 13.69 1.41 6.60
N ASP A 154 14.54 1.10 5.62
CA ASP A 154 14.82 2.04 4.54
C ASP A 154 13.52 2.46 3.86
N GLU A 155 12.63 1.49 3.63
CA GLU A 155 11.36 1.77 2.99
C GLU A 155 10.52 2.70 3.86
N PHE A 156 10.80 2.71 5.16
CA PHE A 156 10.06 3.54 6.09
C PHE A 156 10.49 5.00 5.95
N GLU A 157 11.77 5.23 5.72
CA GLU A 157 12.30 6.58 5.58
C GLU A 157 11.78 7.22 4.28
N TYR A 158 11.72 6.43 3.22
CA TYR A 158 11.24 6.94 1.93
C TYR A 158 9.75 7.22 1.98
N CYS A 159 9.01 6.40 2.71
CA CYS A 159 7.57 6.56 2.83
C CYS A 159 7.23 7.64 3.84
N TRP A 160 8.10 7.80 4.84
CA TRP A 160 7.89 8.79 5.89
C TRP A 160 8.14 10.19 5.34
N ASP A 161 9.16 10.33 4.51
CA ASP A 161 9.50 11.64 3.95
C ASP A 161 8.67 11.91 2.70
N THR A 162 8.13 10.87 2.09
CA THR A 162 7.33 11.02 0.89
C THR A 162 5.87 11.35 1.22
N PHE A 163 5.29 10.62 2.17
CA PHE A 163 3.90 10.84 2.55
C PHE A 163 3.78 11.84 3.69
N VAL A 164 4.66 11.73 4.69
CA VAL A 164 4.63 12.65 5.83
C VAL A 164 5.68 13.73 5.69
N TYR A 165 5.24 14.99 5.73
CA TYR A 165 6.16 16.11 5.61
C TYR A 165 6.72 16.50 6.98
N ARG A 166 8.02 16.73 7.04
CA ARG A 166 8.66 17.11 8.29
C ARG A 166 9.91 17.96 8.03
N GLN A 167 10.02 18.47 6.81
CA GLN A 167 11.16 19.29 6.45
C GLN A 167 12.43 18.44 6.35
N GLY A 168 12.25 17.13 6.15
CA GLY A 168 13.39 16.23 6.03
C GLY A 168 13.81 15.66 7.39
N CYS A 169 13.03 15.95 8.43
CA CYS A 169 13.36 15.45 9.76
C CYS A 169 13.53 13.92 9.72
N PRO A 170 14.62 13.38 10.24
CA PRO A 170 14.84 11.90 10.24
C PRO A 170 13.59 11.14 10.67
N PHE A 171 13.52 9.86 10.30
CA PHE A 171 12.38 9.03 10.66
C PHE A 171 12.64 8.31 11.96
N GLN A 172 11.56 8.03 12.70
CA GLN A 172 11.67 7.35 13.98
C GLN A 172 11.11 5.92 13.87
N PRO A 173 11.94 4.94 13.61
CA PRO A 173 11.46 3.53 13.48
C PRO A 173 11.32 2.85 14.84
N TRP A 174 10.83 3.60 15.83
CA TRP A 174 10.65 3.10 17.18
C TRP A 174 11.75 2.11 17.53
N ASP A 175 11.50 0.82 17.29
CA ASP A 175 12.48 -0.22 17.58
C ASP A 175 11.85 -1.59 17.42
N GLY A 176 10.52 -1.64 17.58
CA GLY A 176 9.80 -2.89 17.46
C GLY A 176 9.64 -3.33 16.01
N LEU A 177 9.61 -2.37 15.08
CA LEU A 177 9.45 -2.70 13.67
C LEU A 177 10.71 -3.39 13.13
N GLU A 178 11.85 -3.07 13.72
CA GLU A 178 13.11 -3.67 13.28
C GLU A 178 13.14 -5.16 13.60
N GLU A 179 12.92 -5.49 14.87
CA GLU A 179 12.92 -6.89 15.28
C GLU A 179 11.90 -7.68 14.47
N HIS A 180 10.69 -7.14 14.37
CA HIS A 180 9.62 -7.79 13.62
C HIS A 180 10.03 -7.98 12.16
N SER A 181 10.60 -6.93 11.58
CA SER A 181 11.02 -7.00 10.17
C SER A 181 11.83 -8.26 9.92
N GLN A 182 12.75 -8.57 10.82
CA GLN A 182 13.57 -9.77 10.66
C GLN A 182 12.69 -11.02 10.66
N ALA A 183 11.94 -11.20 11.74
CA ALA A 183 11.06 -12.36 11.86
C ALA A 183 10.12 -12.45 10.66
N LEU A 184 9.29 -11.43 10.48
CA LEU A 184 8.34 -11.40 9.37
C LEU A 184 9.05 -11.64 8.05
N SER A 185 10.14 -10.91 7.83
CA SER A 185 10.91 -11.06 6.59
C SER A 185 11.08 -12.53 6.25
N GLY A 186 11.34 -13.34 7.26
CA GLY A 186 11.52 -14.77 7.06
C GLY A 186 10.23 -15.41 6.57
N ARG A 187 9.14 -15.15 7.27
CA ARG A 187 7.84 -15.70 6.89
C ARG A 187 7.42 -15.18 5.51
N LEU A 188 7.31 -13.86 5.39
CA LEU A 188 6.91 -13.25 4.13
C LEU A 188 7.59 -13.96 2.97
N ARG A 189 8.91 -13.95 2.97
CA ARG A 189 9.67 -14.61 1.91
C ARG A 189 9.19 -16.05 1.75
N ALA A 190 8.78 -16.65 2.86
CA ALA A 190 8.29 -18.02 2.84
C ALA A 190 6.99 -18.12 2.05
N ILE A 191 6.00 -17.32 2.45
CA ILE A 191 4.71 -17.33 1.77
C ILE A 191 4.91 -17.30 0.25
N LEU A 192 5.93 -16.56 -0.18
CA LEU A 192 6.22 -16.45 -1.61
C LEU A 192 6.71 -17.77 -2.16
N GLN A 193 6.64 -18.82 -1.34
CA GLN A 193 7.08 -20.14 -1.75
C GLN A 193 6.11 -21.20 -1.24
N ASN A 194 4.89 -20.79 -0.91
CA ASN A 194 3.88 -21.71 -0.41
C ASN A 194 3.03 -22.23 -1.55
N GLN A 195 3.55 -22.15 -2.78
CA GLN A 195 2.82 -22.63 -3.95
C GLN A 195 2.93 -24.15 -4.05
N GLY A 196 4.16 -24.66 -4.00
CA GLY A 196 4.38 -26.10 -4.10
C GLY A 196 4.89 -26.48 -5.48
N ASN A 197 3.96 -26.76 -6.39
CA ASN A 197 4.32 -27.13 -7.75
C ASN A 197 3.37 -26.49 -8.76
ZN ZN B . -11.83 -5.23 0.93
N MET A 1 -4.87 27.28 -11.61
CA MET A 1 -4.27 25.93 -11.76
C MET A 1 -3.78 25.45 -10.41
N GLU A 2 -2.56 25.83 -10.05
CA GLU A 2 -1.98 25.42 -8.77
C GLU A 2 -1.97 23.89 -8.65
N ILE A 3 -1.16 23.38 -7.73
CA ILE A 3 -1.05 21.94 -7.53
C ILE A 3 -1.81 21.53 -6.27
N LEU A 4 -2.56 20.44 -6.37
CA LEU A 4 -3.33 19.94 -5.23
C LEU A 4 -2.55 18.87 -4.48
N ARG A 5 -2.64 18.89 -3.15
CA ARG A 5 -1.94 17.92 -2.33
C ARG A 5 -2.83 17.46 -1.19
N TYR A 6 -2.20 16.96 -0.13
CA TYR A 6 -2.93 16.47 1.04
C TYR A 6 -1.94 16.10 2.14
N LEU A 7 -0.90 15.36 1.75
CA LEU A 7 0.13 14.94 2.70
C LEU A 7 -0.49 14.55 4.04
N MET A 8 -0.70 13.25 4.22
CA MET A 8 -1.28 12.75 5.47
C MET A 8 -0.55 13.34 6.66
N ASP A 9 -1.33 13.78 7.64
CA ASP A 9 -0.76 14.37 8.84
C ASP A 9 0.23 13.39 9.50
N PRO A 10 1.23 13.87 10.19
CA PRO A 10 2.24 13.00 10.87
C PRO A 10 1.65 12.29 12.09
N ASP A 11 1.14 13.07 13.02
CA ASP A 11 0.57 12.51 14.24
C ASP A 11 -0.47 11.44 13.90
N THR A 12 -1.36 11.76 12.96
CA THR A 12 -2.39 10.82 12.57
C THR A 12 -1.78 9.51 12.05
N PHE A 13 -0.80 9.64 11.16
CA PHE A 13 -0.14 8.47 10.60
C PHE A 13 0.56 7.66 11.68
N THR A 14 1.53 8.29 12.35
CA THR A 14 2.26 7.60 13.42
C THR A 14 1.31 7.09 14.49
N PHE A 15 0.16 7.75 14.63
CA PHE A 15 -0.82 7.35 15.62
C PHE A 15 -1.52 6.06 15.20
N ASN A 16 -2.23 6.11 14.08
CA ASN A 16 -2.95 4.95 13.57
C ASN A 16 -2.06 3.70 13.65
N PHE A 17 -0.76 3.90 13.50
CA PHE A 17 0.19 2.79 13.55
C PHE A 17 0.33 2.27 14.98
N ASN A 18 0.72 3.15 15.89
CA ASN A 18 0.90 2.76 17.28
C ASN A 18 -0.45 2.73 18.00
N ASN A 19 -1.51 3.09 17.29
CA ASN A 19 -2.84 3.10 17.87
C ASN A 19 -3.22 1.71 18.37
N ASP A 20 -3.77 0.89 17.47
CA ASP A 20 -4.18 -0.47 17.83
C ASP A 20 -3.61 -1.48 16.84
N PRO A 21 -2.30 -1.50 16.69
CA PRO A 21 -1.62 -2.44 15.76
C PRO A 21 -1.76 -3.89 16.21
N LEU A 22 -1.48 -4.81 15.30
CA LEU A 22 -1.57 -6.24 15.61
C LEU A 22 -3.02 -6.70 15.60
N VAL A 23 -3.93 -5.79 15.98
CA VAL A 23 -5.35 -6.12 16.01
C VAL A 23 -6.19 -4.87 15.77
N LEU A 24 -6.15 -4.36 14.55
CA LEU A 24 -6.91 -3.17 14.20
C LEU A 24 -8.41 -3.41 14.38
N ARG A 25 -9.14 -2.35 14.65
CA ARG A 25 -10.59 -2.44 14.84
C ARG A 25 -11.33 -1.89 13.64
N ARG A 26 -12.61 -2.22 13.53
CA ARG A 26 -13.42 -1.75 12.40
C ARG A 26 -12.69 -1.96 11.08
N ARG A 27 -11.64 -2.78 11.12
CA ARG A 27 -10.87 -3.06 9.91
C ARG A 27 -10.18 -1.78 9.42
N GLN A 28 -10.20 -0.75 10.25
CA GLN A 28 -9.59 0.52 9.89
C GLN A 28 -8.12 0.31 9.52
N THR A 29 -7.66 1.04 8.51
CA THR A 29 -6.28 0.93 8.06
C THR A 29 -5.85 2.20 7.32
N TYR A 30 -4.85 2.06 6.46
CA TYR A 30 -4.35 3.20 5.70
C TYR A 30 -3.63 2.70 4.45
N LEU A 31 -3.80 3.42 3.35
CA LEU A 31 -3.16 3.03 2.09
C LEU A 31 -2.47 4.22 1.46
N CYS A 32 -1.17 4.12 1.32
CA CYS A 32 -0.37 5.20 0.72
C CYS A 32 0.05 4.81 -0.70
N TYR A 33 -0.48 5.52 -1.68
CA TYR A 33 -0.16 5.24 -3.07
C TYR A 33 0.65 6.37 -3.70
N GLU A 34 1.60 6.00 -4.55
CA GLU A 34 2.42 6.97 -5.23
C GLU A 34 2.73 6.47 -6.64
N VAL A 35 2.93 7.40 -7.57
CA VAL A 35 3.21 7.02 -8.96
C VAL A 35 4.66 7.35 -9.32
N GLU A 36 5.29 6.46 -10.08
CA GLU A 36 6.67 6.67 -10.49
C GLU A 36 6.83 6.51 -11.99
N ARG A 37 7.62 7.41 -12.59
CA ARG A 37 7.89 7.36 -14.02
C ARG A 37 9.37 7.10 -14.23
N LEU A 38 9.68 5.99 -14.86
CA LEU A 38 11.07 5.64 -15.08
C LEU A 38 11.74 6.65 -15.99
N ASP A 39 12.44 7.61 -15.40
CA ASP A 39 13.13 8.63 -16.17
C ASP A 39 14.63 8.62 -15.85
N ASN A 40 15.45 8.64 -16.88
CA ASN A 40 16.90 8.63 -16.70
C ASN A 40 17.36 7.31 -16.09
N GLY A 41 16.78 6.21 -16.55
CA GLY A 41 17.15 4.89 -16.04
C GLY A 41 16.91 4.79 -14.55
N THR A 42 16.15 5.74 -14.00
CA THR A 42 15.85 5.74 -12.58
C THR A 42 14.39 6.10 -12.36
N TRP A 43 13.83 5.62 -11.27
CA TRP A 43 12.44 5.90 -10.95
C TRP A 43 12.31 7.30 -10.39
N VAL A 44 11.28 8.03 -10.84
CA VAL A 44 11.07 9.39 -10.38
C VAL A 44 9.67 9.54 -9.78
N LEU A 45 9.60 9.99 -8.54
CA LEU A 45 8.31 10.17 -7.88
C LEU A 45 7.56 11.35 -8.49
N MET A 46 6.30 11.13 -8.82
CA MET A 46 5.48 12.18 -9.41
C MET A 46 4.49 12.74 -8.38
N ASP A 47 4.78 13.94 -7.89
CA ASP A 47 3.95 14.57 -6.89
C ASP A 47 2.55 14.86 -7.44
N GLN A 48 2.48 15.27 -8.70
CA GLN A 48 1.19 15.59 -9.31
C GLN A 48 0.38 14.31 -9.56
N HIS A 49 0.79 13.23 -8.92
CA HIS A 49 0.08 11.95 -9.08
C HIS A 49 0.27 11.09 -7.84
N MET A 50 0.60 11.72 -6.73
CA MET A 50 0.82 11.00 -5.47
C MET A 50 -0.26 11.36 -4.46
N GLY A 51 -0.36 10.57 -3.40
CA GLY A 51 -1.35 10.80 -2.37
C GLY A 51 -1.74 9.48 -1.70
N PHE A 52 -2.53 9.57 -0.63
CA PHE A 52 -2.97 8.39 0.10
C PHE A 52 -4.48 8.21 -0.02
N LEU A 53 -4.96 7.06 0.44
CA LEU A 53 -6.38 6.76 0.37
C LEU A 53 -6.86 6.18 1.70
N CYS A 54 -8.02 6.64 2.16
CA CYS A 54 -8.59 6.17 3.41
C CYS A 54 -9.81 5.29 3.14
N ASN A 55 -9.74 4.04 3.60
CA ASN A 55 -10.83 3.10 3.39
C ASN A 55 -12.18 3.79 3.60
N GLU A 56 -12.57 3.95 4.86
CA GLU A 56 -13.83 4.59 5.18
C GLU A 56 -13.78 6.08 4.85
N ALA A 57 -14.91 6.63 4.42
CA ALA A 57 -14.98 8.03 4.06
C ALA A 57 -16.24 8.33 3.25
N LYS A 58 -17.36 8.49 3.95
CA LYS A 58 -18.63 8.77 3.29
C LYS A 58 -18.89 7.76 2.18
N ASN A 59 -19.62 6.70 2.51
CA ASN A 59 -19.95 5.67 1.53
C ASN A 59 -21.35 5.15 1.73
N LEU A 60 -22.00 5.62 2.79
CA LEU A 60 -23.36 5.19 3.10
C LEU A 60 -24.27 5.37 1.88
N LEU A 61 -23.93 6.36 1.05
CA LEU A 61 -24.72 6.63 -0.15
C LEU A 61 -24.70 5.43 -1.08
N CYS A 62 -23.63 4.65 -1.00
CA CYS A 62 -23.50 3.47 -1.86
C CYS A 62 -24.36 2.33 -1.33
N GLY A 63 -24.63 2.35 -0.03
CA GLY A 63 -25.46 1.32 0.59
C GLY A 63 -24.65 0.04 0.82
N PHE A 64 -23.56 -0.11 0.06
CA PHE A 64 -22.71 -1.29 0.18
C PHE A 64 -21.86 -1.19 1.45
N TYR A 65 -21.97 -2.21 2.30
CA TYR A 65 -21.20 -2.23 3.54
C TYR A 65 -19.76 -2.66 3.27
N GLY A 66 -18.82 -1.97 3.90
CA GLY A 66 -17.40 -2.27 3.73
C GLY A 66 -16.70 -1.14 2.99
N ARG A 67 -15.51 -0.77 3.49
CA ARG A 67 -14.75 0.31 2.86
C ARG A 67 -13.28 -0.08 2.75
N HIS A 68 -12.81 -0.24 1.52
CA HIS A 68 -11.42 -0.61 1.27
C HIS A 68 -10.74 0.44 0.38
N ALA A 69 -9.73 1.10 0.92
CA ALA A 69 -9.01 2.12 0.16
C ALA A 69 -8.45 1.51 -1.12
N GLU A 70 -8.16 0.23 -1.06
CA GLU A 70 -7.63 -0.48 -2.21
C GLU A 70 -8.57 -0.29 -3.39
N LEU A 71 -9.87 -0.42 -3.13
CA LEU A 71 -10.86 -0.25 -4.17
C LEU A 71 -10.89 1.21 -4.62
N ARG A 72 -10.77 2.11 -3.65
CA ARG A 72 -10.76 3.53 -3.95
C ARG A 72 -9.61 3.87 -4.89
N PHE A 73 -8.53 3.10 -4.79
CA PHE A 73 -7.38 3.33 -5.67
C PHE A 73 -7.77 3.02 -7.11
N LEU A 74 -8.06 1.76 -7.37
CA LEU A 74 -8.44 1.34 -8.72
C LEU A 74 -9.46 2.32 -9.32
N ASP A 75 -10.19 3.00 -8.46
CA ASP A 75 -11.19 3.96 -8.91
C ASP A 75 -10.59 5.33 -9.15
N LEU A 76 -9.50 5.63 -8.45
CA LEU A 76 -8.84 6.92 -8.61
C LEU A 76 -7.73 6.81 -9.65
N VAL A 77 -7.30 5.58 -9.92
CA VAL A 77 -6.28 5.37 -10.92
C VAL A 77 -6.63 6.10 -12.23
N PRO A 78 -7.79 5.90 -12.80
CA PRO A 78 -8.15 6.61 -14.04
C PRO A 78 -7.79 8.09 -13.96
N SER A 79 -7.75 8.64 -12.75
CA SER A 79 -7.40 10.05 -12.57
C SER A 79 -5.93 10.30 -12.88
N LEU A 80 -5.11 9.27 -12.66
CA LEU A 80 -3.67 9.36 -12.93
C LEU A 80 -3.41 9.56 -14.42
N GLN A 81 -4.41 9.21 -15.21
CA GLN A 81 -4.30 9.34 -16.66
C GLN A 81 -2.93 8.88 -17.11
N LEU A 82 -2.56 7.67 -16.72
CA LEU A 82 -1.27 7.09 -17.06
C LEU A 82 -1.05 7.17 -18.57
N ASP A 83 0.23 7.09 -18.98
CA ASP A 83 0.58 7.14 -20.39
C ASP A 83 1.20 5.81 -20.81
N PRO A 84 0.40 4.85 -21.22
CA PRO A 84 0.92 3.51 -21.65
C PRO A 84 2.09 3.62 -22.61
N ALA A 85 2.36 4.83 -23.06
CA ALA A 85 3.47 5.06 -23.98
C ALA A 85 4.80 4.81 -23.28
N GLN A 86 4.84 5.10 -21.98
CA GLN A 86 6.06 4.90 -21.20
C GLN A 86 5.84 3.80 -20.17
N ILE A 87 6.74 3.72 -19.19
CA ILE A 87 6.65 2.69 -18.15
C ILE A 87 6.49 3.34 -16.78
N TYR A 88 5.39 3.00 -16.11
CA TYR A 88 5.11 3.54 -14.77
C TYR A 88 5.12 2.42 -13.74
N ARG A 89 5.16 2.81 -12.48
CA ARG A 89 5.17 1.85 -11.39
C ARG A 89 4.70 2.52 -10.12
N VAL A 90 3.60 2.03 -9.55
CA VAL A 90 3.05 2.63 -8.34
C VAL A 90 3.40 1.80 -7.11
N THR A 91 3.89 2.48 -6.07
CA THR A 91 4.25 1.80 -4.83
C THR A 91 3.10 1.91 -3.85
N TRP A 92 2.84 0.81 -3.14
CA TRP A 92 1.76 0.76 -2.18
C TRP A 92 2.28 0.58 -0.77
N PHE A 93 1.92 1.50 0.13
CA PHE A 93 2.33 1.43 1.52
C PHE A 93 1.10 1.35 2.40
N ILE A 94 0.83 0.14 2.90
CA ILE A 94 -0.35 -0.09 3.73
C ILE A 94 0.05 -0.59 5.12
N SER A 95 -0.74 -0.21 6.12
CA SER A 95 -0.47 -0.60 7.49
C SER A 95 -1.17 -1.91 7.84
N TRP A 96 -1.28 -2.80 6.86
CA TRP A 96 -1.94 -4.09 7.07
C TRP A 96 -1.84 -4.94 5.80
N SER A 97 -2.58 -6.05 5.77
CA SER A 97 -2.57 -6.95 4.61
C SER A 97 -3.93 -6.90 3.89
N PRO A 98 -3.97 -7.31 2.64
CA PRO A 98 -5.24 -7.32 1.86
C PRO A 98 -6.38 -8.00 2.62
N CYS A 99 -7.58 -7.97 2.06
CA CYS A 99 -8.73 -8.59 2.69
C CYS A 99 -9.03 -9.95 2.04
N PHE A 100 -9.22 -9.94 0.72
CA PHE A 100 -9.50 -11.18 0.00
C PHE A 100 -9.57 -10.90 -1.50
N SER A 101 -9.56 -11.97 -2.29
CA SER A 101 -9.62 -11.85 -3.75
C SER A 101 -10.81 -11.01 -4.18
N TRP A 102 -11.98 -11.63 -4.23
CA TRP A 102 -13.19 -10.91 -4.62
C TRP A 102 -13.23 -9.53 -3.98
N GLY A 103 -12.48 -9.38 -2.90
CA GLY A 103 -12.43 -8.11 -2.19
C GLY A 103 -11.35 -7.20 -2.76
N CYS A 104 -10.11 -7.40 -2.32
CA CYS A 104 -9.00 -6.58 -2.78
C CYS A 104 -8.22 -7.25 -3.90
N ALA A 105 -7.48 -8.30 -3.55
CA ALA A 105 -6.66 -9.02 -4.52
C ALA A 105 -7.39 -9.21 -5.84
N GLY A 106 -8.64 -9.66 -5.79
CA GLY A 106 -9.42 -9.87 -7.01
C GLY A 106 -9.46 -8.60 -7.85
N GLU A 107 -9.68 -7.47 -7.20
CA GLU A 107 -9.74 -6.19 -7.91
C GLU A 107 -8.34 -5.76 -8.35
N VAL A 108 -7.42 -5.70 -7.40
CA VAL A 108 -6.06 -5.30 -7.70
C VAL A 108 -5.48 -6.16 -8.82
N ARG A 109 -5.94 -7.40 -8.89
CA ARG A 109 -5.47 -8.33 -9.92
C ARG A 109 -5.92 -7.88 -11.30
N ALA A 110 -7.23 -7.83 -11.51
CA ALA A 110 -7.78 -7.43 -12.80
C ALA A 110 -7.13 -6.14 -13.30
N PHE A 111 -6.85 -5.23 -12.39
CA PHE A 111 -6.23 -3.97 -12.76
C PHE A 111 -4.82 -4.19 -13.30
N LEU A 112 -3.93 -4.66 -12.43
CA LEU A 112 -2.56 -4.92 -12.83
C LEU A 112 -2.55 -5.64 -14.17
N GLN A 113 -3.67 -6.27 -14.51
CA GLN A 113 -3.79 -6.99 -15.77
C GLN A 113 -4.31 -6.06 -16.86
N GLU A 114 -5.20 -5.14 -16.47
CA GLU A 114 -5.77 -4.20 -17.44
C GLU A 114 -4.69 -3.27 -17.97
N ASN A 115 -3.77 -2.90 -17.10
CA ASN A 115 -2.67 -2.01 -17.48
C ASN A 115 -1.34 -2.64 -17.11
N THR A 116 -0.71 -3.32 -18.06
CA THR A 116 0.57 -3.97 -17.83
C THR A 116 1.70 -2.95 -17.90
N HIS A 117 1.43 -1.82 -18.56
CA HIS A 117 2.43 -0.77 -18.69
C HIS A 117 2.78 -0.19 -17.31
N VAL A 118 1.86 -0.36 -16.36
CA VAL A 118 2.07 0.14 -15.01
C VAL A 118 2.12 -1.02 -14.02
N ARG A 119 3.20 -1.07 -13.26
CA ARG A 119 3.40 -2.12 -12.27
C ARG A 119 2.99 -1.62 -10.89
N LEU A 120 2.67 -2.54 -9.98
CA LEU A 120 2.28 -2.16 -8.63
C LEU A 120 2.98 -3.04 -7.60
N ARG A 121 3.75 -2.39 -6.73
CA ARG A 121 4.46 -3.09 -5.68
C ARG A 121 3.84 -2.77 -4.32
N ILE A 122 3.60 -3.83 -3.54
CA ILE A 122 2.98 -3.65 -2.22
C ILE A 122 3.94 -3.91 -1.08
N PHE A 123 3.61 -3.29 0.03
CA PHE A 123 4.39 -3.42 1.25
C PHE A 123 3.48 -3.21 2.45
N ALA A 124 3.25 -4.27 3.22
CA ALA A 124 2.39 -4.18 4.39
C ALA A 124 3.21 -4.08 5.67
N ALA A 125 2.65 -3.43 6.68
CA ALA A 125 3.35 -3.28 7.96
C ALA A 125 3.29 -4.58 8.75
N ARG A 126 2.20 -5.31 8.61
CA ARG A 126 2.03 -6.57 9.32
C ARG A 126 1.05 -7.47 8.59
N ILE A 127 1.10 -8.76 8.89
CA ILE A 127 0.21 -9.73 8.24
C ILE A 127 -1.06 -9.90 9.06
N TYR A 128 -2.20 -9.84 8.37
CA TYR A 128 -3.49 -9.99 9.04
C TYR A 128 -3.58 -11.36 9.71
N ASP A 129 -3.45 -11.37 11.04
CA ASP A 129 -3.52 -12.62 11.79
C ASP A 129 -4.97 -12.99 12.09
N TYR A 130 -5.84 -11.98 12.10
CA TYR A 130 -7.25 -12.20 12.37
C TYR A 130 -7.94 -12.81 11.16
N ASP A 131 -7.29 -12.72 10.00
CA ASP A 131 -7.85 -13.27 8.76
C ASP A 131 -6.77 -14.01 7.97
N PRO A 132 -6.33 -15.13 8.48
CA PRO A 132 -5.27 -15.95 7.82
C PRO A 132 -5.56 -16.18 6.34
N LEU A 133 -6.81 -15.94 5.94
CA LEU A 133 -7.20 -16.12 4.55
C LEU A 133 -6.32 -15.27 3.64
N TYR A 134 -5.85 -14.15 4.17
CA TYR A 134 -4.99 -13.26 3.40
C TYR A 134 -3.84 -14.03 2.75
N LYS A 135 -3.55 -15.21 3.28
CA LYS A 135 -2.47 -16.03 2.75
C LYS A 135 -2.74 -16.39 1.29
N GLU A 136 -3.86 -17.07 1.05
CA GLU A 136 -4.21 -17.48 -0.30
C GLU A 136 -4.44 -16.25 -1.18
N ALA A 137 -5.02 -15.21 -0.58
CA ALA A 137 -5.30 -13.98 -1.32
C ALA A 137 -3.99 -13.27 -1.67
N LEU A 138 -2.97 -13.47 -0.85
CA LEU A 138 -1.68 -12.83 -1.08
C LEU A 138 -0.95 -13.52 -2.23
N GLN A 139 -1.01 -14.85 -2.26
CA GLN A 139 -0.35 -15.61 -3.31
C GLN A 139 -0.87 -15.21 -4.68
N MET A 140 -2.18 -15.23 -4.85
CA MET A 140 -2.77 -14.86 -6.14
C MET A 140 -2.60 -13.37 -6.42
N LEU A 141 -2.40 -12.58 -5.38
CA LEU A 141 -2.22 -11.14 -5.56
C LEU A 141 -1.00 -10.85 -6.41
N ARG A 142 0.17 -11.23 -5.92
CA ARG A 142 1.41 -10.98 -6.65
C ARG A 142 1.43 -11.74 -7.97
N ASP A 143 0.77 -12.89 -8.02
CA ASP A 143 0.72 -13.68 -9.25
C ASP A 143 0.18 -12.82 -10.38
N ALA A 144 -0.62 -11.83 -10.03
CA ALA A 144 -1.21 -10.94 -11.03
C ALA A 144 -0.14 -10.03 -11.62
N GLY A 145 1.07 -10.11 -11.05
CA GLY A 145 2.18 -9.29 -11.51
C GLY A 145 2.68 -8.35 -10.42
N ALA A 146 1.88 -8.21 -9.37
CA ALA A 146 2.25 -7.34 -8.26
C ALA A 146 3.34 -7.99 -7.41
N GLN A 147 3.95 -7.21 -6.54
CA GLN A 147 5.01 -7.73 -5.67
C GLN A 147 4.80 -7.24 -4.24
N VAL A 148 4.48 -8.17 -3.35
CA VAL A 148 4.25 -7.82 -1.94
C VAL A 148 5.42 -8.26 -1.07
N SER A 149 5.73 -7.44 -0.07
CA SER A 149 6.81 -7.73 0.86
C SER A 149 6.56 -7.04 2.20
N ILE A 150 7.44 -7.26 3.15
CA ILE A 150 7.27 -6.65 4.47
C ILE A 150 8.03 -5.33 4.54
N MET A 151 7.44 -4.34 5.19
CA MET A 151 8.06 -3.02 5.33
C MET A 151 9.49 -3.16 5.82
N THR A 152 10.38 -2.33 5.27
CA THR A 152 11.78 -2.35 5.65
C THR A 152 12.19 -1.03 6.28
N TYR A 153 13.37 -1.01 6.91
CA TYR A 153 13.86 0.20 7.55
C TYR A 153 13.96 1.34 6.54
N ASP A 154 14.70 1.11 5.47
CA ASP A 154 14.87 2.14 4.43
C ASP A 154 13.53 2.46 3.79
N GLU A 155 12.74 1.43 3.52
CA GLU A 155 11.43 1.62 2.91
C GLU A 155 10.56 2.53 3.76
N PHE A 156 10.71 2.42 5.08
CA PHE A 156 9.92 3.24 6.00
C PHE A 156 10.34 4.71 5.90
N GLU A 157 11.64 4.93 5.76
CA GLU A 157 12.15 6.30 5.65
C GLU A 157 11.74 6.92 4.32
N TYR A 158 11.66 6.11 3.28
CA TYR A 158 11.27 6.61 1.96
C TYR A 158 9.79 6.98 1.92
N CYS A 159 8.98 6.24 2.67
CA CYS A 159 7.55 6.51 2.70
C CYS A 159 7.25 7.65 3.68
N TRP A 160 8.10 7.80 4.68
CA TRP A 160 7.92 8.84 5.67
C TRP A 160 8.27 10.21 5.09
N ASP A 161 9.33 10.25 4.29
CA ASP A 161 9.75 11.50 3.67
C ASP A 161 9.00 11.77 2.38
N THR A 162 8.43 10.72 1.79
CA THR A 162 7.68 10.87 0.54
C THR A 162 6.24 11.32 0.80
N PHE A 163 5.63 10.76 1.84
CA PHE A 163 4.24 11.13 2.16
C PHE A 163 4.19 12.20 3.24
N VAL A 164 4.96 12.01 4.30
CA VAL A 164 4.98 12.97 5.40
C VAL A 164 6.15 13.94 5.26
N TYR A 165 5.84 15.23 5.33
CA TYR A 165 6.85 16.27 5.22
C TYR A 165 6.95 17.05 6.52
N ARG A 166 8.17 17.13 7.07
CA ARG A 166 8.38 17.85 8.32
C ARG A 166 9.45 18.92 8.15
N GLN A 167 10.38 18.69 7.24
CA GLN A 167 11.45 19.65 6.98
C GLN A 167 12.45 19.71 8.14
N GLY A 168 13.24 18.64 8.28
CA GLY A 168 14.25 18.58 9.33
C GLY A 168 13.88 17.60 10.44
N CYS A 169 12.90 16.74 10.17
CA CYS A 169 12.48 15.73 11.14
C CYS A 169 12.55 14.33 10.50
N PRO A 170 13.50 13.49 10.88
CA PRO A 170 13.62 12.13 10.28
C PRO A 170 12.62 11.13 10.86
N PHE A 171 12.40 10.05 10.13
CA PHE A 171 11.46 9.01 10.57
C PHE A 171 11.91 8.40 11.89
N GLN A 172 10.94 7.95 12.67
CA GLN A 172 11.22 7.35 13.98
C GLN A 172 10.90 5.85 13.96
N PRO A 173 11.85 5.02 13.57
CA PRO A 173 11.63 3.54 13.52
C PRO A 173 11.77 2.88 14.90
N TRP A 174 11.21 3.54 15.91
CA TRP A 174 11.26 3.05 17.29
C TRP A 174 12.51 2.21 17.54
N ASP A 175 12.44 0.92 17.23
CA ASP A 175 13.58 0.02 17.41
C ASP A 175 13.11 -1.43 17.42
N GLY A 176 11.82 -1.62 17.63
CA GLY A 176 11.26 -2.97 17.66
C GLY A 176 10.93 -3.48 16.25
N LEU A 177 10.66 -2.57 15.34
CA LEU A 177 10.33 -2.95 13.97
C LEU A 177 11.53 -3.60 13.29
N GLU A 178 12.73 -3.16 13.67
CA GLU A 178 13.94 -3.72 13.08
C GLU A 178 13.87 -5.24 13.03
N GLU A 179 13.57 -5.86 14.16
CA GLU A 179 13.47 -7.31 14.23
C GLU A 179 12.07 -7.77 13.84
N HIS A 180 11.06 -7.26 14.52
CA HIS A 180 9.69 -7.65 14.21
C HIS A 180 9.48 -7.69 12.70
N SER A 181 10.25 -6.86 11.99
CA SER A 181 10.15 -6.81 10.53
C SER A 181 11.03 -7.89 9.91
N GLN A 182 12.33 -7.81 10.20
CA GLN A 182 13.28 -8.78 9.67
C GLN A 182 12.72 -10.20 9.83
N ALA A 183 12.05 -10.44 10.95
CA ALA A 183 11.46 -11.74 11.22
C ALA A 183 10.29 -12.00 10.27
N LEU A 184 9.27 -11.14 10.36
CA LEU A 184 8.10 -11.29 9.49
C LEU A 184 8.55 -11.40 8.05
N SER A 185 9.70 -10.82 7.74
CA SER A 185 10.24 -10.86 6.38
C SER A 185 10.54 -12.29 5.98
N GLY A 186 11.40 -12.95 6.76
CA GLY A 186 11.75 -14.34 6.47
C GLY A 186 10.49 -15.15 6.17
N ARG A 187 9.46 -14.93 6.97
CA ARG A 187 8.20 -15.64 6.77
C ARG A 187 7.56 -15.21 5.46
N LEU A 188 7.31 -13.92 5.32
CA LEU A 188 6.70 -13.39 4.10
C LEU A 188 7.31 -14.05 2.87
N ARG A 189 8.62 -13.96 2.75
CA ARG A 189 9.31 -14.56 1.62
C ARG A 189 8.89 -16.01 1.44
N ALA A 190 8.84 -16.74 2.55
CA ALA A 190 8.44 -18.14 2.52
C ALA A 190 7.10 -18.31 1.80
N ILE A 191 6.10 -17.58 2.27
CA ILE A 191 4.77 -17.66 1.66
C ILE A 191 4.85 -17.33 0.17
N LEU A 192 5.80 -16.49 -0.20
CA LEU A 192 5.97 -16.10 -1.60
C LEU A 192 6.66 -17.21 -2.38
N GLN A 193 6.84 -18.36 -1.73
CA GLN A 193 7.49 -19.50 -2.36
C GLN A 193 6.88 -20.80 -1.85
N ASN A 194 5.74 -20.71 -1.18
CA ASN A 194 5.07 -21.88 -0.66
C ASN A 194 4.63 -22.80 -1.79
N GLN A 195 3.79 -22.28 -2.68
CA GLN A 195 3.30 -23.07 -3.81
C GLN A 195 4.30 -23.04 -4.95
N GLY A 196 4.39 -24.16 -5.67
CA GLY A 196 5.32 -24.25 -6.79
C GLY A 196 5.39 -25.69 -7.32
N ASN A 197 6.59 -26.24 -7.35
CA ASN A 197 6.78 -27.61 -7.82
C ASN A 197 7.75 -28.37 -6.92
ZN ZN B . -10.73 -5.46 0.21
N MET A 1 0.62 28.86 4.71
CA MET A 1 -0.36 28.47 3.66
C MET A 1 0.18 27.27 2.88
N GLU A 2 -0.71 26.59 2.16
CA GLU A 2 -0.31 25.42 1.39
C GLU A 2 -1.22 25.26 0.16
N ILE A 3 -0.60 25.01 -0.99
CA ILE A 3 -1.36 24.84 -2.22
C ILE A 3 -1.46 23.36 -2.59
N LEU A 4 -2.68 22.89 -2.81
CA LEU A 4 -2.90 21.49 -3.17
C LEU A 4 -2.28 20.58 -2.12
N ARG A 5 -2.14 19.30 -2.47
CA ARG A 5 -1.56 18.32 -1.56
C ARG A 5 -2.36 18.24 -0.28
N TYR A 6 -2.45 17.04 0.27
CA TYR A 6 -3.20 16.82 1.51
C TYR A 6 -2.25 16.30 2.60
N LEU A 7 -1.39 15.37 2.22
CA LEU A 7 -0.44 14.79 3.18
C LEU A 7 -1.13 14.37 4.46
N MET A 8 -1.34 13.06 4.60
CA MET A 8 -1.98 12.51 5.79
C MET A 8 -1.47 13.22 7.04
N ASP A 9 -2.35 13.35 8.03
CA ASP A 9 -1.97 14.00 9.28
C ASP A 9 -0.78 13.29 9.93
N PRO A 10 0.39 13.90 10.01
CA PRO A 10 1.58 13.26 10.62
C PRO A 10 1.24 12.54 11.93
N ASP A 11 0.60 13.26 12.84
CA ASP A 11 0.22 12.68 14.13
C ASP A 11 -0.48 11.34 13.91
N THR A 12 -1.48 11.34 13.03
CA THR A 12 -2.23 10.11 12.74
C THR A 12 -1.34 9.11 12.01
N PHE A 13 -0.45 9.62 11.17
CA PHE A 13 0.45 8.75 10.42
C PHE A 13 1.30 7.92 11.37
N THR A 14 1.93 8.58 12.33
CA THR A 14 2.78 7.87 13.30
C THR A 14 1.94 6.95 14.18
N PHE A 15 0.67 7.32 14.38
CA PHE A 15 -0.23 6.52 15.19
C PHE A 15 -0.69 5.28 14.44
N ASN A 16 -0.91 5.44 13.14
CA ASN A 16 -1.36 4.32 12.31
C ASN A 16 -0.19 3.39 11.98
N PHE A 17 0.94 3.99 11.60
CA PHE A 17 2.12 3.21 11.25
C PHE A 17 2.90 2.83 12.51
N ASN A 18 2.48 3.37 13.64
CA ASN A 18 3.14 3.09 14.91
C ASN A 18 3.32 1.58 15.09
N ASN A 19 2.51 0.81 14.39
CA ASN A 19 2.58 -0.64 14.47
C ASN A 19 2.39 -1.10 15.92
N ASP A 20 2.01 -2.36 16.10
CA ASP A 20 1.79 -2.90 17.44
C ASP A 20 1.54 -4.40 17.38
N PRO A 21 2.54 -5.14 16.99
CA PRO A 21 2.45 -6.63 16.89
C PRO A 21 1.82 -7.26 18.12
N LEU A 22 1.83 -6.52 19.22
CA LEU A 22 1.25 -7.02 20.47
C LEU A 22 -0.28 -7.06 20.37
N VAL A 23 -0.85 -6.00 19.79
CA VAL A 23 -2.30 -5.93 19.63
C VAL A 23 -2.66 -5.39 18.25
N LEU A 24 -2.54 -6.26 17.24
CA LEU A 24 -2.86 -5.86 15.87
C LEU A 24 -4.12 -5.00 15.83
N ARG A 25 -4.07 -3.94 15.05
CA ARG A 25 -5.22 -3.04 14.93
C ARG A 25 -6.46 -3.80 14.50
N ARG A 26 -7.62 -3.14 14.54
CA ARG A 26 -8.87 -3.77 14.15
C ARG A 26 -9.31 -3.30 12.77
N ARG A 27 -10.52 -2.75 12.69
CA ARG A 27 -11.04 -2.28 11.42
C ARG A 27 -10.17 -1.17 10.85
N GLN A 28 -9.56 -0.38 11.74
CA GLN A 28 -8.69 0.71 11.30
C GLN A 28 -7.81 0.26 10.14
N THR A 29 -7.84 1.03 9.06
CA THR A 29 -7.03 0.69 7.88
C THR A 29 -6.37 1.94 7.32
N TYR A 30 -5.35 1.74 6.48
CA TYR A 30 -4.64 2.85 5.86
C TYR A 30 -3.90 2.37 4.62
N LEU A 31 -4.08 3.11 3.52
CA LEU A 31 -3.43 2.77 2.26
C LEU A 31 -2.68 3.98 1.71
N CYS A 32 -1.38 3.83 1.55
CA CYS A 32 -0.54 4.89 1.03
C CYS A 32 -0.01 4.54 -0.35
N TYR A 33 -0.51 5.23 -1.37
CA TYR A 33 -0.09 4.97 -2.74
C TYR A 33 0.81 6.08 -3.29
N GLU A 34 1.73 5.70 -4.16
CA GLU A 34 2.64 6.66 -4.79
C GLU A 34 2.87 6.25 -6.24
N VAL A 35 3.36 7.18 -7.05
CA VAL A 35 3.60 6.89 -8.47
C VAL A 35 5.04 7.19 -8.88
N GLU A 36 5.67 6.17 -9.46
CA GLU A 36 7.05 6.29 -9.94
C GLU A 36 7.08 6.23 -11.46
N ARG A 37 7.83 7.14 -12.06
CA ARG A 37 7.97 7.16 -13.52
C ARG A 37 9.44 7.01 -13.88
N LEU A 38 9.78 5.91 -14.51
CA LEU A 38 11.18 5.67 -14.84
C LEU A 38 11.70 6.71 -15.82
N ASP A 39 12.46 7.67 -15.28
CA ASP A 39 13.04 8.72 -16.09
C ASP A 39 14.54 8.84 -15.82
N ASN A 40 15.33 8.87 -16.89
CA ASN A 40 16.78 8.99 -16.75
C ASN A 40 17.38 7.70 -16.18
N GLY A 41 16.73 6.58 -16.48
CA GLY A 41 17.22 5.28 -15.99
C GLY A 41 17.03 5.14 -14.49
N THR A 42 16.31 6.09 -13.90
CA THR A 42 16.04 6.06 -12.47
C THR A 42 14.58 6.36 -12.21
N TRP A 43 14.07 5.80 -11.13
CA TRP A 43 12.67 6.02 -10.79
C TRP A 43 12.48 7.43 -10.25
N VAL A 44 11.47 8.10 -10.77
CA VAL A 44 11.17 9.47 -10.34
C VAL A 44 9.73 9.54 -9.85
N LEU A 45 9.52 10.22 -8.74
CA LEU A 45 8.19 10.32 -8.19
C LEU A 45 7.56 11.66 -8.48
N MET A 46 6.25 11.62 -8.68
CA MET A 46 5.49 12.82 -8.99
C MET A 46 4.39 13.07 -7.96
N ASP A 47 4.37 14.27 -7.40
CA ASP A 47 3.37 14.63 -6.40
C ASP A 47 1.97 14.66 -7.01
N GLN A 48 1.88 15.10 -8.27
CA GLN A 48 0.59 15.17 -8.95
C GLN A 48 0.09 13.78 -9.33
N HIS A 49 0.69 12.75 -8.72
CA HIS A 49 0.30 11.38 -9.00
C HIS A 49 0.51 10.53 -7.75
N MET A 50 0.71 11.18 -6.62
CA MET A 50 0.92 10.49 -5.35
C MET A 50 -0.12 10.93 -4.33
N GLY A 51 -0.29 10.13 -3.28
CA GLY A 51 -1.26 10.45 -2.24
C GLY A 51 -1.64 9.19 -1.47
N PHE A 52 -2.49 9.36 -0.46
CA PHE A 52 -2.92 8.24 0.36
C PHE A 52 -4.44 8.11 0.34
N LEU A 53 -4.91 6.88 0.38
CA LEU A 53 -6.35 6.61 0.37
C LEU A 53 -6.76 5.91 1.65
N CYS A 54 -7.82 6.40 2.28
CA CYS A 54 -8.32 5.80 3.51
C CYS A 54 -9.61 5.03 3.26
N ASN A 55 -9.93 4.12 4.17
CA ASN A 55 -11.14 3.31 4.05
C ASN A 55 -12.31 4.17 3.56
N GLU A 56 -12.73 5.10 4.40
CA GLU A 56 -13.84 5.98 4.06
C GLU A 56 -13.34 7.17 3.23
N ALA A 57 -14.01 7.45 2.12
CA ALA A 57 -13.63 8.56 1.27
C ALA A 57 -14.69 8.82 0.21
N LYS A 58 -15.73 9.56 0.58
CA LYS A 58 -16.81 9.87 -0.35
C LYS A 58 -17.38 8.60 -0.95
N ASN A 59 -18.43 8.08 -0.31
CA ASN A 59 -19.07 6.85 -0.78
C ASN A 59 -20.56 6.85 -0.44
N LEU A 60 -20.90 7.46 0.70
CA LEU A 60 -22.29 7.52 1.13
C LEU A 60 -23.18 8.03 -0.01
N LEU A 61 -22.60 8.84 -0.88
CA LEU A 61 -23.35 9.39 -2.01
C LEU A 61 -23.38 8.41 -3.17
N CYS A 62 -22.35 7.56 -3.24
CA CYS A 62 -22.27 6.57 -4.31
C CYS A 62 -23.28 5.45 -4.09
N GLY A 63 -23.81 5.38 -2.86
CA GLY A 63 -24.80 4.35 -2.53
C GLY A 63 -24.11 3.00 -2.31
N PHE A 64 -22.86 2.90 -2.73
CA PHE A 64 -22.10 1.67 -2.58
C PHE A 64 -21.72 1.44 -1.11
N TYR A 65 -22.08 0.27 -0.59
CA TYR A 65 -21.78 -0.05 0.80
C TYR A 65 -20.44 -0.78 0.89
N GLY A 66 -19.49 -0.17 1.60
CA GLY A 66 -18.17 -0.76 1.76
C GLY A 66 -17.07 0.28 1.61
N ARG A 67 -16.36 0.54 2.71
CA ARG A 67 -15.27 1.51 2.68
C ARG A 67 -13.93 0.82 2.53
N HIS A 68 -13.43 0.80 1.29
CA HIS A 68 -12.16 0.16 0.99
C HIS A 68 -11.28 1.08 0.16
N ALA A 69 -10.17 1.53 0.73
CA ALA A 69 -9.26 2.42 0.02
C ALA A 69 -8.79 1.78 -1.27
N GLU A 70 -8.39 0.51 -1.18
CA GLU A 70 -7.92 -0.22 -2.35
C GLU A 70 -8.82 0.07 -3.54
N LEU A 71 -10.13 0.01 -3.31
CA LEU A 71 -11.09 0.28 -4.37
C LEU A 71 -10.96 1.71 -4.86
N ARG A 72 -10.89 2.64 -3.92
CA ARG A 72 -10.75 4.05 -4.28
C ARG A 72 -9.57 4.24 -5.20
N PHE A 73 -8.50 3.49 -4.97
CA PHE A 73 -7.31 3.61 -5.81
C PHE A 73 -7.65 3.26 -7.26
N LEU A 74 -8.09 2.03 -7.48
CA LEU A 74 -8.44 1.59 -8.82
C LEU A 74 -9.31 2.62 -9.54
N ASP A 75 -10.09 3.37 -8.77
CA ASP A 75 -10.96 4.38 -9.33
C ASP A 75 -10.23 5.71 -9.50
N LEU A 76 -9.21 5.92 -8.68
CA LEU A 76 -8.42 7.14 -8.75
C LEU A 76 -7.28 6.96 -9.75
N VAL A 77 -6.95 5.70 -10.03
CA VAL A 77 -5.89 5.39 -10.98
C VAL A 77 -6.02 6.25 -12.25
N PRO A 78 -7.15 6.23 -12.95
CA PRO A 78 -7.31 7.05 -14.18
C PRO A 78 -7.00 8.52 -13.91
N SER A 79 -7.21 8.94 -12.66
CA SER A 79 -6.95 10.31 -12.28
C SER A 79 -5.45 10.58 -12.28
N LEU A 80 -4.66 9.53 -12.12
CA LEU A 80 -3.20 9.70 -12.12
C LEU A 80 -2.72 10.11 -13.50
N GLN A 81 -3.64 10.25 -14.43
CA GLN A 81 -3.31 10.64 -15.79
C GLN A 81 -2.03 9.95 -16.24
N LEU A 82 -2.02 8.63 -16.12
CA LEU A 82 -0.85 7.84 -16.52
C LEU A 82 -0.51 8.06 -17.98
N ASP A 83 0.68 7.61 -18.37
CA ASP A 83 1.14 7.75 -19.75
C ASP A 83 1.67 6.43 -20.27
N PRO A 84 0.80 5.54 -20.69
CA PRO A 84 1.20 4.20 -21.21
C PRO A 84 2.34 4.28 -22.21
N ALA A 85 2.68 5.49 -22.59
CA ALA A 85 3.78 5.71 -23.55
C ALA A 85 5.10 5.29 -22.92
N GLN A 86 5.18 5.36 -21.59
CA GLN A 86 6.38 4.98 -20.87
C GLN A 86 6.09 3.86 -19.88
N ILE A 87 6.92 3.76 -18.85
CA ILE A 87 6.76 2.72 -17.84
C ILE A 87 6.58 3.35 -16.45
N TYR A 88 5.48 2.96 -15.79
CA TYR A 88 5.18 3.47 -14.46
C TYR A 88 5.15 2.34 -13.45
N ARG A 89 5.25 2.69 -12.17
CA ARG A 89 5.24 1.71 -11.11
C ARG A 89 4.77 2.35 -9.81
N VAL A 90 3.60 1.94 -9.32
CA VAL A 90 3.07 2.52 -8.09
C VAL A 90 3.38 1.62 -6.90
N THR A 91 3.69 2.23 -5.76
CA THR A 91 4.00 1.47 -4.55
C THR A 91 2.86 1.63 -3.55
N TRP A 92 2.50 0.51 -2.92
CA TRP A 92 1.41 0.52 -1.94
C TRP A 92 1.94 0.31 -0.52
N PHE A 93 1.63 1.24 0.36
CA PHE A 93 2.04 1.15 1.75
C PHE A 93 0.80 1.01 2.62
N ILE A 94 0.56 -0.21 3.09
CA ILE A 94 -0.62 -0.47 3.90
C ILE A 94 -0.25 -1.01 5.28
N SER A 95 -1.15 -0.81 6.24
CA SER A 95 -0.92 -1.29 7.61
C SER A 95 -1.75 -2.54 7.88
N TRP A 96 -1.74 -3.48 6.92
CA TRP A 96 -2.50 -4.71 7.05
C TRP A 96 -2.58 -5.41 5.70
N SER A 97 -2.05 -6.63 5.64
CA SER A 97 -2.04 -7.41 4.39
C SER A 97 -3.31 -7.14 3.58
N PRO A 98 -3.28 -7.33 2.27
CA PRO A 98 -4.47 -7.10 1.42
C PRO A 98 -5.72 -7.79 1.96
N CYS A 99 -6.89 -7.28 1.59
CA CYS A 99 -8.15 -7.87 2.04
C CYS A 99 -8.27 -9.29 1.50
N PHE A 100 -9.25 -9.52 0.63
CA PHE A 100 -9.43 -10.85 0.06
C PHE A 100 -9.92 -10.77 -1.39
N SER A 101 -9.33 -11.61 -2.25
CA SER A 101 -9.65 -11.65 -3.67
C SER A 101 -11.09 -11.24 -3.98
N TRP A 102 -12.03 -12.17 -3.77
CA TRP A 102 -13.43 -11.91 -4.05
C TRP A 102 -13.82 -10.47 -3.70
N GLY A 103 -13.07 -9.86 -2.79
CA GLY A 103 -13.35 -8.50 -2.37
C GLY A 103 -12.49 -7.49 -3.11
N CYS A 104 -11.34 -7.16 -2.54
CA CYS A 104 -10.43 -6.18 -3.14
C CYS A 104 -9.31 -6.85 -3.94
N ALA A 105 -8.53 -7.70 -3.29
CA ALA A 105 -7.43 -8.37 -3.96
C ALA A 105 -7.86 -8.85 -5.35
N GLY A 106 -9.17 -9.03 -5.54
CA GLY A 106 -9.69 -9.48 -6.82
C GLY A 106 -9.70 -8.34 -7.84
N GLU A 107 -9.94 -7.13 -7.35
CA GLU A 107 -9.96 -5.97 -8.23
C GLU A 107 -8.55 -5.45 -8.44
N VAL A 108 -7.69 -5.67 -7.45
CA VAL A 108 -6.31 -5.21 -7.54
C VAL A 108 -5.54 -6.02 -8.59
N ARG A 109 -5.84 -7.31 -8.68
CA ARG A 109 -5.18 -8.17 -9.66
C ARG A 109 -5.75 -7.91 -11.05
N ALA A 110 -7.07 -7.79 -11.13
CA ALA A 110 -7.72 -7.53 -12.41
C ALA A 110 -7.17 -6.26 -13.04
N PHE A 111 -6.83 -5.29 -12.21
CA PHE A 111 -6.30 -4.02 -12.68
C PHE A 111 -4.85 -4.18 -13.13
N LEU A 112 -4.08 -4.96 -12.39
CA LEU A 112 -2.69 -5.18 -12.72
C LEU A 112 -2.55 -5.71 -14.15
N GLN A 113 -3.54 -6.48 -14.59
CA GLN A 113 -3.50 -7.04 -15.94
C GLN A 113 -4.00 -6.04 -16.97
N GLU A 114 -5.04 -5.29 -16.60
CA GLU A 114 -5.61 -4.31 -17.50
C GLU A 114 -4.58 -3.30 -17.96
N ASN A 115 -3.68 -2.93 -17.04
CA ASN A 115 -2.62 -1.98 -17.35
C ASN A 115 -1.25 -2.57 -17.03
N THR A 116 -0.61 -3.11 -18.06
CA THR A 116 0.71 -3.71 -17.88
C THR A 116 1.79 -2.62 -17.87
N HIS A 117 1.46 -1.48 -18.45
CA HIS A 117 2.40 -0.36 -18.50
C HIS A 117 2.75 0.09 -17.09
N VAL A 118 1.75 0.11 -16.21
CA VAL A 118 1.95 0.50 -14.83
C VAL A 118 1.99 -0.72 -13.93
N ARG A 119 3.07 -0.84 -13.17
CA ARG A 119 3.25 -1.95 -12.26
C ARG A 119 2.85 -1.54 -10.86
N LEU A 120 2.54 -2.53 -10.02
CA LEU A 120 2.15 -2.23 -8.64
C LEU A 120 2.84 -3.18 -7.66
N ARG A 121 3.39 -2.60 -6.60
CA ARG A 121 4.07 -3.37 -5.57
C ARG A 121 3.37 -3.17 -4.23
N ILE A 122 3.20 -4.25 -3.49
CA ILE A 122 2.53 -4.18 -2.20
C ILE A 122 3.52 -4.23 -1.06
N PHE A 123 3.18 -3.53 0.01
CA PHE A 123 4.02 -3.50 1.19
C PHE A 123 3.14 -3.33 2.43
N ALA A 124 3.05 -4.37 3.23
CA ALA A 124 2.23 -4.33 4.44
C ALA A 124 3.10 -4.09 5.67
N ALA A 125 2.50 -3.54 6.72
CA ALA A 125 3.22 -3.27 7.95
C ALA A 125 3.01 -4.41 8.95
N ARG A 126 1.96 -5.20 8.71
CA ARG A 126 1.64 -6.31 9.58
C ARG A 126 0.80 -7.34 8.84
N ILE A 127 0.59 -8.50 9.46
CA ILE A 127 -0.18 -9.57 8.85
C ILE A 127 -1.19 -10.13 9.84
N TYR A 128 -2.48 -9.86 9.60
CA TYR A 128 -3.53 -10.36 10.47
C TYR A 128 -3.67 -11.88 10.33
N ASP A 129 -2.61 -12.58 10.70
CA ASP A 129 -2.62 -14.04 10.60
C ASP A 129 -3.94 -14.62 11.11
N TYR A 130 -4.67 -13.81 11.86
CA TYR A 130 -5.96 -14.26 12.39
C TYR A 130 -6.92 -14.59 11.25
N ASP A 131 -6.49 -14.30 10.02
CA ASP A 131 -7.31 -14.56 8.84
C ASP A 131 -6.47 -15.20 7.74
N PRO A 132 -6.13 -16.45 7.90
CA PRO A 132 -5.31 -17.20 6.90
C PRO A 132 -5.86 -17.07 5.48
N LEU A 133 -7.02 -16.44 5.36
CA LEU A 133 -7.65 -16.26 4.06
C LEU A 133 -6.80 -15.35 3.18
N TYR A 134 -6.17 -14.36 3.80
CA TYR A 134 -5.34 -13.41 3.05
C TYR A 134 -4.22 -14.16 2.32
N LYS A 135 -3.82 -15.31 2.86
CA LYS A 135 -2.76 -16.10 2.25
C LYS A 135 -3.13 -16.44 0.80
N GLU A 136 -4.25 -17.13 0.62
CA GLU A 136 -4.69 -17.50 -0.70
C GLU A 136 -4.84 -16.26 -1.58
N ALA A 137 -5.35 -15.19 -0.99
CA ALA A 137 -5.52 -13.94 -1.71
C ALA A 137 -4.19 -13.41 -2.23
N LEU A 138 -3.17 -13.48 -1.37
CA LEU A 138 -1.84 -13.01 -1.75
C LEU A 138 -1.38 -13.70 -3.03
N GLN A 139 -1.23 -15.01 -2.96
CA GLN A 139 -0.80 -15.79 -4.13
C GLN A 139 -1.54 -15.32 -5.37
N MET A 140 -2.85 -15.17 -5.24
CA MET A 140 -3.68 -14.74 -6.36
C MET A 140 -3.30 -13.32 -6.79
N LEU A 141 -2.73 -12.55 -5.87
CA LEU A 141 -2.34 -11.18 -6.18
C LEU A 141 -1.01 -11.14 -6.91
N ARG A 142 0.06 -11.58 -6.26
CA ARG A 142 1.37 -11.57 -6.89
C ARG A 142 1.28 -12.17 -8.29
N ASP A 143 0.33 -13.09 -8.47
CA ASP A 143 0.15 -13.72 -9.77
C ASP A 143 -0.23 -12.68 -10.82
N ALA A 144 -0.93 -11.64 -10.39
CA ALA A 144 -1.34 -10.58 -11.30
C ALA A 144 -0.12 -9.84 -11.83
N GLY A 145 1.05 -10.14 -11.26
CA GLY A 145 2.29 -9.50 -11.67
C GLY A 145 2.82 -8.58 -10.58
N ALA A 146 1.95 -8.24 -9.63
CA ALA A 146 2.35 -7.38 -8.53
C ALA A 146 3.34 -8.09 -7.62
N GLN A 147 3.97 -7.35 -6.72
CA GLN A 147 4.95 -7.93 -5.80
C GLN A 147 4.72 -7.44 -4.37
N VAL A 148 4.40 -8.37 -3.47
CA VAL A 148 4.17 -8.00 -2.07
C VAL A 148 5.35 -8.39 -1.19
N SER A 149 5.56 -7.62 -0.13
CA SER A 149 6.63 -7.88 0.81
C SER A 149 6.42 -7.09 2.10
N ILE A 150 7.32 -7.27 3.06
CA ILE A 150 7.20 -6.55 4.33
C ILE A 150 8.10 -5.31 4.33
N MET A 151 7.52 -4.17 4.70
CA MET A 151 8.29 -2.92 4.73
C MET A 151 9.49 -3.05 5.65
N THR A 152 10.58 -2.38 5.27
CA THR A 152 11.81 -2.42 6.06
C THR A 152 12.09 -1.04 6.67
N TYR A 153 13.17 -0.95 7.43
CA TYR A 153 13.54 0.32 8.06
C TYR A 153 13.79 1.39 7.02
N ASP A 154 14.78 1.15 6.15
CA ASP A 154 15.13 2.10 5.11
C ASP A 154 13.89 2.49 4.30
N GLU A 155 13.00 1.54 4.09
CA GLU A 155 11.79 1.79 3.33
C GLU A 155 10.77 2.57 4.15
N PHE A 156 10.78 2.33 5.46
CA PHE A 156 9.85 3.02 6.35
C PHE A 156 10.14 4.53 6.37
N GLU A 157 11.41 4.88 6.45
CA GLU A 157 11.81 6.28 6.47
C GLU A 157 11.56 6.94 5.12
N TYR A 158 11.82 6.20 4.05
CA TYR A 158 11.62 6.72 2.71
C TYR A 158 10.16 7.13 2.49
N CYS A 159 9.25 6.37 3.06
CA CYS A 159 7.82 6.67 2.90
C CYS A 159 7.43 7.84 3.79
N TRP A 160 8.09 7.95 4.94
CA TRP A 160 7.81 9.03 5.87
C TRP A 160 8.10 10.38 5.23
N ASP A 161 9.16 10.42 4.43
CA ASP A 161 9.55 11.66 3.76
C ASP A 161 8.79 11.86 2.45
N THR A 162 8.33 10.76 1.85
CA THR A 162 7.61 10.85 0.59
C THR A 162 6.12 11.17 0.80
N PHE A 163 5.51 10.50 1.77
CA PHE A 163 4.09 10.71 2.05
C PHE A 163 3.89 11.89 3.01
N VAL A 164 4.68 11.92 4.09
CA VAL A 164 4.56 13.00 5.05
C VAL A 164 5.72 13.97 4.93
N TYR A 165 5.48 15.11 4.30
CA TYR A 165 6.52 16.12 4.13
C TYR A 165 6.87 16.73 5.48
N ARG A 166 8.16 16.69 5.82
CA ARG A 166 8.61 17.24 7.11
C ARG A 166 9.70 18.29 6.89
N GLN A 167 9.92 18.67 5.64
CA GLN A 167 10.93 19.67 5.31
C GLN A 167 12.33 19.12 5.51
N GLY A 168 12.46 17.78 5.46
CA GLY A 168 13.75 17.15 5.62
C GLY A 168 13.89 16.49 6.99
N CYS A 169 12.92 16.71 7.87
CA CYS A 169 12.97 16.12 9.20
C CYS A 169 13.15 14.60 9.10
N PRO A 170 13.98 14.00 9.91
CA PRO A 170 14.21 12.52 9.86
C PRO A 170 13.01 11.73 10.37
N PHE A 171 13.06 10.41 10.17
CA PHE A 171 11.97 9.54 10.62
C PHE A 171 12.35 8.83 11.90
N GLN A 172 11.34 8.52 12.71
CA GLN A 172 11.56 7.84 13.97
C GLN A 172 11.03 6.40 13.90
N PRO A 173 11.86 5.43 13.54
CA PRO A 173 11.42 4.01 13.44
C PRO A 173 11.41 3.29 14.78
N TRP A 174 11.45 4.05 15.87
CA TRP A 174 11.45 3.48 17.23
C TRP A 174 12.35 2.25 17.33
N ASP A 175 13.17 2.04 16.31
CA ASP A 175 14.07 0.90 16.26
C ASP A 175 13.35 -0.39 16.67
N GLY A 176 12.02 -0.32 16.78
CA GLY A 176 11.24 -1.51 17.13
C GLY A 176 10.82 -2.28 15.89
N LEU A 177 10.32 -1.55 14.89
CA LEU A 177 9.89 -2.19 13.66
C LEU A 177 11.03 -2.97 13.04
N GLU A 178 12.23 -2.41 13.11
CA GLU A 178 13.41 -3.05 12.54
C GLU A 178 13.47 -4.51 12.96
N GLU A 179 13.53 -4.75 14.27
CA GLU A 179 13.60 -6.11 14.78
C GLU A 179 12.45 -6.95 14.23
N HIS A 180 11.26 -6.37 14.22
CA HIS A 180 10.09 -7.07 13.71
C HIS A 180 10.23 -7.35 12.22
N SER A 181 10.92 -6.46 11.51
CA SER A 181 11.11 -6.64 10.08
C SER A 181 11.94 -7.88 9.79
N GLN A 182 12.89 -8.17 10.68
CA GLN A 182 13.73 -9.36 10.51
C GLN A 182 12.89 -10.62 10.69
N ALA A 183 12.13 -10.66 11.79
CA ALA A 183 11.28 -11.82 12.06
C ALA A 183 10.26 -12.01 10.94
N LEU A 184 9.57 -10.93 10.58
CA LEU A 184 8.58 -10.99 9.53
C LEU A 184 9.23 -11.34 8.19
N SER A 185 10.37 -10.69 7.92
CA SER A 185 11.09 -10.93 6.68
C SER A 185 11.17 -12.43 6.40
N GLY A 186 11.54 -13.20 7.41
CA GLY A 186 11.65 -14.64 7.26
C GLY A 186 10.29 -15.25 6.97
N ARG A 187 9.30 -14.89 7.78
CA ARG A 187 7.94 -15.41 7.59
C ARG A 187 7.44 -15.11 6.19
N LEU A 188 7.32 -13.82 5.88
CA LEU A 188 6.85 -13.40 4.56
C LEU A 188 7.45 -14.29 3.47
N ARG A 189 8.77 -14.31 3.40
CA ARG A 189 9.46 -15.14 2.41
C ARG A 189 8.88 -16.55 2.43
N ALA A 190 8.46 -16.99 3.62
CA ALA A 190 7.89 -18.33 3.76
C ALA A 190 6.50 -18.39 3.11
N ILE A 191 5.70 -17.37 3.36
CA ILE A 191 4.35 -17.32 2.79
C ILE A 191 4.42 -17.48 1.27
N LEU A 192 5.53 -17.04 0.69
CA LEU A 192 5.71 -17.13 -0.76
C LEU A 192 5.92 -18.58 -1.18
N GLN A 193 5.79 -19.49 -0.22
CA GLN A 193 5.96 -20.92 -0.48
C GLN A 193 4.62 -21.64 -0.44
N ASN A 194 3.76 -21.22 0.50
CA ASN A 194 2.45 -21.84 0.64
C ASN A 194 1.69 -21.79 -0.68
N GLN A 195 1.39 -22.96 -1.24
CA GLN A 195 0.67 -23.04 -2.49
C GLN A 195 1.45 -22.36 -3.61
N GLY A 196 1.34 -22.89 -4.82
CA GLY A 196 2.05 -22.32 -5.96
C GLY A 196 1.73 -23.10 -7.24
N ASN A 197 0.76 -22.61 -8.00
CA ASN A 197 0.38 -23.27 -9.25
C ASN A 197 -0.25 -22.27 -10.21
ZN ZN B . -10.16 -3.81 0.93
N MET A 1 6.50 29.05 -6.37
CA MET A 1 6.47 28.15 -7.56
C MET A 1 6.74 26.72 -7.12
N GLU A 2 5.72 26.09 -6.51
CA GLU A 2 5.86 24.72 -6.04
C GLU A 2 4.49 24.08 -5.85
N ILE A 3 4.45 22.75 -5.86
CA ILE A 3 3.20 22.03 -5.70
C ILE A 3 3.07 21.49 -4.28
N LEU A 4 1.89 20.97 -3.96
CA LEU A 4 1.65 20.41 -2.63
C LEU A 4 0.32 19.66 -2.58
N ARG A 5 0.13 18.88 -1.52
CA ARG A 5 -1.09 18.11 -1.35
C ARG A 5 -1.60 18.25 0.08
N TYR A 6 -2.51 17.37 0.45
CA TYR A 6 -3.08 17.40 1.80
C TYR A 6 -2.10 16.83 2.82
N LEU A 7 -1.51 15.69 2.50
CA LEU A 7 -0.55 15.05 3.39
C LEU A 7 -1.17 14.80 4.76
N MET A 8 -1.32 13.54 5.12
CA MET A 8 -1.89 13.17 6.41
C MET A 8 -1.16 13.90 7.53
N ASP A 9 -1.79 13.95 8.70
CA ASP A 9 -1.18 14.61 9.85
C ASP A 9 -0.15 13.68 10.51
N PRO A 10 1.07 14.13 10.73
CA PRO A 10 2.11 13.28 11.37
C PRO A 10 1.55 12.48 12.54
N ASP A 11 0.99 13.18 13.51
CA ASP A 11 0.42 12.52 14.69
C ASP A 11 -0.45 11.34 14.27
N THR A 12 -1.27 11.55 13.25
CA THR A 12 -2.15 10.50 12.75
C THR A 12 -1.33 9.38 12.13
N PHE A 13 -0.37 9.76 11.29
CA PHE A 13 0.49 8.78 10.63
C PHE A 13 1.08 7.82 11.65
N THR A 14 1.65 8.36 12.71
CA THR A 14 2.24 7.54 13.76
C THR A 14 1.18 6.70 14.44
N PHE A 15 0.10 7.34 14.87
CA PHE A 15 -0.99 6.64 15.54
C PHE A 15 -1.50 5.48 14.69
N ASN A 16 -1.45 5.66 13.38
CA ASN A 16 -1.92 4.62 12.46
C ASN A 16 -0.82 3.58 12.21
N PHE A 17 0.27 4.01 11.59
CA PHE A 17 1.38 3.12 11.29
C PHE A 17 1.94 2.51 12.58
N ASN A 18 1.42 2.96 13.72
CA ASN A 18 1.88 2.45 15.00
C ASN A 18 1.61 0.95 15.11
N ASN A 19 0.55 0.50 14.44
CA ASN A 19 0.19 -0.91 14.46
C ASN A 19 0.20 -1.45 15.89
N ASP A 20 -0.82 -1.08 16.66
CA ASP A 20 -0.92 -1.53 18.05
C ASP A 20 -0.92 -3.06 18.11
N PRO A 21 -0.65 -3.61 19.27
CA PRO A 21 -0.64 -5.09 19.47
C PRO A 21 -1.74 -5.79 18.68
N LEU A 22 -2.95 -5.24 18.75
CA LEU A 22 -4.09 -5.84 18.06
C LEU A 22 -3.96 -5.62 16.55
N VAL A 23 -2.77 -5.25 16.10
CA VAL A 23 -2.53 -5.00 14.68
C VAL A 23 -3.71 -4.26 14.07
N LEU A 24 -4.09 -3.15 14.70
CA LEU A 24 -5.22 -2.36 14.21
C LEU A 24 -6.46 -3.22 14.05
N ARG A 25 -7.46 -2.68 13.35
CA ARG A 25 -8.71 -3.40 13.13
C ARG A 25 -8.98 -3.57 11.64
N ARG A 26 -10.25 -3.66 11.27
CA ARG A 26 -10.62 -3.81 9.86
C ARG A 26 -11.24 -2.52 9.34
N ARG A 27 -12.32 -2.08 9.96
CA ARG A 27 -13.00 -0.86 9.54
C ARG A 27 -11.98 0.26 9.31
N GLN A 28 -11.21 0.58 10.34
CA GLN A 28 -10.20 1.64 10.24
C GLN A 28 -8.92 1.09 9.61
N THR A 29 -8.57 1.61 8.45
CA THR A 29 -7.36 1.17 7.75
C THR A 29 -6.60 2.37 7.20
N TYR A 30 -5.58 2.09 6.40
CA TYR A 30 -4.78 3.16 5.80
C TYR A 30 -4.03 2.64 4.57
N LEU A 31 -4.28 3.31 3.44
CA LEU A 31 -3.64 2.93 2.19
C LEU A 31 -2.94 4.13 1.58
N CYS A 32 -1.62 4.08 1.58
CA CYS A 32 -0.82 5.15 1.00
C CYS A 32 -0.32 4.73 -0.37
N TYR A 33 -0.30 5.66 -1.32
CA TYR A 33 0.13 5.33 -2.67
C TYR A 33 1.00 6.42 -3.28
N GLU A 34 1.83 5.99 -4.23
CA GLU A 34 2.71 6.92 -4.94
C GLU A 34 2.87 6.45 -6.38
N VAL A 35 3.35 7.32 -7.25
CA VAL A 35 3.56 6.97 -8.65
C VAL A 35 4.96 7.32 -9.09
N GLU A 36 5.54 6.47 -9.93
CA GLU A 36 6.90 6.69 -10.41
C GLU A 36 6.98 6.53 -11.93
N ARG A 37 7.77 7.40 -12.55
CA ARG A 37 7.96 7.35 -13.99
C ARG A 37 9.42 7.02 -14.28
N LEU A 38 9.67 5.90 -14.89
CA LEU A 38 11.05 5.51 -15.16
C LEU A 38 11.70 6.45 -16.17
N ASP A 39 12.47 7.40 -15.64
CA ASP A 39 13.16 8.37 -16.49
C ASP A 39 14.67 8.14 -16.45
N ASN A 40 15.27 7.94 -17.61
CA ASN A 40 16.71 7.73 -17.72
C ASN A 40 17.11 6.36 -17.16
N GLY A 41 16.15 5.44 -17.10
CA GLY A 41 16.43 4.09 -16.61
C GLY A 41 16.31 4.03 -15.09
N THR A 42 15.87 5.12 -14.48
CA THR A 42 15.71 5.19 -13.04
C THR A 42 14.30 5.64 -12.70
N TRP A 43 13.83 5.23 -11.54
CA TRP A 43 12.49 5.60 -11.12
C TRP A 43 12.48 7.02 -10.54
N VAL A 44 11.51 7.81 -10.95
CA VAL A 44 11.39 9.18 -10.47
C VAL A 44 10.03 9.41 -9.82
N LEU A 45 10.04 9.89 -8.58
CA LEU A 45 8.79 10.13 -7.86
C LEU A 45 8.09 11.36 -8.42
N MET A 46 6.80 11.23 -8.69
CA MET A 46 6.02 12.35 -9.23
C MET A 46 4.96 12.79 -8.21
N ASP A 47 5.16 13.98 -7.66
CA ASP A 47 4.23 14.52 -6.66
C ASP A 47 2.85 14.76 -7.28
N GLN A 48 2.83 15.19 -8.54
CA GLN A 48 1.57 15.47 -9.23
C GLN A 48 0.86 14.16 -9.57
N HIS A 49 1.26 13.08 -8.93
CA HIS A 49 0.63 11.79 -9.16
C HIS A 49 0.74 10.92 -7.91
N MET A 50 1.03 11.55 -6.78
CA MET A 50 1.16 10.83 -5.51
C MET A 50 0.08 11.29 -4.53
N GLY A 51 -0.21 10.45 -3.55
CA GLY A 51 -1.22 10.79 -2.55
C GLY A 51 -1.55 9.58 -1.67
N PHE A 52 -2.46 9.79 -0.72
CA PHE A 52 -2.86 8.72 0.19
C PHE A 52 -4.38 8.66 0.28
N LEU A 53 -4.93 7.45 0.31
CA LEU A 53 -6.37 7.27 0.39
C LEU A 53 -6.71 6.21 1.45
N CYS A 54 -7.90 6.37 2.05
CA CYS A 54 -8.34 5.44 3.08
C CYS A 54 -9.43 4.51 2.53
N ASN A 55 -10.12 3.83 3.45
CA ASN A 55 -11.18 2.91 3.04
C ASN A 55 -12.46 3.68 2.72
N GLU A 56 -13.18 4.08 3.76
CA GLU A 56 -14.42 4.83 3.57
C GLU A 56 -14.15 6.16 2.88
N ALA A 57 -15.10 6.61 2.05
CA ALA A 57 -14.94 7.87 1.34
C ALA A 57 -16.30 8.46 1.01
N LYS A 58 -16.90 9.16 1.97
CA LYS A 58 -18.20 9.77 1.76
C LYS A 58 -19.24 8.72 1.39
N ASN A 59 -19.58 7.86 2.35
CA ASN A 59 -20.55 6.81 2.12
C ASN A 59 -21.44 6.61 3.34
N LEU A 60 -21.56 7.66 4.15
CA LEU A 60 -22.39 7.59 5.35
C LEU A 60 -23.86 7.75 5.01
N LEU A 61 -24.19 8.89 4.41
CA LEU A 61 -25.58 9.17 4.04
C LEU A 61 -26.18 7.98 3.31
N CYS A 62 -25.33 7.07 2.85
CA CYS A 62 -25.79 5.90 2.13
C CYS A 62 -26.03 4.73 3.09
N GLY A 63 -25.31 4.73 4.21
CA GLY A 63 -25.44 3.68 5.20
C GLY A 63 -24.95 2.34 4.66
N PHE A 64 -23.98 2.39 3.76
CA PHE A 64 -23.43 1.18 3.18
C PHE A 64 -22.15 0.77 3.90
N TYR A 65 -22.13 -0.45 4.42
CA TYR A 65 -20.96 -0.94 5.14
C TYR A 65 -20.06 -1.73 4.20
N GLY A 66 -18.76 -1.70 4.47
CA GLY A 66 -17.79 -2.40 3.64
C GLY A 66 -17.11 -1.45 2.66
N ARG A 67 -16.00 -0.85 3.09
CA ARG A 67 -15.26 0.08 2.25
C ARG A 67 -13.77 -0.26 2.26
N HIS A 68 -13.25 -0.65 1.10
CA HIS A 68 -11.83 -1.00 0.98
C HIS A 68 -11.09 0.05 0.15
N ALA A 69 -10.05 0.63 0.73
CA ALA A 69 -9.26 1.64 0.03
C ALA A 69 -8.75 1.08 -1.29
N GLU A 70 -8.28 -0.16 -1.25
CA GLU A 70 -7.76 -0.82 -2.43
C GLU A 70 -8.67 -0.53 -3.62
N LEU A 71 -9.97 -0.64 -3.40
CA LEU A 71 -10.94 -0.39 -4.45
C LEU A 71 -10.90 1.10 -4.83
N ARG A 72 -10.90 1.95 -3.82
CA ARG A 72 -10.85 3.39 -4.05
C ARG A 72 -9.67 3.74 -4.96
N PHE A 73 -8.58 2.99 -4.83
CA PHE A 73 -7.40 3.24 -5.65
C PHE A 73 -7.74 2.97 -7.12
N LEU A 74 -8.11 1.74 -7.43
CA LEU A 74 -8.45 1.37 -8.79
C LEU A 74 -9.38 2.41 -9.41
N ASP A 75 -10.09 3.14 -8.56
CA ASP A 75 -11.01 4.17 -9.03
C ASP A 75 -10.30 5.50 -9.24
N LEU A 76 -9.31 5.78 -8.41
CA LEU A 76 -8.55 7.02 -8.51
C LEU A 76 -7.46 6.87 -9.57
N VAL A 77 -7.12 5.63 -9.89
CA VAL A 77 -6.09 5.37 -10.90
C VAL A 77 -6.27 6.27 -12.12
N PRO A 78 -7.41 6.27 -12.78
CA PRO A 78 -7.63 7.14 -13.97
C PRO A 78 -7.27 8.59 -13.68
N SER A 79 -7.43 9.00 -12.42
CA SER A 79 -7.11 10.35 -12.02
C SER A 79 -5.61 10.60 -12.10
N LEU A 80 -4.82 9.53 -12.00
CA LEU A 80 -3.36 9.67 -12.07
C LEU A 80 -2.93 10.03 -13.48
N GLN A 81 -3.89 10.04 -14.41
CA GLN A 81 -3.58 10.37 -15.80
C GLN A 81 -2.27 9.72 -16.23
N LEU A 82 -2.14 8.43 -15.96
CA LEU A 82 -0.93 7.70 -16.31
C LEU A 82 -0.58 7.90 -17.78
N ASP A 83 0.50 7.25 -18.21
CA ASP A 83 0.95 7.37 -19.58
C ASP A 83 1.27 5.98 -20.15
N PRO A 84 0.27 5.25 -20.57
CA PRO A 84 0.45 3.87 -21.13
C PRO A 84 1.55 3.83 -22.18
N ALA A 85 2.05 4.99 -22.55
CA ALA A 85 3.11 5.08 -23.54
C ALA A 85 4.45 4.70 -22.92
N GLN A 86 4.63 5.09 -21.66
CA GLN A 86 5.87 4.78 -20.94
C GLN A 86 5.61 3.73 -19.87
N ILE A 87 6.61 3.50 -19.01
CA ILE A 87 6.48 2.51 -17.95
C ILE A 87 6.36 3.21 -16.59
N TYR A 88 5.22 2.97 -15.93
CA TYR A 88 4.96 3.56 -14.62
C TYR A 88 4.99 2.48 -13.54
N ARG A 89 5.12 2.90 -12.29
CA ARG A 89 5.18 1.96 -11.18
C ARG A 89 4.69 2.62 -9.89
N VAL A 90 3.59 2.12 -9.35
CA VAL A 90 3.04 2.70 -8.11
C VAL A 90 3.35 1.80 -6.92
N THR A 91 3.68 2.43 -5.79
CA THR A 91 3.97 1.69 -4.57
C THR A 91 2.81 1.81 -3.60
N TRP A 92 2.48 0.70 -2.95
CA TRP A 92 1.38 0.69 -2.00
C TRP A 92 1.87 0.51 -0.57
N PHE A 93 1.50 1.44 0.29
CA PHE A 93 1.88 1.37 1.70
C PHE A 93 0.62 1.19 2.54
N ILE A 94 0.40 -0.03 3.01
CA ILE A 94 -0.77 -0.34 3.81
C ILE A 94 -0.39 -0.82 5.20
N SER A 95 -1.29 -0.56 6.16
CA SER A 95 -1.05 -0.97 7.55
C SER A 95 -1.79 -2.27 7.88
N TRP A 96 -1.79 -3.22 6.94
CA TRP A 96 -2.47 -4.49 7.14
C TRP A 96 -2.67 -5.21 5.81
N SER A 97 -2.08 -6.39 5.68
CA SER A 97 -2.20 -7.16 4.45
C SER A 97 -3.62 -7.08 3.89
N PRO A 98 -3.79 -7.39 2.63
CA PRO A 98 -5.13 -7.33 1.97
C PRO A 98 -6.15 -8.27 2.62
N CYS A 99 -7.41 -8.17 2.18
CA CYS A 99 -8.46 -9.01 2.74
C CYS A 99 -8.54 -10.34 2.01
N PHE A 100 -8.98 -10.31 0.75
CA PHE A 100 -9.07 -11.54 -0.03
C PHE A 100 -9.25 -11.21 -1.52
N SER A 101 -9.07 -12.23 -2.35
CA SER A 101 -9.19 -12.07 -3.80
C SER A 101 -10.56 -11.49 -4.16
N TRP A 102 -11.57 -12.35 -4.19
CA TRP A 102 -12.93 -11.92 -4.53
C TRP A 102 -13.22 -10.55 -3.95
N GLY A 103 -12.51 -10.22 -2.87
CA GLY A 103 -12.69 -8.93 -2.22
C GLY A 103 -11.80 -7.88 -2.88
N CYS A 104 -10.59 -7.73 -2.37
CA CYS A 104 -9.66 -6.74 -2.91
C CYS A 104 -8.66 -7.36 -3.89
N ALA A 105 -7.79 -8.23 -3.37
CA ALA A 105 -6.76 -8.86 -4.19
C ALA A 105 -7.32 -9.25 -5.57
N GLY A 106 -8.61 -9.54 -5.63
CA GLY A 106 -9.23 -9.93 -6.89
C GLY A 106 -9.32 -8.73 -7.83
N GLU A 107 -9.69 -7.58 -7.27
CA GLU A 107 -9.81 -6.36 -8.07
C GLU A 107 -8.43 -5.85 -8.46
N VAL A 108 -7.49 -5.88 -7.50
CA VAL A 108 -6.14 -5.41 -7.77
C VAL A 108 -5.52 -6.21 -8.91
N ARG A 109 -5.90 -7.48 -9.00
CA ARG A 109 -5.38 -8.34 -10.06
C ARG A 109 -5.88 -7.88 -11.42
N ALA A 110 -7.20 -7.89 -11.58
CA ALA A 110 -7.80 -7.47 -12.84
C ALA A 110 -7.19 -6.16 -13.32
N PHE A 111 -6.82 -5.30 -12.38
CA PHE A 111 -6.23 -4.01 -12.72
C PHE A 111 -4.87 -4.21 -13.39
N LEU A 112 -3.95 -4.83 -12.66
CA LEU A 112 -2.62 -5.09 -13.20
C LEU A 112 -2.74 -5.63 -14.62
N GLN A 113 -3.92 -6.18 -14.93
CA GLN A 113 -4.17 -6.74 -16.25
C GLN A 113 -4.63 -5.64 -17.21
N GLU A 114 -5.51 -4.77 -16.71
CA GLU A 114 -6.04 -3.68 -17.51
C GLU A 114 -4.94 -2.74 -17.96
N ASN A 115 -3.96 -2.52 -17.08
CA ASN A 115 -2.85 -1.63 -17.40
C ASN A 115 -1.52 -2.27 -17.03
N THR A 116 -0.91 -2.93 -18.00
CA THR A 116 0.38 -3.59 -17.77
C THR A 116 1.50 -2.57 -17.79
N HIS A 117 1.25 -1.42 -18.41
CA HIS A 117 2.24 -0.36 -18.50
C HIS A 117 2.60 0.12 -17.09
N VAL A 118 1.59 0.22 -16.23
CA VAL A 118 1.81 0.66 -14.86
C VAL A 118 1.91 -0.54 -13.93
N ARG A 119 3.04 -0.66 -13.26
CA ARG A 119 3.28 -1.75 -12.34
C ARG A 119 2.86 -1.36 -10.93
N LEU A 120 2.62 -2.36 -10.08
CA LEU A 120 2.22 -2.08 -8.70
C LEU A 120 2.90 -3.02 -7.73
N ARG A 121 3.41 -2.45 -6.64
CA ARG A 121 4.08 -3.23 -5.60
C ARG A 121 3.38 -3.01 -4.27
N ILE A 122 3.23 -4.09 -3.50
CA ILE A 122 2.56 -4.00 -2.21
C ILE A 122 3.55 -4.04 -1.06
N PHE A 123 3.19 -3.34 0.01
CA PHE A 123 4.02 -3.30 1.20
C PHE A 123 3.13 -3.12 2.42
N ALA A 124 3.03 -4.17 3.24
CA ALA A 124 2.19 -4.12 4.43
C ALA A 124 3.05 -3.87 5.67
N ALA A 125 2.51 -3.11 6.62
CA ALA A 125 3.24 -2.79 7.84
C ALA A 125 3.21 -3.97 8.81
N ARG A 126 2.01 -4.47 9.08
CA ARG A 126 1.86 -5.60 9.99
C ARG A 126 0.84 -6.60 9.46
N ILE A 127 1.25 -7.86 9.36
CA ILE A 127 0.36 -8.90 8.86
C ILE A 127 -0.41 -9.54 10.00
N TYR A 128 -1.71 -9.26 10.07
CA TYR A 128 -2.54 -9.83 11.12
C TYR A 128 -2.54 -11.35 11.02
N ASP A 129 -1.47 -11.94 11.53
CA ASP A 129 -1.32 -13.40 11.51
C ASP A 129 -2.63 -14.08 11.88
N TYR A 130 -3.44 -13.42 12.70
CA TYR A 130 -4.71 -13.99 13.11
C TYR A 130 -5.66 -14.11 11.92
N ASP A 131 -5.15 -13.82 10.74
CA ASP A 131 -5.96 -13.90 9.53
C ASP A 131 -5.14 -14.52 8.39
N PRO A 132 -5.02 -15.83 8.34
CA PRO A 132 -4.24 -16.52 7.28
C PRO A 132 -5.00 -16.60 5.96
N LEU A 133 -5.81 -15.58 5.68
CA LEU A 133 -6.58 -15.54 4.45
C LEU A 133 -5.81 -14.78 3.37
N TYR A 134 -5.15 -13.70 3.77
CA TYR A 134 -4.37 -12.91 2.83
C TYR A 134 -3.34 -13.77 2.13
N LYS A 135 -2.97 -14.87 2.77
CA LYS A 135 -1.98 -15.78 2.20
C LYS A 135 -2.41 -16.23 0.80
N GLU A 136 -3.58 -16.88 0.73
CA GLU A 136 -4.09 -17.34 -0.56
C GLU A 136 -4.26 -16.17 -1.51
N ALA A 137 -4.79 -15.06 -0.99
CA ALA A 137 -5.00 -13.87 -1.80
C ALA A 137 -3.67 -13.35 -2.33
N LEU A 138 -2.59 -13.58 -1.59
CA LEU A 138 -1.27 -13.13 -2.01
C LEU A 138 -0.83 -13.86 -3.27
N GLN A 139 -0.70 -15.18 -3.17
CA GLN A 139 -0.28 -15.97 -4.32
C GLN A 139 -1.02 -15.50 -5.58
N MET A 140 -2.33 -15.32 -5.44
CA MET A 140 -3.15 -14.88 -6.56
C MET A 140 -2.84 -13.43 -6.92
N LEU A 141 -2.37 -12.67 -5.93
CA LEU A 141 -2.05 -11.26 -6.17
C LEU A 141 -0.83 -11.13 -7.06
N ARG A 142 0.32 -11.62 -6.58
CA ARG A 142 1.55 -11.55 -7.35
C ARG A 142 1.38 -12.21 -8.71
N ASP A 143 0.46 -13.15 -8.79
CA ASP A 143 0.20 -13.84 -10.06
C ASP A 143 -0.10 -12.84 -11.16
N ALA A 144 -0.59 -11.66 -10.76
CA ALA A 144 -0.92 -10.61 -11.71
C ALA A 144 0.34 -9.88 -12.16
N GLY A 145 1.43 -10.11 -11.45
CA GLY A 145 2.70 -9.46 -11.78
C GLY A 145 3.17 -8.55 -10.65
N ALA A 146 2.23 -8.12 -9.82
CA ALA A 146 2.56 -7.26 -8.70
C ALA A 146 3.51 -7.97 -7.74
N GLN A 147 4.13 -7.20 -6.84
CA GLN A 147 5.07 -7.80 -5.87
C GLN A 147 4.81 -7.27 -4.47
N VAL A 148 4.61 -8.17 -3.52
CA VAL A 148 4.38 -7.76 -2.13
C VAL A 148 5.56 -8.08 -1.24
N SER A 149 5.69 -7.33 -0.15
CA SER A 149 6.78 -7.53 0.80
C SER A 149 6.49 -6.80 2.11
N ILE A 150 7.39 -6.94 3.09
CA ILE A 150 7.20 -6.27 4.38
C ILE A 150 7.99 -4.97 4.42
N MET A 151 7.37 -3.93 4.96
CA MET A 151 8.01 -2.63 5.06
C MET A 151 9.37 -2.76 5.74
N THR A 152 10.39 -2.17 5.12
CA THR A 152 11.74 -2.23 5.68
C THR A 152 12.10 -0.88 6.31
N TYR A 153 13.24 -0.84 7.00
CA TYR A 153 13.70 0.39 7.64
C TYR A 153 13.81 1.52 6.63
N ASP A 154 14.65 1.32 5.62
CA ASP A 154 14.85 2.32 4.58
C ASP A 154 13.52 2.67 3.92
N GLU A 155 12.72 1.64 3.64
CA GLU A 155 11.43 1.83 3.00
C GLU A 155 10.55 2.77 3.84
N PHE A 156 10.58 2.58 5.15
CA PHE A 156 9.79 3.39 6.05
C PHE A 156 10.24 4.85 5.99
N GLU A 157 11.55 5.06 5.90
CA GLU A 157 12.11 6.40 5.84
C GLU A 157 11.66 7.11 4.57
N TYR A 158 11.83 6.45 3.42
CA TYR A 158 11.44 7.03 2.15
C TYR A 158 9.95 7.38 2.15
N CYS A 159 9.18 6.63 2.92
CA CYS A 159 7.74 6.88 3.01
C CYS A 159 7.47 8.03 3.96
N TRP A 160 8.24 8.07 5.04
CA TRP A 160 8.11 9.11 6.05
C TRP A 160 8.36 10.48 5.44
N ASP A 161 9.44 10.60 4.68
CA ASP A 161 9.80 11.87 4.05
C ASP A 161 8.98 12.13 2.78
N THR A 162 8.46 11.07 2.17
CA THR A 162 7.68 11.22 0.94
C THR A 162 6.24 11.60 1.25
N PHE A 163 5.54 10.75 2.00
CA PHE A 163 4.14 10.99 2.33
C PHE A 163 4.01 12.12 3.35
N VAL A 164 4.82 12.09 4.39
CA VAL A 164 4.77 13.12 5.43
C VAL A 164 5.95 14.08 5.29
N TYR A 165 5.67 15.31 4.86
CA TYR A 165 6.73 16.29 4.70
C TYR A 165 7.30 16.67 6.05
N ARG A 166 8.61 16.48 6.21
CA ARG A 166 9.28 16.79 7.47
C ARG A 166 10.43 17.76 7.24
N GLN A 167 10.74 18.03 5.99
CA GLN A 167 11.82 18.95 5.66
C GLN A 167 13.19 18.35 5.99
N GLY A 168 13.24 17.02 6.08
CA GLY A 168 14.48 16.33 6.37
C GLY A 168 14.54 15.86 7.82
N CYS A 169 13.51 16.19 8.60
CA CYS A 169 13.48 15.80 10.00
C CYS A 169 13.66 14.27 10.11
N PRO A 170 14.68 13.78 10.81
CA PRO A 170 14.90 12.31 10.95
C PRO A 170 13.61 11.56 11.27
N PHE A 171 13.61 10.26 10.99
CA PHE A 171 12.43 9.44 11.25
C PHE A 171 12.55 8.76 12.61
N GLN A 172 11.45 8.73 13.33
CA GLN A 172 11.43 8.14 14.67
C GLN A 172 10.19 7.25 14.84
N PRO A 173 10.29 5.98 14.55
CA PRO A 173 9.14 5.05 14.69
C PRO A 173 8.99 4.48 16.08
N TRP A 174 9.81 3.48 16.38
CA TRP A 174 9.75 2.83 17.69
C TRP A 174 10.90 1.82 17.87
N ASP A 175 11.82 1.80 16.92
CA ASP A 175 12.96 0.90 16.99
C ASP A 175 12.55 -0.55 16.80
N GLY A 176 11.52 -0.98 17.50
CA GLY A 176 11.04 -2.35 17.41
C GLY A 176 10.53 -2.65 16.00
N LEU A 177 10.68 -1.69 15.10
CA LEU A 177 10.22 -1.85 13.73
C LEU A 177 11.15 -2.78 12.96
N GLU A 178 12.44 -2.72 13.26
CA GLU A 178 13.41 -3.57 12.59
C GLU A 178 13.19 -5.03 12.96
N GLU A 179 13.19 -5.31 14.26
CA GLU A 179 12.98 -6.67 14.73
C GLU A 179 11.73 -7.27 14.11
N HIS A 180 10.64 -6.51 14.15
CA HIS A 180 9.38 -6.98 13.58
C HIS A 180 9.54 -7.26 12.09
N SER A 181 10.27 -6.40 11.40
CA SER A 181 10.49 -6.57 9.97
C SER A 181 11.02 -7.96 9.66
N GLN A 182 12.02 -8.39 10.43
CA GLN A 182 12.61 -9.71 10.23
C GLN A 182 11.55 -10.80 10.39
N ALA A 183 10.89 -10.82 11.55
CA ALA A 183 9.86 -11.80 11.81
C ALA A 183 8.87 -11.88 10.65
N LEU A 184 8.21 -10.76 10.38
CA LEU A 184 7.23 -10.71 9.29
C LEU A 184 7.88 -11.14 7.97
N SER A 185 8.91 -10.41 7.56
CA SER A 185 9.61 -10.72 6.32
C SER A 185 9.87 -12.22 6.23
N GLY A 186 10.12 -12.84 7.38
CA GLY A 186 10.39 -14.27 7.42
C GLY A 186 9.19 -15.06 6.92
N ARG A 187 8.01 -14.76 7.47
CA ARG A 187 6.80 -15.45 7.06
C ARG A 187 6.45 -15.12 5.61
N LEU A 188 6.27 -13.84 5.32
CA LEU A 188 5.93 -13.42 3.96
C LEU A 188 6.72 -14.21 2.94
N ARG A 189 8.05 -14.08 2.99
CA ARG A 189 8.91 -14.80 2.06
C ARG A 189 8.56 -16.28 2.08
N ALA A 190 8.21 -16.79 3.26
CA ALA A 190 7.84 -18.19 3.41
C ALA A 190 6.65 -18.52 2.51
N ILE A 191 5.59 -17.73 2.62
CA ILE A 191 4.40 -17.95 1.81
C ILE A 191 4.79 -18.13 0.35
N LEU A 192 5.76 -17.34 -0.10
CA LEU A 192 6.23 -17.41 -1.48
C LEU A 192 6.97 -18.72 -1.72
N GLN A 193 6.92 -19.61 -0.74
CA GLN A 193 7.59 -20.90 -0.85
C GLN A 193 6.68 -22.02 -0.34
N ASN A 194 5.39 -21.71 -0.19
CA ASN A 194 4.44 -22.70 0.30
C ASN A 194 3.76 -23.41 -0.87
N GLN A 195 2.73 -24.19 -0.56
CA GLN A 195 2.01 -24.92 -1.60
C GLN A 195 0.56 -25.13 -1.18
N GLY A 196 0.30 -25.12 0.12
CA GLY A 196 -1.05 -25.30 0.63
C GLY A 196 -1.26 -26.74 1.08
N ASN A 197 -1.55 -27.62 0.13
CA ASN A 197 -1.78 -29.03 0.44
C ASN A 197 -1.27 -29.91 -0.69
ZN ZN B . -11.10 -5.83 0.77
N MET A 1 -13.96 23.90 10.68
CA MET A 1 -13.93 23.03 9.48
C MET A 1 -12.53 23.06 8.87
N GLU A 2 -11.94 21.88 8.68
CA GLU A 2 -10.61 21.79 8.11
C GLU A 2 -10.68 21.40 6.64
N ILE A 3 -9.61 21.67 5.90
CA ILE A 3 -9.57 21.33 4.48
C ILE A 3 -8.78 20.06 4.25
N LEU A 4 -9.03 19.40 3.12
CA LEU A 4 -8.33 18.16 2.79
C LEU A 4 -6.87 18.45 2.49
N ARG A 5 -5.98 17.57 2.95
CA ARG A 5 -4.56 17.73 2.72
C ARG A 5 -3.98 16.43 2.17
N TYR A 6 -3.16 16.59 1.14
CA TYR A 6 -2.53 15.44 0.49
C TYR A 6 -1.36 14.93 1.32
N LEU A 7 -1.25 15.44 2.53
CA LEU A 7 -0.18 15.03 3.45
C LEU A 7 -0.77 14.58 4.78
N MET A 8 -0.94 13.28 4.94
CA MET A 8 -1.50 12.74 6.18
C MET A 8 -0.81 13.34 7.39
N ASP A 9 -1.48 13.29 8.53
CA ASP A 9 -0.93 13.85 9.76
C ASP A 9 0.16 12.91 10.33
N PRO A 10 1.37 13.38 10.53
CA PRO A 10 2.46 12.53 11.08
C PRO A 10 1.98 11.66 12.24
N ASP A 11 1.39 12.30 13.24
CA ASP A 11 0.90 11.59 14.42
C ASP A 11 -0.04 10.46 14.00
N THR A 12 -1.12 10.82 13.29
CA THR A 12 -2.09 9.83 12.85
C THR A 12 -1.39 8.65 12.17
N PHE A 13 -0.65 8.94 11.11
CA PHE A 13 0.07 7.91 10.39
C PHE A 13 0.91 7.06 11.33
N THR A 14 1.79 7.71 12.08
CA THR A 14 2.66 7.01 13.01
C THR A 14 1.84 6.19 14.00
N PHE A 15 0.61 6.64 14.26
CA PHE A 15 -0.27 5.94 15.18
C PHE A 15 -0.81 4.66 14.55
N ASN A 16 -0.97 4.68 13.23
CA ASN A 16 -1.48 3.51 12.52
C ASN A 16 -0.38 2.47 12.33
N PHE A 17 0.79 2.93 11.91
CA PHE A 17 1.91 2.02 11.69
C PHE A 17 2.63 1.71 13.00
N ASN A 18 2.26 2.44 14.06
CA ASN A 18 2.86 2.23 15.37
C ASN A 18 2.78 0.77 15.77
N ASN A 19 1.57 0.23 15.78
CA ASN A 19 1.36 -1.17 16.15
C ASN A 19 0.20 -1.76 15.36
N ASP A 20 -0.71 -0.89 14.91
CA ASP A 20 -1.87 -1.34 14.14
C ASP A 20 -2.82 -0.17 13.87
N PRO A 21 -3.63 -0.27 12.86
CA PRO A 21 -4.60 0.81 12.50
C PRO A 21 -5.72 0.93 13.54
N LEU A 22 -5.85 -0.09 14.37
CA LEU A 22 -6.89 -0.09 15.41
C LEU A 22 -6.70 -1.28 16.34
N VAL A 23 -7.04 -1.09 17.62
CA VAL A 23 -6.90 -2.16 18.60
C VAL A 23 -7.35 -3.49 18.00
N LEU A 24 -8.38 -3.46 17.18
CA LEU A 24 -8.90 -4.67 16.55
C LEU A 24 -9.37 -4.37 15.14
N ARG A 25 -8.55 -4.70 14.15
CA ARG A 25 -8.90 -4.45 12.76
C ARG A 25 -10.35 -4.87 12.49
N ARG A 26 -10.97 -4.23 11.51
CA ARG A 26 -12.35 -4.55 11.16
C ARG A 26 -12.68 -4.00 9.78
N ARG A 27 -12.15 -2.81 9.47
CA ARG A 27 -12.40 -2.20 8.18
C ARG A 27 -11.57 -0.92 8.03
N GLN A 28 -11.39 -0.20 9.13
CA GLN A 28 -10.60 1.03 9.10
C GLN A 28 -9.18 0.75 8.64
N THR A 29 -9.00 0.67 7.33
CA THR A 29 -7.69 0.41 6.75
C THR A 29 -7.11 1.67 6.13
N TYR A 30 -5.80 1.70 5.93
CA TYR A 30 -5.14 2.85 5.34
C TYR A 30 -4.02 2.43 4.40
N LEU A 31 -4.12 2.85 3.15
CA LEU A 31 -3.12 2.53 2.14
C LEU A 31 -2.58 3.80 1.50
N CYS A 32 -1.27 3.84 1.30
CA CYS A 32 -0.63 5.00 0.70
C CYS A 32 -0.17 4.66 -0.70
N TYR A 33 -0.70 5.40 -1.68
CA TYR A 33 -0.34 5.16 -3.08
C TYR A 33 0.47 6.31 -3.66
N GLU A 34 1.44 5.96 -4.48
CA GLU A 34 2.28 6.95 -5.15
C GLU A 34 2.47 6.53 -6.61
N VAL A 35 2.83 7.47 -7.46
CA VAL A 35 3.05 7.17 -8.88
C VAL A 35 4.47 7.53 -9.28
N GLU A 36 5.20 6.54 -9.79
CA GLU A 36 6.58 6.77 -10.21
C GLU A 36 6.70 6.72 -11.72
N ARG A 37 7.52 7.63 -12.26
CA ARG A 37 7.75 7.68 -13.70
C ARG A 37 9.23 7.42 -13.97
N LEU A 38 9.52 6.34 -14.66
CA LEU A 38 10.90 6.00 -14.93
C LEU A 38 11.55 7.00 -15.87
N ASP A 39 12.35 7.90 -15.29
CA ASP A 39 13.04 8.91 -16.06
C ASP A 39 14.55 8.80 -15.88
N ASN A 40 15.29 8.92 -16.98
CA ASN A 40 16.74 8.82 -16.93
C ASN A 40 17.20 7.43 -16.51
N GLY A 41 16.34 6.44 -16.73
CA GLY A 41 16.68 5.06 -16.38
C GLY A 41 16.53 4.81 -14.89
N THR A 42 15.87 5.75 -14.19
CA THR A 42 15.64 5.62 -12.77
C THR A 42 14.22 6.02 -12.43
N TRP A 43 13.74 5.57 -11.28
CA TRP A 43 12.38 5.89 -10.87
C TRP A 43 12.33 7.27 -10.24
N VAL A 44 11.33 8.05 -10.64
CA VAL A 44 11.17 9.40 -10.11
C VAL A 44 9.80 9.51 -9.45
N LEU A 45 9.73 10.23 -8.33
CA LEU A 45 8.46 10.37 -7.62
C LEU A 45 7.67 11.55 -8.17
N MET A 46 6.40 11.31 -8.47
CA MET A 46 5.53 12.36 -8.99
C MET A 46 4.54 12.80 -7.92
N ASP A 47 4.82 13.94 -7.30
CA ASP A 47 3.95 14.46 -6.25
C ASP A 47 2.59 14.86 -6.81
N GLN A 48 2.57 15.23 -8.08
CA GLN A 48 1.32 15.64 -8.73
C GLN A 48 0.37 14.45 -8.88
N HIS A 49 0.90 13.24 -8.71
CA HIS A 49 0.08 12.03 -8.83
C HIS A 49 0.25 11.15 -7.61
N MET A 50 0.54 11.79 -6.47
CA MET A 50 0.74 11.06 -5.22
C MET A 50 -0.37 11.38 -4.24
N GLY A 51 -0.51 10.54 -3.21
CA GLY A 51 -1.53 10.74 -2.20
C GLY A 51 -1.92 9.41 -1.55
N PHE A 52 -2.73 9.47 -0.51
CA PHE A 52 -3.16 8.27 0.19
C PHE A 52 -4.67 8.13 0.12
N LEU A 53 -5.14 6.88 0.24
CA LEU A 53 -6.57 6.61 0.19
C LEU A 53 -7.01 5.89 1.45
N CYS A 54 -8.16 6.28 1.99
CA CYS A 54 -8.69 5.66 3.20
C CYS A 54 -9.88 4.78 2.86
N ASN A 55 -10.36 4.03 3.85
CA ASN A 55 -11.50 3.14 3.64
C ASN A 55 -12.68 3.92 3.05
N GLU A 56 -13.40 4.63 3.91
CA GLU A 56 -14.55 5.42 3.46
C GLU A 56 -14.09 6.73 2.83
N ALA A 57 -14.59 7.01 1.64
CA ALA A 57 -14.22 8.24 0.94
C ALA A 57 -15.21 8.54 -0.18
N LYS A 58 -15.98 9.61 -0.01
CA LYS A 58 -16.97 9.99 -1.02
C LYS A 58 -17.83 8.79 -1.40
N ASN A 59 -18.24 8.02 -0.40
CA ASN A 59 -19.07 6.85 -0.65
C ASN A 59 -20.12 6.68 0.45
N LEU A 60 -20.10 7.60 1.41
CA LEU A 60 -21.05 7.54 2.52
C LEU A 60 -22.45 7.88 2.04
N LEU A 61 -22.54 8.85 1.13
CA LEU A 61 -23.84 9.27 0.59
C LEU A 61 -24.48 8.13 -0.20
N CYS A 62 -23.70 7.09 -0.46
CA CYS A 62 -24.20 5.94 -1.21
C CYS A 62 -24.57 4.80 -0.27
N GLY A 63 -23.94 4.80 0.92
CA GLY A 63 -24.20 3.76 1.90
C GLY A 63 -23.56 2.44 1.48
N PHE A 64 -22.57 2.52 0.60
CA PHE A 64 -21.88 1.33 0.13
C PHE A 64 -21.20 0.61 1.29
N TYR A 65 -21.30 -0.71 1.30
CA TYR A 65 -20.68 -1.51 2.36
C TYR A 65 -19.27 -1.91 1.97
N GLY A 66 -18.41 -2.10 2.98
CA GLY A 66 -17.03 -2.50 2.74
C GLY A 66 -16.30 -1.45 1.90
N ARG A 67 -15.64 -0.52 2.57
CA ARG A 67 -14.90 0.54 1.89
C ARG A 67 -13.40 0.28 1.99
N HIS A 68 -12.82 -0.25 0.91
CA HIS A 68 -11.39 -0.54 0.88
C HIS A 68 -10.65 0.49 0.04
N ALA A 69 -9.68 1.17 0.66
CA ALA A 69 -8.90 2.18 -0.04
C ALA A 69 -8.33 1.57 -1.32
N GLU A 70 -8.28 0.25 -1.34
CA GLU A 70 -7.78 -0.47 -2.49
C GLU A 70 -8.70 -0.26 -3.68
N LEU A 71 -10.00 -0.30 -3.41
CA LEU A 71 -10.99 -0.10 -4.46
C LEU A 71 -10.97 1.35 -4.94
N ARG A 72 -10.88 2.27 -3.98
CA ARG A 72 -10.84 3.68 -4.32
C ARG A 72 -9.67 3.96 -5.25
N PHE A 73 -8.62 3.16 -5.12
CA PHE A 73 -7.44 3.34 -5.97
C PHE A 73 -7.77 2.99 -7.41
N LEU A 74 -8.21 1.75 -7.64
CA LEU A 74 -8.56 1.31 -8.99
C LEU A 74 -9.50 2.30 -9.64
N ASP A 75 -10.24 3.05 -8.82
CA ASP A 75 -11.17 4.04 -9.34
C ASP A 75 -10.46 5.38 -9.59
N LEU A 76 -9.39 5.60 -8.85
CA LEU A 76 -8.63 6.84 -8.99
C LEU A 76 -7.51 6.64 -10.02
N VAL A 77 -7.14 5.38 -10.24
CA VAL A 77 -6.11 5.07 -11.21
C VAL A 77 -6.27 5.90 -12.50
N PRO A 78 -7.42 5.87 -13.15
CA PRO A 78 -7.62 6.66 -14.40
C PRO A 78 -7.23 8.12 -14.19
N SER A 79 -7.45 8.61 -12.97
CA SER A 79 -7.10 10.00 -12.65
C SER A 79 -5.61 10.22 -12.79
N LEU A 80 -4.83 9.15 -12.62
CA LEU A 80 -3.38 9.26 -12.75
C LEU A 80 -2.97 9.47 -14.20
N GLN A 81 -3.94 9.33 -15.10
CA GLN A 81 -3.71 9.51 -16.52
C GLN A 81 -2.33 8.99 -16.93
N LEU A 82 -2.05 7.73 -16.61
CA LEU A 82 -0.76 7.13 -16.95
C LEU A 82 -0.69 6.89 -18.45
N ASP A 83 0.21 7.61 -19.12
CA ASP A 83 0.37 7.46 -20.57
C ASP A 83 0.67 6.00 -20.92
N PRO A 84 0.16 5.50 -22.03
CA PRO A 84 0.43 4.09 -22.45
C PRO A 84 1.82 3.92 -23.04
N ALA A 85 2.52 5.03 -23.17
CA ALA A 85 3.87 5.01 -23.73
C ALA A 85 4.91 4.87 -22.62
N GLN A 86 4.96 5.87 -21.74
CA GLN A 86 5.91 5.85 -20.64
C GLN A 86 5.61 4.70 -19.69
N ILE A 87 6.61 4.28 -18.93
CA ILE A 87 6.45 3.19 -17.98
C ILE A 87 6.30 3.75 -16.57
N TYR A 88 5.19 3.40 -15.93
CA TYR A 88 4.91 3.85 -14.58
C TYR A 88 4.99 2.69 -13.59
N ARG A 89 5.02 3.02 -12.31
CA ARG A 89 5.10 2.01 -11.26
C ARG A 89 4.63 2.61 -9.94
N VAL A 90 3.45 2.22 -9.49
CA VAL A 90 2.91 2.76 -8.25
C VAL A 90 3.30 1.89 -7.06
N THR A 91 3.56 2.55 -5.93
CA THR A 91 3.94 1.83 -4.71
C THR A 91 2.83 1.95 -3.69
N TRP A 92 2.55 0.85 -3.00
CA TRP A 92 1.51 0.81 -2.00
C TRP A 92 2.07 0.55 -0.60
N PHE A 93 1.80 1.45 0.34
CA PHE A 93 2.25 1.27 1.72
C PHE A 93 1.02 1.21 2.61
N ILE A 94 0.73 0.02 3.12
CA ILE A 94 -0.45 -0.19 3.95
C ILE A 94 -0.10 -0.75 5.33
N SER A 95 -1.00 -0.52 6.29
CA SER A 95 -0.78 -1.00 7.66
C SER A 95 -1.47 -2.34 7.89
N TRP A 96 -1.52 -3.18 6.85
CA TRP A 96 -2.14 -4.50 6.94
C TRP A 96 -2.44 -5.04 5.55
N SER A 97 -1.87 -6.20 5.23
CA SER A 97 -2.07 -6.82 3.92
C SER A 97 -3.51 -6.61 3.44
N PRO A 98 -3.74 -6.74 2.15
CA PRO A 98 -5.10 -6.57 1.55
C PRO A 98 -6.08 -7.63 2.02
N CYS A 99 -7.36 -7.40 1.76
CA CYS A 99 -8.39 -8.35 2.16
C CYS A 99 -8.45 -9.52 1.18
N PHE A 100 -9.61 -10.15 1.06
CA PHE A 100 -9.76 -11.29 0.16
C PHE A 100 -9.65 -10.86 -1.30
N SER A 101 -9.60 -11.84 -2.19
CA SER A 101 -9.49 -11.60 -3.62
C SER A 101 -10.68 -10.80 -4.14
N TRP A 102 -11.84 -11.43 -4.22
CA TRP A 102 -13.04 -10.78 -4.71
C TRP A 102 -13.08 -9.33 -4.23
N GLY A 103 -12.42 -9.07 -3.11
CA GLY A 103 -12.37 -7.73 -2.55
C GLY A 103 -11.19 -6.95 -3.10
N CYS A 104 -9.98 -7.25 -2.59
CA CYS A 104 -8.79 -6.53 -3.03
C CYS A 104 -7.99 -7.29 -4.09
N ALA A 105 -7.31 -8.36 -3.67
CA ALA A 105 -6.48 -9.14 -4.59
C ALA A 105 -7.21 -9.44 -5.89
N GLY A 106 -8.51 -9.69 -5.81
CA GLY A 106 -9.29 -10.00 -7.00
C GLY A 106 -9.32 -8.81 -7.96
N GLU A 107 -9.78 -7.66 -7.47
CA GLU A 107 -9.85 -6.47 -8.30
C GLU A 107 -8.46 -5.98 -8.68
N VAL A 108 -7.57 -5.89 -7.70
CA VAL A 108 -6.21 -5.42 -7.94
C VAL A 108 -5.56 -6.24 -9.05
N ARG A 109 -5.93 -7.51 -9.13
CA ARG A 109 -5.36 -8.39 -10.15
C ARG A 109 -5.85 -7.98 -11.53
N ALA A 110 -7.17 -7.94 -11.70
CA ALA A 110 -7.75 -7.55 -12.99
C ALA A 110 -7.18 -6.22 -13.44
N PHE A 111 -6.77 -5.39 -12.48
CA PHE A 111 -6.19 -4.09 -12.80
C PHE A 111 -4.81 -4.25 -13.41
N LEU A 112 -3.94 -4.96 -12.70
CA LEU A 112 -2.59 -5.21 -13.20
C LEU A 112 -2.67 -5.72 -14.63
N GLN A 113 -3.82 -6.28 -14.98
CA GLN A 113 -4.03 -6.82 -16.32
C GLN A 113 -4.50 -5.72 -17.26
N GLU A 114 -5.41 -4.88 -16.78
CA GLU A 114 -5.95 -3.79 -17.58
C GLU A 114 -4.83 -2.83 -18.02
N ASN A 115 -3.88 -2.61 -17.12
CA ASN A 115 -2.77 -1.71 -17.42
C ASN A 115 -1.44 -2.37 -17.04
N THR A 116 -0.78 -2.96 -18.03
CA THR A 116 0.51 -3.60 -17.79
C THR A 116 1.64 -2.58 -17.81
N HIS A 117 1.39 -1.45 -18.47
CA HIS A 117 2.38 -0.38 -18.55
C HIS A 117 2.69 0.16 -17.16
N VAL A 118 1.78 -0.06 -16.23
CA VAL A 118 1.95 0.39 -14.86
C VAL A 118 2.00 -0.79 -13.91
N ARG A 119 3.07 -0.87 -13.14
CA ARG A 119 3.25 -1.96 -12.18
C ARG A 119 2.86 -1.48 -10.79
N LEU A 120 2.52 -2.43 -9.91
CA LEU A 120 2.13 -2.09 -8.55
C LEU A 120 2.86 -2.95 -7.53
N ARG A 121 3.56 -2.29 -6.62
CA ARG A 121 4.29 -2.98 -5.57
C ARG A 121 3.61 -2.75 -4.24
N ILE A 122 3.35 -3.84 -3.51
CA ILE A 122 2.69 -3.74 -2.22
C ILE A 122 3.64 -3.94 -1.08
N PHE A 123 3.31 -3.31 0.02
CA PHE A 123 4.10 -3.42 1.22
C PHE A 123 3.23 -3.18 2.45
N ALA A 124 3.04 -4.23 3.25
CA ALA A 124 2.24 -4.12 4.46
C ALA A 124 3.13 -3.93 5.68
N ALA A 125 2.53 -3.48 6.78
CA ALA A 125 3.27 -3.27 8.02
C ALA A 125 3.20 -4.52 8.90
N ARG A 126 2.00 -5.04 9.07
CA ARG A 126 1.81 -6.23 9.90
C ARG A 126 0.64 -7.07 9.38
N ILE A 127 0.84 -8.38 9.30
CA ILE A 127 -0.20 -9.28 8.83
C ILE A 127 -1.01 -9.84 9.99
N TYR A 128 -2.32 -9.62 9.96
CA TYR A 128 -3.18 -10.13 11.02
C TYR A 128 -3.55 -11.58 10.75
N ASP A 129 -2.67 -12.49 11.17
CA ASP A 129 -2.88 -13.92 10.97
C ASP A 129 -4.31 -14.30 11.35
N TYR A 130 -5.02 -13.40 12.03
CA TYR A 130 -6.39 -13.66 12.44
C TYR A 130 -7.28 -13.91 11.22
N ASP A 131 -6.70 -13.86 10.04
CA ASP A 131 -7.45 -14.08 8.81
C ASP A 131 -6.71 -15.04 7.88
N PRO A 132 -6.70 -16.30 8.20
CA PRO A 132 -6.02 -17.33 7.38
C PRO A 132 -6.43 -17.27 5.91
N LEU A 133 -7.39 -16.41 5.61
CA LEU A 133 -7.87 -16.27 4.24
C LEU A 133 -6.97 -15.31 3.46
N TYR A 134 -6.83 -14.09 3.98
CA TYR A 134 -6.00 -13.08 3.33
C TYR A 134 -4.69 -13.71 2.86
N LYS A 135 -4.31 -14.81 3.49
CA LYS A 135 -3.06 -15.49 3.13
C LYS A 135 -3.12 -15.97 1.69
N GLU A 136 -4.11 -16.80 1.38
CA GLU A 136 -4.27 -17.33 0.03
C GLU A 136 -4.40 -16.18 -0.97
N ALA A 137 -5.07 -15.11 -0.55
CA ALA A 137 -5.27 -13.95 -1.41
C ALA A 137 -3.94 -13.26 -1.70
N LEU A 138 -3.07 -13.23 -0.70
CA LEU A 138 -1.76 -12.60 -0.86
C LEU A 138 -0.96 -13.28 -1.96
N GLN A 139 -0.69 -14.56 -1.80
CA GLN A 139 0.07 -15.30 -2.80
C GLN A 139 -0.47 -15.03 -4.19
N MET A 140 -1.76 -15.26 -4.38
CA MET A 140 -2.40 -15.04 -5.67
C MET A 140 -2.24 -13.59 -6.12
N LEU A 141 -2.01 -12.69 -5.18
CA LEU A 141 -1.86 -11.28 -5.51
C LEU A 141 -0.54 -11.03 -6.24
N ARG A 142 0.57 -11.27 -5.55
CA ARG A 142 1.88 -11.05 -6.17
C ARG A 142 1.94 -11.84 -7.48
N ASP A 143 1.13 -12.88 -7.57
CA ASP A 143 1.08 -13.69 -8.77
C ASP A 143 0.52 -12.88 -9.93
N ALA A 144 -0.31 -11.88 -9.62
CA ALA A 144 -0.90 -11.03 -10.65
C ALA A 144 0.17 -10.16 -11.29
N GLY A 145 1.39 -10.22 -10.74
CA GLY A 145 2.50 -9.43 -11.25
C GLY A 145 2.98 -8.45 -10.19
N ALA A 146 2.11 -8.14 -9.24
CA ALA A 146 2.46 -7.21 -8.17
C ALA A 146 3.51 -7.84 -7.26
N GLN A 147 4.04 -7.06 -6.33
CA GLN A 147 5.06 -7.57 -5.41
C GLN A 147 4.75 -7.16 -3.99
N VAL A 148 4.41 -8.13 -3.14
CA VAL A 148 4.09 -7.85 -1.75
C VAL A 148 5.20 -8.32 -0.81
N SER A 149 5.56 -7.45 0.13
CA SER A 149 6.61 -7.77 1.11
C SER A 149 6.46 -6.88 2.34
N ILE A 150 7.31 -7.10 3.34
CA ILE A 150 7.24 -6.29 4.55
C ILE A 150 8.10 -5.04 4.40
N MET A 151 7.53 -3.89 4.74
CA MET A 151 8.26 -2.63 4.63
C MET A 151 9.70 -2.81 5.13
N THR A 152 10.58 -1.92 4.68
CA THR A 152 11.98 -1.98 5.09
C THR A 152 12.46 -0.60 5.54
N TYR A 153 13.32 -0.57 6.55
CA TYR A 153 13.83 0.69 7.07
C TYR A 153 14.17 1.64 5.93
N ASP A 154 14.45 1.06 4.75
CA ASP A 154 14.78 1.87 3.58
C ASP A 154 13.54 2.56 3.04
N GLU A 155 12.46 1.80 2.86
CA GLU A 155 11.22 2.36 2.33
C GLU A 155 10.58 3.29 3.37
N PHE A 156 10.88 3.05 4.63
CA PHE A 156 10.33 3.87 5.71
C PHE A 156 10.91 5.28 5.65
N GLU A 157 12.21 5.36 5.41
CA GLU A 157 12.88 6.65 5.32
C GLU A 157 12.40 7.43 4.11
N TYR A 158 12.29 6.74 2.98
CA TYR A 158 11.83 7.38 1.74
C TYR A 158 10.33 7.66 1.81
N CYS A 159 9.62 6.86 2.59
CA CYS A 159 8.18 7.04 2.73
C CYS A 159 7.89 8.16 3.72
N TRP A 160 8.72 8.23 4.75
CA TRP A 160 8.56 9.26 5.77
C TRP A 160 8.74 10.65 5.16
N ASP A 161 9.77 10.81 4.36
CA ASP A 161 10.04 12.10 3.72
C ASP A 161 9.14 12.34 2.52
N THR A 162 8.64 11.26 1.92
CA THR A 162 7.78 11.38 0.76
C THR A 162 6.32 11.64 1.16
N PHE A 163 5.75 10.74 1.94
CA PHE A 163 4.36 10.87 2.38
C PHE A 163 4.24 11.89 3.51
N VAL A 164 5.10 11.78 4.52
CA VAL A 164 5.05 12.70 5.66
C VAL A 164 6.10 13.78 5.52
N TYR A 165 5.77 14.83 4.76
CA TYR A 165 6.70 15.94 4.57
C TYR A 165 6.77 16.80 5.82
N ARG A 166 7.99 17.15 6.24
CA ARG A 166 8.17 17.95 7.44
C ARG A 166 9.61 18.43 7.54
N GLN A 167 10.14 18.96 6.45
CA GLN A 167 11.50 19.46 6.44
C GLN A 167 12.51 18.32 6.53
N GLY A 168 12.15 17.18 5.93
CA GLY A 168 13.04 16.02 5.95
C GLY A 168 13.42 15.64 7.37
N CYS A 169 12.53 15.92 8.31
CA CYS A 169 12.80 15.61 9.71
C CYS A 169 13.18 14.13 9.86
N PRO A 170 14.18 13.80 10.65
CA PRO A 170 14.61 12.38 10.84
C PRO A 170 13.42 11.44 11.03
N PHE A 171 13.65 10.16 10.77
CA PHE A 171 12.61 9.15 10.91
C PHE A 171 12.71 8.49 12.28
N GLN A 172 11.56 8.05 12.79
CA GLN A 172 11.50 7.41 14.10
C GLN A 172 11.20 5.91 13.99
N PRO A 173 12.21 5.07 13.94
CA PRO A 173 12.02 3.60 13.83
C PRO A 173 11.77 2.95 15.20
N TRP A 174 11.15 3.72 16.09
CA TRP A 174 10.85 3.23 17.44
C TRP A 174 11.94 2.30 17.94
N ASP A 175 11.80 1.00 17.64
CA ASP A 175 12.78 0.02 18.07
C ASP A 175 12.48 -1.34 17.45
N GLY A 176 11.21 -1.60 17.19
CA GLY A 176 10.79 -2.87 16.61
C GLY A 176 10.95 -2.85 15.08
N LEU A 177 11.27 -1.67 14.54
CA LEU A 177 11.45 -1.54 13.10
C LEU A 177 12.26 -2.72 12.55
N GLU A 178 13.49 -2.84 13.03
CA GLU A 178 14.38 -3.91 12.57
C GLU A 178 13.96 -5.26 13.12
N GLU A 179 13.95 -5.38 14.45
CA GLU A 179 13.57 -6.66 15.08
C GLU A 179 12.34 -7.25 14.42
N HIS A 180 11.25 -6.49 14.41
CA HIS A 180 10.01 -6.95 13.81
C HIS A 180 10.25 -7.39 12.37
N SER A 181 11.04 -6.61 11.64
CA SER A 181 11.33 -6.94 10.24
C SER A 181 11.85 -8.37 10.13
N GLN A 182 12.86 -8.71 10.92
CA GLN A 182 13.44 -10.04 10.88
C GLN A 182 12.35 -11.12 11.04
N ALA A 183 11.56 -11.00 12.10
CA ALA A 183 10.50 -11.98 12.35
C ALA A 183 9.44 -11.95 11.25
N LEU A 184 8.78 -10.80 11.11
CA LEU A 184 7.73 -10.67 10.10
C LEU A 184 8.25 -11.06 8.72
N SER A 185 9.25 -10.34 8.23
CA SER A 185 9.82 -10.62 6.91
C SER A 185 10.01 -12.13 6.75
N GLY A 186 10.42 -12.80 7.82
CA GLY A 186 10.63 -14.24 7.78
C GLY A 186 9.35 -14.93 7.34
N ARG A 187 8.23 -14.55 7.94
CA ARG A 187 6.94 -15.15 7.60
C ARG A 187 6.52 -14.72 6.19
N LEU A 188 6.40 -13.41 6.00
CA LEU A 188 6.00 -12.87 4.69
C LEU A 188 6.70 -13.64 3.56
N ARG A 189 8.03 -13.59 3.56
CA ARG A 189 8.80 -14.28 2.52
C ARG A 189 8.38 -15.74 2.44
N ALA A 190 8.13 -16.34 3.60
CA ALA A 190 7.72 -17.75 3.64
C ALA A 190 6.48 -17.97 2.79
N ILE A 191 5.44 -17.17 3.02
CA ILE A 191 4.22 -17.31 2.24
C ILE A 191 4.53 -17.34 0.76
N LEU A 192 5.35 -16.40 0.30
CA LEU A 192 5.73 -16.34 -1.10
C LEU A 192 6.39 -17.63 -1.54
N GLN A 193 6.59 -18.52 -0.58
CA GLN A 193 7.22 -19.81 -0.87
C GLN A 193 6.52 -20.92 -0.10
N ASN A 194 5.18 -20.92 -0.16
CA ASN A 194 4.40 -21.93 0.54
C ASN A 194 4.96 -23.32 0.30
N GLN A 195 5.42 -23.56 -0.93
CA GLN A 195 6.00 -24.86 -1.28
C GLN A 195 4.89 -25.90 -1.48
N GLY A 196 3.64 -25.46 -1.36
CA GLY A 196 2.51 -26.36 -1.53
C GLY A 196 2.75 -27.67 -0.80
N ASN A 197 2.65 -28.78 -1.53
CA ASN A 197 2.86 -30.10 -0.94
C ASN A 197 1.94 -30.30 0.27
ZN ZN B . -10.60 -5.41 -0.10
N MET A 1 -9.72 16.00 -12.05
CA MET A 1 -9.48 17.31 -11.39
C MET A 1 -8.12 17.28 -10.68
N GLU A 2 -7.36 16.23 -10.92
CA GLU A 2 -6.04 16.09 -10.30
C GLU A 2 -6.15 16.24 -8.79
N ILE A 3 -5.05 15.95 -8.10
CA ILE A 3 -5.03 16.07 -6.64
C ILE A 3 -4.28 17.33 -6.22
N LEU A 4 -4.86 18.06 -5.26
CA LEU A 4 -4.24 19.28 -4.78
C LEU A 4 -3.35 18.99 -3.58
N ARG A 5 -2.68 17.83 -3.62
CA ARG A 5 -1.80 17.42 -2.54
C ARG A 5 -2.55 17.36 -1.21
N TYR A 6 -2.15 16.41 -0.38
CA TYR A 6 -2.78 16.24 0.92
C TYR A 6 -1.72 15.91 1.97
N LEU A 7 -0.82 14.99 1.63
CA LEU A 7 0.24 14.60 2.55
C LEU A 7 -0.29 14.36 3.95
N MET A 8 -0.50 13.09 4.29
CA MET A 8 -1.01 12.74 5.60
C MET A 8 -0.26 13.50 6.68
N ASP A 9 -0.84 13.57 7.87
CA ASP A 9 -0.20 14.28 8.98
C ASP A 9 0.58 13.30 9.87
N PRO A 10 1.74 13.68 10.36
CA PRO A 10 2.56 12.79 11.23
C PRO A 10 1.71 12.01 12.23
N ASP A 11 0.93 12.73 13.04
CA ASP A 11 0.09 12.10 14.05
C ASP A 11 -0.72 10.96 13.44
N THR A 12 -1.46 11.25 12.37
CA THR A 12 -2.28 10.23 11.72
C THR A 12 -1.40 9.10 11.18
N PHE A 13 -0.52 9.44 10.24
CA PHE A 13 0.36 8.44 9.65
C PHE A 13 0.99 7.57 10.73
N THR A 14 1.77 8.19 11.60
CA THR A 14 2.43 7.47 12.68
C THR A 14 1.43 6.63 13.48
N PHE A 15 0.28 7.23 13.79
CA PHE A 15 -0.74 6.53 14.55
C PHE A 15 -1.19 5.26 13.82
N ASN A 16 -1.07 5.27 12.50
CA ASN A 16 -1.46 4.12 11.70
C ASN A 16 -0.33 3.11 11.62
N PHE A 17 0.88 3.58 11.35
CA PHE A 17 2.04 2.71 11.24
C PHE A 17 2.50 2.25 12.62
N ASN A 18 1.88 2.79 13.66
CA ASN A 18 2.25 2.43 15.03
C ASN A 18 1.98 0.94 15.28
N ASN A 19 1.25 0.32 14.36
CA ASN A 19 0.93 -1.10 14.50
C ASN A 19 0.14 -1.35 15.78
N ASP A 20 -1.01 -2.01 15.63
CA ASP A 20 -1.85 -2.30 16.79
C ASP A 20 -2.50 -3.68 16.63
N PRO A 21 -1.75 -4.73 16.83
CA PRO A 21 -2.25 -6.12 16.71
C PRO A 21 -3.00 -6.57 17.96
N LEU A 22 -3.62 -5.62 18.66
CA LEU A 22 -4.36 -5.93 19.87
C LEU A 22 -5.85 -6.02 19.58
N VAL A 23 -6.49 -7.07 20.08
CA VAL A 23 -7.92 -7.26 19.85
C VAL A 23 -8.25 -7.22 18.36
N LEU A 24 -8.90 -6.15 17.94
CA LEU A 24 -9.26 -6.00 16.53
C LEU A 24 -9.07 -4.55 16.08
N ARG A 25 -8.63 -4.39 14.84
CA ARG A 25 -8.40 -3.05 14.28
C ARG A 25 -8.68 -3.04 12.79
N ARG A 26 -9.25 -4.14 12.29
CA ARG A 26 -9.56 -4.26 10.87
C ARG A 26 -10.32 -3.03 10.38
N ARG A 27 -11.33 -2.62 11.14
CA ARG A 27 -12.13 -1.45 10.77
C ARG A 27 -11.22 -0.34 10.26
N GLN A 28 -10.12 -0.10 10.97
CA GLN A 28 -9.18 0.95 10.58
C GLN A 28 -8.33 0.49 9.41
N THR A 29 -8.01 1.41 8.51
CA THR A 29 -7.19 1.09 7.35
C THR A 29 -6.52 2.35 6.81
N TYR A 30 -5.46 2.16 6.04
CA TYR A 30 -4.73 3.29 5.47
C TYR A 30 -3.90 2.83 4.29
N LEU A 31 -4.17 3.41 3.12
CA LEU A 31 -3.45 3.06 1.90
C LEU A 31 -2.68 4.28 1.38
N CYS A 32 -1.36 4.14 1.37
CA CYS A 32 -0.50 5.22 0.91
C CYS A 32 0.02 4.89 -0.49
N TYR A 33 -0.64 5.44 -1.50
CA TYR A 33 -0.25 5.21 -2.88
C TYR A 33 0.55 6.36 -3.45
N GLU A 34 1.50 6.02 -4.32
CA GLU A 34 2.33 7.03 -4.97
C GLU A 34 2.56 6.63 -6.42
N VAL A 35 2.98 7.58 -7.24
CA VAL A 35 3.22 7.29 -8.65
C VAL A 35 4.64 7.67 -9.03
N GLU A 36 5.31 6.76 -9.74
CA GLU A 36 6.69 7.00 -10.16
C GLU A 36 6.80 6.96 -11.68
N ARG A 37 7.59 7.88 -12.22
CA ARG A 37 7.81 7.93 -13.66
C ARG A 37 9.29 7.66 -13.94
N LEU A 38 9.56 6.58 -14.63
CA LEU A 38 10.94 6.23 -14.92
C LEU A 38 11.60 7.31 -15.77
N ASP A 39 12.30 8.23 -15.11
CA ASP A 39 12.99 9.29 -15.80
C ASP A 39 14.49 9.26 -15.51
N ASN A 40 15.31 9.35 -16.55
CA ASN A 40 16.75 9.33 -16.38
C ASN A 40 17.22 7.97 -15.90
N GLY A 41 16.62 6.91 -16.42
CA GLY A 41 16.99 5.56 -16.02
C GLY A 41 16.77 5.34 -14.52
N THR A 42 16.06 6.26 -13.90
CA THR A 42 15.78 6.16 -12.47
C THR A 42 14.34 6.54 -12.20
N TRP A 43 13.77 5.94 -11.17
CA TRP A 43 12.39 6.21 -10.82
C TRP A 43 12.28 7.57 -10.15
N VAL A 44 11.27 8.34 -10.54
CA VAL A 44 11.08 9.67 -9.97
C VAL A 44 9.68 9.79 -9.36
N LEU A 45 9.63 10.13 -8.08
CA LEU A 45 8.35 10.26 -7.39
C LEU A 45 7.59 11.45 -7.94
N MET A 46 6.30 11.24 -8.24
CA MET A 46 5.45 12.31 -8.76
C MET A 46 4.51 12.82 -7.68
N ASP A 47 4.85 13.97 -7.11
CA ASP A 47 4.04 14.56 -6.05
C ASP A 47 2.66 14.95 -6.57
N GLN A 48 2.61 15.50 -7.77
CA GLN A 48 1.34 15.92 -8.34
C GLN A 48 0.50 14.72 -8.74
N HIS A 49 0.85 13.55 -8.22
CA HIS A 49 0.10 12.33 -8.53
C HIS A 49 0.21 11.33 -7.38
N MET A 50 0.56 11.83 -6.20
CA MET A 50 0.71 10.98 -5.03
C MET A 50 -0.37 11.31 -4.00
N GLY A 51 -0.52 10.44 -3.01
CA GLY A 51 -1.52 10.63 -1.96
C GLY A 51 -1.94 9.31 -1.35
N PHE A 52 -2.81 9.39 -0.33
CA PHE A 52 -3.29 8.19 0.33
C PHE A 52 -4.79 8.03 0.11
N LEU A 53 -5.34 6.92 0.60
CA LEU A 53 -6.77 6.66 0.45
C LEU A 53 -7.38 6.17 1.75
N CYS A 54 -8.52 6.74 2.12
CA CYS A 54 -9.21 6.36 3.37
C CYS A 54 -10.43 5.50 3.07
N ASN A 55 -10.37 4.24 3.52
CA ASN A 55 -11.46 3.30 3.30
C ASN A 55 -11.79 2.53 4.58
N GLU A 56 -11.81 3.24 5.68
CA GLU A 56 -12.10 2.62 6.98
C GLU A 56 -13.42 3.15 7.54
N ALA A 57 -14.46 2.32 7.48
CA ALA A 57 -15.76 2.71 7.98
C ALA A 57 -16.72 1.53 7.96
N LYS A 58 -17.79 1.62 8.75
CA LYS A 58 -18.77 0.55 8.82
C LYS A 58 -20.18 1.12 8.87
N ASN A 59 -20.65 1.67 7.75
CA ASN A 59 -21.98 2.24 7.69
C ASN A 59 -22.93 1.33 6.92
N LEU A 60 -23.56 0.41 7.64
CA LEU A 60 -24.50 -0.52 7.01
C LEU A 60 -25.44 0.24 6.08
N LEU A 61 -25.54 1.54 6.28
CA LEU A 61 -26.41 2.37 5.46
C LEU A 61 -26.15 2.11 3.97
N CYS A 62 -24.88 2.13 3.59
CA CYS A 62 -24.51 1.91 2.19
C CYS A 62 -24.65 0.43 1.83
N GLY A 63 -25.00 -0.38 2.82
CA GLY A 63 -25.16 -1.82 2.58
C GLY A 63 -23.80 -2.52 2.57
N PHE A 64 -22.77 -1.78 2.22
CA PHE A 64 -21.41 -2.34 2.17
C PHE A 64 -20.74 -2.26 3.54
N TYR A 65 -20.29 -3.40 4.03
CA TYR A 65 -19.63 -3.45 5.34
C TYR A 65 -18.12 -3.39 5.17
N GLY A 66 -17.49 -2.43 5.86
CA GLY A 66 -16.05 -2.27 5.78
C GLY A 66 -15.62 -1.76 4.41
N ARG A 67 -14.85 -0.68 4.39
CA ARG A 67 -14.38 -0.10 3.14
C ARG A 67 -12.97 -0.59 2.81
N HIS A 68 -12.67 -0.70 1.52
CA HIS A 68 -11.35 -1.16 1.09
C HIS A 68 -10.71 -0.15 0.14
N ALA A 69 -9.66 0.50 0.62
CA ALA A 69 -8.96 1.51 -0.17
C ALA A 69 -8.54 0.97 -1.51
N GLU A 70 -8.00 -0.25 -1.50
CA GLU A 70 -7.55 -0.87 -2.73
C GLU A 70 -8.56 -0.64 -3.85
N LEU A 71 -9.84 -0.76 -3.51
CA LEU A 71 -10.90 -0.54 -4.50
C LEU A 71 -10.93 0.93 -4.89
N ARG A 72 -10.90 1.79 -3.88
CA ARG A 72 -10.91 3.22 -4.12
C ARG A 72 -9.75 3.61 -5.05
N PHE A 73 -8.62 2.92 -4.92
CA PHE A 73 -7.47 3.21 -5.77
C PHE A 73 -7.83 2.97 -7.23
N LEU A 74 -8.11 1.72 -7.57
CA LEU A 74 -8.48 1.39 -8.94
C LEU A 74 -9.48 2.40 -9.49
N ASP A 75 -10.22 3.03 -8.58
CA ASP A 75 -11.24 4.01 -8.97
C ASP A 75 -10.63 5.40 -9.12
N LEU A 76 -9.55 5.65 -8.40
CA LEU A 76 -8.89 6.96 -8.47
C LEU A 76 -7.79 6.93 -9.52
N VAL A 77 -7.36 5.73 -9.88
CA VAL A 77 -6.33 5.60 -10.89
C VAL A 77 -6.70 6.40 -12.14
N PRO A 78 -7.88 6.28 -12.70
CA PRO A 78 -8.25 7.07 -13.89
C PRO A 78 -7.80 8.54 -13.74
N SER A 79 -7.77 9.02 -12.50
CA SER A 79 -7.35 10.40 -12.24
C SER A 79 -5.89 10.61 -12.59
N LEU A 80 -5.09 9.54 -12.44
CA LEU A 80 -3.67 9.61 -12.75
C LEU A 80 -3.45 9.83 -14.24
N GLN A 81 -4.48 9.52 -15.01
CA GLN A 81 -4.42 9.70 -16.46
C GLN A 81 -3.10 9.18 -17.02
N LEU A 82 -2.79 7.94 -16.71
CA LEU A 82 -1.55 7.33 -17.19
C LEU A 82 -1.56 7.24 -18.72
N ASP A 83 -0.46 6.74 -19.29
CA ASP A 83 -0.37 6.61 -20.73
C ASP A 83 0.27 5.26 -21.11
N PRO A 84 -0.12 4.67 -22.21
CA PRO A 84 0.46 3.36 -22.65
C PRO A 84 1.85 3.51 -23.27
N ALA A 85 2.27 4.76 -23.41
CA ALA A 85 3.57 5.07 -23.99
C ALA A 85 4.67 4.97 -22.94
N GLN A 86 4.68 5.95 -22.03
CA GLN A 86 5.68 5.97 -20.97
C GLN A 86 5.53 4.77 -20.05
N ILE A 87 6.37 4.72 -19.01
CA ILE A 87 6.33 3.62 -18.06
C ILE A 87 6.24 4.15 -16.63
N TYR A 88 5.17 3.77 -15.93
CA TYR A 88 4.96 4.20 -14.56
C TYR A 88 5.07 3.03 -13.60
N ARG A 89 5.11 3.34 -12.31
CA ARG A 89 5.20 2.32 -11.28
C ARG A 89 4.70 2.88 -9.96
N VAL A 90 3.54 2.39 -9.51
CA VAL A 90 2.97 2.88 -8.27
C VAL A 90 3.36 2.01 -7.08
N THR A 91 3.62 2.64 -5.96
CA THR A 91 3.99 1.92 -4.75
C THR A 91 2.85 1.98 -3.75
N TRP A 92 2.57 0.86 -3.12
CA TRP A 92 1.48 0.77 -2.15
C TRP A 92 2.02 0.58 -0.75
N PHE A 93 1.64 1.48 0.16
CA PHE A 93 2.06 1.40 1.54
C PHE A 93 0.84 1.31 2.43
N ILE A 94 0.58 0.11 2.93
CA ILE A 94 -0.58 -0.14 3.78
C ILE A 94 -0.14 -0.49 5.20
N SER A 95 -0.85 0.07 6.17
CA SER A 95 -0.54 -0.18 7.58
C SER A 95 -1.27 -1.42 8.09
N TRP A 96 -1.34 -2.45 7.24
CA TRP A 96 -2.01 -3.69 7.62
C TRP A 96 -2.03 -4.66 6.43
N SER A 97 -2.93 -5.64 6.45
CA SER A 97 -3.04 -6.59 5.35
C SER A 97 -4.44 -6.50 4.71
N PRO A 98 -4.55 -6.77 3.43
CA PRO A 98 -5.86 -6.69 2.71
C PRO A 98 -6.80 -7.84 3.09
N CYS A 99 -8.04 -7.79 2.59
CA CYS A 99 -9.01 -8.83 2.88
C CYS A 99 -8.97 -9.91 1.81
N PHE A 100 -9.97 -10.80 1.82
CA PHE A 100 -10.02 -11.88 0.84
C PHE A 100 -9.63 -11.36 -0.54
N SER A 101 -8.98 -12.24 -1.32
CA SER A 101 -8.55 -11.90 -2.68
C SER A 101 -9.70 -11.31 -3.50
N TRP A 102 -10.62 -12.18 -3.93
CA TRP A 102 -11.76 -11.75 -4.75
C TRP A 102 -12.25 -10.37 -4.34
N GLY A 103 -12.03 -10.02 -3.08
CA GLY A 103 -12.46 -8.73 -2.57
C GLY A 103 -11.37 -7.67 -2.75
N CYS A 104 -10.15 -8.00 -2.31
CA CYS A 104 -9.04 -7.06 -2.43
C CYS A 104 -8.18 -7.36 -3.66
N ALA A 105 -7.44 -8.47 -3.60
CA ALA A 105 -6.57 -8.86 -4.70
C ALA A 105 -7.34 -8.98 -6.01
N GLY A 106 -8.49 -9.63 -5.97
CA GLY A 106 -9.29 -9.80 -7.17
C GLY A 106 -9.30 -8.53 -8.01
N GLU A 107 -9.59 -7.41 -7.36
CA GLU A 107 -9.62 -6.14 -8.06
C GLU A 107 -8.22 -5.70 -8.45
N VAL A 108 -7.30 -5.72 -7.48
CA VAL A 108 -5.92 -5.32 -7.74
C VAL A 108 -5.37 -6.06 -8.96
N ARG A 109 -5.86 -7.28 -9.17
CA ARG A 109 -5.42 -8.09 -10.30
C ARG A 109 -5.93 -7.53 -11.61
N ALA A 110 -7.26 -7.47 -11.75
CA ALA A 110 -7.87 -6.94 -12.95
C ALA A 110 -7.17 -5.66 -13.40
N PHE A 111 -6.62 -4.93 -12.43
CA PHE A 111 -5.92 -3.68 -12.73
C PHE A 111 -4.61 -3.97 -13.44
N LEU A 112 -3.71 -4.69 -12.76
CA LEU A 112 -2.43 -5.03 -13.36
C LEU A 112 -2.64 -5.50 -14.80
N GLN A 113 -3.87 -5.94 -15.08
CA GLN A 113 -4.21 -6.42 -16.42
C GLN A 113 -4.76 -5.28 -17.27
N GLU A 114 -5.48 -4.35 -16.65
CA GLU A 114 -6.04 -3.21 -17.38
C GLU A 114 -4.93 -2.32 -17.89
N ASN A 115 -3.89 -2.16 -17.07
CA ASN A 115 -2.75 -1.32 -17.44
C ASN A 115 -1.45 -2.03 -17.12
N THR A 116 -0.84 -2.64 -18.13
CA THR A 116 0.41 -3.36 -17.95
C THR A 116 1.59 -2.39 -18.03
N HIS A 117 1.32 -1.20 -18.55
CA HIS A 117 2.36 -0.18 -18.68
C HIS A 117 2.71 0.38 -17.31
N VAL A 118 1.96 -0.04 -16.29
CA VAL A 118 2.19 0.43 -14.94
C VAL A 118 2.27 -0.75 -13.97
N ARG A 119 3.36 -0.79 -13.22
CA ARG A 119 3.57 -1.87 -12.25
C ARG A 119 3.13 -1.42 -10.86
N LEU A 120 2.80 -2.37 -10.00
CA LEU A 120 2.35 -2.06 -8.65
C LEU A 120 3.04 -2.95 -7.63
N ARG A 121 3.70 -2.31 -6.67
CA ARG A 121 4.39 -3.04 -5.61
C ARG A 121 3.75 -2.72 -4.26
N ILE A 122 3.47 -3.77 -3.49
CA ILE A 122 2.83 -3.59 -2.19
C ILE A 122 3.79 -3.83 -1.04
N PHE A 123 3.46 -3.22 0.07
CA PHE A 123 4.24 -3.35 1.27
C PHE A 123 3.33 -3.18 2.49
N ALA A 124 3.14 -4.24 3.25
CA ALA A 124 2.28 -4.19 4.43
C ALA A 124 3.11 -4.01 5.69
N ALA A 125 2.53 -3.34 6.68
CA ALA A 125 3.23 -3.10 7.94
C ALA A 125 3.12 -4.31 8.85
N ARG A 126 1.93 -4.89 8.94
CA ARG A 126 1.71 -6.05 9.78
C ARG A 126 0.70 -6.99 9.14
N ILE A 127 0.88 -8.29 9.36
CA ILE A 127 -0.03 -9.28 8.80
C ILE A 127 -1.25 -9.46 9.70
N TYR A 128 -2.43 -9.31 9.11
CA TYR A 128 -3.67 -9.45 9.87
C TYR A 128 -4.08 -10.91 9.97
N ASP A 129 -3.92 -11.50 11.15
CA ASP A 129 -4.27 -12.89 11.37
C ASP A 129 -5.79 -13.07 11.36
N TYR A 130 -6.51 -11.95 11.36
CA TYR A 130 -7.97 -12.00 11.35
C TYR A 130 -8.47 -12.58 10.04
N ASP A 131 -7.59 -12.63 9.04
CA ASP A 131 -7.95 -13.15 7.73
C ASP A 131 -6.83 -14.05 7.20
N PRO A 132 -6.71 -15.24 7.72
CA PRO A 132 -5.66 -16.21 7.29
C PRO A 132 -5.62 -16.37 5.78
N LEU A 133 -6.65 -15.88 5.10
CA LEU A 133 -6.71 -15.97 3.65
C LEU A 133 -5.67 -15.06 3.01
N TYR A 134 -5.34 -13.97 3.71
CA TYR A 134 -4.36 -13.02 3.19
C TYR A 134 -3.17 -13.76 2.60
N LYS A 135 -2.99 -15.02 2.99
CA LYS A 135 -1.89 -15.83 2.49
C LYS A 135 -2.17 -16.28 1.06
N GLU A 136 -3.26 -17.03 0.89
CA GLU A 136 -3.62 -17.52 -0.44
C GLU A 136 -3.92 -16.34 -1.35
N ALA A 137 -4.51 -15.30 -0.78
CA ALA A 137 -4.85 -14.10 -1.54
C ALA A 137 -3.58 -13.48 -2.11
N LEU A 138 -2.50 -13.51 -1.33
CA LEU A 138 -1.23 -12.92 -1.76
C LEU A 138 -0.64 -13.71 -2.93
N GLN A 139 -0.49 -15.02 -2.74
CA GLN A 139 0.07 -15.86 -3.79
C GLN A 139 -0.54 -15.50 -5.14
N MET A 140 -1.87 -15.42 -5.17
CA MET A 140 -2.57 -15.09 -6.41
C MET A 140 -2.38 -13.61 -6.77
N LEU A 141 -2.13 -12.78 -5.76
CA LEU A 141 -1.93 -11.35 -6.01
C LEU A 141 -0.70 -11.13 -6.88
N ARG A 142 0.46 -11.51 -6.35
CA ARG A 142 1.71 -11.33 -7.09
C ARG A 142 1.66 -12.11 -8.40
N ASP A 143 0.92 -13.21 -8.39
CA ASP A 143 0.80 -14.04 -9.60
C ASP A 143 0.32 -13.19 -10.77
N ALA A 144 -0.38 -12.11 -10.46
CA ALA A 144 -0.89 -11.22 -11.50
C ALA A 144 0.24 -10.40 -12.10
N GLY A 145 1.41 -10.47 -11.45
CA GLY A 145 2.58 -9.73 -11.92
C GLY A 145 3.02 -8.69 -10.88
N ALA A 146 2.20 -8.51 -9.85
CA ALA A 146 2.53 -7.55 -8.80
C ALA A 146 3.56 -8.13 -7.86
N GLN A 147 4.10 -7.28 -6.98
CA GLN A 147 5.10 -7.73 -6.02
C GLN A 147 4.79 -7.20 -4.62
N VAL A 148 4.83 -8.08 -3.62
CA VAL A 148 4.54 -7.68 -2.24
C VAL A 148 5.66 -8.11 -1.31
N SER A 149 5.80 -7.39 -0.20
CA SER A 149 6.82 -7.71 0.79
C SER A 149 6.55 -6.98 2.10
N ILE A 150 7.40 -7.22 3.10
CA ILE A 150 7.23 -6.57 4.40
C ILE A 150 8.01 -5.26 4.45
N MET A 151 7.42 -4.27 5.10
CA MET A 151 8.07 -2.96 5.22
C MET A 151 9.50 -3.12 5.74
N THR A 152 10.46 -2.55 5.01
CA THR A 152 11.86 -2.63 5.41
C THR A 152 12.30 -1.33 6.07
N TYR A 153 13.57 -1.27 6.46
CA TYR A 153 14.11 -0.08 7.11
C TYR A 153 14.17 1.09 6.13
N ASP A 154 14.94 0.92 5.07
CA ASP A 154 15.08 1.97 4.06
C ASP A 154 13.73 2.31 3.45
N GLU A 155 12.88 1.30 3.33
CA GLU A 155 11.55 1.50 2.76
C GLU A 155 10.69 2.35 3.70
N PHE A 156 10.89 2.18 5.00
CA PHE A 156 10.13 2.94 5.99
C PHE A 156 10.44 4.43 5.89
N GLU A 157 11.72 4.74 5.71
CA GLU A 157 12.14 6.13 5.61
C GLU A 157 11.68 6.75 4.29
N TYR A 158 11.54 5.92 3.26
CA TYR A 158 11.11 6.40 1.96
C TYR A 158 9.65 6.85 1.99
N CYS A 159 8.83 6.11 2.72
CA CYS A 159 7.41 6.44 2.81
C CYS A 159 7.19 7.57 3.82
N TRP A 160 8.00 7.59 4.86
CA TRP A 160 7.90 8.63 5.89
C TRP A 160 8.26 9.99 5.32
N ASP A 161 9.29 10.03 4.48
CA ASP A 161 9.74 11.28 3.89
C ASP A 161 8.93 11.63 2.64
N THR A 162 8.31 10.62 2.05
CA THR A 162 7.51 10.85 0.85
C THR A 162 6.10 11.30 1.20
N PHE A 163 5.48 10.63 2.16
CA PHE A 163 4.13 10.98 2.57
C PHE A 163 4.12 12.01 3.68
N VAL A 164 4.94 11.78 4.72
CA VAL A 164 5.02 12.71 5.83
C VAL A 164 6.27 13.57 5.73
N TYR A 165 6.16 14.68 5.00
CA TYR A 165 7.31 15.58 4.84
C TYR A 165 7.27 16.66 5.90
N ARG A 166 8.35 16.77 6.66
CA ARG A 166 8.46 17.79 7.70
C ARG A 166 9.85 18.44 7.66
N GLN A 167 10.12 19.15 6.58
CA GLN A 167 11.41 19.81 6.42
C GLN A 167 12.52 18.79 6.18
N GLY A 168 12.15 17.62 5.67
CA GLY A 168 13.13 16.58 5.40
C GLY A 168 13.61 15.92 6.69
N CYS A 169 12.83 16.08 7.76
CA CYS A 169 13.19 15.49 9.04
C CYS A 169 13.43 13.98 8.89
N PRO A 170 14.22 13.39 9.75
CA PRO A 170 14.51 11.93 9.69
C PRO A 170 13.31 11.09 10.15
N PHE A 171 13.43 9.78 9.99
CA PHE A 171 12.36 8.87 10.40
C PHE A 171 12.67 8.27 11.75
N GLN A 172 11.61 7.96 12.50
CA GLN A 172 11.77 7.38 13.84
C GLN A 172 11.35 5.89 13.85
N PRO A 173 12.28 4.97 13.68
CA PRO A 173 11.96 3.52 13.68
C PRO A 173 11.85 2.95 15.08
N TRP A 174 11.46 3.80 16.04
CA TRP A 174 11.32 3.38 17.43
C TRP A 174 12.40 2.37 17.81
N ASP A 175 12.12 1.09 17.59
CA ASP A 175 13.08 0.04 17.91
C ASP A 175 12.61 -1.30 17.36
N GLY A 176 11.29 -1.47 17.28
CA GLY A 176 10.72 -2.72 16.77
C GLY A 176 10.75 -2.76 15.25
N LEU A 177 10.96 -1.60 14.63
CA LEU A 177 11.00 -1.53 13.17
C LEU A 177 11.88 -2.65 12.61
N GLU A 178 13.15 -2.63 12.98
CA GLU A 178 14.09 -3.64 12.50
C GLU A 178 13.79 -5.01 13.12
N GLU A 179 13.79 -5.08 14.44
CA GLU A 179 13.54 -6.34 15.13
C GLU A 179 12.35 -7.07 14.51
N HIS A 180 11.20 -6.40 14.48
CA HIS A 180 9.99 -6.99 13.92
C HIS A 180 10.25 -7.44 12.47
N SER A 181 11.02 -6.65 11.74
CA SER A 181 11.33 -6.97 10.35
C SER A 181 11.96 -8.35 10.25
N GLN A 182 12.80 -8.69 11.23
CA GLN A 182 13.48 -9.99 11.23
C GLN A 182 12.47 -11.10 11.45
N ALA A 183 11.64 -10.96 12.48
CA ALA A 183 10.63 -11.97 12.79
C ALA A 183 9.66 -12.13 11.62
N LEU A 184 9.07 -11.03 11.19
CA LEU A 184 8.13 -11.06 10.09
C LEU A 184 8.81 -11.51 8.80
N SER A 185 10.05 -11.09 8.60
CA SER A 185 10.80 -11.47 7.40
C SER A 185 10.73 -12.98 7.19
N GLY A 186 11.21 -13.72 8.18
CA GLY A 186 11.20 -15.18 8.11
C GLY A 186 9.80 -15.70 7.79
N ARG A 187 8.81 -15.22 8.55
CA ARG A 187 7.44 -15.64 8.34
C ARG A 187 7.02 -15.42 6.89
N LEU A 188 7.02 -14.16 6.47
CA LEU A 188 6.64 -13.82 5.10
C LEU A 188 7.23 -14.82 4.12
N ARG A 189 8.55 -14.87 4.04
CA ARG A 189 9.23 -15.79 3.15
C ARG A 189 8.61 -17.19 3.24
N ALA A 190 8.08 -17.51 4.41
CA ALA A 190 7.45 -18.81 4.62
C ALA A 190 5.99 -18.79 4.17
N ILE A 191 5.37 -17.62 4.24
CA ILE A 191 3.98 -17.47 3.84
C ILE A 191 3.84 -17.69 2.34
N LEU A 192 4.94 -17.48 1.61
CA LEU A 192 4.92 -17.66 0.16
C LEU A 192 4.84 -19.14 -0.19
N GLN A 193 4.65 -19.97 0.84
CA GLN A 193 4.55 -21.42 0.64
C GLN A 193 3.28 -21.97 1.28
N ASN A 194 2.59 -21.13 2.04
CA ASN A 194 1.37 -21.54 2.70
C ASN A 194 0.24 -21.68 1.69
N GLN A 195 0.26 -22.77 0.91
CA GLN A 195 -0.77 -23.00 -0.09
C GLN A 195 -1.78 -24.02 0.41
N GLY A 196 -3.00 -23.98 -0.14
CA GLY A 196 -4.05 -24.90 0.26
C GLY A 196 -4.18 -26.03 -0.75
N ASN A 197 -4.66 -27.19 -0.27
CA ASN A 197 -4.83 -28.34 -1.15
C ASN A 197 -3.67 -28.48 -2.12
ZN ZN B . -10.88 -6.07 0.44
N MET A 1 -0.03 28.41 -2.75
CA MET A 1 0.62 27.14 -3.15
C MET A 1 -0.22 26.45 -4.23
N GLU A 2 0.20 26.59 -5.48
CA GLU A 2 -0.53 25.97 -6.59
C GLU A 2 -0.78 24.49 -6.30
N ILE A 3 -1.54 23.86 -7.19
CA ILE A 3 -1.85 22.44 -7.05
C ILE A 3 -2.46 22.15 -5.68
N LEU A 4 -3.16 21.02 -5.58
CA LEU A 4 -3.80 20.62 -4.33
C LEU A 4 -3.13 19.37 -3.78
N ARG A 5 -2.76 19.42 -2.50
CA ARG A 5 -2.11 18.29 -1.85
C ARG A 5 -2.98 17.77 -0.71
N TYR A 6 -2.32 17.20 0.31
CA TYR A 6 -3.03 16.66 1.46
C TYR A 6 -2.04 16.28 2.55
N LEU A 7 -1.00 15.55 2.15
CA LEU A 7 0.02 15.11 3.09
C LEU A 7 -0.58 14.73 4.43
N MET A 8 -0.90 13.45 4.59
CA MET A 8 -1.49 12.96 5.83
C MET A 8 -0.80 13.61 7.03
N ASP A 9 -1.57 13.83 8.10
CA ASP A 9 -1.02 14.43 9.30
C ASP A 9 -0.09 13.45 10.03
N PRO A 10 1.10 13.84 10.42
CA PRO A 10 2.04 12.92 11.13
C PRO A 10 1.32 12.07 12.17
N ASP A 11 0.57 12.73 13.05
CA ASP A 11 -0.16 12.02 14.10
C ASP A 11 -1.02 10.91 13.51
N THR A 12 -1.75 11.24 12.45
CA THR A 12 -2.62 10.26 11.79
C THR A 12 -1.81 9.06 11.32
N PHE A 13 -0.61 9.32 10.80
CA PHE A 13 0.25 8.25 10.31
C PHE A 13 0.70 7.35 11.45
N THR A 14 1.43 7.92 12.40
CA THR A 14 1.92 7.17 13.54
C THR A 14 0.77 6.56 14.34
N PHE A 15 -0.41 7.18 14.23
CA PHE A 15 -1.59 6.70 14.93
C PHE A 15 -2.05 5.37 14.36
N ASN A 16 -2.09 5.29 13.03
CA ASN A 16 -2.51 4.07 12.35
C ASN A 16 -1.38 3.05 12.31
N PHE A 17 -0.16 3.54 12.17
CA PHE A 17 1.00 2.67 12.11
C PHE A 17 1.46 2.28 13.52
N ASN A 18 0.88 2.92 14.52
CA ASN A 18 1.23 2.64 15.91
C ASN A 18 1.18 1.13 16.17
N ASN A 19 0.12 0.50 15.71
CA ASN A 19 -0.04 -0.94 15.90
C ASN A 19 -1.25 -1.45 15.13
N ASP A 20 -1.54 -0.82 14.00
CA ASP A 20 -2.67 -1.22 13.17
C ASP A 20 -3.93 -1.34 14.02
N PRO A 21 -4.42 -0.24 14.51
CA PRO A 21 -5.65 -0.20 15.35
C PRO A 21 -6.80 -0.99 14.74
N LEU A 22 -6.71 -1.21 13.42
CA LEU A 22 -7.75 -1.96 12.72
C LEU A 22 -7.47 -3.46 12.76
N VAL A 23 -7.30 -3.99 13.98
CA VAL A 23 -7.02 -5.41 14.15
C VAL A 23 -8.14 -6.24 13.52
N LEU A 24 -9.38 -5.95 13.90
CA LEU A 24 -10.53 -6.68 13.37
C LEU A 24 -11.32 -5.81 12.40
N ARG A 25 -11.16 -4.49 12.53
CA ARG A 25 -11.86 -3.55 11.66
C ARG A 25 -11.29 -3.62 10.24
N ARG A 26 -11.59 -4.70 9.53
CA ARG A 26 -11.11 -4.88 8.17
C ARG A 26 -11.67 -3.78 7.27
N ARG A 27 -12.47 -2.88 7.86
CA ARG A 27 -13.06 -1.79 7.09
C ARG A 27 -12.16 -0.56 7.14
N GLN A 28 -11.76 -0.17 8.35
CA GLN A 28 -10.91 1.00 8.52
C GLN A 28 -9.47 0.66 8.13
N THR A 29 -9.17 0.81 6.84
CA THR A 29 -7.82 0.52 6.33
C THR A 29 -7.16 1.80 5.83
N TYR A 30 -5.84 1.77 5.70
CA TYR A 30 -5.10 2.93 5.23
C TYR A 30 -3.95 2.51 4.32
N LEU A 31 -3.96 3.05 3.10
CA LEU A 31 -2.93 2.73 2.13
C LEU A 31 -2.43 4.00 1.46
N CYS A 32 -1.12 4.06 1.25
CA CYS A 32 -0.50 5.22 0.61
C CYS A 32 -0.05 4.85 -0.79
N TYR A 33 -0.56 5.57 -1.79
CA TYR A 33 -0.20 5.28 -3.18
C TYR A 33 0.63 6.40 -3.79
N GLU A 34 1.61 6.02 -4.59
CA GLU A 34 2.45 6.99 -5.27
C GLU A 34 2.66 6.54 -6.70
N VAL A 35 3.14 7.44 -7.55
CA VAL A 35 3.38 7.11 -8.95
C VAL A 35 4.78 7.52 -9.37
N GLU A 36 5.42 6.70 -10.19
CA GLU A 36 6.77 6.98 -10.65
C GLU A 36 6.89 6.79 -12.16
N ARG A 37 7.70 7.65 -12.78
CA ARG A 37 7.92 7.56 -14.23
C ARG A 37 9.39 7.22 -14.46
N LEU A 38 9.64 6.05 -15.00
CA LEU A 38 11.01 5.63 -15.23
C LEU A 38 11.71 6.56 -16.22
N ASP A 39 12.46 7.52 -15.68
CA ASP A 39 13.20 8.47 -16.51
C ASP A 39 14.70 8.34 -16.26
N ASN A 40 15.48 8.48 -17.32
CA ASN A 40 16.94 8.39 -17.21
C ASN A 40 17.36 7.05 -16.60
N GLY A 41 16.61 6.00 -16.90
CA GLY A 41 16.93 4.68 -16.37
C GLY A 41 16.72 4.60 -14.86
N THR A 42 16.03 5.60 -14.32
CA THR A 42 15.76 5.63 -12.88
C THR A 42 14.33 6.06 -12.63
N TRP A 43 13.78 5.63 -11.51
CA TRP A 43 12.41 5.98 -11.17
C TRP A 43 12.35 7.40 -10.65
N VAL A 44 11.37 8.17 -11.13
CA VAL A 44 11.22 9.55 -10.70
C VAL A 44 9.84 9.77 -10.08
N LEU A 45 9.82 10.27 -8.86
CA LEU A 45 8.57 10.49 -8.15
C LEU A 45 7.83 11.70 -8.72
N MET A 46 6.54 11.51 -9.02
CA MET A 46 5.72 12.59 -9.55
C MET A 46 4.69 13.01 -8.50
N ASP A 47 4.97 14.13 -7.83
CA ASP A 47 4.08 14.63 -6.78
C ASP A 47 2.67 14.88 -7.33
N GLN A 48 2.58 15.19 -8.62
CA GLN A 48 1.28 15.46 -9.24
C GLN A 48 0.37 14.25 -9.18
N HIS A 49 0.95 13.06 -9.32
CA HIS A 49 0.17 11.83 -9.29
C HIS A 49 0.43 11.04 -8.02
N MET A 50 0.72 11.76 -6.94
CA MET A 50 1.00 11.13 -5.66
C MET A 50 -0.05 11.53 -4.63
N GLY A 51 -0.22 10.70 -3.59
CA GLY A 51 -1.20 10.97 -2.55
C GLY A 51 -1.62 9.67 -1.87
N PHE A 52 -2.33 9.78 -0.75
CA PHE A 52 -2.77 8.60 -0.02
C PHE A 52 -4.29 8.47 -0.06
N LEU A 53 -4.77 7.24 0.15
CA LEU A 53 -6.19 6.97 0.14
C LEU A 53 -6.62 6.31 1.45
N CYS A 54 -7.64 6.88 2.08
CA CYS A 54 -8.13 6.34 3.35
C CYS A 54 -9.24 5.32 3.10
N ASN A 55 -9.97 4.98 4.15
CA ASN A 55 -11.05 4.01 4.04
C ASN A 55 -12.15 4.53 3.13
N GLU A 56 -12.85 5.57 3.60
CA GLU A 56 -13.94 6.15 2.82
C GLU A 56 -13.52 7.51 2.24
N ALA A 57 -14.10 7.86 1.09
CA ALA A 57 -13.78 9.13 0.43
C ALA A 57 -15.06 9.92 0.19
N LYS A 58 -16.10 9.60 0.95
CA LYS A 58 -17.38 10.30 0.81
C LYS A 58 -17.97 10.61 2.17
N ASN A 59 -18.99 9.87 2.58
CA ASN A 59 -19.63 10.08 3.86
C ASN A 59 -20.46 8.86 4.26
N LEU A 60 -20.68 8.70 5.56
CA LEU A 60 -21.47 7.58 6.06
C LEU A 60 -22.93 7.72 5.65
N LEU A 61 -23.46 8.93 5.81
CA LEU A 61 -24.86 9.19 5.45
C LEU A 61 -25.13 8.74 4.02
N CYS A 62 -24.08 8.45 3.28
CA CYS A 62 -24.22 8.01 1.89
C CYS A 62 -24.97 6.69 1.83
N GLY A 63 -24.90 5.92 2.90
CA GLY A 63 -25.59 4.63 2.95
C GLY A 63 -24.77 3.55 2.22
N PHE A 64 -23.52 3.88 1.90
CA PHE A 64 -22.66 2.94 1.20
C PHE A 64 -21.83 2.13 2.21
N TYR A 65 -21.92 0.81 2.12
CA TYR A 65 -21.17 -0.05 3.02
C TYR A 65 -19.82 -0.44 2.41
N GLY A 66 -18.89 -0.82 3.26
CA GLY A 66 -17.55 -1.20 2.79
C GLY A 66 -16.72 0.02 2.45
N ARG A 67 -15.55 0.13 3.07
CA ARG A 67 -14.67 1.26 2.82
C ARG A 67 -13.20 0.82 2.85
N HIS A 68 -12.62 0.65 1.67
CA HIS A 68 -11.22 0.23 1.57
C HIS A 68 -10.43 1.20 0.69
N ALA A 69 -9.24 1.57 1.15
CA ALA A 69 -8.39 2.47 0.40
C ALA A 69 -7.99 1.83 -0.91
N GLU A 70 -7.93 0.50 -0.89
CA GLU A 70 -7.58 -0.25 -2.08
C GLU A 70 -8.60 0.01 -3.18
N LEU A 71 -9.88 -0.15 -2.83
CA LEU A 71 -10.95 0.09 -3.80
C LEU A 71 -10.83 1.50 -4.37
N ARG A 72 -10.81 2.47 -3.47
CA ARG A 72 -10.70 3.87 -3.86
C ARG A 72 -9.57 4.05 -4.87
N PHE A 73 -8.51 3.25 -4.74
CA PHE A 73 -7.39 3.39 -5.66
C PHE A 73 -7.80 3.02 -7.08
N LEU A 74 -8.35 1.83 -7.25
CA LEU A 74 -8.77 1.40 -8.58
C LEU A 74 -9.60 2.48 -9.24
N ASP A 75 -10.19 3.32 -8.40
CA ASP A 75 -11.03 4.42 -8.89
C ASP A 75 -10.19 5.67 -9.16
N LEU A 76 -9.00 5.71 -8.56
CA LEU A 76 -8.10 6.86 -8.70
C LEU A 76 -7.14 6.68 -9.87
N VAL A 77 -6.85 5.44 -10.25
CA VAL A 77 -5.92 5.20 -11.35
C VAL A 77 -6.33 6.00 -12.59
N PRO A 78 -7.57 5.95 -13.00
CA PRO A 78 -8.03 6.72 -14.19
C PRO A 78 -7.64 8.19 -14.09
N SER A 79 -7.61 8.71 -12.86
CA SER A 79 -7.25 10.11 -12.63
C SER A 79 -5.79 10.35 -13.01
N LEU A 80 -4.98 9.30 -12.98
CA LEU A 80 -3.57 9.43 -13.33
C LEU A 80 -3.40 9.44 -14.85
N GLN A 81 -4.51 9.23 -15.55
CA GLN A 81 -4.50 9.22 -17.00
C GLN A 81 -3.24 8.54 -17.54
N LEU A 82 -3.00 7.32 -17.10
CA LEU A 82 -1.83 6.57 -17.55
C LEU A 82 -1.90 6.36 -19.05
N ASP A 83 -0.87 5.72 -19.61
CA ASP A 83 -0.83 5.47 -21.05
C ASP A 83 0.15 4.34 -21.37
N PRO A 84 -0.01 3.69 -22.50
CA PRO A 84 0.88 2.57 -22.91
C PRO A 84 2.24 3.07 -23.39
N ALA A 85 2.37 4.38 -23.44
CA ALA A 85 3.61 5.00 -23.89
C ALA A 85 4.76 4.66 -22.94
N GLN A 86 5.02 5.57 -22.00
CA GLN A 86 6.09 5.36 -21.04
C GLN A 86 5.72 4.30 -20.01
N ILE A 87 6.67 3.93 -19.17
CA ILE A 87 6.43 2.92 -18.15
C ILE A 87 6.29 3.57 -16.78
N TYR A 88 5.21 3.20 -16.08
CA TYR A 88 4.96 3.74 -14.74
C TYR A 88 5.07 2.64 -13.69
N ARG A 89 5.09 3.04 -12.43
CA ARG A 89 5.19 2.10 -11.32
C ARG A 89 4.69 2.75 -10.04
N VAL A 90 3.62 2.20 -9.48
CA VAL A 90 3.04 2.75 -8.27
C VAL A 90 3.40 1.91 -7.05
N THR A 91 3.65 2.57 -5.92
CA THR A 91 4.01 1.87 -4.69
C THR A 91 2.89 2.02 -3.67
N TRP A 92 2.59 0.93 -2.97
CA TRP A 92 1.52 0.92 -1.97
C TRP A 92 2.08 0.72 -0.57
N PHE A 93 1.78 1.66 0.34
CA PHE A 93 2.22 1.53 1.73
C PHE A 93 0.99 1.40 2.62
N ILE A 94 0.76 0.19 3.12
CA ILE A 94 -0.41 -0.08 3.95
C ILE A 94 -0.04 -0.60 5.32
N SER A 95 -0.95 -0.41 6.28
CA SER A 95 -0.70 -0.86 7.65
C SER A 95 -1.48 -2.14 7.96
N TRP A 96 -1.56 -3.03 6.97
CA TRP A 96 -2.27 -4.31 7.13
C TRP A 96 -2.62 -4.89 5.77
N SER A 97 -2.11 -6.09 5.49
CA SER A 97 -2.37 -6.76 4.22
C SER A 97 -3.80 -6.52 3.74
N PRO A 98 -4.06 -6.71 2.48
CA PRO A 98 -5.42 -6.50 1.89
C PRO A 98 -6.46 -7.41 2.51
N CYS A 99 -7.73 -7.08 2.31
CA CYS A 99 -8.82 -7.88 2.87
C CYS A 99 -8.84 -9.28 2.23
N PHE A 100 -9.24 -9.34 0.96
CA PHE A 100 -9.29 -10.61 0.25
C PHE A 100 -9.60 -10.42 -1.23
N SER A 101 -9.31 -11.44 -2.02
CA SER A 101 -9.53 -11.41 -3.46
C SER A 101 -10.94 -10.92 -3.78
N TRP A 102 -11.93 -11.81 -3.62
CA TRP A 102 -13.32 -11.46 -3.90
C TRP A 102 -13.63 -10.05 -3.38
N GLY A 103 -12.82 -9.59 -2.43
CA GLY A 103 -13.02 -8.26 -1.85
C GLY A 103 -12.19 -7.23 -2.60
N CYS A 104 -10.97 -6.99 -2.13
CA CYS A 104 -10.10 -6.00 -2.75
C CYS A 104 -9.08 -6.65 -3.69
N ALA A 105 -8.23 -7.50 -3.12
CA ALA A 105 -7.19 -8.18 -3.91
C ALA A 105 -7.73 -8.62 -5.28
N GLY A 106 -9.04 -8.82 -5.36
CA GLY A 106 -9.64 -9.25 -6.62
C GLY A 106 -9.61 -8.11 -7.63
N GLU A 107 -9.99 -6.92 -7.19
CA GLU A 107 -10.00 -5.75 -8.05
C GLU A 107 -8.59 -5.36 -8.45
N VAL A 108 -7.65 -5.51 -7.51
CA VAL A 108 -6.26 -5.16 -7.79
C VAL A 108 -5.68 -6.09 -8.86
N ARG A 109 -6.15 -7.34 -8.88
CA ARG A 109 -5.67 -8.31 -9.85
C ARG A 109 -6.09 -7.91 -11.26
N ALA A 110 -7.40 -7.88 -11.50
CA ALA A 110 -7.91 -7.52 -12.81
C ALA A 110 -7.26 -6.24 -13.33
N PHE A 111 -6.93 -5.34 -12.41
CA PHE A 111 -6.30 -4.08 -12.78
C PHE A 111 -4.89 -4.31 -13.32
N LEU A 112 -4.03 -4.87 -12.50
CA LEU A 112 -2.66 -5.15 -12.93
C LEU A 112 -2.68 -5.82 -14.29
N GLN A 113 -3.82 -6.43 -14.61
CA GLN A 113 -3.98 -7.12 -15.87
C GLN A 113 -4.50 -6.16 -16.95
N GLU A 114 -5.24 -5.15 -16.51
CA GLU A 114 -5.78 -4.15 -17.45
C GLU A 114 -4.69 -3.22 -17.93
N ASN A 115 -3.79 -2.87 -17.02
CA ASN A 115 -2.68 -1.97 -17.33
C ASN A 115 -1.35 -2.60 -16.98
N THR A 116 -0.71 -3.23 -17.96
CA THR A 116 0.58 -3.87 -17.74
C THR A 116 1.71 -2.84 -17.80
N HIS A 117 1.43 -1.72 -18.46
CA HIS A 117 2.42 -0.65 -18.59
C HIS A 117 2.80 -0.12 -17.21
N VAL A 118 1.88 -0.26 -16.25
CA VAL A 118 2.10 0.21 -14.90
C VAL A 118 2.17 -0.97 -13.94
N ARG A 119 3.24 -1.01 -13.16
CA ARG A 119 3.43 -2.07 -12.19
C ARG A 119 3.04 -1.56 -10.80
N LEU A 120 2.73 -2.49 -9.90
CA LEU A 120 2.34 -2.11 -8.54
C LEU A 120 3.06 -2.97 -7.50
N ARG A 121 3.74 -2.30 -6.58
CA ARG A 121 4.46 -2.98 -5.52
C ARG A 121 3.82 -2.66 -4.17
N ILE A 122 3.58 -3.70 -3.38
CA ILE A 122 2.94 -3.52 -2.09
C ILE A 122 3.88 -3.78 -0.93
N PHE A 123 3.55 -3.16 0.18
CA PHE A 123 4.31 -3.31 1.40
C PHE A 123 3.42 -3.07 2.61
N ALA A 124 3.18 -4.12 3.38
CA ALA A 124 2.33 -4.01 4.58
C ALA A 124 3.19 -3.84 5.82
N ALA A 125 2.71 -3.04 6.77
CA ALA A 125 3.46 -2.81 8.01
C ALA A 125 3.42 -4.05 8.89
N ARG A 126 2.43 -4.91 8.66
CA ARG A 126 2.29 -6.12 9.45
C ARG A 126 1.20 -7.02 8.87
N ILE A 127 1.58 -8.24 8.52
CA ILE A 127 0.62 -9.19 7.95
C ILE A 127 -0.16 -9.89 9.06
N TYR A 128 -1.45 -9.60 9.14
CA TYR A 128 -2.29 -10.22 10.16
C TYR A 128 -2.54 -11.68 9.83
N ASP A 129 -1.49 -12.48 9.91
CA ASP A 129 -1.59 -13.91 9.63
C ASP A 129 -2.83 -14.52 10.26
N TYR A 130 -3.43 -13.79 11.20
CA TYR A 130 -4.63 -14.28 11.87
C TYR A 130 -5.79 -14.40 10.88
N ASP A 131 -5.50 -14.16 9.61
CA ASP A 131 -6.52 -14.25 8.56
C ASP A 131 -6.08 -15.23 7.47
N PRO A 132 -6.22 -16.51 7.71
CA PRO A 132 -5.82 -17.56 6.73
C PRO A 132 -6.36 -17.28 5.32
N LEU A 133 -7.36 -16.42 5.24
CA LEU A 133 -7.95 -16.06 3.95
C LEU A 133 -7.03 -15.12 3.18
N TYR A 134 -6.67 -14.01 3.82
CA TYR A 134 -5.79 -13.03 3.19
C TYR A 134 -4.56 -13.73 2.61
N LYS A 135 -4.23 -14.89 3.16
CA LYS A 135 -3.08 -15.65 2.68
C LYS A 135 -3.26 -16.07 1.23
N GLU A 136 -4.38 -16.76 0.96
CA GLU A 136 -4.66 -17.22 -0.39
C GLU A 136 -4.74 -16.03 -1.35
N ALA A 137 -5.24 -14.91 -0.86
CA ALA A 137 -5.36 -13.71 -1.68
C ALA A 137 -3.98 -13.12 -1.97
N LEU A 138 -3.08 -13.23 -1.00
CA LEU A 138 -1.73 -12.71 -1.17
C LEU A 138 -1.03 -13.37 -2.35
N GLN A 139 -0.96 -14.70 -2.32
CA GLN A 139 -0.32 -15.45 -3.39
C GLN A 139 -0.95 -15.11 -4.74
N MET A 140 -2.27 -15.04 -4.76
CA MET A 140 -2.99 -14.72 -6.00
C MET A 140 -2.79 -13.25 -6.39
N LEU A 141 -2.45 -12.42 -5.41
CA LEU A 141 -2.25 -11.00 -5.68
C LEU A 141 -0.98 -10.80 -6.51
N ARG A 142 0.16 -11.16 -5.94
CA ARG A 142 1.43 -11.02 -6.64
C ARG A 142 1.41 -11.78 -7.97
N ASP A 143 0.65 -12.87 -8.00
CA ASP A 143 0.54 -13.68 -9.21
C ASP A 143 0.17 -12.80 -10.41
N ALA A 144 -0.56 -11.72 -10.14
CA ALA A 144 -0.98 -10.80 -11.19
C ALA A 144 0.21 -9.98 -11.69
N GLY A 145 1.35 -10.14 -11.02
CA GLY A 145 2.56 -9.42 -11.40
C GLY A 145 3.01 -8.49 -10.28
N ALA A 146 2.10 -8.17 -9.36
CA ALA A 146 2.44 -7.29 -8.25
C ALA A 146 3.47 -7.95 -7.33
N GLN A 147 4.05 -7.15 -6.43
CA GLN A 147 5.04 -7.68 -5.50
C GLN A 147 4.78 -7.17 -4.09
N VAL A 148 4.45 -8.08 -3.19
CA VAL A 148 4.18 -7.72 -1.80
C VAL A 148 5.32 -8.18 -0.89
N SER A 149 5.62 -7.35 0.11
CA SER A 149 6.68 -7.68 1.06
C SER A 149 6.45 -6.94 2.38
N ILE A 150 7.32 -7.16 3.35
CA ILE A 150 7.17 -6.50 4.65
C ILE A 150 8.04 -5.25 4.70
N MET A 151 7.44 -4.14 5.13
CA MET A 151 8.16 -2.87 5.24
C MET A 151 9.55 -3.08 5.83
N THR A 152 10.47 -2.20 5.47
CA THR A 152 11.84 -2.29 5.97
C THR A 152 12.27 -0.97 6.62
N TYR A 153 13.46 -0.95 7.19
CA TYR A 153 13.98 0.25 7.84
C TYR A 153 14.11 1.40 6.83
N ASP A 154 14.96 1.18 5.82
CA ASP A 154 15.17 2.20 4.80
C ASP A 154 13.89 2.48 4.04
N GLU A 155 13.02 1.48 3.94
CA GLU A 155 11.76 1.62 3.24
C GLU A 155 10.80 2.50 4.04
N PHE A 156 10.96 2.49 5.36
CA PHE A 156 10.10 3.30 6.22
C PHE A 156 10.47 4.77 6.12
N GLU A 157 11.77 5.05 6.04
CA GLU A 157 12.24 6.43 5.94
C GLU A 157 11.79 7.05 4.62
N TYR A 158 11.88 6.29 3.54
CA TYR A 158 11.47 6.79 2.23
C TYR A 158 9.97 7.05 2.19
N CYS A 159 9.21 6.19 2.86
CA CYS A 159 7.76 6.33 2.89
C CYS A 159 7.35 7.42 3.86
N TRP A 160 8.22 7.69 4.83
CA TRP A 160 7.95 8.72 5.83
C TRP A 160 8.20 10.10 5.24
N ASP A 161 9.28 10.22 4.47
CA ASP A 161 9.62 11.51 3.86
C ASP A 161 8.83 11.73 2.56
N THR A 162 8.26 10.66 2.04
CA THR A 162 7.50 10.75 0.79
C THR A 162 6.05 11.20 1.07
N PHE A 163 5.39 10.52 1.99
CA PHE A 163 4.01 10.85 2.32
C PHE A 163 3.93 11.87 3.46
N VAL A 164 4.70 11.64 4.52
CA VAL A 164 4.68 12.54 5.66
C VAL A 164 5.87 13.51 5.60
N TYR A 165 5.71 14.58 4.84
CA TYR A 165 6.77 15.57 4.73
C TYR A 165 6.94 16.32 6.05
N ARG A 166 8.16 16.32 6.58
CA ARG A 166 8.43 16.98 7.85
C ARG A 166 9.40 18.15 7.64
N GLN A 167 10.40 17.96 6.79
CA GLN A 167 11.38 19.01 6.51
C GLN A 167 12.27 19.28 7.72
N GLY A 168 13.14 18.32 8.05
CA GLY A 168 14.05 18.47 9.18
C GLY A 168 13.66 17.57 10.35
N CYS A 169 12.77 16.60 10.09
CA CYS A 169 12.35 15.67 11.13
C CYS A 169 12.59 14.22 10.65
N PRO A 170 13.54 13.50 11.21
CA PRO A 170 13.83 12.11 10.78
C PRO A 170 12.82 11.11 11.34
N PHE A 171 12.49 10.10 10.53
CA PHE A 171 11.56 9.07 10.95
C PHE A 171 11.98 8.45 12.27
N GLN A 172 11.00 8.00 13.04
CA GLN A 172 11.28 7.40 14.34
C GLN A 172 10.99 5.89 14.31
N PRO A 173 11.97 5.06 14.04
CA PRO A 173 11.78 3.58 13.99
C PRO A 173 11.85 2.94 15.39
N TRP A 174 11.26 3.64 16.37
CA TRP A 174 11.24 3.16 17.75
C TRP A 174 12.49 2.34 18.06
N ASP A 175 12.42 1.02 17.82
CA ASP A 175 13.54 0.14 18.07
C ASP A 175 13.12 -1.32 17.98
N GLY A 176 11.83 -1.56 18.15
CA GLY A 176 11.30 -2.91 18.11
C GLY A 176 11.04 -3.39 16.68
N LEU A 177 10.70 -2.48 15.78
CA LEU A 177 10.42 -2.87 14.40
C LEU A 177 11.62 -3.59 13.79
N GLU A 178 12.80 -3.34 14.35
CA GLU A 178 14.01 -3.96 13.84
C GLU A 178 13.89 -5.49 13.83
N GLU A 179 13.67 -6.07 15.01
CA GLU A 179 13.52 -7.52 15.12
C GLU A 179 12.14 -7.97 14.65
N HIS A 180 11.20 -7.03 14.59
CA HIS A 180 9.86 -7.35 14.14
C HIS A 180 9.83 -7.42 12.62
N SER A 181 10.80 -6.77 11.99
CA SER A 181 10.89 -6.74 10.54
C SER A 181 11.62 -7.98 10.02
N GLN A 182 12.89 -8.13 10.40
CA GLN A 182 13.68 -9.28 9.97
C GLN A 182 12.92 -10.57 10.25
N ALA A 183 12.09 -10.57 11.30
CA ALA A 183 11.31 -11.74 11.64
C ALA A 183 10.17 -11.94 10.64
N LEU A 184 9.28 -10.97 10.57
CA LEU A 184 8.15 -11.04 9.64
C LEU A 184 8.66 -11.25 8.22
N SER A 185 9.89 -10.80 7.97
CA SER A 185 10.49 -10.94 6.64
C SER A 185 10.65 -12.41 6.31
N GLY A 186 11.39 -13.13 7.14
CA GLY A 186 11.59 -14.56 6.92
C GLY A 186 10.26 -15.23 6.59
N ARG A 187 9.23 -14.89 7.36
CA ARG A 187 7.91 -15.46 7.13
C ARG A 187 7.37 -15.01 5.78
N LEU A 188 7.42 -13.70 5.53
CA LEU A 188 6.93 -13.15 4.27
C LEU A 188 7.47 -13.96 3.10
N ARG A 189 8.79 -13.96 2.94
CA ARG A 189 9.41 -14.70 1.86
C ARG A 189 8.86 -16.12 1.81
N ALA A 190 8.58 -16.67 2.98
CA ALA A 190 8.05 -18.03 3.07
C ALA A 190 6.72 -18.12 2.32
N ILE A 191 5.81 -17.19 2.59
CA ILE A 191 4.52 -17.19 1.94
C ILE A 191 4.67 -16.79 0.47
N LEU A 192 5.69 -15.99 0.18
CA LEU A 192 5.95 -15.55 -1.18
C LEU A 192 6.57 -16.68 -2.00
N GLN A 193 6.61 -17.86 -1.42
CA GLN A 193 7.19 -19.02 -2.10
C GLN A 193 6.29 -20.24 -1.95
N ASN A 194 5.98 -20.61 -0.70
CA ASN A 194 5.13 -21.75 -0.44
C ASN A 194 3.95 -21.78 -1.41
N GLN A 195 3.50 -22.98 -1.76
CA GLN A 195 2.39 -23.13 -2.69
C GLN A 195 1.53 -24.33 -2.29
N GLY A 196 0.31 -24.38 -2.81
CA GLY A 196 -0.60 -25.47 -2.51
C GLY A 196 -1.61 -25.06 -1.44
N ASN A 197 -1.99 -26.01 -0.59
CA ASN A 197 -2.94 -25.74 0.47
C ASN A 197 -2.56 -26.48 1.75
ZN ZN B . -11.48 -4.69 0.86
N MET A 1 -9.93 27.05 -6.80
CA MET A 1 -9.56 26.03 -7.82
C MET A 1 -9.31 24.69 -7.13
N GLU A 2 -8.16 24.10 -7.44
CA GLU A 2 -7.80 22.81 -6.84
C GLU A 2 -6.31 22.77 -6.52
N ILE A 3 -5.99 22.35 -5.30
CA ILE A 3 -4.60 22.27 -4.87
C ILE A 3 -4.10 20.83 -4.96
N LEU A 4 -2.97 20.64 -5.64
CA LEU A 4 -2.40 19.31 -5.80
C LEU A 4 -1.84 18.81 -4.48
N ARG A 5 -1.46 17.54 -4.45
CA ARG A 5 -0.90 16.94 -3.25
C ARG A 5 -1.89 17.03 -2.09
N TYR A 6 -1.90 15.98 -1.28
CA TYR A 6 -2.80 15.94 -0.13
C TYR A 6 -2.00 15.98 1.17
N LEU A 7 -0.89 15.23 1.19
CA LEU A 7 -0.02 15.19 2.36
C LEU A 7 -0.84 14.93 3.63
N MET A 8 -0.77 13.69 4.10
CA MET A 8 -1.49 13.30 5.30
C MET A 8 -0.90 14.00 6.52
N ASP A 9 -1.74 14.33 7.49
CA ASP A 9 -1.29 15.00 8.70
C ASP A 9 -0.38 14.06 9.51
N PRO A 10 0.81 14.48 9.90
CA PRO A 10 1.73 13.63 10.69
C PRO A 10 0.99 12.84 11.78
N ASP A 11 0.20 13.54 12.57
CA ASP A 11 -0.56 12.90 13.64
C ASP A 11 -1.26 11.66 13.13
N THR A 12 -2.02 11.81 12.05
CA THR A 12 -2.74 10.69 11.47
C THR A 12 -1.78 9.61 10.99
N PHE A 13 -0.74 10.03 10.27
CA PHE A 13 0.25 9.09 9.77
C PHE A 13 0.76 8.18 10.88
N THR A 14 1.30 8.78 11.93
CA THR A 14 1.81 8.01 13.06
C THR A 14 0.69 7.25 13.76
N PHE A 15 -0.49 7.85 13.81
CA PHE A 15 -1.63 7.21 14.45
C PHE A 15 -1.97 5.90 13.77
N ASN A 16 -1.62 5.78 12.49
CA ASN A 16 -1.88 4.58 11.73
C ASN A 16 -0.81 3.53 11.99
N PHE A 17 0.42 3.84 11.61
CA PHE A 17 1.53 2.91 11.80
C PHE A 17 1.76 2.66 13.29
N ASN A 18 1.09 3.44 14.12
CA ASN A 18 1.23 3.30 15.57
C ASN A 18 1.01 1.85 15.99
N ASN A 19 0.10 1.17 15.29
CA ASN A 19 -0.19 -0.22 15.61
C ASN A 19 0.90 -1.13 15.07
N ASP A 20 2.12 -0.92 15.54
CA ASP A 20 3.25 -1.74 15.09
C ASP A 20 3.27 -3.09 15.82
N PRO A 21 3.04 -3.08 17.10
CA PRO A 21 3.03 -4.34 17.92
C PRO A 21 1.97 -5.33 17.43
N LEU A 22 2.14 -6.59 17.79
CA LEU A 22 1.19 -7.63 17.39
C LEU A 22 0.14 -7.85 18.48
N VAL A 23 -0.88 -7.02 18.48
CA VAL A 23 -1.94 -7.13 19.49
C VAL A 23 -3.31 -6.91 18.85
N LEU A 24 -3.32 -6.29 17.68
CA LEU A 24 -4.57 -6.01 16.98
C LEU A 24 -5.46 -5.08 17.79
N ARG A 25 -5.73 -3.91 17.25
CA ARG A 25 -6.56 -2.93 17.94
C ARG A 25 -7.47 -2.19 16.96
N ARG A 26 -6.88 -1.27 16.19
CA ARG A 26 -7.65 -0.50 15.21
C ARG A 26 -7.67 -1.22 13.87
N ARG A 27 -8.87 -1.37 13.30
CA ARG A 27 -9.02 -2.03 12.01
C ARG A 27 -8.91 -1.02 10.88
N GLN A 28 -9.05 0.26 11.23
CA GLN A 28 -8.97 1.32 10.22
C GLN A 28 -7.83 1.05 9.25
N THR A 29 -8.18 0.57 8.06
CA THR A 29 -7.18 0.28 7.04
C THR A 29 -6.77 1.55 6.30
N TYR A 30 -5.47 1.70 6.06
CA TYR A 30 -4.97 2.87 5.35
C TYR A 30 -3.84 2.48 4.42
N LEU A 31 -3.95 2.88 3.16
CA LEU A 31 -2.94 2.55 2.17
C LEU A 31 -2.40 3.82 1.52
N CYS A 32 -1.10 3.84 1.32
CA CYS A 32 -0.42 4.97 0.71
C CYS A 32 -0.02 4.64 -0.72
N TYR A 33 -0.59 5.37 -1.68
CA TYR A 33 -0.29 5.11 -3.08
C TYR A 33 0.51 6.25 -3.70
N GLU A 34 1.45 5.87 -4.56
CA GLU A 34 2.27 6.85 -5.27
C GLU A 34 2.45 6.38 -6.72
N VAL A 35 2.93 7.26 -7.57
CA VAL A 35 3.14 6.91 -8.97
C VAL A 35 4.53 7.36 -9.41
N GLU A 36 5.26 6.46 -10.06
CA GLU A 36 6.61 6.76 -10.51
C GLU A 36 6.74 6.65 -12.01
N ARG A 37 7.61 7.49 -12.57
CA ARG A 37 7.88 7.47 -14.00
C ARG A 37 9.34 7.09 -14.22
N LEU A 38 9.57 5.99 -14.89
CA LEU A 38 10.94 5.54 -15.11
C LEU A 38 11.70 6.52 -15.98
N ASP A 39 12.57 7.30 -15.34
CA ASP A 39 13.38 8.28 -16.05
C ASP A 39 14.85 8.12 -15.68
N ASN A 40 15.72 8.13 -16.68
CA ASN A 40 17.15 7.98 -16.45
C ASN A 40 17.48 6.59 -15.97
N GLY A 41 16.82 5.59 -16.54
CA GLY A 41 17.05 4.20 -16.16
C GLY A 41 16.77 3.97 -14.68
N THR A 42 16.15 4.95 -14.04
CA THR A 42 15.82 4.84 -12.63
C THR A 42 14.41 5.35 -12.39
N TRP A 43 13.81 4.86 -11.32
CA TRP A 43 12.45 5.26 -10.99
C TRP A 43 12.46 6.64 -10.36
N VAL A 44 11.51 7.48 -10.77
CA VAL A 44 11.41 8.83 -10.23
C VAL A 44 10.07 9.02 -9.54
N LEU A 45 10.03 9.79 -8.46
CA LEU A 45 8.78 10.00 -7.75
C LEU A 45 8.08 11.25 -8.27
N MET A 46 6.80 11.10 -8.60
CA MET A 46 6.01 12.21 -9.11
C MET A 46 4.93 12.59 -8.12
N ASP A 47 5.13 13.69 -7.41
CA ASP A 47 4.14 14.15 -6.45
C ASP A 47 2.90 14.63 -7.21
N GLN A 48 3.06 14.83 -8.51
CA GLN A 48 1.98 15.29 -9.36
C GLN A 48 0.76 14.39 -9.23
N HIS A 49 0.98 13.09 -9.09
CA HIS A 49 -0.13 12.17 -8.94
C HIS A 49 0.11 11.18 -7.81
N MET A 50 0.42 11.75 -6.64
CA MET A 50 0.67 10.95 -5.44
C MET A 50 -0.40 11.27 -4.40
N GLY A 51 -0.51 10.41 -3.39
CA GLY A 51 -1.50 10.63 -2.33
C GLY A 51 -1.85 9.32 -1.63
N PHE A 52 -2.66 9.43 -0.57
CA PHE A 52 -3.07 8.26 0.19
C PHE A 52 -4.57 8.03 0.03
N LEU A 53 -5.02 6.86 0.46
CA LEU A 53 -6.44 6.53 0.36
C LEU A 53 -6.94 5.91 1.66
N CYS A 54 -7.99 6.48 2.23
CA CYS A 54 -8.55 5.99 3.49
C CYS A 54 -9.49 4.82 3.24
N ASN A 55 -10.14 4.36 4.32
CA ASN A 55 -11.08 3.23 4.22
C ASN A 55 -12.39 3.57 4.91
N GLU A 56 -12.85 4.81 4.73
CA GLU A 56 -14.10 5.24 5.34
C GLU A 56 -15.04 5.81 4.27
N ALA A 57 -16.34 5.69 4.52
CA ALA A 57 -17.34 6.20 3.58
C ALA A 57 -17.98 7.48 4.12
N LYS A 58 -18.93 8.01 3.37
CA LYS A 58 -19.62 9.24 3.78
C LYS A 58 -20.72 8.92 4.79
N ASN A 59 -21.35 7.76 4.63
CA ASN A 59 -22.41 7.35 5.54
C ASN A 59 -21.84 6.97 6.89
N LEU A 60 -21.02 7.83 7.46
CA LEU A 60 -20.41 7.56 8.76
C LEU A 60 -21.47 7.60 9.86
N LEU A 61 -22.36 8.58 9.78
CA LEU A 61 -23.43 8.71 10.77
C LEU A 61 -24.22 7.41 10.88
N CYS A 62 -24.53 6.82 9.73
CA CYS A 62 -25.29 5.57 9.71
C CYS A 62 -24.50 4.45 10.40
N GLY A 63 -23.20 4.66 10.55
CA GLY A 63 -22.34 3.67 11.19
C GLY A 63 -22.00 2.54 10.22
N PHE A 64 -22.27 2.75 8.94
CA PHE A 64 -21.98 1.74 7.93
C PHE A 64 -20.69 2.07 7.19
N TYR A 65 -19.76 1.13 7.19
CA TYR A 65 -18.48 1.34 6.50
C TYR A 65 -18.02 0.04 5.85
N GLY A 66 -17.25 0.17 4.76
CA GLY A 66 -16.76 -0.99 4.05
C GLY A 66 -15.99 -0.59 2.80
N ARG A 67 -15.31 0.55 2.86
CA ARG A 67 -14.54 1.03 1.72
C ARG A 67 -13.08 0.62 1.86
N HIS A 68 -12.58 -0.13 0.89
CA HIS A 68 -11.20 -0.57 0.91
C HIS A 68 -10.33 0.37 0.08
N ALA A 69 -9.43 1.08 0.74
CA ALA A 69 -8.55 2.01 0.07
C ALA A 69 -8.02 1.37 -1.21
N GLU A 70 -8.00 0.05 -1.21
CA GLU A 70 -7.54 -0.70 -2.36
C GLU A 70 -8.50 -0.51 -3.52
N LEU A 71 -9.79 -0.60 -3.23
CA LEU A 71 -10.81 -0.42 -4.25
C LEU A 71 -10.83 1.04 -4.71
N ARG A 72 -10.83 1.94 -3.73
CA ARG A 72 -10.83 3.36 -4.02
C ARG A 72 -9.70 3.70 -4.99
N PHE A 73 -8.61 2.95 -4.91
CA PHE A 73 -7.48 3.19 -5.80
C PHE A 73 -7.84 2.86 -7.24
N LEU A 74 -8.15 1.60 -7.49
CA LEU A 74 -8.52 1.18 -8.84
C LEU A 74 -9.48 2.18 -9.47
N ASP A 75 -10.23 2.88 -8.64
CA ASP A 75 -11.19 3.86 -9.14
C ASP A 75 -10.52 5.22 -9.35
N LEU A 76 -9.48 5.49 -8.56
CA LEU A 76 -8.76 6.75 -8.66
C LEU A 76 -7.62 6.63 -9.67
N VAL A 77 -7.25 5.39 -9.99
CA VAL A 77 -6.18 5.15 -10.96
C VAL A 77 -6.27 6.10 -12.16
N PRO A 78 -7.37 6.12 -12.89
CA PRO A 78 -7.52 7.02 -14.06
C PRO A 78 -7.24 8.46 -13.69
N SER A 79 -7.54 8.80 -12.44
CA SER A 79 -7.30 10.16 -11.95
C SER A 79 -5.81 10.45 -11.86
N LEU A 80 -4.99 9.41 -11.76
CA LEU A 80 -3.54 9.60 -11.67
C LEU A 80 -3.00 10.17 -12.98
N GLN A 81 -3.91 10.48 -13.90
CA GLN A 81 -3.52 11.04 -15.19
C GLN A 81 -2.24 10.39 -15.71
N LEU A 82 -2.26 9.07 -15.80
CA LEU A 82 -1.10 8.33 -16.29
C LEU A 82 -0.81 8.68 -17.74
N ASP A 83 0.05 7.88 -18.37
CA ASP A 83 0.42 8.10 -19.76
C ASP A 83 0.97 6.80 -20.36
N PRO A 84 0.11 5.94 -20.85
CA PRO A 84 0.55 4.64 -21.46
C PRO A 84 1.66 4.81 -22.48
N ALA A 85 1.99 6.05 -22.77
CA ALA A 85 3.04 6.37 -23.72
C ALA A 85 4.40 5.97 -23.16
N GLN A 86 4.47 5.78 -21.84
CA GLN A 86 5.71 5.39 -21.19
C GLN A 86 5.48 4.24 -20.22
N ILE A 87 6.36 4.12 -19.23
CA ILE A 87 6.25 3.05 -18.23
C ILE A 87 6.16 3.64 -16.82
N TYR A 88 5.12 3.25 -16.10
CA TYR A 88 4.91 3.73 -14.74
C TYR A 88 4.92 2.59 -13.73
N ARG A 89 4.95 2.94 -12.46
CA ARG A 89 4.97 1.94 -11.40
C ARG A 89 4.52 2.56 -10.08
N VAL A 90 3.38 2.13 -9.57
CA VAL A 90 2.87 2.69 -8.31
C VAL A 90 3.27 1.82 -7.12
N THR A 91 3.51 2.46 -5.99
CA THR A 91 3.89 1.76 -4.77
C THR A 91 2.79 1.89 -3.73
N TRP A 92 2.48 0.77 -3.07
CA TRP A 92 1.44 0.75 -2.05
C TRP A 92 2.05 0.53 -0.67
N PHE A 93 1.76 1.44 0.26
CA PHE A 93 2.24 1.33 1.62
C PHE A 93 1.05 1.21 2.55
N ILE A 94 0.80 -0.01 3.02
CA ILE A 94 -0.32 -0.29 3.91
C ILE A 94 0.14 -0.67 5.29
N SER A 95 -0.55 -0.15 6.30
CA SER A 95 -0.20 -0.43 7.69
C SER A 95 -0.91 -1.68 8.19
N TRP A 96 -0.94 -2.72 7.35
CA TRP A 96 -1.60 -3.97 7.73
C TRP A 96 -1.62 -4.93 6.54
N SER A 97 -2.40 -6.00 6.66
CA SER A 97 -2.50 -6.99 5.58
C SER A 97 -3.81 -6.79 4.81
N PRO A 98 -3.79 -6.64 3.49
CA PRO A 98 -5.04 -6.47 2.71
C PRO A 98 -6.10 -7.50 3.07
N CYS A 99 -7.36 -7.20 2.74
CA CYS A 99 -8.45 -8.12 3.04
C CYS A 99 -8.42 -9.32 2.09
N PHE A 100 -9.51 -10.07 2.05
CA PHE A 100 -9.58 -11.24 1.18
C PHE A 100 -9.14 -10.90 -0.24
N SER A 101 -9.10 -11.93 -1.09
CA SER A 101 -8.70 -11.76 -2.48
C SER A 101 -9.84 -11.21 -3.32
N TRP A 102 -10.83 -12.05 -3.61
CA TRP A 102 -11.99 -11.64 -4.42
C TRP A 102 -12.41 -10.23 -4.05
N GLY A 103 -12.06 -9.81 -2.85
CA GLY A 103 -12.39 -8.47 -2.39
C GLY A 103 -11.35 -7.47 -2.84
N CYS A 104 -10.11 -7.65 -2.41
CA CYS A 104 -9.04 -6.74 -2.79
C CYS A 104 -8.20 -7.28 -3.95
N ALA A 105 -7.41 -8.32 -3.68
CA ALA A 105 -6.56 -8.91 -4.72
C ALA A 105 -7.33 -9.14 -6.00
N GLY A 106 -8.47 -9.81 -5.90
CA GLY A 106 -9.29 -10.10 -7.08
C GLY A 106 -9.35 -8.88 -8.01
N GLU A 107 -9.83 -7.76 -7.47
CA GLU A 107 -9.94 -6.54 -8.26
C GLU A 107 -8.56 -6.00 -8.62
N VAL A 108 -7.66 -5.98 -7.64
CA VAL A 108 -6.31 -5.47 -7.87
C VAL A 108 -5.64 -6.24 -9.01
N ARG A 109 -6.05 -7.48 -9.20
CA ARG A 109 -5.49 -8.31 -10.25
C ARG A 109 -5.97 -7.83 -11.62
N ALA A 110 -7.28 -7.89 -11.84
CA ALA A 110 -7.85 -7.45 -13.11
C ALA A 110 -7.23 -6.14 -13.54
N PHE A 111 -6.83 -5.32 -12.57
CA PHE A 111 -6.22 -4.02 -12.87
C PHE A 111 -4.84 -4.22 -13.48
N LEU A 112 -3.92 -4.80 -12.73
CA LEU A 112 -2.58 -5.03 -13.23
C LEU A 112 -2.65 -5.60 -14.64
N GLN A 113 -3.80 -6.18 -14.98
CA GLN A 113 -4.00 -6.74 -16.30
C GLN A 113 -4.58 -5.71 -17.27
N GLU A 114 -5.37 -4.78 -16.73
CA GLU A 114 -5.98 -3.74 -17.55
C GLU A 114 -4.92 -2.75 -18.04
N ASN A 115 -3.97 -2.47 -17.17
CA ASN A 115 -2.89 -1.53 -17.50
C ASN A 115 -1.54 -2.14 -17.19
N THR A 116 -1.00 -2.87 -18.17
CA THR A 116 0.30 -3.51 -18.00
C THR A 116 1.42 -2.47 -17.99
N HIS A 117 1.13 -1.30 -18.55
CA HIS A 117 2.11 -0.22 -18.60
C HIS A 117 2.50 0.20 -17.19
N VAL A 118 1.51 0.24 -16.30
CA VAL A 118 1.75 0.63 -14.91
C VAL A 118 1.79 -0.60 -14.02
N ARG A 119 2.89 -0.74 -13.29
CA ARG A 119 3.07 -1.87 -12.39
C ARG A 119 2.74 -1.44 -10.96
N LEU A 120 2.45 -2.42 -10.11
CA LEU A 120 2.09 -2.11 -8.73
C LEU A 120 2.89 -2.96 -7.73
N ARG A 121 3.60 -2.26 -6.85
CA ARG A 121 4.39 -2.93 -5.82
C ARG A 121 3.78 -2.67 -4.46
N ILE A 122 3.60 -3.73 -3.67
CA ILE A 122 2.99 -3.60 -2.36
C ILE A 122 3.97 -3.85 -1.23
N PHE A 123 3.61 -3.31 -0.09
CA PHE A 123 4.42 -3.46 1.11
C PHE A 123 3.55 -3.30 2.35
N ALA A 124 3.40 -4.39 3.11
CA ALA A 124 2.59 -4.35 4.33
C ALA A 124 3.47 -4.13 5.55
N ALA A 125 2.90 -3.53 6.58
CA ALA A 125 3.64 -3.28 7.81
C ALA A 125 3.36 -4.36 8.84
N ARG A 126 2.17 -4.94 8.77
CA ARG A 126 1.78 -5.99 9.69
C ARG A 126 0.92 -7.04 8.98
N ILE A 127 1.26 -8.31 9.18
CA ILE A 127 0.52 -9.40 8.55
C ILE A 127 -0.61 -9.87 9.46
N TYR A 128 -1.79 -10.09 8.88
CA TYR A 128 -2.94 -10.54 9.66
C TYR A 128 -2.78 -12.00 10.06
N ASP A 129 -2.36 -12.21 11.31
CA ASP A 129 -2.16 -13.57 11.81
C ASP A 129 -3.49 -14.13 12.33
N TYR A 130 -4.50 -13.27 12.39
CA TYR A 130 -5.82 -13.70 12.87
C TYR A 130 -6.70 -14.12 11.69
N ASP A 131 -6.25 -13.81 10.48
CA ASP A 131 -7.01 -14.16 9.27
C ASP A 131 -6.08 -14.78 8.23
N PRO A 132 -5.63 -15.98 8.47
CA PRO A 132 -4.72 -16.69 7.52
C PRO A 132 -5.22 -16.63 6.08
N LEU A 133 -6.44 -16.14 5.91
CA LEU A 133 -7.02 -16.03 4.57
C LEU A 133 -6.13 -15.16 3.67
N TYR A 134 -5.44 -14.21 4.28
CA TYR A 134 -4.56 -13.32 3.53
C TYR A 134 -3.49 -14.12 2.79
N LYS A 135 -3.21 -15.32 3.29
CA LYS A 135 -2.21 -16.17 2.65
C LYS A 135 -2.59 -16.50 1.22
N GLU A 136 -3.74 -17.14 1.05
CA GLU A 136 -4.21 -17.50 -0.28
C GLU A 136 -4.43 -16.24 -1.12
N ALA A 137 -4.83 -15.16 -0.46
CA ALA A 137 -5.07 -13.89 -1.15
C ALA A 137 -3.76 -13.31 -1.66
N LEU A 138 -2.70 -13.45 -0.88
CA LEU A 138 -1.40 -12.93 -1.26
C LEU A 138 -0.89 -13.63 -2.52
N GLN A 139 -0.68 -14.93 -2.42
CA GLN A 139 -0.19 -15.69 -3.56
C GLN A 139 -0.93 -15.30 -4.84
N MET A 140 -2.26 -15.26 -4.75
CA MET A 140 -3.07 -14.92 -5.90
C MET A 140 -2.87 -13.45 -6.29
N LEU A 141 -2.50 -12.62 -5.32
CA LEU A 141 -2.28 -11.20 -5.60
C LEU A 141 -1.05 -11.01 -6.47
N ARG A 142 0.11 -11.40 -5.96
CA ARG A 142 1.36 -11.27 -6.70
C ARG A 142 1.25 -11.95 -8.05
N ASP A 143 0.39 -12.97 -8.13
CA ASP A 143 0.20 -13.70 -9.37
C ASP A 143 -0.12 -12.74 -10.51
N ALA A 144 -0.82 -11.66 -10.19
CA ALA A 144 -1.18 -10.67 -11.19
C ALA A 144 0.06 -9.93 -11.70
N GLY A 145 1.17 -10.15 -11.01
CA GLY A 145 2.42 -9.49 -11.37
C GLY A 145 2.90 -8.58 -10.25
N ALA A 146 1.95 -8.17 -9.40
CA ALA A 146 2.29 -7.29 -8.28
C ALA A 146 3.34 -7.95 -7.40
N GLN A 147 4.00 -7.16 -6.56
CA GLN A 147 5.03 -7.70 -5.68
C GLN A 147 4.87 -7.17 -4.25
N VAL A 148 4.63 -8.09 -3.31
CA VAL A 148 4.47 -7.70 -1.91
C VAL A 148 5.72 -8.02 -1.11
N SER A 149 6.03 -7.15 -0.15
CA SER A 149 7.21 -7.35 0.69
C SER A 149 6.98 -6.72 2.07
N ILE A 150 7.96 -6.88 2.95
CA ILE A 150 7.85 -6.33 4.30
C ILE A 150 8.56 -4.98 4.38
N MET A 151 7.84 -3.97 4.86
CA MET A 151 8.41 -2.64 5.00
C MET A 151 9.74 -2.70 5.76
N THR A 152 10.80 -2.22 5.13
CA THR A 152 12.12 -2.23 5.75
C THR A 152 12.40 -0.88 6.42
N TYR A 153 13.54 -0.80 7.10
CA TYR A 153 13.92 0.43 7.79
C TYR A 153 14.00 1.58 6.79
N ASP A 154 14.75 1.39 5.71
CA ASP A 154 14.89 2.42 4.70
C ASP A 154 13.55 2.75 4.07
N GLU A 155 12.78 1.71 3.75
CA GLU A 155 11.48 1.90 3.14
C GLU A 155 10.61 2.81 4.01
N PHE A 156 10.80 2.73 5.32
CA PHE A 156 10.03 3.54 6.25
C PHE A 156 10.47 5.00 6.17
N GLU A 157 11.77 5.20 6.02
CA GLU A 157 12.32 6.56 5.93
C GLU A 157 11.82 7.27 4.69
N TYR A 158 11.89 6.59 3.55
CA TYR A 158 11.45 7.17 2.29
C TYR A 158 9.95 7.47 2.32
N CYS A 159 9.19 6.62 3.01
CA CYS A 159 7.75 6.81 3.11
C CYS A 159 7.42 7.95 4.05
N TRP A 160 8.15 8.02 5.16
CA TRP A 160 7.94 9.07 6.15
C TRP A 160 8.28 10.43 5.57
N ASP A 161 9.37 10.51 4.83
CA ASP A 161 9.80 11.77 4.24
C ASP A 161 9.00 12.08 2.98
N THR A 162 8.40 11.05 2.40
CA THR A 162 7.61 11.23 1.18
C THR A 162 6.19 11.68 1.49
N PHE A 163 5.45 10.83 2.20
CA PHE A 163 4.07 11.14 2.56
C PHE A 163 3.99 12.20 3.65
N VAL A 164 5.07 12.35 4.41
CA VAL A 164 5.09 13.33 5.50
C VAL A 164 6.42 14.07 5.52
N TYR A 165 6.54 15.12 4.71
CA TYR A 165 7.77 15.89 4.66
C TYR A 165 7.69 17.08 5.62
N ARG A 166 8.66 17.15 6.53
CA ARG A 166 8.71 18.24 7.51
C ARG A 166 10.14 18.81 7.59
N GLN A 167 10.63 19.30 6.45
CA GLN A 167 11.98 19.85 6.40
C GLN A 167 13.03 18.76 6.52
N GLY A 168 12.74 17.60 5.94
CA GLY A 168 13.68 16.48 5.98
C GLY A 168 13.92 15.99 7.40
N CYS A 169 12.98 16.26 8.30
CA CYS A 169 13.11 15.82 9.69
C CYS A 169 13.39 14.32 9.74
N PRO A 170 14.02 13.84 10.79
CA PRO A 170 14.33 12.39 10.94
C PRO A 170 13.08 11.56 11.24
N PHE A 171 13.16 10.26 10.96
CA PHE A 171 12.04 9.37 11.20
C PHE A 171 12.26 8.57 12.48
N GLN A 172 11.16 8.23 13.14
CA GLN A 172 11.24 7.46 14.38
C GLN A 172 10.73 6.03 14.17
N PRO A 173 11.61 5.08 13.89
CA PRO A 173 11.19 3.67 13.66
C PRO A 173 11.00 2.91 14.97
N TRP A 174 10.50 3.61 15.99
CA TRP A 174 10.28 3.02 17.30
C TRP A 174 11.38 2.00 17.63
N ASP A 175 11.14 0.74 17.27
CA ASP A 175 12.11 -0.31 17.52
C ASP A 175 11.47 -1.68 17.28
N GLY A 176 10.15 -1.73 17.38
CA GLY A 176 9.43 -2.97 17.18
C GLY A 176 9.30 -3.32 15.71
N LEU A 177 9.32 -2.31 14.83
CA LEU A 177 9.21 -2.57 13.41
C LEU A 177 10.46 -3.25 12.88
N GLU A 178 11.58 -3.00 13.54
CA GLU A 178 12.84 -3.60 13.12
C GLU A 178 12.83 -5.11 13.39
N GLU A 179 12.63 -5.48 14.66
CA GLU A 179 12.59 -6.89 15.02
C GLU A 179 11.52 -7.61 14.22
N HIS A 180 10.45 -6.90 13.88
CA HIS A 180 9.36 -7.48 13.10
C HIS A 180 9.75 -7.57 11.63
N SER A 181 10.43 -6.55 11.13
CA SER A 181 10.84 -6.53 9.74
C SER A 181 11.58 -7.81 9.38
N GLN A 182 12.46 -8.26 10.28
CA GLN A 182 13.22 -9.48 10.04
C GLN A 182 12.32 -10.71 10.19
N ALA A 183 11.60 -10.78 11.30
CA ALA A 183 10.70 -11.90 11.55
C ALA A 183 9.73 -12.08 10.39
N LEU A 184 8.91 -11.07 10.14
CA LEU A 184 7.94 -11.13 9.06
C LEU A 184 8.62 -11.55 7.75
N SER A 185 9.77 -10.96 7.46
CA SER A 185 10.49 -11.30 6.24
C SER A 185 10.52 -12.82 6.05
N GLY A 186 10.93 -13.53 7.10
CA GLY A 186 11.00 -14.98 7.04
C GLY A 186 9.64 -15.58 6.71
N ARG A 187 8.60 -15.09 7.38
CA ARG A 187 7.25 -15.58 7.15
C ARG A 187 6.88 -15.44 5.68
N LEU A 188 6.82 -14.21 5.20
CA LEU A 188 6.47 -13.96 3.80
C LEU A 188 7.27 -14.89 2.89
N ARG A 189 8.59 -14.80 2.99
CA ARG A 189 9.47 -15.64 2.17
C ARG A 189 8.91 -17.05 2.10
N ALA A 190 8.31 -17.50 3.20
CA ALA A 190 7.74 -18.84 3.26
C ALA A 190 6.40 -18.88 2.52
N ILE A 191 5.65 -17.79 2.62
CA ILE A 191 4.35 -17.70 1.96
C ILE A 191 4.53 -17.86 0.45
N LEU A 192 5.61 -17.30 -0.08
CA LEU A 192 5.88 -17.39 -1.52
C LEU A 192 6.18 -18.81 -1.92
N GLN A 193 6.63 -19.59 -0.96
CA GLN A 193 6.96 -20.99 -1.20
C GLN A 193 5.91 -21.91 -0.59
N ASN A 194 4.65 -21.49 -0.67
CA ASN A 194 3.56 -22.28 -0.12
C ASN A 194 2.29 -22.11 -0.96
N GLN A 195 2.15 -22.93 -1.99
CA GLN A 195 0.98 -22.85 -2.86
C GLN A 195 -0.22 -23.51 -2.20
N GLY A 196 -1.31 -23.66 -2.96
CA GLY A 196 -2.52 -24.27 -2.44
C GLY A 196 -3.74 -23.84 -3.24
N ASN A 197 -4.42 -24.80 -3.85
CA ASN A 197 -5.61 -24.51 -4.64
C ASN A 197 -6.74 -24.02 -3.76
ZN ZN B . -10.71 -5.55 0.31
N MET A 1 -1.13 26.36 -3.70
CA MET A 1 -0.91 25.74 -5.03
C MET A 1 -0.96 24.22 -4.89
N GLU A 2 -0.29 23.53 -5.81
CA GLU A 2 -0.25 22.07 -5.78
C GLU A 2 -1.67 21.50 -5.81
N ILE A 3 -1.99 20.78 -6.89
CA ILE A 3 -3.30 20.17 -7.03
C ILE A 3 -3.28 18.73 -6.56
N LEU A 4 -4.40 18.03 -6.75
CA LEU A 4 -4.50 16.63 -6.34
C LEU A 4 -4.18 16.48 -4.86
N ARG A 5 -4.10 15.24 -4.40
CA ARG A 5 -3.81 14.96 -3.00
C ARG A 5 -2.74 15.90 -2.48
N TYR A 6 -2.64 15.93 -1.18
CA TYR A 6 -1.67 16.76 -0.49
C TYR A 6 -0.78 15.90 0.40
N LEU A 7 -0.43 16.46 1.55
CA LEU A 7 0.42 15.77 2.51
C LEU A 7 -0.33 15.47 3.80
N MET A 8 -0.39 14.20 4.15
CA MET A 8 -1.07 13.79 5.38
C MET A 8 -0.32 14.29 6.59
N ASP A 9 -1.06 14.62 7.64
CA ASP A 9 -0.45 15.13 8.86
C ASP A 9 0.35 14.02 9.57
N PRO A 10 1.41 14.37 10.24
CA PRO A 10 2.26 13.37 10.96
C PRO A 10 1.49 12.67 12.08
N ASP A 11 0.92 13.46 12.97
CA ASP A 11 0.16 12.91 14.09
C ASP A 11 -0.79 11.82 13.62
N THR A 12 -1.50 12.09 12.53
CA THR A 12 -2.44 11.12 11.99
C THR A 12 -1.69 9.97 11.31
N PHE A 13 -0.53 10.28 10.74
CA PHE A 13 0.26 9.27 10.06
C PHE A 13 0.75 8.21 11.04
N THR A 14 1.53 8.64 12.04
CA THR A 14 2.06 7.72 13.04
C THR A 14 0.92 6.99 13.74
N PHE A 15 -0.19 7.69 13.95
CA PHE A 15 -1.34 7.09 14.62
C PHE A 15 -1.95 5.99 13.76
N ASN A 16 -2.07 6.26 12.46
CA ASN A 16 -2.64 5.30 11.54
C ASN A 16 -1.67 4.15 11.30
N PHE A 17 -0.38 4.47 11.24
CA PHE A 17 0.65 3.46 11.01
C PHE A 17 1.00 2.75 12.32
N ASN A 18 0.44 3.24 13.42
CA ASN A 18 0.69 2.64 14.72
C ASN A 18 0.44 1.14 14.69
N ASN A 19 -0.14 0.68 13.59
CA ASN A 19 -0.45 -0.74 13.42
C ASN A 19 -1.29 -1.24 14.59
N ASP A 20 -0.63 -1.91 15.55
CA ASP A 20 -1.33 -2.44 16.71
C ASP A 20 -2.46 -3.37 16.27
N PRO A 21 -2.90 -4.24 17.15
CA PRO A 21 -4.00 -5.21 16.84
C PRO A 21 -5.34 -4.51 16.58
N LEU A 22 -5.75 -3.68 17.53
CA LEU A 22 -7.02 -2.96 17.40
C LEU A 22 -8.15 -3.94 17.06
N VAL A 23 -9.36 -3.41 16.93
CA VAL A 23 -10.51 -4.23 16.61
C VAL A 23 -10.21 -5.13 15.42
N LEU A 24 -10.77 -6.34 15.42
CA LEU A 24 -10.56 -7.28 14.34
C LEU A 24 -10.63 -6.57 12.99
N ARG A 25 -9.70 -6.91 12.10
CA ARG A 25 -9.67 -6.29 10.78
C ARG A 25 -9.93 -4.79 10.89
N ARG A 26 -8.87 -4.02 11.04
CA ARG A 26 -9.00 -2.57 11.17
C ARG A 26 -10.03 -2.04 10.17
N ARG A 27 -11.28 -1.91 10.63
CA ARG A 27 -12.35 -1.41 9.78
C ARG A 27 -11.86 -0.25 8.92
N GLN A 28 -11.10 0.66 9.54
CA GLN A 28 -10.58 1.81 8.81
C GLN A 28 -9.14 1.56 8.39
N THR A 29 -8.97 0.99 7.19
CA THR A 29 -7.64 0.71 6.68
C THR A 29 -7.03 1.97 6.06
N TYR A 30 -5.71 1.98 5.89
CA TYR A 30 -5.03 3.12 5.32
C TYR A 30 -3.83 2.67 4.49
N LEU A 31 -3.80 3.14 3.24
CA LEU A 31 -2.72 2.80 2.33
C LEU A 31 -2.19 4.04 1.63
N CYS A 32 -0.88 4.12 1.52
CA CYS A 32 -0.22 5.25 0.88
C CYS A 32 0.21 4.86 -0.53
N TYR A 33 -0.30 5.56 -1.53
CA TYR A 33 0.03 5.25 -2.92
C TYR A 33 0.85 6.34 -3.57
N GLU A 34 1.80 5.93 -4.40
CA GLU A 34 2.65 6.88 -5.11
C GLU A 34 2.79 6.43 -6.56
N VAL A 35 3.29 7.33 -7.42
CA VAL A 35 3.47 7.01 -8.83
C VAL A 35 4.90 7.32 -9.26
N GLU A 36 5.51 6.37 -9.96
CA GLU A 36 6.89 6.54 -10.42
C GLU A 36 6.97 6.44 -11.94
N ARG A 37 7.76 7.33 -12.54
CA ARG A 37 7.95 7.33 -13.98
C ARG A 37 9.41 7.02 -14.28
N LEU A 38 9.65 5.89 -14.92
CA LEU A 38 11.02 5.51 -15.23
C LEU A 38 11.67 6.49 -16.18
N ASP A 39 12.44 7.41 -15.62
CA ASP A 39 13.14 8.42 -16.43
C ASP A 39 14.65 8.28 -16.25
N ASN A 40 15.39 8.55 -17.33
CA ASN A 40 16.85 8.46 -17.29
C ASN A 40 17.31 7.07 -16.85
N GLY A 41 16.46 6.07 -17.04
CA GLY A 41 16.80 4.71 -16.67
C GLY A 41 16.66 4.49 -15.16
N THR A 42 16.00 5.43 -14.49
CA THR A 42 15.79 5.33 -13.06
C THR A 42 14.38 5.75 -12.72
N TRP A 43 13.88 5.25 -11.60
CA TRP A 43 12.53 5.59 -11.18
C TRP A 43 12.50 6.99 -10.58
N VAL A 44 11.51 7.78 -10.98
CA VAL A 44 11.38 9.15 -10.48
C VAL A 44 10.01 9.35 -9.81
N LEU A 45 10.02 9.92 -8.61
CA LEU A 45 8.78 10.16 -7.89
C LEU A 45 8.09 11.40 -8.42
N MET A 46 6.78 11.28 -8.69
CA MET A 46 6.00 12.40 -9.19
C MET A 46 4.92 12.78 -8.19
N ASP A 47 5.06 13.95 -7.57
CA ASP A 47 4.10 14.41 -6.58
C ASP A 47 2.77 14.77 -7.24
N GLN A 48 2.83 15.12 -8.53
CA GLN A 48 1.63 15.49 -9.26
C GLN A 48 0.76 14.27 -9.55
N HIS A 49 1.17 13.12 -9.03
CA HIS A 49 0.42 11.88 -9.24
C HIS A 49 0.53 10.99 -8.01
N MET A 50 0.93 11.57 -6.89
CA MET A 50 1.08 10.82 -5.65
C MET A 50 0.03 11.27 -4.64
N GLY A 51 -0.10 10.52 -3.55
CA GLY A 51 -1.08 10.86 -2.52
C GLY A 51 -1.45 9.63 -1.70
N PHE A 52 -2.19 9.84 -0.61
CA PHE A 52 -2.61 8.74 0.25
C PHE A 52 -4.11 8.54 0.16
N LEU A 53 -4.54 7.29 0.33
CA LEU A 53 -5.97 6.95 0.27
C LEU A 53 -6.43 6.37 1.60
N CYS A 54 -7.59 6.85 2.07
CA CYS A 54 -8.14 6.36 3.32
C CYS A 54 -9.10 5.20 3.08
N ASN A 55 -9.74 4.74 4.14
CA ASN A 55 -10.68 3.63 4.02
C ASN A 55 -11.95 4.08 3.32
N GLU A 56 -12.70 4.96 3.96
CA GLU A 56 -13.94 5.47 3.38
C GLU A 56 -13.65 6.35 2.17
N ALA A 57 -14.54 6.30 1.18
CA ALA A 57 -14.37 7.09 -0.03
C ALA A 57 -15.22 8.36 0.03
N LYS A 58 -15.72 8.78 -1.12
CA LYS A 58 -16.55 9.98 -1.18
C LYS A 58 -17.69 9.90 -0.17
N ASN A 59 -18.61 8.98 -0.39
CA ASN A 59 -19.75 8.80 0.52
C ASN A 59 -20.37 7.43 0.34
N LEU A 60 -21.16 7.02 1.33
CA LEU A 60 -21.82 5.71 1.27
C LEU A 60 -23.10 5.79 0.45
N LEU A 61 -24.04 6.63 0.89
CA LEU A 61 -25.30 6.78 0.18
C LEU A 61 -25.06 7.03 -1.30
N CYS A 62 -23.81 7.30 -1.65
CA CYS A 62 -23.45 7.56 -3.05
C CYS A 62 -23.54 6.27 -3.86
N GLY A 63 -23.82 5.17 -3.19
CA GLY A 63 -23.92 3.87 -3.85
C GLY A 63 -22.63 3.07 -3.70
N PHE A 64 -21.79 3.51 -2.77
CA PHE A 64 -20.52 2.81 -2.52
C PHE A 64 -20.65 1.87 -1.33
N TYR A 65 -20.32 0.60 -1.55
CA TYR A 65 -20.38 -0.40 -0.49
C TYR A 65 -19.01 -0.68 0.08
N GLY A 66 -18.95 -0.95 1.38
CA GLY A 66 -17.67 -1.23 2.03
C GLY A 66 -16.77 -0.01 2.03
N ARG A 67 -15.58 -0.15 2.59
CA ARG A 67 -14.63 0.95 2.64
C ARG A 67 -13.18 0.42 2.61
N HIS A 68 -12.60 0.42 1.41
CA HIS A 68 -11.23 -0.06 1.25
C HIS A 68 -10.42 0.93 0.42
N ALA A 69 -9.15 1.11 0.80
CA ALA A 69 -8.27 2.03 0.09
C ALA A 69 -7.73 1.38 -1.17
N GLU A 70 -7.79 0.05 -1.21
CA GLU A 70 -7.30 -0.69 -2.37
C GLU A 70 -8.23 -0.47 -3.56
N LEU A 71 -9.53 -0.55 -3.32
CA LEU A 71 -10.49 -0.34 -4.39
C LEU A 71 -10.54 1.14 -4.74
N ARG A 72 -10.61 1.98 -3.72
CA ARG A 72 -10.62 3.42 -3.94
C ARG A 72 -9.48 3.80 -4.87
N PHE A 73 -8.37 3.08 -4.74
CA PHE A 73 -7.23 3.34 -5.60
C PHE A 73 -7.59 3.04 -7.04
N LEU A 74 -8.15 1.86 -7.27
CA LEU A 74 -8.53 1.46 -8.62
C LEU A 74 -9.43 2.53 -9.25
N ASP A 75 -10.02 3.36 -8.40
CA ASP A 75 -10.86 4.45 -8.87
C ASP A 75 -10.04 5.73 -9.07
N LEU A 76 -8.86 5.76 -8.45
CA LEU A 76 -7.97 6.92 -8.53
C LEU A 76 -6.99 6.81 -9.71
N VAL A 77 -6.72 5.60 -10.16
CA VAL A 77 -5.78 5.41 -11.27
C VAL A 77 -6.15 6.28 -12.48
N PRO A 78 -7.41 6.33 -12.86
CA PRO A 78 -7.84 7.18 -14.01
C PRO A 78 -7.44 8.64 -13.81
N SER A 79 -7.40 9.06 -12.54
CA SER A 79 -7.03 10.44 -12.22
C SER A 79 -5.57 10.70 -12.57
N LEU A 80 -4.79 9.63 -12.66
CA LEU A 80 -3.37 9.76 -13.00
C LEU A 80 -3.19 9.90 -14.50
N GLN A 81 -4.23 9.54 -15.24
CA GLN A 81 -4.21 9.62 -16.69
C GLN A 81 -2.99 8.89 -17.27
N LEU A 82 -2.72 7.69 -16.76
CA LEU A 82 -1.59 6.91 -17.25
C LEU A 82 -1.66 6.75 -18.77
N ASP A 83 -0.63 6.12 -19.34
CA ASP A 83 -0.60 5.91 -20.79
C ASP A 83 0.45 4.85 -21.15
N PRO A 84 0.28 4.15 -22.25
CA PRO A 84 1.24 3.10 -22.68
C PRO A 84 2.50 3.70 -23.29
N ALA A 85 2.49 5.01 -23.43
CA ALA A 85 3.62 5.73 -24.00
C ALA A 85 4.91 5.35 -23.28
N GLN A 86 4.88 5.44 -21.95
CA GLN A 86 6.06 5.13 -21.14
C GLN A 86 5.76 3.96 -20.20
N ILE A 87 6.54 3.89 -19.13
CA ILE A 87 6.36 2.83 -18.13
C ILE A 87 6.27 3.43 -16.73
N TYR A 88 5.18 3.11 -16.03
CA TYR A 88 4.96 3.63 -14.69
C TYR A 88 5.01 2.49 -13.66
N ARG A 89 5.12 2.88 -12.40
CA ARG A 89 5.18 1.92 -11.30
C ARG A 89 4.73 2.56 -10.01
N VAL A 90 3.60 2.12 -9.48
CA VAL A 90 3.07 2.68 -8.25
C VAL A 90 3.44 1.82 -7.04
N THR A 91 3.69 2.46 -5.91
CA THR A 91 4.05 1.73 -4.69
C THR A 91 2.93 1.84 -3.67
N TRP A 92 2.59 0.72 -3.06
CA TRP A 92 1.53 0.69 -2.05
C TRP A 92 2.12 0.45 -0.67
N PHE A 93 1.84 1.35 0.25
CA PHE A 93 2.32 1.21 1.62
C PHE A 93 1.13 1.16 2.57
N ILE A 94 0.83 -0.05 3.03
CA ILE A 94 -0.31 -0.25 3.93
C ILE A 94 0.13 -0.66 5.32
N SER A 95 -0.63 -0.20 6.32
CA SER A 95 -0.30 -0.50 7.71
C SER A 95 -1.00 -1.77 8.19
N TRP A 96 -1.03 -2.80 7.34
CA TRP A 96 -1.68 -4.06 7.70
C TRP A 96 -1.79 -4.98 6.50
N SER A 97 -2.47 -6.11 6.68
CA SER A 97 -2.66 -7.08 5.60
C SER A 97 -4.00 -6.83 4.89
N PRO A 98 -4.01 -6.43 3.63
CA PRO A 98 -5.29 -6.18 2.90
C PRO A 98 -6.28 -7.33 3.06
N CYS A 99 -7.52 -7.10 2.65
CA CYS A 99 -8.57 -8.12 2.75
C CYS A 99 -8.18 -9.37 1.96
N PHE A 100 -9.18 -10.05 1.40
CA PHE A 100 -8.94 -11.25 0.63
C PHE A 100 -9.34 -11.04 -0.84
N SER A 101 -8.87 -11.94 -1.70
CA SER A 101 -9.16 -11.86 -3.13
C SER A 101 -10.60 -11.43 -3.36
N TRP A 102 -11.54 -12.32 -3.05
CA TRP A 102 -12.96 -12.03 -3.25
C TRP A 102 -13.28 -10.61 -2.76
N GLY A 103 -12.40 -10.05 -1.95
CA GLY A 103 -12.60 -8.71 -1.43
C GLY A 103 -11.83 -7.67 -2.23
N CYS A 104 -10.59 -7.38 -1.79
CA CYS A 104 -9.77 -6.40 -2.48
C CYS A 104 -8.75 -7.05 -3.42
N ALA A 105 -7.90 -7.90 -2.85
CA ALA A 105 -6.87 -8.57 -3.65
C ALA A 105 -7.42 -9.01 -5.00
N GLY A 106 -8.72 -9.28 -5.06
CA GLY A 106 -9.34 -9.71 -6.30
C GLY A 106 -9.43 -8.55 -7.28
N GLU A 107 -9.86 -7.40 -6.77
CA GLU A 107 -9.98 -6.21 -7.61
C GLU A 107 -8.60 -5.73 -8.05
N VAL A 108 -7.64 -5.76 -7.14
CA VAL A 108 -6.28 -5.32 -7.44
C VAL A 108 -5.70 -6.17 -8.56
N ARG A 109 -6.06 -7.45 -8.58
CA ARG A 109 -5.57 -8.36 -9.61
C ARG A 109 -6.06 -7.92 -10.99
N ALA A 110 -7.37 -7.86 -11.15
CA ALA A 110 -7.96 -7.45 -12.42
C ALA A 110 -7.29 -6.18 -12.94
N PHE A 111 -6.95 -5.28 -12.01
CA PHE A 111 -6.31 -4.03 -12.38
C PHE A 111 -4.94 -4.30 -13.00
N LEU A 112 -4.05 -4.88 -12.21
CA LEU A 112 -2.71 -5.19 -12.70
C LEU A 112 -2.80 -5.79 -14.09
N GLN A 113 -3.97 -6.34 -14.42
CA GLN A 113 -4.18 -6.95 -15.72
C GLN A 113 -4.76 -5.94 -16.71
N GLU A 114 -5.56 -5.00 -16.19
CA GLU A 114 -6.16 -3.97 -17.04
C GLU A 114 -5.09 -3.01 -17.55
N ASN A 115 -4.13 -2.71 -16.70
CA ASN A 115 -3.04 -1.80 -17.05
C ASN A 115 -1.69 -2.43 -16.77
N THR A 116 -1.12 -3.08 -17.78
CA THR A 116 0.19 -3.72 -17.63
C THR A 116 1.29 -2.69 -17.76
N HIS A 117 0.97 -1.56 -18.38
CA HIS A 117 1.96 -0.50 -18.57
C HIS A 117 2.44 0.03 -17.22
N VAL A 118 1.57 -0.06 -16.22
CA VAL A 118 1.89 0.39 -14.88
C VAL A 118 2.04 -0.79 -13.94
N ARG A 119 3.15 -0.83 -13.23
CA ARG A 119 3.41 -1.90 -12.28
C ARG A 119 2.99 -1.48 -10.87
N LEU A 120 2.75 -2.45 -10.01
CA LEU A 120 2.33 -2.13 -8.64
C LEU A 120 3.07 -3.02 -7.64
N ARG A 121 3.76 -2.38 -6.71
CA ARG A 121 4.49 -3.09 -5.67
C ARG A 121 3.87 -2.81 -4.32
N ILE A 122 3.61 -3.85 -3.55
CA ILE A 122 2.98 -3.70 -2.25
C ILE A 122 3.93 -3.99 -1.10
N PHE A 123 3.60 -3.41 0.03
CA PHE A 123 4.37 -3.58 1.24
C PHE A 123 3.49 -3.36 2.46
N ALA A 124 3.25 -4.43 3.22
CA ALA A 124 2.41 -4.34 4.41
C ALA A 124 3.28 -4.20 5.66
N ALA A 125 2.74 -3.57 6.69
CA ALA A 125 3.47 -3.38 7.94
C ALA A 125 3.50 -4.68 8.74
N ARG A 126 2.43 -5.45 8.64
CA ARG A 126 2.35 -6.71 9.37
C ARG A 126 1.23 -7.59 8.79
N ILE A 127 1.43 -8.90 8.85
CA ILE A 127 0.43 -9.84 8.34
C ILE A 127 -0.64 -10.10 9.39
N TYR A 128 -1.89 -10.16 8.95
CA TYR A 128 -2.99 -10.41 9.86
C TYR A 128 -3.00 -11.87 10.32
N ASP A 129 -2.78 -12.07 11.62
CA ASP A 129 -2.75 -13.42 12.17
C ASP A 129 -4.17 -13.95 12.38
N TYR A 130 -5.04 -13.10 12.91
CA TYR A 130 -6.42 -13.49 13.14
C TYR A 130 -7.11 -13.85 11.83
N ASP A 131 -6.51 -13.44 10.72
CA ASP A 131 -7.07 -13.72 9.40
C ASP A 131 -5.96 -14.19 8.45
N PRO A 132 -5.56 -15.44 8.54
CA PRO A 132 -4.49 -15.99 7.68
C PRO A 132 -5.00 -16.35 6.28
N LEU A 133 -6.02 -15.61 5.84
CA LEU A 133 -6.59 -15.85 4.51
C LEU A 133 -5.81 -15.07 3.46
N TYR A 134 -5.16 -14.00 3.89
CA TYR A 134 -4.38 -13.16 2.98
C TYR A 134 -3.36 -14.01 2.24
N LYS A 135 -3.03 -15.17 2.79
CA LYS A 135 -2.06 -16.06 2.17
C LYS A 135 -2.50 -16.43 0.76
N GLU A 136 -3.67 -17.06 0.66
CA GLU A 136 -4.19 -17.46 -0.64
C GLU A 136 -4.42 -16.23 -1.51
N ALA A 137 -4.86 -15.15 -0.89
CA ALA A 137 -5.11 -13.90 -1.61
C ALA A 137 -3.81 -13.37 -2.20
N LEU A 138 -2.71 -13.57 -1.49
CA LEU A 138 -1.41 -13.11 -1.95
C LEU A 138 -1.03 -13.80 -3.24
N GLN A 139 -0.89 -15.13 -3.19
CA GLN A 139 -0.53 -15.90 -4.38
C GLN A 139 -1.31 -15.40 -5.58
N MET A 140 -2.62 -15.23 -5.41
CA MET A 140 -3.48 -14.77 -6.49
C MET A 140 -3.20 -13.31 -6.82
N LEU A 141 -2.65 -12.58 -5.85
CA LEU A 141 -2.34 -11.17 -6.04
C LEU A 141 -1.13 -11.01 -6.96
N ARG A 142 0.02 -11.52 -6.52
CA ARG A 142 1.24 -11.43 -7.30
C ARG A 142 1.04 -12.06 -8.67
N ASP A 143 0.11 -13.01 -8.75
CA ASP A 143 -0.17 -13.69 -10.01
C ASP A 143 -0.50 -12.67 -11.10
N ALA A 144 -0.98 -11.51 -10.68
CA ALA A 144 -1.33 -10.45 -11.62
C ALA A 144 -0.07 -9.73 -12.10
N GLY A 145 1.04 -9.97 -11.40
CA GLY A 145 2.32 -9.34 -11.76
C GLY A 145 2.81 -8.45 -10.63
N ALA A 146 1.93 -8.16 -9.67
CA ALA A 146 2.30 -7.32 -8.54
C ALA A 146 3.32 -8.03 -7.64
N GLN A 147 3.97 -7.26 -6.77
CA GLN A 147 4.95 -7.83 -5.86
C GLN A 147 4.76 -7.32 -4.44
N VAL A 148 4.45 -8.22 -3.52
CA VAL A 148 4.25 -7.84 -2.12
C VAL A 148 5.42 -8.30 -1.26
N SER A 149 5.69 -7.56 -0.19
CA SER A 149 6.79 -7.91 0.70
C SER A 149 6.64 -7.18 2.05
N ILE A 150 7.58 -7.45 2.96
CA ILE A 150 7.53 -6.81 4.26
C ILE A 150 8.13 -5.41 4.19
N MET A 151 7.51 -4.47 4.90
CA MET A 151 8.01 -3.10 4.91
C MET A 151 9.32 -3.00 5.69
N THR A 152 10.32 -2.36 5.08
CA THR A 152 11.62 -2.22 5.73
C THR A 152 11.81 -0.80 6.24
N TYR A 153 12.81 -0.61 7.09
CA TYR A 153 13.10 0.71 7.64
C TYR A 153 13.29 1.72 6.52
N ASP A 154 14.22 1.45 5.62
CA ASP A 154 14.49 2.34 4.50
C ASP A 154 13.18 2.70 3.80
N GLU A 155 12.35 1.70 3.56
CA GLU A 155 11.07 1.92 2.89
C GLU A 155 10.19 2.85 3.73
N PHE A 156 10.15 2.58 5.04
CA PHE A 156 9.35 3.39 5.95
C PHE A 156 9.82 4.84 5.93
N GLU A 157 11.13 5.02 5.81
CA GLU A 157 11.70 6.36 5.80
C GLU A 157 11.39 7.07 4.48
N TYR A 158 11.59 6.37 3.37
CA TYR A 158 11.33 6.95 2.06
C TYR A 158 9.93 7.54 1.99
N CYS A 159 8.93 6.75 2.36
CA CYS A 159 7.55 7.21 2.32
C CYS A 159 7.35 8.33 3.34
N TRP A 160 7.70 8.05 4.59
CA TRP A 160 7.57 9.02 5.66
C TRP A 160 8.08 10.38 5.20
N ASP A 161 9.18 10.37 4.46
CA ASP A 161 9.75 11.62 3.97
C ASP A 161 8.86 12.23 2.89
N THR A 162 8.20 11.37 2.11
CA THR A 162 7.33 11.86 1.03
C THR A 162 5.92 12.19 1.53
N PHE A 163 5.25 11.19 2.11
CA PHE A 163 3.89 11.36 2.59
C PHE A 163 3.82 12.24 3.84
N VAL A 164 4.96 12.57 4.42
CA VAL A 164 4.97 13.40 5.62
C VAL A 164 6.20 14.31 5.63
N TYR A 165 5.96 15.62 5.49
CA TYR A 165 7.06 16.58 5.50
C TYR A 165 7.18 17.23 6.87
N ARG A 166 8.35 17.12 7.47
CA ARG A 166 8.59 17.69 8.79
C ARG A 166 10.09 17.96 8.98
N GLN A 167 10.55 19.07 8.41
CA GLN A 167 11.96 19.45 8.52
C GLN A 167 12.86 18.25 8.23
N GLY A 168 12.42 17.37 7.33
CA GLY A 168 13.21 16.19 6.98
C GLY A 168 13.54 15.37 8.22
N CYS A 169 12.65 15.44 9.22
CA CYS A 169 12.86 14.70 10.46
C CYS A 169 12.33 13.26 10.35
N PRO A 170 13.18 12.25 10.38
CA PRO A 170 12.71 10.83 10.28
C PRO A 170 11.53 10.56 11.21
N PHE A 171 10.95 9.37 11.08
CA PHE A 171 9.81 8.99 11.90
C PHE A 171 10.22 7.99 12.97
N GLN A 172 9.97 8.35 14.21
CA GLN A 172 10.32 7.50 15.35
C GLN A 172 10.02 6.03 15.04
N PRO A 173 11.01 5.22 14.72
CA PRO A 173 10.79 3.79 14.40
C PRO A 173 10.76 2.93 15.66
N TRP A 174 10.06 3.42 16.69
CA TRP A 174 9.94 2.74 17.97
C TRP A 174 11.19 1.94 18.29
N ASP A 175 11.25 0.71 17.77
CA ASP A 175 12.39 -0.18 17.99
C ASP A 175 11.98 -1.63 17.77
N GLY A 176 10.68 -1.88 17.79
CA GLY A 176 10.17 -3.23 17.60
C GLY A 176 9.94 -3.55 16.13
N LEU A 177 9.76 -2.52 15.30
CA LEU A 177 9.52 -2.76 13.88
C LEU A 177 10.73 -3.42 13.24
N GLU A 178 11.93 -3.03 13.66
CA GLU A 178 13.14 -3.61 13.09
C GLU A 178 13.18 -5.12 13.35
N GLU A 179 13.12 -5.50 14.61
CA GLU A 179 13.15 -6.91 14.96
C GLU A 179 12.09 -7.67 14.18
N HIS A 180 10.84 -7.25 14.34
CA HIS A 180 9.74 -7.88 13.64
C HIS A 180 10.02 -7.92 12.14
N SER A 181 10.94 -7.06 11.69
CA SER A 181 11.27 -7.02 10.26
C SER A 181 11.96 -8.31 9.84
N GLN A 182 13.11 -8.59 10.44
CA GLN A 182 13.85 -9.80 10.11
C GLN A 182 12.92 -11.02 10.18
N ALA A 183 12.15 -11.10 11.26
CA ALA A 183 11.23 -12.21 11.45
C ALA A 183 10.25 -12.32 10.29
N LEU A 184 9.45 -11.27 10.08
CA LEU A 184 8.47 -11.26 9.00
C LEU A 184 9.15 -11.59 7.68
N SER A 185 10.14 -10.80 7.30
CA SER A 185 10.84 -11.03 6.04
C SER A 185 11.18 -12.51 5.87
N GLY A 186 11.42 -13.19 6.98
CA GLY A 186 11.76 -14.61 6.93
C GLY A 186 10.58 -15.45 6.43
N ARG A 187 9.46 -15.39 7.15
CA ARG A 187 8.28 -16.16 6.75
C ARG A 187 7.62 -15.53 5.54
N LEU A 188 7.34 -14.23 5.61
CA LEU A 188 6.71 -13.52 4.50
C LEU A 188 7.31 -13.98 3.17
N ARG A 189 8.62 -13.84 3.04
CA ARG A 189 9.30 -14.25 1.81
C ARG A 189 9.06 -15.73 1.55
N ALA A 190 9.16 -16.53 2.61
CA ALA A 190 8.96 -17.97 2.50
C ALA A 190 7.68 -18.26 1.72
N ILE A 191 6.58 -17.60 2.09
CA ILE A 191 5.31 -17.80 1.41
C ILE A 191 5.42 -17.39 -0.06
N LEU A 192 6.14 -16.31 -0.31
CA LEU A 192 6.31 -15.83 -1.67
C LEU A 192 7.26 -16.73 -2.46
N GLN A 193 7.62 -17.85 -1.84
CA GLN A 193 8.52 -18.80 -2.47
C GLN A 193 8.17 -20.23 -2.06
N ASN A 194 6.87 -20.51 -1.97
CA ASN A 194 6.41 -21.84 -1.59
C ASN A 194 7.08 -22.91 -2.43
N GLN A 195 8.18 -23.45 -1.92
CA GLN A 195 8.91 -24.49 -2.65
C GLN A 195 9.52 -25.50 -1.67
N GLY A 196 10.50 -25.04 -0.89
CA GLY A 196 11.16 -25.91 0.08
C GLY A 196 10.27 -26.14 1.30
N ASN A 197 9.32 -27.06 1.17
CA ASN A 197 8.41 -27.36 2.26
C ASN A 197 8.31 -28.87 2.47
ZN ZN B . -11.38 -4.95 0.86
N MET A 1 -4.90 24.40 -12.63
CA MET A 1 -3.98 25.07 -11.67
C MET A 1 -3.03 24.04 -11.06
N GLU A 2 -2.80 22.96 -11.79
CA GLU A 2 -1.91 21.91 -11.32
C GLU A 2 -2.44 21.29 -10.03
N ILE A 3 -2.13 20.01 -9.82
CA ILE A 3 -2.58 19.32 -8.63
C ILE A 3 -1.50 19.34 -7.55
N LEU A 4 -1.92 19.17 -6.30
CA LEU A 4 -0.99 19.17 -5.18
C LEU A 4 -1.00 17.82 -4.48
N ARG A 5 -0.51 17.79 -3.24
CA ARG A 5 -0.47 16.57 -2.47
C ARG A 5 -1.66 16.50 -1.51
N TYR A 6 -1.43 15.90 -0.35
CA TYR A 6 -2.49 15.77 0.64
C TYR A 6 -1.90 15.76 2.05
N LEU A 7 -0.75 15.10 2.19
CA LEU A 7 -0.06 15.03 3.47
C LEU A 7 -0.99 14.50 4.55
N MET A 8 -0.73 13.26 4.98
CA MET A 8 -1.54 12.62 6.02
C MET A 8 -1.11 13.13 7.39
N ASP A 9 -2.08 13.31 8.28
CA ASP A 9 -1.78 13.78 9.63
C ASP A 9 -0.60 12.98 10.22
N PRO A 10 0.56 13.57 10.39
CA PRO A 10 1.74 12.85 10.96
C PRO A 10 1.38 12.06 12.22
N ASP A 11 0.82 12.75 13.20
CA ASP A 11 0.43 12.11 14.45
C ASP A 11 -0.35 10.83 14.18
N THR A 12 -1.28 10.89 13.23
CA THR A 12 -2.09 9.73 12.89
C THR A 12 -1.24 8.66 12.21
N PHE A 13 -0.36 9.09 11.31
CA PHE A 13 0.51 8.15 10.60
C PHE A 13 1.42 7.42 11.58
N THR A 14 1.83 8.11 12.64
CA THR A 14 2.71 7.51 13.63
C THR A 14 1.99 6.39 14.37
N PHE A 15 0.82 6.68 14.91
CA PHE A 15 0.05 5.69 15.65
C PHE A 15 -0.46 4.60 14.70
N ASN A 16 -1.08 5.02 13.60
CA ASN A 16 -1.61 4.06 12.63
C ASN A 16 -0.62 2.95 12.36
N PHE A 17 0.63 3.33 12.06
CA PHE A 17 1.66 2.35 11.78
C PHE A 17 2.22 1.76 13.08
N ASN A 18 2.71 2.63 13.96
CA ASN A 18 3.26 2.18 15.23
C ASN A 18 2.28 1.24 15.94
N ASN A 19 1.00 1.38 15.62
CA ASN A 19 -0.01 0.53 16.22
C ASN A 19 -0.44 -0.58 15.27
N ASP A 20 0.44 -1.56 15.08
CA ASP A 20 0.15 -2.67 14.18
C ASP A 20 -1.03 -3.49 14.69
N PRO A 21 -1.07 -3.77 15.97
CA PRO A 21 -2.17 -4.56 16.58
C PRO A 21 -3.36 -3.70 16.98
N LEU A 22 -4.16 -3.32 15.99
CA LEU A 22 -5.33 -2.49 16.24
C LEU A 22 -6.45 -3.32 16.88
N VAL A 23 -6.98 -2.81 18.00
CA VAL A 23 -8.05 -3.51 18.70
C VAL A 23 -9.32 -3.54 17.85
N LEU A 24 -9.32 -2.76 16.77
CA LEU A 24 -10.48 -2.70 15.89
C LEU A 24 -10.50 -3.91 14.95
N ARG A 25 -11.61 -4.63 14.96
CA ARG A 25 -11.74 -5.80 14.09
C ARG A 25 -11.57 -5.42 12.63
N ARG A 26 -11.63 -6.41 11.74
CA ARG A 26 -11.48 -6.15 10.31
C ARG A 26 -12.24 -4.90 9.91
N ARG A 27 -11.51 -3.80 9.76
CA ARG A 27 -12.13 -2.53 9.37
C ARG A 27 -11.05 -1.46 9.16
N GLN A 28 -10.32 -1.15 10.21
CA GLN A 28 -9.26 -0.15 10.12
C GLN A 28 -8.26 -0.52 9.02
N THR A 29 -8.25 0.25 7.95
CA THR A 29 -7.34 -0.02 6.84
C THR A 29 -6.79 1.29 6.27
N TYR A 30 -5.51 1.31 5.97
CA TYR A 30 -4.88 2.49 5.41
C TYR A 30 -3.73 2.11 4.48
N LEU A 31 -3.80 2.58 3.24
CA LEU A 31 -2.77 2.28 2.24
C LEU A 31 -2.27 3.57 1.61
N CYS A 32 -0.96 3.62 1.36
CA CYS A 32 -0.36 4.79 0.74
C CYS A 32 0.08 4.47 -0.68
N TYR A 33 -0.48 5.17 -1.64
CA TYR A 33 -0.14 4.93 -3.04
C TYR A 33 0.65 6.10 -3.62
N GLU A 34 1.62 5.77 -4.46
CA GLU A 34 2.43 6.79 -5.11
C GLU A 34 2.64 6.38 -6.56
N VAL A 35 3.10 7.32 -7.39
CA VAL A 35 3.34 7.02 -8.79
C VAL A 35 4.71 7.49 -9.21
N GLU A 36 5.43 6.63 -9.93
CA GLU A 36 6.77 6.96 -10.38
C GLU A 36 6.85 6.91 -11.91
N ARG A 37 7.54 7.90 -12.48
CA ARG A 37 7.71 7.96 -13.93
C ARG A 37 9.19 7.79 -14.25
N LEU A 38 9.53 6.69 -14.90
CA LEU A 38 10.92 6.44 -15.22
C LEU A 38 11.49 7.51 -16.13
N ASP A 39 12.18 8.49 -15.53
CA ASP A 39 12.78 9.57 -16.29
C ASP A 39 14.29 9.60 -16.05
N ASN A 40 15.06 9.71 -17.13
CA ASN A 40 16.51 9.76 -17.03
C ASN A 40 17.06 8.46 -16.47
N GLY A 41 16.51 7.34 -16.93
CA GLY A 41 16.96 6.02 -16.47
C GLY A 41 16.80 5.87 -14.97
N THR A 42 16.02 6.77 -14.36
CA THR A 42 15.79 6.72 -12.93
C THR A 42 14.32 6.99 -12.63
N TRP A 43 13.84 6.40 -11.55
CA TRP A 43 12.45 6.59 -11.17
C TRP A 43 12.27 7.96 -10.54
N VAL A 44 11.21 8.66 -10.93
CA VAL A 44 10.94 9.99 -10.39
C VAL A 44 9.56 10.04 -9.74
N LEU A 45 9.51 10.50 -8.50
CA LEU A 45 8.24 10.58 -7.79
C LEU A 45 7.41 11.75 -8.31
N MET A 46 6.13 11.50 -8.58
CA MET A 46 5.23 12.53 -9.07
C MET A 46 4.25 12.94 -7.98
N ASP A 47 4.40 14.16 -7.49
CA ASP A 47 3.51 14.66 -6.44
C ASP A 47 2.09 14.85 -6.95
N GLN A 48 1.97 15.21 -8.23
CA GLN A 48 0.67 15.44 -8.83
C GLN A 48 -0.13 14.14 -8.97
N HIS A 49 0.56 13.01 -8.83
CA HIS A 49 -0.09 11.70 -8.94
C HIS A 49 0.22 10.86 -7.71
N MET A 50 0.50 11.52 -6.60
CA MET A 50 0.80 10.82 -5.35
C MET A 50 -0.22 11.18 -4.27
N GLY A 51 -0.36 10.31 -3.28
CA GLY A 51 -1.31 10.55 -2.20
C GLY A 51 -1.68 9.24 -1.51
N PHE A 52 -2.44 9.33 -0.42
CA PHE A 52 -2.86 8.14 0.31
C PHE A 52 -4.36 7.95 0.21
N LEU A 53 -4.80 6.72 0.44
CA LEU A 53 -6.22 6.39 0.38
C LEU A 53 -6.67 5.68 1.66
N CYS A 54 -7.83 6.08 2.16
CA CYS A 54 -8.37 5.47 3.37
C CYS A 54 -9.64 4.68 3.05
N ASN A 55 -10.43 4.40 4.08
CA ASN A 55 -11.67 3.65 3.89
C ASN A 55 -12.78 4.57 3.39
N GLU A 56 -13.39 5.30 4.32
CA GLU A 56 -14.47 6.22 3.97
C GLU A 56 -13.95 7.65 3.96
N ALA A 57 -14.56 8.47 3.10
CA ALA A 57 -14.16 9.88 2.99
C ALA A 57 -15.13 10.64 2.09
N LYS A 58 -16.39 10.20 2.08
CA LYS A 58 -17.41 10.84 1.27
C LYS A 58 -18.69 11.03 2.06
N ASN A 59 -19.50 9.98 2.14
CA ASN A 59 -20.76 10.04 2.87
C ASN A 59 -21.02 8.72 3.59
N LEU A 60 -21.24 8.80 4.90
CA LEU A 60 -21.51 7.60 5.69
C LEU A 60 -22.99 7.22 5.62
N LEU A 61 -23.84 8.23 5.68
CA LEU A 61 -25.29 7.99 5.62
C LEU A 61 -25.63 7.06 4.47
N CYS A 62 -24.68 6.86 3.56
CA CYS A 62 -24.88 5.98 2.43
C CYS A 62 -25.15 4.55 2.88
N GLY A 63 -24.72 4.24 4.10
CA GLY A 63 -24.91 2.90 4.65
C GLY A 63 -23.94 1.91 4.01
N PHE A 64 -22.89 2.44 3.39
CA PHE A 64 -21.90 1.59 2.75
C PHE A 64 -21.16 0.74 3.78
N TYR A 65 -20.84 -0.49 3.41
CA TYR A 65 -20.14 -1.40 4.32
C TYR A 65 -18.67 -1.00 4.43
N GLY A 66 -17.93 -1.74 5.25
CA GLY A 66 -16.51 -1.47 5.44
C GLY A 66 -15.84 -1.11 4.11
N ARG A 67 -15.32 0.10 4.02
CA ARG A 67 -14.65 0.55 2.80
C ARG A 67 -13.17 0.22 2.86
N HIS A 68 -12.58 -0.07 1.69
CA HIS A 68 -11.17 -0.40 1.61
C HIS A 68 -10.42 0.63 0.75
N ALA A 69 -9.23 1.00 1.19
CA ALA A 69 -8.42 1.97 0.46
C ALA A 69 -8.00 1.37 -0.87
N GLU A 70 -7.88 0.06 -0.89
CA GLU A 70 -7.48 -0.65 -2.10
C GLU A 70 -8.52 -0.41 -3.19
N LEU A 71 -9.79 -0.60 -2.86
CA LEU A 71 -10.86 -0.38 -3.82
C LEU A 71 -10.78 1.04 -4.36
N ARG A 72 -10.79 2.00 -3.44
CA ARG A 72 -10.71 3.40 -3.80
C ARG A 72 -9.56 3.65 -4.77
N PHE A 73 -8.52 2.82 -4.70
CA PHE A 73 -7.40 3.02 -5.60
C PHE A 73 -7.79 2.70 -7.03
N LEU A 74 -8.37 1.52 -7.25
CA LEU A 74 -8.79 1.15 -8.60
C LEU A 74 -9.62 2.26 -9.21
N ASP A 75 -10.18 3.08 -8.33
CA ASP A 75 -10.99 4.21 -8.77
C ASP A 75 -10.12 5.45 -8.98
N LEU A 76 -8.96 5.44 -8.34
CA LEU A 76 -8.02 6.57 -8.42
C LEU A 76 -7.10 6.46 -9.64
N VAL A 77 -6.81 5.25 -10.07
CA VAL A 77 -5.92 5.07 -11.23
C VAL A 77 -6.36 5.93 -12.42
N PRO A 78 -7.61 5.88 -12.82
CA PRO A 78 -8.08 6.72 -13.96
C PRO A 78 -7.79 8.20 -13.71
N SER A 79 -7.66 8.57 -12.43
CA SER A 79 -7.38 9.95 -12.08
C SER A 79 -5.93 10.31 -12.41
N LEU A 80 -5.10 9.29 -12.59
CA LEU A 80 -3.69 9.50 -12.90
C LEU A 80 -3.49 9.62 -14.42
N GLN A 81 -4.55 9.32 -15.16
CA GLN A 81 -4.50 9.40 -16.61
C GLN A 81 -3.16 8.90 -17.15
N LEU A 82 -2.79 7.69 -16.76
CA LEU A 82 -1.52 7.11 -17.21
C LEU A 82 -1.47 7.07 -18.74
N ASP A 83 -0.45 6.41 -19.27
CA ASP A 83 -0.30 6.32 -20.71
C ASP A 83 0.37 4.99 -21.10
N PRO A 84 -0.04 4.34 -22.18
CA PRO A 84 0.56 3.06 -22.62
C PRO A 84 1.92 3.27 -23.28
N ALA A 85 2.28 4.53 -23.45
CA ALA A 85 3.54 4.89 -24.08
C ALA A 85 4.69 4.80 -23.09
N GLN A 86 4.75 5.75 -22.17
CA GLN A 86 5.81 5.77 -21.16
C GLN A 86 5.69 4.56 -20.24
N ILE A 87 6.48 4.58 -19.17
CA ILE A 87 6.47 3.48 -18.21
C ILE A 87 6.35 4.02 -16.79
N TYR A 88 5.29 3.61 -16.10
CA TYR A 88 5.05 4.04 -14.73
C TYR A 88 5.17 2.88 -13.75
N ARG A 89 5.11 3.19 -12.46
CA ARG A 89 5.20 2.17 -11.42
C ARG A 89 4.76 2.76 -10.09
N VAL A 90 3.68 2.21 -9.54
CA VAL A 90 3.16 2.71 -8.26
C VAL A 90 3.56 1.82 -7.09
N THR A 91 3.76 2.44 -5.93
CA THR A 91 4.14 1.69 -4.73
C THR A 91 3.04 1.79 -3.69
N TRP A 92 2.76 0.67 -3.03
CA TRP A 92 1.71 0.62 -2.02
C TRP A 92 2.28 0.36 -0.63
N PHE A 93 2.01 1.26 0.33
CA PHE A 93 2.46 1.06 1.70
C PHE A 93 1.24 0.92 2.59
N ILE A 94 1.02 -0.29 3.10
CA ILE A 94 -0.15 -0.56 3.93
C ILE A 94 0.24 -1.07 5.32
N SER A 95 -0.56 -0.71 6.31
CA SER A 95 -0.31 -1.13 7.69
C SER A 95 -1.25 -2.28 8.07
N TRP A 96 -1.42 -3.23 7.15
CA TRP A 96 -2.30 -4.38 7.40
C TRP A 96 -2.66 -5.05 6.09
N SER A 97 -2.13 -6.25 5.88
CA SER A 97 -2.40 -7.01 4.65
C SER A 97 -3.87 -6.83 4.23
N PRO A 98 -4.16 -7.03 2.97
CA PRO A 98 -5.54 -6.89 2.42
C PRO A 98 -6.53 -7.83 3.09
N CYS A 99 -7.82 -7.71 2.75
CA CYS A 99 -8.84 -8.56 3.33
C CYS A 99 -8.97 -9.86 2.52
N PHE A 100 -9.12 -9.74 1.21
CA PHE A 100 -9.25 -10.93 0.36
C PHE A 100 -9.07 -10.58 -1.11
N SER A 101 -9.09 -11.62 -1.94
CA SER A 101 -8.93 -11.46 -3.38
C SER A 101 -10.20 -10.90 -4.00
N TRP A 102 -11.21 -11.76 -4.18
CA TRP A 102 -12.48 -11.33 -4.77
C TRP A 102 -12.87 -9.96 -4.23
N GLY A 103 -12.33 -9.63 -3.06
CA GLY A 103 -12.61 -8.34 -2.45
C GLY A 103 -11.67 -7.26 -3.00
N CYS A 104 -10.47 -7.18 -2.44
CA CYS A 104 -9.50 -6.17 -2.89
C CYS A 104 -8.46 -6.76 -3.85
N ALA A 105 -7.56 -7.58 -3.32
CA ALA A 105 -6.50 -8.18 -4.13
C ALA A 105 -7.03 -8.63 -5.49
N GLY A 106 -8.28 -9.04 -5.54
CA GLY A 106 -8.88 -9.49 -6.79
C GLY A 106 -8.95 -8.36 -7.80
N GLU A 107 -9.46 -7.22 -7.36
CA GLU A 107 -9.56 -6.06 -8.24
C GLU A 107 -8.17 -5.55 -8.63
N VAL A 108 -7.27 -5.56 -7.66
CA VAL A 108 -5.91 -5.10 -7.91
C VAL A 108 -5.25 -5.94 -9.00
N ARG A 109 -5.68 -7.19 -9.12
CA ARG A 109 -5.11 -8.09 -10.13
C ARG A 109 -5.62 -7.73 -11.53
N ALA A 110 -6.93 -7.86 -11.74
CA ALA A 110 -7.52 -7.55 -13.03
C ALA A 110 -6.98 -6.23 -13.55
N PHE A 111 -6.59 -5.36 -12.63
CA PHE A 111 -6.06 -4.05 -12.98
C PHE A 111 -4.64 -4.17 -13.54
N LEU A 112 -3.77 -4.80 -12.76
CA LEU A 112 -2.39 -4.99 -13.20
C LEU A 112 -2.39 -5.59 -14.61
N GLN A 113 -3.50 -6.21 -14.97
CA GLN A 113 -3.63 -6.83 -16.28
C GLN A 113 -4.17 -5.82 -17.30
N GLU A 114 -5.00 -4.88 -16.82
CA GLU A 114 -5.56 -3.86 -17.70
C GLU A 114 -4.48 -2.90 -18.14
N ASN A 115 -3.57 -2.59 -17.22
CA ASN A 115 -2.49 -1.66 -17.49
C ASN A 115 -1.14 -2.31 -17.20
N THR A 116 -0.52 -2.89 -18.23
CA THR A 116 0.76 -3.55 -18.06
C THR A 116 1.89 -2.51 -18.12
N HIS A 117 1.54 -1.29 -18.48
CA HIS A 117 2.52 -0.22 -18.58
C HIS A 117 2.91 0.27 -17.18
N VAL A 118 2.00 0.08 -16.23
CA VAL A 118 2.23 0.49 -14.86
C VAL A 118 2.34 -0.73 -13.96
N ARG A 119 3.41 -0.78 -13.18
CA ARG A 119 3.62 -1.89 -12.26
C ARG A 119 3.24 -1.47 -10.85
N LEU A 120 2.85 -2.43 -10.02
CA LEU A 120 2.45 -2.12 -8.65
C LEU A 120 3.21 -3.00 -7.66
N ARG A 121 3.85 -2.35 -6.70
CA ARG A 121 4.60 -3.05 -5.67
C ARG A 121 3.94 -2.85 -4.31
N ILE A 122 3.73 -3.94 -3.58
CA ILE A 122 3.09 -3.86 -2.27
C ILE A 122 4.04 -4.16 -1.14
N PHE A 123 3.73 -3.57 0.00
CA PHE A 123 4.52 -3.76 1.20
C PHE A 123 3.64 -3.57 2.43
N ALA A 124 3.42 -4.65 3.18
CA ALA A 124 2.58 -4.58 4.38
C ALA A 124 3.46 -4.47 5.62
N ALA A 125 3.06 -3.59 6.54
CA ALA A 125 3.82 -3.41 7.77
C ALA A 125 3.78 -4.67 8.62
N ARG A 126 2.56 -5.11 8.93
CA ARG A 126 2.37 -6.32 9.74
C ARG A 126 1.08 -7.02 9.37
N ILE A 127 1.15 -8.34 9.23
CA ILE A 127 -0.02 -9.12 8.87
C ILE A 127 -0.78 -9.55 10.11
N TYR A 128 -2.06 -9.20 10.19
CA TYR A 128 -2.88 -9.57 11.33
C TYR A 128 -3.37 -11.00 11.18
N ASP A 129 -2.61 -11.92 11.75
CA ASP A 129 -2.94 -13.35 11.69
C ASP A 129 -4.40 -13.59 12.08
N TYR A 130 -5.09 -12.55 12.54
CA TYR A 130 -6.49 -12.70 12.94
C TYR A 130 -7.33 -13.16 11.76
N ASP A 131 -6.70 -13.23 10.59
CA ASP A 131 -7.38 -13.66 9.38
C ASP A 131 -6.37 -14.12 8.34
N PRO A 132 -5.93 -15.37 8.41
CA PRO A 132 -4.91 -15.89 7.45
C PRO A 132 -5.49 -16.15 6.06
N LEU A 133 -6.38 -15.27 5.63
CA LEU A 133 -6.99 -15.39 4.31
C LEU A 133 -6.15 -14.62 3.29
N TYR A 134 -5.62 -13.48 3.72
CA TYR A 134 -4.80 -12.66 2.84
C TYR A 134 -3.67 -13.49 2.25
N LYS A 135 -3.37 -14.62 2.89
CA LYS A 135 -2.31 -15.50 2.41
C LYS A 135 -2.56 -15.93 0.98
N GLU A 136 -3.69 -16.61 0.76
CA GLU A 136 -4.04 -17.06 -0.57
C GLU A 136 -4.26 -15.86 -1.50
N ALA A 137 -4.76 -14.78 -0.93
CA ALA A 137 -5.02 -13.57 -1.70
C ALA A 137 -3.70 -12.94 -2.17
N LEU A 138 -2.68 -13.01 -1.34
CA LEU A 138 -1.38 -12.43 -1.68
C LEU A 138 -0.76 -13.18 -2.86
N GLN A 139 -0.48 -14.46 -2.67
CA GLN A 139 0.11 -15.26 -3.73
C GLN A 139 -0.59 -14.96 -5.06
N MET A 140 -1.92 -14.92 -5.02
CA MET A 140 -2.69 -14.65 -6.22
C MET A 140 -2.50 -13.20 -6.67
N LEU A 141 -2.13 -12.34 -5.73
CA LEU A 141 -1.91 -10.93 -6.05
C LEU A 141 -0.59 -10.74 -6.78
N ARG A 142 0.50 -11.05 -6.10
CA ARG A 142 1.82 -10.91 -6.70
C ARG A 142 1.83 -11.65 -8.03
N ASP A 143 0.98 -12.65 -8.16
CA ASP A 143 0.89 -13.42 -9.39
C ASP A 143 0.42 -12.52 -10.52
N ALA A 144 -0.37 -11.50 -10.18
CA ALA A 144 -0.88 -10.57 -11.18
C ALA A 144 0.27 -9.78 -11.79
N GLY A 145 1.47 -9.96 -11.23
CA GLY A 145 2.65 -9.25 -11.70
C GLY A 145 3.21 -8.36 -10.61
N ALA A 146 2.35 -8.00 -9.66
CA ALA A 146 2.77 -7.14 -8.55
C ALA A 146 3.75 -7.89 -7.65
N GLN A 147 4.33 -7.18 -6.68
CA GLN A 147 5.27 -7.80 -5.77
C GLN A 147 5.00 -7.38 -4.33
N VAL A 148 4.63 -8.35 -3.49
CA VAL A 148 4.34 -8.07 -2.08
C VAL A 148 5.47 -8.58 -1.20
N SER A 149 5.82 -7.80 -0.18
CA SER A 149 6.88 -8.18 0.73
C SER A 149 6.72 -7.44 2.07
N ILE A 150 7.60 -7.75 3.01
CA ILE A 150 7.56 -7.11 4.32
C ILE A 150 8.22 -5.74 4.26
N MET A 151 7.60 -4.77 4.92
CA MET A 151 8.15 -3.41 4.94
C MET A 151 9.44 -3.38 5.76
N THR A 152 10.45 -2.69 5.23
CA THR A 152 11.74 -2.59 5.91
C THR A 152 11.99 -1.17 6.39
N TYR A 153 13.09 -0.98 7.11
CA TYR A 153 13.43 0.34 7.64
C TYR A 153 13.69 1.32 6.49
N ASP A 154 14.38 0.86 5.47
CA ASP A 154 14.69 1.70 4.32
C ASP A 154 13.41 2.16 3.63
N GLU A 155 12.48 1.22 3.42
CA GLU A 155 11.22 1.54 2.77
C GLU A 155 10.43 2.55 3.59
N PHE A 156 10.42 2.35 4.91
CA PHE A 156 9.70 3.26 5.80
C PHE A 156 10.21 4.68 5.65
N GLU A 157 11.53 4.81 5.47
CA GLU A 157 12.15 6.13 5.34
C GLU A 157 11.64 6.83 4.08
N TYR A 158 11.80 6.18 2.93
CA TYR A 158 11.35 6.76 1.67
C TYR A 158 9.87 7.11 1.73
N CYS A 159 9.11 6.33 2.49
CA CYS A 159 7.68 6.58 2.62
C CYS A 159 7.42 7.75 3.56
N TRP A 160 8.24 7.85 4.61
CA TRP A 160 8.09 8.92 5.58
C TRP A 160 8.42 10.27 4.95
N ASP A 161 9.42 10.29 4.08
CA ASP A 161 9.82 11.53 3.42
C ASP A 161 8.97 11.79 2.18
N THR A 162 8.38 10.74 1.63
CA THR A 162 7.55 10.87 0.44
C THR A 162 6.12 11.27 0.81
N PHE A 163 5.59 10.67 1.86
CA PHE A 163 4.24 10.98 2.29
C PHE A 163 4.24 12.07 3.35
N VAL A 164 5.10 11.92 4.35
CA VAL A 164 5.19 12.91 5.43
C VAL A 164 6.41 13.81 5.22
N TYR A 165 6.23 14.84 4.39
CA TYR A 165 7.32 15.77 4.11
C TYR A 165 7.48 16.78 5.24
N ARG A 166 8.74 17.03 5.62
CA ARG A 166 9.02 17.98 6.68
C ARG A 166 10.51 18.24 6.78
N GLN A 167 11.01 19.14 5.93
CA GLN A 167 12.43 19.48 5.93
C GLN A 167 13.29 18.21 5.98
N GLY A 168 12.73 17.11 5.48
CA GLY A 168 13.46 15.84 5.46
C GLY A 168 13.94 15.48 6.87
N CYS A 169 13.21 15.93 7.87
CA CYS A 169 13.57 15.64 9.26
C CYS A 169 13.75 14.13 9.46
N PRO A 170 14.54 13.72 10.43
CA PRO A 170 14.76 12.27 10.71
C PRO A 170 13.51 11.60 11.27
N PHE A 171 13.22 10.40 10.78
CA PHE A 171 12.04 9.66 11.23
C PHE A 171 12.45 8.54 12.18
N GLN A 172 11.80 8.50 13.33
CA GLN A 172 12.09 7.50 14.34
C GLN A 172 11.35 6.18 14.04
N PRO A 173 12.07 5.10 13.78
CA PRO A 173 11.42 3.79 13.48
C PRO A 173 10.98 3.06 14.75
N TRP A 174 10.85 3.83 15.84
CA TRP A 174 10.44 3.27 17.13
C TRP A 174 11.13 1.95 17.45
N ASP A 175 12.12 1.60 16.66
CA ASP A 175 12.84 0.35 16.84
C ASP A 175 11.89 -0.84 17.00
N GLY A 176 10.60 -0.60 16.84
CA GLY A 176 9.63 -1.68 16.96
C GLY A 176 9.41 -2.33 15.60
N LEU A 177 9.60 -1.56 14.53
CA LEU A 177 9.43 -2.09 13.19
C LEU A 177 10.63 -2.98 12.83
N GLU A 178 11.75 -2.72 13.47
CA GLU A 178 12.96 -3.50 13.22
C GLU A 178 12.76 -4.94 13.67
N GLU A 179 12.38 -5.12 14.93
CA GLU A 179 12.16 -6.47 15.46
C GLU A 179 11.04 -7.17 14.69
N HIS A 180 9.95 -6.44 14.46
CA HIS A 180 8.82 -7.00 13.74
C HIS A 180 9.21 -7.36 12.31
N SER A 181 10.06 -6.53 11.71
CA SER A 181 10.50 -6.76 10.35
C SER A 181 11.12 -8.16 10.21
N GLN A 182 12.07 -8.48 11.07
CA GLN A 182 12.71 -9.80 11.03
C GLN A 182 11.67 -10.91 11.15
N ALA A 183 10.96 -10.92 12.27
CA ALA A 183 9.93 -11.94 12.50
C ALA A 183 9.08 -12.13 11.25
N LEU A 184 8.51 -11.03 10.77
CA LEU A 184 7.67 -11.08 9.58
C LEU A 184 8.48 -11.61 8.39
N SER A 185 9.73 -11.18 8.30
CA SER A 185 10.60 -11.63 7.21
C SER A 185 10.46 -13.13 7.00
N GLY A 186 10.49 -13.88 8.10
CA GLY A 186 10.35 -15.32 8.03
C GLY A 186 8.96 -15.73 7.57
N ARG A 187 7.95 -15.14 8.20
CA ARG A 187 6.56 -15.45 7.85
C ARG A 187 6.30 -15.12 6.39
N LEU A 188 6.41 -13.85 6.04
CA LEU A 188 6.18 -13.40 4.67
C LEU A 188 6.79 -14.39 3.68
N ARG A 189 8.12 -14.53 3.73
CA ARG A 189 8.81 -15.44 2.83
C ARG A 189 8.06 -16.77 2.74
N ALA A 190 7.50 -17.20 3.86
CA ALA A 190 6.75 -18.45 3.90
C ALA A 190 5.47 -18.34 3.06
N ILE A 191 4.91 -17.14 3.01
CA ILE A 191 3.69 -16.90 2.23
C ILE A 191 3.98 -16.96 0.74
N LEU A 192 5.16 -16.47 0.35
CA LEU A 192 5.55 -16.48 -1.05
C LEU A 192 5.73 -17.90 -1.57
N GLN A 193 5.40 -18.87 -0.71
CA GLN A 193 5.52 -20.28 -1.07
C GLN A 193 4.29 -21.05 -0.60
N ASN A 194 3.71 -20.61 0.51
CA ASN A 194 2.52 -21.27 1.06
C ASN A 194 2.75 -22.78 1.16
N GLN A 195 4.01 -23.18 1.17
CA GLN A 195 4.35 -24.60 1.27
C GLN A 195 3.41 -25.43 0.40
N GLY A 196 3.34 -26.73 0.68
CA GLY A 196 2.49 -27.62 -0.09
C GLY A 196 2.27 -28.94 0.66
N ASN A 197 1.07 -29.13 1.19
CA ASN A 197 0.74 -30.34 1.92
C ASN A 197 -0.73 -30.70 1.74
ZN ZN B . -9.87 -5.11 1.45
N MET A 1 -2.57 17.15 -14.90
CA MET A 1 -3.25 18.07 -13.95
C MET A 1 -2.98 17.63 -12.52
N GLU A 2 -3.69 18.25 -11.57
CA GLU A 2 -3.52 17.90 -10.17
C GLU A 2 -4.65 17.01 -9.68
N ILE A 3 -4.36 16.19 -8.69
CA ILE A 3 -5.37 15.27 -8.14
C ILE A 3 -5.92 15.81 -6.83
N LEU A 4 -6.81 15.05 -6.22
CA LEU A 4 -7.42 15.47 -4.95
C LEU A 4 -6.70 14.79 -3.78
N ARG A 5 -5.48 15.24 -3.51
CA ARG A 5 -4.69 14.69 -2.42
C ARG A 5 -3.51 15.59 -2.11
N TYR A 6 -2.97 15.39 -0.93
CA TYR A 6 -1.82 16.16 -0.48
C TYR A 6 -1.00 15.33 0.49
N LEU A 7 -0.49 15.99 1.52
CA LEU A 7 0.32 15.31 2.54
C LEU A 7 -0.38 15.34 3.89
N MET A 8 -0.61 14.15 4.45
CA MET A 8 -1.25 14.04 5.75
C MET A 8 -0.39 14.66 6.84
N ASP A 9 -0.92 14.67 8.06
CA ASP A 9 -0.18 15.25 9.18
C ASP A 9 0.52 14.14 9.98
N PRO A 10 1.73 14.38 10.47
CA PRO A 10 2.47 13.37 11.25
C PRO A 10 1.56 12.59 12.22
N ASP A 11 0.88 13.33 13.09
CA ASP A 11 -0.01 12.71 14.06
C ASP A 11 -0.90 11.66 13.41
N THR A 12 -1.56 12.04 12.32
CA THR A 12 -2.44 11.12 11.61
C THR A 12 -1.69 9.89 11.15
N PHE A 13 -0.48 10.08 10.62
CA PHE A 13 0.32 8.97 10.14
C PHE A 13 0.78 8.08 11.29
N THR A 14 1.55 8.65 12.21
CA THR A 14 2.05 7.89 13.36
C THR A 14 0.90 7.30 14.16
N PHE A 15 -0.27 7.94 14.05
CA PHE A 15 -1.44 7.47 14.78
C PHE A 15 -1.89 6.10 14.27
N ASN A 16 -2.22 6.05 12.99
CA ASN A 16 -2.67 4.80 12.37
C ASN A 16 -1.59 3.73 12.47
N PHE A 17 -0.33 4.16 12.52
CA PHE A 17 0.78 3.22 12.61
C PHE A 17 1.02 2.81 14.06
N ASN A 18 0.61 3.67 14.99
CA ASN A 18 0.80 3.39 16.41
C ASN A 18 -0.41 2.65 16.97
N ASN A 19 -1.59 3.26 16.83
CA ASN A 19 -2.81 2.65 17.34
C ASN A 19 -2.82 1.14 17.05
N ASP A 20 -2.31 0.76 15.89
CA ASP A 20 -2.26 -0.64 15.51
C ASP A 20 -3.66 -1.26 15.52
N PRO A 21 -4.44 -0.96 14.52
CA PRO A 21 -5.83 -1.49 14.40
C PRO A 21 -5.89 -3.01 14.58
N LEU A 22 -6.54 -3.44 15.65
CA LEU A 22 -6.66 -4.86 15.94
C LEU A 22 -6.92 -5.65 14.66
N VAL A 23 -6.40 -6.87 14.60
CA VAL A 23 -6.59 -7.72 13.43
C VAL A 23 -8.07 -7.85 13.09
N LEU A 24 -8.38 -8.77 12.19
CA LEU A 24 -9.78 -8.98 11.79
C LEU A 24 -10.41 -7.68 11.32
N ARG A 25 -10.87 -6.88 12.28
CA ARG A 25 -11.50 -5.60 11.94
C ARG A 25 -10.45 -4.60 11.45
N ARG A 26 -9.83 -4.94 10.32
CA ARG A 26 -8.81 -4.07 9.75
C ARG A 26 -9.45 -2.85 9.08
N ARG A 27 -10.72 -2.61 9.40
CA ARG A 27 -11.44 -1.49 8.81
C ARG A 27 -10.55 -0.25 8.77
N GLN A 28 -10.33 0.36 9.94
CA GLN A 28 -9.50 1.55 10.01
C GLN A 28 -8.07 1.24 9.55
N THR A 29 -7.87 1.26 8.23
CA THR A 29 -6.56 0.98 7.66
C THR A 29 -5.97 2.25 7.04
N TYR A 30 -4.93 2.07 6.23
CA TYR A 30 -4.29 3.20 5.58
C TYR A 30 -3.50 2.73 4.36
N LEU A 31 -3.85 3.29 3.21
CA LEU A 31 -3.20 2.94 1.96
C LEU A 31 -2.44 4.13 1.40
N CYS A 32 -1.13 4.09 1.57
CA CYS A 32 -0.26 5.16 1.09
C CYS A 32 0.34 4.79 -0.26
N TYR A 33 -0.19 5.38 -1.33
CA TYR A 33 0.30 5.07 -2.68
C TYR A 33 1.05 6.25 -3.28
N GLU A 34 1.85 5.95 -4.30
CA GLU A 34 2.63 6.96 -5.00
C GLU A 34 2.88 6.49 -6.43
N VAL A 35 3.03 7.44 -7.36
CA VAL A 35 3.28 7.08 -8.76
C VAL A 35 4.71 7.44 -9.14
N GLU A 36 5.32 6.59 -9.96
CA GLU A 36 6.69 6.83 -10.40
C GLU A 36 6.82 6.69 -11.92
N ARG A 37 7.53 7.63 -12.52
CA ARG A 37 7.76 7.61 -13.95
C ARG A 37 9.25 7.41 -14.21
N LEU A 38 9.59 6.29 -14.82
CA LEU A 38 11.00 6.02 -15.07
C LEU A 38 11.59 7.03 -16.03
N ASP A 39 12.30 8.01 -15.47
CA ASP A 39 12.93 9.05 -16.27
C ASP A 39 14.44 9.07 -16.03
N ASN A 40 15.21 9.31 -17.09
CA ASN A 40 16.66 9.37 -16.98
C ASN A 40 17.22 8.03 -16.50
N GLY A 41 16.48 6.95 -16.73
CA GLY A 41 16.93 5.63 -16.32
C GLY A 41 16.73 5.41 -14.82
N THR A 42 15.98 6.31 -14.19
CA THR A 42 15.72 6.20 -12.77
C THR A 42 14.26 6.53 -12.48
N TRP A 43 13.76 6.03 -11.36
CA TRP A 43 12.38 6.28 -10.99
C TRP A 43 12.24 7.69 -10.42
N VAL A 44 11.20 8.40 -10.87
CA VAL A 44 10.96 9.76 -10.40
C VAL A 44 9.59 9.88 -9.74
N LEU A 45 9.57 10.38 -8.51
CA LEU A 45 8.31 10.51 -7.79
C LEU A 45 7.55 11.73 -8.29
N MET A 46 6.27 11.55 -8.57
CA MET A 46 5.43 12.64 -9.06
C MET A 46 4.38 13.01 -8.02
N ASP A 47 4.46 14.25 -7.52
CA ASP A 47 3.52 14.70 -6.50
C ASP A 47 2.11 14.85 -7.08
N GLN A 48 2.02 15.33 -8.31
CA GLN A 48 0.72 15.50 -8.96
C GLN A 48 0.05 14.16 -9.22
N HIS A 49 0.66 13.10 -8.71
CA HIS A 49 0.12 11.76 -8.89
C HIS A 49 0.40 10.90 -7.66
N MET A 50 0.59 11.56 -6.53
CA MET A 50 0.87 10.87 -5.27
C MET A 50 -0.14 11.26 -4.20
N GLY A 51 -0.38 10.36 -3.26
CA GLY A 51 -1.32 10.63 -2.18
C GLY A 51 -1.69 9.36 -1.42
N PHE A 52 -2.44 9.51 -0.34
CA PHE A 52 -2.86 8.37 0.47
C PHE A 52 -4.38 8.21 0.40
N LEU A 53 -4.83 6.96 0.41
CA LEU A 53 -6.25 6.66 0.33
C LEU A 53 -6.72 5.95 1.60
N CYS A 54 -7.95 6.24 2.02
CA CYS A 54 -8.50 5.63 3.22
C CYS A 54 -9.95 5.21 2.98
N ASN A 55 -10.21 3.91 3.05
CA ASN A 55 -11.55 3.39 2.85
C ASN A 55 -12.57 4.28 3.55
N GLU A 56 -12.71 4.09 4.86
CA GLU A 56 -13.66 4.88 5.63
C GLU A 56 -13.18 6.32 5.75
N ALA A 57 -13.74 7.19 4.91
CA ALA A 57 -13.37 8.60 4.93
C ALA A 57 -14.44 9.45 4.26
N LYS A 58 -15.35 9.99 5.06
CA LYS A 58 -16.43 10.81 4.53
C LYS A 58 -17.12 10.11 3.36
N ASN A 59 -18.02 9.19 3.69
CA ASN A 59 -18.76 8.46 2.67
C ASN A 59 -19.95 7.75 3.28
N LEU A 60 -20.04 7.77 4.60
CA LEU A 60 -21.14 7.12 5.30
C LEU A 60 -22.47 7.43 4.61
N LEU A 61 -22.54 8.59 3.96
CA LEU A 61 -23.75 9.00 3.27
C LEU A 61 -24.27 7.87 2.39
N CYS A 62 -23.35 7.05 1.89
CA CYS A 62 -23.72 5.93 1.03
C CYS A 62 -24.45 4.86 1.82
N GLY A 63 -24.17 4.80 3.12
CA GLY A 63 -24.82 3.82 3.98
C GLY A 63 -24.29 2.41 3.70
N PHE A 64 -23.26 2.34 2.86
CA PHE A 64 -22.67 1.05 2.52
C PHE A 64 -21.78 0.55 3.65
N TYR A 65 -22.00 -0.69 4.07
CA TYR A 65 -21.21 -1.28 5.14
C TYR A 65 -20.08 -2.11 4.58
N GLY A 66 -18.92 -1.49 4.39
CA GLY A 66 -17.76 -2.19 3.86
C GLY A 66 -17.01 -1.33 2.86
N ARG A 67 -15.79 -0.94 3.21
CA ARG A 67 -14.97 -0.11 2.33
C ARG A 67 -13.53 -0.60 2.31
N HIS A 68 -12.92 -0.61 1.14
CA HIS A 68 -11.53 -1.06 1.00
C HIS A 68 -10.72 -0.06 0.17
N ALA A 69 -9.74 0.57 0.82
CA ALA A 69 -8.90 1.57 0.16
C ALA A 69 -8.50 1.13 -1.24
N GLU A 70 -7.87 -0.03 -1.34
CA GLU A 70 -7.44 -0.54 -2.63
C GLU A 70 -8.52 -0.29 -3.69
N LEU A 71 -9.77 -0.48 -3.30
CA LEU A 71 -10.87 -0.25 -4.23
C LEU A 71 -10.86 1.20 -4.66
N ARG A 72 -10.64 2.09 -3.70
CA ARG A 72 -10.58 3.52 -3.98
C ARG A 72 -9.44 3.82 -4.96
N PHE A 73 -8.33 3.10 -4.79
CA PHE A 73 -7.17 3.30 -5.67
C PHE A 73 -7.54 2.98 -7.12
N LEU A 74 -7.89 1.73 -7.38
CA LEU A 74 -8.26 1.30 -8.72
C LEU A 74 -9.20 2.30 -9.39
N ASP A 75 -10.05 2.93 -8.59
CA ASP A 75 -11.00 3.91 -9.12
C ASP A 75 -10.34 5.26 -9.32
N LEU A 76 -9.28 5.50 -8.54
CA LEU A 76 -8.55 6.76 -8.63
C LEU A 76 -7.46 6.65 -9.69
N VAL A 77 -7.09 5.43 -10.01
CA VAL A 77 -6.07 5.18 -11.02
C VAL A 77 -6.26 6.09 -12.24
N PRO A 78 -7.43 6.10 -12.87
CA PRO A 78 -7.67 6.95 -14.07
C PRO A 78 -7.31 8.41 -13.77
N SER A 79 -7.44 8.80 -12.50
CA SER A 79 -7.13 10.15 -12.10
C SER A 79 -5.63 10.42 -12.22
N LEU A 80 -4.84 9.36 -12.15
CA LEU A 80 -3.38 9.51 -12.25
C LEU A 80 -2.99 9.84 -13.69
N GLN A 81 -3.98 9.89 -14.57
CA GLN A 81 -3.72 10.20 -15.97
C GLN A 81 -2.43 9.55 -16.45
N LEU A 82 -2.34 8.25 -16.24
CA LEU A 82 -1.14 7.51 -16.64
C LEU A 82 -0.86 7.67 -18.12
N ASP A 83 0.37 7.40 -18.51
CA ASP A 83 0.79 7.51 -19.90
C ASP A 83 1.36 6.19 -20.40
N PRO A 84 0.50 5.26 -20.79
CA PRO A 84 0.94 3.93 -21.27
C PRO A 84 2.05 4.02 -22.30
N ALA A 85 2.35 5.23 -22.74
CA ALA A 85 3.41 5.46 -23.71
C ALA A 85 4.75 5.10 -23.12
N GLN A 86 4.90 5.35 -21.81
CA GLN A 86 6.15 5.05 -21.12
C GLN A 86 5.93 3.93 -20.11
N ILE A 87 6.80 3.88 -19.09
CA ILE A 87 6.69 2.87 -18.05
C ILE A 87 6.50 3.51 -16.68
N TYR A 88 5.40 3.13 -16.03
CA TYR A 88 5.07 3.66 -14.71
C TYR A 88 5.10 2.56 -13.66
N ARG A 89 5.27 2.95 -12.41
CA ARG A 89 5.30 2.00 -11.31
C ARG A 89 4.80 2.66 -10.04
N VAL A 90 3.72 2.13 -9.47
CA VAL A 90 3.16 2.70 -8.25
C VAL A 90 3.51 1.86 -7.04
N THR A 91 4.06 2.51 -6.02
CA THR A 91 4.42 1.83 -4.79
C THR A 91 3.28 1.92 -3.79
N TRP A 92 2.98 0.80 -3.16
CA TRP A 92 1.89 0.75 -2.18
C TRP A 92 2.44 0.57 -0.76
N PHE A 93 2.04 1.47 0.12
CA PHE A 93 2.47 1.40 1.51
C PHE A 93 1.24 1.28 2.40
N ILE A 94 1.01 0.07 2.90
CA ILE A 94 -0.15 -0.20 3.73
C ILE A 94 0.27 -0.62 5.14
N SER A 95 -0.44 -0.10 6.14
CA SER A 95 -0.14 -0.42 7.53
C SER A 95 -0.82 -1.72 7.96
N TRP A 96 -1.00 -2.62 7.00
CA TRP A 96 -1.65 -3.91 7.27
C TRP A 96 -1.56 -4.79 6.03
N SER A 97 -2.45 -5.76 5.88
CA SER A 97 -2.44 -6.65 4.72
C SER A 97 -3.80 -6.63 4.03
N PRO A 98 -3.85 -6.96 2.76
CA PRO A 98 -5.12 -6.97 1.98
C PRO A 98 -6.09 -8.05 2.45
N CYS A 99 -7.38 -7.86 2.16
CA CYS A 99 -8.39 -8.82 2.56
C CYS A 99 -8.54 -9.90 1.49
N PHE A 100 -9.68 -10.58 1.47
CA PHE A 100 -9.92 -11.64 0.50
C PHE A 100 -9.57 -11.16 -0.91
N SER A 101 -9.62 -12.08 -1.87
CA SER A 101 -9.31 -11.78 -3.25
C SER A 101 -10.37 -10.85 -3.87
N TRP A 102 -11.54 -11.40 -4.16
CA TRP A 102 -12.61 -10.61 -4.75
C TRP A 102 -12.68 -9.25 -4.07
N GLY A 103 -12.13 -9.18 -2.85
CA GLY A 103 -12.12 -7.94 -2.10
C GLY A 103 -10.90 -7.09 -2.46
N CYS A 104 -9.72 -7.54 -2.05
CA CYS A 104 -8.50 -6.79 -2.34
C CYS A 104 -7.75 -7.38 -3.54
N ALA A 105 -7.16 -8.55 -3.37
CA ALA A 105 -6.39 -9.18 -4.44
C ALA A 105 -7.20 -9.28 -5.73
N GLY A 106 -8.33 -9.98 -5.66
CA GLY A 106 -9.17 -10.15 -6.84
C GLY A 106 -9.28 -8.86 -7.65
N GLU A 107 -9.50 -7.76 -6.95
CA GLU A 107 -9.61 -6.46 -7.62
C GLU A 107 -8.26 -5.98 -8.11
N VAL A 108 -7.30 -5.88 -7.19
CA VAL A 108 -5.95 -5.42 -7.54
C VAL A 108 -5.42 -6.21 -8.73
N ARG A 109 -5.88 -7.45 -8.86
CA ARG A 109 -5.44 -8.31 -9.96
C ARG A 109 -5.99 -7.82 -11.28
N ALA A 110 -7.31 -7.83 -11.41
CA ALA A 110 -7.96 -7.39 -12.64
C ALA A 110 -7.33 -6.09 -13.13
N PHE A 111 -6.79 -5.30 -12.21
CA PHE A 111 -6.17 -4.03 -12.56
C PHE A 111 -4.84 -4.28 -13.27
N LEU A 112 -3.91 -4.91 -12.56
CA LEU A 112 -2.60 -5.20 -13.15
C LEU A 112 -2.79 -5.73 -14.57
N GLN A 113 -3.98 -6.25 -14.85
CA GLN A 113 -4.29 -6.79 -16.16
C GLN A 113 -4.75 -5.65 -17.08
N GLU A 114 -5.61 -4.79 -16.55
CA GLU A 114 -6.15 -3.67 -17.32
C GLU A 114 -5.03 -2.75 -17.80
N ASN A 115 -4.03 -2.55 -16.94
CA ASN A 115 -2.91 -1.69 -17.29
C ASN A 115 -1.58 -2.36 -16.95
N THR A 116 -0.96 -2.96 -17.96
CA THR A 116 0.32 -3.63 -17.76
C THR A 116 1.46 -2.63 -17.83
N HIS A 117 1.22 -1.50 -18.50
CA HIS A 117 2.24 -0.47 -18.62
C HIS A 117 2.63 0.06 -17.25
N VAL A 118 1.67 0.04 -16.32
CA VAL A 118 1.93 0.51 -14.97
C VAL A 118 2.05 -0.67 -14.02
N ARG A 119 3.20 -0.75 -13.36
CA ARG A 119 3.46 -1.82 -12.42
C ARG A 119 3.08 -1.40 -11.01
N LEU A 120 2.84 -2.37 -10.14
CA LEU A 120 2.46 -2.07 -8.76
C LEU A 120 3.20 -2.95 -7.76
N ARG A 121 3.87 -2.31 -6.81
CA ARG A 121 4.60 -3.01 -5.77
C ARG A 121 3.97 -2.73 -4.42
N ILE A 122 3.83 -3.78 -3.61
CA ILE A 122 3.21 -3.64 -2.30
C ILE A 122 4.18 -3.93 -1.17
N PHE A 123 3.89 -3.30 -0.06
CA PHE A 123 4.68 -3.47 1.15
C PHE A 123 3.77 -3.27 2.37
N ALA A 124 3.53 -4.34 3.12
CA ALA A 124 2.67 -4.25 4.28
C ALA A 124 3.51 -4.08 5.55
N ALA A 125 2.93 -3.46 6.57
CA ALA A 125 3.63 -3.24 7.83
C ALA A 125 3.29 -4.34 8.83
N ARG A 126 2.03 -4.78 8.80
CA ARG A 126 1.57 -5.83 9.71
C ARG A 126 0.73 -6.85 8.97
N ILE A 127 0.94 -8.12 9.26
CA ILE A 127 0.19 -9.20 8.61
C ILE A 127 -0.80 -9.81 9.58
N TYR A 128 -2.09 -9.64 9.30
CA TYR A 128 -3.13 -10.18 10.16
C TYR A 128 -3.36 -11.67 9.84
N ASP A 129 -2.27 -12.43 9.83
CA ASP A 129 -2.34 -13.86 9.55
C ASP A 129 -3.38 -14.58 10.42
N TYR A 130 -4.11 -13.83 11.25
CA TYR A 130 -5.10 -14.43 12.13
C TYR A 130 -6.17 -15.15 11.30
N ASP A 131 -6.04 -15.11 9.98
CA ASP A 131 -7.00 -15.76 9.10
C ASP A 131 -6.29 -16.44 7.94
N PRO A 132 -6.79 -17.57 7.45
CA PRO A 132 -6.16 -18.29 6.30
C PRO A 132 -6.39 -17.59 4.97
N LEU A 133 -7.67 -17.26 4.71
CA LEU A 133 -8.03 -16.59 3.47
C LEU A 133 -6.99 -15.54 3.08
N TYR A 134 -6.25 -15.07 4.07
CA TYR A 134 -5.22 -14.06 3.82
C TYR A 134 -4.12 -14.61 2.92
N LYS A 135 -3.68 -15.83 3.22
CA LYS A 135 -2.61 -16.46 2.43
C LYS A 135 -3.05 -16.65 0.98
N GLU A 136 -4.12 -17.41 0.78
CA GLU A 136 -4.63 -17.68 -0.55
C GLU A 136 -4.75 -16.39 -1.36
N ALA A 137 -5.36 -15.37 -0.75
CA ALA A 137 -5.54 -14.08 -1.42
C ALA A 137 -4.19 -13.54 -1.91
N LEU A 138 -3.15 -13.72 -1.10
CA LEU A 138 -1.83 -13.24 -1.47
C LEU A 138 -1.35 -13.88 -2.76
N GLN A 139 -1.19 -15.20 -2.75
CA GLN A 139 -0.73 -15.92 -3.93
C GLN A 139 -1.44 -15.41 -5.18
N MET A 140 -2.73 -15.11 -5.05
CA MET A 140 -3.51 -14.62 -6.16
C MET A 140 -3.07 -13.22 -6.56
N LEU A 141 -2.57 -12.46 -5.58
CA LEU A 141 -2.12 -11.10 -5.85
C LEU A 141 -0.91 -11.09 -6.77
N ARG A 142 0.19 -11.68 -6.30
CA ARG A 142 1.41 -11.72 -7.08
C ARG A 142 1.17 -12.36 -8.44
N ASP A 143 0.23 -13.30 -8.49
CA ASP A 143 -0.08 -13.99 -9.73
C ASP A 143 -0.43 -12.98 -10.82
N ALA A 144 -0.96 -11.83 -10.41
CA ALA A 144 -1.33 -10.77 -11.35
C ALA A 144 -0.08 -10.12 -11.93
N GLY A 145 1.05 -10.34 -11.28
CA GLY A 145 2.31 -9.76 -11.72
C GLY A 145 2.87 -8.81 -10.67
N ALA A 146 1.99 -8.30 -9.82
CA ALA A 146 2.41 -7.39 -8.76
C ALA A 146 3.37 -8.10 -7.81
N GLN A 147 4.03 -7.33 -6.95
CA GLN A 147 4.98 -7.92 -6.00
C GLN A 147 4.79 -7.35 -4.60
N VAL A 148 4.64 -8.25 -3.62
CA VAL A 148 4.46 -7.82 -2.23
C VAL A 148 5.64 -8.28 -1.38
N SER A 149 5.88 -7.53 -0.30
CA SER A 149 6.98 -7.85 0.60
C SER A 149 6.78 -7.19 1.96
N ILE A 150 7.68 -7.45 2.90
CA ILE A 150 7.56 -6.87 4.22
C ILE A 150 8.19 -5.48 4.26
N MET A 151 7.65 -4.60 5.10
CA MET A 151 8.16 -3.24 5.23
C MET A 151 9.58 -3.26 5.78
N THR A 152 10.50 -2.61 5.05
CA THR A 152 11.89 -2.55 5.48
C THR A 152 12.20 -1.19 6.09
N TYR A 153 13.38 -1.07 6.70
CA TYR A 153 13.79 0.18 7.31
C TYR A 153 13.92 1.28 6.26
N ASP A 154 14.76 1.02 5.26
CA ASP A 154 14.96 1.98 4.18
C ASP A 154 13.63 2.39 3.56
N GLU A 155 12.71 1.44 3.50
CA GLU A 155 11.38 1.70 2.93
C GLU A 155 10.62 2.69 3.80
N PHE A 156 10.57 2.41 5.10
CA PHE A 156 9.86 3.28 6.03
C PHE A 156 10.30 4.73 5.86
N GLU A 157 11.60 4.94 5.70
CA GLU A 157 12.14 6.27 5.52
C GLU A 157 11.54 6.94 4.29
N TYR A 158 11.67 6.30 3.14
CA TYR A 158 11.14 6.84 1.90
C TYR A 158 9.63 7.08 2.00
N CYS A 159 8.97 6.24 2.80
CA CYS A 159 7.53 6.38 2.98
C CYS A 159 7.22 7.44 4.01
N TRP A 160 8.22 7.76 4.84
CA TRP A 160 8.05 8.77 5.86
C TRP A 160 8.20 10.16 5.26
N ASP A 161 9.16 10.32 4.36
CA ASP A 161 9.39 11.61 3.73
C ASP A 161 8.47 11.82 2.53
N THR A 162 7.92 10.73 2.00
CA THR A 162 7.04 10.82 0.85
C THR A 162 5.59 11.12 1.26
N PHE A 163 5.16 10.53 2.37
CA PHE A 163 3.79 10.72 2.84
C PHE A 163 3.74 11.65 4.05
N VAL A 164 4.90 12.06 4.55
CA VAL A 164 4.97 12.95 5.71
C VAL A 164 6.26 13.75 5.68
N TYR A 165 6.24 14.90 5.03
CA TYR A 165 7.43 15.73 4.94
C TYR A 165 7.47 16.74 6.07
N ARG A 166 8.58 16.74 6.83
CA ARG A 166 8.73 17.67 7.95
C ARG A 166 10.07 18.40 7.86
N GLN A 167 10.35 18.93 6.67
CA GLN A 167 11.59 19.67 6.45
C GLN A 167 12.80 18.73 6.41
N GLY A 168 12.58 17.49 5.99
CA GLY A 168 13.66 16.52 5.89
C GLY A 168 13.97 15.85 7.23
N CYS A 169 13.11 16.08 8.22
CA CYS A 169 13.32 15.48 9.54
C CYS A 169 13.44 13.95 9.42
N PRO A 170 14.56 13.35 9.80
CA PRO A 170 14.73 11.87 9.72
C PRO A 170 13.50 11.13 10.23
N PHE A 171 13.49 9.81 10.05
CA PHE A 171 12.37 9.00 10.52
C PHE A 171 12.64 8.44 11.90
N GLN A 172 11.58 8.27 12.67
CA GLN A 172 11.69 7.74 14.02
C GLN A 172 10.48 6.86 14.38
N PRO A 173 10.59 5.55 14.23
CA PRO A 173 9.46 4.64 14.55
C PRO A 173 9.32 4.39 16.05
N TRP A 174 10.19 3.54 16.57
CA TRP A 174 10.17 3.21 17.99
C TRP A 174 11.50 2.61 18.43
N ASP A 175 11.87 1.49 17.80
CA ASP A 175 13.12 0.83 18.12
C ASP A 175 13.12 -0.61 17.58
N GLY A 176 11.96 -1.25 17.63
CA GLY A 176 11.82 -2.62 17.15
C GLY A 176 11.50 -2.67 15.66
N LEU A 177 11.67 -1.55 14.97
CA LEU A 177 11.39 -1.48 13.54
C LEU A 177 12.04 -2.66 12.82
N GLU A 178 13.36 -2.72 12.88
CA GLU A 178 14.10 -3.79 12.22
C GLU A 178 13.63 -5.16 12.69
N GLU A 179 13.75 -5.41 13.99
CA GLU A 179 13.33 -6.69 14.55
C GLU A 179 11.97 -7.10 13.97
N HIS A 180 10.98 -6.22 14.14
CA HIS A 180 9.65 -6.50 13.63
C HIS A 180 9.72 -6.92 12.17
N SER A 181 10.70 -6.40 11.46
CA SER A 181 10.87 -6.72 10.05
C SER A 181 11.46 -8.12 9.89
N GLN A 182 12.40 -8.47 10.77
CA GLN A 182 13.03 -9.78 10.72
C GLN A 182 12.00 -10.88 10.97
N ALA A 183 11.26 -10.75 12.07
CA ALA A 183 10.25 -11.73 12.42
C ALA A 183 9.26 -11.92 11.28
N LEU A 184 8.56 -10.85 10.91
CA LEU A 184 7.59 -10.90 9.83
C LEU A 184 8.25 -11.39 8.55
N SER A 185 9.41 -10.82 8.23
CA SER A 185 10.13 -11.22 7.02
C SER A 185 10.15 -12.74 6.89
N GLY A 186 10.63 -13.41 7.93
CA GLY A 186 10.68 -14.87 7.92
C GLY A 186 9.33 -15.45 7.55
N ARG A 187 8.28 -14.92 8.16
CA ARG A 187 6.93 -15.40 7.88
C ARG A 187 6.57 -15.15 6.42
N LEU A 188 6.53 -13.87 6.03
CA LEU A 188 6.21 -13.52 4.65
C LEU A 188 6.90 -14.47 3.68
N ARG A 189 8.23 -14.46 3.71
CA ARG A 189 9.02 -15.32 2.82
C ARG A 189 8.51 -16.75 2.90
N ALA A 190 7.99 -17.14 4.06
CA ALA A 190 7.48 -18.49 4.24
C ALA A 190 6.08 -18.62 3.64
N ILE A 191 5.42 -17.48 3.46
CA ILE A 191 4.07 -17.48 2.89
C ILE A 191 4.13 -17.53 1.38
N LEU A 192 5.09 -16.82 0.79
CA LEU A 192 5.24 -16.79 -0.66
C LEU A 192 5.74 -18.15 -1.16
N GLN A 193 5.79 -19.11 -0.25
CA GLN A 193 6.25 -20.45 -0.60
C GLN A 193 5.47 -21.50 0.19
N ASN A 194 4.20 -21.21 0.44
CA ASN A 194 3.35 -22.14 1.20
C ASN A 194 3.64 -23.58 0.81
N GLN A 195 4.34 -24.30 1.70
CA GLN A 195 4.68 -25.68 1.44
C GLN A 195 3.48 -26.59 1.70
N GLY A 196 2.97 -26.56 2.93
CA GLY A 196 1.82 -27.37 3.29
C GLY A 196 0.82 -26.58 4.12
N ASN A 197 0.80 -25.27 3.91
CA ASN A 197 -0.12 -24.40 4.64
C ASN A 197 -0.61 -23.27 3.75
ZN ZN B . -10.37 -5.85 0.43
N MET A 1 -3.67 22.33 -15.93
CA MET A 1 -2.86 22.47 -14.68
C MET A 1 -2.56 21.08 -14.11
N GLU A 2 -1.52 20.99 -13.30
CA GLU A 2 -1.14 19.73 -12.69
C GLU A 2 -2.04 19.40 -11.51
N ILE A 3 -1.94 18.18 -11.00
CA ILE A 3 -2.75 17.76 -9.87
C ILE A 3 -2.08 18.17 -8.56
N LEU A 4 -2.88 18.26 -7.50
CA LEU A 4 -2.36 18.64 -6.19
C LEU A 4 -2.34 17.44 -5.25
N ARG A 5 -1.64 17.59 -4.13
CA ARG A 5 -1.53 16.53 -3.15
C ARG A 5 -2.14 16.98 -1.82
N TYR A 6 -1.85 16.25 -0.75
CA TYR A 6 -2.39 16.59 0.55
C TYR A 6 -1.32 16.40 1.64
N LEU A 7 -0.43 15.43 1.45
CA LEU A 7 0.62 15.17 2.42
C LEU A 7 0.02 14.94 3.80
N MET A 8 -0.34 13.69 4.10
CA MET A 8 -0.92 13.36 5.38
C MET A 8 -0.08 13.94 6.51
N ASP A 9 -0.73 14.22 7.63
CA ASP A 9 -0.05 14.79 8.78
C ASP A 9 0.76 13.72 9.51
N PRO A 10 1.79 14.12 10.21
CA PRO A 10 2.67 13.15 10.97
C PRO A 10 1.94 12.52 12.14
N ASP A 11 1.32 13.36 12.97
CA ASP A 11 0.59 12.87 14.13
C ASP A 11 -0.30 11.69 13.76
N THR A 12 -1.00 11.81 12.64
CA THR A 12 -1.89 10.74 12.19
C THR A 12 -1.08 9.61 11.57
N PHE A 13 -0.24 9.95 10.59
CA PHE A 13 0.58 8.95 9.92
C PHE A 13 1.21 7.99 10.93
N THR A 14 1.77 8.55 12.00
CA THR A 14 2.40 7.74 13.03
C THR A 14 1.35 6.93 13.79
N PHE A 15 0.24 7.56 14.13
CA PHE A 15 -0.83 6.88 14.86
C PHE A 15 -1.35 5.69 14.08
N ASN A 16 -1.35 5.81 12.75
CA ASN A 16 -1.83 4.73 11.90
C ASN A 16 -0.74 3.69 11.66
N PHE A 17 0.32 4.10 11.00
CA PHE A 17 1.43 3.20 10.71
C PHE A 17 2.06 2.70 12.00
N ASN A 18 1.59 3.23 13.13
CA ASN A 18 2.13 2.83 14.42
C ASN A 18 2.18 1.31 14.54
N ASN A 19 1.49 0.62 13.63
CA ASN A 19 1.48 -0.83 13.64
C ASN A 19 0.78 -1.36 14.89
N ASP A 20 0.42 -0.45 15.78
CA ASP A 20 -0.25 -0.84 17.02
C ASP A 20 -1.38 0.13 17.34
N PRO A 21 -2.22 0.40 16.38
CA PRO A 21 -3.38 1.33 16.56
C PRO A 21 -4.37 0.82 17.61
N LEU A 22 -5.26 -0.08 17.19
CA LEU A 22 -6.25 -0.64 18.10
C LEU A 22 -7.32 0.39 18.43
N VAL A 23 -6.89 1.58 18.83
CA VAL A 23 -7.84 2.65 19.16
C VAL A 23 -8.98 2.70 18.15
N LEU A 24 -8.65 2.95 16.90
CA LEU A 24 -9.65 3.02 15.84
C LEU A 24 -10.40 1.69 15.74
N ARG A 25 -11.12 1.52 14.63
CA ARG A 25 -11.88 0.29 14.41
C ARG A 25 -10.97 -0.83 13.94
N ARG A 26 -11.26 -2.05 14.37
CA ARG A 26 -10.45 -3.20 13.99
C ARG A 26 -10.34 -3.30 12.47
N ARG A 27 -11.38 -2.84 11.77
CA ARG A 27 -11.37 -2.88 10.32
C ARG A 27 -10.59 -1.71 9.75
N GLN A 28 -10.12 -0.83 10.63
CA GLN A 28 -9.35 0.33 10.20
C GLN A 28 -8.28 -0.08 9.21
N THR A 29 -8.22 0.64 8.09
CA THR A 29 -7.23 0.34 7.05
C THR A 29 -6.71 1.63 6.44
N TYR A 30 -5.41 1.65 6.17
CA TYR A 30 -4.79 2.83 5.57
C TYR A 30 -3.64 2.42 4.66
N LEU A 31 -3.70 2.88 3.41
CA LEU A 31 -2.67 2.57 2.43
C LEU A 31 -2.12 3.84 1.79
N CYS A 32 -0.81 3.84 1.58
CA CYS A 32 -0.14 4.99 0.98
C CYS A 32 0.29 4.65 -0.43
N TYR A 33 -0.34 5.29 -1.41
CA TYR A 33 -0.01 5.02 -2.81
C TYR A 33 0.80 6.16 -3.43
N GLU A 34 1.75 5.78 -4.28
CA GLU A 34 2.59 6.76 -4.96
C GLU A 34 2.72 6.36 -6.42
N VAL A 35 3.18 7.29 -7.25
CA VAL A 35 3.34 7.02 -8.68
C VAL A 35 4.73 7.43 -9.14
N GLU A 36 5.36 6.56 -9.93
CA GLU A 36 6.70 6.84 -10.44
C GLU A 36 6.74 6.73 -11.95
N ARG A 37 7.49 7.64 -12.58
CA ARG A 37 7.63 7.64 -14.03
C ARG A 37 9.10 7.42 -14.38
N LEU A 38 9.39 6.30 -15.02
CA LEU A 38 10.76 5.99 -15.37
C LEU A 38 11.32 7.04 -16.32
N ASP A 39 12.03 8.02 -15.76
CA ASP A 39 12.63 9.08 -16.57
C ASP A 39 14.15 9.10 -16.38
N ASN A 40 14.88 9.17 -17.48
CA ASN A 40 16.33 9.21 -17.42
C ASN A 40 16.88 7.89 -16.88
N GLY A 41 16.28 6.78 -17.29
CA GLY A 41 16.73 5.47 -16.84
C GLY A 41 16.62 5.34 -15.32
N THR A 42 15.91 6.29 -14.71
CA THR A 42 15.73 6.26 -13.26
C THR A 42 14.29 6.58 -12.91
N TRP A 43 13.82 6.02 -11.81
CA TRP A 43 12.45 6.24 -11.38
C TRP A 43 12.32 7.63 -10.78
N VAL A 44 11.26 8.34 -11.14
CA VAL A 44 11.04 9.68 -10.63
C VAL A 44 9.70 9.76 -9.89
N LEU A 45 9.74 10.16 -8.63
CA LEU A 45 8.52 10.25 -7.84
C LEU A 45 7.69 11.43 -8.31
N MET A 46 6.40 11.18 -8.54
CA MET A 46 5.48 12.23 -9.00
C MET A 46 4.59 12.67 -7.85
N ASP A 47 4.93 13.81 -7.25
CA ASP A 47 4.15 14.34 -6.14
C ASP A 47 2.71 14.62 -6.56
N GLN A 48 2.54 15.04 -7.81
CA GLN A 48 1.21 15.35 -8.33
C GLN A 48 0.36 14.09 -8.44
N HIS A 49 1.00 12.95 -8.73
CA HIS A 49 0.27 11.70 -8.86
C HIS A 49 0.47 10.82 -7.63
N MET A 50 0.79 11.45 -6.50
CA MET A 50 1.00 10.72 -5.25
C MET A 50 -0.04 11.12 -4.21
N GLY A 51 -0.24 10.27 -3.22
CA GLY A 51 -1.21 10.55 -2.16
C GLY A 51 -1.58 9.27 -1.43
N PHE A 52 -2.35 9.42 -0.35
CA PHE A 52 -2.77 8.26 0.44
C PHE A 52 -4.27 8.05 0.31
N LEU A 53 -4.72 6.84 0.64
CA LEU A 53 -6.14 6.52 0.54
C LEU A 53 -6.63 5.90 1.84
N CYS A 54 -7.90 6.15 2.17
CA CYS A 54 -8.49 5.62 3.39
C CYS A 54 -9.73 4.80 3.07
N ASN A 55 -10.23 4.07 4.05
CA ASN A 55 -11.42 3.25 3.86
C ASN A 55 -12.68 4.05 4.15
N GLU A 56 -13.00 4.19 5.44
CA GLU A 56 -14.19 4.95 5.84
C GLU A 56 -13.81 6.39 6.18
N ALA A 57 -14.71 7.31 5.88
CA ALA A 57 -14.47 8.73 6.17
C ALA A 57 -15.75 9.54 6.00
N LYS A 58 -16.55 9.59 7.06
CA LYS A 58 -17.81 10.33 7.02
C LYS A 58 -18.82 9.62 6.14
N ASN A 59 -18.49 8.40 5.71
CA ASN A 59 -19.38 7.63 4.86
C ASN A 59 -20.13 6.58 5.67
N LEU A 60 -19.91 6.59 6.98
CA LEU A 60 -20.56 5.63 7.86
C LEU A 60 -22.08 5.79 7.79
N LEU A 61 -22.53 7.00 7.46
CA LEU A 61 -23.96 7.28 7.35
C LEU A 61 -24.55 6.61 6.11
N CYS A 62 -23.68 6.25 5.18
CA CYS A 62 -24.13 5.60 3.95
C CYS A 62 -24.75 4.24 4.25
N GLY A 63 -24.49 3.74 5.45
CA GLY A 63 -25.04 2.44 5.85
C GLY A 63 -24.11 1.30 5.43
N PHE A 64 -23.19 1.62 4.52
CA PHE A 64 -22.25 0.61 4.02
C PHE A 64 -21.20 0.30 5.09
N TYR A 65 -20.63 -0.90 5.01
CA TYR A 65 -19.61 -1.31 5.97
C TYR A 65 -18.56 -2.19 5.30
N GLY A 66 -17.31 -2.04 5.71
CA GLY A 66 -16.23 -2.83 5.15
C GLY A 66 -15.60 -2.13 3.95
N ARG A 67 -14.87 -1.04 4.21
CA ARG A 67 -14.22 -0.29 3.15
C ARG A 67 -12.71 -0.49 3.19
N HIS A 68 -12.09 -0.47 2.02
CA HIS A 68 -10.64 -0.65 1.93
C HIS A 68 -10.03 0.42 1.02
N ALA A 69 -8.96 1.06 1.51
CA ALA A 69 -8.28 2.09 0.73
C ALA A 69 -7.82 1.50 -0.59
N GLU A 70 -7.54 0.20 -0.57
CA GLU A 70 -7.11 -0.50 -1.77
C GLU A 70 -8.16 -0.34 -2.86
N LEU A 71 -9.41 -0.58 -2.51
CA LEU A 71 -10.50 -0.44 -3.48
C LEU A 71 -10.51 0.99 -4.02
N ARG A 72 -10.55 1.94 -3.10
CA ARG A 72 -10.55 3.34 -3.48
C ARG A 72 -9.46 3.63 -4.50
N PHE A 73 -8.34 2.90 -4.41
CA PHE A 73 -7.25 3.13 -5.34
C PHE A 73 -7.68 2.82 -6.76
N LEU A 74 -8.25 1.63 -6.97
CA LEU A 74 -8.68 1.27 -8.31
C LEU A 74 -9.58 2.37 -8.86
N ASP A 75 -10.13 3.14 -7.95
CA ASP A 75 -10.99 4.26 -8.33
C ASP A 75 -10.17 5.53 -8.55
N LEU A 76 -8.95 5.53 -8.01
CA LEU A 76 -8.04 6.68 -8.11
C LEU A 76 -7.14 6.62 -9.34
N VAL A 77 -6.88 5.41 -9.83
CA VAL A 77 -6.02 5.25 -11.00
C VAL A 77 -6.47 6.16 -12.16
N PRO A 78 -7.75 6.17 -12.48
CA PRO A 78 -8.25 7.05 -13.58
C PRO A 78 -7.81 8.49 -13.39
N SER A 79 -7.68 8.91 -12.13
CA SER A 79 -7.27 10.28 -11.83
C SER A 79 -5.83 10.52 -12.26
N LEU A 80 -5.05 9.45 -12.37
CA LEU A 80 -3.65 9.57 -12.77
C LEU A 80 -3.54 9.65 -14.29
N GLN A 81 -4.62 9.31 -14.97
CA GLN A 81 -4.66 9.34 -16.43
C GLN A 81 -3.42 8.68 -17.04
N LEU A 82 -3.10 7.49 -16.57
CA LEU A 82 -1.95 6.75 -17.08
C LEU A 82 -2.04 6.60 -18.59
N ASP A 83 -1.02 6.01 -19.20
CA ASP A 83 -1.01 5.81 -20.64
C ASP A 83 0.05 4.77 -21.04
N PRO A 84 -0.14 4.07 -22.13
CA PRO A 84 0.83 3.03 -22.60
C PRO A 84 2.05 3.67 -23.24
N ALA A 85 2.03 4.98 -23.37
CA ALA A 85 3.12 5.72 -23.98
C ALA A 85 4.44 5.40 -23.27
N GLN A 86 4.48 5.70 -21.97
CA GLN A 86 5.68 5.45 -21.17
C GLN A 86 5.47 4.28 -20.23
N ILE A 87 6.24 4.25 -19.16
CA ILE A 87 6.14 3.17 -18.17
C ILE A 87 6.07 3.76 -16.76
N TYR A 88 5.05 3.37 -16.02
CA TYR A 88 4.85 3.85 -14.66
C TYR A 88 4.97 2.71 -13.66
N ARG A 89 5.00 3.06 -12.38
CA ARG A 89 5.10 2.05 -11.32
C ARG A 89 4.66 2.64 -9.99
N VAL A 90 3.56 2.12 -9.47
CA VAL A 90 3.03 2.62 -8.21
C VAL A 90 3.42 1.72 -7.04
N THR A 91 3.63 2.33 -5.87
CA THR A 91 3.99 1.56 -4.68
C THR A 91 2.90 1.66 -3.63
N TRP A 92 2.57 0.53 -3.01
CA TRP A 92 1.52 0.50 -2.00
C TRP A 92 2.13 0.27 -0.61
N PHE A 93 1.84 1.18 0.31
CA PHE A 93 2.34 1.06 1.68
C PHE A 93 1.15 0.96 2.63
N ILE A 94 0.90 -0.25 3.11
CA ILE A 94 -0.23 -0.49 4.02
C ILE A 94 0.25 -0.93 5.39
N SER A 95 -0.38 -0.38 6.43
CA SER A 95 -0.02 -0.71 7.81
C SER A 95 -0.69 -2.00 8.26
N TRP A 96 -1.04 -2.86 7.31
CA TRP A 96 -1.70 -4.13 7.62
C TRP A 96 -1.60 -5.07 6.41
N SER A 97 -2.53 -6.01 6.29
CA SER A 97 -2.52 -6.95 5.17
C SER A 97 -3.89 -6.95 4.48
N PRO A 98 -3.95 -7.30 3.21
CA PRO A 98 -5.23 -7.31 2.45
C PRO A 98 -6.25 -8.27 3.06
N CYS A 99 -7.51 -8.16 2.63
CA CYS A 99 -8.56 -9.02 3.14
C CYS A 99 -8.65 -10.31 2.32
N PHE A 100 -9.01 -10.17 1.05
CA PHE A 100 -9.13 -11.34 0.19
C PHE A 100 -9.34 -10.92 -1.27
N SER A 101 -8.97 -11.83 -2.19
CA SER A 101 -9.10 -11.57 -3.61
C SER A 101 -10.42 -10.90 -3.95
N TRP A 102 -11.49 -11.69 -3.98
CA TRP A 102 -12.82 -11.16 -4.30
C TRP A 102 -13.00 -9.76 -3.71
N GLY A 103 -12.26 -9.49 -2.64
CA GLY A 103 -12.32 -8.19 -2.00
C GLY A 103 -11.35 -7.21 -2.66
N CYS A 104 -10.10 -7.20 -2.19
CA CYS A 104 -9.10 -6.30 -2.74
C CYS A 104 -8.19 -7.01 -3.74
N ALA A 105 -7.37 -7.94 -3.26
CA ALA A 105 -6.44 -8.67 -4.12
C ALA A 105 -7.08 -9.03 -5.47
N GLY A 106 -8.41 -9.10 -5.49
CA GLY A 106 -9.12 -9.45 -6.73
C GLY A 106 -9.18 -8.24 -7.66
N GLU A 107 -9.27 -7.06 -7.09
CA GLU A 107 -9.35 -5.84 -7.87
C GLU A 107 -7.96 -5.38 -8.28
N VAL A 108 -6.96 -5.70 -7.46
CA VAL A 108 -5.59 -5.31 -7.75
C VAL A 108 -5.01 -6.16 -8.89
N ARG A 109 -5.29 -7.46 -8.85
CA ARG A 109 -4.78 -8.36 -9.87
C ARG A 109 -5.48 -8.09 -11.21
N ALA A 110 -6.79 -7.91 -11.14
CA ALA A 110 -7.56 -7.63 -12.36
C ALA A 110 -7.08 -6.34 -13.00
N PHE A 111 -6.68 -5.39 -12.16
CA PHE A 111 -6.19 -4.11 -12.64
C PHE A 111 -4.78 -4.23 -13.20
N LEU A 112 -3.93 -4.97 -12.51
CA LEU A 112 -2.56 -5.16 -12.96
C LEU A 112 -2.53 -5.68 -14.40
N GLN A 113 -3.54 -6.46 -14.77
CA GLN A 113 -3.60 -6.99 -16.13
C GLN A 113 -4.13 -5.94 -17.08
N GLU A 114 -5.16 -5.22 -16.64
CA GLU A 114 -5.77 -4.19 -17.45
C GLU A 114 -4.74 -3.15 -17.87
N ASN A 115 -3.82 -2.85 -16.97
CA ASN A 115 -2.78 -1.87 -17.25
C ASN A 115 -1.39 -2.45 -16.94
N THR A 116 -0.80 -3.08 -17.95
CA THR A 116 0.52 -3.69 -17.79
C THR A 116 1.60 -2.61 -17.84
N HIS A 117 1.26 -1.46 -18.42
CA HIS A 117 2.21 -0.37 -18.52
C HIS A 117 2.62 0.12 -17.14
N VAL A 118 1.71 -0.02 -16.18
CA VAL A 118 1.97 0.40 -14.81
C VAL A 118 2.10 -0.81 -13.90
N ARG A 119 3.21 -0.88 -13.19
CA ARG A 119 3.46 -1.98 -12.27
C ARG A 119 3.06 -1.57 -10.86
N LEU A 120 2.78 -2.55 -10.01
CA LEU A 120 2.38 -2.25 -8.64
C LEU A 120 3.11 -3.15 -7.65
N ARG A 121 3.74 -2.52 -6.68
CA ARG A 121 4.47 -3.25 -5.64
C ARG A 121 3.81 -3.02 -4.29
N ILE A 122 3.54 -4.11 -3.57
CA ILE A 122 2.89 -4.00 -2.28
C ILE A 122 3.86 -4.19 -1.14
N PHE A 123 3.51 -3.58 -0.02
CA PHE A 123 4.34 -3.69 1.16
C PHE A 123 3.48 -3.51 2.42
N ALA A 124 3.34 -4.56 3.19
CA ALA A 124 2.54 -4.51 4.41
C ALA A 124 3.45 -4.36 5.63
N ALA A 125 2.89 -3.85 6.72
CA ALA A 125 3.67 -3.65 7.94
C ALA A 125 3.36 -4.75 8.96
N ARG A 126 2.11 -5.22 8.95
CA ARG A 126 1.71 -6.26 9.88
C ARG A 126 0.68 -7.18 9.24
N ILE A 127 0.67 -8.45 9.68
CA ILE A 127 -0.26 -9.42 9.13
C ILE A 127 -1.49 -9.54 10.04
N TYR A 128 -2.67 -9.46 9.44
CA TYR A 128 -3.90 -9.54 10.20
C TYR A 128 -4.15 -10.98 10.65
N ASP A 129 -4.36 -11.15 11.97
CA ASP A 129 -4.61 -12.48 12.52
C ASP A 129 -5.99 -12.98 12.10
N TYR A 130 -6.94 -12.06 12.00
CA TYR A 130 -8.29 -12.42 11.61
C TYR A 130 -8.38 -12.67 10.11
N ASP A 131 -7.23 -12.67 9.46
CA ASP A 131 -7.18 -12.89 8.01
C ASP A 131 -6.11 -13.93 7.67
N PRO A 132 -6.41 -15.18 7.91
CA PRO A 132 -5.47 -16.29 7.62
C PRO A 132 -5.45 -16.67 6.14
N LEU A 133 -6.44 -16.19 5.40
CA LEU A 133 -6.53 -16.47 3.97
C LEU A 133 -5.70 -15.46 3.19
N TYR A 134 -5.45 -14.31 3.81
CA TYR A 134 -4.66 -13.27 3.17
C TYR A 134 -3.47 -13.86 2.44
N LYS A 135 -2.85 -14.87 3.04
CA LYS A 135 -1.70 -15.52 2.43
C LYS A 135 -2.05 -16.08 1.06
N GLU A 136 -3.28 -16.58 0.93
CA GLU A 136 -3.73 -17.13 -0.34
C GLU A 136 -3.87 -16.03 -1.38
N ALA A 137 -4.56 -14.95 -1.01
CA ALA A 137 -4.76 -13.83 -1.91
C ALA A 137 -3.42 -13.18 -2.24
N LEU A 138 -2.46 -13.33 -1.33
CA LEU A 138 -1.13 -12.76 -1.54
C LEU A 138 -0.43 -13.43 -2.71
N GLN A 139 -0.50 -14.76 -2.75
CA GLN A 139 0.13 -15.51 -3.83
C GLN A 139 -0.49 -15.14 -5.18
N MET A 140 -1.81 -15.10 -5.21
CA MET A 140 -2.53 -14.75 -6.44
C MET A 140 -2.35 -13.27 -6.76
N LEU A 141 -2.05 -12.48 -5.74
CA LEU A 141 -1.86 -11.05 -5.93
C LEU A 141 -0.56 -10.76 -6.68
N ARG A 142 0.56 -11.22 -6.12
CA ARG A 142 1.85 -11.00 -6.76
C ARG A 142 1.94 -11.79 -8.06
N ASP A 143 1.10 -12.80 -8.20
CA ASP A 143 1.08 -13.61 -9.40
C ASP A 143 0.66 -12.77 -10.59
N ALA A 144 -0.08 -11.70 -10.32
CA ALA A 144 -0.54 -10.81 -11.38
C ALA A 144 0.61 -9.98 -11.92
N GLY A 145 1.77 -10.10 -11.28
CA GLY A 145 2.96 -9.36 -11.70
C GLY A 145 3.43 -8.42 -10.59
N ALA A 146 2.58 -8.21 -9.59
CA ALA A 146 2.92 -7.33 -8.49
C ALA A 146 3.92 -8.01 -7.55
N GLN A 147 4.44 -7.24 -6.60
CA GLN A 147 5.41 -7.80 -5.64
C GLN A 147 5.08 -7.37 -4.22
N VAL A 148 4.78 -8.34 -3.35
CA VAL A 148 4.46 -8.05 -1.96
C VAL A 148 5.58 -8.48 -1.03
N SER A 149 5.89 -7.64 -0.05
CA SER A 149 6.94 -7.95 0.91
C SER A 149 6.76 -7.14 2.20
N ILE A 150 7.63 -7.36 3.17
CA ILE A 150 7.55 -6.64 4.43
C ILE A 150 8.42 -5.39 4.38
N MET A 151 7.80 -4.23 4.59
CA MET A 151 8.54 -2.97 4.56
C MET A 151 9.65 -2.97 5.61
N THR A 152 10.76 -2.30 5.29
CA THR A 152 11.89 -2.22 6.20
C THR A 152 12.06 -0.79 6.73
N TYR A 153 13.16 -0.57 7.44
CA TYR A 153 13.43 0.75 8.00
C TYR A 153 13.64 1.78 6.88
N ASP A 154 14.64 1.55 6.05
CA ASP A 154 14.94 2.45 4.94
C ASP A 154 13.67 2.73 4.13
N GLU A 155 13.10 1.69 3.56
CA GLU A 155 11.88 1.85 2.77
C GLU A 155 10.91 2.79 3.45
N PHE A 156 10.81 2.69 4.78
CA PHE A 156 9.92 3.54 5.54
C PHE A 156 10.38 5.00 5.46
N GLU A 157 11.69 5.20 5.47
CA GLU A 157 12.25 6.55 5.41
C GLU A 157 11.82 7.26 4.13
N TYR A 158 11.70 6.50 3.05
CA TYR A 158 11.30 7.08 1.77
C TYR A 158 9.81 7.43 1.77
N CYS A 159 9.01 6.56 2.36
CA CYS A 159 7.57 6.79 2.42
C CYS A 159 7.24 7.83 3.49
N TRP A 160 8.16 7.99 4.44
CA TRP A 160 7.97 8.95 5.51
C TRP A 160 8.31 10.36 5.03
N ASP A 161 9.30 10.47 4.16
CA ASP A 161 9.71 11.77 3.63
C ASP A 161 8.78 12.25 2.52
N THR A 162 8.19 11.31 1.79
CA THR A 162 7.29 11.66 0.69
C THR A 162 5.90 12.00 1.20
N PHE A 163 5.27 11.04 1.88
CA PHE A 163 3.93 11.24 2.40
C PHE A 163 3.92 12.22 3.58
N VAL A 164 5.06 12.36 4.25
CA VAL A 164 5.16 13.26 5.40
C VAL A 164 6.41 14.12 5.30
N TYR A 165 6.23 15.44 5.34
CA TYR A 165 7.36 16.35 5.27
C TYR A 165 7.38 17.26 6.48
N ARG A 166 8.49 17.24 7.22
CA ARG A 166 8.64 18.06 8.41
C ARG A 166 10.07 18.63 8.46
N GLN A 167 10.48 19.26 7.38
CA GLN A 167 11.81 19.86 7.30
C GLN A 167 12.90 18.79 7.20
N GLY A 168 12.69 17.82 6.30
CA GLY A 168 13.67 16.76 6.10
C GLY A 168 13.99 16.03 7.41
N CYS A 169 13.03 15.99 8.31
CA CYS A 169 13.23 15.32 9.60
C CYS A 169 13.40 13.82 9.40
N PRO A 170 14.06 13.14 10.31
CA PRO A 170 14.27 11.66 10.21
C PRO A 170 12.99 10.90 10.49
N PHE A 171 13.02 9.58 10.28
CA PHE A 171 11.84 8.76 10.51
C PHE A 171 11.86 8.20 11.93
N GLN A 172 10.71 8.21 12.56
CA GLN A 172 10.58 7.71 13.93
C GLN A 172 9.40 6.74 14.04
N PRO A 173 9.64 5.45 13.92
CA PRO A 173 8.56 4.45 14.01
C PRO A 173 8.20 4.08 15.44
N TRP A 174 9.00 3.20 16.04
CA TRP A 174 8.76 2.78 17.41
C TRP A 174 10.01 2.15 18.02
N ASP A 175 10.43 1.03 17.45
CA ASP A 175 11.63 0.32 17.92
C ASP A 175 11.61 -1.13 17.48
N GLY A 176 10.61 -1.87 17.94
CA GLY A 176 10.47 -3.29 17.59
C GLY A 176 10.17 -3.50 16.12
N LEU A 177 10.38 -2.45 15.31
CA LEU A 177 10.10 -2.55 13.89
C LEU A 177 11.14 -3.45 13.20
N GLU A 178 12.37 -3.38 13.68
CA GLU A 178 13.44 -4.18 13.11
C GLU A 178 13.24 -5.67 13.41
N GLU A 179 13.22 -6.01 14.69
CA GLU A 179 13.03 -7.40 15.08
C GLU A 179 11.80 -7.99 14.38
N HIS A 180 10.76 -7.19 14.26
CA HIS A 180 9.54 -7.64 13.60
C HIS A 180 9.80 -7.90 12.12
N SER A 181 10.53 -7.00 11.48
CA SER A 181 10.84 -7.15 10.07
C SER A 181 11.40 -8.53 9.78
N GLN A 182 12.31 -8.98 10.65
CA GLN A 182 12.92 -10.29 10.49
C GLN A 182 11.85 -11.39 10.56
N ALA A 183 11.07 -11.36 11.63
CA ALA A 183 10.00 -12.34 11.80
C ALA A 183 9.05 -12.31 10.62
N LEU A 184 8.40 -11.17 10.41
CA LEU A 184 7.46 -11.01 9.32
C LEU A 184 8.10 -11.44 8.00
N SER A 185 9.18 -10.74 7.63
CA SER A 185 9.88 -11.07 6.38
C SER A 185 10.07 -12.57 6.25
N GLY A 186 10.27 -13.24 7.37
CA GLY A 186 10.47 -14.68 7.36
C GLY A 186 9.23 -15.39 6.81
N ARG A 187 8.07 -15.10 7.38
CA ARG A 187 6.83 -15.72 6.93
C ARG A 187 6.51 -15.30 5.50
N LEU A 188 6.40 -13.99 5.28
CA LEU A 188 6.10 -13.46 3.96
C LEU A 188 6.87 -14.24 2.89
N ARG A 189 8.19 -14.16 2.95
CA ARG A 189 9.03 -14.87 1.99
C ARG A 189 8.60 -16.32 1.88
N ALA A 190 8.22 -16.91 3.02
CA ALA A 190 7.77 -18.29 3.04
C ALA A 190 6.58 -18.48 2.11
N ILE A 191 5.58 -17.62 2.25
CA ILE A 191 4.39 -17.70 1.41
C ILE A 191 4.78 -17.76 -0.06
N LEU A 192 5.75 -16.93 -0.43
CA LEU A 192 6.21 -16.89 -1.81
C LEU A 192 7.08 -18.11 -2.13
N GLN A 193 7.12 -19.04 -1.18
CA GLN A 193 7.92 -20.25 -1.35
C GLN A 193 7.11 -21.48 -1.01
N ASN A 194 5.79 -21.31 -0.94
CA ASN A 194 4.90 -22.42 -0.62
C ASN A 194 4.28 -22.99 -1.89
N GLN A 195 4.04 -24.30 -1.90
CA GLN A 195 3.45 -24.95 -3.05
C GLN A 195 2.38 -25.95 -2.61
N GLY A 196 2.81 -27.13 -2.17
CA GLY A 196 1.88 -28.16 -1.73
C GLY A 196 2.57 -29.51 -1.62
N ASN A 197 3.20 -29.93 -2.70
CA ASN A 197 3.90 -31.22 -2.71
C ASN A 197 5.14 -31.14 -3.60
ZN ZN B . -9.33 -5.42 1.54
N MET A 1 -4.94 27.07 -11.50
CA MET A 1 -5.24 25.64 -11.21
C MET A 1 -4.64 25.26 -9.86
N GLU A 2 -3.32 25.11 -9.83
CA GLU A 2 -2.62 24.74 -8.60
C GLU A 2 -3.09 23.38 -8.10
N ILE A 3 -2.18 22.63 -7.51
CA ILE A 3 -2.50 21.30 -6.99
C ILE A 3 -2.62 21.33 -5.48
N LEU A 4 -3.76 20.88 -4.97
CA LEU A 4 -3.98 20.86 -3.52
C LEU A 4 -3.88 19.43 -2.98
N ARG A 5 -2.79 19.15 -2.29
CA ARG A 5 -2.57 17.82 -1.71
C ARG A 5 -3.07 17.79 -0.27
N TYR A 6 -2.38 17.02 0.56
CA TYR A 6 -2.76 16.90 1.96
C TYR A 6 -1.62 16.31 2.77
N LEU A 7 -0.99 15.28 2.22
CA LEU A 7 0.14 14.63 2.89
C LEU A 7 -0.27 14.09 4.25
N MET A 8 -0.04 12.81 4.46
CA MET A 8 -0.38 12.17 5.73
C MET A 8 0.28 12.90 6.87
N ASP A 9 -0.49 13.14 7.91
CA ASP A 9 0.00 13.84 9.08
C ASP A 9 1.00 12.97 9.85
N PRO A 10 1.86 13.58 10.64
CA PRO A 10 2.88 12.84 11.43
C PRO A 10 2.24 12.04 12.56
N ASP A 11 1.52 12.74 13.43
CA ASP A 11 0.86 12.09 14.56
C ASP A 11 0.02 10.91 14.08
N THR A 12 -0.58 11.05 12.90
CA THR A 12 -1.41 9.98 12.35
C THR A 12 -0.53 8.88 11.76
N PHE A 13 0.25 9.23 10.74
CA PHE A 13 1.12 8.26 10.10
C PHE A 13 1.95 7.51 11.14
N THR A 14 2.19 8.16 12.27
CA THR A 14 2.97 7.55 13.34
C THR A 14 2.15 6.49 14.06
N PHE A 15 0.99 6.89 14.59
CA PHE A 15 0.12 5.96 15.30
C PHE A 15 -0.39 4.88 14.36
N ASN A 16 -0.41 5.17 13.06
CA ASN A 16 -0.88 4.22 12.07
C ASN A 16 0.13 3.09 11.91
N PHE A 17 1.35 3.43 11.51
CA PHE A 17 2.39 2.45 11.31
C PHE A 17 3.00 2.02 12.64
N ASN A 18 2.59 2.69 13.72
CA ASN A 18 3.10 2.38 15.05
C ASN A 18 2.99 0.88 15.34
N ASN A 19 2.28 0.18 14.45
CA ASN A 19 2.11 -1.27 14.62
C ASN A 19 1.03 -1.56 15.66
N ASP A 20 0.33 -0.52 16.09
CA ASP A 20 -0.72 -0.67 17.07
C ASP A 20 -1.63 0.56 17.10
N PRO A 21 -2.39 0.75 16.06
CA PRO A 21 -3.33 1.91 15.95
C PRO A 21 -4.25 2.04 17.15
N LEU A 22 -5.36 2.74 16.97
CA LEU A 22 -6.33 2.92 18.05
C LEU A 22 -6.96 1.59 18.43
N VAL A 23 -6.74 1.17 19.68
CA VAL A 23 -7.29 -0.09 20.16
C VAL A 23 -6.89 -1.23 19.23
N LEU A 24 -7.64 -1.42 18.16
CA LEU A 24 -7.36 -2.48 17.21
C LEU A 24 -8.30 -2.39 16.00
N ARG A 25 -7.72 -2.41 14.81
CA ARG A 25 -8.51 -2.33 13.59
C ARG A 25 -9.41 -3.54 13.45
N ARG A 26 -10.68 -3.31 13.12
CA ARG A 26 -11.64 -4.39 12.95
C ARG A 26 -11.96 -4.58 11.47
N ARG A 27 -12.07 -3.47 10.75
CA ARG A 27 -12.38 -3.52 9.32
C ARG A 27 -11.67 -2.40 8.59
N GLN A 28 -11.47 -1.27 9.28
CA GLN A 28 -10.80 -0.13 8.69
C GLN A 28 -9.53 -0.56 7.97
N THR A 29 -8.91 0.37 7.26
CA THR A 29 -7.68 0.08 6.53
C THR A 29 -7.04 1.38 6.04
N TYR A 30 -5.72 1.36 5.88
CA TYR A 30 -5.01 2.55 5.40
C TYR A 30 -3.88 2.14 4.46
N LEU A 31 -3.94 2.65 3.23
CA LEU A 31 -2.92 2.36 2.24
C LEU A 31 -2.42 3.63 1.58
N CYS A 32 -1.12 3.69 1.37
CA CYS A 32 -0.50 4.85 0.75
C CYS A 32 -0.07 4.50 -0.67
N TYR A 33 -0.54 5.27 -1.63
CA TYR A 33 -0.21 5.02 -3.03
C TYR A 33 0.61 6.16 -3.63
N GLU A 34 1.55 5.81 -4.47
CA GLU A 34 2.37 6.79 -5.15
C GLU A 34 2.55 6.38 -6.60
N VAL A 35 2.88 7.34 -7.46
CA VAL A 35 3.07 7.04 -8.88
C VAL A 35 4.48 7.43 -9.31
N GLU A 36 5.22 6.45 -9.82
CA GLU A 36 6.59 6.69 -10.24
C GLU A 36 6.70 6.63 -11.77
N ARG A 37 7.50 7.54 -12.33
CA ARG A 37 7.71 7.57 -13.77
C ARG A 37 9.18 7.33 -14.05
N LEU A 38 9.47 6.25 -14.75
CA LEU A 38 10.85 5.92 -15.04
C LEU A 38 11.47 6.94 -15.99
N ASP A 39 12.22 7.89 -15.41
CA ASP A 39 12.87 8.91 -16.18
C ASP A 39 14.39 8.75 -16.12
N ASN A 40 15.05 9.03 -17.25
CA ASN A 40 16.51 8.93 -17.34
C ASN A 40 16.99 7.54 -16.90
N GLY A 41 16.10 6.56 -16.97
CA GLY A 41 16.47 5.19 -16.61
C GLY A 41 16.37 4.96 -15.11
N THR A 42 15.70 5.88 -14.41
CA THR A 42 15.54 5.75 -12.97
C THR A 42 14.11 6.12 -12.58
N TRP A 43 13.66 5.59 -11.45
CA TRP A 43 12.30 5.86 -11.00
C TRP A 43 12.25 7.23 -10.34
N VAL A 44 11.24 8.01 -10.72
CA VAL A 44 11.06 9.35 -10.17
C VAL A 44 9.68 9.49 -9.54
N LEU A 45 9.63 10.05 -8.34
CA LEU A 45 8.35 10.22 -7.65
C LEU A 45 7.59 11.40 -8.23
N MET A 46 6.31 11.19 -8.53
CA MET A 46 5.47 12.24 -9.10
C MET A 46 4.47 12.75 -8.06
N ASP A 47 4.71 13.95 -7.56
CA ASP A 47 3.82 14.54 -6.56
C ASP A 47 2.44 14.83 -7.14
N GLN A 48 2.41 15.26 -8.40
CA GLN A 48 1.14 15.56 -9.06
C GLN A 48 0.36 14.29 -9.36
N HIS A 49 0.78 13.19 -8.75
CA HIS A 49 0.11 11.91 -8.96
C HIS A 49 0.30 11.01 -7.74
N MET A 50 0.61 11.64 -6.61
CA MET A 50 0.80 10.90 -5.36
C MET A 50 -0.29 11.25 -4.36
N GLY A 51 -0.47 10.38 -3.37
CA GLY A 51 -1.48 10.59 -2.34
C GLY A 51 -1.81 9.27 -1.64
N PHE A 52 -2.62 9.34 -0.59
CA PHE A 52 -2.99 8.15 0.16
C PHE A 52 -4.50 7.98 0.17
N LEU A 53 -4.95 6.74 0.37
CA LEU A 53 -6.38 6.44 0.41
C LEU A 53 -6.75 5.76 1.72
N CYS A 54 -7.75 6.31 2.40
CA CYS A 54 -8.20 5.73 3.67
C CYS A 54 -9.42 4.84 3.45
N ASN A 55 -10.26 4.74 4.49
CA ASN A 55 -11.46 3.90 4.40
C ASN A 55 -12.66 4.67 4.94
N GLU A 56 -12.71 5.97 4.65
CA GLU A 56 -13.82 6.81 5.09
C GLU A 56 -14.45 7.53 3.91
N ALA A 57 -15.76 7.76 4.00
CA ALA A 57 -16.48 8.43 2.93
C ALA A 57 -16.64 9.92 3.26
N LYS A 58 -16.64 10.75 2.23
CA LYS A 58 -16.79 12.19 2.41
C LYS A 58 -18.27 12.57 2.41
N ASN A 59 -19.12 11.66 1.98
CA ASN A 59 -20.56 11.91 1.93
C ASN A 59 -21.24 11.41 3.20
N LEU A 60 -21.17 12.21 4.26
CA LEU A 60 -21.78 11.84 5.52
C LEU A 60 -23.30 11.76 5.37
N LEU A 61 -23.87 12.71 4.63
CA LEU A 61 -25.31 12.73 4.42
C LEU A 61 -25.80 11.37 3.94
N CYS A 62 -24.92 10.61 3.30
CA CYS A 62 -25.27 9.30 2.79
C CYS A 62 -25.13 8.24 3.89
N GLY A 63 -24.23 8.50 4.84
CA GLY A 63 -24.01 7.57 5.94
C GLY A 63 -23.32 6.30 5.43
N PHE A 64 -22.67 6.40 4.29
CA PHE A 64 -21.97 5.26 3.71
C PHE A 64 -20.67 4.98 4.46
N TYR A 65 -20.36 3.71 4.67
CA TYR A 65 -19.14 3.33 5.37
C TYR A 65 -18.56 2.06 4.79
N GLY A 66 -17.39 1.67 5.27
CA GLY A 66 -16.72 0.46 4.78
C GLY A 66 -16.08 0.71 3.42
N ARG A 67 -15.11 1.62 3.39
CA ARG A 67 -14.43 1.94 2.14
C ARG A 67 -13.07 1.25 2.08
N HIS A 68 -12.84 0.49 1.01
CA HIS A 68 -11.58 -0.21 0.84
C HIS A 68 -10.61 0.64 0.02
N ALA A 69 -9.60 1.19 0.69
CA ALA A 69 -8.62 2.04 0.03
C ALA A 69 -8.17 1.38 -1.27
N GLU A 70 -7.67 0.16 -1.16
CA GLU A 70 -7.20 -0.57 -2.33
C GLU A 70 -8.22 -0.47 -3.47
N LEU A 71 -9.49 -0.54 -3.12
CA LEU A 71 -10.55 -0.45 -4.11
C LEU A 71 -10.64 0.99 -4.61
N ARG A 72 -10.63 1.93 -3.68
CA ARG A 72 -10.70 3.34 -4.03
C ARG A 72 -9.58 3.68 -5.01
N PHE A 73 -8.44 3.03 -4.85
CA PHE A 73 -7.30 3.26 -5.74
C PHE A 73 -7.70 2.93 -7.17
N LEU A 74 -8.03 1.66 -7.41
CA LEU A 74 -8.42 1.25 -8.75
C LEU A 74 -9.45 2.21 -9.34
N ASP A 75 -10.17 2.90 -8.46
CA ASP A 75 -11.17 3.86 -8.91
C ASP A 75 -10.54 5.23 -9.13
N LEU A 76 -9.43 5.48 -8.43
CA LEU A 76 -8.72 6.75 -8.56
C LEU A 76 -7.65 6.63 -9.64
N VAL A 77 -7.25 5.41 -9.94
CA VAL A 77 -6.25 5.17 -10.96
C VAL A 77 -6.48 6.08 -12.19
N PRO A 78 -7.64 6.06 -12.80
CA PRO A 78 -7.92 6.93 -13.98
C PRO A 78 -7.53 8.38 -13.72
N SER A 79 -7.70 8.80 -12.47
CA SER A 79 -7.35 10.16 -12.08
C SER A 79 -5.86 10.40 -12.31
N LEU A 80 -5.07 9.33 -12.21
CA LEU A 80 -3.63 9.46 -12.42
C LEU A 80 -3.32 9.70 -13.89
N GLN A 81 -4.32 9.50 -14.73
CA GLN A 81 -4.17 9.71 -16.17
C GLN A 81 -2.80 9.26 -16.65
N LEU A 82 -2.45 8.01 -16.37
CA LEU A 82 -1.16 7.47 -16.78
C LEU A 82 -1.15 7.26 -18.29
N ASP A 83 -0.01 7.52 -18.92
CA ASP A 83 0.10 7.36 -20.37
C ASP A 83 0.47 5.90 -20.71
N PRO A 84 -0.11 5.33 -21.74
CA PRO A 84 0.21 3.92 -22.14
C PRO A 84 1.55 3.81 -22.83
N ALA A 85 2.17 4.95 -23.05
CA ALA A 85 3.47 5.00 -23.71
C ALA A 85 4.59 4.77 -22.71
N GLN A 86 4.78 5.73 -21.82
CA GLN A 86 5.83 5.62 -20.81
C GLN A 86 5.55 4.46 -19.87
N ILE A 87 6.51 4.16 -18.99
CA ILE A 87 6.37 3.07 -18.03
C ILE A 87 6.22 3.64 -16.62
N TYR A 88 5.11 3.27 -15.97
CA TYR A 88 4.84 3.73 -14.62
C TYR A 88 4.90 2.58 -13.63
N ARG A 89 5.05 2.91 -12.35
CA ARG A 89 5.11 1.90 -11.30
C ARG A 89 4.67 2.51 -9.98
N VAL A 90 3.49 2.11 -9.51
CA VAL A 90 2.98 2.66 -8.25
C VAL A 90 3.34 1.76 -7.08
N THR A 91 3.62 2.39 -5.93
CA THR A 91 3.98 1.65 -4.72
C THR A 91 2.87 1.76 -3.69
N TRP A 92 2.58 0.65 -3.04
CA TRP A 92 1.53 0.60 -2.02
C TRP A 92 2.11 0.34 -0.64
N PHE A 93 1.85 1.24 0.31
CA PHE A 93 2.32 1.05 1.68
C PHE A 93 1.13 0.96 2.62
N ILE A 94 0.83 -0.27 3.06
CA ILE A 94 -0.30 -0.50 3.94
C ILE A 94 0.15 -0.89 5.34
N SER A 95 -0.49 -0.31 6.35
CA SER A 95 -0.13 -0.59 7.74
C SER A 95 -0.69 -1.94 8.19
N TRP A 96 -0.99 -2.80 7.23
CA TRP A 96 -1.53 -4.13 7.53
C TRP A 96 -1.36 -5.03 6.30
N SER A 97 -2.35 -5.88 6.02
CA SER A 97 -2.31 -6.78 4.88
C SER A 97 -3.57 -6.61 4.04
N PRO A 98 -3.57 -7.11 2.84
CA PRO A 98 -4.76 -7.01 1.93
C PRO A 98 -5.93 -7.85 2.44
N CYS A 99 -7.14 -7.51 2.01
CA CYS A 99 -8.32 -8.26 2.45
C CYS A 99 -8.36 -9.64 1.79
N PHE A 100 -8.94 -9.73 0.58
CA PHE A 100 -9.00 -11.02 -0.11
C PHE A 100 -9.61 -10.87 -1.50
N SER A 101 -9.21 -11.77 -2.39
CA SER A 101 -9.67 -11.77 -3.78
C SER A 101 -11.13 -11.37 -3.89
N TRP A 102 -12.02 -12.25 -3.42
CA TRP A 102 -13.46 -11.98 -3.49
C TRP A 102 -13.77 -10.55 -3.08
N GLY A 103 -12.82 -9.89 -2.45
CA GLY A 103 -13.01 -8.51 -2.02
C GLY A 103 -12.28 -7.55 -2.94
N CYS A 104 -11.04 -7.22 -2.58
CA CYS A 104 -10.25 -6.28 -3.38
C CYS A 104 -9.25 -7.01 -4.29
N ALA A 105 -8.41 -7.85 -3.69
CA ALA A 105 -7.40 -8.57 -4.46
C ALA A 105 -7.95 -9.04 -5.80
N GLY A 106 -9.27 -9.24 -5.86
CA GLY A 106 -9.90 -9.68 -7.09
C GLY A 106 -9.78 -8.58 -8.16
N GLU A 107 -10.13 -7.37 -7.76
CA GLU A 107 -10.06 -6.24 -8.68
C GLU A 107 -8.61 -5.81 -8.89
N VAL A 108 -7.85 -5.76 -7.79
CA VAL A 108 -6.45 -5.36 -7.87
C VAL A 108 -5.73 -6.18 -8.94
N ARG A 109 -6.15 -7.43 -9.10
CA ARG A 109 -5.56 -8.30 -10.11
C ARG A 109 -6.02 -7.89 -11.50
N ALA A 110 -7.34 -7.76 -11.67
CA ALA A 110 -7.91 -7.38 -12.95
C ALA A 110 -7.20 -6.13 -13.48
N PHE A 111 -6.94 -5.19 -12.59
CA PHE A 111 -6.28 -3.95 -12.97
C PHE A 111 -4.88 -4.21 -13.50
N LEU A 112 -4.05 -4.86 -12.70
CA LEU A 112 -2.68 -5.16 -13.11
C LEU A 112 -2.65 -5.65 -14.55
N GLN A 113 -3.71 -6.33 -14.97
CA GLN A 113 -3.78 -6.85 -16.33
C GLN A 113 -4.31 -5.79 -17.29
N GLU A 114 -5.33 -5.05 -16.85
CA GLU A 114 -5.93 -4.01 -17.67
C GLU A 114 -4.88 -3.00 -18.11
N ASN A 115 -3.96 -2.68 -17.21
CA ASN A 115 -2.90 -1.72 -17.51
C ASN A 115 -1.53 -2.31 -17.20
N THR A 116 -0.88 -2.84 -18.23
CA THR A 116 0.44 -3.44 -18.06
C THR A 116 1.52 -2.36 -18.04
N HIS A 117 1.21 -1.20 -18.62
CA HIS A 117 2.15 -0.10 -18.65
C HIS A 117 2.49 0.35 -17.24
N VAL A 118 1.50 0.30 -16.36
CA VAL A 118 1.69 0.70 -14.97
C VAL A 118 1.80 -0.53 -14.08
N ARG A 119 2.90 -0.61 -13.36
CA ARG A 119 3.14 -1.73 -12.45
C ARG A 119 2.77 -1.36 -11.03
N LEU A 120 2.53 -2.35 -10.19
CA LEU A 120 2.15 -2.09 -8.80
C LEU A 120 2.89 -3.03 -7.86
N ARG A 121 3.45 -2.45 -6.79
CA ARG A 121 4.17 -3.21 -5.80
C ARG A 121 3.51 -3.04 -4.43
N ILE A 122 3.40 -4.14 -3.69
CA ILE A 122 2.78 -4.10 -2.38
C ILE A 122 3.80 -4.13 -1.27
N PHE A 123 3.46 -3.51 -0.15
CA PHE A 123 4.32 -3.49 1.01
C PHE A 123 3.46 -3.37 2.27
N ALA A 124 3.44 -4.44 3.06
CA ALA A 124 2.65 -4.46 4.28
C ALA A 124 3.53 -4.20 5.50
N ALA A 125 2.95 -3.62 6.55
CA ALA A 125 3.70 -3.33 7.76
C ALA A 125 3.39 -4.35 8.85
N ARG A 126 2.16 -4.85 8.86
CA ARG A 126 1.76 -5.83 9.87
C ARG A 126 0.84 -6.88 9.26
N ILE A 127 0.84 -8.06 9.85
CA ILE A 127 0.00 -9.16 9.38
C ILE A 127 -1.05 -9.53 10.43
N TYR A 128 -2.28 -9.12 10.20
CA TYR A 128 -3.36 -9.42 11.13
C TYR A 128 -3.70 -10.90 11.11
N ASP A 129 -3.69 -11.53 12.27
CA ASP A 129 -3.98 -12.95 12.37
C ASP A 129 -5.50 -13.19 12.43
N TYR A 130 -6.26 -12.12 12.35
CA TYR A 130 -7.72 -12.21 12.40
C TYR A 130 -8.26 -12.89 11.13
N ASP A 131 -7.37 -13.16 10.19
CA ASP A 131 -7.78 -13.79 8.94
C ASP A 131 -6.56 -14.10 8.07
N PRO A 132 -5.98 -15.28 8.16
CA PRO A 132 -4.79 -15.65 7.36
C PRO A 132 -5.15 -16.05 5.93
N LEU A 133 -6.25 -15.50 5.42
CA LEU A 133 -6.68 -15.80 4.07
C LEU A 133 -5.92 -14.93 3.07
N TYR A 134 -5.55 -13.73 3.51
CA TYR A 134 -4.81 -12.81 2.65
C TYR A 134 -3.57 -13.51 2.09
N LYS A 135 -3.15 -14.58 2.75
CA LYS A 135 -1.98 -15.33 2.31
C LYS A 135 -2.21 -15.87 0.90
N GLU A 136 -3.24 -16.68 0.74
CA GLU A 136 -3.57 -17.25 -0.55
C GLU A 136 -3.77 -16.14 -1.58
N ALA A 137 -4.40 -15.05 -1.14
CA ALA A 137 -4.64 -13.93 -2.04
C ALA A 137 -3.32 -13.30 -2.48
N LEU A 138 -2.38 -13.18 -1.53
CA LEU A 138 -1.08 -12.59 -1.83
C LEU A 138 -0.41 -13.30 -3.01
N GLN A 139 -0.14 -14.59 -2.84
CA GLN A 139 0.50 -15.37 -3.90
C GLN A 139 -0.21 -15.13 -5.22
N MET A 140 -1.53 -15.20 -5.20
CA MET A 140 -2.32 -14.99 -6.40
C MET A 140 -2.19 -13.55 -6.87
N LEU A 141 -1.83 -12.66 -5.95
CA LEU A 141 -1.68 -11.25 -6.30
C LEU A 141 -0.38 -10.99 -7.03
N ARG A 142 0.75 -11.23 -6.37
CA ARG A 142 2.03 -11.01 -7.00
C ARG A 142 2.12 -11.82 -8.29
N ASP A 143 1.27 -12.83 -8.40
CA ASP A 143 1.25 -13.67 -9.59
C ASP A 143 0.58 -12.91 -10.74
N ALA A 144 -0.22 -11.90 -10.40
CA ALA A 144 -0.90 -11.11 -11.42
C ALA A 144 0.09 -10.18 -12.12
N GLY A 145 1.32 -10.13 -11.59
CA GLY A 145 2.35 -9.27 -12.16
C GLY A 145 2.81 -8.21 -11.17
N ALA A 146 2.32 -8.32 -9.94
CA ALA A 146 2.70 -7.37 -8.90
C ALA A 146 3.79 -7.95 -8.02
N GLN A 147 4.33 -7.14 -7.12
CA GLN A 147 5.40 -7.62 -6.23
C GLN A 147 5.15 -7.15 -4.80
N VAL A 148 4.93 -8.10 -3.89
CA VAL A 148 4.70 -7.77 -2.49
C VAL A 148 5.92 -8.10 -1.65
N SER A 149 6.07 -7.38 -0.54
CA SER A 149 7.19 -7.59 0.37
C SER A 149 6.89 -6.98 1.73
N ILE A 150 7.81 -7.14 2.67
CA ILE A 150 7.63 -6.60 4.01
C ILE A 150 8.37 -5.28 4.15
N MET A 151 7.74 -4.32 4.82
CA MET A 151 8.36 -3.01 5.03
C MET A 151 9.74 -3.16 5.65
N THR A 152 10.65 -2.28 5.25
CA THR A 152 12.02 -2.31 5.77
C THR A 152 12.42 -0.94 6.31
N TYR A 153 13.56 -0.88 6.98
CA TYR A 153 14.04 0.38 7.55
C TYR A 153 14.18 1.43 6.45
N ASP A 154 14.97 1.11 5.43
CA ASP A 154 15.19 2.04 4.32
C ASP A 154 13.86 2.39 3.64
N GLU A 155 13.03 1.37 3.43
CA GLU A 155 11.74 1.57 2.79
C GLU A 155 10.85 2.45 3.66
N PHE A 156 11.08 2.41 4.97
CA PHE A 156 10.30 3.22 5.90
C PHE A 156 10.60 4.69 5.72
N GLU A 157 11.87 5.01 5.53
CA GLU A 157 12.28 6.40 5.34
C GLU A 157 11.66 6.98 4.08
N TYR A 158 11.86 6.28 2.96
CA TYR A 158 11.32 6.73 1.68
C TYR A 158 9.82 6.96 1.78
N CYS A 159 9.15 6.13 2.56
CA CYS A 159 7.71 6.26 2.74
C CYS A 159 7.39 7.44 3.65
N TRP A 160 8.31 7.73 4.57
CA TRP A 160 8.13 8.83 5.50
C TRP A 160 8.32 10.17 4.79
N ASP A 161 9.30 10.23 3.90
CA ASP A 161 9.57 11.46 3.18
C ASP A 161 8.70 11.58 1.92
N THR A 162 8.17 10.46 1.47
CA THR A 162 7.35 10.46 0.26
C THR A 162 5.89 10.82 0.58
N PHE A 163 5.45 10.50 1.79
CA PHE A 163 4.06 10.79 2.18
C PHE A 163 3.96 11.86 3.26
N VAL A 164 4.76 11.73 4.31
CA VAL A 164 4.72 12.71 5.41
C VAL A 164 5.69 13.85 5.18
N TYR A 165 5.27 15.05 5.56
CA TYR A 165 6.14 16.22 5.43
C TYR A 165 6.91 16.40 6.72
N ARG A 166 8.23 16.47 6.61
CA ARG A 166 9.08 16.62 7.79
C ARG A 166 9.74 17.99 7.83
N GLN A 167 10.11 18.51 6.66
CA GLN A 167 10.74 19.81 6.59
C GLN A 167 12.03 19.84 7.41
N GLY A 168 12.79 18.74 7.37
CA GLY A 168 14.04 18.66 8.11
C GLY A 168 13.91 17.75 9.33
N CYS A 169 12.82 17.00 9.40
CA CYS A 169 12.61 16.10 10.54
C CYS A 169 12.89 14.64 10.13
N PRO A 170 14.00 14.05 10.57
CA PRO A 170 14.32 12.64 10.23
C PRO A 170 13.16 11.69 10.53
N PHE A 171 13.30 10.45 10.10
CA PHE A 171 12.26 9.45 10.33
C PHE A 171 12.39 8.86 11.74
N GLN A 172 11.27 8.44 12.29
CA GLN A 172 11.24 7.87 13.64
C GLN A 172 10.97 6.36 13.59
N PRO A 173 11.98 5.53 13.56
CA PRO A 173 11.80 4.05 13.52
C PRO A 173 11.56 3.45 14.91
N TRP A 174 10.86 4.22 15.75
CA TRP A 174 10.55 3.81 17.11
C TRP A 174 11.61 2.84 17.65
N ASP A 175 11.40 1.54 17.42
CA ASP A 175 12.33 0.51 17.88
C ASP A 175 11.70 -0.87 17.75
N GLY A 176 10.37 -0.90 17.71
CA GLY A 176 9.66 -2.17 17.61
C GLY A 176 9.65 -2.70 16.18
N LEU A 177 9.72 -1.80 15.21
CA LEU A 177 9.70 -2.22 13.81
C LEU A 177 10.89 -3.15 13.52
N GLU A 178 11.93 -3.04 14.32
CA GLU A 178 13.10 -3.88 14.14
C GLU A 178 12.77 -5.36 14.38
N GLU A 179 12.30 -5.67 15.58
CA GLU A 179 11.95 -7.04 15.92
C GLU A 179 10.77 -7.53 15.08
N HIS A 180 9.84 -6.63 14.78
CA HIS A 180 8.67 -6.98 13.98
C HIS A 180 9.07 -7.25 12.53
N SER A 181 10.21 -6.71 12.12
CA SER A 181 10.70 -6.90 10.76
C SER A 181 11.27 -8.30 10.57
N GLN A 182 12.16 -8.70 11.48
CA GLN A 182 12.78 -10.03 11.39
C GLN A 182 11.72 -11.12 11.44
N ALA A 183 10.86 -11.06 12.45
CA ALA A 183 9.82 -12.07 12.61
C ALA A 183 8.93 -12.14 11.37
N LEU A 184 8.27 -11.03 11.05
CA LEU A 184 7.39 -10.97 9.89
C LEU A 184 8.15 -11.35 8.62
N SER A 185 9.29 -10.71 8.40
CA SER A 185 10.09 -10.99 7.21
C SER A 185 10.22 -12.49 7.02
N GLY A 186 10.70 -13.18 8.04
CA GLY A 186 10.86 -14.63 7.96
C GLY A 186 9.61 -15.27 7.37
N ARG A 187 8.46 -14.97 7.96
CA ARG A 187 7.20 -15.51 7.47
C ARG A 187 6.99 -15.13 6.02
N LEU A 188 6.96 -13.82 5.75
CA LEU A 188 6.76 -13.34 4.39
C LEU A 188 7.54 -14.19 3.40
N ARG A 189 8.86 -14.24 3.59
CA ARG A 189 9.71 -15.03 2.71
C ARG A 189 9.20 -16.46 2.63
N ALA A 190 8.54 -16.91 3.69
CA ALA A 190 8.01 -18.26 3.74
C ALA A 190 6.76 -18.39 2.87
N ILE A 191 5.75 -17.58 3.18
CA ILE A 191 4.50 -17.61 2.41
C ILE A 191 4.81 -17.61 0.92
N LEU A 192 5.94 -17.02 0.55
CA LEU A 192 6.34 -16.96 -0.85
C LEU A 192 6.71 -18.34 -1.36
N GLN A 193 6.46 -19.35 -0.54
CA GLN A 193 6.77 -20.73 -0.91
C GLN A 193 5.69 -21.68 -0.39
N ASN A 194 4.43 -21.25 -0.49
CA ASN A 194 3.32 -22.07 -0.03
C ASN A 194 3.10 -23.25 -0.98
N GLN A 195 3.03 -24.45 -0.40
CA GLN A 195 2.83 -25.64 -1.20
C GLN A 195 1.94 -26.65 -0.45
N GLY A 196 1.74 -26.39 0.83
CA GLY A 196 0.92 -27.28 1.65
C GLY A 196 0.93 -26.85 3.11
N ASN A 197 -0.05 -27.32 3.87
CA ASN A 197 -0.14 -26.98 5.29
C ASN A 197 0.56 -28.03 6.14
ZN ZN B . -11.11 -5.05 0.44
N MET A 1 1.68 27.30 -9.23
CA MET A 1 3.07 26.77 -9.29
C MET A 1 3.08 25.33 -8.80
N GLU A 2 2.74 25.12 -7.54
CA GLU A 2 2.71 23.78 -6.96
C GLU A 2 1.30 23.21 -7.01
N ILE A 3 1.18 21.90 -6.84
CA ILE A 3 -0.11 21.24 -6.86
C ILE A 3 -0.63 21.02 -5.45
N LEU A 4 -1.94 21.05 -5.28
CA LEU A 4 -2.56 20.85 -3.97
C LEU A 4 -2.40 19.40 -3.53
N ARG A 5 -2.30 19.20 -2.22
CA ARG A 5 -2.15 17.85 -1.67
C ARG A 5 -2.95 17.72 -0.38
N TYR A 6 -2.43 16.89 0.53
CA TYR A 6 -3.10 16.67 1.81
C TYR A 6 -2.09 16.24 2.86
N LEU A 7 -1.18 15.35 2.49
CA LEU A 7 -0.16 14.86 3.41
C LEU A 7 -0.78 14.52 4.76
N MET A 8 -1.06 13.24 4.96
CA MET A 8 -1.65 12.78 6.22
C MET A 8 -0.98 13.48 7.40
N ASP A 9 -1.70 13.54 8.52
CA ASP A 9 -1.17 14.18 9.72
C ASP A 9 -0.02 13.33 10.30
N PRO A 10 1.17 13.87 10.46
CA PRO A 10 2.32 13.09 11.02
C PRO A 10 1.90 12.24 12.21
N ASP A 11 1.34 12.88 13.23
CA ASP A 11 0.90 12.16 14.42
C ASP A 11 0.05 10.96 14.06
N THR A 12 -0.78 11.12 13.03
CA THR A 12 -1.66 10.04 12.59
C THR A 12 -0.86 8.98 11.83
N PHE A 13 -0.15 9.41 10.79
CA PHE A 13 0.64 8.50 9.98
C PHE A 13 1.46 7.57 10.86
N THR A 14 2.18 8.15 11.82
CA THR A 14 3.02 7.36 12.72
C THR A 14 2.16 6.48 13.62
N PHE A 15 1.15 7.08 14.23
CA PHE A 15 0.26 6.33 15.13
C PHE A 15 -0.33 5.12 14.41
N ASN A 16 -0.62 5.28 13.12
CA ASN A 16 -1.20 4.20 12.34
C ASN A 16 -0.17 3.12 12.06
N PHE A 17 0.93 3.49 11.43
CA PHE A 17 1.99 2.55 11.11
C PHE A 17 2.65 2.02 12.39
N ASN A 18 2.29 2.62 13.52
CA ASN A 18 2.84 2.21 14.80
C ASN A 18 1.99 1.13 15.44
N ASN A 19 0.68 1.26 15.28
CA ASN A 19 -0.25 0.28 15.84
C ASN A 19 0.27 -1.14 15.62
N ASP A 20 1.00 -1.66 16.61
CA ASP A 20 1.54 -3.01 16.51
C ASP A 20 0.43 -4.03 16.28
N PRO A 21 0.76 -5.18 15.75
CA PRO A 21 -0.25 -6.25 15.48
C PRO A 21 -1.32 -6.32 16.57
N LEU A 22 -2.45 -5.66 16.33
CA LEU A 22 -3.53 -5.66 17.30
C LEU A 22 -4.54 -6.75 16.98
N VAL A 23 -5.64 -6.78 17.71
CA VAL A 23 -6.68 -7.78 17.49
C VAL A 23 -7.66 -7.30 16.43
N LEU A 24 -7.39 -7.66 15.17
CA LEU A 24 -8.26 -7.25 14.07
C LEU A 24 -8.58 -5.77 14.16
N ARG A 25 -7.82 -4.97 13.41
CA ARG A 25 -8.03 -3.52 13.40
C ARG A 25 -9.25 -3.17 12.57
N ARG A 26 -10.16 -2.38 13.16
CA ARG A 26 -11.37 -1.97 12.47
C ARG A 26 -11.05 -1.61 11.01
N ARG A 27 -12.07 -1.65 10.17
CA ARG A 27 -11.89 -1.31 8.76
C ARG A 27 -11.00 -0.08 8.62
N GLN A 28 -10.92 0.71 9.68
CA GLN A 28 -10.10 1.92 9.67
C GLN A 28 -8.64 1.57 9.41
N THR A 29 -8.30 1.39 8.14
CA THR A 29 -6.94 1.05 7.76
C THR A 29 -6.23 2.26 7.18
N TYR A 30 -5.20 2.02 6.38
CA TYR A 30 -4.45 3.11 5.77
C TYR A 30 -3.73 2.62 4.51
N LEU A 31 -4.04 3.26 3.38
CA LEU A 31 -3.43 2.90 2.11
C LEU A 31 -2.82 4.14 1.46
N CYS A 32 -1.50 4.14 1.37
CA CYS A 32 -0.79 5.24 0.77
C CYS A 32 -0.28 4.83 -0.62
N TYR A 33 -0.45 5.69 -1.60
CA TYR A 33 -0.03 5.38 -2.96
C TYR A 33 0.73 6.55 -3.59
N GLU A 34 1.58 6.22 -4.55
CA GLU A 34 2.35 7.23 -5.27
C GLU A 34 2.66 6.72 -6.67
N VAL A 35 2.69 7.62 -7.65
CA VAL A 35 2.97 7.22 -9.02
C VAL A 35 4.35 7.70 -9.44
N GLU A 36 5.13 6.79 -10.03
CA GLU A 36 6.49 7.13 -10.47
C GLU A 36 6.65 6.96 -11.96
N ARG A 37 7.55 7.76 -12.53
CA ARG A 37 7.86 7.70 -13.94
C ARG A 37 9.34 7.36 -14.09
N LEU A 38 9.64 6.23 -14.69
CA LEU A 38 11.03 5.83 -14.83
C LEU A 38 11.78 6.79 -15.73
N ASP A 39 12.59 7.63 -15.11
CA ASP A 39 13.37 8.61 -15.85
C ASP A 39 14.85 8.47 -15.50
N ASN A 40 15.71 8.52 -16.52
CA ASN A 40 17.14 8.41 -16.31
C ASN A 40 17.52 7.00 -15.86
N GLY A 41 16.71 6.02 -16.25
CA GLY A 41 16.97 4.63 -15.88
C GLY A 41 16.70 4.40 -14.40
N THR A 42 16.03 5.35 -13.77
CA THR A 42 15.70 5.24 -12.36
C THR A 42 14.27 5.69 -12.11
N TRP A 43 13.71 5.29 -11.00
CA TRP A 43 12.33 5.66 -10.67
C TRP A 43 12.29 7.05 -10.06
N VAL A 44 11.40 7.88 -10.56
CA VAL A 44 11.26 9.24 -10.05
C VAL A 44 9.88 9.41 -9.42
N LEU A 45 9.81 10.21 -8.36
CA LEU A 45 8.53 10.43 -7.69
C LEU A 45 7.84 11.65 -8.27
N MET A 46 6.57 11.49 -8.62
CA MET A 46 5.81 12.59 -9.19
C MET A 46 4.70 13.02 -8.25
N ASP A 47 4.84 14.20 -7.65
CA ASP A 47 3.82 14.70 -6.75
C ASP A 47 2.59 15.09 -7.54
N GLN A 48 2.78 15.25 -8.85
CA GLN A 48 1.69 15.64 -9.74
C GLN A 48 0.53 14.66 -9.63
N HIS A 49 0.81 13.41 -9.26
CA HIS A 49 -0.26 12.44 -9.11
C HIS A 49 0.03 11.46 -7.98
N MET A 50 0.43 12.00 -6.84
CA MET A 50 0.70 11.18 -5.66
C MET A 50 -0.29 11.52 -4.55
N GLY A 51 -0.48 10.61 -3.60
CA GLY A 51 -1.41 10.84 -2.51
C GLY A 51 -1.81 9.54 -1.84
N PHE A 52 -2.53 9.65 -0.72
CA PHE A 52 -2.99 8.48 0.03
C PHE A 52 -4.51 8.49 0.14
N LEU A 53 -5.07 7.37 0.58
CA LEU A 53 -6.52 7.28 0.73
C LEU A 53 -6.90 6.34 1.87
N CYS A 54 -8.08 6.55 2.44
CA CYS A 54 -8.56 5.73 3.54
C CYS A 54 -9.71 4.84 3.07
N ASN A 55 -9.97 3.77 3.82
CA ASN A 55 -11.04 2.85 3.47
C ASN A 55 -12.32 3.61 3.16
N GLU A 56 -13.02 4.03 4.21
CA GLU A 56 -14.26 4.77 4.04
C GLU A 56 -14.02 6.05 3.26
N ALA A 57 -15.04 6.50 2.52
CA ALA A 57 -14.93 7.72 1.73
C ALA A 57 -16.31 8.22 1.33
N LYS A 58 -17.23 8.24 2.27
CA LYS A 58 -18.59 8.69 2.00
C LYS A 58 -19.19 7.94 0.83
N ASN A 59 -20.06 6.97 1.11
CA ASN A 59 -20.69 6.18 0.07
C ASN A 59 -22.13 5.84 0.45
N LEU A 60 -22.54 6.29 1.63
CA LEU A 60 -23.90 6.04 2.09
C LEU A 60 -24.92 6.39 1.02
N LEU A 61 -24.60 7.42 0.23
CA LEU A 61 -25.50 7.85 -0.84
C LEU A 61 -25.48 6.86 -1.99
N CYS A 62 -24.42 6.07 -2.07
CA CYS A 62 -24.29 5.08 -3.13
C CYS A 62 -24.95 3.76 -2.72
N GLY A 63 -25.00 3.51 -1.42
CA GLY A 63 -25.59 2.29 -0.90
C GLY A 63 -24.66 1.10 -1.09
N PHE A 64 -23.38 1.39 -1.28
CA PHE A 64 -22.39 0.33 -1.48
C PHE A 64 -21.87 -0.17 -0.13
N TYR A 65 -21.80 -1.48 0.03
CA TYR A 65 -21.32 -2.07 1.26
C TYR A 65 -19.90 -2.59 1.09
N GLY A 66 -19.07 -2.36 2.11
CA GLY A 66 -17.68 -2.81 2.07
C GLY A 66 -16.74 -1.65 1.80
N ARG A 67 -16.28 -1.00 2.87
CA ARG A 67 -15.37 0.13 2.74
C ARG A 67 -13.92 -0.35 2.67
N HIS A 68 -13.37 -0.33 1.46
CA HIS A 68 -11.98 -0.77 1.26
C HIS A 68 -11.21 0.29 0.47
N ALA A 69 -10.02 0.65 0.98
CA ALA A 69 -9.19 1.65 0.32
C ALA A 69 -8.68 1.12 -1.02
N GLU A 70 -8.00 -0.02 -0.96
CA GLU A 70 -7.46 -0.63 -2.16
C GLU A 70 -8.47 -0.55 -3.30
N LEU A 71 -9.74 -0.67 -2.95
CA LEU A 71 -10.81 -0.57 -3.94
C LEU A 71 -10.85 0.84 -4.48
N ARG A 72 -10.87 1.82 -3.57
CA ARG A 72 -10.90 3.22 -3.96
C ARG A 72 -9.75 3.51 -4.91
N PHE A 73 -8.58 2.92 -4.64
CA PHE A 73 -7.43 3.14 -5.50
C PHE A 73 -7.79 2.83 -6.95
N LEU A 74 -8.14 1.57 -7.21
CA LEU A 74 -8.51 1.16 -8.56
C LEU A 74 -9.60 2.05 -9.15
N ASP A 75 -10.32 2.76 -8.29
CA ASP A 75 -11.40 3.62 -8.75
C ASP A 75 -10.92 5.02 -9.14
N LEU A 76 -9.87 5.50 -8.47
CA LEU A 76 -9.35 6.83 -8.78
C LEU A 76 -8.18 6.76 -9.76
N VAL A 77 -7.78 5.54 -10.12
CA VAL A 77 -6.66 5.41 -11.04
C VAL A 77 -6.95 6.11 -12.37
N PRO A 78 -8.15 6.03 -12.90
CA PRO A 78 -8.45 6.75 -14.16
C PRO A 78 -8.07 8.22 -14.04
N SER A 79 -8.13 8.73 -12.80
CA SER A 79 -7.78 10.12 -12.53
C SER A 79 -6.27 10.35 -12.64
N LEU A 80 -5.47 9.29 -12.50
CA LEU A 80 -4.02 9.43 -12.59
C LEU A 80 -3.63 9.81 -14.02
N GLN A 81 -4.53 9.51 -14.94
CA GLN A 81 -4.29 9.81 -16.35
C GLN A 81 -2.85 9.54 -16.73
N LEU A 82 -2.40 8.32 -16.47
CA LEU A 82 -1.03 7.93 -16.78
C LEU A 82 -0.72 8.17 -18.25
N ASP A 83 0.38 7.57 -18.72
CA ASP A 83 0.80 7.72 -20.10
C ASP A 83 1.42 6.41 -20.60
N PRO A 84 0.63 5.48 -21.06
CA PRO A 84 1.14 4.16 -21.55
C PRO A 84 2.29 4.31 -22.52
N ALA A 85 2.58 5.55 -22.90
CA ALA A 85 3.67 5.84 -23.81
C ALA A 85 5.01 5.51 -23.16
N GLN A 86 5.02 5.45 -21.83
CA GLN A 86 6.23 5.13 -21.08
C GLN A 86 5.97 4.03 -20.08
N ILE A 87 6.79 3.97 -19.03
CA ILE A 87 6.64 2.95 -17.99
C ILE A 87 6.44 3.60 -16.62
N TYR A 88 5.33 3.23 -15.98
CA TYR A 88 5.01 3.77 -14.66
C TYR A 88 4.99 2.66 -13.62
N ARG A 89 5.09 3.04 -12.35
CA ARG A 89 5.08 2.09 -11.27
C ARG A 89 4.53 2.73 -10.01
N VAL A 90 3.39 2.22 -9.53
CA VAL A 90 2.77 2.79 -8.34
C VAL A 90 3.13 1.99 -7.10
N THR A 91 3.73 2.66 -6.13
CA THR A 91 4.11 1.99 -4.88
C THR A 91 2.94 2.05 -3.90
N TRP A 92 2.72 0.94 -3.21
CA TRP A 92 1.64 0.83 -2.25
C TRP A 92 2.18 0.67 -0.83
N PHE A 93 1.76 1.56 0.05
CA PHE A 93 2.17 1.51 1.45
C PHE A 93 0.94 1.33 2.33
N ILE A 94 0.81 0.16 2.91
CA ILE A 94 -0.33 -0.15 3.76
C ILE A 94 0.10 -0.59 5.14
N SER A 95 -0.67 -0.21 6.16
CA SER A 95 -0.35 -0.56 7.53
C SER A 95 -1.10 -1.83 7.94
N TRP A 96 -1.21 -2.77 7.01
CA TRP A 96 -1.90 -4.03 7.27
C TRP A 96 -1.82 -4.94 6.04
N SER A 97 -2.63 -6.00 6.03
CA SER A 97 -2.65 -6.93 4.91
C SER A 97 -4.01 -6.89 4.20
N PRO A 98 -4.06 -7.21 2.92
CA PRO A 98 -5.35 -7.20 2.16
C PRO A 98 -6.45 -7.96 2.89
N CYS A 99 -7.66 -7.91 2.34
CA CYS A 99 -8.79 -8.61 2.94
C CYS A 99 -9.04 -9.94 2.21
N PHE A 100 -9.26 -9.86 0.90
CA PHE A 100 -9.50 -11.07 0.11
C PHE A 100 -9.54 -10.75 -1.39
N SER A 101 -9.50 -11.80 -2.20
CA SER A 101 -9.53 -11.67 -3.66
C SER A 101 -10.86 -11.12 -4.14
N TRP A 102 -11.91 -11.95 -4.10
CA TRP A 102 -13.23 -11.53 -4.53
C TRP A 102 -13.49 -10.10 -4.11
N GLY A 103 -12.82 -9.67 -3.05
CA GLY A 103 -12.97 -8.32 -2.55
C GLY A 103 -12.05 -7.36 -3.28
N CYS A 104 -10.84 -7.17 -2.74
CA CYS A 104 -9.88 -6.26 -3.36
C CYS A 104 -8.83 -6.99 -4.18
N ALA A 105 -8.04 -7.83 -3.53
CA ALA A 105 -6.97 -8.56 -4.22
C ALA A 105 -7.44 -9.05 -5.59
N GLY A 106 -8.72 -9.41 -5.68
CA GLY A 106 -9.26 -9.87 -6.95
C GLY A 106 -9.30 -8.73 -7.96
N GLU A 107 -9.68 -7.56 -7.49
CA GLU A 107 -9.75 -6.38 -8.34
C GLU A 107 -8.35 -5.91 -8.70
N VAL A 108 -7.48 -5.85 -7.69
CA VAL A 108 -6.11 -5.41 -7.91
C VAL A 108 -5.48 -6.19 -9.06
N ARG A 109 -5.87 -7.46 -9.18
CA ARG A 109 -5.34 -8.31 -10.24
C ARG A 109 -5.90 -7.85 -11.60
N ALA A 110 -7.22 -7.71 -11.67
CA ALA A 110 -7.87 -7.29 -12.90
C ALA A 110 -7.19 -6.04 -13.47
N PHE A 111 -6.90 -5.10 -12.59
CA PHE A 111 -6.25 -3.86 -13.00
C PHE A 111 -4.87 -4.12 -13.58
N LEU A 112 -4.03 -4.78 -12.79
CA LEU A 112 -2.67 -5.08 -13.24
C LEU A 112 -2.68 -5.58 -14.68
N GLN A 113 -3.77 -6.23 -15.07
CA GLN A 113 -3.89 -6.75 -16.44
C GLN A 113 -4.42 -5.66 -17.37
N GLU A 114 -5.43 -4.94 -16.90
CA GLU A 114 -6.04 -3.88 -17.69
C GLU A 114 -4.98 -2.86 -18.10
N ASN A 115 -4.07 -2.58 -17.19
CA ASN A 115 -3.00 -1.63 -17.44
C ASN A 115 -1.65 -2.24 -17.09
N THR A 116 -1.00 -2.84 -18.10
CA THR A 116 0.30 -3.47 -17.88
C THR A 116 1.41 -2.42 -17.97
N HIS A 117 1.12 -1.32 -18.64
CA HIS A 117 2.11 -0.24 -18.79
C HIS A 117 2.48 0.32 -17.43
N VAL A 118 1.71 -0.06 -16.41
CA VAL A 118 1.95 0.41 -15.05
C VAL A 118 2.06 -0.78 -14.10
N ARG A 119 3.12 -0.79 -13.30
CA ARG A 119 3.34 -1.86 -12.34
C ARG A 119 2.95 -1.41 -10.94
N LEU A 120 2.68 -2.37 -10.06
CA LEU A 120 2.28 -2.04 -8.69
C LEU A 120 3.01 -2.92 -7.69
N ARG A 121 3.69 -2.27 -6.76
CA ARG A 121 4.43 -2.98 -5.71
C ARG A 121 3.83 -2.67 -4.35
N ILE A 122 3.60 -3.69 -3.55
CA ILE A 122 3.00 -3.50 -2.23
C ILE A 122 3.98 -3.76 -1.10
N PHE A 123 3.67 -3.15 0.02
CA PHE A 123 4.47 -3.30 1.22
C PHE A 123 3.57 -3.12 2.44
N ALA A 124 3.36 -4.20 3.18
CA ALA A 124 2.51 -4.14 4.37
C ALA A 124 3.35 -4.03 5.63
N ALA A 125 2.79 -3.40 6.66
CA ALA A 125 3.50 -3.24 7.93
C ALA A 125 3.16 -4.37 8.89
N ARG A 126 1.93 -4.87 8.79
CA ARG A 126 1.49 -5.95 9.67
C ARG A 126 0.67 -6.96 8.87
N ILE A 127 1.05 -8.23 8.94
CA ILE A 127 0.34 -9.28 8.23
C ILE A 127 -0.87 -9.75 9.02
N TYR A 128 -1.94 -10.07 8.31
CA TYR A 128 -3.17 -10.53 8.96
C TYR A 128 -3.05 -11.99 9.37
N ASP A 129 -2.65 -12.22 10.61
CA ASP A 129 -2.51 -13.57 11.12
C ASP A 129 -3.85 -14.13 11.56
N TYR A 130 -4.83 -13.23 11.72
CA TYR A 130 -6.17 -13.64 12.13
C TYR A 130 -7.01 -14.02 10.93
N ASP A 131 -6.40 -13.95 9.75
CA ASP A 131 -7.11 -14.30 8.52
C ASP A 131 -6.22 -15.13 7.60
N PRO A 132 -5.96 -16.35 7.98
CA PRO A 132 -5.10 -17.28 7.20
C PRO A 132 -5.46 -17.27 5.71
N LEU A 133 -6.58 -16.64 5.39
CA LEU A 133 -7.03 -16.56 4.00
C LEU A 133 -6.20 -15.52 3.24
N TYR A 134 -6.04 -14.35 3.84
CA TYR A 134 -5.27 -13.29 3.21
C TYR A 134 -4.00 -13.84 2.59
N LYS A 135 -3.57 -15.01 3.06
CA LYS A 135 -2.36 -15.64 2.54
C LYS A 135 -2.57 -16.06 1.08
N GLU A 136 -3.56 -16.93 0.87
CA GLU A 136 -3.85 -17.39 -0.49
C GLU A 136 -4.11 -16.21 -1.40
N ALA A 137 -4.85 -15.23 -0.88
CA ALA A 137 -5.15 -14.03 -1.66
C ALA A 137 -3.87 -13.34 -2.08
N LEU A 138 -2.83 -13.48 -1.26
CA LEU A 138 -1.53 -12.87 -1.56
C LEU A 138 -0.86 -13.62 -2.70
N GLN A 139 -1.10 -14.92 -2.76
CA GLN A 139 -0.50 -15.75 -3.81
C GLN A 139 -0.96 -15.30 -5.19
N MET A 140 -2.27 -15.33 -5.42
CA MET A 140 -2.82 -14.93 -6.71
C MET A 140 -2.57 -13.45 -6.97
N LEU A 141 -2.37 -12.69 -5.90
CA LEU A 141 -2.13 -11.25 -6.05
C LEU A 141 -0.87 -11.00 -6.87
N ARG A 142 0.27 -11.46 -6.35
CA ARG A 142 1.54 -11.29 -7.06
C ARG A 142 1.47 -11.92 -8.44
N ASP A 143 0.74 -13.03 -8.54
CA ASP A 143 0.60 -13.74 -9.80
C ASP A 143 0.15 -12.78 -10.90
N ALA A 144 -0.65 -11.78 -10.52
CA ALA A 144 -1.14 -10.80 -11.47
C ALA A 144 0.01 -9.96 -12.02
N GLY A 145 1.17 -10.07 -11.38
CA GLY A 145 2.34 -9.33 -11.80
C GLY A 145 2.80 -8.34 -10.73
N ALA A 146 2.03 -8.25 -9.65
CA ALA A 146 2.38 -7.35 -8.56
C ALA A 146 3.45 -7.96 -7.67
N GLN A 147 4.05 -7.13 -6.81
CA GLN A 147 5.09 -7.62 -5.91
C GLN A 147 4.86 -7.10 -4.50
N VAL A 148 4.61 -8.01 -3.56
CA VAL A 148 4.38 -7.64 -2.16
C VAL A 148 5.56 -8.05 -1.29
N SER A 149 5.82 -7.28 -0.24
CA SER A 149 6.92 -7.57 0.66
C SER A 149 6.68 -6.94 2.03
N ILE A 150 7.59 -7.19 2.97
CA ILE A 150 7.45 -6.64 4.31
C ILE A 150 8.21 -5.31 4.41
N MET A 151 7.51 -4.27 4.85
CA MET A 151 8.12 -2.95 4.99
C MET A 151 9.49 -3.05 5.65
N THR A 152 10.46 -2.36 5.08
CA THR A 152 11.83 -2.37 5.61
C THR A 152 12.17 -1.03 6.23
N TYR A 153 13.31 -0.96 6.92
CA TYR A 153 13.73 0.27 7.57
C TYR A 153 13.86 1.40 6.54
N ASP A 154 14.74 1.20 5.56
CA ASP A 154 14.95 2.21 4.53
C ASP A 154 13.64 2.53 3.83
N GLU A 155 12.88 1.49 3.50
CA GLU A 155 11.60 1.67 2.84
C GLU A 155 10.68 2.55 3.67
N PHE A 156 10.72 2.36 4.99
CA PHE A 156 9.90 3.14 5.89
C PHE A 156 10.28 4.62 5.82
N GLU A 157 11.55 4.89 5.56
CA GLU A 157 12.04 6.26 5.47
C GLU A 157 11.55 6.92 4.19
N TYR A 158 11.66 6.21 3.07
CA TYR A 158 11.24 6.75 1.78
C TYR A 158 9.76 7.15 1.82
N CYS A 159 8.96 6.41 2.58
CA CYS A 159 7.53 6.70 2.67
C CYS A 159 7.29 7.85 3.64
N TRP A 160 8.10 7.92 4.68
CA TRP A 160 7.98 8.98 5.68
C TRP A 160 8.36 10.32 5.07
N ASP A 161 9.46 10.34 4.33
CA ASP A 161 9.91 11.58 3.71
C ASP A 161 9.06 11.92 2.48
N THR A 162 8.45 10.90 1.89
CA THR A 162 7.62 11.11 0.70
C THR A 162 6.19 11.53 1.07
N PHE A 163 5.54 10.73 1.93
CA PHE A 163 4.16 11.03 2.31
C PHE A 163 4.08 12.06 3.44
N VAL A 164 4.87 11.85 4.49
CA VAL A 164 4.84 12.79 5.62
C VAL A 164 5.88 13.88 5.46
N TYR A 165 5.43 15.13 5.57
CA TYR A 165 6.33 16.27 5.44
C TYR A 165 6.97 16.58 6.78
N ARG A 166 8.25 16.94 6.76
CA ARG A 166 8.96 17.24 7.99
C ARG A 166 10.25 18.02 7.72
N GLN A 167 10.30 18.71 6.58
CA GLN A 167 11.47 19.50 6.22
C GLN A 167 12.71 18.63 6.01
N GLY A 168 12.49 17.36 5.71
CA GLY A 168 13.60 16.44 5.48
C GLY A 168 14.14 15.82 6.76
N CYS A 169 13.51 16.13 7.89
CA CYS A 169 13.96 15.58 9.17
C CYS A 169 14.03 14.06 9.09
N PRO A 170 14.85 13.43 9.90
CA PRO A 170 15.00 11.95 9.90
C PRO A 170 13.71 11.23 10.32
N PHE A 171 13.61 9.96 9.94
CA PHE A 171 12.43 9.17 10.28
C PHE A 171 12.51 8.68 11.71
N GLN A 172 11.38 8.67 12.38
CA GLN A 172 11.31 8.24 13.77
C GLN A 172 10.15 7.27 13.99
N PRO A 173 10.39 5.98 13.92
CA PRO A 173 9.31 4.98 14.11
C PRO A 173 9.02 4.70 15.58
N TRP A 174 9.87 3.87 16.17
CA TRP A 174 9.70 3.52 17.58
C TRP A 174 10.98 2.91 18.13
N ASP A 175 11.38 1.78 17.57
CA ASP A 175 12.60 1.08 17.99
C ASP A 175 12.56 -0.39 17.60
N GLY A 176 11.62 -1.11 18.19
CA GLY A 176 11.47 -2.54 17.92
C GLY A 176 11.05 -2.83 16.48
N LEU A 177 11.17 -1.82 15.61
CA LEU A 177 10.79 -2.01 14.21
C LEU A 177 11.76 -2.96 13.51
N GLU A 178 13.04 -2.86 13.85
CA GLU A 178 14.04 -3.71 13.22
C GLU A 178 13.83 -5.17 13.60
N GLU A 179 13.90 -5.46 14.90
CA GLU A 179 13.71 -6.83 15.37
C GLU A 179 12.42 -7.42 14.81
N HIS A 180 11.40 -6.57 14.65
CA HIS A 180 10.12 -7.02 14.13
C HIS A 180 10.25 -7.40 12.65
N SER A 181 11.05 -6.64 11.92
CA SER A 181 11.25 -6.91 10.49
C SER A 181 11.84 -8.29 10.29
N GLN A 182 12.78 -8.66 11.15
CA GLN A 182 13.43 -9.96 11.05
C GLN A 182 12.39 -11.08 11.25
N ALA A 183 11.62 -10.96 12.33
CA ALA A 183 10.60 -11.96 12.63
C ALA A 183 9.58 -12.02 11.50
N LEU A 184 8.91 -10.90 11.26
CA LEU A 184 7.91 -10.83 10.20
C LEU A 184 8.49 -11.32 8.88
N SER A 185 9.71 -10.86 8.59
CA SER A 185 10.37 -11.27 7.35
C SER A 185 10.35 -12.79 7.21
N GLY A 186 10.74 -13.49 8.27
CA GLY A 186 10.76 -14.94 8.26
C GLY A 186 9.40 -15.47 7.80
N ARG A 187 8.34 -14.98 8.43
CA ARG A 187 6.99 -15.39 8.07
C ARG A 187 6.73 -15.12 6.60
N LEU A 188 6.97 -13.88 6.19
CA LEU A 188 6.76 -13.49 4.80
C LEU A 188 7.35 -14.54 3.86
N ARG A 189 8.67 -14.72 3.94
CA ARG A 189 9.34 -15.69 3.09
C ARG A 189 8.56 -16.99 3.06
N ALA A 190 7.99 -17.35 4.21
CA ALA A 190 7.20 -18.59 4.30
C ALA A 190 6.01 -18.52 3.37
N ILE A 191 5.32 -17.38 3.39
CA ILE A 191 4.14 -17.19 2.54
C ILE A 191 4.52 -17.36 1.07
N LEU A 192 5.63 -16.74 0.68
CA LEU A 192 6.09 -16.83 -0.70
C LEU A 192 6.59 -18.24 -1.01
N GLN A 193 6.38 -19.14 -0.06
CA GLN A 193 6.80 -20.52 -0.22
C GLN A 193 5.75 -21.47 0.34
N ASN A 194 4.56 -20.95 0.61
CA ASN A 194 3.48 -21.76 1.15
C ASN A 194 2.85 -22.61 0.06
N GLN A 195 2.26 -23.73 0.45
CA GLN A 195 1.62 -24.64 -0.50
C GLN A 195 0.55 -25.48 0.18
N GLY A 196 -0.53 -25.74 -0.53
CA GLY A 196 -1.62 -26.55 0.01
C GLY A 196 -2.58 -26.99 -1.08
N ASN A 197 -2.03 -27.36 -2.23
CA ASN A 197 -2.85 -27.79 -3.36
C ASN A 197 -3.33 -29.22 -3.13
ZN ZN B . -10.11 -5.07 0.89
N MET A 1 -3.64 30.13 -10.18
CA MET A 1 -3.67 29.56 -8.80
C MET A 1 -4.28 28.16 -8.84
N GLU A 2 -3.51 27.20 -9.35
CA GLU A 2 -3.99 25.82 -9.44
C GLU A 2 -4.19 25.24 -8.05
N ILE A 3 -4.69 24.01 -8.00
CA ILE A 3 -4.92 23.34 -6.73
C ILE A 3 -3.68 22.61 -6.26
N LEU A 4 -3.60 22.34 -4.95
CA LEU A 4 -2.46 21.65 -4.38
C LEU A 4 -2.92 20.50 -3.48
N ARG A 5 -1.96 19.75 -2.96
CA ARG A 5 -2.28 18.64 -2.08
C ARG A 5 -1.98 18.98 -0.63
N TYR A 6 -1.73 17.97 0.17
CA TYR A 6 -1.43 18.17 1.59
C TYR A 6 -1.10 16.84 2.24
N LEU A 7 0.04 16.79 2.91
CA LEU A 7 0.47 15.56 3.57
C LEU A 7 -0.14 15.45 4.96
N MET A 8 -0.73 14.29 5.24
CA MET A 8 -1.35 14.05 6.53
C MET A 8 -0.42 14.46 7.66
N ASP A 9 -0.89 14.29 8.89
CA ASP A 9 -0.08 14.65 10.05
C ASP A 9 0.73 13.45 10.53
N PRO A 10 1.83 13.69 11.20
CA PRO A 10 2.70 12.58 11.72
C PRO A 10 2.05 11.80 12.85
N ASP A 11 1.59 12.52 13.86
CA ASP A 11 0.95 11.89 15.01
C ASP A 11 -0.05 10.84 14.55
N THR A 12 -0.62 11.04 13.36
CA THR A 12 -1.60 10.09 12.83
C THR A 12 -0.90 8.94 12.11
N PHE A 13 -0.19 9.27 11.04
CA PHE A 13 0.53 8.27 10.25
C PHE A 13 1.42 7.44 11.17
N THR A 14 1.76 7.98 12.32
CA THR A 14 2.62 7.29 13.27
C THR A 14 1.81 6.34 14.13
N PHE A 15 0.70 6.84 14.67
CA PHE A 15 -0.18 6.03 15.52
C PHE A 15 -0.75 4.86 14.74
N ASN A 16 -0.85 5.01 13.42
CA ASN A 16 -1.40 3.96 12.57
C ASN A 16 -0.31 2.94 12.21
N PHE A 17 0.69 3.40 11.46
CA PHE A 17 1.79 2.52 11.05
C PHE A 17 2.57 2.03 12.26
N ASN A 18 2.22 2.55 13.44
CA ASN A 18 2.90 2.15 14.66
C ASN A 18 2.99 0.63 14.76
N ASN A 19 1.85 -0.03 14.63
CA ASN A 19 1.80 -1.49 14.71
C ASN A 19 2.69 -1.98 15.84
N ASP A 20 2.08 -2.19 17.02
CA ASP A 20 2.82 -2.66 18.18
C ASP A 20 1.91 -2.78 19.40
N PRO A 21 1.14 -1.77 19.70
CA PRO A 21 0.22 -1.79 20.87
C PRO A 21 -1.09 -2.49 20.57
N LEU A 22 -1.54 -2.39 19.32
CA LEU A 22 -2.79 -3.02 18.90
C LEU A 22 -2.49 -4.26 18.07
N VAL A 23 -3.28 -5.32 18.29
CA VAL A 23 -3.09 -6.57 17.55
C VAL A 23 -4.07 -6.67 16.39
N LEU A 24 -5.11 -5.83 16.42
CA LEU A 24 -6.12 -5.84 15.37
C LEU A 24 -6.52 -4.41 14.99
N ARG A 25 -5.70 -3.77 14.16
CA ARG A 25 -5.97 -2.41 13.71
C ARG A 25 -6.36 -2.39 12.24
N ARG A 26 -7.03 -3.45 11.80
CA ARG A 26 -7.45 -3.55 10.41
C ARG A 26 -8.55 -2.53 10.10
N ARG A 27 -9.63 -2.58 10.85
CA ARG A 27 -10.74 -1.66 10.65
C ARG A 27 -10.22 -0.26 10.36
N GLN A 28 -9.34 0.23 11.23
CA GLN A 28 -8.76 1.55 11.06
C GLN A 28 -7.33 1.44 10.53
N THR A 29 -7.20 1.38 9.20
CA THR A 29 -5.90 1.27 8.57
C THR A 29 -5.59 2.50 7.74
N TYR A 30 -4.63 2.38 6.83
CA TYR A 30 -4.25 3.49 5.97
C TYR A 30 -3.52 2.97 4.75
N LEU A 31 -3.84 3.53 3.58
CA LEU A 31 -3.20 3.12 2.35
C LEU A 31 -2.65 4.34 1.62
N CYS A 32 -1.34 4.38 1.55
CA CYS A 32 -0.65 5.49 0.89
C CYS A 32 -0.10 5.03 -0.45
N TYR A 33 -0.46 5.74 -1.51
CA TYR A 33 -0.01 5.37 -2.86
C TYR A 33 0.83 6.47 -3.50
N GLU A 34 1.72 6.05 -4.40
CA GLU A 34 2.58 6.99 -5.11
C GLU A 34 2.74 6.53 -6.56
N VAL A 35 3.30 7.40 -7.41
CA VAL A 35 3.49 7.05 -8.81
C VAL A 35 4.89 7.43 -9.31
N GLU A 36 5.60 6.43 -9.81
CA GLU A 36 6.93 6.64 -10.34
C GLU A 36 6.94 6.52 -11.85
N ARG A 37 7.72 7.37 -12.49
CA ARG A 37 7.84 7.34 -13.94
C ARG A 37 9.31 7.18 -14.32
N LEU A 38 9.64 6.03 -14.84
CA LEU A 38 11.02 5.76 -15.20
C LEU A 38 11.52 6.75 -16.24
N ASP A 39 12.27 7.74 -15.76
CA ASP A 39 12.82 8.77 -16.65
C ASP A 39 14.34 8.82 -16.53
N ASN A 40 15.01 9.11 -17.64
CA ASN A 40 16.47 9.19 -17.66
C ASN A 40 17.10 7.90 -17.12
N GLY A 41 16.34 6.81 -17.15
CA GLY A 41 16.85 5.52 -16.69
C GLY A 41 16.72 5.38 -15.17
N THR A 42 15.98 6.29 -14.55
CA THR A 42 15.79 6.24 -13.11
C THR A 42 14.33 6.54 -12.77
N TRP A 43 13.88 6.02 -11.65
CA TRP A 43 12.51 6.23 -11.24
C TRP A 43 12.34 7.65 -10.72
N VAL A 44 11.35 8.35 -11.26
CA VAL A 44 11.07 9.72 -10.86
C VAL A 44 9.63 9.82 -10.36
N LEU A 45 9.44 10.51 -9.25
CA LEU A 45 8.11 10.63 -8.68
C LEU A 45 7.42 11.90 -9.09
N MET A 46 6.11 11.81 -9.23
CA MET A 46 5.29 12.94 -9.63
C MET A 46 4.25 13.28 -8.58
N ASP A 47 4.47 14.37 -7.85
CA ASP A 47 3.55 14.79 -6.81
C ASP A 47 2.12 14.87 -7.36
N GLN A 48 2.01 15.22 -8.65
CA GLN A 48 0.70 15.33 -9.28
C GLN A 48 -0.03 13.99 -9.27
N HIS A 49 0.74 12.91 -9.45
CA HIS A 49 0.17 11.57 -9.47
C HIS A 49 0.47 10.85 -8.15
N MET A 50 0.79 11.64 -7.12
CA MET A 50 1.11 11.10 -5.81
C MET A 50 0.06 11.55 -4.80
N GLY A 51 -0.20 10.69 -3.80
CA GLY A 51 -1.17 11.03 -2.78
C GLY A 51 -1.57 9.80 -1.98
N PHE A 52 -2.25 10.03 -0.85
CA PHE A 52 -2.69 8.93 0.00
C PHE A 52 -4.21 8.90 0.08
N LEU A 53 -4.75 7.81 0.63
CA LEU A 53 -6.20 7.67 0.74
C LEU A 53 -6.58 6.71 1.86
N CYS A 54 -7.80 6.88 2.38
CA CYS A 54 -8.30 6.04 3.45
C CYS A 54 -9.82 5.93 3.37
N ASN A 55 -10.30 4.90 2.70
CA ASN A 55 -11.75 4.70 2.55
C ASN A 55 -12.48 5.04 3.85
N GLU A 56 -12.30 4.20 4.87
CA GLU A 56 -12.94 4.42 6.15
C GLU A 56 -12.28 5.59 6.89
N ALA A 57 -12.88 6.77 6.77
CA ALA A 57 -12.34 7.95 7.42
C ALA A 57 -13.46 8.81 7.98
N LYS A 58 -14.55 8.16 8.40
CA LYS A 58 -15.70 8.88 8.94
C LYS A 58 -16.15 8.25 10.26
N ASN A 59 -17.33 8.65 10.73
CA ASN A 59 -17.85 8.11 11.98
C ASN A 59 -18.33 6.68 11.79
N LEU A 60 -18.39 5.93 12.88
CA LEU A 60 -18.85 4.54 12.82
C LEU A 60 -20.37 4.47 12.87
N LEU A 61 -20.97 5.37 13.64
CA LEU A 61 -22.43 5.39 13.78
C LEU A 61 -23.08 5.66 12.42
N CYS A 62 -22.26 6.00 11.44
CA CYS A 62 -22.77 6.28 10.09
C CYS A 62 -23.21 4.99 9.40
N GLY A 63 -22.98 3.87 10.06
CA GLY A 63 -23.36 2.57 9.50
C GLY A 63 -22.44 2.20 8.35
N PHE A 64 -21.20 2.66 8.41
CA PHE A 64 -20.23 2.36 7.35
C PHE A 64 -20.03 0.86 7.20
N TYR A 65 -19.99 0.39 5.96
CA TYR A 65 -19.81 -1.03 5.69
C TYR A 65 -19.13 -1.23 4.34
N GLY A 66 -18.08 -2.04 4.33
CA GLY A 66 -17.35 -2.31 3.09
C GLY A 66 -16.62 -1.05 2.62
N ARG A 67 -15.48 -0.77 3.25
CA ARG A 67 -14.69 0.40 2.90
C ARG A 67 -13.20 0.04 2.79
N HIS A 68 -12.70 -0.01 1.56
CA HIS A 68 -11.30 -0.35 1.33
C HIS A 68 -10.65 0.63 0.36
N ALA A 69 -9.61 1.30 0.82
CA ALA A 69 -8.90 2.26 -0.01
C ALA A 69 -8.37 1.57 -1.25
N GLU A 70 -8.15 0.26 -1.13
CA GLU A 70 -7.65 -0.52 -2.25
C GLU A 70 -8.57 -0.35 -3.46
N LEU A 71 -9.87 -0.39 -3.19
CA LEU A 71 -10.85 -0.21 -4.25
C LEU A 71 -10.81 1.22 -4.75
N ARG A 72 -10.82 2.17 -3.81
CA ARG A 72 -10.76 3.58 -4.16
C ARG A 72 -9.56 3.84 -5.05
N PHE A 73 -8.47 3.12 -4.81
CA PHE A 73 -7.27 3.30 -5.63
C PHE A 73 -7.59 3.00 -7.08
N LEU A 74 -8.04 1.78 -7.33
CA LEU A 74 -8.40 1.36 -8.69
C LEU A 74 -9.36 2.34 -9.34
N ASP A 75 -10.05 3.14 -8.52
CA ASP A 75 -11.02 4.09 -9.03
C ASP A 75 -10.38 5.43 -9.42
N LEU A 76 -9.32 5.84 -8.71
CA LEU A 76 -8.68 7.12 -9.02
C LEU A 76 -7.49 6.91 -9.95
N VAL A 77 -7.19 5.67 -10.28
CA VAL A 77 -6.07 5.38 -11.16
C VAL A 77 -6.20 6.10 -12.50
N PRO A 78 -7.39 6.21 -13.05
CA PRO A 78 -7.60 6.90 -14.35
C PRO A 78 -7.24 8.38 -14.23
N SER A 79 -7.31 8.89 -13.01
CA SER A 79 -6.97 10.28 -12.76
C SER A 79 -5.46 10.47 -12.88
N LEU A 80 -4.73 9.36 -12.90
CA LEU A 80 -3.28 9.42 -13.02
C LEU A 80 -2.86 9.57 -14.48
N GLN A 81 -3.85 9.61 -15.37
CA GLN A 81 -3.60 9.76 -16.79
C GLN A 81 -2.39 8.92 -17.23
N LEU A 82 -2.43 7.63 -16.91
CA LEU A 82 -1.34 6.74 -17.29
C LEU A 82 -1.27 6.58 -18.81
N ASP A 83 -0.07 6.30 -19.31
CA ASP A 83 0.13 6.12 -20.74
C ASP A 83 0.55 4.67 -21.05
N PRO A 84 0.08 4.07 -22.13
CA PRO A 84 0.45 2.68 -22.49
C PRO A 84 1.84 2.59 -23.08
N ALA A 85 2.46 3.74 -23.27
CA ALA A 85 3.79 3.81 -23.85
C ALA A 85 4.85 3.81 -22.75
N GLN A 86 4.86 4.87 -21.94
CA GLN A 86 5.82 5.00 -20.87
C GLN A 86 5.61 3.92 -19.82
N ILE A 87 6.65 3.66 -19.03
CA ILE A 87 6.58 2.64 -17.99
C ILE A 87 6.43 3.31 -16.62
N TYR A 88 5.31 3.03 -15.97
CA TYR A 88 5.03 3.60 -14.65
C TYR A 88 5.12 2.52 -13.58
N ARG A 89 5.16 2.95 -12.33
CA ARG A 89 5.25 2.02 -11.21
C ARG A 89 4.75 2.67 -9.92
N VAL A 90 3.59 2.21 -9.45
CA VAL A 90 3.03 2.77 -8.22
C VAL A 90 3.42 1.92 -7.03
N THR A 91 3.63 2.58 -5.90
CA THR A 91 4.00 1.88 -4.67
C THR A 91 2.87 2.00 -3.65
N TRP A 92 2.58 0.89 -2.98
CA TRP A 92 1.51 0.87 -1.98
C TRP A 92 2.09 0.73 -0.58
N PHE A 93 1.76 1.68 0.28
CA PHE A 93 2.22 1.66 1.66
C PHE A 93 1.01 1.47 2.57
N ILE A 94 0.84 0.26 3.07
CA ILE A 94 -0.29 -0.07 3.92
C ILE A 94 0.15 -0.53 5.30
N SER A 95 -0.58 -0.09 6.32
CA SER A 95 -0.25 -0.45 7.70
C SER A 95 -0.98 -1.74 8.10
N TRP A 96 -1.09 -2.68 7.16
CA TRP A 96 -1.76 -3.94 7.44
C TRP A 96 -1.82 -4.79 6.16
N SER A 97 -2.74 -5.75 6.12
CA SER A 97 -2.88 -6.61 4.95
C SER A 97 -4.28 -6.43 4.34
N PRO A 98 -4.41 -6.57 3.04
CA PRO A 98 -5.73 -6.40 2.36
C PRO A 98 -6.69 -7.56 2.65
N CYS A 99 -7.93 -7.42 2.22
CA CYS A 99 -8.93 -8.46 2.44
C CYS A 99 -8.59 -9.71 1.63
N PHE A 100 -9.62 -10.39 1.14
CA PHE A 100 -9.44 -11.60 0.35
C PHE A 100 -9.74 -11.32 -1.12
N SER A 101 -9.25 -12.20 -2.00
CA SER A 101 -9.45 -12.07 -3.44
C SER A 101 -10.83 -11.49 -3.75
N TRP A 102 -11.85 -12.33 -3.69
CA TRP A 102 -13.22 -11.88 -3.97
C TRP A 102 -13.47 -10.49 -3.40
N GLY A 103 -12.68 -10.12 -2.39
CA GLY A 103 -12.81 -8.82 -1.77
C GLY A 103 -11.95 -7.79 -2.49
N CYS A 104 -10.73 -7.61 -2.02
CA CYS A 104 -9.82 -6.63 -2.64
C CYS A 104 -8.82 -7.31 -3.57
N ALA A 105 -8.00 -8.20 -3.02
CA ALA A 105 -7.00 -8.90 -3.82
C ALA A 105 -7.56 -9.30 -5.19
N GLY A 106 -8.88 -9.49 -5.25
CA GLY A 106 -9.50 -9.88 -6.51
C GLY A 106 -9.46 -8.73 -7.52
N GLU A 107 -10.12 -7.63 -7.19
CA GLU A 107 -10.15 -6.49 -8.08
C GLU A 107 -8.75 -5.91 -8.28
N VAL A 108 -7.92 -5.96 -7.24
CA VAL A 108 -6.55 -5.44 -7.34
C VAL A 108 -5.78 -6.20 -8.41
N ARG A 109 -6.06 -7.49 -8.53
CA ARG A 109 -5.38 -8.33 -9.52
C ARG A 109 -5.83 -7.91 -10.92
N ALA A 110 -7.14 -7.85 -11.13
CA ALA A 110 -7.67 -7.46 -12.42
C ALA A 110 -6.92 -6.24 -12.95
N PHE A 111 -6.70 -5.26 -12.08
CA PHE A 111 -6.00 -4.05 -12.48
C PHE A 111 -4.60 -4.37 -13.00
N LEU A 112 -3.82 -5.09 -12.20
CA LEU A 112 -2.47 -5.46 -12.58
C LEU A 112 -2.40 -5.88 -14.05
N GLN A 113 -3.44 -6.58 -14.52
CA GLN A 113 -3.45 -7.04 -15.92
C GLN A 113 -4.02 -5.99 -16.84
N GLU A 114 -5.05 -5.28 -16.38
CA GLU A 114 -5.68 -4.25 -17.19
C GLU A 114 -4.66 -3.23 -17.65
N ASN A 115 -3.71 -2.92 -16.78
CA ASN A 115 -2.67 -1.95 -17.10
C ASN A 115 -1.29 -2.53 -16.79
N THR A 116 -0.68 -3.16 -17.79
CA THR A 116 0.63 -3.76 -17.61
C THR A 116 1.72 -2.70 -17.71
N HIS A 117 1.39 -1.59 -18.37
CA HIS A 117 2.35 -0.50 -18.52
C HIS A 117 2.74 0.05 -17.16
N VAL A 118 1.82 -0.06 -16.21
CA VAL A 118 2.07 0.41 -14.85
C VAL A 118 2.19 -0.77 -13.90
N ARG A 119 3.30 -0.79 -13.18
CA ARG A 119 3.54 -1.86 -12.21
C ARG A 119 3.09 -1.42 -10.83
N LEU A 120 2.83 -2.39 -9.94
CA LEU A 120 2.39 -2.06 -8.59
C LEU A 120 3.15 -2.88 -7.56
N ARG A 121 3.81 -2.18 -6.65
CA ARG A 121 4.58 -2.83 -5.59
C ARG A 121 3.92 -2.56 -4.24
N ILE A 122 3.75 -3.61 -3.45
CA ILE A 122 3.12 -3.48 -2.14
C ILE A 122 4.08 -3.74 -1.00
N PHE A 123 3.75 -3.12 0.12
CA PHE A 123 4.52 -3.27 1.33
C PHE A 123 3.60 -3.10 2.53
N ALA A 124 3.37 -4.19 3.26
CA ALA A 124 2.48 -4.13 4.43
C ALA A 124 3.27 -4.13 5.73
N ALA A 125 2.69 -3.55 6.77
CA ALA A 125 3.34 -3.49 8.06
C ALA A 125 3.15 -4.80 8.82
N ARG A 126 1.99 -5.42 8.63
CA ARG A 126 1.68 -6.68 9.28
C ARG A 126 0.80 -7.55 8.38
N ILE A 127 0.83 -8.86 8.62
CA ILE A 127 0.03 -9.79 7.82
C ILE A 127 -1.20 -10.24 8.59
N TYR A 128 -2.34 -10.29 7.90
CA TYR A 128 -3.58 -10.71 8.52
C TYR A 128 -3.39 -12.05 9.24
N ASP A 129 -3.25 -11.99 10.55
CA ASP A 129 -3.06 -13.21 11.35
C ASP A 129 -4.40 -13.85 11.68
N TYR A 130 -5.46 -13.04 11.71
CA TYR A 130 -6.79 -13.55 12.02
C TYR A 130 -7.51 -13.97 10.74
N ASP A 131 -6.76 -14.11 9.65
CA ASP A 131 -7.36 -14.50 8.38
C ASP A 131 -6.34 -15.29 7.54
N PRO A 132 -5.99 -16.46 7.97
CA PRO A 132 -5.01 -17.33 7.26
C PRO A 132 -5.29 -17.39 5.76
N LEU A 133 -6.53 -17.11 5.37
CA LEU A 133 -6.89 -17.13 3.96
C LEU A 133 -6.17 -16.02 3.20
N TYR A 134 -5.92 -14.91 3.89
CA TYR A 134 -5.24 -13.77 3.28
C TYR A 134 -3.94 -14.24 2.64
N LYS A 135 -3.39 -15.34 3.13
CA LYS A 135 -2.14 -15.87 2.59
C LYS A 135 -2.32 -16.29 1.14
N GLU A 136 -3.38 -17.04 0.87
CA GLU A 136 -3.66 -17.51 -0.48
C GLU A 136 -3.92 -16.32 -1.41
N ALA A 137 -4.65 -15.33 -0.91
CA ALA A 137 -4.96 -14.14 -1.69
C ALA A 137 -3.68 -13.38 -2.03
N LEU A 138 -2.69 -13.47 -1.15
CA LEU A 138 -1.43 -12.78 -1.35
C LEU A 138 -0.62 -13.45 -2.47
N GLN A 139 -0.62 -14.77 -2.47
CA GLN A 139 0.13 -15.52 -3.49
C GLN A 139 -0.37 -15.17 -4.89
N MET A 140 -1.68 -15.21 -5.07
CA MET A 140 -2.26 -14.91 -6.38
C MET A 140 -2.14 -13.41 -6.69
N LEU A 141 -2.01 -12.60 -5.64
CA LEU A 141 -1.88 -11.16 -5.84
C LEU A 141 -0.65 -10.84 -6.67
N ARG A 142 0.52 -11.16 -6.13
CA ARG A 142 1.77 -10.90 -6.83
C ARG A 142 1.83 -11.71 -8.12
N ASP A 143 1.13 -12.84 -8.15
CA ASP A 143 1.11 -13.67 -9.34
C ASP A 143 0.59 -12.87 -10.52
N ALA A 144 -0.16 -11.81 -10.23
CA ALA A 144 -0.71 -10.96 -11.27
C ALA A 144 0.37 -10.04 -11.84
N GLY A 145 1.56 -10.11 -11.24
CA GLY A 145 2.68 -9.29 -11.69
C GLY A 145 3.13 -8.34 -10.59
N ALA A 146 2.27 -8.13 -9.60
CA ALA A 146 2.60 -7.24 -8.48
C ALA A 146 3.63 -7.90 -7.58
N GLN A 147 4.21 -7.11 -6.67
CA GLN A 147 5.21 -7.65 -5.74
C GLN A 147 4.93 -7.14 -4.33
N VAL A 148 4.82 -8.06 -3.38
CA VAL A 148 4.56 -7.69 -1.99
C VAL A 148 5.70 -8.12 -1.08
N SER A 149 5.99 -7.31 -0.07
CA SER A 149 7.06 -7.60 0.88
C SER A 149 6.81 -6.90 2.21
N ILE A 150 7.69 -7.14 3.17
CA ILE A 150 7.55 -6.54 4.49
C ILE A 150 8.11 -5.11 4.48
N MET A 151 7.48 -4.22 5.24
CA MET A 151 7.92 -2.84 5.31
C MET A 151 9.36 -2.77 5.83
N THR A 152 10.28 -2.32 4.98
CA THR A 152 11.68 -2.20 5.37
C THR A 152 11.98 -0.80 5.87
N TYR A 153 13.18 -0.61 6.41
CA TYR A 153 13.59 0.68 6.92
C TYR A 153 13.63 1.71 5.79
N ASP A 154 14.38 1.39 4.74
CA ASP A 154 14.49 2.29 3.60
C ASP A 154 13.12 2.63 3.05
N GLU A 155 12.19 1.68 3.16
CA GLU A 155 10.83 1.87 2.67
C GLU A 155 10.10 2.88 3.56
N PHE A 156 10.23 2.71 4.87
CA PHE A 156 9.58 3.60 5.82
C PHE A 156 10.11 5.02 5.68
N GLU A 157 11.41 5.14 5.40
CA GLU A 157 12.03 6.45 5.25
C GLU A 157 11.44 7.20 4.06
N TYR A 158 11.49 6.59 2.88
CA TYR A 158 10.97 7.22 1.68
C TYR A 158 9.50 7.61 1.87
N CYS A 159 8.79 6.85 2.70
CA CYS A 159 7.38 7.12 2.95
C CYS A 159 7.23 8.22 4.00
N TRP A 160 8.16 8.23 4.94
CA TRP A 160 8.16 9.23 6.00
C TRP A 160 8.29 10.64 5.44
N ASP A 161 9.21 10.80 4.50
CA ASP A 161 9.44 12.11 3.88
C ASP A 161 8.48 12.37 2.71
N THR A 162 7.97 11.30 2.10
CA THR A 162 7.08 11.46 0.96
C THR A 162 5.62 11.70 1.38
N PHE A 163 5.16 10.95 2.38
CA PHE A 163 3.77 11.08 2.82
C PHE A 163 3.65 11.93 4.09
N VAL A 164 4.75 12.15 4.79
CA VAL A 164 4.71 12.95 6.02
C VAL A 164 5.75 14.07 5.98
N TYR A 165 5.28 15.31 6.16
CA TYR A 165 6.16 16.45 6.16
C TYR A 165 6.79 16.62 7.55
N ARG A 166 8.06 16.98 7.59
CA ARG A 166 8.73 17.14 8.86
C ARG A 166 9.88 18.15 8.77
N GLN A 167 9.95 18.86 7.65
CA GLN A 167 11.00 19.84 7.45
C GLN A 167 12.36 19.17 7.24
N GLY A 168 12.34 17.91 6.83
CA GLY A 168 13.58 17.18 6.59
C GLY A 168 14.04 16.40 7.82
N CYS A 169 13.32 16.52 8.93
CA CYS A 169 13.70 15.81 10.14
C CYS A 169 13.83 14.32 9.87
N PRO A 170 14.61 13.61 10.65
CA PRO A 170 14.82 12.14 10.46
C PRO A 170 13.56 11.35 10.76
N PHE A 171 13.59 10.05 10.45
CA PHE A 171 12.44 9.19 10.70
C PHE A 171 12.60 8.41 11.99
N GLN A 172 11.49 8.13 12.64
CA GLN A 172 11.49 7.39 13.90
C GLN A 172 11.02 5.94 13.66
N PRO A 173 11.92 4.99 13.55
CA PRO A 173 11.53 3.57 13.30
C PRO A 173 11.12 2.83 14.57
N TRP A 174 10.94 3.58 15.65
CA TRP A 174 10.54 3.00 16.95
C TRP A 174 11.28 1.69 17.25
N ASP A 175 12.29 1.40 16.46
CA ASP A 175 13.06 0.17 16.63
C ASP A 175 12.14 -1.04 16.82
N GLY A 176 10.84 -0.84 16.60
CA GLY A 176 9.88 -1.92 16.74
C GLY A 176 9.70 -2.67 15.43
N LEU A 177 9.72 -1.92 14.33
CA LEU A 177 9.56 -2.53 13.01
C LEU A 177 10.74 -3.44 12.69
N GLU A 178 11.93 -3.04 13.12
CA GLU A 178 13.13 -3.82 12.86
C GLU A 178 12.96 -5.25 13.35
N GLU A 179 12.56 -5.39 14.62
CA GLU A 179 12.35 -6.71 15.20
C GLU A 179 11.21 -7.44 14.49
N HIS A 180 10.06 -6.78 14.41
CA HIS A 180 8.90 -7.37 13.76
C HIS A 180 9.24 -7.79 12.33
N SER A 181 10.19 -7.08 11.73
CA SER A 181 10.59 -7.39 10.35
C SER A 181 11.25 -8.77 10.30
N GLN A 182 12.19 -9.02 11.21
CA GLN A 182 12.87 -10.31 11.24
C GLN A 182 11.86 -11.44 11.31
N ALA A 183 10.90 -11.32 12.23
CA ALA A 183 9.88 -12.35 12.39
C ALA A 183 8.92 -12.36 11.20
N LEU A 184 8.22 -11.25 11.00
CA LEU A 184 7.27 -11.15 9.89
C LEU A 184 7.92 -11.61 8.59
N SER A 185 9.03 -10.97 8.22
CA SER A 185 9.73 -11.33 7.00
C SER A 185 9.85 -12.84 6.88
N GLY A 186 10.36 -13.48 7.93
CA GLY A 186 10.52 -14.92 7.92
C GLY A 186 9.27 -15.60 7.35
N ARG A 187 8.12 -15.26 7.91
CA ARG A 187 6.86 -15.85 7.43
C ARG A 187 6.51 -15.31 6.04
N LEU A 188 6.35 -13.99 5.93
CA LEU A 188 6.01 -13.37 4.66
C LEU A 188 6.79 -14.02 3.51
N ARG A 189 8.11 -13.91 3.55
CA ARG A 189 8.93 -14.50 2.50
C ARG A 189 8.50 -15.94 2.27
N ALA A 190 8.34 -16.67 3.36
CA ALA A 190 7.92 -18.06 3.28
C ALA A 190 6.77 -18.20 2.29
N ILE A 191 5.79 -17.30 2.40
CA ILE A 191 4.63 -17.33 1.51
C ILE A 191 5.09 -17.17 0.06
N LEU A 192 5.95 -16.19 -0.18
CA LEU A 192 6.45 -15.93 -1.52
C LEU A 192 7.37 -17.06 -1.97
N GLN A 193 7.42 -18.13 -1.18
CA GLN A 193 8.25 -19.27 -1.51
C GLN A 193 7.50 -20.58 -1.27
N ASN A 194 6.18 -20.48 -1.14
CA ASN A 194 5.35 -21.66 -0.91
C ASN A 194 4.63 -22.05 -2.19
N GLN A 195 4.84 -23.29 -2.64
CA GLN A 195 4.20 -23.77 -3.85
C GLN A 195 3.81 -25.24 -3.70
N GLY A 196 4.23 -25.84 -2.58
CA GLY A 196 3.92 -27.25 -2.33
C GLY A 196 5.20 -28.07 -2.22
N ASN A 197 6.34 -27.41 -2.38
CA ASN A 197 7.62 -28.10 -2.30
C ASN A 197 8.75 -27.10 -2.00
ZN ZN B . -11.59 -5.27 0.57
N MET A 1 -6.57 26.35 0.70
CA MET A 1 -6.75 24.89 0.49
C MET A 1 -6.96 24.61 -1.00
N GLU A 2 -5.90 24.78 -1.79
CA GLU A 2 -6.00 24.55 -3.23
C GLU A 2 -6.59 23.17 -3.50
N ILE A 3 -6.76 22.87 -4.79
CA ILE A 3 -7.33 21.59 -5.18
C ILE A 3 -6.22 20.54 -5.30
N LEU A 4 -6.59 19.27 -5.23
CA LEU A 4 -5.62 18.19 -5.33
C LEU A 4 -4.71 18.17 -4.11
N ARG A 5 -3.93 17.11 -3.98
CA ARG A 5 -3.00 16.98 -2.86
C ARG A 5 -3.75 17.02 -1.53
N TYR A 6 -3.30 16.23 -0.58
CA TYR A 6 -3.93 16.18 0.73
C TYR A 6 -2.87 16.14 1.83
N LEU A 7 -1.84 15.35 1.63
CA LEU A 7 -0.76 15.24 2.60
C LEU A 7 -1.31 15.11 4.03
N MET A 8 -1.35 13.87 4.53
CA MET A 8 -1.85 13.62 5.87
C MET A 8 -0.93 14.26 6.90
N ASP A 9 -1.35 14.22 8.16
CA ASP A 9 -0.57 14.82 9.23
C ASP A 9 0.27 13.75 9.95
N PRO A 10 1.37 14.13 10.52
CA PRO A 10 2.26 13.16 11.25
C PRO A 10 1.56 12.50 12.42
N ASP A 11 1.05 13.32 13.33
CA ASP A 11 0.36 12.81 14.51
C ASP A 11 -0.64 11.72 14.10
N THR A 12 -1.25 11.89 12.92
CA THR A 12 -2.21 10.91 12.44
C THR A 12 -1.50 9.71 11.83
N PHE A 13 -0.54 9.97 10.95
CA PHE A 13 0.21 8.92 10.30
C PHE A 13 0.81 7.97 11.34
N THR A 14 1.54 8.53 12.30
CA THR A 14 2.17 7.73 13.33
C THR A 14 1.10 7.02 14.17
N PHE A 15 0.06 7.75 14.54
CA PHE A 15 -1.02 7.18 15.34
C PHE A 15 -1.60 5.96 14.64
N ASN A 16 -1.64 6.00 13.32
CA ASN A 16 -2.18 4.89 12.54
C ASN A 16 -1.26 3.68 12.63
N PHE A 17 -0.04 3.82 12.09
CA PHE A 17 0.92 2.73 12.12
C PHE A 17 1.16 2.26 13.54
N ASN A 18 0.83 3.10 14.51
CA ASN A 18 1.00 2.75 15.92
C ASN A 18 -0.01 1.68 16.33
N ASN A 19 -1.06 1.54 15.54
CA ASN A 19 -2.11 0.56 15.83
C ASN A 19 -2.84 0.93 17.11
N ASP A 20 -3.87 0.15 17.43
CA ASP A 20 -4.66 0.39 18.63
C ASP A 20 -5.81 -0.61 18.74
N PRO A 21 -6.58 -0.79 17.69
CA PRO A 21 -7.73 -1.74 17.70
C PRO A 21 -7.29 -3.17 17.40
N LEU A 22 -6.53 -3.34 16.33
CA LEU A 22 -6.05 -4.67 15.94
C LEU A 22 -7.16 -5.70 16.07
N VAL A 23 -8.23 -5.52 15.31
CA VAL A 23 -9.36 -6.44 15.36
C VAL A 23 -9.17 -7.57 14.34
N LEU A 24 -10.12 -7.70 13.42
CA LEU A 24 -10.05 -8.74 12.41
C LEU A 24 -9.63 -8.15 11.07
N ARG A 25 -10.52 -7.35 10.48
CA ARG A 25 -10.23 -6.72 9.19
C ARG A 25 -9.71 -5.30 9.40
N ARG A 26 -9.15 -5.05 10.58
CA ARG A 26 -8.62 -3.73 10.89
C ARG A 26 -9.64 -2.65 10.57
N ARG A 27 -10.35 -2.20 11.61
CA ARG A 27 -11.37 -1.16 11.43
C ARG A 27 -10.75 0.09 10.82
N GLN A 28 -9.52 0.42 11.25
CA GLN A 28 -8.83 1.58 10.74
C GLN A 28 -7.80 1.19 9.69
N THR A 29 -8.23 1.14 8.43
CA THR A 29 -7.34 0.78 7.34
C THR A 29 -6.54 2.00 6.88
N TYR A 30 -5.45 1.74 6.16
CA TYR A 30 -4.61 2.82 5.67
C TYR A 30 -3.75 2.35 4.51
N LEU A 31 -3.90 2.99 3.36
CA LEU A 31 -3.15 2.65 2.17
C LEU A 31 -2.53 3.92 1.58
N CYS A 32 -1.21 3.97 1.61
CA CYS A 32 -0.49 5.11 1.07
C CYS A 32 0.12 4.73 -0.27
N TYR A 33 -0.44 5.28 -1.34
CA TYR A 33 0.05 4.96 -2.67
C TYR A 33 0.90 6.08 -3.26
N GLU A 34 1.72 5.74 -4.23
CA GLU A 34 2.57 6.71 -4.90
C GLU A 34 2.78 6.29 -6.35
N VAL A 35 3.33 7.18 -7.17
CA VAL A 35 3.57 6.86 -8.58
C VAL A 35 5.01 7.14 -8.94
N GLU A 36 5.58 6.26 -9.75
CA GLU A 36 6.98 6.40 -10.17
C GLU A 36 7.08 6.34 -11.70
N ARG A 37 7.86 7.25 -12.25
CA ARG A 37 8.08 7.29 -13.70
C ARG A 37 9.55 7.01 -13.98
N LEU A 38 9.83 5.91 -14.64
CA LEU A 38 11.21 5.57 -14.92
C LEU A 38 11.85 6.56 -15.87
N ASP A 39 12.58 7.52 -15.31
CA ASP A 39 13.26 8.52 -16.10
C ASP A 39 14.77 8.28 -16.10
N ASN A 40 15.40 8.49 -17.26
CA ASN A 40 16.84 8.29 -17.40
C ASN A 40 17.27 6.90 -16.92
N GLY A 41 16.32 5.98 -16.87
CA GLY A 41 16.62 4.61 -16.46
C GLY A 41 16.56 4.46 -14.94
N THR A 42 15.92 5.41 -14.28
CA THR A 42 15.78 5.38 -12.83
C THR A 42 14.37 5.77 -12.44
N TRP A 43 13.90 5.24 -11.32
CA TRP A 43 12.56 5.55 -10.87
C TRP A 43 12.53 6.93 -10.23
N VAL A 44 11.54 7.73 -10.63
CA VAL A 44 11.39 9.08 -10.08
C VAL A 44 10.01 9.24 -9.45
N LEU A 45 9.99 9.65 -8.19
CA LEU A 45 8.72 9.83 -7.49
C LEU A 45 7.98 11.04 -8.04
N MET A 46 6.70 10.86 -8.33
CA MET A 46 5.87 11.94 -8.87
C MET A 46 4.90 12.43 -7.80
N ASP A 47 5.22 13.56 -7.18
CA ASP A 47 4.37 14.13 -6.15
C ASP A 47 3.00 14.50 -6.71
N GLN A 48 2.98 14.89 -7.98
CA GLN A 48 1.72 15.30 -8.62
C GLN A 48 0.77 14.11 -8.75
N HIS A 49 1.33 12.91 -8.88
CA HIS A 49 0.52 11.70 -9.01
C HIS A 49 0.65 10.82 -7.77
N MET A 50 0.95 11.46 -6.64
CA MET A 50 1.10 10.73 -5.38
C MET A 50 -0.01 11.11 -4.40
N GLY A 51 -0.35 10.19 -3.51
CA GLY A 51 -1.40 10.42 -2.53
C GLY A 51 -1.73 9.15 -1.76
N PHE A 52 -2.55 9.29 -0.72
CA PHE A 52 -2.94 8.14 0.09
C PHE A 52 -4.45 8.02 0.15
N LEU A 53 -4.94 6.79 0.27
CA LEU A 53 -6.39 6.55 0.33
C LEU A 53 -6.76 5.85 1.64
N CYS A 54 -7.82 6.34 2.27
CA CYS A 54 -8.28 5.76 3.53
C CYS A 54 -9.52 4.91 3.31
N ASN A 55 -9.78 4.00 4.24
CA ASN A 55 -10.94 3.12 4.14
C ASN A 55 -12.18 3.92 3.78
N GLU A 56 -12.76 4.59 4.76
CA GLU A 56 -13.97 5.39 4.53
C GLU A 56 -13.62 6.62 3.68
N ALA A 57 -14.46 6.88 2.68
CA ALA A 57 -14.24 8.02 1.81
C ALA A 57 -15.45 8.22 0.88
N LYS A 58 -16.43 8.97 1.37
CA LYS A 58 -17.64 9.23 0.57
C LYS A 58 -18.17 7.94 -0.03
N ASN A 59 -19.15 7.34 0.64
CA ASN A 59 -19.74 6.09 0.16
C ASN A 59 -21.11 5.88 0.77
N LEU A 60 -21.35 6.51 1.92
CA LEU A 60 -22.63 6.38 2.60
C LEU A 60 -23.78 6.61 1.63
N LEU A 61 -23.49 7.27 0.52
CA LEU A 61 -24.51 7.54 -0.49
C LEU A 61 -25.13 6.25 -0.99
N CYS A 62 -24.28 5.25 -1.26
CA CYS A 62 -24.77 3.97 -1.75
C CYS A 62 -25.32 3.13 -0.59
N GLY A 63 -24.87 3.44 0.61
CA GLY A 63 -25.31 2.71 1.80
C GLY A 63 -24.55 1.40 1.95
N PHE A 64 -23.64 1.14 1.02
CA PHE A 64 -22.85 -0.09 1.06
C PHE A 64 -21.87 -0.05 2.22
N TYR A 65 -21.62 -1.22 2.82
CA TYR A 65 -20.70 -1.30 3.95
C TYR A 65 -19.35 -1.87 3.50
N GLY A 66 -18.37 -1.81 4.38
CA GLY A 66 -17.04 -2.33 4.08
C GLY A 66 -16.33 -1.43 3.06
N ARG A 67 -15.42 -0.60 3.57
CA ARG A 67 -14.66 0.31 2.71
C ARG A 67 -13.22 -0.17 2.55
N HIS A 68 -12.82 -0.42 1.32
CA HIS A 68 -11.46 -0.88 1.04
C HIS A 68 -10.70 0.14 0.21
N ALA A 69 -9.78 0.84 0.88
CA ALA A 69 -8.97 1.88 0.22
C ALA A 69 -8.50 1.42 -1.15
N GLU A 70 -7.81 0.29 -1.19
CA GLU A 70 -7.32 -0.24 -2.45
C GLU A 70 -8.39 -0.13 -3.53
N LEU A 71 -9.65 -0.14 -3.11
CA LEU A 71 -10.75 -0.02 -4.05
C LEU A 71 -10.79 1.41 -4.57
N ARG A 72 -10.83 2.36 -3.62
CA ARG A 72 -10.85 3.76 -3.98
C ARG A 72 -9.72 4.06 -4.98
N PHE A 73 -8.63 3.31 -4.86
CA PHE A 73 -7.51 3.49 -5.76
C PHE A 73 -7.91 3.15 -7.19
N LEU A 74 -8.26 1.90 -7.40
CA LEU A 74 -8.66 1.46 -8.73
C LEU A 74 -9.57 2.47 -9.39
N ASP A 75 -10.20 3.29 -8.57
CA ASP A 75 -11.10 4.33 -9.08
C ASP A 75 -10.36 5.64 -9.37
N LEU A 76 -9.27 5.89 -8.65
CA LEU A 76 -8.52 7.13 -8.82
C LEU A 76 -7.34 6.99 -9.79
N VAL A 77 -7.02 5.77 -10.18
CA VAL A 77 -5.91 5.58 -11.13
C VAL A 77 -6.10 6.43 -12.38
N PRO A 78 -7.30 6.47 -12.95
CA PRO A 78 -7.56 7.28 -14.17
C PRO A 78 -7.19 8.74 -13.96
N SER A 79 -7.25 9.19 -12.70
CA SER A 79 -6.90 10.57 -12.38
C SER A 79 -5.40 10.80 -12.47
N LEU A 80 -4.64 9.71 -12.52
CA LEU A 80 -3.19 9.80 -12.59
C LEU A 80 -2.75 10.14 -14.01
N GLN A 81 -3.71 10.16 -14.93
CA GLN A 81 -3.41 10.46 -16.32
C GLN A 81 -2.12 9.76 -16.75
N LEU A 82 -2.04 8.47 -16.48
CA LEU A 82 -0.85 7.69 -16.83
C LEU A 82 -0.50 7.89 -18.31
N ASP A 83 0.72 7.51 -18.67
CA ASP A 83 1.19 7.65 -20.03
C ASP A 83 1.69 6.30 -20.56
N PRO A 84 0.80 5.45 -20.99
CA PRO A 84 1.18 4.10 -21.53
C PRO A 84 2.33 4.16 -22.52
N ALA A 85 2.70 5.37 -22.89
CA ALA A 85 3.80 5.57 -23.84
C ALA A 85 5.14 5.27 -23.16
N GLN A 86 5.10 5.20 -21.83
CA GLN A 86 6.31 4.92 -21.04
C GLN A 86 6.06 3.80 -20.06
N ILE A 87 6.85 3.76 -18.99
CA ILE A 87 6.72 2.72 -17.97
C ILE A 87 6.57 3.34 -16.59
N TYR A 88 5.43 3.07 -15.96
CA TYR A 88 5.15 3.59 -14.63
C TYR A 88 5.19 2.47 -13.60
N ARG A 89 5.10 2.85 -12.32
CA ARG A 89 5.12 1.87 -11.25
C ARG A 89 4.63 2.52 -9.96
N VAL A 90 3.50 2.04 -9.45
CA VAL A 90 2.94 2.60 -8.23
C VAL A 90 3.29 1.75 -7.02
N THR A 91 3.74 2.42 -5.96
CA THR A 91 4.10 1.71 -4.74
C THR A 91 2.97 1.82 -3.73
N TRP A 92 2.59 0.67 -3.16
CA TRP A 92 1.51 0.64 -2.19
C TRP A 92 2.06 0.36 -0.79
N PHE A 93 1.76 1.26 0.13
CA PHE A 93 2.21 1.12 1.52
C PHE A 93 0.99 1.00 2.43
N ILE A 94 0.73 -0.23 2.88
CA ILE A 94 -0.41 -0.50 3.73
C ILE A 94 0.02 -0.98 5.11
N SER A 95 -0.83 -0.73 6.11
CA SER A 95 -0.53 -1.14 7.47
C SER A 95 -1.34 -2.38 7.87
N TRP A 96 -1.49 -3.31 6.94
CA TRP A 96 -2.25 -4.54 7.20
C TRP A 96 -2.56 -5.25 5.88
N SER A 97 -2.03 -6.46 5.73
CA SER A 97 -2.24 -7.24 4.52
C SER A 97 -3.63 -7.00 3.94
N PRO A 98 -3.82 -7.21 2.65
CA PRO A 98 -5.13 -7.01 1.98
C PRO A 98 -6.17 -8.05 2.38
N CYS A 99 -7.44 -7.76 2.14
CA CYS A 99 -8.51 -8.69 2.46
C CYS A 99 -8.64 -9.74 1.38
N PHE A 100 -9.79 -10.41 1.31
CA PHE A 100 -10.00 -11.43 0.31
C PHE A 100 -9.68 -10.90 -1.10
N SER A 101 -9.77 -11.79 -2.08
CA SER A 101 -9.48 -11.43 -3.46
C SER A 101 -10.54 -10.52 -4.05
N TRP A 102 -11.73 -11.08 -4.31
CA TRP A 102 -12.82 -10.28 -4.87
C TRP A 102 -12.88 -8.90 -4.21
N GLY A 103 -12.29 -8.80 -3.03
CA GLY A 103 -12.27 -7.54 -2.30
C GLY A 103 -11.04 -6.73 -2.67
N CYS A 104 -9.86 -7.21 -2.25
CA CYS A 104 -8.62 -6.49 -2.53
C CYS A 104 -7.89 -7.06 -3.75
N ALA A 105 -7.33 -8.25 -3.61
CA ALA A 105 -6.57 -8.88 -4.69
C ALA A 105 -7.40 -8.97 -5.97
N GLY A 106 -8.54 -9.65 -5.89
CA GLY A 106 -9.40 -9.81 -7.06
C GLY A 106 -9.47 -8.52 -7.86
N GLU A 107 -9.69 -7.41 -7.17
CA GLU A 107 -9.78 -6.11 -7.83
C GLU A 107 -8.42 -5.69 -8.40
N VAL A 108 -7.42 -5.63 -7.52
CA VAL A 108 -6.08 -5.24 -7.95
C VAL A 108 -5.62 -6.08 -9.15
N ARG A 109 -6.09 -7.31 -9.21
CA ARG A 109 -5.72 -8.21 -10.29
C ARG A 109 -6.24 -7.68 -11.63
N ALA A 110 -7.56 -7.59 -11.76
CA ALA A 110 -8.17 -7.12 -12.99
C ALA A 110 -7.47 -5.86 -13.51
N PHE A 111 -7.11 -4.97 -12.60
CA PHE A 111 -6.46 -3.73 -12.98
C PHE A 111 -5.03 -3.97 -13.46
N LEU A 112 -4.21 -4.56 -12.60
CA LEU A 112 -2.82 -4.83 -12.96
C LEU A 112 -2.72 -5.40 -14.37
N GLN A 113 -3.80 -6.05 -14.84
CA GLN A 113 -3.79 -6.62 -16.18
C GLN A 113 -4.22 -5.58 -17.19
N GLU A 114 -5.24 -4.80 -16.83
CA GLU A 114 -5.75 -3.77 -17.72
C GLU A 114 -4.65 -2.81 -18.11
N ASN A 115 -3.77 -2.52 -17.16
CA ASN A 115 -2.66 -1.61 -17.39
C ASN A 115 -1.34 -2.28 -17.03
N THR A 116 -0.77 -3.01 -17.98
CA THR A 116 0.49 -3.71 -17.75
C THR A 116 1.66 -2.73 -17.84
N HIS A 117 1.39 -1.54 -18.36
CA HIS A 117 2.43 -0.52 -18.49
C HIS A 117 2.84 0.00 -17.11
N VAL A 118 1.93 -0.11 -16.15
CA VAL A 118 2.19 0.34 -14.79
C VAL A 118 2.26 -0.85 -13.84
N ARG A 119 3.33 -0.91 -13.07
CA ARG A 119 3.52 -1.99 -12.12
C ARG A 119 3.00 -1.58 -10.75
N LEU A 120 2.69 -2.56 -9.90
CA LEU A 120 2.17 -2.25 -8.58
C LEU A 120 2.70 -3.26 -7.54
N ARG A 121 3.22 -2.73 -6.43
CA ARG A 121 3.75 -3.59 -5.37
C ARG A 121 3.18 -3.19 -4.01
N ILE A 122 2.69 -4.17 -3.24
CA ILE A 122 2.10 -3.90 -1.93
C ILE A 122 2.99 -4.34 -0.80
N PHE A 123 3.45 -3.36 -0.04
CA PHE A 123 4.27 -3.64 1.12
C PHE A 123 3.45 -3.42 2.39
N ALA A 124 3.19 -4.51 3.11
CA ALA A 124 2.41 -4.42 4.33
C ALA A 124 3.32 -4.20 5.54
N ALA A 125 2.78 -3.60 6.59
CA ALA A 125 3.57 -3.34 7.79
C ALA A 125 3.55 -4.55 8.71
N ARG A 126 2.41 -5.22 8.77
CA ARG A 126 2.27 -6.40 9.62
C ARG A 126 1.12 -7.29 9.13
N ILE A 127 1.42 -8.56 8.91
CA ILE A 127 0.40 -9.50 8.44
C ILE A 127 -0.41 -10.04 9.61
N TYR A 128 -1.69 -9.68 9.65
CA TYR A 128 -2.56 -10.16 10.73
C TYR A 128 -2.83 -11.65 10.55
N ASP A 129 -1.77 -12.44 10.74
CA ASP A 129 -1.87 -13.89 10.61
C ASP A 129 -3.14 -14.42 11.28
N TYR A 130 -3.74 -13.60 12.13
CA TYR A 130 -4.96 -14.00 12.82
C TYR A 130 -6.07 -14.31 11.82
N ASP A 131 -5.76 -14.15 10.54
CA ASP A 131 -6.74 -14.40 9.48
C ASP A 131 -6.05 -15.05 8.28
N PRO A 132 -5.71 -16.30 8.37
CA PRO A 132 -5.04 -17.05 7.27
C PRO A 132 -5.72 -16.84 5.92
N LEU A 133 -6.87 -16.19 5.94
CA LEU A 133 -7.61 -15.94 4.70
C LEU A 133 -6.80 -15.03 3.78
N TYR A 134 -6.22 -13.99 4.35
CA TYR A 134 -5.41 -13.05 3.57
C TYR A 134 -4.27 -13.78 2.88
N LYS A 135 -3.77 -14.83 3.52
CA LYS A 135 -2.67 -15.61 2.95
C LYS A 135 -3.00 -16.03 1.52
N GLU A 136 -4.07 -16.80 1.38
CA GLU A 136 -4.48 -17.26 0.06
C GLU A 136 -4.64 -16.08 -0.90
N ALA A 137 -5.36 -15.06 -0.45
CA ALA A 137 -5.58 -13.87 -1.26
C ALA A 137 -4.24 -13.26 -1.67
N LEU A 138 -3.20 -13.53 -0.88
CA LEU A 138 -1.88 -13.00 -1.16
C LEU A 138 -1.20 -13.78 -2.28
N GLN A 139 -1.25 -15.11 -2.17
CA GLN A 139 -0.62 -15.96 -3.18
C GLN A 139 -1.08 -15.58 -4.58
N MET A 140 -2.39 -15.47 -4.77
CA MET A 140 -2.93 -15.11 -6.07
C MET A 140 -2.63 -13.65 -6.42
N LEU A 141 -2.55 -12.80 -5.39
CA LEU A 141 -2.28 -11.38 -5.63
C LEU A 141 -1.03 -11.21 -6.49
N ARG A 142 0.11 -11.66 -5.98
CA ARG A 142 1.36 -11.54 -6.73
C ARG A 142 1.30 -12.35 -8.01
N ASP A 143 0.62 -13.49 -7.95
CA ASP A 143 0.49 -14.34 -9.12
C ASP A 143 -0.09 -13.55 -10.28
N ALA A 144 -0.76 -12.45 -9.96
CA ALA A 144 -1.36 -11.59 -10.98
C ALA A 144 -0.28 -10.77 -11.67
N GLY A 145 0.92 -10.78 -11.11
CA GLY A 145 2.03 -10.03 -11.69
C GLY A 145 2.53 -8.97 -10.71
N ALA A 146 1.83 -8.81 -9.59
CA ALA A 146 2.22 -7.81 -8.60
C ALA A 146 3.28 -8.39 -7.66
N GLN A 147 3.84 -7.55 -6.81
CA GLN A 147 4.87 -7.99 -5.86
C GLN A 147 4.60 -7.44 -4.47
N VAL A 148 4.54 -8.33 -3.49
CA VAL A 148 4.29 -7.90 -2.12
C VAL A 148 5.32 -8.46 -1.16
N SER A 149 5.63 -7.69 -0.11
CA SER A 149 6.62 -8.10 0.88
C SER A 149 6.52 -7.24 2.13
N ILE A 150 7.33 -7.55 3.13
CA ILE A 150 7.32 -6.77 4.37
C ILE A 150 8.15 -5.50 4.21
N MET A 151 7.48 -4.36 4.26
CA MET A 151 8.16 -3.07 4.12
C MET A 151 9.48 -3.09 4.88
N THR A 152 10.42 -2.25 4.46
CA THR A 152 11.72 -2.16 5.11
C THR A 152 11.94 -0.78 5.72
N TYR A 153 13.02 -0.63 6.48
CA TYR A 153 13.33 0.64 7.11
C TYR A 153 13.54 1.73 6.05
N ASP A 154 14.34 1.41 5.04
CA ASP A 154 14.61 2.37 3.98
C ASP A 154 13.32 2.87 3.35
N GLU A 155 12.31 2.00 3.32
CA GLU A 155 11.03 2.36 2.76
C GLU A 155 10.23 3.22 3.73
N PHE A 156 10.40 2.96 5.03
CA PHE A 156 9.69 3.72 6.05
C PHE A 156 10.12 5.20 6.03
N GLU A 157 11.41 5.43 5.89
CA GLU A 157 11.92 6.79 5.85
C GLU A 157 11.53 7.49 4.54
N TYR A 158 11.58 6.74 3.45
CA TYR A 158 11.21 7.30 2.15
C TYR A 158 9.74 7.69 2.11
N CYS A 159 8.91 6.90 2.75
CA CYS A 159 7.47 7.18 2.79
C CYS A 159 7.18 8.25 3.82
N TRP A 160 8.06 8.35 4.81
CA TRP A 160 7.91 9.34 5.87
C TRP A 160 8.12 10.74 5.32
N ASP A 161 9.09 10.88 4.42
CA ASP A 161 9.38 12.19 3.84
C ASP A 161 8.48 12.45 2.63
N THR A 162 7.95 11.40 2.04
CA THR A 162 7.08 11.54 0.87
C THR A 162 5.64 11.83 1.28
N PHE A 163 5.08 10.97 2.14
CA PHE A 163 3.69 11.13 2.58
C PHE A 163 3.58 12.14 3.72
N VAL A 164 4.63 12.27 4.53
CA VAL A 164 4.60 13.21 5.65
C VAL A 164 5.70 14.27 5.49
N TYR A 165 5.28 15.51 5.31
CA TYR A 165 6.23 16.61 5.13
C TYR A 165 6.38 17.40 6.42
N ARG A 166 7.64 17.67 6.80
CA ARG A 166 7.90 18.40 8.02
C ARG A 166 9.39 18.71 8.16
N GLN A 167 9.83 19.82 7.59
CA GLN A 167 11.23 20.21 7.65
C GLN A 167 12.14 19.04 7.29
N GLY A 168 11.58 18.06 6.58
CA GLY A 168 12.34 16.90 6.16
C GLY A 168 12.88 16.13 7.37
N CYS A 169 12.23 16.30 8.51
CA CYS A 169 12.65 15.62 9.74
C CYS A 169 12.75 14.10 9.47
N PRO A 170 13.75 13.43 10.00
CA PRO A 170 13.91 11.96 9.78
C PRO A 170 12.77 11.16 10.41
N PHE A 171 12.71 9.88 10.07
CA PHE A 171 11.66 9.01 10.60
C PHE A 171 12.13 8.27 11.84
N GLN A 172 11.19 7.99 12.72
CA GLN A 172 11.49 7.29 13.97
C GLN A 172 10.91 5.87 13.93
N PRO A 173 11.68 4.88 13.52
CA PRO A 173 11.18 3.48 13.44
C PRO A 173 11.19 2.76 14.79
N TRP A 174 11.24 3.54 15.88
CA TRP A 174 11.26 2.98 17.24
C TRP A 174 12.13 1.74 17.34
N ASP A 175 12.94 1.50 16.33
CA ASP A 175 13.81 0.35 16.29
C ASP A 175 13.05 -0.93 16.68
N GLY A 176 11.73 -0.83 16.78
CA GLY A 176 10.91 -1.97 17.13
C GLY A 176 10.48 -2.73 15.88
N LEU A 177 10.00 -2.00 14.88
CA LEU A 177 9.56 -2.61 13.64
C LEU A 177 10.72 -3.30 12.95
N GLU A 178 11.93 -2.75 13.13
CA GLU A 178 13.12 -3.31 12.51
C GLU A 178 13.28 -4.78 12.90
N GLU A 179 13.34 -5.05 14.20
CA GLU A 179 13.50 -6.42 14.68
C GLU A 179 12.38 -7.30 14.13
N HIS A 180 11.15 -6.83 14.29
CA HIS A 180 9.99 -7.58 13.80
C HIS A 180 10.09 -7.81 12.30
N SER A 181 10.64 -6.83 11.59
CA SER A 181 10.78 -6.95 10.14
C SER A 181 11.61 -8.17 9.77
N GLN A 182 12.74 -8.36 10.47
CA GLN A 182 13.60 -9.50 10.20
C GLN A 182 12.83 -10.81 10.37
N ALA A 183 12.12 -10.93 11.49
CA ALA A 183 11.34 -12.14 11.76
C ALA A 183 10.20 -12.29 10.76
N LEU A 184 9.28 -11.33 10.76
CA LEU A 184 8.15 -11.38 9.85
C LEU A 184 8.62 -11.61 8.42
N SER A 185 9.58 -10.80 7.97
CA SER A 185 10.10 -10.94 6.62
C SER A 185 10.35 -12.41 6.31
N GLY A 186 11.09 -13.08 7.19
CA GLY A 186 11.39 -14.49 6.98
C GLY A 186 10.12 -15.25 6.63
N ARG A 187 9.04 -14.98 7.38
CA ARG A 187 7.77 -15.64 7.12
C ARG A 187 7.20 -15.18 5.78
N LEU A 188 7.08 -13.87 5.61
CA LEU A 188 6.54 -13.31 4.36
C LEU A 188 7.06 -14.09 3.16
N ARG A 189 8.39 -14.11 3.01
CA ARG A 189 8.99 -14.85 1.91
C ARG A 189 8.44 -16.27 1.87
N ALA A 190 8.44 -16.91 3.02
CA ALA A 190 7.94 -18.28 3.13
C ALA A 190 6.61 -18.41 2.39
N ILE A 191 5.71 -17.44 2.61
CA ILE A 191 4.41 -17.47 1.94
C ILE A 191 4.59 -17.51 0.44
N LEU A 192 5.54 -16.70 -0.05
CA LEU A 192 5.81 -16.65 -1.49
C LEU A 192 6.40 -17.96 -1.98
N GLN A 193 6.42 -18.96 -1.10
CA GLN A 193 6.97 -20.27 -1.44
C GLN A 193 5.98 -21.37 -1.07
N ASN A 194 5.37 -21.25 0.11
CA ASN A 194 4.41 -22.24 0.58
C ASN A 194 3.40 -22.56 -0.52
N GLN A 195 2.80 -23.74 -0.44
CA GLN A 195 1.81 -24.15 -1.43
C GLN A 195 0.39 -23.98 -0.88
N GLY A 196 0.19 -24.43 0.35
CA GLY A 196 -1.13 -24.31 0.98
C GLY A 196 -1.39 -25.52 1.88
N ASN A 197 -1.63 -26.67 1.27
CA ASN A 197 -1.89 -27.89 2.03
C ASN A 197 -1.93 -29.10 1.11
ZN ZN B . -10.46 -5.69 0.28
N MET A 1 -10.92 21.58 -6.14
CA MET A 1 -11.71 20.32 -6.06
C MET A 1 -10.87 19.24 -5.41
N GLU A 2 -9.59 19.54 -5.18
CA GLU A 2 -8.69 18.58 -4.56
C GLU A 2 -9.11 18.30 -3.12
N ILE A 3 -8.39 17.40 -2.46
CA ILE A 3 -8.70 17.06 -1.07
C ILE A 3 -8.08 18.08 -0.13
N LEU A 4 -8.73 18.30 1.01
CA LEU A 4 -8.25 19.25 2.00
C LEU A 4 -6.87 18.82 2.53
N ARG A 5 -5.82 19.43 1.98
CA ARG A 5 -4.48 19.11 2.40
C ARG A 5 -4.18 17.64 2.19
N TYR A 6 -2.92 17.36 1.92
CA TYR A 6 -2.48 15.99 1.68
C TYR A 6 -1.68 15.45 2.86
N LEU A 7 -0.60 16.14 3.21
CA LEU A 7 0.24 15.69 4.33
C LEU A 7 -0.63 15.25 5.51
N MET A 8 -0.94 13.96 5.52
CA MET A 8 -1.78 13.40 6.58
C MET A 8 -1.14 13.65 7.95
N ASP A 9 -1.97 13.72 8.97
CA ASP A 9 -1.49 13.95 10.34
C ASP A 9 -0.42 12.91 10.71
N PRO A 10 0.83 13.30 10.85
CA PRO A 10 1.91 12.33 11.22
C PRO A 10 1.50 11.42 12.37
N ASP A 11 1.07 12.03 13.47
CA ASP A 11 0.65 11.26 14.64
C ASP A 11 -0.30 10.14 14.24
N THR A 12 -1.40 10.50 13.59
CA THR A 12 -2.38 9.51 13.15
C THR A 12 -1.71 8.42 12.33
N PHE A 13 -0.87 8.82 11.38
CA PHE A 13 -0.17 7.86 10.53
C PHE A 13 0.63 6.88 11.38
N THR A 14 1.53 7.43 12.20
CA THR A 14 2.37 6.59 13.06
C THR A 14 1.50 5.64 13.89
N PHE A 15 0.41 6.17 14.44
CA PHE A 15 -0.49 5.36 15.26
C PHE A 15 -1.21 4.33 14.40
N ASN A 16 -1.42 4.67 13.13
CA ASN A 16 -2.11 3.76 12.22
C ASN A 16 -1.24 2.57 11.88
N PHE A 17 -0.03 2.84 11.38
CA PHE A 17 0.90 1.78 11.02
C PHE A 17 1.30 0.98 12.26
N ASN A 18 1.44 1.66 13.39
CA ASN A 18 1.81 1.00 14.63
C ASN A 18 0.79 -0.07 14.99
N ASN A 19 -0.43 0.10 14.51
CA ASN A 19 -1.50 -0.86 14.79
C ASN A 19 -2.05 -0.65 16.19
N ASP A 20 -1.99 0.59 16.67
CA ASP A 20 -2.49 0.91 18.01
C ASP A 20 -4.00 0.74 18.08
N PRO A 21 -4.71 1.22 17.09
CA PRO A 21 -6.19 1.11 17.05
C PRO A 21 -6.67 -0.19 16.43
N LEU A 22 -7.49 -0.93 17.17
CA LEU A 22 -8.01 -2.21 16.68
C LEU A 22 -8.46 -2.07 15.23
N VAL A 23 -7.99 -2.97 14.38
CA VAL A 23 -8.35 -2.95 12.96
C VAL A 23 -8.58 -4.36 12.44
N LEU A 24 -7.79 -5.31 12.94
CA LEU A 24 -7.91 -6.70 12.52
C LEU A 24 -7.80 -6.81 10.99
N ARG A 25 -8.90 -6.54 10.30
CA ARG A 25 -8.92 -6.62 8.85
C ARG A 25 -9.70 -5.45 8.26
N ARG A 26 -11.03 -5.50 8.40
CA ARG A 26 -11.88 -4.45 7.87
C ARG A 26 -12.02 -3.31 8.88
N ARG A 27 -13.14 -2.59 8.82
CA ARG A 27 -13.38 -1.48 9.73
C ARG A 27 -12.35 -0.37 9.50
N GLN A 28 -11.11 -0.64 9.90
CA GLN A 28 -10.03 0.33 9.73
C GLN A 28 -9.08 -0.11 8.63
N THR A 29 -8.73 0.84 7.75
CA THR A 29 -7.82 0.52 6.65
C THR A 29 -7.22 1.81 6.09
N TYR A 30 -5.92 1.78 5.81
CA TYR A 30 -5.24 2.94 5.26
C TYR A 30 -4.12 2.51 4.32
N LEU A 31 -4.19 2.99 3.09
CA LEU A 31 -3.18 2.67 2.08
C LEU A 31 -2.64 3.94 1.45
N CYS A 32 -1.34 3.96 1.23
CA CYS A 32 -0.68 5.12 0.62
C CYS A 32 -0.22 4.76 -0.78
N TYR A 33 -0.67 5.53 -1.75
CA TYR A 33 -0.31 5.28 -3.14
C TYR A 33 0.57 6.39 -3.71
N GLU A 34 1.53 6.00 -4.53
CA GLU A 34 2.42 6.96 -5.17
C GLU A 34 2.63 6.53 -6.61
N VAL A 35 3.04 7.47 -7.46
CA VAL A 35 3.26 7.17 -8.88
C VAL A 35 4.68 7.52 -9.27
N GLU A 36 5.36 6.59 -9.94
CA GLU A 36 6.74 6.81 -10.36
C GLU A 36 6.88 6.72 -11.87
N ARG A 37 7.70 7.60 -12.43
CA ARG A 37 7.95 7.62 -13.86
C ARG A 37 9.41 7.24 -14.11
N LEU A 38 9.62 6.13 -14.81
CA LEU A 38 10.99 5.72 -15.05
C LEU A 38 11.71 6.69 -15.96
N ASP A 39 12.50 7.57 -15.34
CA ASP A 39 13.26 8.57 -16.09
C ASP A 39 14.75 8.37 -15.88
N ASN A 40 15.51 8.33 -16.98
CA ASN A 40 16.96 8.15 -16.88
C ASN A 40 17.31 6.77 -16.35
N GLY A 41 16.55 5.76 -16.77
CA GLY A 41 16.80 4.39 -16.33
C GLY A 41 16.63 4.25 -14.83
N THR A 42 15.97 5.24 -14.22
CA THR A 42 15.73 5.20 -12.78
C THR A 42 14.31 5.66 -12.48
N TRP A 43 13.78 5.22 -11.35
CA TRP A 43 12.43 5.61 -10.97
C TRP A 43 12.43 6.98 -10.33
N VAL A 44 11.46 7.81 -10.72
CA VAL A 44 11.36 9.16 -10.17
C VAL A 44 10.00 9.36 -9.51
N LEU A 45 10.01 9.82 -8.27
CA LEU A 45 8.75 10.04 -7.54
C LEU A 45 8.08 11.32 -8.05
N MET A 46 6.78 11.21 -8.33
CA MET A 46 6.01 12.35 -8.80
C MET A 46 5.00 12.79 -7.75
N ASP A 47 5.33 13.86 -7.02
CA ASP A 47 4.45 14.36 -5.98
C ASP A 47 3.10 14.80 -6.57
N GLN A 48 3.12 15.23 -7.83
CA GLN A 48 1.91 15.68 -8.50
C GLN A 48 0.91 14.53 -8.63
N HIS A 49 1.43 13.33 -8.87
CA HIS A 49 0.58 12.15 -9.02
C HIS A 49 0.67 11.27 -7.78
N MET A 50 0.93 11.88 -6.64
CA MET A 50 1.04 11.14 -5.38
C MET A 50 -0.10 11.52 -4.44
N GLY A 51 -0.50 10.58 -3.60
CA GLY A 51 -1.58 10.82 -2.64
C GLY A 51 -1.90 9.55 -1.86
N PHE A 52 -2.75 9.67 -0.85
CA PHE A 52 -3.12 8.53 -0.02
C PHE A 52 -4.62 8.29 -0.09
N LEU A 53 -5.03 7.08 0.25
CA LEU A 53 -6.44 6.72 0.23
C LEU A 53 -6.85 6.06 1.54
N CYS A 54 -8.07 6.36 2.00
CA CYS A 54 -8.57 5.79 3.25
C CYS A 54 -9.89 5.07 3.01
N ASN A 55 -10.34 4.31 4.00
CA ASN A 55 -11.59 3.58 3.88
C ASN A 55 -12.79 4.52 4.03
N GLU A 56 -13.12 4.85 5.27
CA GLU A 56 -14.24 5.74 5.55
C GLU A 56 -13.79 6.93 6.40
N ALA A 57 -14.20 8.13 6.01
CA ALA A 57 -13.82 9.33 6.74
C ALA A 57 -14.68 9.47 8.00
N LYS A 58 -14.59 8.49 8.89
CA LYS A 58 -15.36 8.53 10.13
C LYS A 58 -16.85 8.41 9.83
N ASN A 59 -17.58 7.75 10.72
CA ASN A 59 -19.02 7.57 10.55
C ASN A 59 -19.69 7.33 11.89
N LEU A 60 -19.81 8.38 12.69
CA LEU A 60 -20.45 8.27 14.00
C LEU A 60 -21.94 8.04 13.84
N LEU A 61 -22.50 8.48 12.73
CA LEU A 61 -23.92 8.32 12.46
C LEU A 61 -24.34 6.86 12.67
N CYS A 62 -23.58 5.95 12.07
CA CYS A 62 -23.88 4.52 12.19
C CYS A 62 -22.79 3.82 12.99
N GLY A 63 -21.58 4.36 12.95
CA GLY A 63 -20.46 3.77 13.68
C GLY A 63 -19.93 2.55 12.95
N PHE A 64 -20.80 1.89 12.20
CA PHE A 64 -20.41 0.70 11.47
C PHE A 64 -20.32 1.00 9.97
N TYR A 65 -19.19 0.64 9.37
CA TYR A 65 -18.98 0.88 7.95
C TYR A 65 -18.03 -0.16 7.35
N GLY A 66 -17.83 -0.08 6.04
CA GLY A 66 -16.95 -1.02 5.36
C GLY A 66 -16.48 -0.45 4.02
N ARG A 67 -15.25 0.06 4.01
CA ARG A 67 -14.70 0.64 2.79
C ARG A 67 -13.26 0.17 2.58
N HIS A 68 -12.86 0.05 1.32
CA HIS A 68 -11.52 -0.40 0.98
C HIS A 68 -10.85 0.62 0.04
N ALA A 69 -9.82 1.30 0.54
CA ALA A 69 -9.11 2.29 -0.25
C ALA A 69 -8.63 1.64 -1.54
N GLU A 70 -8.15 0.41 -1.43
CA GLU A 70 -7.67 -0.33 -2.58
C GLU A 70 -8.62 -0.13 -3.76
N LEU A 71 -9.91 -0.25 -3.48
CA LEU A 71 -10.92 -0.07 -4.52
C LEU A 71 -10.94 1.38 -4.98
N ARG A 72 -10.90 2.30 -4.02
CA ARG A 72 -10.93 3.71 -4.34
C ARG A 72 -9.77 4.06 -5.28
N PHE A 73 -8.66 3.33 -5.15
CA PHE A 73 -7.51 3.57 -6.00
C PHE A 73 -7.87 3.27 -7.44
N LEU A 74 -8.14 2.00 -7.72
CA LEU A 74 -8.51 1.59 -9.07
C LEU A 74 -9.49 2.60 -9.69
N ASP A 75 -10.25 3.26 -8.83
CA ASP A 75 -11.23 4.25 -9.27
C ASP A 75 -10.61 5.63 -9.43
N LEU A 76 -9.54 5.89 -8.68
CA LEU A 76 -8.87 7.19 -8.75
C LEU A 76 -7.76 7.14 -9.80
N VAL A 77 -7.33 5.93 -10.13
CA VAL A 77 -6.30 5.77 -11.13
C VAL A 77 -6.63 6.56 -12.39
N PRO A 78 -7.80 6.45 -12.97
CA PRO A 78 -8.13 7.25 -14.18
C PRO A 78 -7.71 8.71 -14.00
N SER A 79 -7.66 9.16 -12.76
CA SER A 79 -7.28 10.55 -12.47
C SER A 79 -5.79 10.77 -12.77
N LEU A 80 -5.01 9.70 -12.64
CA LEU A 80 -3.56 9.78 -12.90
C LEU A 80 -3.30 10.06 -14.37
N GLN A 81 -4.30 9.80 -15.19
CA GLN A 81 -4.15 10.03 -16.63
C GLN A 81 -2.83 9.45 -17.12
N LEU A 82 -2.57 8.20 -16.73
CA LEU A 82 -1.34 7.54 -17.12
C LEU A 82 -1.13 7.60 -18.63
N ASP A 83 0.13 7.59 -19.04
CA ASP A 83 0.48 7.65 -20.46
C ASP A 83 1.15 6.35 -20.89
N PRO A 84 0.39 5.37 -21.32
CA PRO A 84 0.95 4.05 -21.76
C PRO A 84 2.14 4.20 -22.69
N ALA A 85 2.39 5.44 -23.12
CA ALA A 85 3.49 5.72 -24.01
C ALA A 85 4.82 5.44 -23.32
N GLN A 86 4.79 5.45 -21.99
CA GLN A 86 5.99 5.20 -21.19
C GLN A 86 5.74 4.08 -20.19
N ILE A 87 6.52 4.06 -19.11
CA ILE A 87 6.37 3.04 -18.09
C ILE A 87 6.26 3.66 -16.70
N TYR A 88 5.19 3.31 -16.00
CA TYR A 88 4.94 3.82 -14.66
C TYR A 88 5.05 2.70 -13.65
N ARG A 89 5.09 3.07 -12.37
CA ARG A 89 5.19 2.08 -11.30
C ARG A 89 4.68 2.70 -10.01
N VAL A 90 3.54 2.22 -9.52
CA VAL A 90 2.96 2.75 -8.30
C VAL A 90 3.27 1.86 -7.11
N THR A 91 3.52 2.49 -5.95
CA THR A 91 3.82 1.75 -4.73
C THR A 91 2.70 1.90 -3.73
N TRP A 92 2.37 0.80 -3.05
CA TRP A 92 1.28 0.80 -2.06
C TRP A 92 1.83 0.55 -0.65
N PHE A 93 1.56 1.48 0.27
CA PHE A 93 1.98 1.31 1.66
C PHE A 93 0.74 1.22 2.53
N ILE A 94 0.47 0.02 3.06
CA ILE A 94 -0.71 -0.19 3.89
C ILE A 94 -0.34 -0.72 5.26
N SER A 95 -1.24 -0.54 6.23
CA SER A 95 -0.99 -1.02 7.59
C SER A 95 -1.57 -2.42 7.80
N TRP A 96 -1.61 -3.21 6.74
CA TRP A 96 -2.15 -4.58 6.81
C TRP A 96 -2.45 -5.09 5.40
N SER A 97 -1.92 -6.27 5.06
CA SER A 97 -2.15 -6.85 3.75
C SER A 97 -3.60 -6.66 3.30
N PRO A 98 -3.89 -6.87 2.04
CA PRO A 98 -5.27 -6.71 1.50
C PRO A 98 -6.31 -7.44 2.36
N CYS A 99 -7.58 -7.19 2.08
CA CYS A 99 -8.65 -7.82 2.83
C CYS A 99 -8.85 -9.26 2.35
N PHE A 100 -8.90 -9.44 1.03
CA PHE A 100 -9.07 -10.76 0.45
C PHE A 100 -8.93 -10.71 -1.06
N SER A 101 -8.89 -11.88 -1.69
CA SER A 101 -8.76 -11.98 -3.13
C SER A 101 -10.01 -11.42 -3.82
N TRP A 102 -11.05 -12.22 -3.89
CA TRP A 102 -12.30 -11.79 -4.52
C TRP A 102 -12.69 -10.41 -4.00
N GLY A 103 -12.05 -9.99 -2.92
CA GLY A 103 -12.34 -8.69 -2.32
C GLY A 103 -11.42 -7.61 -2.90
N CYS A 104 -10.20 -7.53 -2.39
CA CYS A 104 -9.25 -6.53 -2.88
C CYS A 104 -8.28 -7.11 -3.89
N ALA A 105 -7.36 -7.96 -3.43
CA ALA A 105 -6.37 -8.56 -4.30
C ALA A 105 -7.00 -8.98 -5.63
N GLY A 106 -8.29 -9.24 -5.63
CA GLY A 106 -8.99 -9.64 -6.84
C GLY A 106 -9.14 -8.44 -7.77
N GLU A 107 -9.49 -7.30 -7.20
CA GLU A 107 -9.67 -6.08 -7.98
C GLU A 107 -8.32 -5.59 -8.49
N VAL A 108 -7.32 -5.57 -7.61
CA VAL A 108 -5.99 -5.13 -8.00
C VAL A 108 -5.45 -5.98 -9.14
N ARG A 109 -5.83 -7.26 -9.13
CA ARG A 109 -5.38 -8.19 -10.17
C ARG A 109 -5.89 -7.75 -11.53
N ALA A 110 -7.21 -7.69 -11.67
CA ALA A 110 -7.82 -7.29 -12.94
C ALA A 110 -7.19 -5.99 -13.45
N PHE A 111 -6.81 -5.13 -12.51
CA PHE A 111 -6.20 -3.84 -12.88
C PHE A 111 -4.84 -4.06 -13.52
N LEU A 112 -3.91 -4.62 -12.76
CA LEU A 112 -2.57 -4.88 -13.28
C LEU A 112 -2.67 -5.52 -14.65
N GLN A 113 -3.83 -6.12 -14.93
CA GLN A 113 -4.05 -6.77 -16.21
C GLN A 113 -4.62 -5.78 -17.23
N GLU A 114 -5.37 -4.81 -16.74
CA GLU A 114 -5.96 -3.80 -17.60
C GLU A 114 -4.88 -2.85 -18.12
N ASN A 115 -3.93 -2.55 -17.25
CA ASN A 115 -2.82 -1.66 -17.60
C ASN A 115 -1.48 -2.29 -17.22
N THR A 116 -0.81 -2.87 -18.21
CA THR A 116 0.48 -3.50 -17.97
C THR A 116 1.59 -2.45 -17.98
N HIS A 117 1.33 -1.35 -18.66
CA HIS A 117 2.32 -0.27 -18.75
C HIS A 117 2.60 0.30 -17.36
N VAL A 118 1.80 -0.11 -16.38
CA VAL A 118 1.96 0.35 -15.01
C VAL A 118 1.99 -0.84 -14.07
N ARG A 119 3.06 -0.92 -13.28
CA ARG A 119 3.21 -2.01 -12.32
C ARG A 119 2.83 -1.53 -10.93
N LEU A 120 2.47 -2.45 -10.06
CA LEU A 120 2.08 -2.09 -8.70
C LEU A 120 2.74 -3.01 -7.68
N ARG A 121 3.33 -2.40 -6.65
CA ARG A 121 3.99 -3.16 -5.61
C ARG A 121 3.28 -2.94 -4.28
N ILE A 122 3.10 -4.00 -3.52
CA ILE A 122 2.42 -3.90 -2.24
C ILE A 122 3.38 -3.95 -1.07
N PHE A 123 3.01 -3.28 0.00
CA PHE A 123 3.84 -3.26 1.20
C PHE A 123 2.94 -3.08 2.41
N ALA A 124 2.83 -4.13 3.22
CA ALA A 124 2.00 -4.08 4.42
C ALA A 124 2.88 -3.93 5.66
N ALA A 125 2.29 -3.40 6.74
CA ALA A 125 3.04 -3.22 7.97
C ALA A 125 3.13 -4.53 8.73
N ARG A 126 2.10 -5.36 8.60
CA ARG A 126 2.08 -6.65 9.28
C ARG A 126 0.85 -7.45 8.88
N ILE A 127 0.98 -8.77 8.90
CA ILE A 127 -0.14 -9.65 8.53
C ILE A 127 -0.93 -10.06 9.77
N TYR A 128 -2.21 -9.73 9.79
CA TYR A 128 -3.05 -10.08 10.92
C TYR A 128 -3.28 -11.58 10.97
N ASP A 129 -2.39 -12.28 11.67
CA ASP A 129 -2.49 -13.72 11.79
C ASP A 129 -3.95 -14.12 12.08
N TYR A 130 -4.73 -13.17 12.55
CA TYR A 130 -6.14 -13.43 12.86
C TYR A 130 -6.92 -13.73 11.58
N ASP A 131 -6.23 -13.66 10.45
CA ASP A 131 -6.87 -13.94 9.16
C ASP A 131 -5.87 -14.52 8.18
N PRO A 132 -5.52 -15.77 8.35
CA PRO A 132 -4.55 -16.47 7.46
C PRO A 132 -4.94 -16.38 5.98
N LEU A 133 -6.25 -16.38 5.72
CA LEU A 133 -6.73 -16.30 4.35
C LEU A 133 -5.92 -15.30 3.54
N TYR A 134 -5.39 -14.28 4.21
CA TYR A 134 -4.59 -13.26 3.55
C TYR A 134 -3.49 -13.90 2.71
N LYS A 135 -2.91 -14.98 3.21
CA LYS A 135 -1.84 -15.67 2.49
C LYS A 135 -2.33 -16.13 1.13
N GLU A 136 -3.61 -16.50 1.04
CA GLU A 136 -4.18 -16.95 -0.22
C GLU A 136 -4.36 -15.77 -1.18
N ALA A 137 -4.90 -14.68 -0.65
CA ALA A 137 -5.12 -13.49 -1.47
C ALA A 137 -3.79 -12.90 -1.93
N LEU A 138 -2.74 -13.15 -1.14
CA LEU A 138 -1.42 -12.64 -1.47
C LEU A 138 -0.84 -13.36 -2.68
N GLN A 139 -0.96 -14.69 -2.70
CA GLN A 139 -0.46 -15.48 -3.81
C GLN A 139 -1.13 -15.07 -5.12
N MET A 140 -2.46 -14.94 -5.08
CA MET A 140 -3.21 -14.56 -6.27
C MET A 140 -2.82 -13.15 -6.73
N LEU A 141 -2.45 -12.30 -5.78
CA LEU A 141 -2.06 -10.93 -6.12
C LEU A 141 -0.84 -10.93 -7.04
N ARG A 142 0.27 -11.44 -6.54
CA ARG A 142 1.50 -11.49 -7.33
C ARG A 142 1.25 -12.20 -8.65
N ASP A 143 0.29 -13.11 -8.65
CA ASP A 143 -0.05 -13.86 -9.86
C ASP A 143 -0.41 -12.88 -10.98
N ALA A 144 -0.73 -11.65 -10.60
CA ALA A 144 -1.09 -10.63 -11.57
C ALA A 144 0.15 -9.93 -12.11
N GLY A 145 1.28 -10.14 -11.42
CA GLY A 145 2.54 -9.55 -11.83
C GLY A 145 3.07 -8.60 -10.76
N ALA A 146 2.19 -8.10 -9.91
CA ALA A 146 2.60 -7.20 -8.84
C ALA A 146 3.52 -7.90 -7.85
N GLN A 147 4.12 -7.14 -6.95
CA GLN A 147 5.03 -7.71 -5.96
C GLN A 147 4.74 -7.16 -4.57
N VAL A 148 4.52 -8.06 -3.60
CA VAL A 148 4.26 -7.64 -2.23
C VAL A 148 5.45 -7.97 -1.33
N SER A 149 5.55 -7.24 -0.22
CA SER A 149 6.63 -7.45 0.73
C SER A 149 6.32 -6.77 2.06
N ILE A 150 7.21 -6.93 3.02
CA ILE A 150 7.02 -6.32 4.34
C ILE A 150 7.78 -5.01 4.43
N MET A 151 7.17 -4.02 5.08
CA MET A 151 7.81 -2.71 5.24
C MET A 151 9.26 -2.87 5.68
N THR A 152 10.18 -2.39 4.86
CA THR A 152 11.60 -2.48 5.19
C THR A 152 12.11 -1.15 5.74
N TYR A 153 13.31 -1.17 6.30
CA TYR A 153 13.90 0.04 6.87
C TYR A 153 13.96 1.14 5.82
N ASP A 154 14.67 0.89 4.73
CA ASP A 154 14.80 1.88 3.66
C ASP A 154 13.43 2.21 3.08
N GLU A 155 12.56 1.21 3.03
CA GLU A 155 11.23 1.40 2.49
C GLU A 155 10.40 2.31 3.39
N PHE A 156 10.73 2.30 4.68
CA PHE A 156 10.02 3.13 5.65
C PHE A 156 10.45 4.59 5.54
N GLU A 157 11.74 4.79 5.25
CA GLU A 157 12.28 6.14 5.13
C GLU A 157 11.76 6.81 3.86
N TYR A 158 11.50 6.01 2.83
CA TYR A 158 11.01 6.53 1.57
C TYR A 158 9.53 6.89 1.67
N CYS A 159 8.78 6.06 2.39
CA CYS A 159 7.35 6.30 2.56
C CYS A 159 7.11 7.33 3.66
N TRP A 160 8.05 7.40 4.59
CA TRP A 160 7.94 8.35 5.70
C TRP A 160 8.20 9.77 5.22
N ASP A 161 9.20 9.93 4.35
CA ASP A 161 9.54 11.25 3.83
C ASP A 161 8.68 11.61 2.62
N THR A 162 8.09 10.60 1.98
CA THR A 162 7.26 10.84 0.80
C THR A 162 5.83 11.21 1.19
N PHE A 163 5.24 10.44 2.10
CA PHE A 163 3.87 10.69 2.52
C PHE A 163 3.83 11.64 3.71
N VAL A 164 4.83 11.52 4.60
CA VAL A 164 4.89 12.38 5.78
C VAL A 164 6.18 13.21 5.76
N TYR A 165 6.16 14.29 4.99
CA TYR A 165 7.33 15.16 4.90
C TYR A 165 7.24 16.26 5.94
N ARG A 166 8.28 16.36 6.77
CA ARG A 166 8.32 17.39 7.81
C ARG A 166 9.69 18.08 7.81
N GLN A 167 9.91 18.92 6.81
CA GLN A 167 11.17 19.65 6.69
C GLN A 167 12.33 18.69 6.46
N GLY A 168 12.03 17.52 5.90
CA GLY A 168 13.06 16.52 5.62
C GLY A 168 13.54 15.84 6.90
N CYS A 169 12.74 15.93 7.95
CA CYS A 169 13.11 15.30 9.23
C CYS A 169 13.43 13.82 9.03
N PRO A 170 14.22 13.24 9.88
CA PRO A 170 14.59 11.80 9.78
C PRO A 170 13.42 10.89 10.15
N PHE A 171 13.61 9.59 9.94
CA PHE A 171 12.56 8.62 10.26
C PHE A 171 12.75 8.07 11.66
N GLN A 172 11.64 7.71 12.30
CA GLN A 172 11.69 7.18 13.66
C GLN A 172 11.38 5.67 13.67
N PRO A 173 12.40 4.82 13.69
CA PRO A 173 12.19 3.34 13.70
C PRO A 173 11.87 2.82 15.09
N TRP A 174 11.54 3.73 16.01
CA TRP A 174 11.22 3.37 17.40
C TRP A 174 12.07 2.22 17.91
N ASP A 175 13.17 1.98 17.23
CA ASP A 175 14.10 0.91 17.58
C ASP A 175 13.47 -0.47 17.43
N GLY A 176 12.14 -0.53 17.42
CA GLY A 176 11.44 -1.79 17.28
C GLY A 176 11.21 -2.12 15.80
N LEU A 177 11.69 -1.23 14.92
CA LEU A 177 11.54 -1.43 13.49
C LEU A 177 12.29 -2.67 13.03
N GLU A 178 13.61 -2.64 13.22
CA GLU A 178 14.45 -3.74 12.81
C GLU A 178 13.85 -5.08 13.23
N GLU A 179 13.45 -5.18 14.49
CA GLU A 179 12.86 -6.42 14.99
C GLU A 179 11.48 -6.63 14.38
N HIS A 180 10.58 -5.68 14.58
CA HIS A 180 9.24 -5.79 14.03
C HIS A 180 9.30 -6.31 12.59
N SER A 181 10.39 -5.97 11.91
CA SER A 181 10.60 -6.40 10.53
C SER A 181 11.20 -7.80 10.50
N GLN A 182 12.38 -7.95 11.08
CA GLN A 182 13.06 -9.24 11.12
C GLN A 182 12.08 -10.34 11.50
N ALA A 183 11.15 -10.02 12.39
CA ALA A 183 10.16 -11.00 12.84
C ALA A 183 9.13 -11.26 11.75
N LEU A 184 8.40 -10.21 11.36
CA LEU A 184 7.38 -10.36 10.32
C LEU A 184 8.01 -10.92 9.05
N SER A 185 9.03 -10.22 8.54
CA SER A 185 9.71 -10.66 7.33
C SER A 185 9.98 -12.17 7.40
N GLY A 186 10.48 -12.61 8.55
CA GLY A 186 10.77 -14.04 8.73
C GLY A 186 9.58 -14.88 8.30
N ARG A 187 8.41 -14.58 8.85
CA ARG A 187 7.21 -15.33 8.50
C ARG A 187 6.85 -15.11 7.03
N LEU A 188 6.66 -13.85 6.65
CA LEU A 188 6.32 -13.52 5.27
C LEU A 188 7.18 -14.34 4.31
N ARG A 189 8.48 -14.14 4.36
CA ARG A 189 9.40 -14.87 3.49
C ARG A 189 9.04 -16.35 3.48
N ALA A 190 8.71 -16.89 4.65
CA ALA A 190 8.33 -18.29 4.77
C ALA A 190 7.16 -18.60 3.84
N ILE A 191 6.29 -17.61 3.64
CA ILE A 191 5.12 -17.80 2.78
C ILE A 191 5.47 -17.47 1.34
N LEU A 192 6.26 -16.41 1.15
CA LEU A 192 6.66 -16.02 -0.21
C LEU A 192 7.68 -16.98 -0.77
N GLN A 193 7.92 -18.06 -0.04
CA GLN A 193 8.89 -19.08 -0.47
C GLN A 193 8.22 -20.44 -0.57
N ASN A 194 7.15 -20.63 0.20
CA ASN A 194 6.42 -21.90 0.20
C ASN A 194 5.63 -22.06 -1.10
N GLN A 195 5.31 -23.30 -1.44
CA GLN A 195 4.54 -23.57 -2.66
C GLN A 195 5.35 -23.17 -3.89
N GLY A 196 6.57 -22.67 -3.66
CA GLY A 196 7.42 -22.26 -4.76
C GLY A 196 7.37 -20.74 -4.95
N ASN A 197 7.93 -20.27 -6.07
CA ASN A 197 7.93 -18.84 -6.35
C ASN A 197 6.51 -18.28 -6.30
ZN ZN B . -11.19 -5.30 0.11
N MET A 1 -1.23 20.20 -10.62
CA MET A 1 -2.11 20.97 -9.69
C MET A 1 -1.23 21.85 -8.79
N GLU A 2 -1.67 23.09 -8.59
CA GLU A 2 -0.93 24.02 -7.75
C GLU A 2 -0.79 23.47 -6.34
N ILE A 3 0.06 24.12 -5.54
CA ILE A 3 0.28 23.71 -4.16
C ILE A 3 0.68 22.23 -4.10
N LEU A 4 1.30 21.85 -2.99
CA LEU A 4 1.74 20.47 -2.80
C LEU A 4 0.55 19.53 -2.68
N ARG A 5 0.77 18.37 -2.09
CA ARG A 5 -0.29 17.39 -1.92
C ARG A 5 -1.14 17.75 -0.69
N TYR A 6 -1.96 16.81 -0.26
CA TYR A 6 -2.81 17.02 0.90
C TYR A 6 -2.05 16.78 2.19
N LEU A 7 -1.14 15.80 2.16
CA LEU A 7 -0.34 15.47 3.32
C LEU A 7 -1.22 15.19 4.54
N MET A 8 -1.24 13.94 4.97
CA MET A 8 -2.04 13.55 6.12
C MET A 8 -1.40 14.04 7.41
N ASP A 9 -2.11 13.86 8.52
CA ASP A 9 -1.61 14.30 9.82
C ASP A 9 -0.40 13.46 10.23
N PRO A 10 0.79 14.04 10.34
CA PRO A 10 2.01 13.28 10.74
C PRO A 10 1.75 12.36 11.93
N ASP A 11 1.21 12.94 13.00
CA ASP A 11 0.92 12.15 14.21
C ASP A 11 0.11 10.91 13.87
N THR A 12 -0.88 11.05 13.01
CA THR A 12 -1.73 9.92 12.63
C THR A 12 -0.90 8.83 11.95
N PHE A 13 0.01 9.23 11.08
CA PHE A 13 0.85 8.27 10.38
C PHE A 13 1.61 7.38 11.37
N THR A 14 2.17 8.01 12.40
CA THR A 14 2.91 7.27 13.42
C THR A 14 1.98 6.40 14.24
N PHE A 15 0.85 6.98 14.66
CA PHE A 15 -0.13 6.24 15.46
C PHE A 15 -0.73 5.09 14.66
N ASN A 16 -0.75 5.24 13.34
CA ASN A 16 -1.29 4.20 12.48
C ASN A 16 -0.24 3.12 12.20
N PHE A 17 0.84 3.51 11.54
CA PHE A 17 1.91 2.58 11.22
C PHE A 17 2.54 2.04 12.50
N ASN A 18 2.12 2.59 13.63
CA ASN A 18 2.66 2.15 14.92
C ASN A 18 2.64 0.64 15.02
N ASN A 19 1.94 -0.02 14.08
CA ASN A 19 1.86 -1.47 14.08
C ASN A 19 1.26 -1.98 15.39
N ASP A 20 -0.07 -2.08 15.43
CA ASP A 20 -0.75 -2.56 16.63
C ASP A 20 -1.88 -3.51 16.25
N PRO A 21 -2.33 -4.31 17.18
CA PRO A 21 -3.43 -5.29 16.93
C PRO A 21 -4.77 -4.59 16.71
N LEU A 22 -4.98 -4.11 15.48
CA LEU A 22 -6.22 -3.43 15.15
C LEU A 22 -6.62 -2.45 16.26
N VAL A 23 -5.93 -1.31 16.32
CA VAL A 23 -6.22 -0.31 17.33
C VAL A 23 -6.24 1.09 16.71
N LEU A 24 -7.21 1.89 17.10
CA LEU A 24 -7.33 3.25 16.58
C LEU A 24 -7.49 3.23 15.06
N ARG A 25 -7.81 2.06 14.52
CA ARG A 25 -7.99 1.91 13.08
C ARG A 25 -9.27 1.13 12.78
N ARG A 26 -9.69 0.29 13.72
CA ARG A 26 -10.89 -0.50 13.54
C ARG A 26 -10.81 -1.30 12.25
N ARG A 27 -11.97 -1.79 11.78
CA ARG A 27 -12.01 -2.57 10.56
C ARG A 27 -11.45 -1.75 9.39
N GLN A 28 -11.68 -0.45 9.43
CA GLN A 28 -11.20 0.44 8.37
C GLN A 28 -9.75 0.12 8.03
N THR A 29 -9.23 0.74 6.98
CA THR A 29 -7.86 0.51 6.55
C THR A 29 -7.26 1.78 5.95
N TYR A 30 -5.95 1.80 5.80
CA TYR A 30 -5.28 2.96 5.23
C TYR A 30 -4.11 2.53 4.36
N LEU A 31 -4.16 2.93 3.09
CA LEU A 31 -3.11 2.59 2.15
C LEU A 31 -2.55 3.85 1.50
N CYS A 32 -1.23 3.87 1.37
CA CYS A 32 -0.55 5.02 0.78
C CYS A 32 -0.06 4.68 -0.61
N TYR A 33 -0.59 5.38 -1.61
CA TYR A 33 -0.21 5.12 -3.00
C TYR A 33 0.63 6.27 -3.56
N GLU A 34 1.61 5.90 -4.37
CA GLU A 34 2.48 6.89 -5.00
C GLU A 34 2.75 6.46 -6.44
N VAL A 35 3.19 7.38 -7.29
CA VAL A 35 3.44 7.05 -8.69
C VAL A 35 4.86 7.43 -9.11
N GLU A 36 5.58 6.43 -9.61
CA GLU A 36 6.94 6.63 -10.08
C GLU A 36 6.98 6.56 -11.60
N ARG A 37 7.77 7.43 -12.21
CA ARG A 37 7.90 7.42 -13.66
C ARG A 37 9.38 7.31 -14.02
N LEU A 38 9.71 6.30 -14.78
CA LEU A 38 11.11 6.09 -15.14
C LEU A 38 11.59 7.12 -16.16
N ASP A 39 12.34 8.11 -15.67
CA ASP A 39 12.86 9.14 -16.55
C ASP A 39 14.36 9.32 -16.32
N ASN A 40 15.13 9.29 -17.40
CA ASN A 40 16.58 9.44 -17.31
C ASN A 40 17.22 8.21 -16.66
N GLY A 41 16.61 7.05 -16.86
CA GLY A 41 17.12 5.81 -16.28
C GLY A 41 16.96 5.79 -14.77
N THR A 42 16.18 6.73 -14.25
CA THR A 42 15.94 6.80 -12.81
C THR A 42 14.46 7.02 -12.55
N TRP A 43 13.99 6.50 -11.44
CA TRP A 43 12.57 6.65 -11.09
C TRP A 43 12.31 8.07 -10.62
N VAL A 44 11.29 8.69 -11.20
CA VAL A 44 10.93 10.06 -10.85
C VAL A 44 9.48 10.11 -10.39
N LEU A 45 9.29 10.61 -9.18
CA LEU A 45 7.96 10.68 -8.61
C LEU A 45 7.25 11.96 -8.99
N MET A 46 5.94 11.83 -9.14
CA MET A 46 5.10 12.98 -9.51
C MET A 46 4.02 13.23 -8.46
N ASP A 47 3.98 14.45 -7.95
CA ASP A 47 2.98 14.80 -6.95
C ASP A 47 1.59 14.82 -7.55
N GLN A 48 1.51 15.11 -8.85
CA GLN A 48 0.23 15.16 -9.55
C GLN A 48 -0.30 13.75 -9.82
N HIS A 49 0.32 12.77 -9.17
CA HIS A 49 -0.10 11.38 -9.35
C HIS A 49 0.19 10.57 -8.08
N MET A 50 0.36 11.27 -6.97
CA MET A 50 0.64 10.63 -5.69
C MET A 50 -0.36 11.10 -4.64
N GLY A 51 -0.51 10.31 -3.57
CA GLY A 51 -1.44 10.65 -2.51
C GLY A 51 -1.80 9.42 -1.69
N PHE A 52 -2.62 9.62 -0.65
CA PHE A 52 -3.04 8.51 0.20
C PHE A 52 -4.54 8.27 0.06
N LEU A 53 -4.95 7.02 0.23
CA LEU A 53 -6.37 6.67 0.13
C LEU A 53 -6.88 6.12 1.45
N CYS A 54 -7.95 6.73 1.96
CA CYS A 54 -8.53 6.29 3.22
C CYS A 54 -9.60 5.23 2.98
N ASN A 55 -10.40 4.96 4.01
CA ASN A 55 -11.46 3.97 3.90
C ASN A 55 -12.78 4.52 4.43
N GLU A 56 -13.05 5.79 4.11
CA GLU A 56 -14.28 6.42 4.55
C GLU A 56 -15.49 5.66 4.04
N ALA A 57 -16.15 4.94 4.93
CA ALA A 57 -17.33 4.16 4.56
C ALA A 57 -18.44 5.08 4.06
N LYS A 58 -19.40 4.49 3.36
CA LYS A 58 -20.51 5.26 2.82
C LYS A 58 -21.79 4.43 2.82
N ASN A 59 -22.91 5.08 3.12
CA ASN A 59 -24.20 4.38 3.16
C ASN A 59 -24.07 3.08 3.94
N LEU A 60 -24.27 3.17 5.25
CA LEU A 60 -24.18 1.99 6.11
C LEU A 60 -25.41 1.12 5.96
N LEU A 61 -26.50 1.72 5.48
CA LEU A 61 -27.74 0.99 5.30
C LEU A 61 -27.50 -0.28 4.49
N CYS A 62 -26.65 -0.19 3.49
CA CYS A 62 -26.33 -1.34 2.64
C CYS A 62 -25.61 -2.41 3.45
N GLY A 63 -25.02 -2.00 4.58
CA GLY A 63 -24.29 -2.94 5.43
C GLY A 63 -22.80 -2.93 5.10
N PHE A 64 -22.33 -1.82 4.54
CA PHE A 64 -20.92 -1.70 4.18
C PHE A 64 -20.10 -1.24 5.39
N TYR A 65 -18.85 -1.69 5.46
CA TYR A 65 -17.97 -1.32 6.55
C TYR A 65 -16.52 -1.30 6.10
N GLY A 66 -15.90 -0.12 6.14
CA GLY A 66 -14.51 0.02 5.73
C GLY A 66 -14.38 -0.01 4.21
N ARG A 67 -14.08 1.13 3.63
CA ARG A 67 -13.93 1.23 2.18
C ARG A 67 -12.53 0.81 1.75
N HIS A 68 -12.39 -0.44 1.32
CA HIS A 68 -11.09 -0.94 0.88
C HIS A 68 -10.44 0.06 -0.08
N ALA A 69 -9.52 0.86 0.46
CA ALA A 69 -8.84 1.87 -0.34
C ALA A 69 -8.34 1.27 -1.65
N GLU A 70 -7.75 0.09 -1.55
CA GLU A 70 -7.24 -0.61 -2.72
C GLU A 70 -8.22 -0.46 -3.88
N LEU A 71 -9.50 -0.52 -3.57
CA LEU A 71 -10.52 -0.38 -4.61
C LEU A 71 -10.61 1.07 -5.03
N ARG A 72 -10.56 1.96 -4.05
CA ARG A 72 -10.60 3.39 -4.33
C ARG A 72 -9.45 3.75 -5.26
N PHE A 73 -8.36 2.99 -5.16
CA PHE A 73 -7.20 3.24 -6.00
C PHE A 73 -7.54 2.93 -7.45
N LEU A 74 -8.07 1.75 -7.69
CA LEU A 74 -8.44 1.35 -9.05
C LEU A 74 -9.39 2.37 -9.67
N ASP A 75 -10.14 3.06 -8.82
CA ASP A 75 -11.08 4.07 -9.28
C ASP A 75 -10.41 5.43 -9.44
N LEU A 76 -9.29 5.62 -8.74
CA LEU A 76 -8.55 6.87 -8.81
C LEU A 76 -7.44 6.75 -9.84
N VAL A 77 -7.08 5.52 -10.18
CA VAL A 77 -6.03 5.30 -11.15
C VAL A 77 -6.26 6.10 -12.44
N PRO A 78 -7.47 6.14 -12.96
CA PRO A 78 -7.75 6.92 -14.21
C PRO A 78 -7.37 8.39 -14.03
N SER A 79 -7.39 8.84 -12.77
CA SER A 79 -7.04 10.21 -12.46
C SER A 79 -5.53 10.43 -12.65
N LEU A 80 -4.78 9.34 -12.66
CA LEU A 80 -3.32 9.43 -12.84
C LEU A 80 -2.97 9.65 -14.30
N GLN A 81 -3.96 9.50 -15.16
CA GLN A 81 -3.76 9.69 -16.60
C GLN A 81 -2.56 8.88 -17.10
N LEU A 82 -2.47 7.63 -16.68
CA LEU A 82 -1.38 6.77 -17.11
C LEU A 82 -1.33 6.67 -18.63
N ASP A 83 -0.20 6.24 -19.17
CA ASP A 83 -0.05 6.09 -20.61
C ASP A 83 0.92 4.95 -20.94
N PRO A 84 0.66 4.16 -21.96
CA PRO A 84 1.57 3.03 -22.34
C PRO A 84 2.82 3.51 -23.05
N ALA A 85 2.87 4.81 -23.29
CA ALA A 85 4.00 5.42 -23.97
C ALA A 85 5.27 5.30 -23.12
N GLN A 86 5.10 5.24 -21.81
CA GLN A 86 6.24 5.12 -20.90
C GLN A 86 6.06 3.93 -19.96
N ILE A 87 6.80 3.95 -18.86
CA ILE A 87 6.73 2.87 -17.87
C ILE A 87 6.55 3.45 -16.48
N TYR A 88 5.43 3.10 -15.85
CA TYR A 88 5.11 3.58 -14.52
C TYR A 88 5.21 2.45 -13.50
N ARG A 89 5.28 2.83 -12.23
CA ARG A 89 5.36 1.85 -11.16
C ARG A 89 4.89 2.48 -9.84
N VAL A 90 3.68 2.12 -9.41
CA VAL A 90 3.14 2.68 -8.18
C VAL A 90 3.50 1.81 -6.98
N THR A 91 3.75 2.46 -5.85
CA THR A 91 4.09 1.75 -4.62
C THR A 91 2.96 1.86 -3.62
N TRP A 92 2.64 0.75 -2.97
CA TRP A 92 1.56 0.71 -1.99
C TRP A 92 2.11 0.51 -0.58
N PHE A 93 1.76 1.42 0.32
CA PHE A 93 2.18 1.32 1.71
C PHE A 93 0.96 1.25 2.62
N ILE A 94 0.67 0.05 3.11
CA ILE A 94 -0.50 -0.15 3.97
C ILE A 94 -0.08 -0.57 5.37
N SER A 95 -0.82 -0.08 6.36
CA SER A 95 -0.53 -0.41 7.76
C SER A 95 -1.27 -1.67 8.20
N TRP A 96 -1.27 -2.68 7.33
CA TRP A 96 -1.95 -3.94 7.64
C TRP A 96 -1.97 -4.83 6.40
N SER A 97 -2.76 -5.90 6.45
CA SER A 97 -2.88 -6.83 5.32
C SER A 97 -4.23 -6.64 4.64
N PRO A 98 -4.33 -6.94 3.36
CA PRO A 98 -5.60 -6.80 2.60
C PRO A 98 -6.62 -7.88 2.96
N CYS A 99 -7.86 -7.71 2.51
CA CYS A 99 -8.91 -8.68 2.79
C CYS A 99 -8.91 -9.77 1.73
N PHE A 100 -10.03 -10.46 1.57
CA PHE A 100 -10.11 -11.53 0.58
C PHE A 100 -9.79 -11.01 -0.81
N SER A 101 -9.70 -11.93 -1.77
CA SER A 101 -9.38 -11.57 -3.15
C SER A 101 -10.49 -10.74 -3.78
N TRP A 102 -11.64 -11.36 -4.03
CA TRP A 102 -12.77 -10.67 -4.63
C TRP A 102 -12.88 -9.24 -4.11
N GLY A 103 -12.34 -9.02 -2.92
CA GLY A 103 -12.38 -7.70 -2.32
C GLY A 103 -11.12 -6.90 -2.63
N CYS A 104 -9.96 -7.41 -2.21
CA CYS A 104 -8.70 -6.70 -2.43
C CYS A 104 -7.95 -7.25 -3.65
N ALA A 105 -7.40 -8.45 -3.52
CA ALA A 105 -6.62 -9.05 -4.61
C ALA A 105 -7.45 -9.14 -5.90
N GLY A 106 -8.63 -9.73 -5.79
CA GLY A 106 -9.49 -9.88 -6.97
C GLY A 106 -9.49 -8.61 -7.81
N GLU A 107 -9.77 -7.48 -7.17
CA GLU A 107 -9.81 -6.20 -7.88
C GLU A 107 -8.42 -5.75 -8.31
N VAL A 108 -7.49 -5.71 -7.34
CA VAL A 108 -6.13 -5.29 -7.65
C VAL A 108 -5.53 -6.15 -8.75
N ARG A 109 -6.05 -7.36 -8.91
CA ARG A 109 -5.56 -8.26 -9.95
C ARG A 109 -6.00 -7.79 -11.33
N ALA A 110 -7.31 -7.77 -11.55
CA ALA A 110 -7.84 -7.33 -12.83
C ALA A 110 -7.13 -6.07 -13.29
N PHE A 111 -6.69 -5.25 -12.33
CA PHE A 111 -6.00 -4.01 -12.65
C PHE A 111 -4.64 -4.30 -13.28
N LEU A 112 -3.76 -4.94 -12.54
CA LEU A 112 -2.43 -5.28 -13.06
C LEU A 112 -2.57 -5.85 -14.47
N GLN A 113 -3.77 -6.34 -14.77
CA GLN A 113 -4.04 -6.91 -16.09
C GLN A 113 -4.59 -5.85 -17.03
N GLU A 114 -5.33 -4.89 -16.48
CA GLU A 114 -5.89 -3.80 -17.30
C GLU A 114 -4.79 -2.89 -17.79
N ASN A 115 -3.80 -2.66 -16.94
CA ASN A 115 -2.69 -1.79 -17.29
C ASN A 115 -1.36 -2.45 -16.90
N THR A 116 -0.71 -3.06 -17.88
CA THR A 116 0.57 -3.72 -17.63
C THR A 116 1.72 -2.72 -17.70
N HIS A 117 1.49 -1.61 -18.38
CA HIS A 117 2.52 -0.58 -18.51
C HIS A 117 2.87 -0.02 -17.14
N VAL A 118 1.91 -0.11 -16.21
CA VAL A 118 2.13 0.37 -14.86
C VAL A 118 2.25 -0.80 -13.90
N ARG A 119 3.34 -0.82 -13.15
CA ARG A 119 3.58 -1.89 -12.18
C ARG A 119 3.10 -1.46 -10.80
N LEU A 120 2.84 -2.44 -9.94
CA LEU A 120 2.38 -2.15 -8.60
C LEU A 120 2.99 -3.11 -7.59
N ARG A 121 3.61 -2.55 -6.55
CA ARG A 121 4.23 -3.35 -5.50
C ARG A 121 3.53 -3.11 -4.18
N ILE A 122 3.33 -4.17 -3.41
CA ILE A 122 2.64 -4.06 -2.13
C ILE A 122 3.62 -4.11 -0.97
N PHE A 123 3.29 -3.36 0.08
CA PHE A 123 4.11 -3.35 1.28
C PHE A 123 3.23 -3.17 2.50
N ALA A 124 3.13 -4.21 3.33
CA ALA A 124 2.31 -4.15 4.53
C ALA A 124 3.17 -4.00 5.78
N ALA A 125 2.61 -3.38 6.81
CA ALA A 125 3.34 -3.19 8.06
C ALA A 125 3.09 -4.36 9.00
N ARG A 126 2.03 -5.12 8.74
CA ARG A 126 1.69 -6.27 9.56
C ARG A 126 0.77 -7.22 8.80
N ILE A 127 1.05 -8.51 8.88
CA ILE A 127 0.23 -9.51 8.19
C ILE A 127 -0.95 -9.93 9.06
N TYR A 128 -2.12 -10.04 8.42
CA TYR A 128 -3.33 -10.45 9.14
C TYR A 128 -3.12 -11.79 9.83
N ASP A 129 -2.80 -11.76 11.11
CA ASP A 129 -2.59 -12.99 11.87
C ASP A 129 -3.92 -13.55 12.38
N TYR A 130 -4.95 -12.72 12.31
CA TYR A 130 -6.27 -13.14 12.76
C TYR A 130 -7.16 -13.51 11.57
N ASP A 131 -6.67 -13.22 10.37
CA ASP A 131 -7.42 -13.52 9.16
C ASP A 131 -6.50 -14.15 8.12
N PRO A 132 -6.04 -15.34 8.36
CA PRO A 132 -5.13 -16.07 7.43
C PRO A 132 -5.63 -16.01 5.98
N LEU A 133 -6.92 -15.75 5.82
CA LEU A 133 -7.50 -15.68 4.48
C LEU A 133 -6.69 -14.75 3.59
N TYR A 134 -6.12 -13.71 4.20
CA TYR A 134 -5.32 -12.75 3.45
C TYR A 134 -4.16 -13.46 2.75
N LYS A 135 -3.82 -14.65 3.24
CA LYS A 135 -2.73 -15.42 2.64
C LYS A 135 -3.09 -15.85 1.23
N GLU A 136 -4.19 -16.61 1.11
CA GLU A 136 -4.63 -17.08 -0.20
C GLU A 136 -4.79 -15.92 -1.17
N ALA A 137 -5.41 -14.84 -0.68
CA ALA A 137 -5.62 -13.67 -1.52
C ALA A 137 -4.29 -13.10 -2.00
N LEU A 138 -3.26 -13.22 -1.17
CA LEU A 138 -1.94 -12.73 -1.51
C LEU A 138 -1.37 -13.51 -2.69
N GLN A 139 -1.20 -14.81 -2.51
CA GLN A 139 -0.67 -15.66 -3.57
C GLN A 139 -1.30 -15.31 -4.90
N MET A 140 -2.63 -15.24 -4.92
CA MET A 140 -3.35 -14.91 -6.14
C MET A 140 -2.96 -13.52 -6.63
N LEU A 141 -2.60 -12.64 -5.70
CA LEU A 141 -2.22 -11.28 -6.07
C LEU A 141 -0.90 -11.28 -6.83
N ARG A 142 0.16 -11.73 -6.17
CA ARG A 142 1.47 -11.78 -6.81
C ARG A 142 1.34 -12.38 -8.21
N ASP A 143 0.41 -13.31 -8.36
CA ASP A 143 0.18 -13.95 -9.65
C ASP A 143 -0.23 -12.92 -10.69
N ALA A 144 -0.96 -11.89 -10.25
CA ALA A 144 -1.40 -10.85 -11.18
C ALA A 144 -0.20 -10.12 -11.77
N GLY A 145 0.97 -10.33 -11.17
CA GLY A 145 2.19 -9.70 -11.64
C GLY A 145 2.76 -8.76 -10.57
N ALA A 146 1.91 -8.31 -9.66
CA ALA A 146 2.34 -7.42 -8.59
C ALA A 146 3.34 -8.12 -7.68
N GLN A 147 4.00 -7.34 -6.82
CA GLN A 147 4.98 -7.92 -5.91
C GLN A 147 4.80 -7.34 -4.50
N VAL A 148 4.51 -8.22 -3.54
CA VAL A 148 4.32 -7.78 -2.16
C VAL A 148 5.55 -8.09 -1.31
N SER A 149 5.70 -7.34 -0.22
CA SER A 149 6.83 -7.54 0.69
C SER A 149 6.53 -6.90 2.05
N ILE A 150 7.46 -7.05 2.98
CA ILE A 150 7.27 -6.49 4.31
C ILE A 150 8.00 -5.15 4.43
N MET A 151 7.37 -4.19 5.09
CA MET A 151 7.95 -2.87 5.27
C MET A 151 9.36 -2.98 5.85
N THR A 152 10.24 -2.08 5.42
CA THR A 152 11.62 -2.07 5.89
C THR A 152 12.03 -0.67 6.33
N TYR A 153 12.95 -0.58 7.28
CA TYR A 153 13.42 0.71 7.77
C TYR A 153 13.59 1.69 6.62
N ASP A 154 14.36 1.29 5.62
CA ASP A 154 14.60 2.15 4.46
C ASP A 154 13.29 2.60 3.82
N GLU A 155 12.46 1.63 3.45
CA GLU A 155 11.18 1.93 2.82
C GLU A 155 10.32 2.78 3.76
N PHE A 156 10.58 2.70 5.05
CA PHE A 156 9.83 3.46 6.03
C PHE A 156 10.21 4.94 5.98
N GLU A 157 11.49 5.20 5.74
CA GLU A 157 11.99 6.57 5.65
C GLU A 157 11.53 7.23 4.36
N TYR A 158 11.50 6.45 3.28
CA TYR A 158 11.09 6.98 1.98
C TYR A 158 9.63 7.39 2.01
N CYS A 159 8.77 6.50 2.47
CA CYS A 159 7.34 6.79 2.55
C CYS A 159 7.10 7.94 3.51
N TRP A 160 7.80 7.89 4.64
CA TRP A 160 7.68 8.93 5.65
C TRP A 160 8.01 10.31 5.07
N ASP A 161 8.98 10.34 4.17
CA ASP A 161 9.39 11.60 3.55
C ASP A 161 8.50 11.95 2.36
N THR A 162 7.97 10.91 1.70
CA THR A 162 7.13 11.14 0.52
C THR A 162 5.67 11.42 0.90
N PHE A 163 5.26 10.97 2.09
CA PHE A 163 3.89 11.18 2.54
C PHE A 163 3.82 12.15 3.70
N VAL A 164 4.96 12.50 4.28
CA VAL A 164 4.98 13.43 5.40
C VAL A 164 6.15 14.40 5.27
N TYR A 165 5.82 15.69 5.11
CA TYR A 165 6.85 16.71 4.98
C TYR A 165 7.59 16.88 6.30
N ARG A 166 8.80 17.42 6.23
CA ARG A 166 9.60 17.61 7.44
C ARG A 166 10.86 18.43 7.15
N GLN A 167 11.70 17.93 6.25
CA GLN A 167 12.92 18.64 5.90
C GLN A 167 13.90 18.71 7.08
N GLY A 168 14.46 17.56 7.45
CA GLY A 168 15.42 17.51 8.56
C GLY A 168 14.84 16.86 9.80
N CYS A 169 13.64 16.30 9.70
CA CYS A 169 13.01 15.63 10.83
C CYS A 169 12.61 14.19 10.45
N PRO A 170 13.31 13.18 10.94
CA PRO A 170 12.98 11.76 10.59
C PRO A 170 11.83 11.20 11.41
N PHE A 171 11.39 10.00 11.06
CA PHE A 171 10.29 9.35 11.77
C PHE A 171 10.82 8.34 12.78
N GLN A 172 10.35 8.46 14.01
CA GLN A 172 10.76 7.55 15.09
C GLN A 172 10.94 6.13 14.57
N PRO A 173 12.16 5.72 14.25
CA PRO A 173 12.42 4.35 13.72
C PRO A 173 12.63 3.32 14.84
N TRP A 174 11.72 3.34 15.82
CA TRP A 174 11.83 2.43 16.96
C TRP A 174 12.41 1.08 16.58
N ASP A 175 12.94 0.39 17.58
CA ASP A 175 13.55 -0.91 17.37
C ASP A 175 12.49 -2.01 17.27
N GLY A 176 11.24 -1.60 17.14
CA GLY A 176 10.14 -2.56 17.04
C GLY A 176 9.95 -3.03 15.60
N LEU A 177 10.26 -2.16 14.64
CA LEU A 177 10.11 -2.51 13.24
C LEU A 177 11.31 -3.33 12.76
N GLU A 178 12.45 -3.11 13.39
CA GLU A 178 13.66 -3.83 13.01
C GLU A 178 13.59 -5.27 13.49
N GLU A 179 13.23 -5.47 14.77
CA GLU A 179 13.15 -6.81 15.32
C GLU A 179 12.07 -7.62 14.58
N HIS A 180 10.88 -7.03 14.42
CA HIS A 180 9.79 -7.72 13.75
C HIS A 180 10.13 -7.91 12.28
N SER A 181 10.87 -6.97 11.70
CA SER A 181 11.25 -7.06 10.30
C SER A 181 11.93 -8.39 10.01
N GLN A 182 12.91 -8.74 10.85
CA GLN A 182 13.63 -10.00 10.67
C GLN A 182 12.69 -11.19 10.85
N ALA A 183 11.90 -11.16 11.93
CA ALA A 183 10.96 -12.25 12.19
C ALA A 183 9.99 -12.42 11.02
N LEU A 184 9.21 -11.37 10.76
CA LEU A 184 8.24 -11.43 9.67
C LEU A 184 8.93 -11.73 8.35
N SER A 185 10.07 -11.08 8.12
CA SER A 185 10.82 -11.31 6.89
C SER A 185 10.90 -12.80 6.60
N GLY A 186 11.31 -13.57 7.60
CA GLY A 186 11.43 -15.01 7.45
C GLY A 186 10.09 -15.61 7.03
N ARG A 187 9.03 -15.19 7.72
CA ARG A 187 7.68 -15.69 7.41
C ARG A 187 7.31 -15.33 5.98
N LEU A 188 7.22 -14.03 5.70
CA LEU A 188 6.85 -13.56 4.37
C LEU A 188 7.55 -14.39 3.31
N ARG A 189 8.88 -14.36 3.29
CA ARG A 189 9.64 -15.13 2.31
C ARG A 189 9.17 -16.57 2.28
N ALA A 190 8.71 -17.07 3.43
CA ALA A 190 8.22 -18.43 3.52
C ALA A 190 6.94 -18.60 2.71
N ILE A 191 5.97 -17.72 2.94
CA ILE A 191 4.72 -17.77 2.22
C ILE A 191 4.92 -17.41 0.75
N LEU A 192 5.93 -16.58 0.49
CA LEU A 192 6.24 -16.17 -0.87
C LEU A 192 7.06 -17.22 -1.58
N GLN A 193 7.21 -18.38 -0.94
CA GLN A 193 7.98 -19.47 -1.51
C GLN A 193 7.21 -20.80 -1.37
N ASN A 194 6.42 -20.91 -0.32
CA ASN A 194 5.63 -22.12 -0.09
C ASN A 194 4.79 -22.45 -1.31
N GLN A 195 5.40 -23.11 -2.30
CA GLN A 195 4.69 -23.48 -3.51
C GLN A 195 4.37 -24.98 -3.51
N GLY A 196 4.47 -25.60 -4.68
CA GLY A 196 4.20 -27.03 -4.80
C GLY A 196 2.73 -27.32 -4.52
N ASN A 197 2.06 -27.96 -5.47
CA ASN A 197 0.66 -28.30 -5.29
C ASN A 197 0.38 -29.70 -5.85
ZN ZN B . -10.59 -5.81 0.34
N MET A 1 -9.46 24.05 -12.60
CA MET A 1 -9.56 22.99 -11.56
C MET A 1 -8.26 22.92 -10.77
N GLU A 2 -7.15 23.03 -11.47
CA GLU A 2 -5.84 22.98 -10.82
C GLU A 2 -5.71 21.70 -10.00
N ILE A 3 -4.48 21.40 -9.57
CA ILE A 3 -4.24 20.20 -8.78
C ILE A 3 -4.08 20.56 -7.30
N LEU A 4 -3.83 19.56 -6.49
CA LEU A 4 -3.68 19.78 -5.05
C LEU A 4 -3.02 18.57 -4.39
N ARG A 5 -3.01 18.56 -3.06
CA ARG A 5 -2.41 17.47 -2.32
C ARG A 5 -3.21 17.17 -1.05
N TYR A 6 -2.53 16.66 -0.04
CA TYR A 6 -3.17 16.33 1.21
C TYR A 6 -2.12 15.98 2.26
N LEU A 7 -1.11 15.22 1.83
CA LEU A 7 -0.03 14.82 2.72
C LEU A 7 -0.55 14.45 4.10
N MET A 8 -0.75 13.16 4.33
CA MET A 8 -1.25 12.68 5.61
C MET A 8 -0.47 13.33 6.75
N ASP A 9 -1.18 13.62 7.82
CA ASP A 9 -0.57 14.24 8.99
C ASP A 9 0.46 13.29 9.61
N PRO A 10 1.47 13.81 10.26
CA PRO A 10 2.52 12.96 10.90
C PRO A 10 1.99 12.20 12.11
N ASP A 11 1.45 12.94 13.07
CA ASP A 11 0.91 12.34 14.28
C ASP A 11 0.01 11.16 13.93
N THR A 12 -0.74 11.29 12.83
CA THR A 12 -1.63 10.22 12.40
C THR A 12 -0.86 9.10 11.72
N PHE A 13 -0.18 9.45 10.63
CA PHE A 13 0.61 8.45 9.88
C PHE A 13 1.40 7.57 10.84
N THR A 14 2.27 8.19 11.63
CA THR A 14 3.08 7.46 12.59
C THR A 14 2.22 6.64 13.53
N PHE A 15 1.20 7.29 14.11
CA PHE A 15 0.30 6.62 15.03
C PHE A 15 -0.35 5.40 14.38
N ASN A 16 -0.53 5.46 13.07
CA ASN A 16 -1.14 4.35 12.33
C ASN A 16 -0.10 3.30 11.98
N PHE A 17 0.85 3.67 11.13
CA PHE A 17 1.90 2.74 10.71
C PHE A 17 2.64 2.18 11.92
N ASN A 18 2.33 2.69 13.09
CA ASN A 18 2.97 2.23 14.32
C ASN A 18 2.26 0.99 14.86
N ASN A 19 0.96 1.13 15.10
CA ASN A 19 0.16 0.03 15.62
C ASN A 19 0.93 -0.71 16.71
N ASP A 20 1.05 -0.10 17.88
CA ASP A 20 1.76 -0.71 18.99
C ASP A 20 0.96 -1.89 19.56
N PRO A 21 -0.33 -1.71 19.73
CA PRO A 21 -1.21 -2.79 20.29
C PRO A 21 -1.16 -4.06 19.45
N LEU A 22 -0.38 -5.03 19.91
CA LEU A 22 -0.26 -6.30 19.19
C LEU A 22 -1.58 -7.05 19.21
N VAL A 23 -2.51 -6.60 20.05
CA VAL A 23 -3.81 -7.24 20.15
C VAL A 23 -4.69 -6.86 18.96
N LEU A 24 -4.59 -5.59 18.54
CA LEU A 24 -5.38 -5.11 17.41
C LEU A 24 -4.50 -4.31 16.46
N ARG A 25 -4.03 -4.97 15.40
CA ARG A 25 -3.18 -4.31 14.42
C ARG A 25 -4.03 -3.75 13.28
N ARG A 26 -5.28 -4.18 13.20
CA ARG A 26 -6.18 -3.70 12.15
C ARG A 26 -7.04 -2.55 12.67
N ARG A 27 -6.69 -2.03 13.85
CA ARG A 27 -7.44 -0.93 14.43
C ARG A 27 -7.83 0.09 13.37
N GLN A 28 -6.85 0.86 12.92
CA GLN A 28 -7.09 1.89 11.91
C GLN A 28 -6.49 1.47 10.58
N THR A 29 -7.30 1.53 9.52
CA THR A 29 -6.82 1.17 8.19
C THR A 29 -6.15 2.36 7.52
N TYR A 30 -5.17 2.10 6.68
CA TYR A 30 -4.46 3.16 5.99
C TYR A 30 -3.73 2.62 4.76
N LEU A 31 -3.96 3.27 3.62
CA LEU A 31 -3.35 2.85 2.37
C LEU A 31 -2.64 4.05 1.74
N CYS A 32 -1.33 3.91 1.58
CA CYS A 32 -0.52 4.98 0.99
C CYS A 32 -0.07 4.58 -0.41
N TYR A 33 -0.54 5.32 -1.41
CA TYR A 33 -0.18 5.02 -2.79
C TYR A 33 0.64 6.16 -3.40
N GLU A 34 1.56 5.80 -4.28
CA GLU A 34 2.41 6.78 -4.96
C GLU A 34 2.64 6.34 -6.40
N VAL A 35 3.05 7.28 -7.26
CA VAL A 35 3.29 6.95 -8.67
C VAL A 35 4.71 7.29 -9.09
N GLU A 36 5.41 6.26 -9.59
CA GLU A 36 6.78 6.43 -10.06
C GLU A 36 6.82 6.30 -11.58
N ARG A 37 7.57 7.18 -12.24
CA ARG A 37 7.72 7.14 -13.68
C ARG A 37 9.20 6.99 -14.02
N LEU A 38 9.54 6.00 -14.81
CA LEU A 38 10.93 5.78 -15.14
C LEU A 38 11.44 6.79 -16.16
N ASP A 39 12.15 7.80 -15.66
CA ASP A 39 12.71 8.82 -16.53
C ASP A 39 14.21 8.98 -16.28
N ASN A 40 15.00 8.96 -17.35
CA ASN A 40 16.45 9.11 -17.22
C ASN A 40 17.05 7.88 -16.54
N GLY A 41 16.51 6.71 -16.84
CA GLY A 41 17.01 5.47 -16.27
C GLY A 41 16.84 5.46 -14.75
N THR A 42 16.06 6.41 -14.24
CA THR A 42 15.81 6.50 -12.81
C THR A 42 14.33 6.72 -12.56
N TRP A 43 13.86 6.21 -11.43
CA TRP A 43 12.45 6.36 -11.08
C TRP A 43 12.18 7.79 -10.63
N VAL A 44 11.13 8.39 -11.19
CA VAL A 44 10.77 9.75 -10.83
C VAL A 44 9.33 9.81 -10.36
N LEU A 45 9.15 10.27 -9.14
CA LEU A 45 7.84 10.34 -8.54
C LEU A 45 7.20 11.70 -8.77
N MET A 46 5.88 11.67 -8.93
CA MET A 46 5.12 12.90 -9.16
C MET A 46 4.16 13.16 -8.01
N ASP A 47 4.24 14.36 -7.44
CA ASP A 47 3.38 14.73 -6.33
C ASP A 47 1.93 14.88 -6.79
N GLN A 48 1.76 15.25 -8.05
CA GLN A 48 0.42 15.44 -8.61
C GLN A 48 -0.29 14.09 -8.77
N HIS A 49 0.48 13.02 -8.75
CA HIS A 49 -0.09 11.67 -8.89
C HIS A 49 0.19 10.84 -7.65
N MET A 50 0.45 11.51 -6.54
CA MET A 50 0.73 10.83 -5.27
C MET A 50 -0.33 11.20 -4.24
N GLY A 51 -0.43 10.37 -3.19
CA GLY A 51 -1.42 10.61 -2.14
C GLY A 51 -1.81 9.31 -1.47
N PHE A 52 -2.62 9.41 -0.42
CA PHE A 52 -3.06 8.22 0.31
C PHE A 52 -4.57 8.05 0.20
N LEU A 53 -5.04 6.83 0.45
CA LEU A 53 -6.46 6.53 0.39
C LEU A 53 -6.90 5.82 1.66
N CYS A 54 -8.05 6.23 2.20
CA CYS A 54 -8.57 5.61 3.42
C CYS A 54 -10.10 5.68 3.43
N ASN A 55 -10.73 4.52 3.24
CA ASN A 55 -12.19 4.47 3.23
C ASN A 55 -12.73 4.17 4.63
N GLU A 56 -12.71 2.89 5.01
CA GLU A 56 -13.19 2.49 6.32
C GLU A 56 -12.42 3.21 7.42
N ALA A 57 -13.14 3.66 8.43
CA ALA A 57 -12.51 4.38 9.55
C ALA A 57 -13.52 4.59 10.68
N LYS A 58 -13.38 5.70 11.39
CA LYS A 58 -14.29 6.02 12.48
C LYS A 58 -15.50 6.79 11.98
N ASN A 59 -15.59 6.94 10.66
CA ASN A 59 -16.72 7.66 10.07
C ASN A 59 -17.77 6.69 9.54
N LEU A 60 -18.42 5.99 10.46
CA LEU A 60 -19.46 5.03 10.07
C LEU A 60 -20.80 5.73 9.87
N LEU A 61 -20.93 6.91 10.48
CA LEU A 61 -22.16 7.68 10.36
C LEU A 61 -22.55 7.87 8.89
N CYS A 62 -21.65 7.49 8.00
CA CYS A 62 -21.91 7.62 6.57
C CYS A 62 -23.10 6.78 6.15
N GLY A 63 -23.35 5.70 6.88
CA GLY A 63 -24.46 4.81 6.59
C GLY A 63 -24.25 4.08 5.27
N PHE A 64 -23.14 4.40 4.60
CA PHE A 64 -22.83 3.77 3.32
C PHE A 64 -22.11 2.44 3.54
N TYR A 65 -22.37 1.47 2.67
CA TYR A 65 -21.75 0.16 2.77
C TYR A 65 -20.59 0.04 1.78
N GLY A 66 -19.67 -0.88 2.06
CA GLY A 66 -18.52 -1.09 1.19
C GLY A 66 -17.62 0.14 1.17
N ARG A 67 -16.54 0.09 1.93
CA ARG A 67 -15.62 1.22 1.99
C ARG A 67 -14.19 0.73 2.17
N HIS A 68 -13.47 0.58 1.06
CA HIS A 68 -12.09 0.11 1.10
C HIS A 68 -11.20 0.98 0.21
N ALA A 69 -10.11 1.46 0.79
CA ALA A 69 -9.16 2.31 0.07
C ALA A 69 -8.67 1.63 -1.21
N GLU A 70 -8.12 0.43 -1.07
CA GLU A 70 -7.61 -0.30 -2.23
C GLU A 70 -8.59 -0.20 -3.39
N LEU A 71 -9.88 -0.26 -3.07
CA LEU A 71 -10.91 -0.15 -4.10
C LEU A 71 -10.88 1.25 -4.71
N ARG A 72 -10.88 2.26 -3.85
CA ARG A 72 -10.85 3.63 -4.31
C ARG A 72 -9.66 3.86 -5.23
N PHE A 73 -8.54 3.21 -4.93
CA PHE A 73 -7.36 3.36 -5.76
C PHE A 73 -7.67 2.96 -7.20
N LEU A 74 -8.02 1.70 -7.40
CA LEU A 74 -8.33 1.21 -8.73
C LEU A 74 -9.20 2.22 -9.48
N ASP A 75 -10.05 2.92 -8.75
CA ASP A 75 -10.93 3.91 -9.35
C ASP A 75 -10.21 5.24 -9.56
N LEU A 76 -9.24 5.51 -8.69
CA LEU A 76 -8.47 6.74 -8.77
C LEU A 76 -7.32 6.57 -9.77
N VAL A 77 -7.01 5.31 -10.07
CA VAL A 77 -5.97 5.02 -11.03
C VAL A 77 -6.08 5.90 -12.29
N PRO A 78 -7.21 5.92 -12.96
CA PRO A 78 -7.37 6.77 -14.17
C PRO A 78 -6.94 8.21 -13.90
N SER A 79 -7.05 8.62 -12.64
CA SER A 79 -6.66 9.97 -12.25
C SER A 79 -5.16 10.15 -12.39
N LEU A 80 -4.40 9.06 -12.22
CA LEU A 80 -2.95 9.12 -12.34
C LEU A 80 -2.54 9.37 -13.79
N GLN A 81 -3.54 9.45 -14.67
CA GLN A 81 -3.30 9.71 -16.08
C GLN A 81 -2.14 8.87 -16.61
N LEU A 82 -2.15 7.57 -16.29
CA LEU A 82 -1.08 6.68 -16.76
C LEU A 82 -1.04 6.67 -18.29
N ASP A 83 0.16 6.66 -18.84
CA ASP A 83 0.33 6.65 -20.29
C ASP A 83 0.65 5.23 -20.77
N PRO A 84 0.11 4.79 -21.90
CA PRO A 84 0.38 3.44 -22.44
C PRO A 84 1.75 3.34 -23.10
N ALA A 85 2.42 4.47 -23.18
CA ALA A 85 3.74 4.53 -23.78
C ALA A 85 4.83 4.33 -22.75
N GLN A 86 5.00 5.34 -21.89
CA GLN A 86 6.02 5.27 -20.84
C GLN A 86 5.69 4.15 -19.85
N ILE A 87 6.62 3.91 -18.93
CA ILE A 87 6.44 2.86 -17.93
C ILE A 87 6.27 3.48 -16.55
N TYR A 88 5.32 2.94 -15.79
CA TYR A 88 5.05 3.43 -14.44
C TYR A 88 5.08 2.29 -13.43
N ARG A 89 5.11 2.66 -12.17
CA ARG A 89 5.14 1.67 -11.09
C ARG A 89 4.68 2.31 -9.79
N VAL A 90 3.49 1.94 -9.34
CA VAL A 90 2.95 2.52 -8.10
C VAL A 90 3.33 1.67 -6.89
N THR A 91 3.64 2.34 -5.78
CA THR A 91 4.00 1.63 -4.56
C THR A 91 2.88 1.75 -3.54
N TRP A 92 2.58 0.64 -2.89
CA TRP A 92 1.51 0.60 -1.89
C TRP A 92 2.07 0.37 -0.50
N PHE A 93 1.75 1.28 0.41
CA PHE A 93 2.20 1.17 1.80
C PHE A 93 0.97 1.12 2.70
N ILE A 94 0.69 -0.07 3.22
CA ILE A 94 -0.48 -0.28 4.05
C ILE A 94 -0.11 -0.81 5.44
N SER A 95 -1.00 -0.56 6.40
CA SER A 95 -0.75 -1.02 7.77
C SER A 95 -1.62 -2.25 8.08
N TRP A 96 -1.70 -3.16 7.12
CA TRP A 96 -2.50 -4.38 7.27
C TRP A 96 -2.80 -5.00 5.90
N SER A 97 -2.31 -6.21 5.69
CA SER A 97 -2.52 -6.91 4.42
C SER A 97 -3.91 -6.61 3.86
N PRO A 98 -4.10 -6.78 2.58
CA PRO A 98 -5.42 -6.53 1.91
C PRO A 98 -6.51 -7.49 2.39
N CYS A 99 -7.75 -7.10 2.14
CA CYS A 99 -8.90 -7.93 2.54
C CYS A 99 -8.79 -9.32 1.92
N PHE A 100 -9.51 -9.54 0.82
CA PHE A 100 -9.47 -10.84 0.16
C PHE A 100 -9.91 -10.73 -1.31
N SER A 101 -9.41 -11.64 -2.13
CA SER A 101 -9.72 -11.66 -3.56
C SER A 101 -11.18 -11.26 -3.82
N TRP A 102 -12.11 -12.12 -3.42
CA TRP A 102 -13.52 -11.85 -3.65
C TRP A 102 -13.84 -10.38 -3.40
N GLY A 103 -13.00 -9.70 -2.64
CA GLY A 103 -13.22 -8.30 -2.35
C GLY A 103 -12.41 -7.40 -3.28
N CYS A 104 -11.21 -7.01 -2.84
CA CYS A 104 -10.38 -6.14 -3.66
C CYS A 104 -9.26 -6.90 -4.37
N ALA A 105 -8.51 -7.71 -3.62
CA ALA A 105 -7.41 -8.47 -4.20
C ALA A 105 -7.79 -9.03 -5.56
N GLY A 106 -9.09 -9.30 -5.75
CA GLY A 106 -9.57 -9.82 -7.01
C GLY A 106 -9.55 -8.74 -8.08
N GLU A 107 -9.90 -7.52 -7.67
CA GLU A 107 -9.92 -6.39 -8.58
C GLU A 107 -8.50 -5.91 -8.86
N VAL A 108 -7.73 -5.69 -7.80
CA VAL A 108 -6.35 -5.24 -7.96
C VAL A 108 -5.62 -6.13 -8.95
N ARG A 109 -5.95 -7.41 -8.94
CA ARG A 109 -5.33 -8.37 -9.84
C ARG A 109 -5.76 -8.06 -11.28
N ALA A 110 -7.07 -8.06 -11.51
CA ALA A 110 -7.59 -7.77 -12.83
C ALA A 110 -7.05 -6.44 -13.34
N PHE A 111 -6.80 -5.53 -12.41
CA PHE A 111 -6.29 -4.21 -12.76
C PHE A 111 -4.87 -4.35 -13.31
N LEU A 112 -3.97 -4.93 -12.52
CA LEU A 112 -2.60 -5.12 -12.97
C LEU A 112 -2.59 -5.75 -14.35
N GLN A 113 -3.69 -6.43 -14.68
CA GLN A 113 -3.83 -7.08 -15.99
C GLN A 113 -4.28 -6.05 -17.02
N GLU A 114 -5.24 -5.22 -16.63
CA GLU A 114 -5.76 -4.20 -17.53
C GLU A 114 -4.66 -3.26 -17.98
N ASN A 115 -3.74 -2.95 -17.07
CA ASN A 115 -2.64 -2.05 -17.37
C ASN A 115 -1.31 -2.68 -16.95
N THR A 116 -0.66 -3.34 -17.90
CA THR A 116 0.62 -3.97 -17.62
C THR A 116 1.75 -2.94 -17.63
N HIS A 117 1.49 -1.82 -18.29
CA HIS A 117 2.49 -0.75 -18.36
C HIS A 117 2.79 -0.21 -16.97
N VAL A 118 1.82 -0.32 -16.08
CA VAL A 118 1.97 0.14 -14.71
C VAL A 118 2.01 -1.05 -13.76
N ARG A 119 3.08 -1.13 -12.98
CA ARG A 119 3.25 -2.21 -12.01
C ARG A 119 2.88 -1.73 -10.62
N LEU A 120 2.56 -2.68 -9.74
CA LEU A 120 2.18 -2.33 -8.37
C LEU A 120 2.93 -3.19 -7.36
N ARG A 121 3.59 -2.52 -6.42
CA ARG A 121 4.34 -3.21 -5.38
C ARG A 121 3.71 -2.92 -4.03
N ILE A 122 3.38 -3.99 -3.29
CA ILE A 122 2.76 -3.83 -2.00
C ILE A 122 3.70 -4.07 -0.84
N PHE A 123 3.35 -3.45 0.26
CA PHE A 123 4.11 -3.58 1.48
C PHE A 123 3.21 -3.35 2.69
N ALA A 124 2.98 -4.41 3.45
CA ALA A 124 2.12 -4.32 4.63
C ALA A 124 2.98 -4.19 5.89
N ALA A 125 2.57 -3.31 6.81
CA ALA A 125 3.32 -3.12 8.04
C ALA A 125 3.20 -4.34 8.94
N ARG A 126 1.98 -4.85 9.08
CA ARG A 126 1.73 -6.02 9.91
C ARG A 126 0.64 -6.88 9.32
N ILE A 127 0.97 -8.13 9.01
CA ILE A 127 -0.01 -9.05 8.42
C ILE A 127 -0.85 -9.72 9.50
N TYR A 128 -2.13 -9.37 9.54
CA TYR A 128 -3.03 -9.96 10.52
C TYR A 128 -3.46 -11.36 10.06
N ASP A 129 -2.70 -12.36 10.48
CA ASP A 129 -2.99 -13.74 10.11
C ASP A 129 -4.41 -14.14 10.50
N TYR A 130 -5.13 -13.22 11.12
CA TYR A 130 -6.51 -13.48 11.54
C TYR A 130 -7.38 -13.80 10.34
N ASP A 131 -6.78 -13.76 9.15
CA ASP A 131 -7.51 -14.04 7.92
C ASP A 131 -6.63 -14.83 6.95
N PRO A 132 -6.44 -16.10 7.23
CA PRO A 132 -5.60 -16.98 6.36
C PRO A 132 -5.94 -16.84 4.89
N LEU A 133 -7.15 -16.38 4.60
CA LEU A 133 -7.58 -16.19 3.22
C LEU A 133 -6.64 -15.23 2.50
N TYR A 134 -6.06 -14.31 3.27
CA TYR A 134 -5.14 -13.33 2.69
C TYR A 134 -3.95 -14.02 2.03
N LYS A 135 -3.73 -15.27 2.41
CA LYS A 135 -2.62 -16.03 1.86
C LYS A 135 -2.84 -16.28 0.37
N GLU A 136 -3.92 -16.97 0.05
CA GLU A 136 -4.24 -17.27 -1.35
C GLU A 136 -4.42 -15.97 -2.13
N ALA A 137 -4.80 -14.92 -1.41
CA ALA A 137 -5.01 -13.62 -2.03
C ALA A 137 -3.69 -12.99 -2.43
N LEU A 138 -2.72 -13.02 -1.53
CA LEU A 138 -1.41 -12.44 -1.81
C LEU A 138 -0.70 -13.23 -2.92
N GLN A 139 -1.09 -14.48 -3.11
CA GLN A 139 -0.47 -15.31 -4.13
C GLN A 139 -0.91 -14.88 -5.53
N MET A 140 -2.21 -14.93 -5.79
CA MET A 140 -2.73 -14.55 -7.10
C MET A 140 -2.47 -13.07 -7.38
N LEU A 141 -2.27 -12.28 -6.32
CA LEU A 141 -2.02 -10.85 -6.50
C LEU A 141 -0.64 -10.59 -7.07
N ARG A 142 0.40 -10.95 -6.33
CA ARG A 142 1.76 -10.74 -6.82
C ARG A 142 1.95 -11.46 -8.15
N ASP A 143 1.10 -12.45 -8.39
CA ASP A 143 1.16 -13.21 -9.63
C ASP A 143 0.58 -12.38 -10.77
N ALA A 144 -0.22 -11.37 -10.41
CA ALA A 144 -0.84 -10.52 -11.41
C ALA A 144 0.18 -9.53 -11.97
N GLY A 145 1.36 -9.49 -11.36
CA GLY A 145 2.42 -8.59 -11.79
C GLY A 145 2.76 -7.59 -10.70
N ALA A 146 2.70 -8.05 -9.45
CA ALA A 146 3.02 -7.19 -8.31
C ALA A 146 3.89 -7.94 -7.31
N GLN A 147 4.38 -7.23 -6.31
CA GLN A 147 5.22 -7.85 -5.28
C GLN A 147 4.82 -7.39 -3.89
N VAL A 148 4.58 -8.34 -2.99
CA VAL A 148 4.21 -8.01 -1.62
C VAL A 148 5.27 -8.47 -0.62
N SER A 149 5.62 -7.59 0.30
CA SER A 149 6.64 -7.90 1.31
C SER A 149 6.36 -7.12 2.59
N ILE A 150 7.19 -7.34 3.60
CA ILE A 150 7.01 -6.64 4.87
C ILE A 150 7.81 -5.34 4.88
N MET A 151 7.14 -4.24 5.21
CA MET A 151 7.80 -2.94 5.26
C MET A 151 9.19 -3.05 5.87
N THR A 152 10.10 -2.19 5.41
CA THR A 152 11.47 -2.19 5.92
C THR A 152 11.90 -0.77 6.29
N TYR A 153 12.95 -0.67 7.09
CA TYR A 153 13.45 0.64 7.51
C TYR A 153 13.59 1.58 6.31
N ASP A 154 14.43 1.19 5.37
CA ASP A 154 14.65 2.00 4.17
C ASP A 154 13.32 2.39 3.54
N GLU A 155 12.53 1.39 3.18
CA GLU A 155 11.24 1.61 2.55
C GLU A 155 10.39 2.56 3.41
N PHE A 156 10.61 2.54 4.71
CA PHE A 156 9.86 3.40 5.62
C PHE A 156 10.32 4.85 5.47
N GLU A 157 11.63 5.04 5.32
CA GLU A 157 12.17 6.38 5.17
C GLU A 157 11.68 7.03 3.88
N TYR A 158 11.78 6.31 2.77
CA TYR A 158 11.34 6.84 1.49
C TYR A 158 9.89 7.29 1.55
N CYS A 159 9.03 6.41 2.08
CA CYS A 159 7.61 6.73 2.20
C CYS A 159 7.39 7.86 3.19
N TRP A 160 7.86 7.66 4.42
CA TRP A 160 7.73 8.65 5.47
C TRP A 160 8.14 10.04 4.97
N ASP A 161 9.19 10.08 4.17
CA ASP A 161 9.68 11.35 3.63
C ASP A 161 8.82 11.82 2.46
N THR A 162 8.16 10.88 1.79
CA THR A 162 7.33 11.21 0.64
C THR A 162 5.94 11.65 1.09
N PHE A 163 5.25 10.78 1.81
CA PHE A 163 3.90 11.06 2.29
C PHE A 163 3.92 12.12 3.40
N VAL A 164 4.80 11.93 4.37
CA VAL A 164 4.89 12.86 5.49
C VAL A 164 6.07 13.80 5.31
N TYR A 165 5.78 15.10 5.26
CA TYR A 165 6.82 16.11 5.10
C TYR A 165 7.16 16.74 6.44
N ARG A 166 8.42 16.68 6.82
CA ARG A 166 8.87 17.25 8.09
C ARG A 166 10.15 18.06 7.90
N GLN A 167 10.54 18.24 6.64
CA GLN A 167 11.75 18.98 6.33
C GLN A 167 13.00 18.20 6.72
N GLY A 168 13.09 16.96 6.26
CA GLY A 168 14.24 16.12 6.55
C GLY A 168 14.25 15.64 7.99
N CYS A 169 13.07 15.49 8.58
CA CYS A 169 12.98 15.01 9.96
C CYS A 169 12.62 13.51 10.00
N PRO A 170 13.54 12.64 10.35
CA PRO A 170 13.27 11.17 10.41
C PRO A 170 11.99 10.86 11.18
N PHE A 171 11.58 9.58 11.15
CA PHE A 171 10.37 9.16 11.84
C PHE A 171 10.71 8.25 13.02
N GLN A 172 10.13 8.56 14.17
CA GLN A 172 10.35 7.77 15.39
C GLN A 172 10.44 6.28 15.05
N PRO A 173 11.62 5.71 14.95
CA PRO A 173 11.77 4.26 14.63
C PRO A 173 11.66 3.37 15.86
N TRP A 174 11.74 3.99 17.03
CA TRP A 174 11.68 3.26 18.31
C TRP A 174 12.56 2.02 18.31
N ASP A 175 13.39 1.89 17.27
CA ASP A 175 14.32 0.77 17.14
C ASP A 175 13.59 -0.58 17.00
N GLY A 176 12.76 -0.89 17.99
CA GLY A 176 12.03 -2.15 17.99
C GLY A 176 11.52 -2.52 16.59
N LEU A 177 11.45 -1.54 15.70
CA LEU A 177 10.97 -1.79 14.34
C LEU A 177 11.88 -2.79 13.62
N GLU A 178 13.16 -2.79 13.99
CA GLU A 178 14.12 -3.69 13.35
C GLU A 178 13.84 -5.14 13.74
N GLU A 179 13.89 -5.44 15.03
CA GLU A 179 13.64 -6.79 15.49
C GLU A 179 12.39 -7.36 14.83
N HIS A 180 11.32 -6.58 14.82
CA HIS A 180 10.07 -7.01 14.22
C HIS A 180 10.23 -7.24 12.73
N SER A 181 11.05 -6.41 12.09
CA SER A 181 11.27 -6.53 10.65
C SER A 181 11.93 -7.87 10.31
N GLN A 182 13.08 -8.13 10.91
CA GLN A 182 13.80 -9.39 10.65
C GLN A 182 12.87 -10.58 10.80
N ALA A 183 12.34 -10.78 12.00
CA ALA A 183 11.44 -11.90 12.25
C ALA A 183 10.42 -12.05 11.13
N LEU A 184 9.63 -10.99 10.91
CA LEU A 184 8.62 -11.02 9.87
C LEU A 184 9.25 -11.27 8.50
N SER A 185 10.48 -10.78 8.32
CA SER A 185 11.17 -10.96 7.05
C SER A 185 11.13 -12.42 6.64
N GLY A 186 11.48 -13.31 7.57
CA GLY A 186 11.47 -14.74 7.29
C GLY A 186 10.05 -15.22 7.04
N ARG A 187 9.15 -14.91 7.98
CA ARG A 187 7.76 -15.32 7.84
C ARG A 187 7.24 -14.92 6.46
N LEU A 188 7.17 -13.62 6.21
CA LEU A 188 6.69 -13.13 4.92
C LEU A 188 7.23 -13.98 3.79
N ARG A 189 8.55 -14.04 3.67
CA ARG A 189 9.19 -14.84 2.63
C ARG A 189 8.47 -16.17 2.49
N ALA A 190 7.92 -16.66 3.60
CA ALA A 190 7.20 -17.92 3.60
C ALA A 190 5.85 -17.76 2.90
N ILE A 191 5.18 -16.65 3.17
CA ILE A 191 3.88 -16.39 2.56
C ILE A 191 3.99 -16.40 1.03
N LEU A 192 5.12 -15.93 0.52
CA LEU A 192 5.34 -15.89 -0.92
C LEU A 192 5.33 -17.29 -1.51
N GLN A 193 5.10 -18.28 -0.66
CA GLN A 193 5.05 -19.67 -1.09
C GLN A 193 3.88 -20.39 -0.42
N ASN A 194 4.14 -20.95 0.75
CA ASN A 194 3.10 -21.66 1.50
C ASN A 194 2.23 -22.48 0.54
N GLN A 195 1.04 -22.85 1.02
CA GLN A 195 0.12 -23.63 0.20
C GLN A 195 -0.79 -22.73 -0.60
N GLY A 196 -1.28 -23.23 -1.73
CA GLY A 196 -2.17 -22.46 -2.59
C GLY A 196 -3.63 -22.65 -2.18
N ASN A 197 -4.11 -23.89 -2.31
CA ASN A 197 -5.49 -24.19 -1.95
C ASN A 197 -5.62 -24.39 -0.45
ZN ZN B . -11.24 -4.74 0.15
N MET A 1 -15.38 27.02 -0.76
CA MET A 1 -14.97 25.77 -0.06
C MET A 1 -13.56 25.38 -0.51
N GLU A 2 -12.89 24.56 0.30
CA GLU A 2 -11.54 24.11 -0.02
C GLU A 2 -11.37 22.63 0.28
N ILE A 3 -10.70 21.93 -0.62
CA ILE A 3 -10.49 20.49 -0.44
C ILE A 3 -9.07 20.24 0.08
N LEU A 4 -8.99 19.44 1.15
CA LEU A 4 -7.69 19.10 1.73
C LEU A 4 -6.85 18.30 0.76
N ARG A 5 -5.53 18.38 0.92
CA ARG A 5 -4.61 17.67 0.05
C ARG A 5 -4.09 16.42 0.77
N TYR A 6 -3.09 15.81 0.17
CA TYR A 6 -2.48 14.62 0.74
C TYR A 6 -1.62 14.98 1.94
N LEU A 7 -0.36 14.56 1.89
CA LEU A 7 0.56 14.83 2.99
C LEU A 7 -0.14 14.62 4.34
N MET A 8 -0.67 13.42 4.53
CA MET A 8 -1.37 13.11 5.78
C MET A 8 -0.58 13.62 6.97
N ASP A 9 -1.25 13.75 8.10
CA ASP A 9 -0.62 14.26 9.31
C ASP A 9 0.23 13.18 9.98
N PRO A 10 1.25 13.56 10.71
CA PRO A 10 2.15 12.59 11.41
C PRO A 10 1.41 11.77 12.46
N ASP A 11 0.77 12.47 13.40
CA ASP A 11 0.02 11.79 14.46
C ASP A 11 -0.85 10.68 13.89
N THR A 12 -1.37 10.90 12.69
CA THR A 12 -2.22 9.90 12.04
C THR A 12 -1.39 8.78 11.46
N PHE A 13 -0.35 9.15 10.70
CA PHE A 13 0.52 8.16 10.09
C PHE A 13 1.09 7.21 11.15
N THR A 14 1.64 7.79 12.21
CA THR A 14 2.22 6.99 13.28
C THR A 14 1.17 6.07 13.90
N PHE A 15 0.01 6.64 14.21
CA PHE A 15 -1.07 5.85 14.81
C PHE A 15 -1.53 4.74 13.86
N ASN A 16 -1.41 5.00 12.56
CA ASN A 16 -1.82 4.02 11.57
C ASN A 16 -0.82 2.86 11.50
N PHE A 17 0.44 3.19 11.23
CA PHE A 17 1.48 2.18 11.13
C PHE A 17 1.72 1.53 12.49
N ASN A 18 1.42 2.25 13.56
CA ASN A 18 1.61 1.74 14.91
C ASN A 18 0.49 0.78 15.29
N ASN A 19 -0.70 1.01 14.70
CA ASN A 19 -1.85 0.16 14.98
C ASN A 19 -2.18 0.18 16.46
N ASP A 20 -3.20 0.97 16.82
CA ASP A 20 -3.62 1.07 18.21
C ASP A 20 -4.80 0.13 18.50
N PRO A 21 -5.74 0.05 17.61
CA PRO A 21 -6.93 -0.84 17.77
C PRO A 21 -6.53 -2.31 17.84
N LEU A 22 -5.59 -2.70 17.00
CA LEU A 22 -5.12 -4.08 16.97
C LEU A 22 -6.26 -5.02 16.59
N VAL A 23 -7.20 -5.21 17.51
CA VAL A 23 -8.34 -6.08 17.25
C VAL A 23 -9.31 -5.43 16.27
N LEU A 24 -10.53 -5.96 16.21
CA LEU A 24 -11.54 -5.42 15.32
C LEU A 24 -11.04 -5.43 13.88
N ARG A 25 -9.90 -6.08 13.66
CA ARG A 25 -9.33 -6.17 12.31
C ARG A 25 -9.23 -4.76 11.70
N ARG A 26 -9.36 -3.74 12.53
CA ARG A 26 -9.29 -2.37 12.06
C ARG A 26 -10.02 -2.21 10.74
N ARG A 27 -11.34 -2.32 10.79
CA ARG A 27 -12.16 -2.19 9.58
C ARG A 27 -11.72 -0.97 8.78
N GLN A 28 -10.99 -0.07 9.43
CA GLN A 28 -10.51 1.13 8.77
C GLN A 28 -9.11 0.90 8.18
N THR A 29 -9.07 0.45 6.93
CA THR A 29 -7.81 0.18 6.26
C THR A 29 -7.25 1.47 5.67
N TYR A 30 -5.94 1.48 5.43
CA TYR A 30 -5.29 2.66 4.85
C TYR A 30 -4.09 2.25 4.02
N LEU A 31 -4.09 2.66 2.75
CA LEU A 31 -2.99 2.34 1.85
C LEU A 31 -2.44 3.61 1.22
N CYS A 32 -1.13 3.67 1.08
CA CYS A 32 -0.50 4.84 0.48
C CYS A 32 -0.07 4.52 -0.95
N TYR A 33 -0.66 5.22 -1.90
CA TYR A 33 -0.34 5.01 -3.29
C TYR A 33 0.49 6.16 -3.86
N GLU A 34 1.45 5.81 -4.69
CA GLU A 34 2.31 6.80 -5.34
C GLU A 34 2.55 6.37 -6.77
N VAL A 35 3.03 7.29 -7.61
CA VAL A 35 3.30 6.97 -9.00
C VAL A 35 4.70 7.45 -9.37
N GLU A 36 5.37 6.67 -10.23
CA GLU A 36 6.72 7.02 -10.64
C GLU A 36 6.88 6.90 -12.15
N ARG A 37 7.71 7.76 -12.71
CA ARG A 37 7.99 7.73 -14.14
C ARG A 37 9.45 7.36 -14.34
N LEU A 38 9.69 6.22 -14.96
CA LEU A 38 11.05 5.79 -15.17
C LEU A 38 11.81 6.76 -16.07
N ASP A 39 12.49 7.72 -15.44
CA ASP A 39 13.26 8.71 -16.19
C ASP A 39 14.75 8.57 -15.88
N ASN A 40 15.58 8.64 -16.92
CA ASN A 40 17.02 8.53 -16.75
C ASN A 40 17.40 7.19 -16.14
N GLY A 41 16.75 6.12 -16.60
CA GLY A 41 17.04 4.79 -16.08
C GLY A 41 16.79 4.70 -14.58
N THR A 42 16.10 5.70 -14.05
CA THR A 42 15.79 5.73 -12.62
C THR A 42 14.35 6.16 -12.41
N TRP A 43 13.76 5.67 -11.34
CA TRP A 43 12.38 6.01 -11.03
C TRP A 43 12.29 7.41 -10.45
N VAL A 44 11.30 8.19 -10.90
CA VAL A 44 11.14 9.56 -10.41
C VAL A 44 9.75 9.73 -9.76
N LEU A 45 9.76 10.08 -8.48
CA LEU A 45 8.50 10.25 -7.76
C LEU A 45 7.80 11.55 -8.18
N MET A 46 6.51 11.47 -8.46
CA MET A 46 5.74 12.65 -8.86
C MET A 46 4.74 13.00 -7.75
N ASP A 47 4.92 14.17 -7.15
CA ASP A 47 4.03 14.60 -6.08
C ASP A 47 2.64 14.96 -6.63
N GLN A 48 2.61 15.36 -7.90
CA GLN A 48 1.35 15.74 -8.53
C GLN A 48 0.44 14.52 -8.71
N HIS A 49 1.01 13.33 -8.58
CA HIS A 49 0.25 12.09 -8.74
C HIS A 49 0.43 11.19 -7.53
N MET A 50 0.71 11.82 -6.39
CA MET A 50 0.91 11.06 -5.15
C MET A 50 -0.21 11.36 -4.15
N GLY A 51 -0.52 10.39 -3.31
CA GLY A 51 -1.57 10.55 -2.32
C GLY A 51 -1.94 9.20 -1.70
N PHE A 52 -2.80 9.23 -0.68
CA PHE A 52 -3.23 8.00 -0.03
C PHE A 52 -4.71 7.74 -0.27
N LEU A 53 -5.19 6.61 0.21
CA LEU A 53 -6.58 6.23 0.04
C LEU A 53 -7.13 5.61 1.33
N CYS A 54 -8.18 6.20 1.86
CA CYS A 54 -8.79 5.71 3.10
C CYS A 54 -9.79 4.60 2.79
N ASN A 55 -10.59 4.25 3.80
CA ASN A 55 -11.59 3.21 3.63
C ASN A 55 -12.94 3.82 3.23
N GLU A 56 -13.52 4.61 4.13
CA GLU A 56 -14.80 5.24 3.87
C GLU A 56 -14.68 6.23 2.72
N ALA A 57 -15.75 6.33 1.92
CA ALA A 57 -15.75 7.24 0.78
C ALA A 57 -17.17 7.71 0.47
N LYS A 58 -17.94 7.95 1.52
CA LYS A 58 -19.32 8.40 1.35
C LYS A 58 -20.03 7.58 0.28
N ASN A 59 -19.54 6.37 0.05
CA ASN A 59 -20.13 5.49 -0.95
C ASN A 59 -21.36 4.80 -0.40
N LEU A 60 -21.57 4.93 0.91
CA LEU A 60 -22.73 4.31 1.56
C LEU A 60 -24.00 5.05 1.19
N LEU A 61 -23.92 6.38 1.15
CA LEU A 61 -25.09 7.19 0.82
C LEU A 61 -25.62 6.81 -0.56
N CYS A 62 -24.84 6.05 -1.30
CA CYS A 62 -25.25 5.63 -2.64
C CYS A 62 -25.91 4.25 -2.58
N GLY A 63 -25.71 3.54 -1.47
CA GLY A 63 -26.29 2.22 -1.30
C GLY A 63 -25.24 1.13 -1.51
N PHE A 64 -23.98 1.53 -1.57
CA PHE A 64 -22.90 0.58 -1.76
C PHE A 64 -22.40 0.05 -0.43
N TYR A 65 -21.73 -1.10 -0.46
CA TYR A 65 -21.21 -1.71 0.76
C TYR A 65 -19.84 -2.30 0.52
N GLY A 66 -18.83 -1.76 1.20
CA GLY A 66 -17.47 -2.25 1.06
C GLY A 66 -16.48 -1.09 0.93
N ARG A 67 -15.96 -0.63 2.07
CA ARG A 67 -15.01 0.47 2.07
C ARG A 67 -13.58 -0.05 2.03
N HIS A 68 -13.01 -0.12 0.83
CA HIS A 68 -11.64 -0.61 0.66
C HIS A 68 -10.85 0.33 -0.24
N ALA A 69 -9.74 0.84 0.29
CA ALA A 69 -8.90 1.76 -0.47
C ALA A 69 -8.48 1.13 -1.79
N GLU A 70 -7.95 -0.08 -1.70
CA GLU A 70 -7.51 -0.81 -2.89
C GLU A 70 -8.52 -0.60 -4.02
N LEU A 71 -9.80 -0.79 -3.71
CA LEU A 71 -10.84 -0.61 -4.70
C LEU A 71 -10.89 0.84 -5.15
N ARG A 72 -10.84 1.75 -4.19
CA ARG A 72 -10.86 3.18 -4.48
C ARG A 72 -9.73 3.54 -5.44
N PHE A 73 -8.61 2.84 -5.32
CA PHE A 73 -7.47 3.10 -6.20
C PHE A 73 -7.87 2.86 -7.64
N LEU A 74 -8.18 1.61 -7.96
CA LEU A 74 -8.60 1.26 -9.31
C LEU A 74 -9.60 2.28 -9.85
N ASP A 75 -10.34 2.90 -8.93
CA ASP A 75 -11.34 3.90 -9.29
C ASP A 75 -10.72 5.28 -9.41
N LEU A 76 -9.60 5.49 -8.74
CA LEU A 76 -8.90 6.76 -8.79
C LEU A 76 -7.81 6.74 -9.86
N VAL A 77 -7.44 5.54 -10.30
CA VAL A 77 -6.42 5.43 -11.32
C VAL A 77 -6.76 6.25 -12.57
N PRO A 78 -8.00 6.23 -13.04
CA PRO A 78 -8.37 7.05 -14.22
C PRO A 78 -7.87 8.48 -14.04
N SER A 79 -7.77 8.91 -12.78
CA SER A 79 -7.29 10.26 -12.48
C SER A 79 -5.81 10.41 -12.87
N LEU A 80 -5.06 9.32 -12.75
CA LEU A 80 -3.64 9.35 -13.10
C LEU A 80 -3.46 9.58 -14.59
N GLN A 81 -4.52 9.29 -15.32
CA GLN A 81 -4.51 9.46 -16.77
C GLN A 81 -3.28 8.81 -17.40
N LEU A 82 -2.96 7.61 -16.95
CA LEU A 82 -1.80 6.89 -17.48
C LEU A 82 -1.87 6.83 -19.00
N ASP A 83 -0.82 6.29 -19.62
CA ASP A 83 -0.78 6.18 -21.07
C ASP A 83 0.16 5.05 -21.50
N PRO A 84 -0.01 4.52 -22.68
CA PRO A 84 0.85 3.42 -23.21
C PRO A 84 2.23 3.91 -23.63
N ALA A 85 2.40 5.21 -23.58
CA ALA A 85 3.67 5.83 -23.97
C ALA A 85 4.81 5.35 -23.07
N GLN A 86 5.15 6.16 -22.09
CA GLN A 86 6.23 5.83 -21.16
C GLN A 86 5.82 4.69 -20.24
N ILE A 87 6.69 4.40 -19.27
CA ILE A 87 6.43 3.33 -18.30
C ILE A 87 6.29 3.90 -16.90
N TYR A 88 5.22 3.51 -16.20
CA TYR A 88 4.99 3.98 -14.85
C TYR A 88 5.08 2.82 -13.86
N ARG A 89 5.10 3.16 -12.58
CA ARG A 89 5.19 2.15 -11.52
C ARG A 89 4.68 2.74 -10.22
N VAL A 90 3.62 2.15 -9.68
CA VAL A 90 3.03 2.66 -8.44
C VAL A 90 3.39 1.77 -7.25
N THR A 91 3.56 2.39 -6.08
CA THR A 91 3.89 1.64 -4.87
C THR A 91 2.77 1.77 -3.86
N TRP A 92 2.43 0.65 -3.22
CA TRP A 92 1.37 0.62 -2.23
C TRP A 92 1.93 0.35 -0.83
N PHE A 93 1.67 1.24 0.12
CA PHE A 93 2.13 1.05 1.49
C PHE A 93 0.92 0.92 2.41
N ILE A 94 0.75 -0.24 3.02
CA ILE A 94 -0.40 -0.47 3.90
C ILE A 94 0.05 -0.55 5.35
N SER A 95 -0.78 -0.01 6.24
CA SER A 95 -0.47 -0.05 7.67
C SER A 95 -1.01 -1.33 8.29
N TRP A 96 -1.22 -2.33 7.43
CA TRP A 96 -1.74 -3.62 7.88
C TRP A 96 -1.78 -4.61 6.72
N SER A 97 -2.49 -5.72 6.88
CA SER A 97 -2.59 -6.71 5.81
C SER A 97 -3.86 -6.46 4.99
N PRO A 98 -3.86 -6.82 3.73
CA PRO A 98 -5.05 -6.62 2.85
C PRO A 98 -6.18 -7.60 3.17
N CYS A 99 -7.33 -7.39 2.54
CA CYS A 99 -8.48 -8.26 2.76
C CYS A 99 -8.56 -9.32 1.67
N PHE A 100 -9.68 -10.03 1.60
CA PHE A 100 -9.86 -11.07 0.61
C PHE A 100 -9.55 -10.54 -0.80
N SER A 101 -9.62 -11.45 -1.78
CA SER A 101 -9.35 -11.10 -3.17
C SER A 101 -10.44 -10.23 -3.76
N TRP A 102 -11.63 -10.82 -3.97
CA TRP A 102 -12.74 -10.06 -4.55
C TRP A 102 -12.80 -8.67 -3.96
N GLY A 103 -12.18 -8.50 -2.79
CA GLY A 103 -12.15 -7.21 -2.13
C GLY A 103 -10.93 -6.41 -2.56
N CYS A 104 -9.74 -6.86 -2.16
CA CYS A 104 -8.52 -6.16 -2.51
C CYS A 104 -7.79 -6.79 -3.70
N ALA A 105 -7.21 -7.97 -3.48
CA ALA A 105 -6.46 -8.65 -4.54
C ALA A 105 -7.30 -8.83 -5.80
N GLY A 106 -8.47 -9.44 -5.66
CA GLY A 106 -9.35 -9.67 -6.80
C GLY A 106 -9.37 -8.46 -7.72
N GLU A 107 -9.80 -7.33 -7.20
CA GLU A 107 -9.86 -6.10 -7.98
C GLU A 107 -8.47 -5.73 -8.50
N VAL A 108 -7.49 -5.69 -7.60
CA VAL A 108 -6.13 -5.34 -7.98
C VAL A 108 -5.61 -6.29 -9.06
N ARG A 109 -6.20 -7.48 -9.13
CA ARG A 109 -5.80 -8.46 -10.13
C ARG A 109 -6.18 -7.98 -11.52
N ALA A 110 -7.48 -7.81 -11.74
CA ALA A 110 -7.97 -7.34 -13.02
C ALA A 110 -7.19 -6.10 -13.46
N PHE A 111 -6.73 -5.32 -12.49
CA PHE A 111 -5.98 -4.11 -12.79
C PHE A 111 -4.64 -4.46 -13.44
N LEU A 112 -3.77 -5.10 -12.66
CA LEU A 112 -2.47 -5.49 -13.19
C LEU A 112 -2.62 -6.07 -14.59
N GLN A 113 -3.83 -6.51 -14.90
CA GLN A 113 -4.12 -7.09 -16.22
C GLN A 113 -4.68 -6.02 -17.16
N GLU A 114 -5.43 -5.07 -16.61
CA GLU A 114 -6.03 -4.01 -17.43
C GLU A 114 -4.98 -2.97 -17.82
N ASN A 115 -4.03 -2.76 -16.94
CA ASN A 115 -2.96 -1.78 -17.16
C ASN A 115 -1.59 -2.42 -16.95
N THR A 116 -1.01 -2.95 -18.02
CA THR A 116 0.30 -3.59 -17.94
C THR A 116 1.43 -2.56 -18.04
N HIS A 117 1.15 -1.46 -18.72
CA HIS A 117 2.14 -0.40 -18.90
C HIS A 117 2.54 0.19 -17.56
N VAL A 118 1.95 -0.32 -16.49
CA VAL A 118 2.24 0.18 -15.15
C VAL A 118 2.39 -0.97 -14.17
N ARG A 119 3.47 -0.96 -13.40
CA ARG A 119 3.72 -2.00 -12.41
C ARG A 119 3.24 -1.56 -11.04
N LEU A 120 2.80 -2.51 -10.21
CA LEU A 120 2.33 -2.19 -8.88
C LEU A 120 2.97 -3.13 -7.84
N ARG A 121 3.48 -2.53 -6.77
CA ARG A 121 4.11 -3.30 -5.70
C ARG A 121 3.43 -3.03 -4.36
N ILE A 122 3.24 -4.10 -3.59
CA ILE A 122 2.60 -3.98 -2.30
C ILE A 122 3.61 -4.06 -1.16
N PHE A 123 3.26 -3.42 -0.05
CA PHE A 123 4.13 -3.44 1.11
C PHE A 123 3.30 -3.24 2.37
N ALA A 124 3.16 -4.29 3.16
CA ALA A 124 2.36 -4.22 4.38
C ALA A 124 3.23 -3.92 5.59
N ALA A 125 2.68 -3.19 6.55
CA ALA A 125 3.42 -2.85 7.77
C ALA A 125 3.38 -4.02 8.75
N ARG A 126 2.27 -4.76 8.74
CA ARG A 126 2.13 -5.90 9.64
C ARG A 126 1.06 -6.85 9.11
N ILE A 127 1.32 -8.15 9.22
CA ILE A 127 0.36 -9.15 8.76
C ILE A 127 -0.71 -9.40 9.82
N TYR A 128 -1.94 -9.58 9.38
CA TYR A 128 -3.05 -9.83 10.30
C TYR A 128 -3.17 -11.32 10.61
N ASP A 129 -2.90 -11.67 11.86
CA ASP A 129 -2.98 -13.07 12.29
C ASP A 129 -4.42 -13.43 12.65
N TYR A 130 -5.30 -12.45 12.58
CA TYR A 130 -6.71 -12.68 12.91
C TYR A 130 -7.47 -13.18 11.68
N ASP A 131 -6.94 -12.88 10.50
CA ASP A 131 -7.56 -13.31 9.26
C ASP A 131 -6.53 -13.88 8.30
N PRO A 132 -6.02 -15.04 8.59
CA PRO A 132 -5.00 -15.71 7.73
C PRO A 132 -5.39 -15.72 6.26
N LEU A 133 -6.69 -15.79 6.01
CA LEU A 133 -7.20 -15.80 4.64
C LEU A 133 -6.43 -14.80 3.77
N TYR A 134 -6.02 -13.70 4.40
CA TYR A 134 -5.28 -12.67 3.69
C TYR A 134 -4.08 -13.28 2.95
N LYS A 135 -3.36 -14.16 3.64
CA LYS A 135 -2.20 -14.80 3.05
C LYS A 135 -2.58 -15.52 1.75
N GLU A 136 -3.84 -15.91 1.65
CA GLU A 136 -4.32 -16.61 0.45
C GLU A 136 -4.47 -15.62 -0.70
N ALA A 137 -5.22 -14.54 -0.46
CA ALA A 137 -5.43 -13.53 -1.48
C ALA A 137 -4.12 -12.86 -1.83
N LEU A 138 -3.19 -12.81 -0.88
CA LEU A 138 -1.90 -12.19 -1.10
C LEU A 138 -1.11 -12.94 -2.17
N GLN A 139 -0.79 -14.21 -1.88
CA GLN A 139 -0.05 -15.02 -2.84
C GLN A 139 -0.65 -14.86 -4.23
N MET A 140 -1.97 -14.98 -4.31
CA MET A 140 -2.67 -14.85 -5.58
C MET A 140 -2.48 -13.44 -6.15
N LEU A 141 -2.18 -12.49 -5.27
CA LEU A 141 -1.98 -11.10 -5.70
C LEU A 141 -0.68 -10.95 -6.47
N ARG A 142 0.44 -11.20 -5.80
CA ARG A 142 1.73 -11.07 -6.45
C ARG A 142 1.74 -11.88 -7.73
N ASP A 143 0.92 -12.93 -7.76
CA ASP A 143 0.83 -13.78 -8.94
C ASP A 143 0.22 -12.98 -10.09
N ALA A 144 -0.58 -11.97 -9.76
CA ALA A 144 -1.20 -11.14 -10.78
C ALA A 144 -0.14 -10.32 -11.51
N GLY A 145 1.09 -10.41 -11.01
CA GLY A 145 2.20 -9.66 -11.62
C GLY A 145 2.78 -8.67 -10.62
N ALA A 146 1.97 -8.31 -9.62
CA ALA A 146 2.42 -7.36 -8.60
C ALA A 146 3.47 -8.01 -7.71
N GLN A 147 4.05 -7.23 -6.82
CA GLN A 147 5.07 -7.76 -5.90
C GLN A 147 4.82 -7.28 -4.48
N VAL A 148 4.51 -8.20 -3.59
CA VAL A 148 4.26 -7.84 -2.18
C VAL A 148 5.42 -8.26 -1.29
N SER A 149 5.65 -7.49 -0.24
CA SER A 149 6.72 -7.78 0.71
C SER A 149 6.47 -7.06 2.03
N ILE A 150 7.35 -7.28 2.99
CA ILE A 150 7.20 -6.63 4.30
C ILE A 150 7.97 -5.32 4.33
N MET A 151 7.39 -4.33 5.01
CA MET A 151 8.03 -3.02 5.11
C MET A 151 9.45 -3.16 5.65
N THR A 152 10.33 -2.26 5.22
CA THR A 152 11.73 -2.29 5.65
C THR A 152 12.14 -0.93 6.22
N TYR A 153 13.12 -0.94 7.11
CA TYR A 153 13.59 0.30 7.71
C TYR A 153 13.70 1.40 6.66
N ASP A 154 14.54 1.17 5.66
CA ASP A 154 14.74 2.15 4.60
C ASP A 154 13.39 2.65 4.06
N GLU A 155 12.53 1.71 3.70
CA GLU A 155 11.21 2.07 3.19
C GLU A 155 10.43 2.86 4.22
N PHE A 156 10.77 2.67 5.50
CA PHE A 156 10.10 3.38 6.58
C PHE A 156 10.54 4.83 6.62
N GLU A 157 11.78 5.09 6.23
CA GLU A 157 12.30 6.45 6.24
C GLU A 157 11.88 7.18 4.98
N TYR A 158 12.23 6.62 3.83
CA TYR A 158 11.88 7.22 2.55
C TYR A 158 10.40 7.58 2.51
N CYS A 159 9.56 6.71 3.05
CA CYS A 159 8.12 6.95 3.07
C CYS A 159 7.79 8.09 4.02
N TRP A 160 8.16 7.93 5.28
CA TRP A 160 7.90 8.96 6.28
C TRP A 160 8.27 10.34 5.75
N ASP A 161 9.42 10.43 5.08
CA ASP A 161 9.88 11.69 4.53
C ASP A 161 9.07 12.08 3.29
N THR A 162 8.48 11.09 2.64
CA THR A 162 7.70 11.35 1.44
C THR A 162 6.26 11.75 1.78
N PHE A 163 5.53 10.83 2.41
CA PHE A 163 4.14 11.09 2.77
C PHE A 163 4.02 12.09 3.91
N VAL A 164 4.80 11.89 4.98
CA VAL A 164 4.74 12.80 6.11
C VAL A 164 5.81 13.89 6.00
N TYR A 165 5.37 15.14 6.05
CA TYR A 165 6.28 16.26 5.96
C TYR A 165 6.80 16.63 7.34
N ARG A 166 8.08 16.99 7.43
CA ARG A 166 8.67 17.34 8.70
C ARG A 166 9.92 18.19 8.50
N GLN A 167 9.99 18.87 7.36
CA GLN A 167 11.14 19.73 7.04
C GLN A 167 12.38 18.89 6.74
N GLY A 168 12.17 17.62 6.39
CA GLY A 168 13.29 16.74 6.06
C GLY A 168 13.84 16.03 7.30
N CYS A 169 13.19 16.24 8.45
CA CYS A 169 13.64 15.60 9.67
C CYS A 169 13.75 14.08 9.48
N PRO A 170 14.58 13.42 10.25
CA PRO A 170 14.77 11.95 10.14
C PRO A 170 13.54 11.18 10.63
N PHE A 171 13.54 9.87 10.38
CA PHE A 171 12.42 9.03 10.80
C PHE A 171 12.76 8.29 12.07
N GLN A 172 11.73 8.01 12.87
CA GLN A 172 11.93 7.31 14.14
C GLN A 172 11.35 5.88 14.05
N PRO A 173 12.16 4.89 13.73
CA PRO A 173 11.68 3.49 13.62
C PRO A 173 11.60 2.79 14.99
N TRP A 174 11.10 3.53 15.98
CA TRP A 174 10.96 3.02 17.34
C TRP A 174 12.07 2.01 17.67
N ASP A 175 11.85 0.74 17.33
CA ASP A 175 12.83 -0.31 17.59
C ASP A 175 12.16 -1.67 17.49
N GLY A 176 10.83 -1.69 17.63
CA GLY A 176 10.08 -2.94 17.57
C GLY A 176 9.86 -3.37 16.12
N LEU A 177 9.84 -2.41 15.21
CA LEU A 177 9.62 -2.74 13.79
C LEU A 177 10.85 -3.41 13.20
N GLU A 178 12.01 -3.09 13.75
CA GLU A 178 13.25 -3.68 13.25
C GLU A 178 13.32 -5.17 13.57
N GLU A 179 13.14 -5.51 14.85
CA GLU A 179 13.17 -6.90 15.27
C GLU A 179 12.10 -7.70 14.52
N HIS A 180 10.91 -7.11 14.39
CA HIS A 180 9.82 -7.78 13.70
C HIS A 180 10.12 -7.90 12.21
N SER A 181 10.80 -6.89 11.66
CA SER A 181 11.14 -6.90 10.24
C SER A 181 11.92 -8.16 9.90
N GLN A 182 12.87 -8.53 10.76
CA GLN A 182 13.67 -9.73 10.52
C GLN A 182 12.80 -10.98 10.61
N ALA A 183 12.02 -11.08 11.68
CA ALA A 183 11.15 -12.23 11.87
C ALA A 183 10.20 -12.39 10.69
N LEU A 184 9.43 -11.34 10.41
CA LEU A 184 8.47 -11.37 9.30
C LEU A 184 9.21 -11.55 7.97
N SER A 185 10.32 -10.85 7.81
CA SER A 185 11.08 -10.95 6.58
C SER A 185 11.22 -12.41 6.15
N GLY A 186 11.54 -13.27 7.11
CA GLY A 186 11.70 -14.69 6.84
C GLY A 186 10.35 -15.31 6.47
N ARG A 187 9.34 -15.05 7.29
CA ARG A 187 8.01 -15.58 7.04
C ARG A 187 7.51 -15.16 5.67
N LEU A 188 7.34 -13.86 5.47
CA LEU A 188 6.87 -13.34 4.19
C LEU A 188 7.52 -14.10 3.04
N ARG A 189 8.84 -13.99 2.93
CA ARG A 189 9.56 -14.68 1.87
C ARG A 189 9.16 -16.14 1.81
N ALA A 190 8.71 -16.67 2.96
CA ALA A 190 8.29 -18.07 3.02
C ALA A 190 6.90 -18.24 2.44
N ILE A 191 5.99 -17.34 2.81
CA ILE A 191 4.62 -17.40 2.31
C ILE A 191 4.60 -17.19 0.80
N LEU A 192 5.59 -16.47 0.29
CA LEU A 192 5.66 -16.20 -1.14
C LEU A 192 5.95 -17.49 -1.91
N GLN A 193 5.97 -18.60 -1.18
CA GLN A 193 6.23 -19.90 -1.79
C GLN A 193 5.49 -21.00 -1.04
N ASN A 194 4.17 -21.00 -1.16
CA ASN A 194 3.35 -21.99 -0.49
C ASN A 194 3.94 -23.39 -0.67
N GLN A 195 4.42 -23.97 0.43
CA GLN A 195 5.01 -25.30 0.38
C GLN A 195 6.39 -25.25 -0.25
N GLY A 196 7.28 -26.14 0.20
CA GLY A 196 8.63 -26.18 -0.34
C GLY A 196 8.65 -26.76 -1.75
N ASN A 197 8.97 -28.05 -1.86
CA ASN A 197 9.01 -28.70 -3.16
C ASN A 197 9.81 -27.87 -4.16
ZN ZN B . -10.39 -5.34 0.28
#